data_7T1J
#
_entry.id   7T1J
#
_cell.length_a   74.807
_cell.length_b   104.978
_cell.length_c   369.611
_cell.angle_alpha   90.000
_cell.angle_beta   93.040
_cell.angle_gamma   90.000
#
_symmetry.space_group_name_H-M   'P 1 21 1'
#
loop_
_entity.id
_entity.type
_entity.pdbx_description
1 polymer 'Ribulose bisphosphate carboxylase'
2 non-polymer 2-CARBOXYARABINITOL-1,5-DIPHOSPHATE
3 non-polymer 'MAGNESIUM ION'
4 water water
#
_entity_poly.entity_id   1
_entity_poly.type   'polypeptide(L)'
_entity_poly.pdbx_seq_one_letter_code
;MDQSNRYANLSLREEDLIAGGKHVLCAYIMKPKAGYGYLESAAHFAAESSTGTNVEVCTTDDFTRGVDALVYEIDEANEL
MKIAYPVDLFDRNIIDGRAMLASFLTLAIGNNQGMGDIEYAKIHDVYFPPCYLRLFDGPAMNIVDMWRVLERPLVDGGMV
VGTIIKPKLGLRPEPFAAACYQFWLGGDFI(KCX)NDEPQGNQVFAPLRTIMPMIADSMRRAQDETGQAKLFSANITADD
PAEMYARGEFILETFGEFADHVAFLVDGYVAGPTAVTACRRRFPQQFLHYHRAGHGAVTSPQSKRGYTAFVHCKMSRLSG
ASGIHTGTMGYGKMEGDADDKAIAYMLEQDDAQGPYFRQTWQGMKATTPIISGGMNALRLPGFFDNLGHSNVIQTSGGGA
FGHKDGGAAGAKSLRQASLAWQQGVDLLDYAKEHPELAGAFESFPKDADALYPNWREKLKTVAA
;
_entity_poly.pdbx_strand_id   A,B,C,D,E,F,G,H,I,J,K,L
#
loop_
_chem_comp.id
_chem_comp.type
_chem_comp.name
_chem_comp.formula
CAP saccharide 2-CARBOXYARABINITOL-1,5-DIPHOSPHATE 'C6 H14 O13 P2'
MG non-polymer 'MAGNESIUM ION' 'Mg 2'
#
# COMPACT_ATOMS: atom_id res chain seq x y z
N MET A 1 54.38 -66.24 45.74
CA MET A 1 54.25 -66.72 44.34
C MET A 1 55.42 -66.24 43.49
N ASP A 2 56.29 -67.18 43.10
CA ASP A 2 57.44 -66.86 42.28
C ASP A 2 57.02 -66.81 40.81
N GLN A 3 57.16 -65.65 40.19
CA GLN A 3 56.75 -65.43 38.80
C GLN A 3 57.96 -65.31 37.88
N SER A 4 59.13 -65.76 38.32
CA SER A 4 60.34 -65.57 37.53
C SER A 4 60.31 -66.34 36.22
N ASN A 5 59.65 -67.50 36.19
CA ASN A 5 59.60 -68.27 34.95
C ASN A 5 58.90 -67.51 33.83
N ARG A 6 58.04 -66.56 34.17
CA ARG A 6 57.30 -65.77 33.19
C ARG A 6 57.92 -64.41 32.93
N TYR A 7 58.30 -63.70 33.99
CA TYR A 7 58.72 -62.31 33.88
C TYR A 7 60.22 -62.11 33.90
N ALA A 8 61.00 -63.19 33.85
CA ALA A 8 62.45 -63.12 33.86
C ALA A 8 63.00 -63.99 32.75
N ASN A 9 63.81 -63.39 31.89
CA ASN A 9 64.51 -64.12 30.82
C ASN A 9 65.94 -63.56 30.77
N LEU A 10 66.81 -64.10 31.62
CA LEU A 10 68.18 -63.62 31.72
C LEU A 10 69.04 -64.04 30.54
N SER A 11 68.51 -64.88 29.64
CA SER A 11 69.27 -65.26 28.45
C SER A 11 69.20 -64.19 27.36
N LEU A 12 68.26 -63.26 27.45
CA LEU A 12 68.20 -62.16 26.49
C LEU A 12 69.44 -61.27 26.63
N ARG A 13 70.00 -60.87 25.49
CA ARG A 13 71.19 -60.03 25.45
C ARG A 13 70.78 -58.58 25.25
N GLU A 14 71.40 -57.69 26.03
CA GLU A 14 71.07 -56.27 25.91
C GLU A 14 71.30 -55.77 24.49
N GLU A 15 72.40 -56.19 23.85
CA GLU A 15 72.70 -55.72 22.51
C GLU A 15 71.61 -56.11 21.51
N ASP A 16 70.95 -57.25 21.75
CA ASP A 16 69.85 -57.66 20.88
C ASP A 16 68.59 -56.85 21.15
N LEU A 17 68.33 -56.55 22.43
CA LEU A 17 67.15 -55.75 22.76
C LEU A 17 67.27 -54.33 22.21
N ILE A 18 68.48 -53.77 22.21
CA ILE A 18 68.68 -52.44 21.64
C ILE A 18 68.59 -52.51 20.11
N ALA A 19 69.28 -53.48 19.52
CA ALA A 19 69.24 -53.60 18.05
C ALA A 19 67.82 -53.86 17.56
N GLY A 20 67.02 -54.58 18.32
CA GLY A 20 65.65 -54.85 17.91
C GLY A 20 64.78 -53.62 17.88
N GLY A 21 65.08 -52.64 18.71
CA GLY A 21 64.36 -51.39 18.70
C GLY A 21 62.91 -51.47 19.09
N LYS A 22 62.53 -52.48 19.88
CA LYS A 22 61.14 -52.69 20.26
C LYS A 22 60.94 -52.70 21.77
N HIS A 23 61.94 -52.28 22.54
CA HIS A 23 61.83 -52.31 24.00
C HIS A 23 62.38 -51.04 24.60
N VAL A 24 61.71 -50.55 25.65
CA VAL A 24 62.25 -49.50 26.50
C VAL A 24 62.99 -50.18 27.66
N LEU A 25 64.28 -49.88 27.78
CA LEU A 25 65.12 -50.52 28.78
C LEU A 25 65.29 -49.58 29.96
N CYS A 26 65.14 -50.11 31.17
CA CYS A 26 65.31 -49.35 32.40
C CYS A 26 66.29 -50.09 33.30
N ALA A 27 67.24 -49.34 33.86
CA ALA A 27 68.24 -49.89 34.77
C ALA A 27 67.91 -49.38 36.17
N TYR A 28 67.58 -50.30 37.07
CA TYR A 28 67.20 -49.97 38.43
C TYR A 28 68.29 -50.39 39.40
N ILE A 29 68.39 -49.67 40.52
CA ILE A 29 69.13 -50.13 41.69
C ILE A 29 68.07 -50.54 42.71
N MET A 30 67.94 -51.84 42.95
CA MET A 30 66.85 -52.38 43.75
C MET A 30 67.39 -53.30 44.83
N LYS A 31 66.77 -53.23 46.00
CA LYS A 31 67.07 -54.14 47.11
C LYS A 31 65.75 -54.73 47.60
N PRO A 32 65.61 -56.05 47.64
CA PRO A 32 64.38 -56.63 48.19
C PRO A 32 64.38 -56.59 49.71
N LYS A 33 63.19 -56.65 50.28
CA LYS A 33 63.05 -56.77 51.73
C LYS A 33 63.54 -58.13 52.20
N ALA A 34 63.98 -58.18 53.45
CA ALA A 34 64.49 -59.42 54.02
C ALA A 34 63.43 -60.51 53.94
N GLY A 35 63.83 -61.68 53.43
CA GLY A 35 62.91 -62.79 53.27
C GLY A 35 62.38 -62.99 51.88
N TYR A 36 62.87 -62.25 50.88
CA TYR A 36 62.43 -62.37 49.50
C TYR A 36 63.64 -62.53 48.60
N GLY A 37 63.58 -63.49 47.69
CA GLY A 37 64.67 -63.68 46.76
C GLY A 37 64.78 -62.54 45.75
N TYR A 38 65.97 -62.38 45.19
CA TYR A 38 66.21 -61.26 44.30
C TYR A 38 65.48 -61.43 42.98
N LEU A 39 65.71 -62.54 42.28
CA LEU A 39 65.05 -62.75 40.99
C LEU A 39 63.54 -62.78 41.17
N GLU A 40 63.05 -63.52 42.18
CA GLU A 40 61.63 -63.56 42.46
C GLU A 40 61.09 -62.16 42.71
N SER A 41 61.84 -61.33 43.44
CA SER A 41 61.40 -59.95 43.66
C SER A 41 61.45 -59.14 42.38
N ALA A 42 62.51 -59.29 41.59
CA ALA A 42 62.60 -58.57 40.33
C ALA A 42 61.47 -58.95 39.39
N ALA A 43 61.12 -60.24 39.36
CA ALA A 43 60.05 -60.70 38.48
C ALA A 43 58.71 -60.10 38.91
N HIS A 44 58.44 -60.08 40.22
CA HIS A 44 57.22 -59.44 40.71
C HIS A 44 57.25 -57.95 40.38
N PHE A 45 58.42 -57.31 40.47
CA PHE A 45 58.57 -55.92 40.06
C PHE A 45 58.08 -55.71 38.64
N ALA A 46 58.56 -56.54 37.70
CA ALA A 46 58.16 -56.39 36.30
C ALA A 46 56.66 -56.63 36.13
N ALA A 47 56.12 -57.64 36.83
CA ALA A 47 54.68 -57.89 36.73
C ALA A 47 53.88 -56.66 37.14
N GLU A 48 54.17 -56.11 38.31
CA GLU A 48 53.45 -54.92 38.77
C GLU A 48 53.77 -53.68 37.95
N SER A 49 54.71 -53.77 37.01
CA SER A 49 55.07 -52.66 36.15
C SER A 49 54.64 -52.88 34.70
N SER A 50 53.87 -53.94 34.43
CA SER A 50 53.43 -54.19 33.07
C SER A 50 52.05 -54.85 33.02
N THR A 51 51.99 -56.15 33.31
CA THR A 51 50.79 -56.92 33.02
C THR A 51 50.21 -57.68 34.21
N GLY A 52 50.96 -57.91 35.28
CA GLY A 52 50.58 -58.87 36.28
C GLY A 52 50.18 -58.27 37.61
N THR A 53 49.95 -59.17 38.57
CA THR A 53 49.66 -58.83 39.95
C THR A 53 50.46 -59.76 40.85
N ASN A 54 49.98 -60.01 42.07
CA ASN A 54 50.64 -60.91 43.00
C ASN A 54 49.99 -62.29 43.04
N VAL A 55 48.98 -62.53 42.21
CA VAL A 55 48.33 -63.84 42.12
C VAL A 55 47.92 -64.06 40.67
N GLU A 56 47.72 -65.32 40.32
CA GLU A 56 47.25 -65.65 38.98
C GLU A 56 45.77 -65.28 38.82
N VAL A 57 45.41 -64.83 37.63
CA VAL A 57 44.04 -64.45 37.31
C VAL A 57 43.58 -65.26 36.10
N CYS A 58 42.27 -65.56 36.08
CA CYS A 58 41.70 -66.39 35.03
C CYS A 58 41.61 -65.67 33.68
N THR A 59 41.89 -64.38 33.62
CA THR A 59 41.73 -63.60 32.40
C THR A 59 43.01 -63.55 31.57
N THR A 60 44.15 -63.95 32.12
CA THR A 60 45.40 -63.89 31.36
C THR A 60 45.34 -64.82 30.16
N ASP A 61 45.78 -64.32 29.00
CA ASP A 61 45.85 -65.09 27.78
C ASP A 61 47.25 -65.01 27.21
N ASP A 62 47.46 -65.72 26.10
CA ASP A 62 48.78 -65.77 25.49
C ASP A 62 49.21 -64.41 24.95
N PHE A 63 48.26 -63.62 24.45
CA PHE A 63 48.61 -62.29 23.97
C PHE A 63 49.15 -61.41 25.10
N THR A 64 48.54 -61.51 26.28
CA THR A 64 49.01 -60.75 27.42
C THR A 64 50.46 -61.08 27.72
N ARG A 65 50.78 -62.38 27.77
CA ARG A 65 52.15 -62.80 28.09
C ARG A 65 53.15 -62.26 27.07
N GLY A 66 52.71 -61.99 25.85
CA GLY A 66 53.62 -61.48 24.84
C GLY A 66 54.12 -60.08 25.11
N VAL A 67 53.38 -59.29 25.89
CA VAL A 67 53.76 -57.92 26.17
C VAL A 67 54.21 -57.76 27.63
N ASP A 68 54.50 -58.87 28.31
CA ASP A 68 55.07 -58.79 29.65
C ASP A 68 56.39 -58.02 29.62
N ALA A 69 56.62 -57.22 30.67
CA ALA A 69 57.96 -56.70 30.92
C ALA A 69 58.84 -57.83 31.42
N LEU A 70 60.10 -57.83 31.00
CA LEU A 70 61.00 -58.94 31.27
C LEU A 70 62.25 -58.44 31.98
N VAL A 71 62.61 -59.09 33.08
CA VAL A 71 63.89 -58.88 33.73
C VAL A 71 64.95 -59.65 32.95
N TYR A 72 65.89 -58.92 32.33
CA TYR A 72 66.88 -59.55 31.48
C TYR A 72 68.29 -59.50 32.04
N GLU A 73 68.51 -58.81 33.16
CA GLU A 73 69.84 -58.73 33.76
C GLU A 73 69.69 -58.37 35.23
N ILE A 74 70.33 -59.15 36.10
CA ILE A 74 70.35 -58.88 37.53
C ILE A 74 71.76 -59.09 38.05
N ASP A 75 72.10 -58.36 39.12
CA ASP A 75 73.37 -58.52 39.84
C ASP A 75 73.05 -58.31 41.32
N GLU A 76 72.66 -59.39 41.99
CA GLU A 76 72.22 -59.30 43.38
C GLU A 76 73.25 -58.59 44.24
N ALA A 77 74.52 -58.96 44.10
CA ALA A 77 75.56 -58.37 44.93
C ALA A 77 75.66 -56.87 44.72
N ASN A 78 75.35 -56.39 43.51
CA ASN A 78 75.40 -54.97 43.20
C ASN A 78 74.02 -54.32 43.15
N GLU A 79 72.97 -55.07 43.48
CA GLU A 79 71.61 -54.53 43.53
C GLU A 79 71.18 -53.92 42.20
N LEU A 80 71.57 -54.58 41.11
CA LEU A 80 71.23 -54.10 39.77
C LEU A 80 70.06 -54.89 39.20
N MET A 81 69.13 -54.17 38.57
CA MET A 81 67.97 -54.77 37.93
C MET A 81 67.70 -54.05 36.62
N LYS A 82 67.66 -54.80 35.51
CA LYS A 82 67.34 -54.25 34.20
C LYS A 82 66.06 -54.91 33.69
N ILE A 83 65.11 -54.10 33.24
CA ILE A 83 63.83 -54.56 32.75
C ILE A 83 63.61 -54.02 31.34
N ALA A 84 63.08 -54.87 30.46
CA ALA A 84 62.76 -54.49 29.10
C ALA A 84 61.24 -54.37 28.96
N TYR A 85 60.78 -53.20 28.54
CA TYR A 85 59.36 -52.90 28.41
C TYR A 85 58.98 -52.90 26.93
N PRO A 86 58.12 -53.80 26.46
CA PRO A 86 57.67 -53.72 25.07
C PRO A 86 56.98 -52.39 24.80
N VAL A 87 57.32 -51.77 23.67
CA VAL A 87 56.83 -50.43 23.38
C VAL A 87 55.30 -50.39 23.32
N ASP A 88 54.68 -51.51 22.96
CA ASP A 88 53.23 -51.53 22.81
C ASP A 88 52.49 -51.36 24.14
N LEU A 89 53.18 -51.39 25.27
CA LEU A 89 52.51 -51.23 26.55
C LEU A 89 52.09 -49.78 26.83
N PHE A 90 52.70 -48.82 26.16
CA PHE A 90 52.59 -47.43 26.58
C PHE A 90 51.43 -46.73 25.90
N ASP A 91 50.84 -45.78 26.62
CA ASP A 91 49.62 -45.13 26.18
C ASP A 91 49.89 -44.15 25.07
N ARG A 92 48.88 -43.95 24.23
CA ARG A 92 48.98 -43.10 23.05
C ARG A 92 47.77 -42.18 23.01
N ASN A 93 47.98 -40.96 22.52
CA ASN A 93 46.89 -40.00 22.42
C ASN A 93 45.89 -40.43 21.36
N ILE A 94 44.60 -40.22 21.65
CA ILE A 94 43.57 -40.46 20.64
C ILE A 94 43.46 -39.28 19.68
N ILE A 95 43.96 -38.10 20.06
CA ILE A 95 43.79 -36.95 19.19
C ILE A 95 44.86 -36.91 18.10
N ASP A 96 46.05 -37.45 18.38
CA ASP A 96 47.12 -37.37 17.38
C ASP A 96 48.09 -38.56 17.43
N GLY A 97 47.81 -39.59 18.20
CA GLY A 97 48.65 -40.76 18.20
C GLY A 97 50.03 -40.59 18.77
N ARG A 98 50.30 -39.50 19.49
CA ARG A 98 51.62 -39.28 20.05
C ARG A 98 51.74 -39.96 21.41
N ALA A 99 52.98 -40.08 21.89
CA ALA A 99 53.24 -40.70 23.17
C ALA A 99 53.05 -39.68 24.29
N MET A 100 53.02 -40.19 25.53
CA MET A 100 52.82 -39.35 26.71
C MET A 100 53.74 -39.85 27.81
N LEU A 101 54.45 -38.92 28.45
CA LEU A 101 55.39 -39.29 29.49
C LEU A 101 54.69 -39.87 30.71
N ALA A 102 53.48 -39.43 31.01
CA ALA A 102 52.76 -39.96 32.17
C ALA A 102 52.66 -41.47 32.11
N SER A 103 52.51 -42.03 30.91
CA SER A 103 52.38 -43.47 30.77
C SER A 103 53.68 -44.18 31.13
N PHE A 104 54.80 -43.69 30.62
CA PHE A 104 56.09 -44.26 30.99
C PHE A 104 56.29 -44.21 32.49
N LEU A 105 55.92 -43.09 33.13
CA LEU A 105 56.09 -42.98 34.57
C LEU A 105 55.15 -43.93 35.32
N THR A 106 53.90 -44.05 34.85
CA THR A 106 52.96 -44.93 35.54
C THR A 106 53.50 -46.36 35.62
N LEU A 107 54.15 -46.84 34.56
CA LEU A 107 54.63 -48.21 34.52
C LEU A 107 56.03 -48.33 35.13
N ALA A 108 56.99 -47.55 34.62
CA ALA A 108 58.38 -47.74 35.02
C ALA A 108 58.64 -47.34 36.46
N ILE A 109 57.90 -46.36 36.99
CA ILE A 109 58.16 -45.88 38.33
C ILE A 109 56.84 -45.52 39.02
N GLY A 110 55.83 -46.37 38.85
CA GLY A 110 54.53 -46.13 39.43
C GLY A 110 54.27 -46.97 40.67
N ASN A 111 53.39 -47.96 40.55
CA ASN A 111 53.02 -48.78 41.69
C ASN A 111 54.21 -49.53 42.27
N ASN A 112 55.23 -49.80 41.46
CA ASN A 112 56.37 -50.55 41.97
C ASN A 112 57.11 -49.82 43.08
N GLN A 113 56.83 -48.53 43.28
CA GLN A 113 57.45 -47.78 44.37
C GLN A 113 56.74 -47.98 45.71
N GLY A 114 55.72 -48.82 45.75
CA GLY A 114 55.00 -49.08 46.98
C GLY A 114 54.91 -50.54 47.36
N MET A 115 55.52 -51.41 46.57
CA MET A 115 55.44 -52.84 46.83
C MET A 115 56.02 -53.18 48.21
N GLY A 116 55.33 -54.05 48.94
CA GLY A 116 55.71 -54.42 50.28
C GLY A 116 56.86 -55.38 50.37
N ASP A 117 57.23 -56.05 49.27
CA ASP A 117 58.37 -56.95 49.25
C ASP A 117 59.64 -56.31 48.74
N ILE A 118 59.61 -55.03 48.39
CA ILE A 118 60.77 -54.31 47.89
C ILE A 118 61.16 -53.26 48.93
N GLU A 119 62.42 -53.27 49.34
CA GLU A 119 62.91 -52.21 50.22
C GLU A 119 62.97 -50.87 49.48
N TYR A 120 63.63 -50.84 48.33
CA TYR A 120 63.70 -49.64 47.52
C TYR A 120 64.07 -50.03 46.09
N ALA A 121 63.85 -49.10 45.17
CA ALA A 121 64.19 -49.31 43.77
C ALA A 121 64.18 -47.95 43.07
N LYS A 122 65.29 -47.61 42.40
CA LYS A 122 65.46 -46.31 41.78
C LYS A 122 66.01 -46.49 40.37
N ILE A 123 65.40 -45.80 39.42
CA ILE A 123 65.88 -45.82 38.04
C ILE A 123 67.13 -44.97 37.94
N HIS A 124 68.16 -45.51 37.32
CA HIS A 124 69.40 -44.78 37.08
C HIS A 124 69.67 -44.51 35.61
N ASP A 125 68.94 -45.15 34.70
CA ASP A 125 69.10 -44.93 33.27
C ASP A 125 67.91 -45.54 32.55
N VAL A 126 67.63 -45.04 31.35
CA VAL A 126 66.56 -45.55 30.52
C VAL A 126 66.94 -45.36 29.07
N TYR A 127 66.69 -46.38 28.25
CA TYR A 127 66.93 -46.31 26.81
C TYR A 127 65.59 -46.24 26.09
N PHE A 128 65.46 -45.27 25.20
CA PHE A 128 64.25 -45.08 24.41
C PHE A 128 64.56 -45.46 22.96
N PRO A 129 63.96 -46.51 22.42
CA PRO A 129 64.24 -46.89 21.03
C PRO A 129 63.68 -45.85 20.08
N PRO A 130 64.19 -45.79 18.85
CA PRO A 130 63.73 -44.73 17.93
C PRO A 130 62.23 -44.68 17.74
N CYS A 131 61.57 -45.83 17.58
CA CYS A 131 60.14 -45.84 17.31
C CYS A 131 59.33 -45.30 18.48
N TYR A 132 59.90 -45.27 19.69
CA TYR A 132 59.22 -44.69 20.85
C TYR A 132 59.59 -43.22 21.02
N LEU A 133 60.90 -42.94 21.08
CA LEU A 133 61.36 -41.55 21.19
C LEU A 133 60.74 -40.67 20.11
N ARG A 134 60.56 -41.22 18.92
CA ARG A 134 60.06 -40.46 17.78
C ARG A 134 58.64 -39.95 18.01
N LEU A 135 57.90 -40.52 18.96
CA LEU A 135 56.51 -40.15 19.17
C LEU A 135 56.35 -39.03 20.20
N PHE A 136 57.44 -38.51 20.76
CA PHE A 136 57.37 -37.44 21.74
C PHE A 136 57.57 -36.09 21.07
N ASP A 137 57.03 -35.04 21.70
CA ASP A 137 57.07 -33.71 21.11
C ASP A 137 58.49 -33.25 20.86
N GLY A 138 59.37 -33.45 21.83
CA GLY A 138 60.71 -32.92 21.73
C GLY A 138 60.73 -31.40 21.83
N PRO A 139 61.89 -30.82 22.07
CA PRO A 139 61.96 -29.36 22.23
C PRO A 139 61.65 -28.65 20.93
N ALA A 140 60.99 -27.50 21.05
CA ALA A 140 60.70 -26.64 19.91
C ALA A 140 61.66 -25.46 19.82
N MET A 141 62.35 -25.14 20.90
CA MET A 141 63.28 -24.00 20.95
C MET A 141 64.42 -24.34 21.90
N ASN A 142 65.53 -23.60 21.88
CA ASN A 142 66.62 -23.77 22.86
C ASN A 142 67.47 -22.49 22.91
N ILE A 143 68.69 -22.56 23.40
CA ILE A 143 69.58 -21.37 23.58
C ILE A 143 69.86 -20.74 22.22
N VAL A 144 69.81 -21.45 21.10
CA VAL A 144 70.04 -20.85 19.79
C VAL A 144 69.04 -19.75 19.51
N ASP A 145 67.81 -19.91 20.00
CA ASP A 145 66.79 -18.88 19.78
C ASP A 145 67.10 -17.62 20.59
N MET A 146 67.64 -17.79 21.80
CA MET A 146 68.10 -16.62 22.54
C MET A 146 69.31 -15.98 21.87
N TRP A 147 70.24 -16.81 21.37
CA TRP A 147 71.40 -16.28 20.67
C TRP A 147 70.96 -15.43 19.48
N ARG A 148 69.98 -15.92 18.71
CA ARG A 148 69.51 -15.17 17.56
C ARG A 148 68.96 -13.82 17.95
N VAL A 149 68.15 -13.77 19.02
CA VAL A 149 67.60 -12.51 19.48
C VAL A 149 68.72 -11.58 19.96
N LEU A 150 69.67 -12.12 20.70
CA LEU A 150 70.80 -11.34 21.18
C LEU A 150 71.80 -11.03 20.07
N GLU A 151 71.57 -11.49 18.85
CA GLU A 151 72.45 -11.21 17.72
C GLU A 151 73.84 -11.80 17.94
N ARG A 152 73.89 -12.97 18.54
CA ARG A 152 75.13 -13.68 18.83
C ARG A 152 75.30 -14.83 17.86
N PRO A 153 76.50 -15.41 17.80
CA PRO A 153 76.72 -16.59 16.94
C PRO A 153 75.76 -17.71 17.31
N LEU A 154 75.17 -18.32 16.28
CA LEU A 154 74.23 -19.41 16.51
C LEU A 154 74.93 -20.73 16.83
N VAL A 155 76.26 -20.77 16.75
CA VAL A 155 77.06 -21.90 17.19
C VAL A 155 78.11 -21.38 18.15
N ASP A 156 78.18 -21.98 19.35
CA ASP A 156 79.10 -21.54 20.39
C ASP A 156 78.88 -20.06 20.70
N GLY A 157 77.63 -19.70 20.93
CA GLY A 157 77.27 -18.33 21.23
C GLY A 157 77.64 -17.86 22.61
N GLY A 158 77.97 -18.78 23.52
CA GLY A 158 78.46 -18.39 24.82
C GLY A 158 77.37 -18.28 25.86
N MET A 159 77.79 -17.84 27.05
CA MET A 159 76.88 -17.76 28.17
C MET A 159 75.80 -16.70 27.95
N VAL A 160 74.57 -17.04 28.31
CA VAL A 160 73.50 -16.06 28.44
C VAL A 160 73.57 -15.54 29.87
N VAL A 161 73.96 -14.29 30.04
CA VAL A 161 74.17 -13.72 31.37
C VAL A 161 72.81 -13.45 31.99
N GLY A 162 72.47 -14.22 33.04
CA GLY A 162 71.15 -14.16 33.64
C GLY A 162 71.21 -14.04 35.15
N THR A 163 70.04 -13.79 35.73
CA THR A 163 69.88 -13.75 37.17
C THR A 163 68.44 -14.14 37.51
N ILE A 164 68.20 -14.28 38.81
CA ILE A 164 66.86 -14.48 39.35
C ILE A 164 66.56 -13.28 40.24
N ILE A 165 65.35 -12.72 40.10
CA ILE A 165 64.97 -11.59 40.93
C ILE A 165 64.89 -12.06 42.38
N LYS A 166 65.73 -11.50 43.25
CA LYS A 166 65.69 -11.69 44.69
C LYS A 166 65.30 -10.38 45.36
N PRO A 167 64.61 -10.43 46.50
CA PRO A 167 64.03 -11.55 47.25
C PRO A 167 63.17 -12.52 46.45
N LYS A 168 63.17 -13.79 46.87
CA LYS A 168 62.34 -14.80 46.23
C LYS A 168 60.87 -14.37 46.20
N LEU A 169 60.40 -13.77 47.29
CA LEU A 169 59.07 -13.21 47.38
C LEU A 169 59.16 -11.98 48.28
N GLY A 170 58.25 -11.03 48.05
CA GLY A 170 58.15 -9.84 48.87
C GLY A 170 58.38 -8.53 48.15
N LEU A 171 59.03 -8.56 46.99
CA LEU A 171 59.23 -7.34 46.22
C LEU A 171 57.91 -6.95 45.57
N ARG A 172 57.49 -5.71 45.79
CA ARG A 172 56.26 -5.19 45.20
C ARG A 172 56.55 -4.74 43.76
N PRO A 173 55.51 -4.45 42.99
CA PRO A 173 55.72 -4.21 41.55
C PRO A 173 56.78 -3.17 41.23
N GLU A 174 56.79 -2.04 41.95
CA GLU A 174 57.73 -0.98 41.59
C GLU A 174 59.17 -1.37 41.91
N PRO A 175 59.51 -1.78 43.14
CA PRO A 175 60.90 -2.21 43.38
C PRO A 175 61.29 -3.44 42.56
N PHE A 176 60.33 -4.31 42.24
CA PHE A 176 60.61 -5.43 41.37
C PHE A 176 61.08 -4.96 40.00
N ALA A 177 60.31 -4.09 39.36
CA ALA A 177 60.69 -3.57 38.05
C ALA A 177 61.98 -2.78 38.11
N ALA A 178 62.24 -2.08 39.23
CA ALA A 178 63.50 -1.36 39.35
C ALA A 178 64.68 -2.31 39.33
N ALA A 179 64.56 -3.45 40.03
CA ALA A 179 65.65 -4.42 40.06
C ALA A 179 65.88 -5.03 38.69
N CYS A 180 64.79 -5.26 37.93
CA CYS A 180 64.95 -5.79 36.57
C CYS A 180 65.73 -4.81 35.69
N TYR A 181 65.32 -3.54 35.70
CA TYR A 181 66.01 -2.54 34.90
C TYR A 181 67.50 -2.49 35.25
N GLN A 182 67.82 -2.56 36.54
CA GLN A 182 69.20 -2.46 36.98
C GLN A 182 70.04 -3.61 36.43
N PHE A 183 69.56 -4.84 36.58
CA PHE A 183 70.34 -5.97 36.10
C PHE A 183 70.47 -5.93 34.58
N TRP A 184 69.38 -5.60 33.88
CA TRP A 184 69.42 -5.58 32.42
C TRP A 184 70.40 -4.54 31.88
N LEU A 185 70.83 -3.60 32.70
CA LEU A 185 71.83 -2.63 32.25
C LEU A 185 73.16 -3.33 31.95
N GLY A 186 73.42 -4.46 32.60
CA GLY A 186 74.68 -5.17 32.40
C GLY A 186 74.52 -6.64 32.08
N GLY A 187 73.26 -7.12 32.03
CA GLY A 187 72.98 -8.52 31.81
C GLY A 187 72.03 -8.74 30.65
N ASP A 188 71.80 -10.02 30.37
CA ASP A 188 70.93 -10.44 29.28
C ASP A 188 69.55 -10.91 29.73
N PHE A 189 69.49 -11.70 30.78
CA PHE A 189 68.37 -12.59 31.06
C PHE A 189 67.93 -12.48 32.51
N ILE A 190 66.63 -12.41 32.73
CA ILE A 190 66.07 -12.40 34.06
C ILE A 190 64.92 -13.39 34.12
N KCX A 191 64.90 -14.21 35.16
CA KCX A 191 63.80 -15.14 35.35
CB KCX A 191 64.29 -16.59 35.40
CG KCX A 191 65.15 -16.86 36.61
CD KCX A 191 65.70 -18.28 36.58
CE KCX A 191 64.60 -19.30 36.89
NZ KCX A 191 64.07 -19.08 38.22
C KCX A 191 63.09 -14.80 36.66
O KCX A 191 63.72 -14.34 37.64
CX KCX A 191 64.69 -19.69 39.38
OQ1 KCX A 191 64.21 -19.50 40.53
OQ2 KCX A 191 65.73 -20.39 39.23
HA KCX A 191 63.20 -15.06 34.60
HB2 KCX A 191 64.81 -16.77 34.59
HB3 KCX A 191 63.52 -17.18 35.42
HG2 KCX A 191 64.62 -16.74 37.42
HG3 KCX A 191 65.89 -16.23 36.63
HD2 KCX A 191 66.40 -18.38 37.25
HD3 KCX A 191 66.06 -18.46 35.70
HE2 KCX A 191 64.97 -20.20 36.84
HE3 KCX A 191 63.88 -19.22 36.24
HZ KCX A 191 63.38 -18.58 38.33
N ASN A 192 61.77 -14.99 36.68
CA ASN A 192 61.01 -15.04 37.92
C ASN A 192 61.68 -16.08 38.82
N ASP A 193 61.80 -15.80 40.11
CA ASP A 193 62.05 -16.88 41.06
C ASP A 193 60.87 -17.84 41.03
N GLU A 194 61.14 -19.11 41.34
CA GLU A 194 60.17 -20.15 41.02
C GLU A 194 58.77 -19.94 41.62
N PRO A 195 58.59 -19.28 42.76
CA PRO A 195 57.22 -19.09 43.28
C PRO A 195 56.56 -17.77 42.89
N GLN A 196 57.25 -16.89 42.18
CA GLN A 196 56.69 -15.58 41.86
C GLN A 196 55.62 -15.71 40.79
N GLY A 197 54.49 -15.05 41.01
CA GLY A 197 53.38 -15.11 40.08
C GLY A 197 52.37 -13.99 40.26
N ASN A 198 51.32 -14.26 41.02
CA ASN A 198 50.24 -13.31 41.24
C ASN A 198 49.93 -13.18 42.72
N GLN A 199 50.97 -13.05 43.54
CA GLN A 199 50.76 -12.78 44.96
C GLN A 199 49.98 -11.49 45.14
N VAL A 200 49.23 -11.42 46.25
CA VAL A 200 48.37 -10.27 46.49
C VAL A 200 49.17 -8.98 46.54
N PHE A 201 50.41 -9.04 47.03
CA PHE A 201 51.25 -7.85 47.14
C PHE A 201 51.99 -7.50 45.86
N ALA A 202 51.88 -8.33 44.81
CA ALA A 202 52.55 -8.07 43.54
C ALA A 202 51.73 -8.72 42.42
N PRO A 203 50.55 -8.18 42.14
CA PRO A 203 49.65 -8.83 41.17
C PRO A 203 50.28 -8.90 39.79
N LEU A 204 50.05 -10.02 39.11
CA LEU A 204 50.62 -10.22 37.78
C LEU A 204 50.18 -9.14 36.80
N ARG A 205 48.90 -8.79 36.82
CA ARG A 205 48.40 -7.79 35.87
C ARG A 205 49.05 -6.44 36.09
N THR A 206 49.51 -6.15 37.31
CA THR A 206 50.17 -4.89 37.62
C THR A 206 51.66 -4.94 37.35
N ILE A 207 52.30 -6.08 37.59
CA ILE A 207 53.76 -6.13 37.57
C ILE A 207 54.31 -6.32 36.17
N MET A 208 53.59 -7.03 35.29
CA MET A 208 54.14 -7.36 33.99
C MET A 208 54.29 -6.14 33.09
N PRO A 209 53.32 -5.21 33.07
CA PRO A 209 53.54 -3.96 32.32
C PRO A 209 54.79 -3.21 32.79
N MET A 210 55.06 -3.23 34.10
CA MET A 210 56.25 -2.56 34.60
C MET A 210 57.52 -3.28 34.19
N ILE A 211 57.50 -4.62 34.17
CA ILE A 211 58.66 -5.38 33.72
C ILE A 211 58.95 -5.08 32.26
N ALA A 212 57.89 -5.10 31.43
CA ALA A 212 58.07 -4.77 30.01
C ALA A 212 58.62 -3.36 29.84
N ASP A 213 58.22 -2.42 30.70
CA ASP A 213 58.77 -1.07 30.62
C ASP A 213 60.26 -1.08 30.97
N SER A 214 60.66 -1.87 31.97
CA SER A 214 62.07 -1.97 32.30
C SER A 214 62.86 -2.58 31.14
N MET A 215 62.28 -3.56 30.46
CA MET A 215 62.92 -4.13 29.29
C MET A 215 63.12 -3.09 28.21
N ARG A 216 62.05 -2.36 27.86
CA ARG A 216 62.14 -1.38 26.79
C ARG A 216 63.20 -0.31 27.10
N ARG A 217 63.24 0.15 28.36
CA ARG A 217 64.19 1.20 28.71
C ARG A 217 65.62 0.68 28.72
N ALA A 218 65.83 -0.53 29.25
CA ALA A 218 67.17 -1.09 29.28
C ALA A 218 67.68 -1.34 27.87
N GLN A 219 66.81 -1.80 26.98
CA GLN A 219 67.19 -2.02 25.59
C GLN A 219 67.52 -0.71 24.90
N ASP A 220 66.83 0.37 25.26
CA ASP A 220 67.08 1.67 24.62
C ASP A 220 68.43 2.23 25.05
N GLU A 221 68.81 2.05 26.31
CA GLU A 221 70.01 2.66 26.83
C GLU A 221 71.27 1.85 26.52
N THR A 222 71.14 0.53 26.43
CA THR A 222 72.29 -0.32 26.15
C THR A 222 72.42 -0.69 24.67
N GLY A 223 71.35 -0.56 23.90
CA GLY A 223 71.36 -1.01 22.53
C GLY A 223 71.40 -2.51 22.35
N GLN A 224 71.13 -3.27 23.40
CA GLN A 224 71.17 -4.72 23.36
C GLN A 224 69.80 -5.29 23.74
N ALA A 225 69.45 -6.42 23.13
CA ALA A 225 68.19 -7.08 23.46
C ALA A 225 68.26 -7.65 24.88
N LYS A 226 67.10 -7.69 25.53
CA LYS A 226 66.98 -8.20 26.89
C LYS A 226 65.86 -9.24 26.94
N LEU A 227 66.04 -10.23 27.81
CA LEU A 227 65.18 -11.40 27.84
C LEU A 227 64.63 -11.61 29.25
N PHE A 228 63.39 -12.09 29.32
CA PHE A 228 62.72 -12.37 30.58
C PHE A 228 62.09 -13.76 30.53
N SER A 229 62.03 -14.40 31.70
CA SER A 229 61.40 -15.71 31.86
C SER A 229 60.32 -15.60 32.91
N ALA A 230 59.06 -15.68 32.48
CA ALA A 230 57.92 -15.45 33.35
C ALA A 230 57.30 -16.77 33.80
N ASN A 231 57.00 -16.86 35.09
CA ASN A 231 56.38 -18.05 35.66
C ASN A 231 54.89 -18.06 35.33
N ILE A 232 54.43 -19.11 34.64
CA ILE A 232 53.03 -19.28 34.31
C ILE A 232 52.42 -20.50 35.00
N THR A 233 53.16 -21.16 35.87
CA THR A 233 52.68 -22.39 36.51
C THR A 233 51.35 -22.14 37.21
N ALA A 234 50.47 -23.13 37.14
CA ALA A 234 49.18 -23.08 37.85
C ALA A 234 48.57 -24.47 37.83
N ASP A 235 47.60 -24.67 38.72
CA ASP A 235 46.85 -25.93 38.72
C ASP A 235 45.92 -26.02 37.51
N ASP A 236 45.24 -24.92 37.19
CA ASP A 236 44.27 -24.90 36.12
C ASP A 236 44.97 -24.58 34.80
N PRO A 237 44.92 -25.46 33.80
CA PRO A 237 45.50 -25.11 32.50
C PRO A 237 44.94 -23.80 31.95
N ALA A 238 43.67 -23.49 32.23
CA ALA A 238 43.10 -22.22 31.81
C ALA A 238 43.85 -21.05 32.43
N GLU A 239 44.42 -21.25 33.62
CA GLU A 239 45.19 -20.19 34.26
C GLU A 239 46.53 -20.00 33.53
N MET A 240 47.25 -21.10 33.27
CA MET A 240 48.51 -20.94 32.57
C MET A 240 48.32 -20.36 31.17
N TYR A 241 47.22 -20.74 30.50
CA TYR A 241 46.90 -20.12 29.22
C TYR A 241 46.65 -18.62 29.39
N ALA A 242 45.78 -18.26 30.34
CA ALA A 242 45.46 -16.86 30.58
C ALA A 242 46.71 -16.06 30.90
N ARG A 243 47.60 -16.61 31.74
CA ARG A 243 48.82 -15.91 32.09
C ARG A 243 49.69 -15.70 30.85
N GLY A 244 49.85 -16.75 30.04
CA GLY A 244 50.67 -16.62 28.85
C GLY A 244 50.11 -15.59 27.88
N GLU A 245 48.81 -15.67 27.60
CA GLU A 245 48.20 -14.71 26.68
C GLU A 245 48.42 -13.28 27.15
N PHE A 246 48.17 -13.01 28.43
CA PHE A 246 48.32 -11.65 28.94
C PHE A 246 49.77 -11.18 28.85
N ILE A 247 50.70 -12.06 29.18
CA ILE A 247 52.12 -11.67 29.15
C ILE A 247 52.54 -11.35 27.72
N LEU A 248 52.17 -12.21 26.76
CA LEU A 248 52.53 -11.95 25.38
C LEU A 248 51.89 -10.65 24.89
N GLU A 249 50.63 -10.41 25.27
CA GLU A 249 49.98 -9.15 24.91
C GLU A 249 50.70 -7.97 25.53
N THR A 250 51.16 -8.12 26.78
CA THR A 250 51.78 -7.00 27.48
C THR A 250 53.13 -6.64 26.85
N PHE A 251 53.90 -7.64 26.43
CA PHE A 251 55.22 -7.36 25.86
C PHE A 251 55.16 -6.96 24.39
N GLY A 252 54.07 -7.27 23.71
CA GLY A 252 53.85 -6.73 22.37
C GLY A 252 54.95 -7.11 21.42
N GLU A 253 55.61 -6.09 20.85
CA GLU A 253 56.64 -6.33 19.85
C GLU A 253 57.82 -7.13 20.41
N PHE A 254 57.93 -7.24 21.73
CA PHE A 254 59.01 -7.97 22.36
C PHE A 254 58.53 -9.26 23.01
N ALA A 255 57.42 -9.81 22.53
CA ALA A 255 56.93 -11.08 23.06
C ALA A 255 57.93 -12.21 22.79
N ASP A 256 58.69 -12.15 21.69
CA ASP A 256 59.68 -13.18 21.42
C ASP A 256 60.90 -13.06 22.33
N HIS A 257 60.94 -12.06 23.21
CA HIS A 257 61.99 -11.96 24.21
C HIS A 257 61.62 -12.65 25.53
N VAL A 258 60.43 -13.24 25.63
CA VAL A 258 59.91 -13.76 26.89
C VAL A 258 59.83 -15.28 26.80
N ALA A 259 60.43 -15.94 27.78
CA ALA A 259 60.27 -17.37 27.98
C ALA A 259 59.21 -17.61 29.05
N PHE A 260 58.56 -18.76 28.96
CA PHE A 260 57.56 -19.17 29.95
C PHE A 260 58.19 -20.21 30.87
N LEU A 261 58.19 -19.93 32.17
CA LEU A 261 58.73 -20.83 33.17
C LEU A 261 57.61 -21.70 33.74
N VAL A 262 57.91 -22.99 33.92
CA VAL A 262 56.96 -23.94 34.46
C VAL A 262 57.67 -24.75 35.53
N ASP A 263 57.12 -24.76 36.74
CA ASP A 263 57.58 -25.62 37.83
C ASP A 263 57.10 -27.03 37.53
N GLY A 264 57.87 -27.73 36.68
CA GLY A 264 57.38 -28.97 36.08
C GLY A 264 57.37 -30.17 37.00
N TYR A 265 58.25 -30.20 38.00
CA TYR A 265 58.27 -31.36 38.89
C TYR A 265 57.09 -31.34 39.85
N VAL A 266 56.78 -30.18 40.42
CA VAL A 266 55.66 -30.11 41.36
C VAL A 266 54.33 -30.01 40.62
N ALA A 267 54.30 -29.30 39.49
CA ALA A 267 53.06 -29.17 38.74
C ALA A 267 52.80 -30.37 37.84
N GLY A 268 53.86 -31.01 37.34
CA GLY A 268 53.73 -32.27 36.65
C GLY A 268 53.98 -32.16 35.15
N PRO A 269 54.18 -33.29 34.49
CA PRO A 269 54.35 -33.27 33.04
C PRO A 269 53.15 -32.68 32.31
N THR A 270 51.95 -32.78 32.91
CA THR A 270 50.77 -32.20 32.27
C THR A 270 50.91 -30.67 32.16
N ALA A 271 51.50 -30.04 33.18
CA ALA A 271 51.73 -28.60 33.11
C ALA A 271 52.76 -28.27 32.04
N VAL A 272 53.81 -29.09 31.92
CA VAL A 272 54.86 -28.83 30.94
C VAL A 272 54.30 -28.94 29.53
N THR A 273 53.60 -30.04 29.25
CA THR A 273 53.06 -30.25 27.91
C THR A 273 51.99 -29.21 27.56
N ALA A 274 51.23 -28.75 28.57
CA ALA A 274 50.28 -27.68 28.32
C ALA A 274 50.97 -26.46 27.74
N CYS A 275 52.09 -26.04 28.35
CA CYS A 275 52.87 -24.94 27.80
C CYS A 275 53.49 -25.31 26.46
N ARG A 276 54.15 -26.47 26.39
CA ARG A 276 54.83 -26.87 25.17
C ARG A 276 53.91 -26.84 23.96
N ARG A 277 52.69 -27.33 24.11
CA ARG A 277 51.78 -27.46 22.99
C ARG A 277 50.97 -26.20 22.73
N ARG A 278 50.66 -25.42 23.76
CA ARG A 278 49.90 -24.19 23.55
C ARG A 278 50.80 -23.04 23.11
N PHE A 279 52.01 -22.95 23.66
CA PHE A 279 52.96 -21.89 23.34
C PHE A 279 54.26 -22.48 22.81
N PRO A 280 54.20 -23.22 21.70
CA PRO A 280 55.43 -23.84 21.17
C PRO A 280 56.46 -22.82 20.71
N GLN A 281 56.02 -21.64 20.30
CA GLN A 281 56.91 -20.59 19.83
C GLN A 281 57.49 -19.74 20.95
N GLN A 282 57.30 -20.14 22.20
CA GLN A 282 57.91 -19.48 23.36
C GLN A 282 58.86 -20.47 24.03
N PHE A 283 60.06 -19.99 24.36
CA PHE A 283 61.04 -20.80 25.05
C PHE A 283 60.44 -21.38 26.32
N LEU A 284 60.49 -22.71 26.46
CA LEU A 284 59.94 -23.40 27.62
C LEU A 284 61.04 -23.59 28.65
N HIS A 285 60.91 -22.90 29.78
CA HIS A 285 61.90 -22.89 30.85
C HIS A 285 61.43 -23.83 31.96
N TYR A 286 62.06 -24.99 32.05
CA TYR A 286 61.67 -26.01 33.01
C TYR A 286 62.41 -25.80 34.33
N HIS A 287 61.66 -25.47 35.38
CA HIS A 287 62.21 -25.34 36.72
C HIS A 287 61.82 -26.57 37.53
N ARG A 288 62.81 -27.23 38.14
CA ARG A 288 62.62 -28.53 38.76
C ARG A 288 62.48 -28.46 40.27
N ALA A 289 61.94 -27.36 40.80
CA ALA A 289 61.73 -27.25 42.24
C ALA A 289 61.03 -28.48 42.78
N GLY A 290 61.63 -29.08 43.82
CA GLY A 290 61.09 -30.26 44.44
C GLY A 290 61.70 -31.57 43.99
N HIS A 291 62.45 -31.55 42.88
CA HIS A 291 63.02 -32.78 42.34
C HIS A 291 63.88 -33.50 43.37
N GLY A 292 64.56 -32.75 44.24
CA GLY A 292 65.47 -33.37 45.19
C GLY A 292 64.83 -34.41 46.07
N ALA A 293 63.50 -34.42 46.17
CA ALA A 293 62.83 -35.40 47.02
C ALA A 293 63.14 -36.84 46.56
N VAL A 294 63.42 -37.04 45.27
CA VAL A 294 63.72 -38.37 44.77
C VAL A 294 65.09 -38.42 44.11
N THR A 295 65.53 -37.30 43.53
CA THR A 295 66.78 -37.32 42.78
C THR A 295 68.02 -37.28 43.66
N SER A 296 67.90 -36.80 44.90
CA SER A 296 69.07 -36.72 45.76
C SER A 296 69.71 -38.10 45.91
N PRO A 297 71.04 -38.19 45.91
CA PRO A 297 71.68 -39.49 46.19
C PRO A 297 71.32 -40.03 47.56
N GLN A 298 70.85 -39.19 48.48
CA GLN A 298 70.35 -39.68 49.76
C GLN A 298 69.13 -40.56 49.58
N SER A 299 68.39 -40.37 48.49
CA SER A 299 67.21 -41.17 48.20
C SER A 299 67.60 -42.40 47.41
N LYS A 300 67.02 -43.54 47.75
CA LYS A 300 67.18 -44.76 46.98
C LYS A 300 65.93 -45.13 46.20
N ARG A 301 65.02 -44.17 45.98
CA ARG A 301 63.76 -44.41 45.32
C ARG A 301 63.58 -43.43 44.17
N GLY A 302 62.57 -43.69 43.35
CA GLY A 302 62.24 -42.80 42.26
C GLY A 302 63.22 -42.87 41.11
N TYR A 303 63.79 -41.72 40.75
CA TYR A 303 64.77 -41.65 39.67
C TYR A 303 65.80 -40.59 39.98
N THR A 304 66.93 -40.67 39.28
CA THR A 304 68.02 -39.72 39.45
C THR A 304 67.76 -38.44 38.65
N ALA A 305 68.56 -37.42 38.95
CA ALA A 305 68.46 -36.17 38.19
C ALA A 305 68.82 -36.38 36.72
N PHE A 306 69.77 -37.27 36.44
CA PHE A 306 70.09 -37.60 35.05
C PHE A 306 68.85 -38.10 34.33
N VAL A 307 68.10 -39.01 34.96
CA VAL A 307 66.90 -39.53 34.34
C VAL A 307 65.83 -38.45 34.26
N HIS A 308 65.68 -37.65 35.32
CA HIS A 308 64.69 -36.59 35.32
C HIS A 308 64.93 -35.62 34.18
N CYS A 309 66.17 -35.15 34.02
CA CYS A 309 66.48 -34.19 32.97
C CYS A 309 66.30 -34.81 31.59
N LYS A 310 66.71 -36.08 31.43
CA LYS A 310 66.54 -36.73 30.13
C LYS A 310 65.08 -36.75 29.71
N MET A 311 64.18 -37.12 30.64
CA MET A 311 62.76 -37.14 30.31
C MET A 311 62.24 -35.75 29.95
N SER A 312 62.81 -34.70 30.53
CA SER A 312 62.35 -33.35 30.22
C SER A 312 62.59 -33.01 28.75
N ARG A 313 63.61 -33.59 28.14
CA ARG A 313 63.84 -33.37 26.72
C ARG A 313 62.73 -34.00 25.88
N LEU A 314 62.20 -35.14 26.32
CA LEU A 314 61.08 -35.75 25.63
C LEU A 314 59.85 -34.85 25.68
N SER A 315 59.54 -34.31 26.86
CA SER A 315 58.37 -33.47 27.02
C SER A 315 58.50 -32.16 26.23
N GLY A 316 59.70 -31.76 25.87
CA GLY A 316 59.92 -30.61 25.02
C GLY A 316 60.41 -29.35 25.71
N ALA A 317 61.11 -29.47 26.83
CA ALA A 317 61.65 -28.29 27.50
C ALA A 317 62.75 -27.67 26.66
N SER A 318 62.65 -26.35 26.44
CA SER A 318 63.72 -25.64 25.73
C SER A 318 64.97 -25.57 26.58
N GLY A 319 64.81 -25.48 27.89
CA GLY A 319 65.94 -25.54 28.80
C GLY A 319 65.47 -26.06 30.13
N ILE A 320 66.39 -26.69 30.88
CA ILE A 320 66.07 -27.24 32.18
C ILE A 320 67.25 -27.05 33.11
N HIS A 321 66.98 -26.89 34.40
CA HIS A 321 68.04 -26.78 35.40
C HIS A 321 68.71 -28.14 35.59
N THR A 322 70.02 -28.16 35.42
CA THR A 322 70.80 -29.37 35.62
C THR A 322 71.57 -29.38 36.93
N GLY A 323 71.56 -28.28 37.67
CA GLY A 323 72.35 -28.15 38.87
C GLY A 323 73.74 -27.59 38.56
N THR A 324 74.45 -27.24 39.63
CA THR A 324 75.77 -26.62 39.53
C THR A 324 76.89 -27.64 39.53
N MET A 325 76.57 -28.94 39.57
CA MET A 325 77.56 -29.99 39.38
C MET A 325 78.62 -29.98 40.48
N GLY A 326 78.20 -29.65 41.69
CA GLY A 326 79.09 -29.61 42.81
C GLY A 326 79.77 -28.29 43.05
N TYR A 327 79.45 -27.26 42.28
CA TYR A 327 80.08 -25.96 42.41
C TYR A 327 79.18 -24.92 43.07
N GLY A 328 77.89 -25.19 43.20
CA GLY A 328 76.97 -24.26 43.81
C GLY A 328 76.50 -24.68 45.19
N LYS A 329 75.32 -24.22 45.59
CA LYS A 329 74.81 -24.45 46.93
C LYS A 329 73.96 -25.71 47.06
N MET A 330 73.52 -26.29 45.97
CA MET A 330 72.69 -27.48 46.00
C MET A 330 73.51 -28.74 45.84
N GLU A 331 72.91 -29.88 46.19
CA GLU A 331 73.57 -31.16 46.01
C GLU A 331 73.91 -31.36 44.55
N GLY A 332 75.10 -31.89 44.30
CA GLY A 332 75.55 -32.14 42.94
C GLY A 332 76.95 -32.69 42.96
N ASP A 333 77.36 -33.28 41.84
CA ASP A 333 78.67 -33.96 41.65
C ASP A 333 79.28 -33.41 40.34
N ALA A 334 80.59 -33.44 40.17
CA ALA A 334 81.28 -32.98 38.94
C ALA A 334 80.84 -33.89 37.76
N ASP A 335 80.65 -35.18 37.99
CA ASP A 335 80.20 -36.13 36.92
C ASP A 335 78.79 -35.75 36.44
N ASP A 336 78.10 -34.77 37.06
CA ASP A 336 76.79 -34.37 36.53
C ASP A 336 76.90 -33.71 35.15
N LYS A 337 78.11 -33.40 34.69
CA LYS A 337 78.28 -32.89 33.34
C LYS A 337 77.69 -33.85 32.31
N ALA A 338 77.62 -35.14 32.63
CA ALA A 338 76.99 -36.10 31.73
C ALA A 338 75.52 -35.78 31.50
N ILE A 339 74.89 -35.10 32.45
CA ILE A 339 73.49 -34.72 32.29
C ILE A 339 73.37 -33.70 31.15
N ALA A 340 74.23 -32.69 31.14
CA ALA A 340 74.20 -31.70 30.08
C ALA A 340 74.45 -32.34 28.72
N TYR A 341 75.47 -33.21 28.64
CA TYR A 341 75.78 -33.85 27.37
C TYR A 341 74.57 -34.61 26.83
N MET A 342 73.84 -35.31 27.71
CA MET A 342 72.67 -36.05 27.27
C MET A 342 71.55 -35.13 26.80
N LEU A 343 71.53 -33.89 27.30
CA LEU A 343 70.48 -32.96 26.91
C LEU A 343 70.80 -32.24 25.59
N GLU A 344 72.08 -31.98 25.31
CA GLU A 344 72.45 -31.09 24.22
C GLU A 344 73.05 -31.79 23.02
N GLN A 345 73.30 -33.10 23.09
CA GLN A 345 73.95 -33.83 22.01
C GLN A 345 72.97 -34.80 21.36
N ASP A 346 73.21 -35.08 20.08
CA ASP A 346 72.45 -36.08 19.35
C ASP A 346 72.91 -37.51 19.68
N ASP A 347 74.06 -37.65 20.32
CA ASP A 347 74.61 -38.96 20.66
C ASP A 347 75.36 -38.79 21.98
N ALA A 348 74.86 -39.42 23.04
CA ALA A 348 75.44 -39.26 24.37
C ALA A 348 75.39 -40.59 25.11
N GLN A 349 76.20 -40.67 26.16
CA GLN A 349 76.36 -41.89 26.95
C GLN A 349 75.78 -41.69 28.34
N GLY A 350 74.94 -42.61 28.77
CA GLY A 350 74.42 -42.63 30.11
C GLY A 350 75.15 -43.65 30.96
N PRO A 351 74.81 -43.73 32.23
CA PRO A 351 75.50 -44.70 33.11
C PRO A 351 75.39 -46.13 32.64
N TYR A 352 74.36 -46.48 31.86
CA TYR A 352 74.20 -47.85 31.40
C TYR A 352 73.89 -47.94 29.91
N PHE A 353 73.23 -46.92 29.37
CA PHE A 353 72.72 -46.96 28.00
C PHE A 353 73.25 -45.80 27.19
N ARG A 354 73.74 -46.10 25.99
CA ARG A 354 74.02 -45.09 24.98
C ARG A 354 72.73 -44.70 24.29
N GLN A 355 72.53 -43.39 24.12
CA GLN A 355 71.29 -42.85 23.56
C GLN A 355 71.60 -41.98 22.35
N THR A 356 70.98 -42.32 21.21
CA THR A 356 70.92 -41.45 20.04
C THR A 356 69.52 -40.86 19.95
N TRP A 357 69.44 -39.62 19.45
CA TRP A 357 68.22 -38.85 19.50
C TRP A 357 67.59 -38.61 18.14
N GLN A 358 68.17 -39.12 17.07
CA GLN A 358 67.60 -38.99 15.74
C GLN A 358 67.24 -37.54 15.42
N GLY A 359 68.11 -36.62 15.81
CA GLY A 359 67.95 -35.23 15.50
C GLY A 359 66.94 -34.48 16.32
N MET A 360 66.35 -35.11 17.33
CA MET A 360 65.46 -34.38 18.23
C MET A 360 66.20 -33.17 18.79
N LYS A 361 65.51 -32.04 18.88
CA LYS A 361 66.15 -30.80 19.25
C LYS A 361 66.78 -30.90 20.63
N ALA A 362 67.88 -30.18 20.81
CA ALA A 362 68.61 -30.17 22.06
C ALA A 362 67.88 -29.33 23.11
N THR A 363 68.02 -29.75 24.37
CA THR A 363 67.57 -28.97 25.51
C THR A 363 68.78 -28.27 26.12
N THR A 364 68.62 -27.00 26.48
CA THR A 364 69.76 -26.23 26.99
C THR A 364 69.89 -26.39 28.50
N PRO A 365 71.09 -26.65 29.02
CA PRO A 365 71.26 -26.62 30.47
C PRO A 365 71.11 -25.21 31.02
N ILE A 366 70.41 -25.11 32.15
CA ILE A 366 70.29 -23.87 32.91
C ILE A 366 71.05 -24.07 34.21
N ILE A 367 72.07 -23.25 34.44
CA ILE A 367 73.00 -23.42 35.56
C ILE A 367 72.64 -22.38 36.62
N SER A 368 72.26 -22.85 37.81
CA SER A 368 71.76 -21.98 38.85
C SER A 368 71.92 -22.65 40.21
N GLY A 369 72.18 -21.83 41.23
CA GLY A 369 72.25 -22.30 42.59
C GLY A 369 73.47 -21.82 43.34
N GLY A 370 73.36 -20.65 43.97
CA GLY A 370 74.48 -20.11 44.72
C GLY A 370 75.71 -19.88 43.89
N MET A 371 75.56 -19.51 42.63
CA MET A 371 76.67 -19.21 41.75
C MET A 371 77.00 -17.71 41.80
N ASN A 372 78.23 -17.39 41.41
CA ASN A 372 78.65 -16.00 41.25
C ASN A 372 79.84 -15.97 40.29
N ALA A 373 80.29 -14.76 39.97
CA ALA A 373 81.37 -14.60 39.02
C ALA A 373 82.59 -15.43 39.40
N LEU A 374 82.87 -15.55 40.69
CA LEU A 374 84.08 -16.23 41.13
C LEU A 374 84.01 -17.73 40.91
N ARG A 375 82.80 -18.30 40.86
CA ARG A 375 82.64 -19.74 40.71
C ARG A 375 82.46 -20.18 39.26
N LEU A 376 82.33 -19.24 38.33
CA LEU A 376 82.04 -19.63 36.96
C LEU A 376 83.23 -20.31 36.28
N PRO A 377 84.45 -19.78 36.37
CA PRO A 377 85.57 -20.45 35.68
C PRO A 377 85.72 -21.91 36.06
N GLY A 378 85.72 -22.23 37.35
CA GLY A 378 85.85 -23.62 37.75
C GLY A 378 84.73 -24.48 37.20
N PHE A 379 83.51 -23.95 37.17
CA PHE A 379 82.39 -24.71 36.65
C PHE A 379 82.58 -25.01 35.15
N PHE A 380 82.96 -24.00 34.38
CA PHE A 380 83.07 -24.20 32.93
C PHE A 380 84.28 -25.06 32.58
N ASP A 381 85.34 -25.01 33.40
CA ASP A 381 86.45 -25.93 33.21
C ASP A 381 85.98 -27.37 33.25
N ASN A 382 85.03 -27.68 34.14
CA ASN A 382 84.52 -29.04 34.25
C ASN A 382 83.57 -29.38 33.11
N LEU A 383 82.72 -28.42 32.71
CA LEU A 383 81.76 -28.68 31.64
C LEU A 383 82.45 -28.79 30.29
N GLY A 384 83.37 -27.86 30.01
CA GLY A 384 84.05 -27.84 28.73
C GLY A 384 83.53 -26.80 27.76
N HIS A 385 82.42 -26.15 28.07
CA HIS A 385 81.88 -25.10 27.22
C HIS A 385 81.02 -24.19 28.06
N SER A 386 80.72 -23.00 27.50
CA SER A 386 79.90 -22.01 28.17
C SER A 386 78.53 -21.84 27.52
N ASN A 387 78.15 -22.71 26.61
CA ASN A 387 76.88 -22.61 25.90
C ASN A 387 75.74 -22.97 26.84
N VAL A 388 75.53 -22.15 27.87
CA VAL A 388 74.51 -22.41 28.88
C VAL A 388 73.81 -21.11 29.23
N ILE A 389 72.65 -21.24 29.86
CA ILE A 389 71.96 -20.13 30.50
C ILE A 389 72.34 -20.14 31.97
N GLN A 390 73.02 -19.09 32.42
CA GLN A 390 73.49 -18.98 33.79
C GLN A 390 72.69 -17.91 34.52
N THR A 391 72.09 -18.28 35.64
CA THR A 391 71.33 -17.36 36.48
C THR A 391 71.93 -17.35 37.88
N SER A 392 72.32 -16.18 38.35
CA SER A 392 72.91 -16.00 39.67
C SER A 392 72.16 -14.89 40.39
N GLY A 393 71.35 -15.26 41.38
CA GLY A 393 70.55 -14.30 42.11
C GLY A 393 71.35 -13.59 43.17
N GLY A 394 71.77 -14.32 44.19
CA GLY A 394 72.66 -13.75 45.19
C GLY A 394 73.96 -13.24 44.58
N GLY A 395 74.50 -13.99 43.61
CA GLY A 395 75.73 -13.58 42.97
C GLY A 395 75.62 -12.30 42.17
N ALA A 396 74.41 -11.87 41.83
CA ALA A 396 74.19 -10.63 41.10
C ALA A 396 73.75 -9.51 42.04
N PHE A 397 72.67 -9.74 42.79
CA PHE A 397 72.15 -8.74 43.72
C PHE A 397 72.86 -8.74 45.06
N GLY A 398 73.77 -9.66 45.28
CA GLY A 398 74.66 -9.64 46.42
C GLY A 398 75.93 -8.88 46.21
N HIS A 399 76.18 -8.42 44.98
CA HIS A 399 77.33 -7.59 44.69
C HIS A 399 77.26 -6.29 45.49
N LYS A 400 78.40 -5.91 46.09
CA LYS A 400 78.42 -4.76 46.97
C LYS A 400 77.98 -3.48 46.28
N ASP A 401 78.07 -3.41 44.96
CA ASP A 401 77.74 -2.21 44.21
C ASP A 401 76.40 -2.30 43.49
N GLY A 402 75.61 -3.34 43.76
CA GLY A 402 74.27 -3.46 43.20
C GLY A 402 74.21 -4.48 42.08
N GLY A 403 73.01 -4.61 41.52
CA GLY A 403 72.73 -5.66 40.57
C GLY A 403 73.31 -5.41 39.18
N ALA A 404 73.40 -4.15 38.78
CA ALA A 404 74.04 -3.83 37.50
C ALA A 404 75.52 -4.23 37.52
N ALA A 405 76.23 -3.86 38.59
CA ALA A 405 77.63 -4.26 38.71
C ALA A 405 77.74 -5.77 38.85
N GLY A 406 76.83 -6.40 39.58
CA GLY A 406 76.82 -7.85 39.67
C GLY A 406 76.64 -8.53 38.32
N ALA A 407 75.76 -7.97 37.49
CA ALA A 407 75.57 -8.50 36.14
C ALA A 407 76.85 -8.35 35.31
N LYS A 408 77.45 -7.16 35.34
CA LYS A 408 78.70 -6.94 34.60
C LYS A 408 79.78 -7.92 35.05
N SER A 409 79.87 -8.18 36.35
CA SER A 409 80.88 -9.11 36.85
C SER A 409 80.63 -10.51 36.32
N LEU A 410 79.36 -10.91 36.21
CA LEU A 410 79.05 -12.23 35.66
C LEU A 410 79.39 -12.31 34.18
N ARG A 411 79.07 -11.27 33.41
CA ARG A 411 79.46 -11.24 32.01
C ARG A 411 80.96 -11.23 31.85
N GLN A 412 81.65 -10.43 32.67
CA GLN A 412 83.11 -10.33 32.56
C GLN A 412 83.77 -11.66 32.90
N ALA A 413 83.22 -12.41 33.85
CA ALA A 413 83.80 -13.69 34.20
C ALA A 413 83.64 -14.71 33.08
N SER A 414 82.55 -14.64 32.33
CA SER A 414 82.32 -15.60 31.24
C SER A 414 83.22 -15.30 30.06
N LEU A 415 83.40 -14.02 29.72
CA LEU A 415 84.33 -13.66 28.65
C LEU A 415 85.78 -13.98 29.04
N ALA A 416 86.09 -13.87 30.33
CA ALA A 416 87.43 -14.24 30.78
C ALA A 416 87.70 -15.73 30.55
N TRP A 417 86.77 -16.59 30.96
CA TRP A 417 86.95 -18.02 30.75
C TRP A 417 86.93 -18.37 29.26
N GLN A 418 85.96 -17.82 28.53
CA GLN A 418 85.86 -18.10 27.10
C GLN A 418 87.12 -17.70 26.36
N GLN A 419 87.85 -16.71 26.87
CA GLN A 419 89.06 -16.22 26.23
C GLN A 419 90.34 -16.78 26.86
N GLY A 420 90.22 -17.64 27.87
CA GLY A 420 91.39 -18.26 28.46
C GLY A 420 92.17 -17.38 29.41
N VAL A 421 91.57 -16.30 29.88
CA VAL A 421 92.24 -15.37 30.80
C VAL A 421 91.90 -15.75 32.23
N ASP A 422 92.91 -15.73 33.09
CA ASP A 422 92.68 -15.97 34.50
C ASP A 422 91.75 -14.90 35.07
N LEU A 423 90.82 -15.32 35.92
CA LEU A 423 89.82 -14.40 36.44
C LEU A 423 90.46 -13.24 37.18
N LEU A 424 91.54 -13.53 37.93
CA LEU A 424 92.17 -12.48 38.73
C LEU A 424 92.96 -11.51 37.86
N ASP A 425 93.56 -12.01 36.78
CA ASP A 425 94.19 -11.11 35.80
C ASP A 425 93.15 -10.26 35.09
N TYR A 426 92.00 -10.85 34.74
CA TYR A 426 90.95 -10.10 34.08
C TYR A 426 90.40 -9.01 35.00
N ALA A 427 90.29 -9.29 36.30
CA ALA A 427 89.70 -8.35 37.23
C ALA A 427 90.56 -7.11 37.45
N LYS A 428 91.84 -7.15 37.09
CA LYS A 428 92.70 -5.99 37.30
C LYS A 428 92.28 -4.81 36.44
N GLU A 429 91.65 -5.07 35.28
CA GLU A 429 91.22 -4.02 34.37
C GLU A 429 89.70 -3.97 34.24
N HIS A 430 88.98 -4.57 35.18
CA HIS A 430 87.51 -4.58 35.15
C HIS A 430 87.02 -4.40 36.58
N PRO A 431 86.67 -3.16 36.97
CA PRO A 431 86.29 -2.94 38.37
C PRO A 431 85.12 -3.78 38.85
N GLU A 432 84.11 -4.00 37.98
CA GLU A 432 82.94 -4.75 38.41
C GLU A 432 83.32 -6.16 38.85
N LEU A 433 84.15 -6.84 38.06
CA LEU A 433 84.63 -8.16 38.46
C LEU A 433 85.47 -8.06 39.74
N ALA A 434 86.34 -7.05 39.82
CA ALA A 434 87.12 -6.86 41.04
C ALA A 434 86.22 -6.71 42.25
N GLY A 435 85.08 -6.03 42.08
CA GLY A 435 84.15 -5.88 43.18
C GLY A 435 83.51 -7.17 43.61
N ALA A 436 83.37 -8.12 42.67
CA ALA A 436 82.82 -9.42 43.04
C ALA A 436 83.73 -10.15 44.01
N PHE A 437 85.05 -9.97 43.85
CA PHE A 437 85.99 -10.57 44.79
C PHE A 437 85.74 -10.03 46.19
N GLU A 438 85.60 -8.70 46.33
CA GLU A 438 85.35 -8.14 47.64
C GLU A 438 83.95 -8.47 48.14
N SER A 439 82.99 -8.67 47.22
CA SER A 439 81.62 -8.94 47.62
C SER A 439 81.47 -10.33 48.24
N PHE A 440 82.24 -11.29 47.77
CA PHE A 440 82.19 -12.66 48.26
C PHE A 440 83.61 -13.09 48.64
N PRO A 441 84.11 -12.62 49.79
CA PRO A 441 85.51 -12.88 50.12
C PRO A 441 85.81 -14.30 50.55
N LYS A 442 84.86 -15.00 51.19
CA LYS A 442 85.08 -16.40 51.54
C LYS A 442 85.27 -17.24 50.28
N ASP A 443 84.55 -16.91 49.21
CA ASP A 443 84.72 -17.61 47.95
C ASP A 443 86.04 -17.24 47.29
N ALA A 444 86.44 -15.96 47.39
CA ALA A 444 87.69 -15.53 46.79
C ALA A 444 88.88 -16.16 47.49
N ASP A 445 88.82 -16.25 48.83
CA ASP A 445 89.91 -16.87 49.57
C ASP A 445 90.10 -18.34 49.19
N ALA A 446 89.02 -19.01 48.78
CA ALA A 446 89.10 -20.43 48.47
C ALA A 446 89.50 -20.69 47.02
N LEU A 447 89.05 -19.86 46.09
CA LEU A 447 89.28 -20.10 44.67
C LEU A 447 90.45 -19.31 44.11
N TYR A 448 90.76 -18.15 44.66
CA TYR A 448 91.87 -17.31 44.21
C TYR A 448 92.56 -16.74 45.45
N PRO A 449 93.36 -17.55 46.12
CA PRO A 449 93.85 -17.14 47.46
C PRO A 449 94.53 -15.78 47.50
N ASN A 450 95.44 -15.51 46.57
CA ASN A 450 96.25 -14.29 46.62
C ASN A 450 95.57 -13.09 45.96
N TRP A 451 94.26 -12.93 46.17
CA TRP A 451 93.54 -11.89 45.44
C TRP A 451 93.69 -10.52 46.08
N ARG A 452 93.85 -10.45 47.40
CA ARG A 452 93.92 -9.14 48.06
C ARG A 452 95.16 -8.37 47.64
N GLU A 453 96.30 -9.06 47.53
CA GLU A 453 97.58 -8.45 47.05
C GLU A 453 97.39 -8.09 45.56
N LYS A 454 96.82 -9.03 44.77
CA LYS A 454 96.87 -8.99 43.27
C LYS A 454 95.90 -7.90 42.78
N LEU A 455 94.84 -7.59 43.54
CA LEU A 455 93.94 -6.51 43.17
C LEU A 455 94.21 -5.27 44.01
N MET B 1 76.60 -17.98 56.41
CA MET B 1 75.61 -16.94 56.80
C MET B 1 74.53 -17.53 57.69
N ASP B 2 74.56 -17.18 58.98
CA ASP B 2 73.53 -17.59 59.92
C ASP B 2 72.36 -16.62 59.82
N GLN B 3 71.19 -17.13 59.42
CA GLN B 3 70.01 -16.30 59.20
C GLN B 3 68.93 -16.55 60.24
N SER B 4 69.28 -17.12 61.40
CA SER B 4 68.27 -17.45 62.39
C SER B 4 67.66 -16.20 63.00
N ASN B 5 68.45 -15.12 63.17
CA ASN B 5 67.89 -13.89 63.73
C ASN B 5 66.70 -13.40 62.91
N ARG B 6 66.70 -13.66 61.61
CA ARG B 6 65.63 -13.23 60.74
C ARG B 6 64.53 -14.28 60.57
N TYR B 7 64.92 -15.51 60.22
CA TYR B 7 63.95 -16.52 59.82
C TYR B 7 63.56 -17.47 60.96
N ALA B 8 63.97 -17.17 62.19
CA ALA B 8 63.66 -18.03 63.33
C ALA B 8 63.11 -17.17 64.46
N ASN B 9 61.92 -17.55 64.95
CA ASN B 9 61.31 -16.88 66.11
C ASN B 9 60.69 -17.98 66.98
N LEU B 10 61.54 -18.60 67.81
CA LEU B 10 61.09 -19.69 68.66
C LEU B 10 60.22 -19.22 69.82
N SER B 11 60.04 -17.91 69.98
CA SER B 11 59.12 -17.40 70.99
C SER B 11 57.67 -17.41 70.54
N LEU B 12 57.42 -17.66 69.26
CA LEU B 12 56.05 -17.74 68.75
C LEU B 12 55.41 -19.04 69.21
N ARG B 13 54.16 -18.94 69.67
CA ARG B 13 53.42 -20.09 70.17
C ARG B 13 52.50 -20.64 69.08
N GLU B 14 52.50 -21.96 68.94
CA GLU B 14 51.71 -22.60 67.89
C GLU B 14 50.23 -22.26 68.05
N GLU B 15 49.72 -22.28 69.27
CA GLU B 15 48.30 -21.99 69.50
C GLU B 15 47.96 -20.58 69.01
N ASP B 16 48.88 -19.63 69.19
CA ASP B 16 48.62 -18.26 68.72
C ASP B 16 48.67 -18.20 67.19
N LEU B 17 49.59 -18.95 66.58
CA LEU B 17 49.66 -18.95 65.12
C LEU B 17 48.40 -19.55 64.51
N ILE B 18 47.85 -20.58 65.14
CA ILE B 18 46.61 -21.17 64.64
C ILE B 18 45.44 -20.22 64.89
N ALA B 19 45.36 -19.68 66.11
CA ALA B 19 44.28 -18.76 66.43
C ALA B 19 44.28 -17.56 65.49
N GLY B 20 45.47 -17.10 65.09
CA GLY B 20 45.56 -15.97 64.19
C GLY B 20 45.01 -16.27 62.81
N GLY B 21 45.15 -17.51 62.36
CA GLY B 21 44.61 -17.91 61.07
C GLY B 21 45.25 -17.22 59.88
N LYS B 22 46.51 -16.79 60.01
CA LYS B 22 47.21 -16.11 58.92
C LYS B 22 48.47 -16.83 58.49
N HIS B 23 48.66 -18.10 58.89
CA HIS B 23 49.88 -18.82 58.55
C HIS B 23 49.55 -20.27 58.18
N VAL B 24 50.19 -20.76 57.14
CA VAL B 24 50.23 -22.19 56.85
C VAL B 24 51.38 -22.78 57.67
N LEU B 25 51.06 -23.75 58.53
CA LEU B 25 52.06 -24.39 59.37
C LEU B 25 52.46 -25.73 58.78
N CYS B 26 53.76 -26.01 58.79
CA CYS B 26 54.30 -27.25 58.26
C CYS B 26 55.24 -27.86 59.29
N ALA B 27 55.06 -29.14 59.57
CA ALA B 27 55.89 -29.89 60.50
C ALA B 27 56.79 -30.81 59.68
N TYR B 28 58.11 -30.60 59.79
CA TYR B 28 59.09 -31.38 59.06
C TYR B 28 59.88 -32.26 60.00
N ILE B 29 60.34 -33.40 59.48
CA ILE B 29 61.41 -34.19 60.09
C ILE B 29 62.66 -33.90 59.28
N MET B 30 63.61 -33.17 59.88
CA MET B 30 64.77 -32.66 59.17
C MET B 30 66.04 -32.94 59.95
N LYS B 31 67.09 -33.30 59.21
CA LYS B 31 68.42 -33.50 59.80
C LYS B 31 69.41 -32.73 58.94
N PRO B 32 70.17 -31.81 59.51
CA PRO B 32 71.19 -31.10 58.72
C PRO B 32 72.38 -32.01 58.40
N LYS B 33 73.14 -31.61 57.39
CA LYS B 33 74.38 -32.29 57.09
C LYS B 33 75.40 -32.04 58.19
N ALA B 34 76.39 -32.94 58.28
CA ALA B 34 77.39 -32.86 59.32
C ALA B 34 78.08 -31.50 59.30
N GLY B 35 78.21 -30.88 60.46
CA GLY B 35 78.90 -29.62 60.60
C GLY B 35 78.01 -28.40 60.61
N TYR B 36 76.73 -28.55 60.35
CA TYR B 36 75.78 -27.45 60.30
C TYR B 36 74.88 -27.51 61.52
N GLY B 37 74.74 -26.36 62.19
CA GLY B 37 73.87 -26.30 63.35
C GLY B 37 72.40 -26.45 62.97
N TYR B 38 71.60 -26.94 63.91
CA TYR B 38 70.21 -27.23 63.61
C TYR B 38 69.41 -25.95 63.34
N LEU B 39 69.45 -25.00 64.27
CA LEU B 39 68.66 -23.78 64.09
C LEU B 39 69.12 -22.99 62.88
N GLU B 40 70.43 -22.92 62.65
CA GLU B 40 70.94 -22.21 61.48
C GLU B 40 70.48 -22.88 60.20
N SER B 41 70.50 -24.22 60.18
CA SER B 41 70.05 -24.93 58.99
C SER B 41 68.54 -24.76 58.78
N ALA B 42 67.76 -24.82 59.86
CA ALA B 42 66.33 -24.59 59.75
C ALA B 42 66.04 -23.18 59.26
N ALA B 43 66.80 -22.20 59.73
CA ALA B 43 66.59 -20.82 59.28
C ALA B 43 66.85 -20.69 57.79
N HIS B 44 67.95 -21.28 57.32
CA HIS B 44 68.21 -21.29 55.88
C HIS B 44 67.10 -22.03 55.14
N PHE B 45 66.61 -23.13 55.74
CA PHE B 45 65.49 -23.86 55.16
C PHE B 45 64.29 -22.94 54.93
N ALA B 46 63.93 -22.16 55.95
CA ALA B 46 62.83 -21.21 55.79
C ALA B 46 63.14 -20.14 54.75
N ALA B 47 64.40 -19.74 54.65
CA ALA B 47 64.78 -18.71 53.70
C ALA B 47 64.58 -19.19 52.27
N GLU B 48 65.15 -20.35 51.93
CA GLU B 48 64.98 -20.91 50.59
C GLU B 48 63.56 -21.37 50.32
N SER B 49 62.69 -21.36 51.33
CA SER B 49 61.30 -21.75 51.18
C SER B 49 60.34 -20.56 51.20
N SER B 50 60.86 -19.33 51.13
CA SER B 50 59.99 -18.17 51.17
C SER B 50 60.60 -16.94 50.49
N THR B 51 61.50 -16.24 51.17
CA THR B 51 61.93 -14.93 50.71
C THR B 51 63.41 -14.79 50.40
N GLY B 52 64.25 -15.72 50.86
CA GLY B 52 65.67 -15.47 50.86
C GLY B 52 66.53 -16.38 50.00
N THR B 53 67.84 -16.32 50.21
CA THR B 53 68.80 -17.16 49.51
C THR B 53 69.90 -17.50 50.50
N ASN B 54 71.14 -17.67 50.02
CA ASN B 54 72.26 -18.05 50.89
C ASN B 54 73.19 -16.88 51.17
N VAL B 55 72.94 -15.71 50.58
CA VAL B 55 73.68 -14.48 50.85
C VAL B 55 72.69 -13.33 50.93
N GLU B 56 73.16 -12.18 51.39
CA GLU B 56 72.32 -11.00 51.47
C GLU B 56 72.28 -10.29 50.13
N VAL B 57 71.10 -9.77 49.78
CA VAL B 57 70.91 -9.04 48.54
C VAL B 57 70.50 -7.61 48.86
N CYS B 58 70.94 -6.68 48.02
CA CYS B 58 70.66 -5.27 48.23
C CYS B 58 69.19 -4.91 47.99
N THR B 59 68.40 -5.81 47.43
CA THR B 59 67.02 -5.50 47.07
C THR B 59 66.03 -5.78 48.20
N THR B 60 66.42 -6.54 49.21
CA THR B 60 65.53 -6.83 50.32
C THR B 60 65.09 -5.54 50.99
N ASP B 61 63.83 -5.47 51.38
CA ASP B 61 63.28 -4.30 52.06
C ASP B 61 62.44 -4.77 53.26
N ASP B 62 61.90 -3.79 54.00
CA ASP B 62 61.15 -4.10 55.20
C ASP B 62 59.91 -4.94 54.88
N PHE B 63 59.20 -4.60 53.80
CA PHE B 63 58.01 -5.35 53.43
C PHE B 63 58.33 -6.82 53.21
N THR B 64 59.44 -7.10 52.50
CA THR B 64 59.86 -8.48 52.29
C THR B 64 59.99 -9.22 53.62
N ARG B 65 60.65 -8.59 54.60
CA ARG B 65 60.90 -9.27 55.87
C ARG B 65 59.59 -9.62 56.57
N GLY B 66 58.55 -8.82 56.36
CA GLY B 66 57.26 -9.10 56.97
C GLY B 66 56.60 -10.38 56.49
N VAL B 67 56.96 -10.86 55.31
CA VAL B 67 56.39 -12.10 54.77
C VAL B 67 57.36 -13.28 54.87
N ASP B 68 58.45 -13.13 55.61
CA ASP B 68 59.38 -14.24 55.80
C ASP B 68 58.66 -15.43 56.43
N ALA B 69 58.98 -16.63 55.96
CA ALA B 69 58.61 -17.84 56.69
C ALA B 69 59.49 -17.95 57.93
N LEU B 70 58.90 -18.38 59.03
CA LEU B 70 59.57 -18.37 60.32
C LEU B 70 59.62 -19.77 60.94
N VAL B 71 60.80 -20.15 61.40
CA VAL B 71 60.97 -21.34 62.23
C VAL B 71 60.52 -20.98 63.63
N TYR B 72 59.44 -21.61 64.12
CA TYR B 72 58.88 -21.29 65.41
C TYR B 72 59.01 -22.42 66.42
N GLU B 73 59.49 -23.58 66.03
CA GLU B 73 59.68 -24.68 66.97
C GLU B 73 60.70 -25.65 66.40
N ILE B 74 61.63 -26.10 67.26
CA ILE B 74 62.62 -27.08 66.86
C ILE B 74 62.86 -28.05 68.02
N ASP B 75 63.17 -29.29 67.67
CA ASP B 75 63.57 -30.32 68.64
C ASP B 75 64.69 -31.10 67.95
N GLU B 76 65.93 -30.62 68.10
CA GLU B 76 67.05 -31.23 67.40
C GLU B 76 67.20 -32.70 67.75
N ALA B 77 66.96 -33.05 69.02
CA ALA B 77 67.09 -34.45 69.43
C ALA B 77 66.13 -35.34 68.65
N ASN B 78 64.95 -34.83 68.30
CA ASN B 78 63.96 -35.58 67.55
C ASN B 78 63.89 -35.17 66.09
N GLU B 79 64.79 -34.29 65.65
CA GLU B 79 64.85 -33.87 64.25
C GLU B 79 63.54 -33.25 63.78
N LEU B 80 62.89 -32.52 64.68
CA LEU B 80 61.62 -31.87 64.41
C LEU B 80 61.85 -30.40 64.04
N MET B 81 61.12 -29.94 63.02
CA MET B 81 61.21 -28.58 62.52
C MET B 81 59.82 -28.13 62.10
N LYS B 82 59.33 -27.04 62.66
CA LYS B 82 58.04 -26.46 62.30
C LYS B 82 58.25 -25.06 61.75
N ILE B 83 57.59 -24.78 60.63
CA ILE B 83 57.73 -23.49 59.94
C ILE B 83 56.33 -22.92 59.69
N ALA B 84 56.20 -21.61 59.86
CA ALA B 84 54.95 -20.90 59.64
C ALA B 84 55.10 -20.03 58.39
N TYR B 85 54.25 -20.27 57.40
CA TYR B 85 54.30 -19.54 56.13
C TYR B 85 53.19 -18.51 56.10
N PRO B 86 53.49 -17.21 56.02
CA PRO B 86 52.41 -16.23 55.80
C PRO B 86 51.60 -16.57 54.56
N VAL B 87 50.27 -16.55 54.71
CA VAL B 87 49.40 -16.97 53.63
C VAL B 87 49.57 -16.12 52.39
N ASP B 88 50.05 -14.88 52.54
CA ASP B 88 50.20 -14.00 51.39
C ASP B 88 51.31 -14.44 50.43
N LEU B 89 52.17 -15.38 50.84
CA LEU B 89 53.25 -15.83 49.98
C LEU B 89 52.73 -16.61 48.77
N PHE B 90 51.58 -17.24 48.90
CA PHE B 90 51.17 -18.26 47.93
C PHE B 90 50.47 -17.63 46.73
N ASP B 91 50.64 -18.29 45.58
CA ASP B 91 50.16 -17.76 44.32
C ASP B 91 48.65 -17.87 44.21
N ARG B 92 48.08 -17.00 43.39
CA ARG B 92 46.64 -16.91 43.19
C ARG B 92 46.32 -16.82 41.71
N ASN B 93 45.16 -17.37 41.33
CA ASN B 93 44.76 -17.34 39.94
C ASN B 93 44.33 -15.94 39.52
N ILE B 94 44.78 -15.52 38.34
CA ILE B 94 44.33 -14.23 37.82
C ILE B 94 42.93 -14.31 37.22
N ILE B 95 42.48 -15.52 36.83
CA ILE B 95 41.16 -15.64 36.24
C ILE B 95 40.06 -15.64 37.31
N ASP B 96 40.35 -16.16 38.51
CA ASP B 96 39.30 -16.25 39.52
C ASP B 96 39.80 -16.07 40.95
N GLY B 97 41.05 -15.70 41.17
CA GLY B 97 41.53 -15.45 42.50
C GLY B 97 41.59 -16.64 43.41
N ARG B 98 41.42 -17.85 42.89
CA ARG B 98 41.50 -19.04 43.72
C ARG B 98 42.96 -19.44 43.96
N ALA B 99 43.16 -20.33 44.94
CA ALA B 99 44.49 -20.80 45.28
C ALA B 99 44.89 -21.96 44.37
N MET B 100 46.17 -22.33 44.44
CA MET B 100 46.71 -23.41 43.61
C MET B 100 47.65 -24.24 44.46
N LEU B 101 47.51 -25.57 44.36
CA LEU B 101 48.37 -26.46 45.12
C LEU B 101 49.82 -26.37 44.67
N ALA B 102 50.05 -26.14 43.37
CA ALA B 102 51.40 -26.07 42.85
C ALA B 102 52.23 -25.04 43.62
N SER B 103 51.61 -23.94 44.03
CA SER B 103 52.35 -22.91 44.77
C SER B 103 52.78 -23.40 46.14
N PHE B 104 51.88 -24.04 46.88
CA PHE B 104 52.24 -24.61 48.17
C PHE B 104 53.40 -25.59 48.02
N LEU B 105 53.33 -26.46 47.01
CA LEU B 105 54.40 -27.43 46.81
C LEU B 105 55.71 -26.74 46.46
N THR B 106 55.64 -25.70 45.61
CA THR B 106 56.86 -25.01 45.19
C THR B 106 57.61 -24.43 46.39
N LEU B 107 56.89 -23.88 47.34
CA LEU B 107 57.52 -23.25 48.51
C LEU B 107 57.83 -24.26 49.60
N ALA B 108 56.83 -25.03 50.03
CA ALA B 108 56.97 -25.87 51.22
C ALA B 108 57.82 -27.12 51.00
N ILE B 109 58.00 -27.55 49.76
CA ILE B 109 58.74 -28.78 49.50
C ILE B 109 59.35 -28.73 48.11
N GLY B 110 59.81 -27.55 47.71
CA GLY B 110 60.44 -27.37 46.41
C GLY B 110 61.94 -27.38 46.45
N ASN B 111 62.55 -26.20 46.27
CA ASN B 111 63.99 -26.10 46.24
C ASN B 111 64.65 -26.58 47.54
N ASN B 112 63.93 -26.56 48.66
CA ASN B 112 64.54 -26.97 49.92
C ASN B 112 64.91 -28.45 49.94
N GLN B 113 64.38 -29.24 49.00
CA GLN B 113 64.72 -30.66 48.92
C GLN B 113 66.06 -30.91 48.21
N GLY B 114 66.78 -29.86 47.83
CA GLY B 114 68.06 -30.03 47.17
C GLY B 114 69.20 -29.31 47.86
N MET B 115 68.94 -28.74 49.03
CA MET B 115 69.98 -27.97 49.71
C MET B 115 71.15 -28.86 50.09
N GLY B 116 72.37 -28.32 49.92
CA GLY B 116 73.57 -29.06 50.23
C GLY B 116 73.90 -29.15 51.70
N ASP B 117 73.34 -28.27 52.52
CA ASP B 117 73.57 -28.29 53.96
C ASP B 117 72.49 -29.05 54.73
N ILE B 118 71.55 -29.68 54.02
CA ILE B 118 70.47 -30.45 54.64
C ILE B 118 70.57 -31.88 54.16
N GLU B 119 70.61 -32.82 55.10
CA GLU B 119 70.67 -34.24 54.72
C GLU B 119 69.33 -34.72 54.18
N TYR B 120 68.23 -34.33 54.82
CA TYR B 120 66.90 -34.70 54.35
C TYR B 120 65.86 -33.90 55.12
N ALA B 121 64.68 -33.78 54.52
CA ALA B 121 63.56 -33.08 55.15
C ALA B 121 62.27 -33.60 54.55
N LYS B 122 61.32 -33.97 55.41
CA LYS B 122 60.07 -34.56 54.96
C LYS B 122 58.92 -33.93 55.75
N ILE B 123 57.88 -33.52 55.03
CA ILE B 123 56.69 -32.98 55.65
C ILE B 123 55.85 -34.13 56.18
N HIS B 124 55.52 -34.07 57.47
CA HIS B 124 54.65 -35.05 58.10
C HIS B 124 53.24 -34.51 58.39
N ASP B 125 53.05 -33.20 58.36
CA ASP B 125 51.74 -32.61 58.62
C ASP B 125 51.77 -31.17 58.16
N VAL B 126 50.59 -30.65 57.84
CA VAL B 126 50.44 -29.25 57.43
C VAL B 126 49.08 -28.76 57.91
N TYR B 127 49.04 -27.52 58.38
CA TYR B 127 47.81 -26.88 58.84
C TYR B 127 47.40 -25.81 57.84
N PHE B 128 46.18 -25.90 57.33
CA PHE B 128 45.65 -24.92 56.39
C PHE B 128 44.66 -24.04 57.13
N PRO B 129 44.92 -22.75 57.31
CA PRO B 129 43.96 -21.90 58.02
C PRO B 129 42.73 -21.65 57.19
N PRO B 130 41.60 -21.28 57.82
CA PRO B 130 40.36 -21.13 57.05
C PRO B 130 40.47 -20.22 55.85
N CYS B 131 41.13 -19.07 55.98
CA CYS B 131 41.21 -18.13 54.88
C CYS B 131 41.97 -18.69 53.69
N TYR B 132 42.82 -19.70 53.90
CA TYR B 132 43.57 -20.31 52.82
C TYR B 132 42.83 -21.54 52.27
N LEU B 133 42.38 -22.42 53.16
CA LEU B 133 41.66 -23.62 52.73
C LEU B 133 40.46 -23.26 51.88
N ARG B 134 39.77 -22.18 52.23
CA ARG B 134 38.54 -21.77 51.56
C ARG B 134 38.75 -21.44 50.09
N LEU B 135 39.99 -21.18 49.68
CA LEU B 135 40.27 -20.78 48.31
C LEU B 135 40.52 -21.96 47.38
N PHE B 136 40.48 -23.18 47.88
CA PHE B 136 40.73 -24.36 47.08
C PHE B 136 39.42 -24.97 46.58
N ASP B 137 39.52 -25.68 45.45
CA ASP B 137 38.32 -26.20 44.81
C ASP B 137 37.54 -27.11 45.75
N GLY B 138 38.23 -28.02 46.39
CA GLY B 138 37.58 -29.01 47.22
C GLY B 138 36.88 -30.04 46.36
N PRO B 139 36.44 -31.15 46.96
CA PRO B 139 35.75 -32.18 46.17
C PRO B 139 34.35 -31.71 45.80
N ALA B 140 33.93 -32.08 44.59
CA ALA B 140 32.58 -31.81 44.12
C ALA B 140 31.66 -33.02 44.25
N MET B 141 32.22 -34.23 44.26
CA MET B 141 31.44 -35.44 44.41
C MET B 141 32.09 -36.35 45.44
N ASN B 142 31.37 -37.41 45.78
CA ASN B 142 31.66 -38.25 46.93
C ASN B 142 31.22 -39.67 46.62
N ILE B 143 31.51 -40.59 47.54
CA ILE B 143 30.89 -41.90 47.51
C ILE B 143 29.38 -41.78 47.65
N VAL B 144 28.91 -40.69 48.27
CA VAL B 144 27.48 -40.44 48.39
C VAL B 144 26.83 -40.46 47.01
N ASP B 145 27.51 -39.91 46.01
CA ASP B 145 26.95 -39.91 44.66
C ASP B 145 26.89 -41.31 44.07
N MET B 146 27.81 -42.19 44.47
CA MET B 146 27.72 -43.59 44.05
C MET B 146 26.58 -44.29 44.79
N TRP B 147 26.46 -44.08 46.10
CA TRP B 147 25.33 -44.62 46.85
C TRP B 147 24.01 -44.22 46.20
N ARG B 148 23.90 -42.95 45.80
CA ARG B 148 22.66 -42.46 45.19
C ARG B 148 22.32 -43.24 43.93
N VAL B 149 23.29 -43.40 43.03
CA VAL B 149 23.04 -44.11 41.78
C VAL B 149 22.76 -45.57 42.05
N LEU B 150 23.42 -46.14 43.06
CA LEU B 150 23.18 -47.53 43.45
C LEU B 150 21.91 -47.71 44.27
N GLU B 151 21.20 -46.62 44.58
CA GLU B 151 19.95 -46.69 45.34
C GLU B 151 20.20 -47.26 46.74
N ARG B 152 21.27 -46.82 47.35
CA ARG B 152 21.66 -47.21 48.70
C ARG B 152 21.49 -46.05 49.66
N PRO B 153 21.53 -46.31 50.96
CA PRO B 153 21.45 -45.21 51.94
C PRO B 153 22.56 -44.20 51.72
N LEU B 154 22.20 -42.93 51.69
CA LEU B 154 23.17 -41.86 51.50
C LEU B 154 23.98 -41.59 52.76
N VAL B 155 23.65 -42.25 53.87
CA VAL B 155 24.44 -42.20 55.09
C VAL B 155 24.74 -43.66 55.45
N ASP B 156 26.03 -43.98 55.57
CA ASP B 156 26.47 -45.35 55.88
C ASP B 156 25.93 -46.33 54.85
N GLY B 157 26.21 -46.04 53.57
CA GLY B 157 25.81 -46.92 52.50
C GLY B 157 26.64 -48.17 52.37
N GLY B 158 27.74 -48.28 53.12
CA GLY B 158 28.54 -49.47 53.10
C GLY B 158 29.52 -49.52 51.93
N MET B 159 30.10 -50.70 51.76
CA MET B 159 31.13 -50.89 50.74
C MET B 159 30.55 -50.78 49.33
N VAL B 160 31.28 -50.11 48.45
CA VAL B 160 31.10 -50.26 47.01
C VAL B 160 32.00 -51.41 46.57
N VAL B 161 31.39 -52.48 46.07
CA VAL B 161 32.13 -53.68 45.69
C VAL B 161 32.74 -53.45 44.31
N GLY B 162 34.08 -53.36 44.25
CA GLY B 162 34.76 -53.02 43.03
C GLY B 162 35.89 -53.97 42.72
N THR B 163 36.46 -53.79 41.52
CA THR B 163 37.65 -54.53 41.12
C THR B 163 38.46 -53.68 40.16
N ILE B 164 39.63 -54.19 39.80
CA ILE B 164 40.48 -53.64 38.75
C ILE B 164 40.58 -54.70 37.66
N ILE B 165 40.30 -54.30 36.42
CA ILE B 165 40.41 -55.23 35.30
C ILE B 165 41.85 -55.70 35.19
N LYS B 166 42.07 -57.01 35.42
CA LYS B 166 43.36 -57.66 35.25
C LYS B 166 43.27 -58.62 34.07
N PRO B 167 44.37 -58.86 33.34
CA PRO B 167 45.72 -58.31 33.43
C PRO B 167 45.78 -56.78 33.40
N LYS B 168 46.85 -56.23 33.99
CA LYS B 168 47.05 -54.78 33.99
C LYS B 168 47.04 -54.24 32.56
N LEU B 169 47.77 -54.88 31.67
CA LEU B 169 47.77 -54.56 30.24
C LEU B 169 47.84 -55.87 29.48
N GLY B 170 47.26 -55.87 28.28
CA GLY B 170 47.31 -57.01 27.37
C GLY B 170 45.96 -57.55 26.97
N LEU B 171 44.91 -57.27 27.73
CA LEU B 171 43.57 -57.71 27.35
C LEU B 171 43.09 -56.89 26.15
N ARG B 172 42.80 -57.57 25.04
CA ARG B 172 42.26 -56.92 23.87
C ARG B 172 40.82 -56.48 24.13
N PRO B 173 40.22 -55.69 23.24
CA PRO B 173 38.94 -55.07 23.58
C PRO B 173 37.84 -56.06 23.94
N GLU B 174 37.75 -57.19 23.25
CA GLU B 174 36.57 -58.02 23.48
C GLU B 174 36.75 -58.93 24.70
N PRO B 175 37.95 -59.45 25.00
CA PRO B 175 38.10 -60.10 26.32
C PRO B 175 37.99 -59.10 27.47
N PHE B 176 38.41 -57.85 27.25
CA PHE B 176 38.29 -56.84 28.30
C PHE B 176 36.83 -56.62 28.66
N ALA B 177 35.98 -56.35 27.67
CA ALA B 177 34.56 -56.12 27.94
C ALA B 177 33.91 -57.38 28.51
N ALA B 178 34.31 -58.54 28.03
CA ALA B 178 33.78 -59.79 28.58
C ALA B 178 34.08 -59.88 30.07
N ALA B 179 35.29 -59.48 30.48
CA ALA B 179 35.64 -59.51 31.89
C ALA B 179 34.86 -58.49 32.69
N CYS B 180 34.57 -57.33 32.10
CA CYS B 180 33.74 -56.33 32.78
C CYS B 180 32.34 -56.86 33.03
N TYR B 181 31.74 -57.48 32.00
CA TYR B 181 30.40 -58.02 32.15
C TYR B 181 30.34 -59.04 33.27
N GLN B 182 31.33 -59.91 33.36
CA GLN B 182 31.30 -60.97 34.37
C GLN B 182 31.29 -60.39 35.78
N PHE B 183 32.25 -59.49 36.08
CA PHE B 183 32.32 -58.93 37.42
C PHE B 183 31.04 -58.18 37.77
N TRP B 184 30.50 -57.41 36.82
CA TRP B 184 29.30 -56.62 37.10
C TRP B 184 28.08 -57.50 37.39
N LEU B 185 28.11 -58.78 37.02
CA LEU B 185 27.03 -59.67 37.40
C LEU B 185 26.95 -59.85 38.92
N GLY B 186 28.05 -59.62 39.62
CA GLY B 186 28.05 -59.75 41.07
C GLY B 186 28.67 -58.58 41.81
N GLY B 187 29.16 -57.58 41.06
CA GLY B 187 29.84 -56.45 41.66
C GLY B 187 29.23 -55.13 41.21
N ASP B 188 29.69 -54.06 41.86
CA ASP B 188 29.18 -52.71 41.62
C ASP B 188 30.06 -51.88 40.69
N PHE B 189 31.38 -51.97 40.84
CA PHE B 189 32.30 -50.94 40.38
C PHE B 189 33.49 -51.58 39.71
N ILE B 190 33.95 -50.98 38.62
CA ILE B 190 35.12 -51.45 37.91
C ILE B 190 35.98 -50.26 37.52
N KCX B 191 37.28 -50.36 37.80
CA KCX B 191 38.21 -49.30 37.43
CB KCX B 191 38.92 -48.73 38.66
CG KCX B 191 39.89 -49.73 39.27
CD KCX B 191 40.58 -49.12 40.50
CE KCX B 191 41.58 -48.04 40.10
NZ KCX B 191 42.61 -48.61 39.24
C KCX B 191 39.23 -49.84 36.44
O KCX B 191 39.69 -51.01 36.55
CX KCX B 191 43.80 -49.23 39.81
OQ1 KCX B 191 44.70 -49.68 39.05
OQ2 KCX B 191 43.94 -49.31 41.06
HA KCX B 191 37.71 -48.59 37.02
HB2 KCX B 191 38.26 -48.50 39.33
HB3 KCX B 191 39.41 -47.94 38.40
HG2 KCX B 191 40.57 -49.96 38.62
HG3 KCX B 191 39.42 -50.53 39.54
HD2 KCX B 191 41.04 -49.81 41.00
HD3 KCX B 191 39.89 -48.71 41.07
HE2 KCX B 191 42.00 -47.68 40.89
HE3 KCX B 191 41.12 -47.33 39.61
HZ KCX B 191 42.51 -48.58 38.38
N ASN B 192 39.57 -49.02 35.45
CA ASN B 192 40.75 -49.26 34.63
C ASN B 192 41.92 -49.49 35.58
N ASP B 193 42.79 -50.44 35.27
CA ASP B 193 44.11 -50.42 35.91
C ASP B 193 44.82 -49.13 35.50
N GLU B 194 45.71 -48.66 36.37
CA GLU B 194 46.21 -47.31 36.22
C GLU B 194 46.88 -47.00 34.89
N PRO B 195 47.52 -47.96 34.18
CA PRO B 195 48.11 -47.62 32.89
C PRO B 195 47.20 -47.86 31.70
N GLN B 196 46.03 -48.43 31.90
CA GLN B 196 45.14 -48.74 30.79
C GLN B 196 44.57 -47.48 30.17
N GLY B 197 44.56 -47.43 28.85
CA GLY B 197 44.07 -46.28 28.13
C GLY B 197 43.81 -46.55 26.67
N ASN B 198 44.78 -46.18 25.82
CA ASN B 198 44.66 -46.28 24.37
C ASN B 198 45.86 -46.99 23.77
N GLN B 199 46.27 -48.10 24.38
CA GLN B 199 47.32 -48.93 23.81
C GLN B 199 46.89 -49.40 22.43
N VAL B 200 47.89 -49.60 21.54
CA VAL B 200 47.59 -49.92 20.15
C VAL B 200 46.82 -51.23 20.05
N PHE B 201 46.99 -52.15 21.00
CA PHE B 201 46.27 -53.42 20.99
C PHE B 201 44.91 -53.34 21.67
N ALA B 202 44.52 -52.18 22.19
CA ALA B 202 43.23 -52.01 22.85
C ALA B 202 42.82 -50.54 22.73
N PRO B 203 42.49 -50.10 21.52
CA PRO B 203 42.22 -48.67 21.31
C PRO B 203 41.03 -48.20 22.14
N LEU B 204 41.14 -46.98 22.66
CA LEU B 204 40.07 -46.42 23.49
C LEU B 204 38.77 -46.34 22.71
N ARG B 205 38.83 -45.83 21.49
CA ARG B 205 37.61 -45.63 20.70
C ARG B 205 36.91 -46.95 20.40
N THR B 206 37.63 -48.07 20.42
CA THR B 206 37.02 -49.37 20.16
C THR B 206 36.52 -50.02 21.43
N ILE B 207 37.29 -49.94 22.51
CA ILE B 207 36.94 -50.67 23.73
C ILE B 207 35.81 -49.97 24.50
N MET B 208 35.76 -48.64 24.48
CA MET B 208 34.79 -47.93 25.31
C MET B 208 33.35 -48.30 24.94
N PRO B 209 32.96 -48.31 23.67
CA PRO B 209 31.60 -48.77 23.34
C PRO B 209 31.30 -50.18 23.83
N MET B 210 32.31 -51.06 23.88
CA MET B 210 32.08 -52.42 24.35
C MET B 210 31.89 -52.45 25.86
N ILE B 211 32.65 -51.64 26.60
CA ILE B 211 32.46 -51.57 28.04
C ILE B 211 31.06 -51.05 28.36
N ALA B 212 30.63 -50.02 27.63
CA ALA B 212 29.29 -49.49 27.87
C ALA B 212 28.22 -50.53 27.59
N ASP B 213 28.39 -51.31 26.52
CA ASP B 213 27.45 -52.39 26.24
C ASP B 213 27.47 -53.43 27.35
N SER B 214 28.65 -53.73 27.88
CA SER B 214 28.74 -54.68 28.99
C SER B 214 28.04 -54.15 30.23
N MET B 215 28.10 -52.83 30.46
CA MET B 215 27.43 -52.26 31.62
C MET B 215 25.91 -52.32 31.44
N ARG B 216 25.43 -52.05 30.23
CA ARG B 216 24.00 -52.09 29.99
C ARG B 216 23.45 -53.49 30.18
N ARG B 217 24.17 -54.51 29.67
CA ARG B 217 23.66 -55.87 29.77
C ARG B 217 23.64 -56.36 31.20
N ALA B 218 24.71 -56.07 31.95
CA ALA B 218 24.76 -56.45 33.36
C ALA B 218 23.65 -55.76 34.14
N GLN B 219 23.44 -54.45 33.89
CA GLN B 219 22.33 -53.74 34.52
C GLN B 219 20.99 -54.37 34.16
N ASP B 220 20.79 -54.75 32.90
CA ASP B 220 19.51 -55.33 32.42
C ASP B 220 19.27 -56.68 33.11
N GLU B 221 20.30 -57.47 33.37
CA GLU B 221 20.19 -58.87 33.92
C GLU B 221 20.15 -58.87 35.45
N THR B 222 20.78 -57.91 36.12
CA THR B 222 20.85 -57.82 37.61
C THR B 222 19.77 -56.85 38.11
N GLY B 223 19.24 -55.95 37.28
CA GLY B 223 18.38 -54.90 37.78
C GLY B 223 19.07 -53.94 38.72
N GLN B 224 20.38 -53.82 38.63
CA GLN B 224 21.17 -53.00 39.54
C GLN B 224 22.11 -52.12 38.74
N ALA B 225 22.25 -50.87 39.16
CA ALA B 225 23.15 -49.94 38.47
C ALA B 225 24.58 -50.42 38.61
N LYS B 226 25.39 -50.13 37.58
CA LYS B 226 26.79 -50.51 37.54
C LYS B 226 27.64 -49.28 37.22
N LEU B 227 28.82 -49.21 37.83
CA LEU B 227 29.68 -48.06 37.73
C LEU B 227 31.02 -48.44 37.12
N PHE B 228 31.63 -47.49 36.43
CA PHE B 228 32.93 -47.69 35.80
C PHE B 228 33.80 -46.46 36.04
N SER B 229 35.12 -46.69 36.12
CA SER B 229 36.10 -45.64 36.33
C SER B 229 37.13 -45.71 35.21
N ALA B 230 37.13 -44.71 34.34
CA ALA B 230 37.93 -44.72 33.12
C ALA B 230 39.13 -43.79 33.26
N ASN B 231 40.32 -44.31 32.94
CA ASN B 231 41.54 -43.52 32.99
C ASN B 231 41.57 -42.54 31.82
N ILE B 232 41.70 -41.25 32.14
CA ILE B 232 41.83 -40.21 31.13
C ILE B 232 43.17 -39.49 31.21
N THR B 233 44.10 -40.01 32.00
CA THR B 233 45.39 -39.35 32.20
C THR B 233 46.11 -39.15 30.87
N ALA B 234 46.75 -38.00 30.73
CA ALA B 234 47.53 -37.68 29.53
C ALA B 234 48.37 -36.46 29.80
N ASP B 235 49.44 -36.31 29.01
CA ASP B 235 50.28 -35.13 29.11
C ASP B 235 49.53 -33.89 28.62
N ASP B 236 48.76 -34.03 27.54
CA ASP B 236 48.08 -32.90 26.91
C ASP B 236 46.70 -32.74 27.51
N PRO B 237 46.40 -31.60 28.14
CA PRO B 237 45.01 -31.37 28.58
C PRO B 237 43.99 -31.59 27.49
N ALA B 238 44.32 -31.23 26.25
CA ALA B 238 43.41 -31.46 25.14
C ALA B 238 43.09 -32.95 25.00
N GLU B 239 44.06 -33.82 25.28
CA GLU B 239 43.81 -35.26 25.22
C GLU B 239 42.88 -35.68 26.36
N MET B 240 43.13 -35.19 27.58
CA MET B 240 42.23 -35.53 28.68
C MET B 240 40.80 -35.09 28.37
N TYR B 241 40.63 -33.88 27.83
CA TYR B 241 39.30 -33.42 27.46
C TYR B 241 38.70 -34.30 26.37
N ALA B 242 39.48 -34.63 25.34
CA ALA B 242 38.98 -35.47 24.26
C ALA B 242 38.52 -36.83 24.77
N ARG B 243 39.31 -37.45 25.65
CA ARG B 243 38.91 -38.74 26.21
C ARG B 243 37.63 -38.60 27.02
N GLY B 244 37.58 -37.60 27.91
CA GLY B 244 36.39 -37.41 28.71
C GLY B 244 35.14 -37.21 27.87
N GLU B 245 35.22 -36.33 26.89
CA GLU B 245 34.06 -36.05 26.05
C GLU B 245 33.61 -37.30 25.30
N PHE B 246 34.55 -38.02 24.70
CA PHE B 246 34.19 -39.24 23.97
C PHE B 246 33.55 -40.26 24.89
N ILE B 247 34.12 -40.45 26.09
CA ILE B 247 33.60 -41.44 27.02
C ILE B 247 32.17 -41.10 27.42
N LEU B 248 31.92 -39.86 27.80
CA LEU B 248 30.58 -39.46 28.19
C LEU B 248 29.60 -39.60 27.03
N GLU B 249 30.04 -39.22 25.82
CA GLU B 249 29.20 -39.42 24.64
C GLU B 249 28.86 -40.89 24.47
N THR B 250 29.86 -41.77 24.64
CA THR B 250 29.65 -43.19 24.39
C THR B 250 28.70 -43.81 25.41
N PHE B 251 28.85 -43.47 26.68
CA PHE B 251 27.98 -44.04 27.71
C PHE B 251 26.59 -43.40 27.72
N GLY B 252 26.43 -42.25 27.10
CA GLY B 252 25.10 -41.69 26.88
C GLY B 252 24.32 -41.54 28.18
N GLU B 253 23.15 -42.17 28.22
CA GLU B 253 22.25 -42.00 29.36
C GLU B 253 22.86 -42.47 30.67
N PHE B 254 23.94 -43.25 30.62
CA PHE B 254 24.62 -43.74 31.81
C PHE B 254 25.96 -43.04 32.02
N ALA B 255 26.13 -41.85 31.45
CA ALA B 255 27.37 -41.09 31.65
C ALA B 255 27.60 -40.78 33.13
N ASP B 256 26.53 -40.66 33.91
CA ASP B 256 26.68 -40.41 35.34
C ASP B 256 27.06 -41.66 36.13
N HIS B 257 27.18 -42.81 35.47
CA HIS B 257 27.73 -44.00 36.09
C HIS B 257 29.24 -44.08 35.97
N VAL B 258 29.87 -43.10 35.30
CA VAL B 258 31.27 -43.17 34.94
C VAL B 258 32.06 -42.18 35.79
N ALA B 259 33.15 -42.65 36.38
CA ALA B 259 34.14 -41.81 37.02
C ALA B 259 35.34 -41.67 36.09
N PHE B 260 36.07 -40.55 36.23
CA PHE B 260 37.28 -40.30 35.48
C PHE B 260 38.48 -40.50 36.40
N LEU B 261 39.37 -41.41 36.02
CA LEU B 261 40.54 -41.75 36.82
C LEU B 261 41.73 -40.95 36.31
N VAL B 262 42.48 -40.36 37.23
CA VAL B 262 43.65 -39.54 36.92
C VAL B 262 44.81 -40.05 37.76
N ASP B 263 45.90 -40.45 37.08
CA ASP B 263 47.15 -40.75 37.78
C ASP B 263 47.77 -39.44 38.26
N GLY B 264 47.33 -38.97 39.43
CA GLY B 264 47.60 -37.60 39.83
C GLY B 264 49.01 -37.37 40.29
N TYR B 265 49.68 -38.40 40.79
CA TYR B 265 51.03 -38.20 41.28
C TYR B 265 52.04 -38.07 40.14
N VAL B 266 51.89 -38.89 39.08
CA VAL B 266 52.84 -38.85 37.99
C VAL B 266 52.46 -37.78 36.95
N ALA B 267 51.17 -37.54 36.75
CA ALA B 267 50.75 -36.47 35.83
C ALA B 267 50.81 -35.10 36.50
N GLY B 268 50.55 -35.02 37.80
CA GLY B 268 50.71 -33.79 38.54
C GLY B 268 49.38 -33.16 38.92
N PRO B 269 49.42 -32.22 39.87
CA PRO B 269 48.17 -31.54 40.26
C PRO B 269 47.50 -30.85 39.08
N THR B 270 48.26 -30.42 38.07
CA THR B 270 47.63 -29.78 36.92
C THR B 270 46.68 -30.73 36.20
N ALA B 271 47.05 -32.00 36.09
CA ALA B 271 46.13 -32.98 35.50
C ALA B 271 44.92 -33.19 36.38
N VAL B 272 45.11 -33.21 37.70
CA VAL B 272 43.99 -33.40 38.61
C VAL B 272 43.01 -32.24 38.47
N THR B 273 43.52 -31.00 38.50
CA THR B 273 42.65 -29.84 38.41
C THR B 273 42.01 -29.74 37.03
N ALA B 274 42.73 -30.14 35.98
CA ALA B 274 42.13 -30.16 34.66
C ALA B 274 40.84 -30.96 34.66
N CYS B 275 40.88 -32.17 35.22
CA CYS B 275 39.68 -32.97 35.37
C CYS B 275 38.66 -32.30 36.28
N ARG B 276 39.10 -31.89 37.47
CA ARG B 276 38.19 -31.35 38.46
C ARG B 276 37.37 -30.18 37.91
N ARG B 277 38.01 -29.29 37.13
CA ARG B 277 37.35 -28.09 36.66
C ARG B 277 36.68 -28.26 35.32
N ARG B 278 37.12 -29.20 34.49
CA ARG B 278 36.43 -29.44 33.22
C ARG B 278 35.23 -30.37 33.40
N PHE B 279 35.36 -31.39 34.26
CA PHE B 279 34.32 -32.37 34.49
C PHE B 279 33.96 -32.42 35.98
N PRO B 280 33.47 -31.31 36.53
CA PRO B 280 33.14 -31.29 37.96
C PRO B 280 32.05 -32.26 38.35
N GLN B 281 31.17 -32.62 37.41
CA GLN B 281 30.03 -33.49 37.71
C GLN B 281 30.35 -34.96 37.49
N GLN B 282 31.61 -35.31 37.29
CA GLN B 282 32.05 -36.69 37.20
C GLN B 282 32.98 -36.99 38.37
N PHE B 283 32.75 -38.11 39.05
CA PHE B 283 33.58 -38.55 40.15
C PHE B 283 35.06 -38.55 39.74
N LEU B 284 35.87 -37.83 40.51
CA LEU B 284 37.30 -37.74 40.25
C LEU B 284 38.02 -38.83 41.04
N HIS B 285 38.49 -39.85 40.33
CA HIS B 285 39.15 -41.01 40.92
C HIS B 285 40.66 -40.77 40.86
N TYR B 286 41.22 -40.33 41.99
CA TYR B 286 42.64 -40.00 42.07
C TYR B 286 43.44 -41.28 42.32
N HIS B 287 44.23 -41.69 41.33
CA HIS B 287 45.16 -42.80 41.47
C HIS B 287 46.55 -42.26 41.73
N ARG B 288 47.21 -42.78 42.77
CA ARG B 288 48.47 -42.23 43.25
C ARG B 288 49.69 -43.04 42.83
N ALA B 289 49.62 -43.69 41.68
CA ALA B 289 50.74 -44.49 41.19
C ALA B 289 52.02 -43.67 41.22
N GLY B 290 53.06 -44.22 41.86
CA GLY B 290 54.36 -43.59 41.98
C GLY B 290 54.59 -42.86 43.27
N HIS B 291 53.53 -42.62 44.06
CA HIS B 291 53.66 -41.84 45.28
C HIS B 291 54.72 -42.42 46.22
N GLY B 292 54.88 -43.74 46.23
CA GLY B 292 55.79 -44.39 47.16
C GLY B 292 57.22 -43.92 47.08
N ALA B 293 57.60 -43.22 46.01
CA ALA B 293 58.97 -42.73 45.90
C ALA B 293 59.31 -41.74 47.01
N VAL B 294 58.31 -41.03 47.55
CA VAL B 294 58.52 -40.11 48.66
C VAL B 294 57.75 -40.50 49.90
N THR B 295 56.55 -41.06 49.75
CA THR B 295 55.70 -41.33 50.90
C THR B 295 56.16 -42.54 51.70
N SER B 296 56.97 -43.41 51.11
CA SER B 296 57.42 -44.60 51.83
C SER B 296 58.11 -44.21 53.12
N PRO B 297 57.88 -44.94 54.21
CA PRO B 297 58.65 -44.68 55.44
C PRO B 297 60.13 -44.85 55.25
N GLN B 298 60.56 -45.63 54.25
CA GLN B 298 61.98 -45.76 53.97
C GLN B 298 62.58 -44.46 53.46
N SER B 299 61.75 -43.54 52.99
CA SER B 299 62.20 -42.26 52.48
C SER B 299 62.14 -41.21 53.57
N LYS B 300 63.19 -40.40 53.67
CA LYS B 300 63.24 -39.29 54.62
C LYS B 300 63.02 -37.94 53.93
N ARG B 301 62.48 -37.95 52.71
CA ARG B 301 62.34 -36.75 51.91
C ARG B 301 60.90 -36.63 51.42
N GLY B 302 60.56 -35.44 50.89
CA GLY B 302 59.25 -35.23 50.30
C GLY B 302 58.18 -35.07 51.37
N TYR B 303 57.13 -35.87 51.25
CA TYR B 303 56.01 -35.79 52.17
C TYR B 303 55.43 -37.18 52.36
N THR B 304 54.69 -37.35 53.45
CA THR B 304 54.10 -38.64 53.79
C THR B 304 52.81 -38.87 53.02
N ALA B 305 52.32 -40.11 53.09
CA ALA B 305 51.05 -40.44 52.46
C ALA B 305 49.91 -39.68 53.09
N PHE B 306 50.00 -39.44 54.41
CA PHE B 306 48.99 -38.62 55.08
C PHE B 306 48.92 -37.24 54.45
N VAL B 307 50.08 -36.61 54.24
CA VAL B 307 50.10 -35.27 53.65
C VAL B 307 49.63 -35.33 52.20
N HIS B 308 50.13 -36.30 51.42
CA HIS B 308 49.72 -36.43 50.04
C HIS B 308 48.20 -36.55 49.93
N CYS B 309 47.61 -37.45 50.71
CA CYS B 309 46.16 -37.65 50.63
C CYS B 309 45.39 -36.41 51.07
N LYS B 310 45.85 -35.77 52.15
CA LYS B 310 45.18 -34.57 52.61
C LYS B 310 45.20 -33.49 51.54
N MET B 311 46.31 -33.39 50.81
CA MET B 311 46.42 -32.37 49.76
C MET B 311 45.47 -32.66 48.59
N SER B 312 45.17 -33.93 48.33
CA SER B 312 44.28 -34.27 47.23
C SER B 312 42.85 -33.82 47.50
N ARG B 313 42.46 -33.71 48.78
CA ARG B 313 41.16 -33.16 49.10
C ARG B 313 41.05 -31.71 48.66
N LEU B 314 42.14 -30.95 48.83
CA LEU B 314 42.16 -29.55 48.39
C LEU B 314 41.99 -29.48 46.87
N SER B 315 42.68 -30.35 46.14
CA SER B 315 42.58 -30.33 44.68
C SER B 315 41.20 -30.75 44.21
N GLY B 316 40.47 -31.51 45.02
CA GLY B 316 39.09 -31.83 44.72
C GLY B 316 38.85 -33.26 44.28
N ALA B 317 39.71 -34.18 44.71
CA ALA B 317 39.47 -35.59 44.42
C ALA B 317 38.19 -36.06 45.10
N SER B 318 37.36 -36.79 44.36
CA SER B 318 36.18 -37.40 44.96
C SER B 318 36.58 -38.61 45.80
N GLY B 319 37.59 -39.35 45.35
CA GLY B 319 38.17 -40.42 46.13
C GLY B 319 39.64 -40.53 45.80
N ILE B 320 40.39 -41.11 46.74
CA ILE B 320 41.82 -41.31 46.55
C ILE B 320 42.23 -42.59 47.29
N HIS B 321 43.21 -43.28 46.72
CA HIS B 321 43.73 -44.48 47.34
C HIS B 321 44.48 -44.12 48.61
N THR B 322 44.09 -44.71 49.73
CA THR B 322 44.77 -44.53 51.01
C THR B 322 45.64 -45.71 51.40
N GLY B 323 45.60 -46.80 50.64
CA GLY B 323 46.32 -48.00 50.99
C GLY B 323 45.52 -48.91 51.91
N THR B 324 45.98 -50.14 52.03
CA THR B 324 45.30 -51.14 52.83
C THR B 324 45.74 -51.12 54.28
N MET B 325 46.60 -50.17 54.67
CA MET B 325 46.96 -49.96 56.06
C MET B 325 47.55 -51.22 56.69
N GLY B 326 48.42 -51.90 55.95
CA GLY B 326 49.10 -53.08 56.43
C GLY B 326 48.43 -54.40 56.10
N TYR B 327 47.22 -54.38 55.55
CA TYR B 327 46.46 -55.59 55.32
C TYR B 327 46.56 -56.11 53.89
N GLY B 328 47.34 -55.45 53.04
CA GLY B 328 47.48 -55.84 51.65
C GLY B 328 48.94 -56.05 51.28
N LYS B 329 49.22 -55.85 49.99
CA LYS B 329 50.55 -56.10 49.43
C LYS B 329 51.44 -54.88 49.36
N MET B 330 50.86 -53.68 49.44
CA MET B 330 51.66 -52.46 49.44
C MET B 330 52.12 -52.12 50.86
N GLU B 331 53.15 -51.27 50.94
CA GLU B 331 53.59 -50.77 52.23
C GLU B 331 52.47 -50.00 52.92
N GLY B 332 52.28 -50.26 54.20
CA GLY B 332 51.22 -49.60 54.96
C GLY B 332 51.28 -50.00 56.41
N ASP B 333 50.52 -49.26 57.22
CA ASP B 333 50.48 -49.47 58.66
C ASP B 333 49.06 -49.27 59.14
N ALA B 334 48.70 -50.02 60.19
CA ALA B 334 47.35 -49.90 60.75
C ALA B 334 47.03 -48.46 61.14
N ASP B 335 48.02 -47.69 61.58
CA ASP B 335 47.80 -46.31 61.96
C ASP B 335 47.43 -45.43 60.79
N ASP B 336 47.54 -45.94 59.56
CA ASP B 336 47.13 -45.18 58.38
C ASP B 336 45.63 -44.90 58.35
N LYS B 337 44.87 -45.52 59.26
CA LYS B 337 43.44 -45.16 59.36
C LYS B 337 43.27 -43.66 59.62
N ALA B 338 44.27 -43.02 60.23
CA ALA B 338 44.20 -41.56 60.41
C ALA B 338 44.08 -40.84 59.07
N ILE B 339 44.62 -41.43 58.01
CA ILE B 339 44.51 -40.81 56.69
C ILE B 339 43.06 -40.76 56.25
N ALA B 340 42.34 -41.88 56.39
CA ALA B 340 40.94 -41.92 56.02
C ALA B 340 40.14 -40.89 56.81
N TYR B 341 40.29 -40.86 58.14
CA TYR B 341 39.54 -39.92 58.95
C TYR B 341 39.75 -38.48 58.49
N MET B 342 41.02 -38.11 58.23
CA MET B 342 41.30 -36.76 57.77
C MET B 342 40.66 -36.48 56.42
N LEU B 343 40.39 -37.51 55.62
CA LEU B 343 39.80 -37.29 54.30
C LEU B 343 38.28 -37.16 54.37
N GLU B 344 37.62 -37.88 55.27
CA GLU B 344 36.19 -38.04 55.23
C GLU B 344 35.44 -37.26 56.29
N GLN B 345 36.12 -36.57 57.19
CA GLN B 345 35.49 -35.88 58.29
C GLN B 345 35.68 -34.37 58.16
N ASP B 346 34.89 -33.65 58.96
CA ASP B 346 35.01 -32.19 59.04
C ASP B 346 35.98 -31.74 60.12
N ASP B 347 36.31 -32.62 61.07
CA ASP B 347 37.24 -32.31 62.15
C ASP B 347 38.04 -33.58 62.44
N ALA B 348 39.34 -33.54 62.15
CA ALA B 348 40.20 -34.70 62.31
C ALA B 348 41.54 -34.27 62.89
N GLN B 349 42.28 -35.25 63.37
CA GLN B 349 43.58 -35.03 63.99
C GLN B 349 44.69 -35.56 63.10
N GLY B 350 45.72 -34.75 62.91
CA GLY B 350 46.91 -35.19 62.22
C GLY B 350 48.02 -35.51 63.20
N PRO B 351 49.17 -35.93 62.69
CA PRO B 351 50.30 -36.20 63.60
C PRO B 351 50.67 -35.02 64.47
N TYR B 352 50.46 -33.79 63.98
CA TYR B 352 50.85 -32.61 64.75
C TYR B 352 49.73 -31.59 64.85
N PHE B 353 48.85 -31.54 63.85
CA PHE B 353 47.86 -30.47 63.74
C PHE B 353 46.45 -31.02 63.64
N ARG B 354 45.54 -30.40 64.39
CA ARG B 354 44.12 -30.64 64.20
C ARG B 354 43.62 -29.76 63.07
N GLN B 355 42.82 -30.33 62.18
CA GLN B 355 42.32 -29.65 61.00
C GLN B 355 40.80 -29.67 60.97
N THR B 356 40.20 -28.49 60.83
CA THR B 356 38.78 -28.35 60.54
C THR B 356 38.64 -27.88 59.11
N TRP B 357 37.57 -28.35 58.45
CA TRP B 357 37.41 -28.18 57.02
C TRP B 357 36.31 -27.21 56.62
N GLN B 358 35.62 -26.60 57.59
CA GLN B 358 34.60 -25.60 57.31
C GLN B 358 33.62 -26.10 56.27
N GLY B 359 33.25 -27.37 56.37
CA GLY B 359 32.25 -27.93 55.48
C GLY B 359 32.73 -28.33 54.11
N MET B 360 34.03 -28.23 53.83
CA MET B 360 34.55 -28.72 52.56
C MET B 360 34.19 -30.20 52.40
N LYS B 361 33.77 -30.55 51.19
CA LYS B 361 33.26 -31.90 50.95
C LYS B 361 34.32 -32.95 51.24
N ALA B 362 33.86 -34.10 51.71
CA ALA B 362 34.77 -35.17 52.08
C ALA B 362 35.29 -35.89 50.84
N THR B 363 36.50 -36.45 50.96
CA THR B 363 37.07 -37.35 49.97
C THR B 363 36.94 -38.79 50.46
N THR B 364 36.54 -39.69 49.57
CA THR B 364 36.29 -41.08 49.95
C THR B 364 37.57 -41.91 49.84
N PRO B 365 37.92 -42.68 50.86
CA PRO B 365 39.06 -43.59 50.73
C PRO B 365 38.76 -44.72 49.75
N ILE B 366 39.73 -45.02 48.90
CA ILE B 366 39.68 -46.15 47.98
C ILE B 366 40.71 -47.18 48.46
N ILE B 367 40.22 -48.36 48.83
CA ILE B 367 41.04 -49.39 49.46
C ILE B 367 41.39 -50.42 48.40
N SER B 368 42.69 -50.60 48.15
CA SER B 368 43.15 -51.47 47.09
C SER B 368 44.60 -51.88 47.33
N GLY B 369 44.93 -53.08 46.87
CA GLY B 369 46.31 -53.55 46.96
C GLY B 369 46.44 -54.95 47.51
N GLY B 370 46.23 -55.96 46.66
CA GLY B 370 46.33 -57.34 47.11
C GLY B 370 45.25 -57.75 48.08
N MET B 371 44.08 -57.16 47.99
CA MET B 371 42.96 -57.50 48.86
C MET B 371 42.11 -58.59 48.23
N ASN B 372 41.36 -59.28 49.09
CA ASN B 372 40.38 -60.27 48.66
C ASN B 372 39.35 -60.40 49.77
N ALA B 373 38.35 -61.25 49.53
CA ALA B 373 37.27 -61.42 50.50
C ALA B 373 37.79 -61.81 51.87
N LEU B 374 38.87 -62.58 51.92
CA LEU B 374 39.35 -63.11 53.19
C LEU B 374 40.04 -62.03 54.03
N ARG B 375 40.63 -61.03 53.39
CA ARG B 375 41.36 -59.99 54.09
C ARG B 375 40.48 -58.82 54.51
N LEU B 376 39.21 -58.79 54.07
CA LEU B 376 38.39 -57.60 54.31
C LEU B 376 37.96 -57.48 55.77
N PRO B 377 37.48 -58.53 56.44
CA PRO B 377 37.10 -58.38 57.85
C PRO B 377 38.19 -57.78 58.71
N GLY B 378 39.43 -58.22 58.55
CA GLY B 378 40.52 -57.66 59.33
C GLY B 378 40.72 -56.18 59.04
N PHE B 379 40.71 -55.81 57.75
CA PHE B 379 40.90 -54.42 57.40
C PHE B 379 39.82 -53.53 58.05
N PHE B 380 38.56 -53.94 57.92
CA PHE B 380 37.47 -53.09 58.43
C PHE B 380 37.46 -53.04 59.94
N ASP B 381 37.93 -54.10 60.62
CA ASP B 381 38.05 -54.07 62.07
C ASP B 381 38.92 -52.90 62.52
N ASN B 382 39.98 -52.60 61.76
CA ASN B 382 40.90 -51.53 62.14
C ASN B 382 40.38 -50.16 61.75
N LEU B 383 39.73 -50.04 60.58
CA LEU B 383 39.21 -48.75 60.16
C LEU B 383 38.03 -48.34 61.02
N GLY B 384 37.15 -49.28 61.36
CA GLY B 384 35.97 -49.01 62.14
C GLY B 384 34.69 -48.89 61.34
N HIS B 385 34.79 -48.73 60.03
CA HIS B 385 33.61 -48.65 59.17
C HIS B 385 33.97 -49.22 57.81
N SER B 386 32.94 -49.40 56.97
CA SER B 386 33.11 -49.97 55.63
C SER B 386 32.58 -49.04 54.54
N ASN B 387 32.47 -47.74 54.83
CA ASN B 387 31.99 -46.76 53.85
C ASN B 387 33.15 -46.33 52.97
N VAL B 388 33.61 -47.28 52.15
CA VAL B 388 34.76 -47.07 51.28
C VAL B 388 34.46 -47.71 49.93
N ILE B 389 35.23 -47.30 48.94
CA ILE B 389 35.26 -47.98 47.64
C ILE B 389 36.40 -49.00 47.71
N GLN B 390 36.07 -50.27 47.52
CA GLN B 390 37.05 -51.35 47.59
C GLN B 390 37.20 -51.98 46.21
N THR B 391 38.44 -52.08 45.74
CA THR B 391 38.76 -52.69 44.46
C THR B 391 39.75 -53.81 44.69
N SER B 392 39.39 -55.02 44.27
CA SER B 392 40.27 -56.19 44.37
C SER B 392 40.40 -56.80 42.98
N GLY B 393 41.57 -56.63 42.36
CA GLY B 393 41.82 -57.19 41.05
C GLY B 393 42.06 -58.69 41.13
N GLY B 394 43.22 -59.08 41.65
CA GLY B 394 43.48 -60.49 41.85
C GLY B 394 42.47 -61.15 42.77
N GLY B 395 41.98 -60.41 43.77
CA GLY B 395 41.02 -60.95 44.70
C GLY B 395 39.69 -61.33 44.06
N ALA B 396 39.41 -60.82 42.86
CA ALA B 396 38.19 -61.12 42.14
C ALA B 396 38.43 -62.04 40.95
N PHE B 397 39.36 -61.67 40.05
CA PHE B 397 39.66 -62.51 38.90
C PHE B 397 40.63 -63.66 39.26
N GLY B 398 41.13 -63.70 40.49
CA GLY B 398 41.87 -64.83 40.98
C GLY B 398 41.03 -65.91 41.61
N HIS B 399 39.76 -65.62 41.86
CA HIS B 399 38.85 -66.63 42.37
C HIS B 399 38.78 -67.81 41.41
N LYS B 400 38.86 -69.02 41.94
CA LYS B 400 38.93 -70.21 41.11
C LYS B 400 37.69 -70.42 40.25
N ASP B 401 36.61 -69.69 40.49
CA ASP B 401 35.36 -69.87 39.76
C ASP B 401 35.06 -68.73 38.78
N GLY B 402 35.93 -67.73 38.67
CA GLY B 402 35.75 -66.66 37.72
C GLY B 402 35.47 -65.34 38.40
N GLY B 403 35.37 -64.30 37.56
CA GLY B 403 35.20 -62.95 38.07
C GLY B 403 33.85 -62.71 38.72
N ALA B 404 32.79 -63.35 38.21
CA ALA B 404 31.48 -63.19 38.83
C ALA B 404 31.48 -63.73 40.26
N ALA B 405 32.03 -64.94 40.44
CA ALA B 405 32.12 -65.51 41.79
C ALA B 405 33.01 -64.65 42.67
N GLY B 406 34.13 -64.17 42.14
CA GLY B 406 34.98 -63.30 42.92
C GLY B 406 34.26 -62.06 43.39
N ALA B 407 33.49 -61.42 42.50
CA ALA B 407 32.70 -60.26 42.89
C ALA B 407 31.76 -60.61 44.03
N LYS B 408 31.08 -61.75 43.94
CA LYS B 408 30.12 -62.13 44.96
C LYS B 408 30.81 -62.42 46.29
N SER B 409 31.98 -63.06 46.27
CA SER B 409 32.71 -63.32 47.51
C SER B 409 33.07 -62.00 48.20
N LEU B 410 33.38 -60.98 47.41
CA LEU B 410 33.74 -59.68 47.99
C LEU B 410 32.53 -59.02 48.62
N ARG B 411 31.39 -59.02 47.92
CA ARG B 411 30.18 -58.47 48.51
C ARG B 411 29.76 -59.25 49.76
N GLN B 412 29.82 -60.58 49.70
CA GLN B 412 29.42 -61.39 50.85
C GLN B 412 30.32 -61.14 52.04
N ALA B 413 31.61 -60.95 51.81
CA ALA B 413 32.52 -60.66 52.92
C ALA B 413 32.19 -59.31 53.56
N SER B 414 31.82 -58.31 52.76
CA SER B 414 31.48 -57.01 53.30
C SER B 414 30.17 -57.06 54.09
N LEU B 415 29.20 -57.84 53.61
CA LEU B 415 27.95 -57.99 54.35
C LEU B 415 28.17 -58.77 55.64
N ALA B 416 29.07 -59.75 55.62
CA ALA B 416 29.37 -60.51 56.83
C ALA B 416 29.94 -59.61 57.92
N TRP B 417 30.99 -58.86 57.58
CA TRP B 417 31.59 -57.96 58.58
C TRP B 417 30.59 -56.92 59.04
N GLN B 418 29.85 -56.31 58.10
CA GLN B 418 28.89 -55.28 58.47
C GLN B 418 27.79 -55.80 59.37
N GLN B 419 27.51 -57.10 59.33
CA GLN B 419 26.50 -57.71 60.17
C GLN B 419 27.08 -58.45 61.37
N GLY B 420 28.39 -58.36 61.58
CA GLY B 420 29.02 -59.01 62.71
C GLY B 420 29.08 -60.51 62.65
N VAL B 421 29.07 -61.08 61.45
CA VAL B 421 29.09 -62.53 61.26
C VAL B 421 30.51 -62.95 60.89
N ASP B 422 31.01 -63.97 61.57
CA ASP B 422 32.33 -64.51 61.23
C ASP B 422 32.35 -65.00 59.80
N LEU B 423 33.43 -64.70 59.08
CA LEU B 423 33.49 -65.01 57.66
C LEU B 423 33.34 -66.50 57.42
N LEU B 424 33.87 -67.33 58.31
CA LEU B 424 33.76 -68.78 58.11
C LEU B 424 32.32 -69.24 58.25
N ASP B 425 31.61 -68.76 59.28
CA ASP B 425 30.20 -69.11 59.43
C ASP B 425 29.38 -68.60 58.24
N TYR B 426 29.65 -67.36 57.80
CA TYR B 426 28.95 -66.84 56.65
C TYR B 426 29.25 -67.66 55.40
N ALA B 427 30.49 -68.15 55.27
CA ALA B 427 30.87 -68.89 54.07
C ALA B 427 30.18 -70.23 53.97
N LYS B 428 29.71 -70.79 55.09
CA LYS B 428 29.04 -72.09 55.06
C LYS B 428 27.76 -72.04 54.23
N GLU B 429 27.17 -70.87 54.06
CA GLU B 429 25.90 -70.72 53.34
C GLU B 429 26.03 -69.85 52.10
N HIS B 430 27.25 -69.63 51.62
CA HIS B 430 27.50 -68.82 50.43
C HIS B 430 28.66 -69.44 49.65
N PRO B 431 28.38 -70.27 48.66
CA PRO B 431 29.47 -70.97 47.97
C PRO B 431 30.51 -70.04 47.35
N GLU B 432 30.12 -68.88 46.85
CA GLU B 432 31.08 -67.97 46.27
C GLU B 432 32.13 -67.55 47.29
N LEU B 433 31.69 -67.19 48.50
CA LEU B 433 32.63 -66.82 49.55
C LEU B 433 33.47 -68.02 49.97
N ALA B 434 32.84 -69.20 50.11
CA ALA B 434 33.60 -70.40 50.46
C ALA B 434 34.66 -70.70 49.41
N GLY B 435 34.38 -70.37 48.14
CA GLY B 435 35.35 -70.60 47.09
C GLY B 435 36.57 -69.71 47.20
N ALA B 436 36.42 -68.55 47.83
CA ALA B 436 37.56 -67.66 48.03
C ALA B 436 38.59 -68.30 48.96
N PHE B 437 38.14 -69.07 49.95
CA PHE B 437 39.06 -69.76 50.84
C PHE B 437 39.95 -70.71 50.06
N GLU B 438 39.36 -71.53 49.20
CA GLU B 438 40.14 -72.43 48.36
C GLU B 438 40.98 -71.67 47.33
N SER B 439 40.48 -70.52 46.86
CA SER B 439 41.20 -69.77 45.83
C SER B 439 42.48 -69.14 46.36
N PHE B 440 42.50 -68.76 47.64
CA PHE B 440 43.65 -68.13 48.28
C PHE B 440 43.97 -68.87 49.58
N PRO B 441 44.44 -70.12 49.49
CA PRO B 441 44.57 -70.94 50.70
C PRO B 441 45.65 -70.44 51.65
N LYS B 442 46.68 -69.77 51.14
CA LYS B 442 47.68 -69.20 52.04
C LYS B 442 47.06 -68.16 52.97
N ASP B 443 46.16 -67.33 52.43
CA ASP B 443 45.47 -66.35 53.25
C ASP B 443 44.51 -67.03 54.21
N ALA B 444 43.81 -68.08 53.75
CA ALA B 444 42.88 -68.78 54.62
C ALA B 444 43.61 -69.47 55.77
N ASP B 445 44.76 -70.08 55.48
CA ASP B 445 45.51 -70.75 56.53
C ASP B 445 45.94 -69.78 57.62
N ALA B 446 46.20 -68.52 57.26
CA ALA B 446 46.69 -67.54 58.21
C ALA B 446 45.58 -66.84 58.98
N LEU B 447 44.42 -66.63 58.34
CA LEU B 447 43.34 -65.86 58.94
C LEU B 447 42.21 -66.72 59.49
N TYR B 448 41.95 -67.87 58.87
CA TYR B 448 40.87 -68.77 59.28
C TYR B 448 41.39 -70.19 59.21
N PRO B 449 42.25 -70.58 60.16
CA PRO B 449 43.04 -71.81 59.99
C PRO B 449 42.22 -73.08 59.95
N ASN B 450 41.00 -73.08 60.49
CA ASN B 450 40.18 -74.28 60.52
C ASN B 450 39.22 -74.36 59.32
N TRP B 451 39.51 -73.64 58.24
CA TRP B 451 38.57 -73.54 57.14
C TRP B 451 38.34 -74.88 56.44
N ARG B 452 39.31 -75.79 56.50
CA ARG B 452 39.13 -77.08 55.84
C ARG B 452 38.14 -77.96 56.60
N GLU B 453 38.15 -77.90 57.92
CA GLU B 453 37.18 -78.66 58.74
C GLU B 453 35.77 -78.12 58.38
N LYS B 454 35.61 -76.81 58.18
CA LYS B 454 34.25 -76.18 58.06
C LYS B 454 33.69 -76.12 56.63
N LEU B 455 34.52 -76.09 55.57
CA LEU B 455 34.06 -75.83 54.16
C LEU B 455 34.31 -77.01 53.19
N LYS B 456 35.22 -77.94 53.50
CA LYS B 456 35.63 -79.06 52.59
C LYS B 456 35.15 -80.42 53.10
N THR B 457 34.73 -80.58 54.37
CA THR B 457 34.27 -81.88 54.87
C THR B 457 32.76 -82.01 54.68
N MET C 1 -13.25 -36.28 19.73
CA MET C 1 -12.60 -37.59 20.01
C MET C 1 -12.36 -37.73 21.52
N ASP C 2 -13.06 -38.67 22.14
CA ASP C 2 -12.87 -38.97 23.56
C ASP C 2 -11.73 -39.99 23.69
N GLN C 3 -10.66 -39.59 24.37
CA GLN C 3 -9.46 -40.41 24.49
C GLN C 3 -9.24 -40.90 25.91
N SER C 4 -10.30 -40.95 26.73
CA SER C 4 -10.14 -41.35 28.12
C SER C 4 -9.76 -42.82 28.24
N ASN C 5 -10.27 -43.67 27.35
CA ASN C 5 -9.96 -45.10 27.44
C ASN C 5 -8.46 -45.34 27.35
N ARG C 6 -7.73 -44.48 26.65
CA ARG C 6 -6.29 -44.61 26.47
C ARG C 6 -5.49 -43.82 27.48
N TYR C 7 -5.78 -42.53 27.63
CA TYR C 7 -4.96 -41.63 28.44
C TYR C 7 -5.48 -41.44 29.86
N ALA C 8 -6.55 -42.13 30.25
CA ALA C 8 -7.10 -42.03 31.59
C ALA C 8 -7.16 -43.42 32.21
N ASN C 9 -6.58 -43.56 33.42
CA ASN C 9 -6.63 -44.80 34.20
C ASN C 9 -6.83 -44.40 35.65
N LEU C 10 -8.09 -44.17 36.03
CA LEU C 10 -8.40 -43.74 37.39
C LEU C 10 -8.26 -44.85 38.42
N SER C 11 -7.93 -46.07 38.01
CA SER C 11 -7.73 -47.15 38.95
C SER C 11 -6.34 -47.14 39.58
N LEU C 12 -5.40 -46.39 39.00
CA LEU C 12 -4.06 -46.32 39.58
C LEU C 12 -4.10 -45.60 40.91
N ARG C 13 -3.28 -46.08 41.85
CA ARG C 13 -3.16 -45.48 43.17
C ARG C 13 -1.92 -44.59 43.19
N GLU C 14 -2.08 -43.36 43.69
CA GLU C 14 -0.95 -42.44 43.73
C GLU C 14 0.21 -43.01 44.52
N GLU C 15 -0.08 -43.71 45.63
CA GLU C 15 0.99 -44.26 46.44
C GLU C 15 1.80 -45.29 45.66
N ASP C 16 1.14 -46.06 44.80
CA ASP C 16 1.85 -47.02 43.97
C ASP C 16 2.71 -46.31 42.92
N LEU C 17 2.17 -45.25 42.32
CA LEU C 17 2.93 -44.51 41.33
C LEU C 17 4.19 -43.90 41.94
N ILE C 18 4.09 -43.39 43.17
CA ILE C 18 5.27 -42.87 43.85
C ILE C 18 6.22 -44.00 44.23
N ALA C 19 5.66 -45.13 44.67
CA ALA C 19 6.48 -46.28 45.03
C ALA C 19 7.28 -46.78 43.84
N GLY C 20 6.66 -46.86 42.67
CA GLY C 20 7.36 -47.32 41.50
C GLY C 20 8.55 -46.45 41.13
N GLY C 21 8.49 -45.17 41.44
CA GLY C 21 9.59 -44.27 41.15
C GLY C 21 9.89 -44.12 39.68
N LYS C 22 8.88 -44.30 38.82
CA LYS C 22 9.10 -44.24 37.38
C LYS C 22 8.14 -43.27 36.70
N HIS C 23 7.51 -42.37 37.45
CA HIS C 23 6.60 -41.39 36.89
C HIS C 23 6.81 -40.02 37.54
N VAL C 24 6.80 -38.98 36.70
CA VAL C 24 6.70 -37.61 37.17
C VAL C 24 5.23 -37.28 37.31
N LEU C 25 4.81 -36.88 38.51
CA LEU C 25 3.41 -36.58 38.79
C LEU C 25 3.20 -35.07 38.83
N CYS C 26 2.09 -34.62 38.26
CA CYS C 26 1.74 -33.21 38.24
C CYS C 26 0.29 -33.06 38.64
N ALA C 27 0.02 -32.12 39.54
CA ALA C 27 -1.33 -31.81 40.01
C ALA C 27 -1.75 -30.47 39.41
N TYR C 28 -2.80 -30.49 38.59
CA TYR C 28 -3.31 -29.31 37.92
C TYR C 28 -4.64 -28.89 38.52
N ILE C 29 -4.90 -27.59 38.50
CA ILE C 29 -6.24 -27.04 38.69
C ILE C 29 -6.74 -26.65 37.31
N MET C 30 -7.66 -27.43 36.75
CA MET C 30 -8.05 -27.31 35.36
C MET C 30 -9.57 -27.22 35.27
N LYS C 31 -10.04 -26.41 34.32
CA LYS C 31 -11.46 -26.28 34.03
C LYS C 31 -11.64 -26.40 32.52
N PRO C 32 -12.45 -27.33 32.02
CA PRO C 32 -12.69 -27.39 30.58
C PRO C 32 -13.61 -26.27 30.13
N LYS C 33 -13.55 -25.98 28.84
CA LYS C 33 -14.49 -25.03 28.25
C LYS C 33 -15.91 -25.60 28.29
N ALA C 34 -16.88 -24.70 28.11
CA ALA C 34 -18.28 -25.12 28.15
C ALA C 34 -18.58 -26.11 27.04
N GLY C 35 -19.27 -27.19 27.38
CA GLY C 35 -19.62 -28.21 26.42
C GLY C 35 -18.63 -29.34 26.28
N TYR C 36 -17.60 -29.37 27.12
CA TYR C 36 -16.59 -30.43 27.08
C TYR C 36 -16.59 -31.15 28.43
N GLY C 37 -16.63 -32.47 28.39
CA GLY C 37 -16.57 -33.25 29.61
C GLY C 37 -15.23 -33.13 30.30
N TYR C 38 -15.25 -33.29 31.62
CA TYR C 38 -14.03 -33.10 32.41
C TYR C 38 -13.00 -34.18 32.10
N LEU C 39 -13.41 -35.45 32.20
CA LEU C 39 -12.45 -36.54 31.99
C LEU C 39 -11.97 -36.57 30.55
N GLU C 40 -12.88 -36.43 29.57
CA GLU C 40 -12.47 -36.42 28.17
C GLU C 40 -11.49 -35.27 27.91
N SER C 41 -11.76 -34.10 28.50
CA SER C 41 -10.83 -32.98 28.35
C SER C 41 -9.50 -33.28 29.01
N ALA C 42 -9.52 -33.89 30.20
CA ALA C 42 -8.28 -34.25 30.87
C ALA C 42 -7.49 -35.28 30.07
N ALA C 43 -8.19 -36.24 29.47
CA ALA C 43 -7.51 -37.21 28.61
C ALA C 43 -6.86 -36.53 27.41
N HIS C 44 -7.57 -35.60 26.78
CA HIS C 44 -6.97 -34.82 25.71
C HIS C 44 -5.78 -34.02 26.23
N PHE C 45 -5.91 -33.43 27.41
CA PHE C 45 -4.80 -32.71 28.04
C PHE C 45 -3.55 -33.58 28.13
N ALA C 46 -3.70 -34.77 28.70
CA ALA C 46 -2.55 -35.67 28.82
C ALA C 46 -2.01 -36.09 27.47
N ALA C 47 -2.88 -36.23 26.47
CA ALA C 47 -2.44 -36.63 25.14
C ALA C 47 -1.56 -35.55 24.50
N GLU C 48 -2.00 -34.31 24.56
CA GLU C 48 -1.23 -33.21 24.00
C GLU C 48 -0.04 -32.83 24.87
N SER C 49 0.16 -33.51 26.00
CA SER C 49 1.31 -33.29 26.88
C SER C 49 2.26 -34.48 26.88
N SER C 50 2.09 -35.44 25.97
CA SER C 50 2.94 -36.62 25.96
C SER C 50 3.11 -37.20 24.57
N THR C 51 2.12 -37.96 24.09
CA THR C 51 2.28 -38.76 22.89
C THR C 51 1.23 -38.52 21.80
N GLY C 52 0.17 -37.76 22.08
CA GLY C 52 -0.96 -37.73 21.19
C GLY C 52 -1.30 -36.42 20.51
N THR C 53 -2.48 -36.37 19.89
CA THR C 53 -2.98 -35.17 19.23
C THR C 53 -4.50 -35.15 19.44
N ASN C 54 -5.23 -34.53 18.51
CA ASN C 54 -6.68 -34.46 18.58
C ASN C 54 -7.37 -35.42 17.61
N VAL C 55 -6.60 -36.26 16.92
CA VAL C 55 -7.15 -37.27 16.02
C VAL C 55 -6.24 -38.49 16.08
N GLU C 56 -6.75 -39.61 15.58
CA GLU C 56 -5.96 -40.84 15.50
C GLU C 56 -5.01 -40.76 14.32
N VAL C 57 -3.78 -41.22 14.51
CA VAL C 57 -2.78 -41.28 13.46
C VAL C 57 -2.36 -42.73 13.27
N CYS C 58 -2.12 -43.12 12.02
CA CYS C 58 -1.76 -44.50 11.69
C CYS C 58 -0.40 -44.90 12.23
N THR C 59 0.42 -43.94 12.66
CA THR C 59 1.77 -44.24 13.10
C THR C 59 1.83 -44.80 14.52
N THR C 60 0.75 -44.68 15.29
CA THR C 60 0.77 -45.15 16.66
C THR C 60 1.01 -46.65 16.71
N ASP C 61 1.87 -47.07 17.64
CA ASP C 61 2.14 -48.48 17.89
C ASP C 61 2.02 -48.76 19.38
N ASP C 62 2.18 -50.04 19.74
CA ASP C 62 2.01 -50.43 21.14
C ASP C 62 3.08 -49.81 22.03
N PHE C 63 4.30 -49.67 21.52
CA PHE C 63 5.36 -49.04 22.30
C PHE C 63 4.98 -47.60 22.67
N THR C 64 4.44 -46.86 21.70
CA THR C 64 4.02 -45.48 21.98
C THR C 64 3.03 -45.45 23.13
N ARG C 65 2.03 -46.33 23.11
CA ARG C 65 1.03 -46.35 24.17
C ARG C 65 1.65 -46.58 25.53
N GLY C 66 2.77 -47.31 25.58
CA GLY C 66 3.40 -47.61 26.85
C GLY C 66 3.93 -46.39 27.57
N VAL C 67 4.27 -45.33 26.83
CA VAL C 67 4.82 -44.13 27.41
C VAL C 67 3.78 -43.00 27.47
N ASP C 68 2.50 -43.31 27.26
CA ASP C 68 1.47 -42.30 27.37
C ASP C 68 1.46 -41.71 28.78
N ALA C 69 1.21 -40.40 28.86
CA ALA C 69 0.90 -39.77 30.14
C ALA C 69 -0.55 -40.09 30.51
N LEU C 70 -0.77 -40.45 31.76
CA LEU C 70 -2.04 -40.98 32.22
C LEU C 70 -2.66 -40.10 33.29
N VAL C 71 -3.92 -39.72 33.09
CA VAL C 71 -4.72 -39.10 34.13
C VAL C 71 -5.14 -40.18 35.11
N TYR C 72 -4.67 -40.08 36.37
CA TYR C 72 -4.97 -41.08 37.38
C TYR C 72 -5.87 -40.57 38.50
N GLU C 73 -6.19 -39.28 38.51
CA GLU C 73 -7.11 -38.75 39.51
C GLU C 73 -7.73 -37.47 38.98
N ILE C 74 -9.05 -37.34 39.18
CA ILE C 74 -9.79 -36.13 38.82
C ILE C 74 -10.81 -35.84 39.91
N ASP C 75 -11.01 -34.56 40.20
CA ASP C 75 -12.05 -34.08 41.11
C ASP C 75 -12.75 -32.94 40.36
N GLU C 76 -13.71 -33.30 39.51
CA GLU C 76 -14.38 -32.30 38.68
C GLU C 76 -14.93 -31.17 39.53
N ALA C 77 -15.64 -31.50 40.60
CA ALA C 77 -16.24 -30.47 41.45
C ALA C 77 -15.21 -29.46 41.92
N ASN C 78 -13.97 -29.91 42.15
CA ASN C 78 -12.90 -29.04 42.62
C ASN C 78 -11.86 -28.75 41.55
N GLU C 79 -12.15 -29.10 40.29
CA GLU C 79 -11.30 -28.73 39.15
C GLU C 79 -9.90 -29.31 39.28
N LEU C 80 -9.76 -30.44 39.96
CA LEU C 80 -8.46 -31.06 40.16
C LEU C 80 -8.18 -32.10 39.07
N MET C 81 -6.94 -32.11 38.58
CA MET C 81 -6.48 -33.05 37.57
C MET C 81 -5.05 -33.44 37.87
N LYS C 82 -4.81 -34.74 38.04
CA LYS C 82 -3.46 -35.27 38.28
C LYS C 82 -3.07 -36.17 37.11
N ILE C 83 -1.87 -35.95 36.59
CA ILE C 83 -1.36 -36.70 35.46
C ILE C 83 -0.02 -37.32 35.84
N ALA C 84 0.23 -38.54 35.37
CA ALA C 84 1.47 -39.26 35.61
C ALA C 84 2.24 -39.34 34.30
N TYR C 85 3.48 -38.86 34.31
CA TYR C 85 4.33 -38.82 33.13
C TYR C 85 5.42 -39.87 33.25
N PRO C 86 5.43 -40.89 32.39
CA PRO C 86 6.58 -41.82 32.38
C PRO C 86 7.88 -41.08 32.21
N VAL C 87 8.86 -41.40 33.05
CA VAL C 87 10.13 -40.67 33.04
C VAL C 87 10.86 -40.78 31.71
N ASP C 88 10.55 -41.81 30.91
CA ASP C 88 11.22 -41.98 29.63
C ASP C 88 10.79 -40.94 28.59
N LEU C 89 9.75 -40.15 28.88
CA LEU C 89 9.30 -39.15 27.92
C LEU C 89 10.25 -37.97 27.80
N PHE C 90 11.04 -37.69 28.83
CA PHE C 90 11.75 -36.43 28.93
C PHE C 90 13.11 -36.48 28.25
N ASP C 91 13.54 -35.34 27.74
CA ASP C 91 14.73 -35.24 26.91
C ASP C 91 15.99 -35.35 27.76
N ARG C 92 17.08 -35.75 27.11
CA ARG C 92 18.36 -35.94 27.76
C ARG C 92 19.46 -35.33 26.90
N ASN C 93 20.54 -34.89 27.56
CA ASN C 93 21.66 -34.31 26.84
C ASN C 93 22.47 -35.39 26.13
N ILE C 94 22.88 -35.10 24.90
CA ILE C 94 23.77 -36.00 24.19
C ILE C 94 25.21 -35.90 24.68
N ILE C 95 25.58 -34.79 25.34
CA ILE C 95 26.96 -34.62 25.75
C ILE C 95 27.22 -35.28 27.08
N ASP C 96 26.21 -35.40 27.95
CA ASP C 96 26.43 -35.97 29.27
C ASP C 96 25.24 -36.73 29.82
N GLY C 97 24.17 -36.92 29.05
CA GLY C 97 23.05 -37.72 29.50
C GLY C 97 22.28 -37.15 30.66
N ARG C 98 22.47 -35.89 31.00
CA ARG C 98 21.77 -35.29 32.11
C ARG C 98 20.37 -34.84 31.67
N ALA C 99 19.53 -34.55 32.66
CA ALA C 99 18.19 -34.06 32.39
C ALA C 99 18.22 -32.57 32.09
N MET C 100 17.11 -32.08 31.54
CA MET C 100 16.95 -30.67 31.18
C MET C 100 15.56 -30.22 31.58
N LEU C 101 15.48 -29.06 32.25
CA LEU C 101 14.19 -28.54 32.67
C LEU C 101 13.34 -28.13 31.49
N ALA C 102 13.95 -27.70 30.38
CA ALA C 102 13.19 -27.24 29.24
C ALA C 102 12.25 -28.33 28.73
N SER C 103 12.64 -29.60 28.84
CA SER C 103 11.80 -30.68 28.35
C SER C 103 10.60 -30.90 29.25
N PHE C 104 10.81 -30.90 30.58
CA PHE C 104 9.69 -31.02 31.50
C PHE C 104 8.65 -29.93 31.24
N LEU C 105 9.11 -28.69 31.01
CA LEU C 105 8.18 -27.59 30.76
C LEU C 105 7.47 -27.77 29.43
N THR C 106 8.20 -28.20 28.40
CA THR C 106 7.59 -28.41 27.09
C THR C 106 6.40 -29.34 27.18
N LEU C 107 6.50 -30.40 27.98
CA LEU C 107 5.44 -31.39 28.09
C LEU C 107 4.40 -31.01 29.14
N ALA C 108 4.85 -30.74 30.36
CA ALA C 108 3.91 -30.57 31.47
C ALA C 108 3.15 -29.25 31.41
N ILE C 109 3.72 -28.24 30.76
CA ILE C 109 3.07 -26.93 30.73
C ILE C 109 3.38 -26.22 29.42
N GLY C 110 3.42 -26.98 28.33
CA GLY C 110 3.67 -26.41 27.02
C GLY C 110 2.43 -26.18 26.20
N ASN C 111 2.26 -26.97 25.12
CA ASN C 111 1.15 -26.77 24.21
C ASN C 111 -0.19 -26.86 24.92
N ASN C 112 -0.26 -27.57 26.06
CA ASN C 112 -1.54 -27.73 26.75
C ASN C 112 -2.10 -26.40 27.24
N GLN C 113 -1.27 -25.36 27.29
CA GLN C 113 -1.72 -24.04 27.71
C GLN C 113 -2.40 -23.26 26.60
N GLY C 114 -2.54 -23.84 25.40
CA GLY C 114 -3.20 -23.17 24.31
C GLY C 114 -4.37 -23.94 23.72
N MET C 115 -4.71 -25.08 24.33
CA MET C 115 -5.80 -25.89 23.82
C MET C 115 -7.11 -25.11 23.85
N GLY C 116 -7.87 -25.22 22.75
CA GLY C 116 -9.13 -24.51 22.62
C GLY C 116 -10.29 -25.12 23.38
N ASP C 117 -10.15 -26.34 23.87
CA ASP C 117 -11.20 -26.99 24.64
C ASP C 117 -11.00 -26.86 26.14
N ILE C 118 -9.95 -26.18 26.57
CA ILE C 118 -9.64 -25.99 27.98
C ILE C 118 -9.75 -24.51 28.31
N GLU C 119 -10.37 -24.19 29.44
CA GLU C 119 -10.46 -22.80 29.85
C GLU C 119 -9.17 -22.33 30.51
N TYR C 120 -8.61 -23.15 31.40
CA TYR C 120 -7.33 -22.83 32.03
C TYR C 120 -6.81 -24.07 32.72
N ALA C 121 -5.50 -24.09 32.96
CA ALA C 121 -4.86 -25.19 33.67
C ALA C 121 -3.56 -24.68 34.27
N LYS C 122 -3.39 -24.90 35.58
CA LYS C 122 -2.23 -24.41 36.31
C LYS C 122 -1.66 -25.52 37.18
N ILE C 123 -0.35 -25.72 37.10
CA ILE C 123 0.33 -26.70 37.94
C ILE C 123 0.48 -26.12 39.34
N HIS C 124 0.05 -26.88 40.34
CA HIS C 124 0.19 -26.49 41.73
C HIS C 124 1.21 -27.32 42.49
N ASP C 125 1.58 -28.50 41.98
CA ASP C 125 2.60 -29.32 42.61
C ASP C 125 3.13 -30.31 41.60
N VAL C 126 4.35 -30.78 41.83
CA VAL C 126 4.99 -31.75 40.96
C VAL C 126 5.87 -32.65 41.82
N TYR C 127 5.83 -33.94 41.52
CA TYR C 127 6.68 -34.92 42.20
C TYR C 127 7.72 -35.44 41.22
N PHE C 128 8.99 -35.32 41.60
CA PHE C 128 10.09 -35.84 40.80
C PHE C 128 10.62 -37.10 41.47
N PRO C 129 10.57 -38.27 40.83
CA PRO C 129 11.09 -39.48 41.46
C PRO C 129 12.61 -39.46 41.47
N PRO C 130 13.23 -40.28 42.31
CA PRO C 130 14.70 -40.23 42.42
C PRO C 130 15.44 -40.36 41.10
N CYS C 131 15.07 -41.32 40.26
CA CYS C 131 15.82 -41.55 39.02
C CYS C 131 15.76 -40.34 38.10
N TYR C 132 14.75 -39.50 38.22
CA TYR C 132 14.67 -38.28 37.42
C TYR C 132 15.36 -37.11 38.11
N LEU C 133 15.02 -36.85 39.38
CA LEU C 133 15.66 -35.79 40.14
C LEU C 133 17.18 -35.92 40.13
N ARG C 134 17.68 -37.15 40.20
CA ARG C 134 19.10 -37.41 40.24
C ARG C 134 19.83 -36.89 39.02
N LEU C 135 19.13 -36.67 37.91
CA LEU C 135 19.76 -36.31 36.66
C LEU C 135 19.88 -34.80 36.46
N PHE C 136 19.48 -34.01 37.43
CA PHE C 136 19.53 -32.54 37.32
C PHE C 136 20.77 -32.01 38.03
N ASP C 137 21.24 -30.85 37.57
CA ASP C 137 22.46 -30.27 38.11
C ASP C 137 22.35 -30.06 39.61
N GLY C 138 21.25 -29.45 40.06
CA GLY C 138 21.09 -29.10 41.45
C GLY C 138 22.05 -28.00 41.86
N PRO C 139 21.85 -27.41 43.04
CA PRO C 139 22.71 -26.30 43.45
C PRO C 139 24.13 -26.77 43.72
N ALA C 140 25.07 -25.87 43.48
CA ALA C 140 26.47 -26.09 43.79
C ALA C 140 26.94 -25.29 45.00
N MET C 141 26.29 -24.17 45.29
CA MET C 141 26.62 -23.36 46.46
C MET C 141 25.35 -22.90 47.14
N ASN C 142 25.52 -22.24 48.28
CA ASN C 142 24.44 -21.98 49.23
C ASN C 142 24.83 -20.76 50.05
N ILE C 143 23.93 -20.36 50.95
CA ILE C 143 24.26 -19.35 51.94
C ILE C 143 25.40 -19.81 52.83
N VAL C 144 25.61 -21.13 52.92
CA VAL C 144 26.73 -21.65 53.71
C VAL C 144 28.05 -21.12 53.17
N ASP C 145 28.18 -21.06 51.84
CA ASP C 145 29.38 -20.48 51.24
C ASP C 145 29.50 -19.00 51.59
N MET C 146 28.36 -18.30 51.68
CA MET C 146 28.40 -16.91 52.15
C MET C 146 28.79 -16.85 53.62
N TRP C 147 28.17 -17.69 54.45
CA TRP C 147 28.52 -17.76 55.85
C TRP C 147 30.02 -18.02 56.03
N ARG C 148 30.58 -18.90 55.20
CA ARG C 148 32.00 -19.22 55.34
C ARG C 148 32.88 -18.02 55.03
N VAL C 149 32.57 -17.28 53.97
CA VAL C 149 33.34 -16.09 53.63
C VAL C 149 33.19 -15.03 54.71
N LEU C 150 32.00 -14.92 55.29
CA LEU C 150 31.76 -13.96 56.37
C LEU C 150 32.31 -14.42 57.71
N GLU C 151 32.89 -15.62 57.77
CA GLU C 151 33.46 -16.16 59.00
C GLU C 151 32.39 -16.31 60.07
N ARG C 152 31.22 -16.79 59.66
CA ARG C 152 30.10 -17.05 60.53
C ARG C 152 29.85 -18.55 60.65
N PRO C 153 29.10 -18.98 61.66
CA PRO C 153 28.77 -20.41 61.77
C PRO C 153 28.15 -20.93 60.47
N LEU C 154 28.59 -22.11 60.04
CA LEU C 154 28.07 -22.72 58.84
C LEU C 154 26.73 -23.42 59.04
N VAL C 155 26.27 -23.53 60.29
CA VAL C 155 24.92 -23.97 60.62
C VAL C 155 24.27 -22.86 61.43
N ASP C 156 23.10 -22.40 60.99
CA ASP C 156 22.39 -21.31 61.65
C ASP C 156 23.26 -20.06 61.72
N GLY C 157 23.95 -19.76 60.62
CA GLY C 157 24.79 -18.58 60.56
C GLY C 157 24.04 -17.27 60.65
N GLY C 158 22.73 -17.31 60.45
CA GLY C 158 21.91 -16.13 60.56
C GLY C 158 21.67 -15.46 59.21
N MET C 159 21.03 -14.29 59.29
CA MET C 159 20.66 -13.56 58.09
C MET C 159 21.87 -12.85 57.49
N VAL C 160 21.94 -12.85 56.17
CA VAL C 160 22.90 -12.03 55.45
C VAL C 160 22.23 -10.68 55.19
N VAL C 161 22.77 -9.63 55.80
CA VAL C 161 22.19 -8.29 55.70
C VAL C 161 22.57 -7.71 54.34
N GLY C 162 21.57 -7.51 53.48
CA GLY C 162 21.82 -7.05 52.14
C GLY C 162 20.87 -5.93 51.75
N THR C 163 21.13 -5.37 50.57
CA THR C 163 20.27 -4.34 50.00
C THR C 163 20.38 -4.39 48.49
N ILE C 164 19.56 -3.57 47.85
CA ILE C 164 19.58 -3.39 46.40
C ILE C 164 19.92 -1.93 46.12
N ILE C 165 20.92 -1.70 45.28
CA ILE C 165 21.34 -0.34 44.97
C ILE C 165 20.19 0.37 44.27
N LYS C 166 19.58 1.36 44.96
CA LYS C 166 18.56 2.22 44.39
C LYS C 166 19.15 3.60 44.11
N PRO C 167 18.65 4.34 43.11
CA PRO C 167 17.62 4.05 42.11
C PRO C 167 17.81 2.75 41.32
N LYS C 168 16.71 2.18 40.84
CA LYS C 168 16.78 0.97 40.02
C LYS C 168 17.67 1.19 38.81
N LEU C 169 17.53 2.33 38.16
CA LEU C 169 18.39 2.71 37.04
C LEU C 169 18.58 4.21 37.08
N GLY C 170 19.77 4.65 36.69
CA GLY C 170 20.05 6.08 36.61
C GLY C 170 21.27 6.54 37.37
N LEU C 171 21.72 5.72 38.33
CA LEU C 171 22.92 6.07 39.09
C LEU C 171 24.16 5.87 38.21
N ARG C 172 24.93 6.94 38.01
CA ARG C 172 26.14 6.87 37.23
C ARG C 172 27.23 6.17 38.04
N PRO C 173 28.33 5.79 37.39
CA PRO C 173 29.30 4.92 38.09
C PRO C 173 29.80 5.47 39.41
N GLU C 174 30.07 6.77 39.50
CA GLU C 174 30.68 7.30 40.72
C GLU C 174 29.71 7.32 41.89
N PRO C 175 28.52 7.90 41.78
CA PRO C 175 27.57 7.80 42.92
C PRO C 175 27.16 6.38 43.23
N PHE C 176 27.09 5.51 42.20
CA PHE C 176 26.80 4.10 42.44
C PHE C 176 27.83 3.49 43.36
N ALA C 177 29.12 3.64 43.03
CA ALA C 177 30.17 3.06 43.87
C ALA C 177 30.19 3.70 45.25
N ALA C 178 29.77 4.96 45.36
CA ALA C 178 29.73 5.61 46.67
C ALA C 178 28.63 5.03 47.54
N ALA C 179 27.44 4.81 46.97
CA ALA C 179 26.36 4.20 47.73
C ALA C 179 26.74 2.79 48.17
N CYS C 180 27.46 2.06 47.31
CA CYS C 180 27.91 0.72 47.69
C CYS C 180 28.81 0.79 48.92
N TYR C 181 29.80 1.68 48.90
CA TYR C 181 30.73 1.77 50.01
C TYR C 181 30.01 2.14 51.31
N GLN C 182 29.01 3.03 51.21
CA GLN C 182 28.31 3.47 52.42
C GLN C 182 27.52 2.33 53.05
N PHE C 183 26.79 1.58 52.23
CA PHE C 183 26.00 0.48 52.78
C PHE C 183 26.90 -0.59 53.39
N TRP C 184 27.99 -0.95 52.70
CA TRP C 184 28.87 -1.99 53.20
C TRP C 184 29.49 -1.62 54.54
N LEU C 185 29.52 -0.33 54.89
CA LEU C 185 30.02 0.05 56.21
C LEU C 185 29.19 -0.58 57.33
N GLY C 186 27.94 -0.93 57.07
CA GLY C 186 27.08 -1.54 58.07
C GLY C 186 26.38 -2.80 57.61
N GLY C 187 26.55 -3.16 56.34
CA GLY C 187 25.89 -4.31 55.76
C GLY C 187 26.87 -5.33 55.20
N ASP C 188 26.31 -6.45 54.76
CA ASP C 188 27.09 -7.57 54.24
C ASP C 188 27.03 -7.70 52.73
N PHE C 189 25.87 -7.45 52.11
CA PHE C 189 25.58 -7.94 50.76
C PHE C 189 24.91 -6.85 49.95
N ILE C 190 25.34 -6.71 48.71
CA ILE C 190 24.73 -5.78 47.78
C ILE C 190 24.45 -6.48 46.46
N KCX C 191 23.27 -6.28 45.91
CA KCX C 191 22.93 -6.86 44.61
CB KCX C 191 21.76 -7.84 44.74
CG KCX C 191 20.47 -7.13 45.10
CD KCX C 191 19.34 -8.16 45.27
CE KCX C 191 18.88 -8.70 43.91
NZ KCX C 191 18.41 -7.61 43.06
C KCX C 191 22.57 -5.73 43.63
O KCX C 191 21.95 -4.71 44.03
CX KCX C 191 17.01 -7.22 43.06
OQ1 KCX C 191 16.58 -6.45 42.18
OQ2 KCX C 191 16.22 -7.68 43.95
HA KCX C 191 23.70 -7.34 44.29
HB2 KCX C 191 21.98 -8.48 45.43
HB3 KCX C 191 21.65 -8.30 43.89
HG2 KCX C 191 20.22 -6.51 44.38
HG3 KCX C 191 20.58 -6.64 45.92
HD2 KCX C 191 18.59 -7.74 45.72
HD3 KCX C 191 19.66 -8.89 45.81
HE2 KCX C 191 18.17 -9.33 44.04
HE3 KCX C 191 19.63 -9.14 43.47
HZ KCX C 191 18.96 -7.19 42.55
N ASN C 192 22.97 -5.91 42.38
CA ASN C 192 22.45 -5.08 41.30
C ASN C 192 20.93 -5.17 41.35
N ASP C 193 20.23 -4.08 41.06
CA ASP C 193 18.82 -4.19 40.72
C ASP C 193 18.70 -5.00 39.44
N GLU C 194 17.57 -5.70 39.28
CA GLU C 194 17.50 -6.72 38.25
C GLU C 194 17.83 -6.22 36.84
N PRO C 195 17.57 -4.97 36.45
CA PRO C 195 17.92 -4.54 35.10
C PRO C 195 19.27 -3.84 34.96
N GLN C 196 20.00 -3.62 36.05
CA GLN C 196 21.27 -2.92 35.98
C GLN C 196 22.31 -3.80 35.29
N GLY C 197 23.00 -3.23 34.31
CA GLY C 197 24.02 -3.97 33.59
C GLY C 197 25.06 -3.08 32.95
N ASN C 198 24.87 -2.78 31.65
CA ASN C 198 25.82 -2.00 30.86
C ASN C 198 25.12 -0.84 30.17
N GLN C 199 24.22 -0.16 30.89
CA GLN C 199 23.58 1.02 30.35
C GLN C 199 24.61 2.04 29.92
N VAL C 200 24.28 2.81 28.88
CA VAL C 200 25.24 3.74 28.31
C VAL C 200 25.69 4.78 29.32
N PHE C 201 24.86 5.09 30.31
CA PHE C 201 25.22 6.06 31.34
C PHE C 201 25.97 5.44 32.49
N ALA C 202 26.13 4.11 32.52
CA ALA C 202 26.88 3.43 33.58
C ALA C 202 27.48 2.16 33.00
N PRO C 203 28.49 2.30 32.14
CA PRO C 203 29.06 1.12 31.47
C PRO C 203 29.59 0.13 32.49
N LEU C 204 29.43 -1.16 32.17
CA LEU C 204 29.89 -2.22 33.06
C LEU C 204 31.40 -2.15 33.27
N ARG C 205 32.16 -1.94 32.20
CA ARG C 205 33.61 -1.94 32.32
C ARG C 205 34.11 -0.80 33.19
N THR C 206 33.35 0.29 33.28
CA THR C 206 33.73 1.43 34.10
C THR C 206 33.29 1.26 35.54
N ILE C 207 32.07 0.76 35.76
CA ILE C 207 31.50 0.73 37.10
C ILE C 207 32.07 -0.41 37.92
N MET C 208 32.39 -1.54 37.30
CA MET C 208 32.80 -2.70 38.09
C MET C 208 34.10 -2.48 38.84
N PRO C 209 35.14 -1.89 38.25
CA PRO C 209 36.35 -1.61 39.04
C PRO C 209 36.09 -0.66 40.22
N MET C 210 35.13 0.25 40.09
CA MET C 210 34.82 1.15 41.19
C MET C 210 34.10 0.40 42.31
N ILE C 211 33.21 -0.53 41.95
CA ILE C 211 32.54 -1.33 42.97
C ILE C 211 33.56 -2.16 43.73
N ALA C 212 34.52 -2.76 43.01
CA ALA C 212 35.55 -3.56 43.67
C ALA C 212 36.38 -2.70 44.61
N ASP C 213 36.65 -1.46 44.22
CA ASP C 213 37.38 -0.55 45.10
C ASP C 213 36.57 -0.25 46.35
N SER C 214 35.27 0.05 46.17
CA SER C 214 34.40 0.28 47.32
C SER C 214 34.35 -0.95 48.22
N MET C 215 34.31 -2.14 47.64
CA MET C 215 34.36 -3.36 48.43
C MET C 215 35.65 -3.42 49.24
N ARG C 216 36.78 -3.19 48.57
CA ARG C 216 38.07 -3.26 49.26
C ARG C 216 38.13 -2.26 50.42
N ARG C 217 37.74 -1.02 50.16
CA ARG C 217 37.81 0.01 51.20
C ARG C 217 36.92 -0.34 52.39
N ALA C 218 35.66 -0.68 52.11
CA ALA C 218 34.75 -1.05 53.19
C ALA C 218 35.29 -2.22 54.00
N GLN C 219 35.89 -3.21 53.31
CA GLN C 219 36.45 -4.36 54.02
C GLN C 219 37.61 -3.93 54.92
N ASP C 220 38.41 -2.97 54.46
CA ASP C 220 39.57 -2.54 55.23
C ASP C 220 39.14 -1.79 56.49
N GLU C 221 38.07 -1.00 56.41
CA GLU C 221 37.66 -0.19 57.55
C GLU C 221 36.82 -0.97 58.54
N THR C 222 36.02 -1.94 58.06
CA THR C 222 35.17 -2.72 58.95
C THR C 222 35.81 -4.03 59.39
N GLY C 223 36.91 -4.44 58.77
CA GLY C 223 37.50 -5.73 59.08
C GLY C 223 36.59 -6.90 58.79
N GLN C 224 35.58 -6.70 57.94
CA GLN C 224 34.60 -7.72 57.62
C GLN C 224 34.55 -7.89 56.10
N ALA C 225 34.36 -9.13 55.66
CA ALA C 225 34.18 -9.40 54.24
C ALA C 225 32.85 -8.83 53.74
N LYS C 226 32.85 -8.42 52.48
CA LYS C 226 31.67 -7.84 51.86
C LYS C 226 31.36 -8.57 50.57
N LEU C 227 30.07 -8.73 50.28
CA LEU C 227 29.60 -9.51 49.15
C LEU C 227 28.87 -8.61 48.15
N PHE C 228 28.94 -9.01 46.88
CA PHE C 228 28.22 -8.31 45.80
C PHE C 228 27.64 -9.34 44.85
N SER C 229 26.47 -9.04 44.32
CA SER C 229 25.79 -9.90 43.35
C SER C 229 25.61 -9.11 42.06
N ALA C 230 26.33 -9.52 41.02
CA ALA C 230 26.39 -8.78 39.76
C ALA C 230 25.47 -9.42 38.74
N ASN C 231 24.70 -8.59 38.05
CA ASN C 231 23.84 -9.05 36.99
C ASN C 231 24.66 -9.33 35.72
N ILE C 232 24.52 -10.55 35.19
CA ILE C 232 25.18 -10.94 33.96
C ILE C 232 24.18 -11.40 32.90
N THR C 233 22.88 -11.18 33.14
CA THR C 233 21.86 -11.66 32.23
C THR C 233 22.03 -11.06 30.84
N ALA C 234 21.86 -11.90 29.82
CA ALA C 234 21.98 -11.44 28.44
C ALA C 234 21.31 -12.45 27.52
N ASP C 235 20.97 -11.99 26.32
CA ASP C 235 20.44 -12.89 25.30
C ASP C 235 21.51 -13.87 24.82
N ASP C 236 22.69 -13.35 24.50
CA ASP C 236 23.77 -14.18 23.96
C ASP C 236 24.56 -14.81 25.11
N PRO C 237 24.65 -16.13 25.17
CA PRO C 237 25.51 -16.73 26.20
C PRO C 237 26.93 -16.18 26.19
N ALA C 238 27.45 -15.87 25.02
CA ALA C 238 28.80 -15.28 24.94
C ALA C 238 28.87 -14.00 25.75
N GLU C 239 27.79 -13.21 25.75
CA GLU C 239 27.77 -12.01 26.57
C GLU C 239 27.78 -12.35 28.06
N MET C 240 27.00 -13.36 28.45
CA MET C 240 27.00 -13.79 29.84
C MET C 240 28.40 -14.20 30.28
N TYR C 241 29.05 -15.03 29.47
CA TYR C 241 30.41 -15.46 29.79
C TYR C 241 31.36 -14.27 29.86
N ALA C 242 31.29 -13.37 28.88
CA ALA C 242 32.17 -12.22 28.86
C ALA C 242 32.00 -11.37 30.12
N ARG C 243 30.75 -11.16 30.54
CA ARG C 243 30.52 -10.37 31.74
C ARG C 243 31.10 -11.05 32.97
N GLY C 244 30.81 -12.35 33.13
CA GLY C 244 31.33 -13.07 34.28
C GLY C 244 32.85 -13.08 34.34
N GLU C 245 33.49 -13.33 33.19
CA GLU C 245 34.95 -13.35 33.15
C GLU C 245 35.52 -11.98 33.54
N PHE C 246 34.95 -10.92 32.97
CA PHE C 246 35.46 -9.58 33.28
C PHE C 246 35.27 -9.24 34.75
N ILE C 247 34.10 -9.58 35.30
CA ILE C 247 33.82 -9.27 36.70
C ILE C 247 34.76 -10.03 37.61
N LEU C 248 34.97 -11.32 37.35
CA LEU C 248 35.88 -12.10 38.17
C LEU C 248 37.30 -11.55 38.08
N GLU C 249 37.74 -11.20 36.86
CA GLU C 249 39.06 -10.61 36.70
C GLU C 249 39.18 -9.29 37.46
N THR C 250 38.13 -8.46 37.39
CA THR C 250 38.19 -7.17 38.05
C THR C 250 38.29 -7.32 39.57
N PHE C 251 37.53 -8.23 40.15
CA PHE C 251 37.53 -8.41 41.59
C PHE C 251 38.74 -9.18 42.10
N GLY C 252 39.45 -9.88 41.20
CA GLY C 252 40.70 -10.52 41.54
C GLY C 252 40.66 -11.39 42.76
N GLU C 253 41.43 -11.01 43.79
CA GLU C 253 41.54 -11.84 44.99
C GLU C 253 40.22 -11.98 45.73
N PHE C 254 39.24 -11.12 45.42
CA PHE C 254 37.93 -11.19 46.06
C PHE C 254 36.86 -11.67 45.09
N ALA C 255 37.26 -12.38 44.04
CA ALA C 255 36.28 -12.90 43.08
C ALA C 255 35.30 -13.84 43.76
N ASP C 256 35.71 -14.53 44.82
CA ASP C 256 34.80 -15.41 45.55
C ASP C 256 33.82 -14.67 46.43
N HIS C 257 33.91 -13.34 46.50
CA HIS C 257 32.92 -12.51 47.16
C HIS C 257 31.78 -12.10 46.24
N VAL C 258 31.84 -12.52 44.98
CA VAL C 258 30.91 -12.04 43.95
C VAL C 258 29.94 -13.17 43.62
N ALA C 259 28.65 -12.84 43.63
CA ALA C 259 27.62 -13.70 43.10
C ALA C 259 27.21 -13.21 41.71
N PHE C 260 26.67 -14.12 40.92
CA PHE C 260 26.19 -13.79 39.58
C PHE C 260 24.66 -13.86 39.61
N LEU C 261 24.02 -12.76 39.23
CA LEU C 261 22.56 -12.65 39.20
C LEU C 261 22.07 -12.89 37.79
N VAL C 262 21.05 -13.73 37.66
CA VAL C 262 20.46 -14.06 36.38
C VAL C 262 18.95 -13.89 36.49
N ASP C 263 18.38 -13.03 35.66
CA ASP C 263 16.93 -12.87 35.55
C ASP C 263 16.38 -14.10 34.82
N GLY C 264 16.21 -15.18 35.59
CA GLY C 264 15.98 -16.49 35.01
C GLY C 264 14.61 -16.69 34.40
N TYR C 265 13.60 -15.92 34.84
CA TYR C 265 12.27 -16.14 34.31
C TYR C 265 12.11 -15.53 32.92
N VAL C 266 12.62 -14.31 32.72
CA VAL C 266 12.48 -13.67 31.42
C VAL C 266 13.54 -14.15 30.45
N ALA C 267 14.76 -14.43 30.95
CA ALA C 267 15.82 -14.95 30.09
C ALA C 267 15.67 -16.46 29.87
N GLY C 268 15.09 -17.18 30.83
CA GLY C 268 14.78 -18.58 30.65
C GLY C 268 15.74 -19.52 31.36
N PRO C 269 15.37 -20.79 31.45
CA PRO C 269 16.28 -21.77 32.08
C PRO C 269 17.61 -21.93 31.36
N THR C 270 17.66 -21.66 30.05
CA THR C 270 18.92 -21.76 29.33
C THR C 270 19.93 -20.73 29.82
N ALA C 271 19.47 -19.55 30.24
CA ALA C 271 20.39 -18.57 30.82
C ALA C 271 20.83 -19.00 32.20
N VAL C 272 19.93 -19.59 32.99
CA VAL C 272 20.28 -20.05 34.33
C VAL C 272 21.31 -21.17 34.23
N THR C 273 21.06 -22.14 33.36
CA THR C 273 21.99 -23.26 33.24
C THR C 273 23.32 -22.81 32.67
N ALA C 274 23.30 -21.87 31.73
CA ALA C 274 24.55 -21.35 31.19
C ALA C 274 25.45 -20.82 32.30
N CYS C 275 24.89 -20.08 33.24
CA CYS C 275 25.66 -19.58 34.36
C CYS C 275 26.02 -20.71 35.32
N ARG C 276 25.04 -21.54 35.66
CA ARG C 276 25.28 -22.64 36.59
C ARG C 276 26.43 -23.54 36.12
N ARG C 277 26.53 -23.77 34.81
CA ARG C 277 27.50 -24.72 34.30
C ARG C 277 28.83 -24.08 33.92
N ARG C 278 28.83 -22.81 33.56
CA ARG C 278 30.07 -22.12 33.26
C ARG C 278 30.76 -21.58 34.50
N PHE C 279 29.99 -21.13 35.49
CA PHE C 279 30.54 -20.55 36.72
C PHE C 279 29.99 -21.27 37.95
N PRO C 280 30.23 -22.58 38.06
CA PRO C 280 29.65 -23.33 39.19
C PRO C 280 30.21 -22.92 40.54
N GLN C 281 31.37 -22.28 40.59
CA GLN C 281 32.00 -21.88 41.84
C GLN C 281 31.65 -20.45 42.24
N GLN C 282 30.69 -19.83 41.57
CA GLN C 282 30.16 -18.52 41.96
C GLN C 282 28.68 -18.67 42.30
N PHE C 283 28.29 -18.09 43.44
CA PHE C 283 26.90 -18.13 43.88
C PHE C 283 25.96 -17.71 42.75
N LEU C 284 24.96 -18.54 42.48
CA LEU C 284 23.98 -18.28 41.44
C LEU C 284 22.76 -17.63 42.07
N HIS C 285 22.55 -16.34 41.77
CA HIS C 285 21.48 -15.55 42.32
C HIS C 285 20.36 -15.50 41.28
N TYR C 286 19.34 -16.33 41.49
CA TYR C 286 18.20 -16.38 40.58
C TYR C 286 17.22 -15.25 40.94
N HIS C 287 17.03 -14.33 40.00
CA HIS C 287 16.02 -13.28 40.12
C HIS C 287 14.85 -13.62 39.19
N ARG C 288 13.63 -13.56 39.74
CA ARG C 288 12.44 -14.07 39.07
C ARG C 288 11.59 -12.95 38.47
N ALA C 289 12.19 -11.81 38.14
CA ALA C 289 11.44 -10.71 37.56
C ALA C 289 10.57 -11.20 36.40
N GLY C 290 9.28 -10.90 36.47
CA GLY C 290 8.32 -11.32 35.48
C GLY C 290 7.51 -12.54 35.86
N HIS C 291 7.95 -13.30 36.87
CA HIS C 291 7.27 -14.53 37.24
C HIS C 291 5.79 -14.31 37.52
N GLY C 292 5.43 -13.17 38.10
CA GLY C 292 4.05 -12.91 38.48
C GLY C 292 3.05 -13.06 37.36
N ALA C 293 3.50 -13.01 36.11
CA ALA C 293 2.59 -13.15 34.98
C ALA C 293 1.86 -14.48 35.00
N VAL C 294 2.42 -15.50 35.66
CA VAL C 294 1.77 -16.81 35.79
C VAL C 294 1.58 -17.20 37.25
N THR C 295 2.55 -16.86 38.11
CA THR C 295 2.52 -17.34 39.48
C THR C 295 1.47 -16.61 40.33
N SER C 296 1.01 -15.44 39.88
CA SER C 296 0.05 -14.69 40.68
C SER C 296 -1.19 -15.53 40.92
N PRO C 297 -1.74 -15.51 42.14
CA PRO C 297 -3.03 -16.19 42.37
C PRO C 297 -4.13 -15.67 41.44
N GLN C 298 -3.99 -14.46 40.92
CA GLN C 298 -4.98 -13.94 39.98
C GLN C 298 -4.98 -14.74 38.68
N SER C 299 -3.86 -15.37 38.35
CA SER C 299 -3.75 -16.15 37.13
C SER C 299 -4.15 -17.60 37.39
N LYS C 300 -4.94 -18.15 36.47
CA LYS C 300 -5.34 -19.56 36.53
C LYS C 300 -4.53 -20.43 35.57
N ARG C 301 -3.41 -19.93 35.05
CA ARG C 301 -2.60 -20.63 34.06
C ARG C 301 -1.16 -20.74 34.53
N GLY C 302 -0.40 -21.58 33.86
CA GLY C 302 1.02 -21.67 34.11
C GLY C 302 1.31 -22.52 35.33
N TYR C 303 2.11 -21.99 36.25
CA TYR C 303 2.45 -22.69 37.47
C TYR C 303 2.53 -21.69 38.62
N THR C 304 2.38 -22.20 39.83
CA THR C 304 2.42 -21.37 41.02
C THR C 304 3.86 -20.97 41.35
N ALA C 305 3.99 -20.01 42.27
CA ALA C 305 5.31 -19.62 42.75
C ALA C 305 6.02 -20.80 43.40
N PHE C 306 5.27 -21.63 44.14
CA PHE C 306 5.86 -22.82 44.75
C PHE C 306 6.51 -23.71 43.69
N VAL C 307 5.79 -23.95 42.59
CA VAL C 307 6.34 -24.79 41.53
C VAL C 307 7.54 -24.13 40.87
N HIS C 308 7.47 -22.81 40.66
CA HIS C 308 8.57 -22.11 40.00
C HIS C 308 9.84 -22.21 40.83
N CYS C 309 9.74 -21.97 42.13
CA CYS C 309 10.92 -22.02 42.99
C CYS C 309 11.45 -23.44 43.09
N LYS C 310 10.56 -24.44 43.15
CA LYS C 310 11.02 -25.82 43.27
C LYS C 310 11.84 -26.22 42.05
N MET C 311 11.42 -25.78 40.86
CA MET C 311 12.20 -26.08 39.66
C MET C 311 13.53 -25.35 39.66
N SER C 312 13.58 -24.14 40.24
CA SER C 312 14.85 -23.42 40.29
C SER C 312 15.91 -24.21 41.03
N ARG C 313 15.51 -25.04 42.00
CA ARG C 313 16.48 -25.87 42.70
C ARG C 313 17.05 -26.95 41.79
N LEU C 314 16.25 -27.44 40.83
CA LEU C 314 16.77 -28.42 39.88
C LEU C 314 17.78 -27.77 38.94
N SER C 315 17.49 -26.56 38.45
CA SER C 315 18.42 -25.87 37.58
C SER C 315 19.72 -25.55 38.29
N GLY C 316 19.69 -25.40 39.61
CA GLY C 316 20.89 -25.21 40.39
C GLY C 316 21.08 -23.83 40.99
N ALA C 317 19.99 -23.12 41.22
CA ALA C 317 20.09 -21.80 41.84
C ALA C 317 20.63 -21.93 43.25
N SER C 318 21.66 -21.14 43.57
CA SER C 318 22.14 -21.09 44.96
C SER C 318 21.14 -20.37 45.85
N GLY C 319 20.43 -19.40 45.31
CA GLY C 319 19.38 -18.72 46.04
C GLY C 319 18.38 -18.16 45.06
N ILE C 320 17.14 -18.00 45.52
CA ILE C 320 16.06 -17.49 44.69
C ILE C 320 15.12 -16.68 45.57
N HIS C 321 14.49 -15.67 44.97
CA HIS C 321 13.50 -14.88 45.67
C HIS C 321 12.24 -15.71 45.90
N THR C 322 11.91 -15.94 47.16
CA THR C 322 10.69 -16.63 47.53
C THR C 322 9.53 -15.68 47.80
N GLY C 323 9.78 -14.37 47.75
CA GLY C 323 8.79 -13.39 48.13
C GLY C 323 8.79 -13.13 49.62
N THR C 324 7.99 -12.14 50.02
CA THR C 324 7.91 -11.72 51.42
C THR C 324 6.82 -12.44 52.20
N MET C 325 6.09 -13.35 51.56
CA MET C 325 5.07 -14.15 52.23
C MET C 325 4.01 -13.24 52.88
N GLY C 326 3.67 -12.16 52.18
CA GLY C 326 2.63 -11.26 52.61
C GLY C 326 3.08 -10.13 53.51
N TYR C 327 4.37 -10.03 53.81
CA TYR C 327 4.87 -9.00 54.72
C TYR C 327 5.54 -7.84 53.99
N GLY C 328 5.53 -7.83 52.66
CA GLY C 328 6.16 -6.79 51.88
C GLY C 328 5.19 -6.17 50.89
N LYS C 329 5.75 -5.66 49.79
CA LYS C 329 4.97 -4.94 48.79
C LYS C 329 4.48 -5.85 47.66
N MET C 330 5.17 -6.94 47.39
CA MET C 330 4.77 -7.85 46.34
C MET C 330 3.64 -8.75 46.83
N GLU C 331 3.02 -9.46 45.88
CA GLU C 331 1.96 -10.41 46.23
C GLU C 331 2.57 -11.61 46.95
N GLY C 332 1.88 -12.07 47.99
CA GLY C 332 2.34 -13.22 48.75
C GLY C 332 1.41 -13.49 49.90
N ASP C 333 1.56 -14.67 50.48
CA ASP C 333 0.76 -15.09 51.63
C ASP C 333 1.67 -15.74 52.65
N ALA C 334 1.24 -15.70 53.92
CA ALA C 334 2.04 -16.28 54.99
C ALA C 334 2.33 -17.76 54.74
N ASP C 335 1.40 -18.47 54.07
CA ASP C 335 1.59 -19.88 53.80
C ASP C 335 2.73 -20.14 52.80
N ASP C 336 3.24 -19.10 52.15
CA ASP C 336 4.35 -19.27 51.23
C ASP C 336 5.62 -19.73 51.94
N LYS C 337 5.62 -19.81 53.28
CA LYS C 337 6.76 -20.37 53.99
C LYS C 337 7.05 -21.80 53.52
N ALA C 338 6.03 -22.51 53.06
CA ALA C 338 6.26 -23.85 52.53
C ALA C 338 7.24 -23.82 51.36
N ILE C 339 7.27 -22.71 50.63
CA ILE C 339 8.23 -22.58 49.53
C ILE C 339 9.65 -22.66 50.06
N ALA C 340 9.93 -21.91 51.12
CA ALA C 340 11.27 -21.92 51.71
C ALA C 340 11.63 -23.32 52.20
N TYR C 341 10.71 -23.98 52.91
CA TYR C 341 10.99 -25.32 53.41
C TYR C 341 11.31 -26.28 52.25
N MET C 342 10.54 -26.20 51.17
CA MET C 342 10.78 -27.07 50.03
C MET C 342 12.12 -26.80 49.37
N LEU C 343 12.65 -25.59 49.53
CA LEU C 343 13.92 -25.24 48.90
C LEU C 343 15.13 -25.61 49.74
N GLU C 344 15.00 -25.66 51.06
CA GLU C 344 16.16 -25.78 51.94
C GLU C 344 16.21 -27.06 52.74
N GLN C 345 15.24 -27.95 52.61
CA GLN C 345 15.19 -29.19 53.38
C GLN C 345 15.39 -30.38 52.46
N ASP C 346 15.88 -31.48 53.03
CA ASP C 346 15.98 -32.75 52.32
C ASP C 346 14.65 -33.47 52.24
N ASP C 347 13.71 -33.12 53.09
CA ASP C 347 12.38 -33.73 53.13
C ASP C 347 11.38 -32.64 53.46
N ALA C 348 10.47 -32.33 52.53
CA ALA C 348 9.50 -31.27 52.72
C ALA C 348 8.17 -31.71 52.11
N GLN C 349 7.12 -30.96 52.45
CA GLN C 349 5.76 -31.29 52.06
C GLN C 349 5.22 -30.21 51.13
N GLY C 350 4.75 -30.62 49.96
CA GLY C 350 4.11 -29.73 49.03
C GLY C 350 2.60 -29.78 49.15
N PRO C 351 1.90 -28.94 48.38
CA PRO C 351 0.43 -28.94 48.46
C PRO C 351 -0.18 -30.30 48.20
N TYR C 352 0.44 -31.12 47.36
CA TYR C 352 -0.10 -32.42 47.03
C TYR C 352 0.91 -33.54 47.25
N PHE C 353 2.19 -33.25 47.06
CA PHE C 353 3.22 -34.28 47.02
C PHE C 353 4.28 -34.00 48.08
N ARG C 354 4.66 -35.05 48.81
CA ARG C 354 5.86 -35.02 49.64
C ARG C 354 7.08 -35.28 48.76
N GLN C 355 8.15 -34.52 49.00
CA GLN C 355 9.35 -34.61 48.18
C GLN C 355 10.57 -34.85 49.06
N THR C 356 11.33 -35.90 48.74
CA THR C 356 12.67 -36.11 49.28
C THR C 356 13.68 -35.79 48.19
N TRP C 357 14.84 -35.28 48.60
CA TRP C 357 15.81 -34.75 47.66
C TRP C 357 17.09 -35.56 47.56
N GLN C 358 17.22 -36.64 48.32
CA GLN C 358 18.37 -37.53 48.22
C GLN C 358 19.68 -36.77 48.37
N GLY C 359 19.71 -35.84 49.31
CA GLY C 359 20.92 -35.10 49.60
C GLY C 359 21.27 -34.01 48.60
N MET C 360 20.40 -33.71 47.65
CA MET C 360 20.66 -32.61 46.75
C MET C 360 20.83 -31.33 47.55
N LYS C 361 21.78 -30.49 47.13
CA LYS C 361 22.07 -29.26 47.86
C LYS C 361 20.84 -28.37 47.94
N ALA C 362 20.71 -27.67 49.06
CA ALA C 362 19.60 -26.77 49.28
C ALA C 362 19.77 -25.47 48.50
N THR C 363 18.65 -24.79 48.28
CA THR C 363 18.62 -23.44 47.73
C THR C 363 18.17 -22.47 48.83
N THR C 364 18.87 -21.37 48.98
CA THR C 364 18.59 -20.42 50.05
C THR C 364 17.49 -19.45 49.62
N PRO C 365 16.45 -19.24 50.43
CA PRO C 365 15.47 -18.20 50.10
C PRO C 365 16.09 -16.81 50.18
N ILE C 366 15.69 -15.95 49.24
CA ILE C 366 16.06 -14.54 49.24
C ILE C 366 14.80 -13.73 49.50
N ILE C 367 14.80 -12.96 50.59
CA ILE C 367 13.63 -12.20 51.03
C ILE C 367 13.82 -10.75 50.60
N SER C 368 12.89 -10.25 49.79
CA SER C 368 13.01 -8.92 49.24
C SER C 368 11.65 -8.45 48.74
N GLY C 369 11.45 -7.13 48.79
CA GLY C 369 10.21 -6.55 48.30
C GLY C 369 9.53 -5.65 49.31
N GLY C 370 9.96 -4.39 49.39
CA GLY C 370 9.36 -3.47 50.32
C GLY C 370 9.59 -3.79 51.77
N MET C 371 10.72 -4.43 52.09
CA MET C 371 11.07 -4.79 53.45
C MET C 371 11.96 -3.72 54.09
N ASN C 372 11.92 -3.67 55.42
CA ASN C 372 12.77 -2.76 56.18
C ASN C 372 12.94 -3.36 57.58
N ALA C 373 13.66 -2.62 58.43
CA ALA C 373 13.96 -3.13 59.76
C ALA C 373 12.71 -3.46 60.54
N LEU C 374 11.63 -2.69 60.35
CA LEU C 374 10.44 -2.88 61.15
C LEU C 374 9.65 -4.12 60.73
N ARG C 375 9.71 -4.51 59.46
CA ARG C 375 8.89 -5.60 58.95
C ARG C 375 9.55 -6.96 59.08
N LEU C 376 10.80 -7.02 59.54
CA LEU C 376 11.51 -8.30 59.57
C LEU C 376 11.09 -9.18 60.74
N PRO C 377 10.93 -8.64 61.95
CA PRO C 377 10.56 -9.50 63.08
C PRO C 377 9.28 -10.30 62.84
N GLY C 378 8.25 -9.67 62.26
CA GLY C 378 7.03 -10.40 61.99
C GLY C 378 7.20 -11.46 60.92
N PHE C 379 8.04 -11.16 59.91
CA PHE C 379 8.25 -12.13 58.84
C PHE C 379 8.96 -13.38 59.33
N PHE C 380 9.97 -13.21 60.19
CA PHE C 380 10.71 -14.36 60.70
C PHE C 380 9.89 -15.15 61.72
N ASP C 381 8.96 -14.50 62.41
CA ASP C 381 8.05 -15.23 63.28
C ASP C 381 7.25 -16.26 62.49
N ASN C 382 6.88 -15.92 61.24
CA ASN C 382 6.12 -16.82 60.41
C ASN C 382 7.00 -17.89 59.75
N LEU C 383 8.27 -17.57 59.49
CA LEU C 383 9.16 -18.52 58.85
C LEU C 383 9.76 -19.51 59.86
N GLY C 384 10.08 -19.03 61.07
CA GLY C 384 10.66 -19.87 62.09
C GLY C 384 12.17 -19.86 62.14
N HIS C 385 12.84 -19.17 61.21
CA HIS C 385 14.30 -19.10 61.22
C HIS C 385 14.71 -17.90 60.38
N SER C 386 15.95 -17.46 60.59
CA SER C 386 16.48 -16.29 59.91
C SER C 386 17.66 -16.63 59.01
N ASN C 387 17.79 -17.89 58.59
CA ASN C 387 18.89 -18.32 57.71
C ASN C 387 18.50 -18.03 56.27
N VAL C 388 18.46 -16.74 55.95
CA VAL C 388 18.07 -16.28 54.62
C VAL C 388 18.97 -15.11 54.22
N ILE C 389 18.93 -14.77 52.94
CA ILE C 389 19.55 -13.57 52.41
C ILE C 389 18.45 -12.54 52.24
N GLN C 390 18.58 -11.40 52.93
CA GLN C 390 17.58 -10.34 52.91
C GLN C 390 18.14 -9.10 52.24
N THR C 391 17.42 -8.60 51.25
CA THR C 391 17.79 -7.38 50.55
C THR C 391 16.64 -6.38 50.68
N SER C 392 16.93 -5.20 51.20
CA SER C 392 15.96 -4.13 51.37
C SER C 392 16.51 -2.89 50.70
N GLY C 393 15.95 -2.54 49.54
CA GLY C 393 16.38 -1.35 48.82
C GLY C 393 15.93 -0.08 49.50
N GLY C 394 14.62 0.17 49.47
CA GLY C 394 14.09 1.34 50.16
C GLY C 394 14.30 1.27 51.66
N GLY C 395 14.27 0.07 52.23
CA GLY C 395 14.48 -0.09 53.66
C GLY C 395 15.85 0.35 54.13
N ALA C 396 16.83 0.37 53.23
CA ALA C 396 18.19 0.78 53.56
C ALA C 396 18.47 2.22 53.16
N PHE C 397 18.32 2.53 51.87
CA PHE C 397 18.56 3.90 51.39
C PHE C 397 17.40 4.84 51.67
N GLY C 398 16.24 4.31 52.05
CA GLY C 398 15.16 5.16 52.53
C GLY C 398 15.32 5.63 53.95
N HIS C 399 16.28 5.08 54.68
CA HIS C 399 16.56 5.54 56.04
C HIS C 399 16.92 7.02 56.02
N LYS C 400 16.36 7.76 56.97
CA LYS C 400 16.59 9.21 57.03
C LYS C 400 18.07 9.55 57.20
N ASP C 401 18.87 8.63 57.73
CA ASP C 401 20.26 8.89 58.03
C ASP C 401 21.22 8.34 56.97
N GLY C 402 20.70 7.79 55.89
CA GLY C 402 21.52 7.31 54.79
C GLY C 402 21.52 5.78 54.74
N GLY C 403 22.29 5.28 53.77
CA GLY C 403 22.35 3.84 53.57
C GLY C 403 23.09 3.11 54.66
N ALA C 404 24.22 3.66 55.12
CA ALA C 404 24.97 3.03 56.20
C ALA C 404 24.07 2.80 57.42
N ALA C 405 23.37 3.85 57.87
CA ALA C 405 22.46 3.67 58.99
C ALA C 405 21.39 2.63 58.67
N GLY C 406 20.86 2.66 57.45
CA GLY C 406 19.84 1.69 57.08
C GLY C 406 20.34 0.27 57.19
N ALA C 407 21.61 0.04 56.83
CA ALA C 407 22.19 -1.29 56.95
C ALA C 407 22.28 -1.72 58.40
N LYS C 408 22.79 -0.83 59.28
CA LYS C 408 22.87 -1.16 60.69
C LYS C 408 21.50 -1.47 61.26
N SER C 409 20.49 -0.68 60.89
CA SER C 409 19.14 -0.92 61.39
C SER C 409 18.65 -2.31 61.00
N LEU C 410 18.94 -2.73 59.77
CA LEU C 410 18.51 -4.05 59.32
C LEU C 410 19.20 -5.16 60.11
N ARG C 411 20.52 -5.03 60.30
CA ARG C 411 21.23 -6.02 61.11
C ARG C 411 20.73 -6.00 62.54
N GLN C 412 20.66 -4.81 63.15
CA GLN C 412 20.19 -4.70 64.53
C GLN C 412 18.82 -5.34 64.68
N ALA C 413 17.92 -5.11 63.73
CA ALA C 413 16.57 -5.70 63.82
C ALA C 413 16.65 -7.22 63.77
N SER C 414 17.58 -7.75 62.98
CA SER C 414 17.70 -9.20 62.86
C SER C 414 18.25 -9.81 64.15
N LEU C 415 19.33 -9.23 64.69
CA LEU C 415 19.82 -9.66 65.98
C LEU C 415 18.71 -9.61 67.01
N ALA C 416 17.97 -8.50 67.05
CA ALA C 416 16.85 -8.38 67.99
C ALA C 416 15.95 -9.60 67.94
N TRP C 417 15.61 -10.07 66.73
CA TRP C 417 14.74 -11.23 66.62
C TRP C 417 15.46 -12.52 67.03
N GLN C 418 16.74 -12.65 66.66
CA GLN C 418 17.46 -13.89 66.95
C GLN C 418 17.68 -14.12 68.44
N GLN C 419 17.67 -13.06 69.25
CA GLN C 419 17.78 -13.20 70.70
C GLN C 419 16.46 -12.97 71.42
N GLY C 420 15.35 -12.89 70.69
CA GLY C 420 14.05 -12.78 71.31
C GLY C 420 13.77 -11.46 71.99
N VAL C 421 14.44 -10.39 71.58
CA VAL C 421 14.23 -9.06 72.14
C VAL C 421 13.25 -8.31 71.25
N ASP C 422 12.20 -7.75 71.86
CA ASP C 422 11.25 -6.94 71.11
C ASP C 422 11.98 -5.80 70.40
N LEU C 423 11.51 -5.48 69.20
CA LEU C 423 12.22 -4.50 68.37
C LEU C 423 12.29 -3.14 69.05
N LEU C 424 11.17 -2.69 69.65
CA LEU C 424 11.16 -1.37 70.29
C LEU C 424 12.13 -1.33 71.46
N ASP C 425 12.14 -2.38 72.30
CA ASP C 425 13.11 -2.44 73.40
C ASP C 425 14.54 -2.45 72.88
N TYR C 426 14.76 -3.06 71.70
CA TYR C 426 16.09 -3.07 71.11
C TYR C 426 16.49 -1.70 70.59
N ALA C 427 15.52 -0.91 70.11
CA ALA C 427 15.81 0.41 69.58
C ALA C 427 16.24 1.38 70.67
N LYS C 428 15.87 1.12 71.93
CA LYS C 428 16.23 2.04 73.01
C LYS C 428 17.74 2.20 73.13
N GLU C 429 18.51 1.18 72.76
CA GLU C 429 19.95 1.18 72.92
C GLU C 429 20.67 1.01 71.59
N HIS C 430 20.02 1.38 70.49
CA HIS C 430 20.63 1.31 69.16
C HIS C 430 20.05 2.43 68.31
N PRO C 431 20.75 3.56 68.21
CA PRO C 431 20.16 4.71 67.50
C PRO C 431 19.81 4.42 66.04
N GLU C 432 20.63 3.64 65.35
CA GLU C 432 20.35 3.33 63.95
C GLU C 432 19.00 2.64 63.81
N LEU C 433 18.71 1.67 64.68
CA LEU C 433 17.41 1.02 64.65
C LEU C 433 16.30 2.00 65.02
N ALA C 434 16.55 2.87 66.00
CA ALA C 434 15.55 3.86 66.36
C ALA C 434 15.20 4.76 65.18
N GLY C 435 16.20 5.14 64.39
CA GLY C 435 15.94 5.99 63.24
C GLY C 435 15.07 5.32 62.20
N ALA C 436 15.09 3.98 62.14
CA ALA C 436 14.25 3.26 61.19
C ALA C 436 12.77 3.50 61.46
N PHE C 437 12.39 3.66 62.73
CA PHE C 437 11.00 3.94 63.05
C PHE C 437 10.56 5.28 62.49
N GLU C 438 11.39 6.31 62.65
CA GLU C 438 11.03 7.64 62.14
C GLU C 438 11.09 7.68 60.61
N SER C 439 11.95 6.86 60.00
CA SER C 439 12.06 6.87 58.55
C SER C 439 10.82 6.31 57.88
N PHE C 440 10.14 5.37 58.54
CA PHE C 440 8.95 4.72 58.00
C PHE C 440 7.86 4.79 59.05
N PRO C 441 7.25 5.97 59.24
CA PRO C 441 6.27 6.09 60.32
C PRO C 441 4.96 5.37 60.04
N LYS C 442 4.56 5.25 58.77
CA LYS C 442 3.36 4.49 58.46
C LYS C 442 3.49 3.04 58.90
N ASP C 443 4.69 2.48 58.77
CA ASP C 443 4.92 1.12 59.23
C ASP C 443 5.08 1.05 60.75
N ALA C 444 5.75 2.04 61.35
CA ALA C 444 5.91 2.06 62.79
C ALA C 444 4.57 2.15 63.49
N ASP C 445 3.65 2.94 62.93
CA ASP C 445 2.33 3.08 63.54
C ASP C 445 1.58 1.76 63.56
N ALA C 446 1.70 0.97 62.48
CA ALA C 446 0.92 -0.26 62.36
C ALA C 446 1.53 -1.39 63.19
N LEU C 447 2.85 -1.57 63.11
CA LEU C 447 3.50 -2.69 63.74
C LEU C 447 3.96 -2.41 65.17
N TYR C 448 4.16 -1.14 65.52
CA TYR C 448 4.59 -0.76 66.87
C TYR C 448 3.90 0.55 67.24
N PRO C 449 2.59 0.49 67.53
CA PRO C 449 1.82 1.74 67.70
C PRO C 449 2.43 2.73 68.68
N ASN C 450 2.92 2.26 69.82
CA ASN C 450 3.46 3.13 70.87
C ASN C 450 4.94 3.39 70.71
N TRP C 451 5.44 3.50 69.47
CA TRP C 451 6.87 3.69 69.27
C TRP C 451 7.33 5.10 69.65
N ARG C 452 6.47 6.10 69.45
CA ARG C 452 6.84 7.46 69.80
C ARG C 452 6.99 7.62 71.31
N GLU C 453 6.00 7.23 72.11
CA GLU C 453 6.06 7.42 73.60
C GLU C 453 6.82 6.22 74.21
N LYS C 454 8.16 6.12 74.02
CA LYS C 454 9.04 5.03 74.55
C LYS C 454 10.52 5.31 74.19
N ASP D 2 2.19 8.23 46.68
CA ASP D 2 1.80 8.80 45.40
C ASP D 2 3.01 9.39 44.68
N GLN D 3 3.39 8.77 43.57
CA GLN D 3 4.52 9.21 42.74
C GLN D 3 4.06 9.70 41.38
N SER D 4 2.84 10.24 41.30
CA SER D 4 2.28 10.62 40.01
C SER D 4 2.95 11.88 39.45
N ASN D 5 3.32 12.82 40.32
CA ASN D 5 3.94 14.05 39.83
C ASN D 5 5.22 13.77 39.06
N ARG D 6 5.92 12.69 39.39
CA ARG D 6 7.22 12.40 38.78
C ARG D 6 7.11 11.47 37.58
N TYR D 7 6.32 10.41 37.69
CA TYR D 7 6.29 9.36 36.67
C TYR D 7 5.09 9.46 35.74
N ALA D 8 4.31 10.52 35.83
CA ALA D 8 3.16 10.72 34.96
C ALA D 8 3.25 12.10 34.33
N ASN D 9 3.09 12.15 32.99
CA ASN D 9 3.09 13.40 32.24
C ASN D 9 2.05 13.24 31.11
N LEU D 10 0.77 13.38 31.48
CA LEU D 10 -0.30 13.21 30.51
C LEU D 10 -0.37 14.35 29.50
N SER D 11 0.43 15.40 29.68
CA SER D 11 0.51 16.47 28.70
C SER D 11 1.34 16.08 27.48
N LEU D 12 2.05 14.96 27.53
CA LEU D 12 2.82 14.51 26.38
C LEU D 12 1.89 13.90 25.33
N ARG D 13 2.19 14.19 24.07
CA ARG D 13 1.41 13.66 22.95
C ARG D 13 2.14 12.47 22.34
N GLU D 14 1.37 11.42 22.04
CA GLU D 14 1.97 10.20 21.49
C GLU D 14 2.70 10.47 20.18
N GLU D 15 2.14 11.36 19.35
CA GLU D 15 2.76 11.63 18.05
C GLU D 15 4.12 12.29 18.21
N ASP D 16 4.29 13.13 19.24
CA ASP D 16 5.60 13.71 19.49
C ASP D 16 6.58 12.67 20.01
N LEU D 17 6.11 11.78 20.91
CA LEU D 17 7.01 10.77 21.46
C LEU D 17 7.47 9.81 20.37
N ILE D 18 6.61 9.51 19.40
CA ILE D 18 7.02 8.67 18.28
C ILE D 18 8.00 9.41 17.39
N ALA D 19 7.64 10.64 17.00
CA ALA D 19 8.50 11.41 16.11
C ALA D 19 9.88 11.63 16.71
N GLY D 20 9.94 11.80 18.03
CA GLY D 20 11.23 11.96 18.67
C GLY D 20 12.15 10.77 18.49
N GLY D 21 11.57 9.57 18.47
CA GLY D 21 12.36 8.37 18.24
C GLY D 21 13.27 7.98 19.37
N LYS D 22 12.97 8.43 20.59
CA LYS D 22 13.83 8.18 21.73
C LYS D 22 13.09 7.48 22.88
N HIS D 23 11.93 6.91 22.60
CA HIS D 23 11.17 6.20 23.61
C HIS D 23 10.59 4.91 23.04
N VAL D 24 10.61 3.86 23.84
CA VAL D 24 9.89 2.64 23.54
C VAL D 24 8.53 2.74 24.22
N LEU D 25 7.47 2.74 23.44
CA LEU D 25 6.12 2.89 23.97
C LEU D 25 5.48 1.52 24.18
N CYS D 26 4.73 1.40 25.27
CA CYS D 26 4.04 0.17 25.60
C CYS D 26 2.63 0.47 26.03
N ALA D 27 1.66 -0.22 25.44
CA ALA D 27 0.25 -0.04 25.75
C ALA D 27 -0.19 -1.22 26.60
N TYR D 28 -0.59 -0.94 27.84
CA TYR D 28 -1.02 -1.96 28.78
C TYR D 28 -2.52 -1.90 29.00
N ILE D 29 -3.11 -3.06 29.32
CA ILE D 29 -4.46 -3.17 29.84
C ILE D 29 -4.30 -3.47 31.33
N MET D 30 -4.53 -2.47 32.18
CA MET D 30 -4.22 -2.56 33.60
C MET D 30 -5.43 -2.16 34.43
N LYS D 31 -5.58 -2.81 35.57
CA LYS D 31 -6.61 -2.49 36.57
C LYS D 31 -5.95 -2.49 37.94
N PRO D 32 -6.06 -1.41 38.70
CA PRO D 32 -5.51 -1.41 40.07
C PRO D 32 -6.35 -2.29 40.98
N LYS D 33 -5.77 -2.56 42.16
CA LYS D 33 -6.51 -3.25 43.21
C LYS D 33 -7.44 -2.27 43.90
N ALA D 34 -8.37 -2.82 44.70
CA ALA D 34 -9.33 -1.99 45.40
C ALA D 34 -8.63 -1.08 46.40
N GLY D 35 -9.05 0.18 46.42
CA GLY D 35 -8.48 1.17 47.31
C GLY D 35 -7.29 1.92 46.77
N TYR D 36 -6.97 1.75 45.48
CA TYR D 36 -5.84 2.40 44.86
C TYR D 36 -6.31 3.17 43.63
N GLY D 37 -5.87 4.41 43.50
CA GLY D 37 -6.24 5.20 42.34
C GLY D 37 -5.59 4.69 41.07
N TYR D 38 -6.19 5.06 39.93
CA TYR D 38 -5.69 4.57 38.66
C TYR D 38 -4.36 5.23 38.29
N LEU D 39 -4.33 6.57 38.27
CA LEU D 39 -3.10 7.25 37.88
C LEU D 39 -1.98 7.03 38.89
N GLU D 40 -2.31 7.08 40.19
CA GLU D 40 -1.32 6.76 41.20
C GLU D 40 -0.76 5.35 40.98
N SER D 41 -1.62 4.41 40.61
CA SER D 41 -1.17 3.05 40.35
C SER D 41 -0.31 2.99 39.09
N ALA D 42 -0.72 3.69 38.04
CA ALA D 42 0.08 3.72 36.81
C ALA D 42 1.46 4.31 37.06
N ALA D 43 1.53 5.38 37.86
CA ALA D 43 2.81 6.01 38.15
C ALA D 43 3.72 5.06 38.92
N HIS D 44 3.16 4.33 39.89
CA HIS D 44 3.96 3.32 40.60
C HIS D 44 4.39 2.20 39.66
N PHE D 45 3.46 1.76 38.79
CA PHE D 45 3.82 0.80 37.75
C PHE D 45 5.03 1.28 36.95
N ALA D 46 4.97 2.52 36.46
CA ALA D 46 6.08 3.06 35.68
C ALA D 46 7.34 3.18 36.52
N ALA D 47 7.20 3.48 37.81
CA ALA D 47 8.37 3.62 38.67
C ALA D 47 9.08 2.28 38.85
N GLU D 48 8.34 1.24 39.26
CA GLU D 48 8.94 -0.07 39.43
C GLU D 48 9.35 -0.71 38.10
N SER D 49 9.06 -0.08 36.97
CA SER D 49 9.48 -0.56 35.67
C SER D 49 10.58 0.30 35.06
N SER D 50 11.22 1.15 35.86
CA SER D 50 12.28 2.03 35.35
C SER D 50 13.31 2.35 36.41
N THR D 51 13.02 3.34 37.26
CA THR D 51 14.03 3.89 38.15
C THR D 51 13.64 3.89 39.63
N GLY D 52 12.36 3.69 39.96
CA GLY D 52 11.87 3.94 41.29
C GLY D 52 11.56 2.69 42.09
N THR D 53 11.07 2.94 43.30
CA THR D 53 10.65 1.89 44.23
C THR D 53 9.32 2.33 44.82
N ASN D 54 8.98 1.83 46.00
CA ASN D 54 7.75 2.21 46.69
C ASN D 54 7.97 3.29 47.75
N VAL D 55 9.21 3.78 47.89
CA VAL D 55 9.53 4.86 48.81
C VAL D 55 10.63 5.70 48.19
N GLU D 56 10.84 6.90 48.75
CA GLU D 56 11.91 7.77 48.29
C GLU D 56 13.24 7.32 48.90
N VAL D 57 14.31 7.42 48.12
CA VAL D 57 15.64 7.03 48.56
C VAL D 57 16.57 8.23 48.46
N CYS D 58 17.58 8.24 49.33
CA CYS D 58 18.49 9.39 49.41
C CYS D 58 19.45 9.47 48.23
N THR D 59 19.48 8.48 47.36
CA THR D 59 20.46 8.42 46.28
C THR D 59 19.94 8.96 44.96
N THR D 60 18.66 9.29 44.86
CA THR D 60 18.10 9.78 43.60
C THR D 60 18.66 11.17 43.30
N ASP D 61 19.00 11.39 42.02
CA ASP D 61 19.52 12.67 41.55
C ASP D 61 18.72 13.09 40.32
N ASP D 62 19.04 14.29 39.81
CA ASP D 62 18.31 14.81 38.66
C ASP D 62 18.53 13.94 37.42
N PHE D 63 19.73 13.37 37.26
CA PHE D 63 19.97 12.51 36.11
C PHE D 63 19.05 11.30 36.13
N THR D 64 18.88 10.68 37.31
CA THR D 64 17.97 9.55 37.43
C THR D 64 16.58 9.92 36.93
N ARG D 65 16.12 11.13 37.24
CA ARG D 65 14.79 11.55 36.82
C ARG D 65 14.68 11.75 35.32
N GLY D 66 15.81 11.93 34.63
CA GLY D 66 15.76 12.15 33.20
C GLY D 66 15.43 10.90 32.39
N VAL D 67 15.71 9.73 32.95
CA VAL D 67 15.46 8.47 32.28
C VAL D 67 14.19 7.78 32.80
N ASP D 68 13.47 8.42 33.72
CA ASP D 68 12.24 7.86 34.25
C ASP D 68 11.30 7.47 33.10
N ALA D 69 10.69 6.29 33.20
CA ALA D 69 9.57 5.96 32.36
C ALA D 69 8.36 6.78 32.78
N LEU D 70 7.56 7.22 31.82
CA LEU D 70 6.49 8.17 32.08
C LEU D 70 5.17 7.65 31.54
N VAL D 71 4.14 7.73 32.37
CA VAL D 71 2.77 7.48 31.93
C VAL D 71 2.29 8.72 31.19
N TYR D 72 1.99 8.57 29.89
CA TYR D 72 1.59 9.69 29.06
C TYR D 72 0.15 9.60 28.55
N GLU D 73 -0.58 8.55 28.93
CA GLU D 73 -1.96 8.40 28.51
C GLU D 73 -2.64 7.34 29.35
N ILE D 74 -3.88 7.61 29.76
CA ILE D 74 -4.67 6.66 30.53
C ILE D 74 -6.12 6.76 30.10
N ASP D 75 -6.87 5.68 30.34
CA ASP D 75 -8.31 5.61 30.08
C ASP D 75 -8.89 4.62 31.12
N GLU D 76 -9.17 5.15 32.30
CA GLU D 76 -9.60 4.29 33.42
C GLU D 76 -10.82 3.47 33.03
N ALA D 77 -11.78 4.07 32.33
CA ALA D 77 -12.98 3.33 31.94
C ALA D 77 -12.64 2.15 31.05
N ASN D 78 -11.56 2.26 30.26
CA ASN D 78 -11.13 1.19 29.37
C ASN D 78 -9.93 0.45 29.91
N GLU D 79 -9.46 0.77 31.12
CA GLU D 79 -8.33 0.09 31.74
C GLU D 79 -7.07 0.16 30.87
N LEU D 80 -6.89 1.27 30.18
CA LEU D 80 -5.75 1.47 29.30
C LEU D 80 -4.70 2.34 29.97
N MET D 81 -3.43 2.00 29.74
CA MET D 81 -2.31 2.77 30.28
C MET D 81 -1.15 2.63 29.31
N LYS D 82 -0.56 3.77 28.93
CA LYS D 82 0.59 3.79 28.03
C LYS D 82 1.78 4.40 28.76
N ILE D 83 2.92 3.74 28.67
CA ILE D 83 4.16 4.18 29.31
C ILE D 83 5.24 4.36 28.24
N ALA D 84 6.01 5.43 28.36
CA ALA D 84 7.11 5.72 27.46
C ALA D 84 8.43 5.44 28.17
N TYR D 85 9.23 4.54 27.60
CA TYR D 85 10.49 4.15 28.20
C TYR D 85 11.63 4.81 27.44
N PRO D 86 12.38 5.73 28.05
CA PRO D 86 13.57 6.27 27.37
C PRO D 86 14.51 5.14 26.97
N VAL D 87 15.02 5.22 25.74
CA VAL D 87 15.81 4.12 25.18
C VAL D 87 17.06 3.86 26.00
N ASP D 88 17.60 4.88 26.66
CA ASP D 88 18.83 4.71 27.43
C ASP D 88 18.65 3.79 28.63
N LEU D 89 17.43 3.36 28.94
CA LEU D 89 17.21 2.49 30.08
C LEU D 89 17.67 1.06 29.83
N PHE D 90 17.77 0.65 28.58
CA PHE D 90 17.90 -0.77 28.25
C PHE D 90 19.36 -1.19 28.14
N ASP D 91 19.62 -2.43 28.55
CA ASP D 91 20.97 -2.95 28.64
C ASP D 91 21.58 -3.18 27.26
N ARG D 92 22.91 -3.21 27.23
CA ARG D 92 23.67 -3.34 26.00
C ARG D 92 24.81 -4.33 26.21
N ASN D 93 25.14 -5.07 25.16
CA ASN D 93 26.20 -6.05 25.24
C ASN D 93 27.56 -5.37 25.33
N ILE D 94 28.41 -5.87 26.22
CA ILE D 94 29.78 -5.37 26.27
C ILE D 94 30.64 -5.94 25.15
N ILE D 95 30.23 -7.05 24.54
CA ILE D 95 31.06 -7.64 23.49
C ILE D 95 30.84 -6.97 22.15
N ASP D 96 29.62 -6.45 21.90
CA ASP D 96 29.34 -5.86 20.61
C ASP D 96 28.35 -4.70 20.68
N GLY D 97 27.92 -4.28 21.87
CA GLY D 97 27.05 -3.14 21.98
C GLY D 97 25.65 -3.32 21.43
N ARG D 98 25.26 -4.53 21.08
CA ARG D 98 23.93 -4.77 20.55
C ARG D 98 22.90 -4.80 21.68
N ALA D 99 21.63 -4.68 21.30
CA ALA D 99 20.54 -4.71 22.26
C ALA D 99 20.21 -6.16 22.65
N MET D 100 19.38 -6.30 23.66
CA MET D 100 19.02 -7.61 24.19
C MET D 100 17.56 -7.59 24.62
N LEU D 101 16.82 -8.62 24.23
CA LEU D 101 15.39 -8.67 24.55
C LEU D 101 15.15 -8.88 26.04
N ALA D 102 16.06 -9.58 26.72
CA ALA D 102 15.88 -9.85 28.14
C ALA D 102 15.77 -8.56 28.95
N SER D 103 16.46 -7.50 28.52
CA SER D 103 16.37 -6.23 29.22
C SER D 103 15.01 -5.58 29.03
N PHE D 104 14.46 -5.63 27.82
CA PHE D 104 13.12 -5.08 27.60
C PHE D 104 12.09 -5.82 28.44
N LEU D 105 12.17 -7.15 28.48
CA LEU D 105 11.24 -7.92 29.30
C LEU D 105 11.45 -7.64 30.78
N THR D 106 12.70 -7.54 31.22
CA THR D 106 12.96 -7.28 32.63
C THR D 106 12.28 -6.00 33.09
N LEU D 107 12.26 -4.98 32.24
CA LEU D 107 11.69 -3.70 32.61
C LEU D 107 10.20 -3.62 32.31
N ALA D 108 9.81 -3.92 31.07
CA ALA D 108 8.43 -3.66 30.64
C ALA D 108 7.45 -4.65 31.24
N ILE D 109 7.88 -5.86 31.57
CA ILE D 109 6.98 -6.89 32.04
C ILE D 109 7.66 -7.76 33.09
N GLY D 110 8.49 -7.14 33.93
CA GLY D 110 9.23 -7.86 34.94
C GLY D 110 8.60 -7.78 36.32
N ASN D 111 9.23 -7.01 37.21
CA ASN D 111 8.74 -6.91 38.58
C ASN D 111 7.34 -6.34 38.66
N ASN D 112 6.89 -5.61 37.62
CA ASN D 112 5.55 -5.02 37.66
C ASN D 112 4.44 -6.05 37.60
N GLN D 113 4.76 -7.31 37.30
CA GLN D 113 3.77 -8.37 37.28
C GLN D 113 3.54 -8.98 38.65
N GLY D 114 4.14 -8.43 39.70
CA GLY D 114 3.96 -8.96 41.04
C GLY D 114 3.63 -7.91 42.08
N MET D 115 3.32 -6.70 41.63
CA MET D 115 2.97 -5.65 42.58
C MET D 115 1.65 -5.95 43.26
N GLY D 116 1.56 -5.62 44.55
CA GLY D 116 0.34 -5.90 45.29
C GLY D 116 -0.80 -4.95 45.01
N ASP D 117 -0.48 -3.71 44.66
CA ASP D 117 -1.51 -2.70 44.40
C ASP D 117 -2.06 -2.77 42.97
N ILE D 118 -1.68 -3.78 42.20
CA ILE D 118 -2.14 -3.95 40.83
C ILE D 118 -2.84 -5.30 40.73
N GLU D 119 -4.07 -5.30 40.20
CA GLU D 119 -4.77 -6.55 40.00
C GLU D 119 -4.20 -7.32 38.81
N TYR D 120 -3.93 -6.63 37.71
CA TYR D 120 -3.32 -7.25 36.54
C TYR D 120 -2.86 -6.17 35.59
N ALA D 121 -1.96 -6.54 34.68
CA ALA D 121 -1.48 -5.64 33.64
C ALA D 121 -0.88 -6.48 32.53
N LYS D 122 -1.29 -6.21 31.28
CA LYS D 122 -0.87 -7.01 30.13
C LYS D 122 -0.53 -6.10 28.97
N ILE D 123 0.59 -6.39 28.31
CA ILE D 123 1.01 -5.62 27.14
C ILE D 123 0.21 -6.09 25.93
N HIS D 124 -0.39 -5.12 25.22
CA HIS D 124 -1.11 -5.42 23.99
C HIS D 124 -0.43 -4.85 22.75
N ASP D 125 0.49 -3.91 22.91
CA ASP D 125 1.26 -3.41 21.79
C ASP D 125 2.53 -2.75 22.31
N VAL D 126 3.50 -2.58 21.42
CA VAL D 126 4.76 -1.93 21.77
C VAL D 126 5.35 -1.35 20.49
N TYR D 127 5.84 -0.11 20.59
CA TYR D 127 6.51 0.56 19.49
C TYR D 127 8.01 0.63 19.77
N PHE D 128 8.81 0.16 18.80
CA PHE D 128 10.25 0.24 18.91
C PHE D 128 10.76 1.33 18.00
N PRO D 129 11.43 2.36 18.51
CA PRO D 129 11.95 3.42 17.64
C PRO D 129 13.13 2.92 16.83
N PRO D 130 13.46 3.58 15.71
CA PRO D 130 14.55 3.06 14.86
C PRO D 130 15.86 2.86 15.60
N CYS D 131 16.27 3.82 16.44
CA CYS D 131 17.55 3.71 17.12
C CYS D 131 17.61 2.52 18.08
N TYR D 132 16.46 2.03 18.55
CA TYR D 132 16.41 0.84 19.39
C TYR D 132 16.32 -0.43 18.55
N LEU D 133 15.31 -0.51 17.68
CA LEU D 133 15.15 -1.68 16.82
C LEU D 133 16.40 -1.96 16.03
N ARG D 134 17.15 -0.92 15.66
CA ARG D 134 18.37 -1.07 14.88
C ARG D 134 19.41 -1.92 15.58
N LEU D 135 19.36 -2.01 16.90
CA LEU D 135 20.39 -2.71 17.67
C LEU D 135 20.11 -4.20 17.86
N PHE D 136 19.00 -4.70 17.34
CA PHE D 136 18.62 -6.09 17.52
C PHE D 136 19.05 -6.94 16.32
N ASP D 137 19.29 -8.22 16.60
CA ASP D 137 19.84 -9.12 15.58
C ASP D 137 18.93 -9.18 14.36
N GLY D 138 17.63 -9.32 14.57
CA GLY D 138 16.70 -9.48 13.49
C GLY D 138 16.89 -10.82 12.78
N PRO D 139 15.94 -11.22 11.95
CA PRO D 139 16.05 -12.50 11.26
C PRO D 139 17.19 -12.50 10.25
N ALA D 140 17.81 -13.66 10.10
CA ALA D 140 18.84 -13.88 9.11
C ALA D 140 18.36 -14.71 7.94
N MET D 141 17.28 -15.47 8.10
CA MET D 141 16.73 -16.29 7.03
C MET D 141 15.22 -16.22 7.11
N ASN D 142 14.57 -16.83 6.10
CA ASN D 142 13.15 -16.64 5.85
C ASN D 142 12.65 -17.84 5.07
N ILE D 143 11.33 -17.88 4.84
CA ILE D 143 10.76 -18.86 3.92
C ILE D 143 11.38 -18.71 2.53
N VAL D 144 11.90 -17.52 2.20
CA VAL D 144 12.59 -17.32 0.93
C VAL D 144 13.73 -18.33 0.78
N ASP D 145 14.41 -18.65 1.89
CA ASP D 145 15.51 -19.60 1.82
C ASP D 145 15.01 -21.01 1.53
N MET D 146 13.83 -21.36 2.03
CA MET D 146 13.25 -22.65 1.67
C MET D 146 12.79 -22.65 0.22
N TRP D 147 12.13 -21.57 -0.22
CA TRP D 147 11.73 -21.47 -1.63
C TRP D 147 12.93 -21.63 -2.56
N ARG D 148 14.09 -21.07 -2.17
CA ARG D 148 15.28 -21.19 -2.99
C ARG D 148 15.74 -22.63 -3.11
N VAL D 149 15.81 -23.34 -1.98
CA VAL D 149 16.21 -24.74 -2.02
C VAL D 149 15.19 -25.57 -2.78
N LEU D 150 13.91 -25.23 -2.64
CA LEU D 150 12.85 -25.94 -3.35
C LEU D 150 12.71 -25.48 -4.80
N GLU D 151 13.49 -24.50 -5.23
CA GLU D 151 13.46 -24.00 -6.60
C GLU D 151 12.06 -23.47 -6.94
N ARG D 152 11.50 -22.68 -6.03
CA ARG D 152 10.23 -22.02 -6.19
C ARG D 152 10.44 -20.52 -6.34
N PRO D 153 9.42 -19.77 -6.74
CA PRO D 153 9.54 -18.31 -6.81
C PRO D 153 10.00 -17.75 -5.48
N LEU D 154 11.00 -16.86 -5.54
CA LEU D 154 11.53 -16.24 -4.34
C LEU D 154 10.61 -15.15 -3.80
N VAL D 155 9.58 -14.78 -4.55
CA VAL D 155 8.51 -13.91 -4.06
C VAL D 155 7.19 -14.60 -4.38
N ASP D 156 6.35 -14.77 -3.36
CA ASP D 156 5.09 -15.49 -3.53
C ASP D 156 5.34 -16.91 -4.01
N GLY D 157 6.27 -17.60 -3.33
CA GLY D 157 6.64 -18.94 -3.72
C GLY D 157 5.61 -20.01 -3.36
N GLY D 158 4.58 -19.65 -2.60
CA GLY D 158 3.52 -20.58 -2.28
C GLY D 158 3.73 -21.24 -0.92
N MET D 159 2.75 -22.07 -0.57
CA MET D 159 2.77 -22.76 0.71
C MET D 159 3.84 -23.85 0.72
N VAL D 160 4.54 -23.96 1.84
CA VAL D 160 5.46 -25.08 2.08
C VAL D 160 4.66 -26.17 2.77
N VAL D 161 4.45 -27.28 2.07
CA VAL D 161 3.64 -28.38 2.58
C VAL D 161 4.46 -29.14 3.61
N GLY D 162 4.06 -29.08 4.88
CA GLY D 162 4.80 -29.68 5.96
C GLY D 162 3.91 -30.48 6.90
N THR D 163 4.55 -31.15 7.85
CA THR D 163 3.85 -31.91 8.86
C THR D 163 4.72 -32.02 10.10
N ILE D 164 4.13 -32.55 11.16
CA ILE D 164 4.83 -32.87 12.40
C ILE D 164 4.77 -34.39 12.57
N ILE D 165 5.92 -35.00 12.84
CA ILE D 165 5.94 -36.44 13.08
C ILE D 165 5.11 -36.75 14.32
N LYS D 166 4.04 -37.51 14.13
CA LYS D 166 3.21 -38.02 15.20
C LYS D 166 3.34 -39.55 15.25
N PRO D 167 3.23 -40.17 16.44
CA PRO D 167 3.08 -39.67 17.81
C PRO D 167 4.06 -38.60 18.24
N LYS D 168 3.58 -37.67 19.08
CA LYS D 168 4.46 -36.65 19.63
C LYS D 168 5.71 -37.26 20.23
N LEU D 169 5.56 -38.35 20.97
CA LEU D 169 6.68 -39.13 21.46
C LEU D 169 6.28 -40.60 21.46
N GLY D 170 7.28 -41.47 21.29
CA GLY D 170 7.04 -42.90 21.33
C GLY D 170 7.56 -43.65 20.13
N LEU D 171 7.68 -42.97 18.99
CA LEU D 171 8.20 -43.60 17.79
C LEU D 171 9.69 -43.86 17.95
N ARG D 172 10.11 -45.11 17.80
CA ARG D 172 11.51 -45.48 17.86
C ARG D 172 12.18 -45.10 16.55
N PRO D 173 13.51 -45.15 16.48
CA PRO D 173 14.19 -44.61 15.29
C PRO D 173 13.71 -45.20 13.98
N GLU D 174 13.55 -46.52 13.89
CA GLU D 174 13.20 -47.11 12.61
C GLU D 174 11.82 -46.69 12.13
N PRO D 175 10.74 -46.83 12.90
CA PRO D 175 9.44 -46.33 12.42
C PRO D 175 9.43 -44.82 12.23
N PHE D 176 10.22 -44.07 13.00
CA PHE D 176 10.28 -42.63 12.82
C PHE D 176 10.75 -42.27 11.42
N ALA D 177 11.92 -42.78 11.02
CA ALA D 177 12.44 -42.49 9.69
C ALA D 177 11.53 -43.05 8.61
N ALA D 178 10.83 -44.16 8.90
CA ALA D 178 9.89 -44.69 7.92
C ALA D 178 8.76 -43.70 7.65
N ALA D 179 8.22 -43.08 8.71
CA ALA D 179 7.17 -42.09 8.52
C ALA D 179 7.70 -40.84 7.84
N CYS D 180 8.95 -40.46 8.10
CA CYS D 180 9.55 -39.33 7.41
C CYS D 180 9.57 -39.57 5.90
N TYR D 181 10.09 -40.74 5.50
CA TYR D 181 10.14 -41.07 4.07
C TYR D 181 8.76 -41.01 3.43
N GLN D 182 7.75 -41.54 4.11
CA GLN D 182 6.41 -41.59 3.54
C GLN D 182 5.88 -40.18 3.26
N PHE D 183 5.95 -39.30 4.26
CA PHE D 183 5.43 -37.94 4.05
C PHE D 183 6.20 -37.22 2.96
N TRP D 184 7.53 -37.35 2.95
CA TRP D 184 8.33 -36.64 1.97
C TRP D 184 8.06 -37.11 0.55
N LEU D 185 7.42 -38.28 0.39
CA LEU D 185 7.02 -38.72 -0.94
C LEU D 185 5.97 -37.80 -1.56
N GLY D 186 5.25 -37.03 -0.74
CA GLY D 186 4.26 -36.12 -1.24
C GLY D 186 4.32 -34.73 -0.62
N GLY D 187 5.22 -34.56 0.36
CA GLY D 187 5.34 -33.32 1.08
C GLY D 187 6.74 -32.74 0.97
N ASP D 188 6.90 -31.53 1.52
CA ASP D 188 8.14 -30.77 1.44
C ASP D 188 8.91 -30.74 2.75
N PHE D 189 8.23 -30.61 3.89
CA PHE D 189 8.83 -30.16 5.13
C PHE D 189 8.36 -31.05 6.28
N ILE D 190 9.30 -31.45 7.12
CA ILE D 190 8.98 -32.21 8.32
C ILE D 190 9.66 -31.55 9.51
N KCX D 191 8.94 -31.43 10.62
CA KCX D 191 9.52 -30.88 11.82
CB KCX D 191 8.84 -29.57 12.23
CG KCX D 191 7.42 -29.81 12.71
CD KCX D 191 6.74 -28.47 13.05
CE KCX D 191 7.27 -27.90 14.37
NZ KCX D 191 7.00 -28.82 15.46
C KCX D 191 9.40 -31.89 12.97
O KCX D 191 8.40 -32.65 13.04
CX KCX D 191 5.77 -28.73 16.21
OQ1 KCX D 191 4.89 -27.88 15.93
OQ2 KCX D 191 5.55 -29.54 17.15
HA KCX D 191 10.46 -30.68 11.66
HB2 KCX D 191 8.81 -28.99 11.44
HB3 KCX D 191 9.35 -29.15 12.93
HG2 KCX D 191 7.44 -30.37 13.51
HG3 KCX D 191 6.90 -30.25 12.02
HD2 KCX D 191 5.79 -28.61 13.13
HD3 KCX D 191 6.92 -27.84 12.34
HE2 KCX D 191 6.84 -27.05 14.55
HE3 KCX D 191 8.23 -27.77 14.30
HZ KCX D 191 7.58 -29.41 15.67
N ASN D 192 10.40 -31.92 13.84
CA ASN D 192 10.29 -32.61 15.12
C ASN D 192 9.06 -32.04 15.83
N ASP D 193 8.25 -32.89 16.45
CA ASP D 193 7.31 -32.39 17.44
C ASP D 193 8.12 -31.73 18.55
N GLU D 194 7.50 -30.73 19.20
CA GLU D 194 8.29 -29.84 20.05
C GLU D 194 9.10 -30.53 21.13
N PRO D 195 8.71 -31.71 21.67
CA PRO D 195 9.53 -32.34 22.70
C PRO D 195 10.48 -33.43 22.20
N GLN D 196 10.48 -33.74 20.91
CA GLN D 196 11.31 -34.82 20.41
C GLN D 196 12.77 -34.38 20.36
N GLY D 197 13.65 -35.23 20.87
CA GLY D 197 15.06 -34.94 20.88
C GLY D 197 15.91 -36.18 21.07
N ASN D 198 16.30 -36.46 22.32
CA ASN D 198 17.21 -37.55 22.63
C ASN D 198 16.62 -38.45 23.71
N GLN D 199 15.34 -38.74 23.63
CA GLN D 199 14.73 -39.69 24.54
C GLN D 199 15.47 -41.02 24.48
N VAL D 200 15.48 -41.73 25.62
CA VAL D 200 16.28 -42.95 25.71
C VAL D 200 15.83 -43.97 24.68
N PHE D 201 14.55 -44.01 24.36
CA PHE D 201 14.05 -44.97 23.38
C PHE D 201 14.30 -44.54 21.93
N ALA D 202 14.78 -43.32 21.72
CA ALA D 202 15.05 -42.80 20.37
C ALA D 202 16.21 -41.82 20.43
N PRO D 203 17.43 -42.32 20.64
CA PRO D 203 18.57 -41.41 20.81
C PRO D 203 18.82 -40.59 19.55
N LEU D 204 19.27 -39.35 19.78
CA LEU D 204 19.48 -38.43 18.67
C LEU D 204 20.56 -38.94 17.72
N ARG D 205 21.66 -39.45 18.27
CA ARG D 205 22.74 -39.93 17.42
C ARG D 205 22.33 -41.11 16.56
N THR D 206 21.29 -41.86 16.96
CA THR D 206 20.81 -42.99 16.19
C THR D 206 19.77 -42.59 15.17
N ILE D 207 18.89 -41.65 15.52
CA ILE D 207 17.75 -41.35 14.66
C ILE D 207 18.13 -40.40 13.54
N MET D 208 19.03 -39.45 13.80
CA MET D 208 19.32 -38.43 12.80
C MET D 208 19.93 -39.00 11.53
N PRO D 209 20.94 -39.90 11.59
CA PRO D 209 21.40 -40.53 10.35
C PRO D 209 20.29 -41.24 9.59
N MET D 210 19.28 -41.77 10.30
CA MET D 210 18.17 -42.43 9.65
C MET D 210 17.24 -41.42 8.97
N ILE D 211 16.98 -40.30 9.63
CA ILE D 211 16.18 -39.26 9.01
C ILE D 211 16.87 -38.72 7.76
N ALA D 212 18.19 -38.53 7.84
CA ALA D 212 18.94 -38.06 6.68
C ALA D 212 18.81 -39.04 5.52
N ASP D 213 18.80 -40.34 5.82
CA ASP D 213 18.64 -41.33 4.75
C ASP D 213 17.26 -41.24 4.13
N SER D 214 16.22 -41.10 4.96
CA SER D 214 14.86 -40.93 4.42
C SER D 214 14.78 -39.71 3.51
N MET D 215 15.46 -38.62 3.88
CA MET D 215 15.46 -37.44 3.02
C MET D 215 16.13 -37.76 1.69
N ARG D 216 17.32 -38.39 1.74
CA ARG D 216 18.05 -38.68 0.51
C ARG D 216 17.24 -39.60 -0.40
N ARG D 217 16.59 -40.61 0.18
CA ARG D 217 15.78 -41.51 -0.63
C ARG D 217 14.59 -40.78 -1.25
N ALA D 218 13.80 -40.11 -0.41
CA ALA D 218 12.64 -39.40 -0.93
C ALA D 218 13.03 -38.39 -2.00
N GLN D 219 14.20 -37.77 -1.86
CA GLN D 219 14.65 -36.80 -2.87
C GLN D 219 14.96 -37.49 -4.19
N ASP D 220 15.47 -38.72 -4.14
CA ASP D 220 15.89 -39.40 -5.36
C ASP D 220 14.70 -39.90 -6.17
N GLU D 221 13.65 -40.32 -5.46
CA GLU D 221 12.45 -40.96 -6.05
C GLU D 221 11.46 -39.88 -6.51
N THR D 222 11.43 -38.71 -5.86
CA THR D 222 10.54 -37.63 -6.20
C THR D 222 11.20 -36.56 -7.05
N GLY D 223 12.54 -36.53 -7.10
CA GLY D 223 13.23 -35.49 -7.80
C GLY D 223 13.08 -34.11 -7.21
N GLN D 224 12.54 -34.00 -6.01
CA GLN D 224 12.32 -32.73 -5.35
C GLN D 224 13.13 -32.68 -4.07
N ALA D 225 13.59 -31.48 -3.71
CA ALA D 225 14.28 -31.30 -2.45
C ALA D 225 13.31 -31.44 -1.27
N LYS D 226 13.85 -31.91 -0.14
CA LYS D 226 13.06 -32.15 1.05
C LYS D 226 13.70 -31.44 2.25
N LEU D 227 12.87 -30.86 3.10
CA LEU D 227 13.33 -30.06 4.23
C LEU D 227 12.97 -30.73 5.54
N PHE D 228 13.78 -30.45 6.56
CA PHE D 228 13.58 -30.99 7.90
C PHE D 228 13.82 -29.87 8.91
N SER D 229 13.20 -30.00 10.08
CA SER D 229 13.38 -29.06 11.18
C SER D 229 13.63 -29.86 12.45
N ALA D 230 14.84 -29.75 12.99
CA ALA D 230 15.29 -30.57 14.10
C ALA D 230 15.30 -29.77 15.39
N ASN D 231 14.80 -30.38 16.46
CA ASN D 231 14.77 -29.74 17.77
C ASN D 231 16.13 -29.84 18.45
N ILE D 232 16.70 -28.69 18.82
CA ILE D 232 17.97 -28.64 19.53
C ILE D 232 17.83 -27.98 20.90
N THR D 233 16.60 -27.68 21.31
CA THR D 233 16.37 -27.04 22.60
C THR D 233 17.08 -27.79 23.72
N ALA D 234 17.69 -27.05 24.64
CA ALA D 234 18.36 -27.64 25.78
C ALA D 234 18.62 -26.55 26.81
N ASP D 235 18.82 -26.98 28.06
CA ASP D 235 19.17 -26.05 29.12
C ASP D 235 20.60 -25.52 28.92
N ASP D 236 21.52 -26.40 28.53
CA ASP D 236 22.92 -26.03 28.38
C ASP D 236 23.18 -25.55 26.97
N PRO D 237 23.61 -24.31 26.76
CA PRO D 237 23.98 -23.89 25.40
C PRO D 237 24.96 -24.84 24.73
N ALA D 238 25.87 -25.45 25.50
CA ALA D 238 26.80 -26.41 24.92
C ALA D 238 26.05 -27.61 24.33
N GLU D 239 24.95 -28.02 24.96
CA GLU D 239 24.15 -29.10 24.40
C GLU D 239 23.48 -28.67 23.09
N MET D 240 22.96 -27.44 23.05
CA MET D 240 22.39 -26.93 21.82
C MET D 240 23.43 -26.94 20.70
N TYR D 241 24.64 -26.44 20.98
CA TYR D 241 25.68 -26.41 19.96
C TYR D 241 26.04 -27.81 19.49
N ALA D 242 26.19 -28.74 20.43
CA ALA D 242 26.57 -30.10 20.06
C ALA D 242 25.51 -30.75 19.17
N ARG D 243 24.23 -30.57 19.52
CA ARG D 243 23.16 -31.10 18.70
C ARG D 243 23.20 -30.49 17.30
N GLY D 244 23.32 -29.16 17.23
CA GLY D 244 23.39 -28.52 15.93
C GLY D 244 24.55 -29.01 15.10
N GLU D 245 25.74 -29.09 15.71
CA GLU D 245 26.91 -29.54 14.98
C GLU D 245 26.70 -30.96 14.44
N PHE D 246 26.30 -31.88 15.32
CA PHE D 246 26.13 -33.27 14.90
C PHE D 246 25.11 -33.36 13.77
N ILE D 247 24.03 -32.60 13.85
CA ILE D 247 22.99 -32.67 12.82
C ILE D 247 23.52 -32.17 11.48
N LEU D 248 24.34 -31.13 11.50
CA LEU D 248 24.89 -30.59 10.25
C LEU D 248 25.85 -31.59 9.62
N GLU D 249 26.77 -32.16 10.42
CA GLU D 249 27.70 -33.15 9.89
C GLU D 249 26.95 -34.36 9.34
N THR D 250 25.86 -34.75 10.02
CA THR D 250 25.10 -35.92 9.61
C THR D 250 24.43 -35.71 8.26
N PHE D 251 23.72 -34.60 8.09
CA PHE D 251 23.04 -34.32 6.84
C PHE D 251 23.99 -33.91 5.73
N GLY D 252 25.26 -33.63 6.05
CA GLY D 252 26.28 -33.41 5.05
C GLY D 252 25.93 -32.44 3.94
N GLU D 253 25.94 -32.91 2.70
CA GLU D 253 25.69 -32.04 1.56
C GLU D 253 24.32 -31.40 1.59
N PHE D 254 23.37 -31.97 2.35
CA PHE D 254 22.02 -31.41 2.46
C PHE D 254 21.79 -30.69 3.79
N ALA D 255 22.86 -30.17 4.39
CA ALA D 255 22.70 -29.47 5.66
C ALA D 255 21.87 -28.20 5.52
N ASP D 256 21.90 -27.56 4.36
CA ASP D 256 21.08 -26.37 4.13
C ASP D 256 19.60 -26.72 3.92
N HIS D 257 19.24 -28.01 3.97
CA HIS D 257 17.85 -28.43 3.99
C HIS D 257 17.30 -28.53 5.40
N VAL D 258 18.12 -28.26 6.42
CA VAL D 258 17.76 -28.51 7.81
C VAL D 258 17.56 -27.18 8.53
N ALA D 259 16.40 -27.02 9.17
CA ALA D 259 16.14 -25.92 10.08
C ALA D 259 16.34 -26.39 11.52
N PHE D 260 16.63 -25.44 12.41
CA PHE D 260 16.83 -25.72 13.82
C PHE D 260 15.64 -25.18 14.58
N LEU D 261 14.95 -26.06 15.31
CA LEU D 261 13.80 -25.70 16.11
C LEU D 261 14.23 -25.42 17.55
N VAL D 262 13.67 -24.37 18.14
CA VAL D 262 13.95 -23.99 19.51
C VAL D 262 12.63 -23.70 20.20
N ASP D 263 12.38 -24.37 21.33
CA ASP D 263 11.22 -24.08 22.18
C ASP D 263 11.54 -22.81 22.96
N GLY D 264 11.37 -21.68 22.30
CA GLY D 264 11.92 -20.42 22.79
C GLY D 264 11.20 -19.82 23.98
N TYR D 265 9.93 -20.15 24.16
CA TYR D 265 9.21 -19.57 25.29
C TYR D 265 9.56 -20.26 26.59
N VAL D 266 9.65 -21.59 26.59
CA VAL D 266 10.00 -22.29 27.82
C VAL D 266 11.51 -22.24 28.07
N ALA D 267 12.31 -22.32 27.00
CA ALA D 267 13.77 -22.24 27.15
C ALA D 267 14.25 -20.81 27.30
N GLY D 268 13.55 -19.85 26.67
CA GLY D 268 13.83 -18.45 26.85
C GLY D 268 14.56 -17.83 25.69
N PRO D 269 14.57 -16.48 25.64
CA PRO D 269 15.30 -15.80 24.56
C PRO D 269 16.78 -16.15 24.51
N THR D 270 17.37 -16.50 25.65
CA THR D 270 18.80 -16.85 25.65
C THR D 270 19.05 -18.09 24.81
N ALA D 271 18.12 -19.06 24.86
CA ALA D 271 18.22 -20.22 23.97
C ALA D 271 18.02 -19.80 22.51
N VAL D 272 17.04 -18.95 22.24
CA VAL D 272 16.77 -18.51 20.88
C VAL D 272 17.99 -17.77 20.33
N THR D 273 18.52 -16.82 21.08
CA THR D 273 19.69 -16.07 20.62
C THR D 273 20.93 -16.93 20.56
N ALA D 274 21.00 -17.99 21.37
CA ALA D 274 22.10 -18.93 21.26
C ALA D 274 22.11 -19.57 19.88
N CYS D 275 20.95 -20.04 19.42
CA CYS D 275 20.87 -20.62 18.08
C CYS D 275 21.04 -19.56 17.00
N ARG D 276 20.45 -18.37 17.21
CA ARG D 276 20.48 -17.34 16.18
C ARG D 276 21.91 -16.91 15.87
N ARG D 277 22.76 -16.83 16.88
CA ARG D 277 24.11 -16.31 16.69
C ARG D 277 25.13 -17.39 16.39
N ARG D 278 24.90 -18.62 16.84
CA ARG D 278 25.82 -19.70 16.53
C ARG D 278 25.56 -20.33 15.16
N PHE D 279 24.29 -20.38 14.76
CA PHE D 279 23.89 -21.00 13.49
C PHE D 279 23.06 -20.03 12.68
N PRO D 280 23.59 -18.85 12.37
CA PRO D 280 22.81 -17.86 11.60
C PRO D 280 22.45 -18.33 10.21
N GLN D 281 23.20 -19.27 9.63
CA GLN D 281 22.94 -19.76 8.28
C GLN D 281 21.96 -20.93 8.26
N GLN D 282 21.37 -21.28 9.40
CA GLN D 282 20.32 -22.28 9.48
C GLN D 282 19.00 -21.60 9.85
N PHE D 283 17.93 -22.03 9.21
CA PHE D 283 16.59 -21.51 9.50
C PHE D 283 16.25 -21.72 10.97
N LEU D 284 15.98 -20.63 11.68
CA LEU D 284 15.64 -20.68 13.09
C LEU D 284 14.12 -20.82 13.23
N HIS D 285 13.67 -21.99 13.65
CA HIS D 285 12.25 -22.30 13.79
C HIS D 285 11.87 -22.08 15.25
N TYR D 286 11.12 -21.01 15.51
CA TYR D 286 10.67 -20.67 16.86
C TYR D 286 9.36 -21.40 17.14
N HIS D 287 9.41 -22.35 18.07
CA HIS D 287 8.21 -23.02 18.58
C HIS D 287 7.86 -22.41 19.92
N ARG D 288 6.60 -22.00 20.07
CA ARG D 288 6.16 -21.19 21.20
C ARG D 288 5.47 -22.01 22.29
N ALA D 289 5.79 -23.29 22.39
CA ALA D 289 5.16 -24.14 23.40
C ALA D 289 5.16 -23.44 24.77
N GLY D 290 3.99 -23.40 25.40
CA GLY D 290 3.85 -22.77 26.70
C GLY D 290 3.39 -21.33 26.67
N HIS D 291 3.41 -20.69 25.51
CA HIS D 291 3.05 -19.28 25.43
C HIS D 291 1.65 -19.01 25.96
N GLY D 292 0.74 -19.97 25.80
CA GLY D 292 -0.64 -19.77 26.21
C GLY D 292 -0.80 -19.40 27.67
N ALA D 293 0.22 -19.67 28.50
CA ALA D 293 0.12 -19.35 29.91
C ALA D 293 -0.14 -17.86 30.13
N VAL D 294 0.30 -17.00 29.20
CA VAL D 294 0.12 -15.57 29.31
C VAL D 294 -0.63 -15.00 28.10
N THR D 295 -0.38 -15.53 26.90
CA THR D 295 -0.96 -14.95 25.71
C THR D 295 -2.45 -15.21 25.57
N SER D 296 -2.97 -16.20 26.27
CA SER D 296 -4.39 -16.53 26.13
C SER D 296 -5.25 -15.32 26.49
N PRO D 297 -6.33 -15.07 25.75
CA PRO D 297 -7.25 -14.00 26.18
C PRO D 297 -7.78 -14.22 27.59
N GLN D 298 -7.84 -15.47 28.04
CA GLN D 298 -8.28 -15.74 29.41
C GLN D 298 -7.37 -15.10 30.43
N SER D 299 -6.11 -14.83 30.07
CA SER D 299 -5.16 -14.20 30.98
C SER D 299 -5.18 -12.69 30.80
N LYS D 300 -5.10 -11.97 31.92
CA LYS D 300 -5.01 -10.52 31.91
C LYS D 300 -3.60 -10.04 32.30
N ARG D 301 -2.61 -10.92 32.24
CA ARG D 301 -1.25 -10.60 32.64
C ARG D 301 -0.28 -10.94 31.50
N GLY D 302 0.97 -10.50 31.67
CA GLY D 302 2.00 -10.80 30.71
C GLY D 302 1.87 -10.00 29.43
N TYR D 303 1.79 -10.70 28.29
CA TYR D 303 1.66 -10.03 27.00
C TYR D 303 0.86 -10.92 26.06
N THR D 304 0.33 -10.30 25.01
CA THR D 304 -0.49 -11.03 24.04
C THR D 304 0.40 -11.79 23.06
N ALA D 305 -0.23 -12.66 22.28
CA ALA D 305 0.49 -13.39 21.25
C ALA D 305 1.08 -12.44 20.22
N PHE D 306 0.32 -11.41 19.85
CA PHE D 306 0.82 -10.43 18.89
C PHE D 306 2.15 -9.84 19.36
N VAL D 307 2.21 -9.46 20.64
CA VAL D 307 3.46 -8.90 21.17
C VAL D 307 4.54 -9.97 21.25
N HIS D 308 4.18 -11.19 21.64
CA HIS D 308 5.16 -12.27 21.71
C HIS D 308 5.79 -12.52 20.35
N CYS D 309 4.95 -12.70 19.32
CA CYS D 309 5.47 -12.93 17.98
C CYS D 309 6.31 -11.76 17.49
N LYS D 310 5.85 -10.53 17.76
CA LYS D 310 6.61 -9.36 17.34
C LYS D 310 8.02 -9.38 17.91
N MET D 311 8.14 -9.63 19.21
CA MET D 311 9.47 -9.68 19.83
C MET D 311 10.33 -10.79 19.22
N SER D 312 9.71 -11.86 18.73
CA SER D 312 10.46 -12.94 18.12
C SER D 312 11.18 -12.49 16.86
N ARG D 313 10.64 -11.48 16.17
CA ARG D 313 11.33 -10.95 15.00
C ARG D 313 12.60 -10.22 15.41
N LEU D 314 12.57 -9.52 16.53
CA LEU D 314 13.77 -8.86 17.03
C LEU D 314 14.83 -9.89 17.40
N SER D 315 14.43 -10.98 18.05
CA SER D 315 15.39 -12.00 18.46
C SER D 315 16.03 -12.69 17.27
N GLY D 316 15.33 -12.75 16.15
CA GLY D 316 15.89 -13.29 14.93
C GLY D 316 15.27 -14.58 14.45
N ALA D 317 14.02 -14.88 14.84
CA ALA D 317 13.37 -16.08 14.35
C ALA D 317 13.19 -15.99 12.85
N SER D 318 13.57 -17.06 12.14
CA SER D 318 13.25 -17.15 10.72
C SER D 318 11.76 -17.41 10.52
N GLY D 319 11.15 -18.14 11.44
CA GLY D 319 9.71 -18.34 11.43
C GLY D 319 9.23 -18.62 12.83
N ILE D 320 7.98 -18.30 13.10
CA ILE D 320 7.38 -18.54 14.40
C ILE D 320 5.93 -18.94 14.21
N HIS D 321 5.43 -19.80 15.08
CA HIS D 321 4.03 -20.18 15.07
C HIS D 321 3.17 -18.97 15.45
N THR D 322 2.21 -18.65 14.58
CA THR D 322 1.26 -17.58 14.83
C THR D 322 -0.12 -18.09 15.21
N GLY D 323 -0.33 -19.40 15.18
CA GLY D 323 -1.64 -19.95 15.45
C GLY D 323 -2.51 -20.02 14.20
N THR D 324 -3.58 -20.81 14.30
CA THR D 324 -4.51 -20.99 13.20
C THR D 324 -5.55 -19.88 13.13
N MET D 325 -5.47 -18.88 14.00
CA MET D 325 -6.37 -17.73 13.96
C MET D 325 -7.82 -18.16 13.96
N GLY D 326 -8.14 -19.15 14.81
CA GLY D 326 -9.50 -19.59 15.01
C GLY D 326 -9.94 -20.76 14.17
N TYR D 327 -9.13 -21.20 13.21
CA TYR D 327 -9.50 -22.29 12.32
C TYR D 327 -8.95 -23.63 12.76
N GLY D 328 -8.13 -23.66 13.80
CA GLY D 328 -7.54 -24.89 14.28
C GLY D 328 -8.08 -25.35 15.62
N LYS D 329 -7.24 -26.05 16.38
CA LYS D 329 -7.64 -26.61 17.66
C LYS D 329 -7.22 -25.76 18.85
N MET D 330 -6.32 -24.82 18.67
CA MET D 330 -5.85 -23.96 19.75
C MET D 330 -6.63 -22.64 19.77
N GLU D 331 -6.49 -21.91 20.88
CA GLU D 331 -7.15 -20.62 21.01
C GLU D 331 -6.61 -19.67 19.95
N GLY D 332 -7.51 -18.94 19.30
CA GLY D 332 -7.13 -18.00 18.27
C GLY D 332 -8.35 -17.28 17.74
N ASP D 333 -8.09 -16.17 17.05
CA ASP D 333 -9.14 -15.35 16.47
C ASP D 333 -8.75 -14.95 15.05
N ALA D 334 -9.77 -14.75 14.21
CA ALA D 334 -9.51 -14.38 12.83
C ALA D 334 -8.71 -13.08 12.74
N ASP D 335 -8.88 -12.19 13.71
CA ASP D 335 -8.13 -10.93 13.71
C ASP D 335 -6.63 -11.16 13.93
N ASP D 336 -6.21 -12.38 14.27
CA ASP D 336 -4.80 -12.68 14.44
C ASP D 336 -4.02 -12.56 13.13
N LYS D 337 -4.71 -12.35 12.01
CA LYS D 337 -4.00 -12.09 10.76
C LYS D 337 -3.06 -10.90 10.90
N ALA D 338 -3.40 -9.95 11.79
CA ALA D 338 -2.51 -8.81 12.01
C ALA D 338 -1.14 -9.26 12.49
N ILE D 339 -1.07 -10.39 13.20
CA ILE D 339 0.22 -10.91 13.63
C ILE D 339 1.08 -11.26 12.44
N ALA D 340 0.49 -11.91 11.43
CA ALA D 340 1.24 -12.29 10.25
C ALA D 340 1.76 -11.06 9.51
N TYR D 341 0.89 -10.08 9.31
CA TYR D 341 1.30 -8.87 8.59
C TYR D 341 2.44 -8.16 9.30
N MET D 342 2.40 -8.11 10.64
CA MET D 342 3.45 -7.45 11.40
C MET D 342 4.77 -8.20 11.30
N LEU D 343 4.72 -9.51 11.04
CA LEU D 343 5.95 -10.30 10.97
C LEU D 343 6.59 -10.26 9.59
N GLU D 344 5.79 -10.10 8.52
CA GLU D 344 6.30 -10.24 7.17
C GLU D 344 6.45 -8.93 6.41
N GLN D 345 5.85 -7.84 6.87
CA GLN D 345 5.88 -6.58 6.13
C GLN D 345 6.86 -5.60 6.75
N ASP D 346 7.32 -4.66 5.93
CA ASP D 346 8.16 -3.57 6.41
C ASP D 346 7.35 -2.49 7.12
N ASP D 347 6.03 -2.49 6.95
CA ASP D 347 5.16 -1.49 7.52
C ASP D 347 3.82 -2.15 7.82
N ALA D 348 3.40 -2.11 9.08
CA ALA D 348 2.17 -2.77 9.48
C ALA D 348 1.60 -2.10 10.72
N GLN D 349 0.34 -2.38 10.99
CA GLN D 349 -0.41 -1.73 12.06
C GLN D 349 -0.66 -2.73 13.18
N GLY D 350 -0.38 -2.32 14.40
CA GLY D 350 -0.74 -3.08 15.57
C GLY D 350 -2.00 -2.55 16.21
N PRO D 351 -2.41 -3.13 17.34
CA PRO D 351 -3.61 -2.63 18.02
C PRO D 351 -3.50 -1.18 18.44
N TYR D 352 -2.29 -0.65 18.63
CA TYR D 352 -2.13 0.72 19.10
C TYR D 352 -1.09 1.48 18.30
N PHE D 353 -0.04 0.80 17.86
CA PHE D 353 1.12 1.46 17.27
C PHE D 353 1.36 1.00 15.84
N ARG D 354 1.64 1.96 14.97
CA ARG D 354 2.16 1.66 13.64
C ARG D 354 3.66 1.41 13.74
N GLN D 355 4.13 0.40 13.01
CA GLN D 355 5.52 -0.05 13.14
C GLN D 355 6.16 -0.14 11.75
N THR D 356 7.24 0.61 11.56
CA THR D 356 8.14 0.44 10.43
C THR D 356 9.39 -0.30 10.91
N TRP D 357 9.98 -1.08 10.01
CA TRP D 357 11.07 -1.97 10.36
C TRP D 357 12.40 -1.59 9.72
N GLN D 358 12.43 -0.55 8.88
CA GLN D 358 13.68 -0.06 8.28
C GLN D 358 14.45 -1.19 7.61
N GLY D 359 13.72 -2.08 6.93
CA GLY D 359 14.35 -3.12 6.14
C GLY D 359 14.80 -4.34 6.89
N MET D 360 14.50 -4.45 8.18
CA MET D 360 14.80 -5.68 8.90
C MET D 360 14.05 -6.85 8.28
N LYS D 361 14.74 -7.97 8.15
CA LYS D 361 14.17 -9.11 7.42
C LYS D 361 12.88 -9.57 8.07
N ALA D 362 12.03 -10.19 7.26
CA ALA D 362 10.74 -10.65 7.72
C ALA D 362 10.85 -12.01 8.41
N THR D 363 9.87 -12.28 9.28
CA THR D 363 9.70 -13.57 9.93
C THR D 363 8.49 -14.27 9.32
N THR D 364 8.64 -15.55 8.99
CA THR D 364 7.56 -16.24 8.28
C THR D 364 6.57 -16.83 9.27
N PRO D 365 5.27 -16.62 9.08
CA PRO D 365 4.29 -17.31 9.91
C PRO D 365 4.31 -18.81 9.65
N ILE D 366 4.26 -19.59 10.74
CA ILE D 366 4.17 -21.04 10.68
C ILE D 366 2.80 -21.43 11.20
N ILE D 367 1.94 -21.92 10.31
CA ILE D 367 0.56 -22.22 10.65
C ILE D 367 0.45 -23.69 11.02
N SER D 368 -0.07 -23.98 12.22
CA SER D 368 -0.11 -25.33 12.73
C SER D 368 -1.11 -25.42 13.87
N GLY D 369 -1.75 -26.59 13.99
CA GLY D 369 -2.63 -26.84 15.11
C GLY D 369 -4.00 -27.33 14.72
N GLY D 370 -4.16 -28.66 14.62
CA GLY D 370 -5.44 -29.22 14.24
C GLY D 370 -5.85 -28.96 12.82
N MET D 371 -4.90 -28.61 11.96
CA MET D 371 -5.22 -28.27 10.58
C MET D 371 -5.22 -29.52 9.70
N ASN D 372 -5.94 -29.45 8.59
CA ASN D 372 -5.92 -30.49 7.57
C ASN D 372 -6.34 -29.86 6.25
N ALA D 373 -6.36 -30.68 5.20
CA ALA D 373 -6.67 -30.18 3.86
C ALA D 373 -7.99 -29.43 3.84
N LEU D 374 -8.99 -29.92 4.59
CA LEU D 374 -10.31 -29.33 4.53
C LEU D 374 -10.38 -27.97 5.21
N ARG D 375 -9.43 -27.66 6.10
CA ARG D 375 -9.48 -26.43 6.87
C ARG D 375 -8.61 -25.32 6.28
N LEU D 376 -7.81 -25.61 5.25
CA LEU D 376 -6.87 -24.62 4.75
C LEU D 376 -7.56 -23.54 3.94
N PRO D 377 -8.51 -23.88 3.06
CA PRO D 377 -9.16 -22.82 2.27
C PRO D 377 -9.79 -21.72 3.12
N GLY D 378 -10.53 -22.11 4.15
CA GLY D 378 -11.13 -21.10 5.01
C GLY D 378 -10.09 -20.26 5.71
N PHE D 379 -9.00 -20.88 6.15
CA PHE D 379 -7.95 -20.12 6.85
C PHE D 379 -7.30 -19.10 5.93
N PHE D 380 -7.02 -19.51 4.68
CA PHE D 380 -6.31 -18.61 3.76
C PHE D 380 -7.22 -17.49 3.29
N ASP D 381 -8.52 -17.76 3.10
CA ASP D 381 -9.46 -16.70 2.76
C ASP D 381 -9.38 -15.57 3.77
N ASN D 382 -9.10 -15.88 5.03
CA ASN D 382 -8.99 -14.86 6.06
C ASN D 382 -7.61 -14.17 6.03
N LEU D 383 -6.55 -14.94 5.83
CA LEU D 383 -5.21 -14.36 5.78
C LEU D 383 -5.04 -13.51 4.53
N GLY D 384 -5.50 -14.00 3.38
CA GLY D 384 -5.36 -13.31 2.12
C GLY D 384 -4.32 -13.89 1.19
N HIS D 385 -3.44 -14.76 1.69
CA HIS D 385 -2.44 -15.41 0.86
C HIS D 385 -2.08 -16.73 1.52
N SER D 386 -1.28 -17.53 0.81
CA SER D 386 -0.86 -18.85 1.29
C SER D 386 0.66 -18.97 1.42
N ASN D 387 1.38 -17.85 1.36
CA ASN D 387 2.85 -17.87 1.42
C ASN D 387 3.29 -18.03 2.88
N VAL D 388 3.10 -19.24 3.38
CA VAL D 388 3.41 -19.59 4.76
C VAL D 388 3.95 -21.00 4.80
N ILE D 389 4.54 -21.35 5.95
CA ILE D 389 4.89 -22.73 6.26
C ILE D 389 3.71 -23.34 7.01
N GLN D 390 3.24 -24.49 6.54
CA GLN D 390 2.08 -25.15 7.11
C GLN D 390 2.47 -26.56 7.52
N THR D 391 2.19 -26.91 8.77
CA THR D 391 2.46 -28.25 9.29
C THR D 391 1.19 -28.82 9.89
N SER D 392 0.74 -29.96 9.35
CA SER D 392 -0.45 -30.65 9.82
C SER D 392 -0.03 -32.05 10.25
N GLY D 393 0.00 -32.29 11.55
CA GLY D 393 0.36 -33.60 12.06
C GLY D 393 -0.74 -34.61 11.85
N GLY D 394 -1.83 -34.49 12.62
CA GLY D 394 -2.96 -35.37 12.42
C GLY D 394 -3.59 -35.22 11.04
N GLY D 395 -3.48 -34.03 10.46
CA GLY D 395 -4.01 -33.80 9.13
C GLY D 395 -3.34 -34.62 8.05
N ALA D 396 -2.11 -35.09 8.29
CA ALA D 396 -1.37 -35.89 7.33
C ALA D 396 -1.37 -37.36 7.70
N PHE D 397 -0.88 -37.70 8.91
CA PHE D 397 -0.83 -39.10 9.32
C PHE D 397 -2.21 -39.62 9.73
N GLY D 398 -3.14 -38.75 10.06
CA GLY D 398 -4.50 -39.16 10.28
C GLY D 398 -5.27 -39.51 9.02
N HIS D 399 -4.64 -39.34 7.87
CA HIS D 399 -5.27 -39.72 6.60
C HIS D 399 -5.40 -41.24 6.53
N LYS D 400 -6.59 -41.71 6.14
CA LYS D 400 -6.84 -43.14 6.10
C LYS D 400 -5.88 -43.86 5.16
N ASP D 401 -5.32 -43.17 4.18
CA ASP D 401 -4.46 -43.79 3.18
C ASP D 401 -2.97 -43.61 3.48
N GLY D 402 -2.63 -43.06 4.64
CA GLY D 402 -1.25 -42.92 5.05
C GLY D 402 -0.78 -41.48 4.96
N GLY D 403 0.48 -41.28 5.37
CA GLY D 403 1.04 -39.95 5.36
C GLY D 403 1.35 -39.41 3.99
N ALA D 404 1.77 -40.29 3.07
CA ALA D 404 2.09 -39.83 1.72
C ALA D 404 0.86 -39.24 1.06
N ALA D 405 -0.29 -39.89 1.21
CA ALA D 405 -1.53 -39.34 0.65
C ALA D 405 -1.97 -38.09 1.42
N GLY D 406 -1.80 -38.10 2.74
CA GLY D 406 -2.09 -36.91 3.51
C GLY D 406 -1.27 -35.72 3.07
N ALA D 407 0.01 -35.95 2.77
CA ALA D 407 0.85 -34.89 2.25
C ALA D 407 0.30 -34.35 0.93
N LYS D 408 -0.02 -35.27 0.01
CA LYS D 408 -0.57 -34.84 -1.29
C LYS D 408 -1.90 -34.12 -1.10
N SER D 409 -2.72 -34.56 -0.15
CA SER D 409 -3.99 -33.90 0.10
C SER D 409 -3.77 -32.47 0.59
N LEU D 410 -2.78 -32.27 1.45
CA LEU D 410 -2.48 -30.94 1.95
C LEU D 410 -1.98 -30.04 0.82
N ARG D 411 -1.12 -30.56 -0.04
CA ARG D 411 -0.69 -29.78 -1.21
C ARG D 411 -1.88 -29.46 -2.10
N GLN D 412 -2.61 -30.49 -2.53
CA GLN D 412 -3.77 -30.27 -3.39
C GLN D 412 -4.71 -29.22 -2.79
N ALA D 413 -4.87 -29.23 -1.48
CA ALA D 413 -5.69 -28.21 -0.83
C ALA D 413 -5.14 -26.81 -1.10
N SER D 414 -3.81 -26.68 -1.13
CA SER D 414 -3.22 -25.37 -1.36
C SER D 414 -3.51 -24.87 -2.78
N LEU D 415 -3.16 -25.67 -3.79
CA LEU D 415 -3.41 -25.24 -5.17
C LEU D 415 -4.88 -24.94 -5.39
N ALA D 416 -5.77 -25.70 -4.76
CA ALA D 416 -7.20 -25.44 -4.91
C ALA D 416 -7.54 -24.02 -4.49
N TRP D 417 -6.88 -23.52 -3.43
CA TRP D 417 -7.15 -22.15 -2.99
C TRP D 417 -6.41 -21.14 -3.83
N GLN D 418 -5.16 -21.43 -4.20
CA GLN D 418 -4.39 -20.47 -5.00
C GLN D 418 -5.07 -20.16 -6.32
N GLN D 419 -5.87 -21.10 -6.85
CA GLN D 419 -6.51 -20.94 -8.14
C GLN D 419 -8.01 -20.66 -8.04
N GLY D 420 -8.54 -20.51 -6.83
CA GLY D 420 -9.93 -20.15 -6.67
C GLY D 420 -10.92 -21.24 -7.01
N VAL D 421 -10.53 -22.50 -6.83
CA VAL D 421 -11.40 -23.64 -7.10
C VAL D 421 -11.91 -24.19 -5.78
N ASP D 422 -13.21 -24.45 -5.72
CA ASP D 422 -13.79 -25.07 -4.54
C ASP D 422 -13.10 -26.40 -4.25
N LEU D 423 -12.89 -26.69 -2.96
CA LEU D 423 -12.14 -27.90 -2.59
C LEU D 423 -12.90 -29.16 -3.02
N LEU D 424 -14.23 -29.13 -2.92
CA LEU D 424 -15.01 -30.29 -3.35
C LEU D 424 -14.92 -30.49 -4.85
N ASP D 425 -15.01 -29.40 -5.62
CA ASP D 425 -14.84 -29.52 -7.07
C ASP D 425 -13.45 -30.05 -7.42
N TYR D 426 -12.43 -29.63 -6.66
CA TYR D 426 -11.07 -30.11 -6.88
C TYR D 426 -10.89 -31.54 -6.42
N ALA D 427 -11.73 -32.02 -5.51
CA ALA D 427 -11.59 -33.37 -4.98
C ALA D 427 -12.10 -34.45 -5.93
N LYS D 428 -12.85 -34.08 -6.96
CA LYS D 428 -13.35 -35.07 -7.90
C LYS D 428 -12.26 -35.61 -8.83
N GLU D 429 -11.17 -34.86 -9.00
CA GLU D 429 -10.08 -35.27 -9.88
C GLU D 429 -8.78 -35.48 -9.11
N HIS D 430 -8.86 -35.75 -7.80
CA HIS D 430 -7.68 -35.91 -6.96
C HIS D 430 -8.03 -36.83 -5.81
N PRO D 431 -7.80 -38.14 -5.97
CA PRO D 431 -8.22 -39.08 -4.92
C PRO D 431 -7.65 -38.80 -3.55
N GLU D 432 -6.39 -38.36 -3.48
CA GLU D 432 -5.79 -38.08 -2.18
C GLU D 432 -6.58 -37.02 -1.43
N LEU D 433 -7.00 -35.96 -2.12
CA LEU D 433 -7.84 -34.95 -1.47
C LEU D 433 -9.20 -35.54 -1.10
N ALA D 434 -9.82 -36.29 -2.00
CA ALA D 434 -11.11 -36.91 -1.70
C ALA D 434 -11.00 -37.80 -0.46
N GLY D 435 -9.86 -38.47 -0.29
CA GLY D 435 -9.68 -39.31 0.89
C GLY D 435 -9.65 -38.51 2.18
N ALA D 436 -9.20 -37.26 2.11
CA ALA D 436 -9.18 -36.43 3.31
C ALA D 436 -10.60 -36.19 3.81
N PHE D 437 -11.54 -35.98 2.90
CA PHE D 437 -12.92 -35.78 3.30
C PHE D 437 -13.44 -36.97 4.10
N GLU D 438 -13.13 -38.19 3.65
CA GLU D 438 -13.56 -39.37 4.38
C GLU D 438 -12.72 -39.60 5.64
N SER D 439 -11.49 -39.10 5.64
CA SER D 439 -10.63 -39.27 6.82
C SER D 439 -11.09 -38.39 7.97
N PHE D 440 -11.64 -37.22 7.68
CA PHE D 440 -12.14 -36.29 8.70
C PHE D 440 -13.57 -35.93 8.36
N PRO D 441 -14.51 -36.86 8.58
CA PRO D 441 -15.90 -36.59 8.17
C PRO D 441 -16.58 -35.51 8.98
N LYS D 442 -16.27 -35.38 10.27
CA LYS D 442 -16.87 -34.32 11.07
C LYS D 442 -16.56 -32.95 10.47
N ASP D 443 -15.29 -32.71 10.16
CA ASP D 443 -14.92 -31.45 9.50
C ASP D 443 -15.59 -31.33 8.13
N ALA D 444 -15.66 -32.44 7.39
CA ALA D 444 -16.29 -32.40 6.08
C ALA D 444 -17.76 -32.02 6.17
N ASP D 445 -18.49 -32.59 7.13
CA ASP D 445 -19.90 -32.27 7.28
C ASP D 445 -20.11 -30.80 7.62
N ALA D 446 -19.14 -30.18 8.29
CA ALA D 446 -19.28 -28.80 8.72
C ALA D 446 -18.86 -27.81 7.64
N LEU D 447 -17.81 -28.11 6.88
CA LEU D 447 -17.27 -27.18 5.89
C LEU D 447 -17.78 -27.44 4.49
N TYR D 448 -18.12 -28.68 4.15
CA TYR D 448 -18.64 -29.04 2.83
C TYR D 448 -19.75 -30.05 3.03
N PRO D 449 -20.93 -29.59 3.43
CA PRO D 449 -21.97 -30.54 3.86
C PRO D 449 -22.31 -31.64 2.85
N ASN D 450 -22.43 -31.30 1.56
CA ASN D 450 -22.84 -32.26 0.54
C ASN D 450 -21.66 -33.00 -0.07
N TRP D 451 -20.68 -33.39 0.73
CA TRP D 451 -19.49 -34.04 0.16
C TRP D 451 -19.73 -35.51 -0.18
N ARG D 452 -20.59 -36.19 0.57
CA ARG D 452 -20.85 -37.59 0.28
C ARG D 452 -21.51 -37.77 -1.09
N GLU D 453 -22.33 -36.81 -1.51
CA GLU D 453 -22.98 -36.87 -2.82
C GLU D 453 -22.03 -36.35 -3.91
N ASP E 2 -57.58 20.69 -71.15
CA ASP E 2 -58.84 20.52 -70.44
C ASP E 2 -58.80 19.27 -69.56
N GLN E 3 -59.00 19.46 -68.26
CA GLN E 3 -58.91 18.38 -67.28
C GLN E 3 -60.25 18.08 -66.62
N SER E 4 -61.35 18.57 -67.19
CA SER E 4 -62.65 18.39 -66.54
C SER E 4 -63.04 16.92 -66.44
N ASN E 5 -62.67 16.11 -67.42
CA ASN E 5 -63.03 14.68 -67.36
C ASN E 5 -62.49 14.02 -66.10
N ARG E 6 -61.39 14.53 -65.55
CA ARG E 6 -60.78 13.99 -64.35
C ARG E 6 -61.21 14.70 -63.08
N TYR E 7 -61.26 16.03 -63.09
CA TYR E 7 -61.46 16.82 -61.88
C TYR E 7 -62.86 17.35 -61.74
N ALA E 8 -63.75 17.08 -62.69
CA ALA E 8 -65.14 17.54 -62.64
C ALA E 8 -66.05 16.33 -62.67
N ASN E 9 -67.01 16.28 -61.74
CA ASN E 9 -68.02 15.22 -61.69
C ASN E 9 -69.32 15.88 -61.22
N LEU E 10 -69.99 16.57 -62.15
CA LEU E 10 -71.23 17.27 -61.83
C LEU E 10 -72.39 16.34 -61.52
N SER E 11 -72.23 15.04 -61.72
CA SER E 11 -73.26 14.08 -61.35
C SER E 11 -73.26 13.79 -59.86
N LEU E 12 -72.21 14.19 -59.13
CA LEU E 12 -72.19 14.00 -57.69
C LEU E 12 -73.19 14.93 -57.03
N ARG E 13 -73.88 14.42 -56.01
CA ARG E 13 -74.90 15.17 -55.29
C ARG E 13 -74.33 15.70 -53.99
N GLU E 14 -74.56 16.99 -53.73
CA GLU E 14 -74.06 17.59 -52.49
C GLU E 14 -74.62 16.89 -51.27
N GLU E 15 -75.86 16.38 -51.36
CA GLU E 15 -76.45 15.72 -50.20
C GLU E 15 -75.77 14.39 -49.91
N ASP E 16 -75.30 13.69 -50.95
CA ASP E 16 -74.57 12.45 -50.73
C ASP E 16 -73.17 12.72 -50.18
N LEU E 17 -72.53 13.80 -50.64
CA LEU E 17 -71.19 14.12 -50.16
C LEU E 17 -71.21 14.48 -48.67
N ILE E 18 -72.24 15.19 -48.21
CA ILE E 18 -72.33 15.52 -46.80
C ILE E 18 -72.60 14.27 -45.98
N ALA E 19 -73.58 13.46 -46.40
CA ALA E 19 -73.89 12.24 -45.67
C ALA E 19 -72.68 11.31 -45.60
N GLY E 20 -71.90 11.25 -46.68
CA GLY E 20 -70.71 10.41 -46.67
C GLY E 20 -69.70 10.83 -45.62
N GLY E 21 -69.60 12.13 -45.37
CA GLY E 21 -68.72 12.62 -44.33
C GLY E 21 -67.25 12.42 -44.55
N LYS E 22 -66.82 12.33 -45.81
CA LYS E 22 -65.40 12.14 -46.13
C LYS E 22 -64.88 13.24 -47.05
N HIS E 23 -65.60 14.35 -47.18
CA HIS E 23 -65.19 15.43 -48.07
C HIS E 23 -65.39 16.78 -47.39
N VAL E 24 -64.36 17.62 -47.47
CA VAL E 24 -64.50 19.03 -47.12
C VAL E 24 -65.03 19.73 -48.36
N LEU E 25 -66.19 20.36 -48.23
CA LEU E 25 -66.83 21.07 -49.33
C LEU E 25 -66.54 22.57 -49.21
N CYS E 26 -66.20 23.20 -50.33
CA CYS E 26 -65.92 24.63 -50.38
C CYS E 26 -66.74 25.25 -51.50
N ALA E 27 -67.37 26.38 -51.21
CA ALA E 27 -68.17 27.13 -52.17
C ALA E 27 -67.41 28.39 -52.54
N TYR E 28 -66.99 28.47 -53.80
CA TYR E 28 -66.23 29.60 -54.32
C TYR E 28 -67.11 30.45 -55.23
N ILE E 29 -66.81 31.74 -55.28
CA ILE E 29 -67.31 32.62 -56.33
C ILE E 29 -66.12 32.91 -57.24
N MET E 30 -66.13 32.34 -58.45
CA MET E 30 -64.99 32.41 -59.35
C MET E 30 -65.44 32.85 -60.74
N LYS E 31 -64.56 33.60 -61.41
CA LYS E 31 -64.75 34.00 -62.79
C LYS E 31 -63.47 33.67 -63.56
N PRO E 32 -63.56 32.92 -64.66
CA PRO E 32 -62.36 32.69 -65.47
C PRO E 32 -61.94 33.94 -66.22
N LYS E 33 -60.65 33.97 -66.59
CA LYS E 33 -60.17 35.01 -67.49
C LYS E 33 -60.76 34.80 -68.88
N ALA E 34 -60.92 35.89 -69.61
CA ALA E 34 -61.53 35.83 -70.93
C ALA E 34 -60.79 34.82 -71.81
N GLY E 35 -61.55 33.95 -72.48
CA GLY E 35 -61.00 32.92 -73.33
C GLY E 35 -60.91 31.56 -72.70
N TYR E 36 -61.16 31.45 -71.40
CA TYR E 36 -61.08 30.19 -70.68
C TYR E 36 -62.49 29.74 -70.28
N GLY E 37 -62.88 28.56 -70.72
CA GLY E 37 -64.18 28.04 -70.36
C GLY E 37 -64.33 27.90 -68.85
N TYR E 38 -65.57 28.00 -68.38
CA TYR E 38 -65.81 27.97 -66.95
C TYR E 38 -65.49 26.60 -66.36
N LEU E 39 -65.95 25.52 -67.02
CA LEU E 39 -65.78 24.19 -66.46
C LEU E 39 -64.32 23.77 -66.47
N GLU E 40 -63.62 23.99 -67.59
CA GLU E 40 -62.21 23.63 -67.66
C GLU E 40 -61.37 24.44 -66.67
N SER E 41 -61.78 25.69 -66.41
CA SER E 41 -61.04 26.51 -65.44
C SER E 41 -61.25 26.00 -64.03
N ALA E 42 -62.50 25.66 -63.68
CA ALA E 42 -62.76 25.06 -62.38
C ALA E 42 -61.99 23.76 -62.21
N ALA E 43 -61.93 22.93 -63.26
CA ALA E 43 -61.18 21.69 -63.19
C ALA E 43 -59.71 21.97 -62.90
N HIS E 44 -59.11 22.90 -63.64
CA HIS E 44 -57.73 23.29 -63.36
C HIS E 44 -57.61 23.86 -61.96
N PHE E 45 -58.60 24.65 -61.53
CA PHE E 45 -58.62 25.15 -60.16
C PHE E 45 -58.55 24.01 -59.17
N ALA E 46 -59.38 22.98 -59.37
CA ALA E 46 -59.36 21.84 -58.46
C ALA E 46 -58.02 21.11 -58.52
N ALA E 47 -57.43 21.02 -59.71
CA ALA E 47 -56.15 20.32 -59.85
C ALA E 47 -55.06 21.02 -59.06
N GLU E 48 -54.96 22.34 -59.20
CA GLU E 48 -53.94 23.11 -58.50
C GLU E 48 -54.22 23.24 -57.01
N SER E 49 -55.35 22.71 -56.53
CA SER E 49 -55.69 22.74 -55.11
C SER E 49 -55.69 21.35 -54.49
N SER E 50 -55.16 20.34 -55.19
CA SER E 50 -55.20 18.98 -54.67
C SER E 50 -54.03 18.14 -55.12
N THR E 51 -54.09 17.63 -56.35
CA THR E 51 -53.16 16.61 -56.81
C THR E 51 -52.45 16.91 -58.11
N GLY E 52 -52.91 17.89 -58.89
CA GLY E 52 -52.47 18.04 -60.26
C GLY E 52 -51.69 19.31 -60.52
N THR E 53 -51.39 19.52 -61.80
CA THR E 53 -50.70 20.71 -62.29
C THR E 53 -51.42 21.18 -63.55
N ASN E 54 -50.68 21.79 -64.47
CA ASN E 54 -51.25 22.27 -65.73
C ASN E 54 -50.83 21.42 -66.92
N VAL E 55 -50.15 20.31 -66.69
CA VAL E 55 -49.80 19.35 -67.73
C VAL E 55 -49.76 17.97 -67.09
N GLU E 56 -49.84 16.94 -67.94
CA GLU E 56 -49.76 15.57 -67.45
C GLU E 56 -48.34 15.25 -66.99
N VAL E 57 -48.24 14.48 -65.92
CA VAL E 57 -46.97 14.05 -65.37
C VAL E 57 -46.93 12.52 -65.38
N CYS E 58 -45.77 11.96 -65.71
CA CYS E 58 -45.62 10.51 -65.79
C CYS E 58 -45.73 9.81 -64.44
N THR E 59 -45.70 10.55 -63.34
CA THR E 59 -45.70 9.94 -62.02
C THR E 59 -47.09 9.61 -61.51
N THR E 60 -48.13 10.24 -62.06
CA THR E 60 -49.49 10.02 -61.57
C THR E 60 -49.86 8.54 -61.67
N ASP E 61 -50.60 8.07 -60.68
CA ASP E 61 -51.07 6.70 -60.62
C ASP E 61 -52.55 6.69 -60.27
N ASP E 62 -53.13 5.47 -60.22
CA ASP E 62 -54.56 5.36 -59.93
C ASP E 62 -54.88 5.81 -58.50
N PHE E 63 -54.00 5.51 -57.55
CA PHE E 63 -54.23 5.94 -56.18
C PHE E 63 -54.32 7.47 -56.09
N THR E 64 -53.45 8.17 -56.82
CA THR E 64 -53.50 9.63 -56.82
C THR E 64 -54.88 10.13 -57.25
N ARG E 65 -55.43 9.54 -58.31
CA ARG E 65 -56.73 10.00 -58.82
C ARG E 65 -57.83 9.81 -57.78
N GLY E 66 -57.67 8.83 -56.88
CA GLY E 66 -58.68 8.61 -55.86
C GLY E 66 -58.82 9.76 -54.88
N VAL E 67 -57.76 10.54 -54.69
CA VAL E 67 -57.79 11.68 -53.77
C VAL E 67 -57.94 13.00 -54.51
N ASP E 68 -58.29 12.97 -55.80
CA ASP E 68 -58.51 14.20 -56.54
C ASP E 68 -59.62 15.02 -55.89
N ALA E 69 -59.39 16.33 -55.74
CA ALA E 69 -60.48 17.24 -55.45
C ALA E 69 -61.36 17.38 -56.70
N LEU E 70 -62.67 17.32 -56.51
CA LEU E 70 -63.60 17.24 -57.63
C LEU E 70 -64.58 18.39 -57.61
N VAL E 71 -64.71 19.07 -58.75
CA VAL E 71 -65.80 20.02 -58.96
C VAL E 71 -67.09 19.23 -59.11
N TYR E 72 -68.09 19.54 -58.28
CA TYR E 72 -69.35 18.83 -58.30
C TYR E 72 -70.55 19.72 -58.59
N GLU E 73 -70.36 21.02 -58.71
CA GLU E 73 -71.46 21.95 -58.94
C GLU E 73 -70.90 23.26 -59.46
N ILE E 74 -71.49 23.75 -60.56
CA ILE E 74 -71.09 25.02 -61.15
C ILE E 74 -72.32 25.75 -61.65
N ASP E 75 -72.25 27.08 -61.63
CA ASP E 75 -73.30 27.96 -62.18
C ASP E 75 -72.58 29.13 -62.82
N GLU E 76 -72.17 28.95 -64.09
CA GLU E 76 -71.39 29.96 -64.78
C GLU E 76 -72.04 31.33 -64.72
N ALA E 77 -73.36 31.37 -64.96
CA ALA E 77 -74.06 32.65 -64.97
C ALA E 77 -73.91 33.36 -63.62
N ASN E 78 -73.91 32.60 -62.54
CA ASN E 78 -73.76 33.16 -61.19
C ASN E 78 -72.34 33.08 -60.66
N GLU E 79 -71.39 32.61 -61.48
CA GLU E 79 -69.99 32.54 -61.09
C GLU E 79 -69.79 31.72 -59.82
N LEU E 80 -70.50 30.59 -59.73
CA LEU E 80 -70.44 29.72 -58.57
C LEU E 80 -69.71 28.43 -58.91
N MET E 81 -68.86 27.97 -58.00
CA MET E 81 -68.11 26.74 -58.18
C MET E 81 -67.91 26.11 -56.81
N LYS E 82 -68.32 24.86 -56.67
CA LYS E 82 -68.12 24.09 -55.44
C LYS E 82 -67.20 22.92 -55.70
N ILE E 83 -66.31 22.65 -54.74
CA ILE E 83 -65.30 21.62 -54.87
C ILE E 83 -65.31 20.75 -53.62
N ALA E 84 -65.22 19.44 -53.81
CA ALA E 84 -65.15 18.48 -52.72
C ALA E 84 -63.71 18.00 -52.55
N TYR E 85 -63.16 18.22 -51.37
CA TYR E 85 -61.79 17.81 -51.07
C TYR E 85 -61.82 16.54 -50.24
N PRO E 86 -61.29 15.42 -50.73
CA PRO E 86 -61.17 14.23 -49.87
C PRO E 86 -60.39 14.56 -48.60
N VAL E 87 -60.90 14.07 -47.46
CA VAL E 87 -60.32 14.43 -46.17
C VAL E 87 -58.90 13.91 -46.04
N ASP E 88 -58.54 12.87 -46.78
CA ASP E 88 -57.19 12.31 -46.68
C ASP E 88 -56.14 13.23 -47.27
N LEU E 89 -56.53 14.28 -47.97
CA LEU E 89 -55.55 15.18 -48.56
C LEU E 89 -54.83 16.05 -47.53
N PHE E 90 -55.40 16.18 -46.34
CA PHE E 90 -54.99 17.23 -45.42
C PHE E 90 -53.92 16.74 -44.45
N ASP E 91 -52.98 17.63 -44.13
CA ASP E 91 -51.83 17.27 -43.32
C ASP E 91 -52.22 17.01 -41.87
N ARG E 92 -51.42 16.19 -41.20
CA ARG E 92 -51.68 15.80 -39.82
C ARG E 92 -50.38 15.88 -39.03
N ASN E 93 -50.51 16.16 -37.73
CA ASN E 93 -49.34 16.28 -36.88
C ASN E 93 -48.72 14.92 -36.63
N ILE E 94 -47.38 14.88 -36.62
CA ILE E 94 -46.69 13.65 -36.22
C ILE E 94 -46.64 13.49 -34.71
N ILE E 95 -46.78 14.59 -33.96
CA ILE E 95 -46.67 14.49 -32.51
C ILE E 95 -47.97 13.99 -31.89
N ASP E 96 -49.12 14.31 -32.49
CA ASP E 96 -50.38 13.90 -31.89
C ASP E 96 -51.47 13.59 -32.90
N GLY E 97 -51.17 13.55 -34.19
CA GLY E 97 -52.17 13.17 -35.18
C GLY E 97 -53.29 14.15 -35.38
N ARG E 98 -53.25 15.32 -34.74
CA ARG E 98 -54.31 16.30 -34.93
C ARG E 98 -54.16 17.01 -36.28
N ALA E 99 -55.18 17.78 -36.63
CA ALA E 99 -55.21 18.49 -37.91
C ALA E 99 -54.67 19.90 -37.74
N MET E 100 -54.36 20.54 -38.88
CA MET E 100 -53.84 21.89 -38.90
C MET E 100 -54.61 22.73 -39.91
N LEU E 101 -55.01 23.94 -39.53
CA LEU E 101 -55.68 24.82 -40.47
C LEU E 101 -54.75 25.22 -41.61
N ALA E 102 -53.45 25.34 -41.33
CA ALA E 102 -52.50 25.73 -42.36
C ALA E 102 -52.61 24.86 -43.60
N SER E 103 -52.94 23.58 -43.43
CA SER E 103 -53.08 22.70 -44.58
C SER E 103 -54.33 23.03 -45.39
N PHE E 104 -55.46 23.23 -44.70
CA PHE E 104 -56.68 23.61 -45.40
C PHE E 104 -56.50 24.90 -46.20
N LEU E 105 -55.85 25.89 -45.59
CA LEU E 105 -55.59 27.13 -46.32
C LEU E 105 -54.64 26.91 -47.48
N THR E 106 -53.58 26.12 -47.26
CA THR E 106 -52.61 25.86 -48.32
C THR E 106 -53.29 25.28 -49.55
N LEU E 107 -54.29 24.42 -49.35
CA LEU E 107 -54.94 23.72 -50.45
C LEU E 107 -56.16 24.49 -50.98
N ALA E 108 -57.06 24.91 -50.08
CA ALA E 108 -58.33 25.46 -50.50
C ALA E 108 -58.24 26.90 -50.97
N ILE E 109 -57.19 27.64 -50.58
CA ILE E 109 -57.10 29.05 -50.94
C ILE E 109 -55.63 29.44 -51.07
N GLY E 110 -54.81 28.52 -51.54
CA GLY E 110 -53.39 28.76 -51.65
C GLY E 110 -52.95 29.19 -53.03
N ASN E 111 -52.28 28.29 -53.75
CA ASN E 111 -51.76 28.62 -55.07
C ASN E 111 -52.85 28.99 -56.06
N ASN E 112 -54.09 28.54 -55.83
CA ASN E 112 -55.16 28.86 -56.76
C ASN E 112 -55.47 30.36 -56.81
N GLN E 113 -54.95 31.15 -55.88
CA GLN E 113 -55.15 32.59 -55.88
C GLN E 113 -54.17 33.31 -56.78
N GLY E 114 -53.35 32.59 -57.54
CA GLY E 114 -52.39 33.21 -58.44
C GLY E 114 -52.45 32.66 -59.86
N MET E 115 -53.41 31.79 -60.12
CA MET E 115 -53.53 31.19 -61.44
C MET E 115 -53.78 32.24 -62.51
N GLY E 116 -53.09 32.12 -63.63
CA GLY E 116 -53.20 33.09 -64.71
C GLY E 116 -54.48 32.95 -65.52
N ASP E 117 -55.09 31.78 -65.53
CA ASP E 117 -56.33 31.56 -66.26
C ASP E 117 -57.57 31.85 -65.41
N ILE E 118 -57.39 32.36 -64.20
CA ILE E 118 -58.49 32.70 -63.30
C ILE E 118 -58.39 34.18 -62.97
N GLU E 119 -59.51 34.89 -63.09
CA GLU E 119 -59.52 36.30 -62.74
C GLU E 119 -59.59 36.51 -61.23
N TYR E 120 -60.45 35.74 -60.55
CA TYR E 120 -60.57 35.83 -59.10
C TYR E 120 -61.38 34.65 -58.61
N ALA E 121 -61.16 34.30 -57.34
CA ALA E 121 -61.88 33.21 -56.70
C ALA E 121 -61.85 33.43 -55.20
N LYS E 122 -63.04 33.43 -54.58
CA LYS E 122 -63.17 33.71 -53.15
C LYS E 122 -64.10 32.68 -52.53
N ILE E 123 -63.68 32.10 -51.40
CA ILE E 123 -64.55 31.19 -50.67
C ILE E 123 -65.61 31.99 -49.94
N HIS E 124 -66.84 31.51 -49.99
CA HIS E 124 -67.96 32.10 -49.27
C HIS E 124 -68.54 31.15 -48.23
N ASP E 125 -68.20 29.87 -48.26
CA ASP E 125 -68.64 28.93 -47.24
C ASP E 125 -67.82 27.65 -47.37
N VAL E 126 -67.74 26.90 -46.28
CA VAL E 126 -67.03 25.64 -46.25
C VAL E 126 -67.73 24.71 -45.26
N TYR E 127 -67.81 23.44 -45.61
CA TYR E 127 -68.42 22.42 -44.75
C TYR E 127 -67.32 21.49 -44.25
N PHE E 128 -67.22 21.35 -42.94
CA PHE E 128 -66.26 20.44 -42.34
C PHE E 128 -66.99 19.18 -41.88
N PRO E 129 -66.68 18.00 -42.42
CA PRO E 129 -67.36 16.79 -41.97
C PRO E 129 -66.90 16.40 -40.58
N PRO E 130 -67.70 15.63 -39.83
CA PRO E 130 -67.33 15.34 -38.44
C PRO E 130 -65.93 14.76 -38.27
N CYS E 131 -65.56 13.77 -39.09
CA CYS E 131 -64.25 13.13 -38.93
C CYS E 131 -63.11 14.12 -39.12
N TYR E 132 -63.36 15.26 -39.77
CA TYR E 132 -62.34 16.28 -39.93
C TYR E 132 -62.38 17.31 -38.79
N LEU E 133 -63.57 17.90 -38.55
CA LEU E 133 -63.71 18.85 -37.46
C LEU E 133 -63.25 18.27 -36.13
N ARG E 134 -63.50 16.97 -35.93
CA ARG E 134 -63.15 16.31 -34.68
C ARG E 134 -61.65 16.37 -34.38
N LEU E 135 -60.83 16.66 -35.38
CA LEU E 135 -59.38 16.62 -35.22
C LEU E 135 -58.78 17.97 -34.87
N PHE E 136 -59.59 19.03 -34.81
CA PHE E 136 -59.10 20.37 -34.53
C PHE E 136 -59.19 20.67 -33.04
N ASP E 137 -58.31 21.58 -32.59
CA ASP E 137 -58.22 21.88 -31.17
C ASP E 137 -59.56 22.35 -30.60
N GLY E 138 -60.20 23.30 -31.27
CA GLY E 138 -61.44 23.85 -30.80
C GLY E 138 -61.22 24.75 -29.59
N PRO E 139 -62.19 25.61 -29.30
CA PRO E 139 -62.00 26.53 -28.16
C PRO E 139 -61.95 25.77 -26.86
N ALA E 140 -61.13 26.28 -25.93
CA ALA E 140 -61.05 25.76 -24.58
C ALA E 140 -61.77 26.63 -23.57
N MET E 141 -62.01 27.90 -23.89
CA MET E 141 -62.69 28.81 -22.99
C MET E 141 -63.65 29.69 -23.79
N ASN E 142 -64.51 30.39 -23.06
CA ASN E 142 -65.65 31.07 -23.64
C ASN E 142 -65.93 32.32 -22.82
N ILE E 143 -66.98 33.05 -23.21
CA ILE E 143 -67.50 34.12 -22.37
C ILE E 143 -68.06 33.57 -21.06
N VAL E 144 -68.42 32.28 -21.04
CA VAL E 144 -68.91 31.68 -19.81
C VAL E 144 -67.84 31.74 -18.72
N ASP E 145 -66.57 31.60 -19.11
CA ASP E 145 -65.49 31.71 -18.14
C ASP E 145 -65.37 33.13 -17.63
N MET E 146 -65.70 34.12 -18.45
CA MET E 146 -65.77 35.50 -17.97
C MET E 146 -66.96 35.70 -17.05
N TRP E 147 -68.14 35.25 -17.48
CA TRP E 147 -69.32 35.31 -16.62
C TRP E 147 -69.05 34.68 -15.26
N ARG E 148 -68.34 33.55 -15.25
CA ARG E 148 -68.07 32.87 -13.98
C ARG E 148 -67.20 33.75 -13.07
N VAL E 149 -66.14 34.33 -13.63
CA VAL E 149 -65.28 35.20 -12.84
C VAL E 149 -66.04 36.42 -12.36
N LEU E 150 -66.85 37.02 -13.25
CA LEU E 150 -67.63 38.20 -12.88
C LEU E 150 -68.80 37.86 -11.98
N GLU E 151 -69.07 36.57 -11.72
CA GLU E 151 -70.17 36.13 -10.86
C GLU E 151 -71.52 36.48 -11.48
N ARG E 152 -71.66 36.18 -12.76
CA ARG E 152 -72.89 36.41 -13.50
C ARG E 152 -73.51 35.09 -13.93
N PRO E 153 -74.77 35.10 -14.34
CA PRO E 153 -75.40 33.85 -14.82
C PRO E 153 -74.60 33.24 -15.97
N LEU E 154 -74.26 31.96 -15.80
CA LEU E 154 -73.49 31.25 -16.82
C LEU E 154 -74.29 31.04 -18.11
N VAL E 155 -75.60 31.25 -18.07
CA VAL E 155 -76.44 31.26 -19.26
C VAL E 155 -77.11 32.63 -19.33
N ASP E 156 -76.98 33.30 -20.47
CA ASP E 156 -77.53 34.64 -20.66
C ASP E 156 -76.95 35.61 -19.62
N GLY E 157 -75.63 35.54 -19.45
CA GLY E 157 -74.95 36.43 -18.51
C GLY E 157 -74.93 37.88 -18.92
N GLY E 158 -75.30 38.19 -20.16
CA GLY E 158 -75.36 39.56 -20.60
C GLY E 158 -74.05 40.05 -21.19
N MET E 159 -74.04 41.34 -21.51
CA MET E 159 -72.89 41.95 -22.16
C MET E 159 -71.75 42.13 -21.19
N VAL E 160 -70.53 41.88 -21.67
CA VAL E 160 -69.31 42.20 -20.92
C VAL E 160 -68.91 43.61 -21.34
N VAL E 161 -69.02 44.57 -20.41
CA VAL E 161 -68.76 45.97 -20.70
C VAL E 161 -67.25 46.16 -20.78
N GLY E 162 -66.75 46.48 -21.97
CA GLY E 162 -65.32 46.60 -22.20
C GLY E 162 -64.97 47.85 -22.99
N THR E 163 -63.66 48.05 -23.14
CA THR E 163 -63.12 49.16 -23.91
C THR E 163 -61.73 48.79 -24.40
N ILE E 164 -61.18 49.65 -25.25
CA ILE E 164 -59.81 49.57 -25.71
C ILE E 164 -59.10 50.83 -25.23
N ILE E 165 -57.95 50.65 -24.57
CA ILE E 165 -57.19 51.79 -24.10
C ILE E 165 -56.77 52.64 -25.30
N LYS E 166 -57.34 53.85 -25.40
CA LYS E 166 -56.94 54.85 -26.38
C LYS E 166 -56.18 55.97 -25.68
N PRO E 167 -55.24 56.65 -26.36
CA PRO E 167 -54.74 56.48 -27.74
C PRO E 167 -54.23 55.08 -28.08
N LYS E 168 -54.34 54.71 -29.36
CA LYS E 168 -53.88 53.39 -29.80
C LYS E 168 -52.43 53.16 -29.40
N LEU E 169 -51.59 54.18 -29.55
CA LEU E 169 -50.20 54.14 -29.11
C LEU E 169 -49.82 55.53 -28.63
N GLY E 170 -48.87 55.60 -27.71
CA GLY E 170 -48.36 56.85 -27.21
C GLY E 170 -48.57 57.10 -25.73
N LEU E 171 -49.43 56.35 -25.06
CA LEU E 171 -49.61 56.51 -23.63
C LEU E 171 -48.47 55.81 -22.90
N ARG E 172 -47.79 56.55 -22.02
CA ARG E 172 -46.69 56.00 -21.23
C ARG E 172 -47.25 55.18 -20.08
N PRO E 173 -46.39 54.43 -19.39
CA PRO E 173 -46.89 53.47 -18.39
C PRO E 173 -47.82 54.09 -17.35
N GLU E 174 -47.52 55.29 -16.86
CA GLU E 174 -48.30 55.83 -15.76
C GLU E 174 -49.67 56.32 -16.23
N PRO E 175 -49.76 57.17 -17.27
CA PRO E 175 -51.10 57.55 -17.74
C PRO E 175 -51.90 56.37 -18.28
N PHE E 176 -51.24 55.39 -18.91
CA PHE E 176 -51.93 54.20 -19.37
C PHE E 176 -52.62 53.49 -18.20
N ALA E 177 -51.86 53.19 -17.16
CA ALA E 177 -52.44 52.52 -16.00
C ALA E 177 -53.54 53.36 -15.37
N ALA E 178 -53.42 54.68 -15.44
CA ALA E 178 -54.46 55.54 -14.89
C ALA E 178 -55.76 55.40 -15.68
N ALA E 179 -55.66 55.35 -17.01
CA ALA E 179 -56.85 55.15 -17.84
C ALA E 179 -57.51 53.81 -17.52
N CYS E 180 -56.71 52.77 -17.29
CA CYS E 180 -57.27 51.46 -16.96
C CYS E 180 -58.09 51.53 -15.68
N TYR E 181 -57.51 52.13 -14.63
CA TYR E 181 -58.21 52.23 -13.35
C TYR E 181 -59.53 52.96 -13.51
N GLN E 182 -59.55 54.05 -14.28
CA GLN E 182 -60.76 54.84 -14.44
C GLN E 182 -61.88 54.02 -15.08
N PHE E 183 -61.60 53.38 -16.20
CA PHE E 183 -62.64 52.60 -16.86
C PHE E 183 -63.15 51.48 -15.97
N TRP E 184 -62.24 50.81 -15.25
CA TRP E 184 -62.62 49.67 -14.42
C TRP E 184 -63.54 50.10 -13.27
N LEU E 185 -63.54 51.38 -12.90
CA LEU E 185 -64.47 51.85 -11.90
C LEU E 185 -65.92 51.70 -12.34
N GLY E 186 -66.16 51.66 -13.66
CA GLY E 186 -67.51 51.51 -14.17
C GLY E 186 -67.68 50.41 -15.18
N GLY E 187 -66.57 49.78 -15.59
CA GLY E 187 -66.58 48.76 -16.61
C GLY E 187 -66.00 47.44 -16.13
N ASP E 188 -66.07 46.44 -17.02
CA ASP E 188 -65.62 45.10 -16.73
C ASP E 188 -64.30 44.74 -17.40
N PHE E 189 -64.16 45.04 -18.69
CA PHE E 189 -63.14 44.44 -19.54
C PHE E 189 -62.30 45.53 -20.19
N ILE E 190 -61.00 45.28 -20.28
CA ILE E 190 -60.09 46.20 -20.95
C ILE E 190 -59.12 45.39 -21.80
N KCX E 191 -58.99 45.75 -23.07
CA KCX E 191 -58.05 45.08 -23.95
CB KCX E 191 -58.77 44.45 -25.15
CG KCX E 191 -59.38 45.52 -26.05
CD KCX E 191 -60.16 44.87 -27.21
CE KCX E 191 -59.20 44.17 -28.18
NZ KCX E 191 -58.26 45.12 -28.73
C KCX E 191 -57.00 46.07 -24.45
O KCX E 191 -57.32 47.26 -24.71
CX KCX E 191 -58.63 45.98 -29.83
OQ1 KCX E 191 -59.77 45.89 -30.36
OQ2 KCX E 191 -57.82 46.82 -30.27
HA KCX E 191 -57.63 44.37 -23.44
HB2 KCX E 191 -59.47 43.86 -24.83
HB3 KCX E 191 -58.12 43.93 -25.67
HG2 KCX E 191 -58.68 46.08 -26.42
HG3 KCX E 191 -59.99 46.07 -25.53
HD2 KCX E 191 -60.65 45.54 -27.68
HD3 KCX E 191 -60.78 44.21 -26.84
HE2 KCX E 191 -59.73 43.78 -28.91
HE3 KCX E 191 -58.73 43.47 -27.71
HZ KCX E 191 -57.47 45.16 -28.40
N ASN E 192 -55.76 45.59 -24.57
CA ASN E 192 -54.73 46.36 -25.29
C ASN E 192 -55.27 46.67 -26.68
N ASP E 193 -55.05 47.89 -27.16
CA ASP E 193 -55.22 48.12 -28.61
C ASP E 193 -54.29 47.19 -29.36
N GLU E 194 -54.67 46.81 -30.57
CA GLU E 194 -54.01 45.69 -31.22
C GLU E 194 -52.49 45.84 -31.36
N PRO E 195 -51.91 47.05 -31.46
CA PRO E 195 -50.44 47.12 -31.59
C PRO E 195 -49.70 47.33 -30.28
N GLN E 196 -50.42 47.58 -29.19
CA GLN E 196 -49.78 47.86 -27.91
C GLN E 196 -49.04 46.61 -27.42
N GLY E 197 -47.76 46.78 -27.08
CA GLY E 197 -46.96 45.68 -26.58
C GLY E 197 -45.79 46.14 -25.75
N ASN E 198 -44.62 46.25 -26.37
CA ASN E 198 -43.38 46.63 -25.69
C ASN E 198 -42.69 47.75 -26.45
N GLN E 199 -43.44 48.80 -26.77
CA GLN E 199 -42.82 49.99 -27.35
C GLN E 199 -41.84 50.61 -26.38
N VAL E 200 -40.79 51.23 -26.91
CA VAL E 200 -39.72 51.75 -26.07
C VAL E 200 -40.27 52.77 -25.07
N PHE E 201 -41.34 53.48 -25.43
CA PHE E 201 -41.93 54.48 -24.55
C PHE E 201 -42.93 53.88 -23.56
N ALA E 202 -43.22 52.58 -23.67
CA ALA E 202 -44.14 51.92 -22.74
C ALA E 202 -43.72 50.46 -22.59
N PRO E 203 -42.61 50.20 -21.92
CA PRO E 203 -42.09 48.82 -21.85
C PRO E 203 -43.08 47.90 -21.15
N LEU E 204 -43.15 46.65 -21.64
CA LEU E 204 -44.10 45.70 -21.09
C LEU E 204 -43.75 45.37 -19.64
N ARG E 205 -42.47 45.19 -19.33
CA ARG E 205 -42.08 44.86 -17.96
C ARG E 205 -42.44 45.96 -16.98
N THR E 206 -42.58 47.21 -17.45
CA THR E 206 -42.97 48.31 -16.58
C THR E 206 -44.48 48.53 -16.55
N ILE E 207 -45.15 48.36 -17.68
CA ILE E 207 -46.57 48.66 -17.77
C ILE E 207 -47.39 47.62 -17.02
N MET E 208 -46.99 46.35 -17.08
CA MET E 208 -47.85 45.27 -16.60
C MET E 208 -48.06 45.33 -15.10
N PRO E 209 -47.03 45.52 -14.27
CA PRO E 209 -47.28 45.64 -12.82
C PRO E 209 -48.25 46.76 -12.47
N MET E 210 -48.22 47.88 -13.19
CA MET E 210 -49.13 48.98 -12.87
C MET E 210 -50.55 48.68 -13.34
N ILE E 211 -50.70 48.03 -14.49
CA ILE E 211 -52.01 47.57 -14.91
C ILE E 211 -52.59 46.62 -13.85
N ALA E 212 -51.76 45.67 -13.41
CA ALA E 212 -52.19 44.77 -12.33
C ALA E 212 -52.62 45.56 -11.11
N ASP E 213 -51.80 46.52 -10.68
CA ASP E 213 -52.16 47.35 -9.54
C ASP E 213 -53.49 48.06 -9.79
N SER E 214 -53.65 48.64 -10.97
CA SER E 214 -54.92 49.31 -11.29
C SER E 214 -56.09 48.35 -11.15
N MET E 215 -55.89 47.07 -11.51
CA MET E 215 -56.96 46.10 -11.39
C MET E 215 -57.27 45.81 -9.92
N ARG E 216 -56.23 45.62 -9.10
CA ARG E 216 -56.47 45.36 -7.69
C ARG E 216 -57.22 46.53 -7.04
N ARG E 217 -56.80 47.76 -7.31
CA ARG E 217 -57.44 48.91 -6.68
C ARG E 217 -58.88 49.07 -7.14
N ALA E 218 -59.13 48.92 -8.45
CA ALA E 218 -60.49 49.03 -8.94
C ALA E 218 -61.38 47.91 -8.43
N GLN E 219 -60.80 46.74 -8.14
CA GLN E 219 -61.58 45.64 -7.58
C GLN E 219 -61.91 45.87 -6.12
N ASP E 220 -60.97 46.42 -5.36
CA ASP E 220 -61.19 46.63 -3.93
C ASP E 220 -62.21 47.72 -3.66
N GLU E 221 -62.28 48.74 -4.52
CA GLU E 221 -63.20 49.85 -4.33
C GLU E 221 -64.57 49.59 -4.93
N THR E 222 -64.66 48.81 -6.01
CA THR E 222 -65.93 48.50 -6.62
C THR E 222 -66.54 47.20 -6.11
N GLY E 223 -65.75 46.35 -5.47
CA GLY E 223 -66.25 45.06 -5.03
C GLY E 223 -66.59 44.10 -6.15
N GLN E 224 -66.13 44.38 -7.37
CA GLN E 224 -66.38 43.54 -8.52
C GLN E 224 -65.06 43.10 -9.15
N ALA E 225 -65.06 41.91 -9.74
CA ALA E 225 -63.90 41.45 -10.49
C ALA E 225 -63.73 42.28 -11.76
N LYS E 226 -62.48 42.38 -12.22
CA LYS E 226 -62.14 43.15 -13.40
C LYS E 226 -61.23 42.32 -14.29
N LEU E 227 -61.42 42.45 -15.61
CA LEU E 227 -60.76 41.63 -16.59
C LEU E 227 -59.89 42.47 -17.51
N PHE E 228 -58.80 41.87 -17.98
CA PHE E 228 -57.88 42.51 -18.90
C PHE E 228 -57.45 41.52 -19.97
N SER E 229 -57.21 42.03 -21.17
CA SER E 229 -56.75 41.24 -22.29
C SER E 229 -55.43 41.84 -22.78
N ALA E 230 -54.34 41.09 -22.61
CA ALA E 230 -53.01 41.56 -22.92
C ALA E 230 -52.53 41.03 -24.27
N ASN E 231 -51.91 41.89 -25.06
CA ASN E 231 -51.38 41.52 -26.36
C ASN E 231 -50.04 40.82 -26.16
N ILE E 232 -49.93 39.59 -26.67
CA ILE E 232 -48.69 38.85 -26.63
C ILE E 232 -48.16 38.52 -28.03
N THR E 233 -48.80 39.06 -29.06
CA THR E 233 -48.42 38.76 -30.44
C THR E 233 -46.94 39.06 -30.65
N ALA E 234 -46.29 38.17 -31.40
CA ALA E 234 -44.87 38.32 -31.70
C ALA E 234 -44.50 37.34 -32.81
N ASP E 235 -43.43 37.66 -33.52
CA ASP E 235 -42.93 36.76 -34.55
C ASP E 235 -42.32 35.49 -33.94
N ASP E 236 -41.58 35.63 -32.85
CA ASP E 236 -40.94 34.48 -32.21
C ASP E 236 -41.89 33.84 -31.22
N PRO E 237 -42.19 32.54 -31.36
CA PRO E 237 -42.98 31.87 -30.31
C PRO E 237 -42.39 32.03 -28.93
N ALA E 238 -41.06 32.02 -28.81
CA ALA E 238 -40.43 32.18 -27.50
C ALA E 238 -40.77 33.53 -26.89
N GLU E 239 -40.89 34.57 -27.72
CA GLU E 239 -41.32 35.87 -27.22
C GLU E 239 -42.76 35.81 -26.73
N MET E 240 -43.65 35.22 -27.53
CA MET E 240 -45.03 35.03 -27.09
C MET E 240 -45.07 34.31 -25.74
N TYR E 241 -44.25 33.26 -25.59
CA TYR E 241 -44.25 32.51 -24.35
C TYR E 241 -43.72 33.37 -23.20
N ALA E 242 -42.64 34.11 -23.45
CA ALA E 242 -42.08 34.96 -22.41
C ALA E 242 -43.08 36.01 -21.95
N ARG E 243 -43.79 36.63 -22.88
CA ARG E 243 -44.78 37.64 -22.53
C ARG E 243 -45.90 37.02 -21.70
N GLY E 244 -46.46 35.90 -22.17
CA GLY E 244 -47.51 35.25 -21.40
C GLY E 244 -47.07 34.87 -20.01
N GLU E 245 -45.89 34.25 -19.89
CA GLU E 245 -45.41 33.82 -18.58
C GLU E 245 -45.20 35.03 -17.65
N PHE E 246 -44.62 36.11 -18.18
CA PHE E 246 -44.39 37.29 -17.34
C PHE E 246 -45.71 37.90 -16.88
N ILE E 247 -46.70 37.98 -17.76
CA ILE E 247 -47.98 38.58 -17.41
C ILE E 247 -48.69 37.76 -16.33
N LEU E 248 -48.76 36.44 -16.52
CA LEU E 248 -49.40 35.59 -15.52
C LEU E 248 -48.69 35.72 -14.18
N GLU E 249 -47.35 35.73 -14.19
CA GLU E 249 -46.61 35.92 -12.94
C GLU E 249 -46.96 37.27 -12.30
N THR E 250 -47.09 38.31 -13.12
CA THR E 250 -47.32 39.65 -12.58
C THR E 250 -48.71 39.76 -11.95
N PHE E 251 -49.73 39.21 -12.62
CA PHE E 251 -51.08 39.30 -12.11
C PHE E 251 -51.35 38.32 -10.97
N GLY E 252 -50.48 37.35 -10.77
CA GLY E 252 -50.56 36.47 -9.63
C GLY E 252 -51.93 35.85 -9.40
N GLU E 253 -52.49 36.08 -8.22
CA GLU E 253 -53.76 35.45 -7.85
C GLU E 253 -54.88 35.82 -8.83
N PHE E 254 -54.71 36.90 -9.58
CA PHE E 254 -55.71 37.32 -10.56
C PHE E 254 -55.32 36.96 -11.99
N ALA E 255 -54.46 35.96 -12.15
CA ALA E 255 -54.04 35.57 -13.50
C ALA E 255 -55.21 35.03 -14.31
N ASP E 256 -56.21 34.43 -13.67
CA ASP E 256 -57.37 33.95 -14.38
C ASP E 256 -58.29 35.07 -14.82
N HIS E 257 -58.01 36.31 -14.42
CA HIS E 257 -58.72 37.48 -14.93
C HIS E 257 -58.12 38.01 -16.23
N VAL E 258 -57.06 37.38 -16.73
CA VAL E 258 -56.28 37.91 -17.85
C VAL E 258 -56.53 37.04 -19.08
N ALA E 259 -56.88 37.69 -20.18
CA ALA E 259 -56.94 37.06 -21.49
C ALA E 259 -55.68 37.40 -22.27
N PHE E 260 -55.38 36.56 -23.27
CA PHE E 260 -54.23 36.76 -24.13
C PHE E 260 -54.74 37.13 -25.53
N LEU E 261 -54.37 38.31 -26.00
CA LEU E 261 -54.76 38.77 -27.32
C LEU E 261 -53.69 38.41 -28.36
N VAL E 262 -54.14 37.94 -29.52
CA VAL E 262 -53.27 37.57 -30.61
C VAL E 262 -53.81 38.17 -31.89
N ASP E 263 -52.97 38.92 -32.61
CA ASP E 263 -53.30 39.46 -33.93
C ASP E 263 -53.18 38.29 -34.91
N GLY E 264 -54.23 37.49 -34.97
CA GLY E 264 -54.15 36.21 -35.63
C GLY E 264 -54.03 36.26 -37.14
N TYR E 265 -54.53 37.33 -37.75
CA TYR E 265 -54.51 37.39 -39.21
C TYR E 265 -53.12 37.75 -39.74
N VAL E 266 -52.49 38.77 -39.14
CA VAL E 266 -51.17 39.17 -39.61
C VAL E 266 -50.08 38.27 -39.04
N ALA E 267 -50.28 37.72 -37.84
CA ALA E 267 -49.28 36.83 -37.25
C ALA E 267 -49.43 35.41 -37.78
N GLY E 268 -50.66 34.98 -38.06
CA GLY E 268 -50.90 33.70 -38.68
C GLY E 268 -51.47 32.67 -37.72
N PRO E 269 -52.06 31.61 -38.27
CA PRO E 269 -52.58 30.54 -37.40
C PRO E 269 -51.53 29.95 -36.48
N THR E 270 -50.27 29.93 -36.91
CA THR E 270 -49.22 29.39 -36.05
C THR E 270 -49.11 30.17 -34.74
N ALA E 271 -49.30 31.49 -34.80
CA ALA E 271 -49.29 32.28 -33.58
C ALA E 271 -50.50 31.98 -32.71
N VAL E 272 -51.68 31.86 -33.32
CA VAL E 272 -52.89 31.55 -32.55
C VAL E 272 -52.73 30.20 -31.86
N THR E 273 -52.29 29.19 -32.61
CA THR E 273 -52.17 27.85 -32.04
C THR E 273 -51.10 27.81 -30.97
N ALA E 274 -50.01 28.56 -31.13
CA ALA E 274 -48.99 28.61 -30.11
C ALA E 274 -49.57 29.06 -28.77
N CYS E 275 -50.43 30.08 -28.80
CA CYS E 275 -51.10 30.52 -27.58
C CYS E 275 -52.15 29.52 -27.14
N ARG E 276 -52.92 29.00 -28.09
CA ARG E 276 -53.97 28.04 -27.74
C ARG E 276 -53.41 26.84 -26.99
N ARG E 277 -52.24 26.35 -27.39
CA ARG E 277 -51.71 25.12 -26.83
C ARG E 277 -50.77 25.35 -25.66
N ARG E 278 -50.10 26.50 -25.59
CA ARG E 278 -49.23 26.77 -24.46
C ARG E 278 -50.03 27.29 -23.26
N PHE E 279 -51.05 28.11 -23.52
CA PHE E 279 -51.89 28.72 -22.49
C PHE E 279 -53.34 28.34 -22.71
N PRO E 280 -53.68 27.05 -22.64
CA PRO E 280 -55.07 26.65 -22.90
C PRO E 280 -56.05 27.14 -21.84
N GLN E 281 -55.59 27.42 -20.62
CA GLN E 281 -56.46 27.88 -19.55
C GLN E 281 -56.58 29.40 -19.48
N GLN E 282 -56.06 30.11 -20.48
CA GLN E 282 -56.24 31.55 -20.62
C GLN E 282 -57.12 31.83 -21.82
N PHE E 283 -58.04 32.79 -21.66
CA PHE E 283 -58.94 33.17 -22.75
C PHE E 283 -58.15 33.67 -23.95
N LEU E 284 -58.34 33.03 -25.10
CA LEU E 284 -57.64 33.38 -26.33
C LEU E 284 -58.46 34.44 -27.07
N HIS E 285 -57.97 35.68 -27.06
CA HIS E 285 -58.64 36.82 -27.67
C HIS E 285 -58.07 37.01 -29.06
N TYR E 286 -58.84 36.61 -30.08
CA TYR E 286 -58.41 36.67 -31.48
C TYR E 286 -58.76 38.05 -32.04
N HIS E 287 -57.74 38.84 -32.35
CA HIS E 287 -57.91 40.12 -33.03
C HIS E 287 -57.53 39.95 -34.49
N ARG E 288 -58.43 40.37 -35.40
CA ARG E 288 -58.30 40.08 -36.82
C ARG E 288 -57.76 41.26 -37.61
N ALA E 289 -56.90 42.08 -37.01
CA ALA E 289 -56.32 43.21 -37.72
C ALA E 289 -55.71 42.76 -39.04
N GLY E 290 -56.09 43.45 -40.12
CA GLY E 290 -55.59 43.14 -41.44
C GLY E 290 -56.52 42.28 -42.28
N HIS E 291 -57.49 41.61 -41.65
CA HIS E 291 -58.38 40.73 -42.38
C HIS E 291 -59.06 41.43 -43.55
N GLY E 292 -59.32 42.73 -43.42
CA GLY E 292 -60.06 43.44 -44.45
C GLY E 292 -59.44 43.36 -45.82
N ALA E 293 -58.16 43.02 -45.90
CA ALA E 293 -57.50 42.93 -47.21
C ALA E 293 -58.16 41.90 -48.12
N VAL E 294 -58.84 40.89 -47.55
CA VAL E 294 -59.49 39.87 -48.35
C VAL E 294 -60.98 39.77 -48.02
N THR E 295 -61.33 40.00 -46.75
CA THR E 295 -62.71 39.79 -46.34
C THR E 295 -63.67 40.86 -46.87
N SER E 296 -63.15 42.02 -47.24
CA SER E 296 -64.02 43.09 -47.68
C SER E 296 -64.85 42.65 -48.88
N PRO E 297 -66.13 43.00 -48.96
CA PRO E 297 -66.90 42.71 -50.17
C PRO E 297 -66.31 43.37 -51.41
N GLN E 298 -65.48 44.40 -51.24
CA GLN E 298 -64.77 44.99 -52.36
C GLN E 298 -63.76 44.01 -52.95
N SER E 299 -63.29 43.04 -52.17
CA SER E 299 -62.35 42.05 -52.65
C SER E 299 -63.10 40.85 -53.23
N LYS E 300 -62.60 40.35 -54.36
CA LYS E 300 -63.16 39.15 -55.00
C LYS E 300 -62.25 37.94 -54.81
N ARG E 301 -61.30 38.02 -53.87
CA ARG E 301 -60.32 36.96 -53.67
C ARG E 301 -60.27 36.57 -52.20
N GLY E 302 -59.56 35.48 -51.92
CA GLY E 302 -59.37 35.06 -50.54
C GLY E 302 -60.61 34.40 -49.99
N TYR E 303 -61.04 34.85 -48.81
CA TYR E 303 -62.24 34.32 -48.17
C TYR E 303 -62.97 35.46 -47.48
N THR E 304 -64.26 35.23 -47.22
CA THR E 304 -65.10 36.23 -46.57
C THR E 304 -64.86 36.22 -45.05
N ALA E 305 -65.40 37.23 -44.38
CA ALA E 305 -65.27 37.31 -42.94
C ALA E 305 -65.98 36.14 -42.26
N PHE E 306 -67.12 35.73 -42.81
CA PHE E 306 -67.82 34.55 -42.28
C PHE E 306 -66.90 33.34 -42.29
N VAL E 307 -66.19 33.12 -43.39
CA VAL E 307 -65.28 31.99 -43.47
C VAL E 307 -64.12 32.18 -42.49
N HIS E 308 -63.55 33.39 -42.45
CA HIS E 308 -62.42 33.65 -41.56
C HIS E 308 -62.79 33.35 -40.11
N CYS E 309 -63.93 33.87 -39.66
CA CYS E 309 -64.34 33.67 -38.26
C CYS E 309 -64.61 32.20 -37.99
N LYS E 310 -65.21 31.49 -38.95
CA LYS E 310 -65.50 30.08 -38.73
C LYS E 310 -64.23 29.28 -38.50
N MET E 311 -63.17 29.57 -39.26
CA MET E 311 -61.90 28.88 -39.06
C MET E 311 -61.30 29.20 -37.70
N SER E 312 -61.50 30.42 -37.20
CA SER E 312 -60.95 30.75 -35.89
C SER E 312 -61.47 29.84 -34.81
N ARG E 313 -62.71 29.36 -34.96
CA ARG E 313 -63.25 28.41 -33.99
C ARG E 313 -62.47 27.10 -34.02
N LEU E 314 -62.09 26.65 -35.21
CA LEU E 314 -61.28 25.44 -35.33
C LEU E 314 -59.93 25.63 -34.66
N SER E 315 -59.28 26.78 -34.91
CA SER E 315 -58.00 27.05 -34.28
C SER E 315 -58.10 27.10 -32.76
N GLY E 316 -59.29 27.43 -32.25
CA GLY E 316 -59.52 27.39 -30.82
C GLY E 316 -59.58 28.76 -30.16
N ALA E 317 -60.03 29.75 -30.91
CA ALA E 317 -60.17 31.09 -30.36
C ALA E 317 -61.33 31.11 -29.35
N SER E 318 -61.07 31.63 -28.16
CA SER E 318 -62.13 31.81 -27.18
C SER E 318 -63.09 32.90 -27.62
N GLY E 319 -62.56 33.95 -28.23
CA GLY E 319 -63.38 35.01 -28.80
C GLY E 319 -62.67 35.61 -30.00
N ILE E 320 -63.46 36.13 -30.94
CA ILE E 320 -62.94 36.75 -32.14
C ILE E 320 -63.85 37.90 -32.52
N HIS E 321 -63.26 38.93 -33.13
CA HIS E 321 -64.04 40.08 -33.58
C HIS E 321 -64.86 39.70 -34.81
N THR E 322 -66.16 39.90 -34.72
CA THR E 322 -67.06 39.67 -35.85
C THR E 322 -67.43 40.97 -36.56
N GLY E 323 -67.03 42.12 -36.03
CA GLY E 323 -67.42 43.39 -36.58
C GLY E 323 -68.75 43.88 -36.04
N THR E 324 -68.98 45.18 -36.21
CA THR E 324 -70.20 45.81 -35.73
C THR E 324 -71.42 45.52 -36.61
N MET E 325 -71.26 44.68 -37.63
CA MET E 325 -72.38 44.25 -38.47
C MET E 325 -73.10 45.44 -39.10
N GLY E 326 -72.34 46.47 -39.46
CA GLY E 326 -72.88 47.63 -40.12
C GLY E 326 -73.32 48.76 -39.22
N TYR E 327 -73.13 48.63 -37.91
CA TYR E 327 -73.53 49.67 -36.97
C TYR E 327 -72.37 50.55 -36.52
N GLY E 328 -71.14 50.21 -36.90
CA GLY E 328 -69.98 50.96 -36.47
C GLY E 328 -69.20 51.62 -37.58
N LYS E 329 -67.91 51.86 -37.35
CA LYS E 329 -67.09 52.58 -38.31
C LYS E 329 -66.45 51.67 -39.35
N MET E 330 -66.40 50.37 -39.11
CA MET E 330 -65.78 49.43 -40.03
C MET E 330 -66.80 48.92 -41.05
N GLU E 331 -66.28 48.29 -42.10
CA GLU E 331 -67.16 47.68 -43.10
C GLU E 331 -67.94 46.53 -42.47
N GLY E 332 -69.19 46.39 -42.88
CA GLY E 332 -70.04 45.34 -42.34
C GLY E 332 -71.47 45.53 -42.77
N ASP E 333 -72.26 44.49 -42.55
CA ASP E 333 -73.66 44.48 -42.94
C ASP E 333 -74.47 43.79 -41.85
N ALA E 334 -75.75 44.17 -41.77
CA ALA E 334 -76.62 43.61 -40.74
C ALA E 334 -76.76 42.10 -40.88
N ASP E 335 -76.62 41.57 -42.10
CA ASP E 335 -76.67 40.13 -42.31
C ASP E 335 -75.47 39.41 -41.72
N ASP E 336 -74.44 40.16 -41.28
CA ASP E 336 -73.29 39.52 -40.66
C ASP E 336 -73.63 38.83 -39.35
N LYS E 337 -74.86 39.00 -38.84
CA LYS E 337 -75.27 38.26 -37.66
C LYS E 337 -75.11 36.75 -37.85
N ALA E 338 -75.19 36.28 -39.10
CA ALA E 338 -74.99 34.87 -39.37
C ALA E 338 -73.61 34.40 -38.92
N ILE E 339 -72.63 35.31 -38.90
CA ILE E 339 -71.30 34.95 -38.41
C ILE E 339 -71.35 34.64 -36.91
N ALA E 340 -72.10 35.43 -36.15
CA ALA E 340 -72.19 35.19 -34.72
C ALA E 340 -72.81 33.83 -34.44
N TYR E 341 -73.93 33.51 -35.11
CA TYR E 341 -74.61 32.26 -34.84
C TYR E 341 -73.72 31.06 -35.16
N MET E 342 -72.93 31.15 -36.23
CA MET E 342 -72.02 30.06 -36.57
C MET E 342 -70.96 29.87 -35.50
N LEU E 343 -70.62 30.92 -34.77
CA LEU E 343 -69.58 30.83 -33.76
C LEU E 343 -70.10 30.31 -32.43
N GLU E 344 -71.35 30.61 -32.08
CA GLU E 344 -71.86 30.39 -30.74
C GLU E 344 -72.89 29.28 -30.64
N GLN E 345 -73.16 28.57 -31.74
CA GLN E 345 -74.18 27.54 -31.75
C GLN E 345 -73.59 26.20 -32.20
N ASP E 346 -74.23 25.12 -31.75
CA ASP E 346 -73.86 23.78 -32.20
C ASP E 346 -74.45 23.45 -33.57
N ASP E 347 -75.45 24.21 -34.01
CA ASP E 347 -76.08 24.00 -35.31
C ASP E 347 -76.41 25.37 -35.86
N ALA E 348 -75.85 25.71 -37.02
CA ALA E 348 -76.06 27.01 -37.62
C ALA E 348 -75.97 26.89 -39.13
N GLN E 349 -76.57 27.86 -39.82
CA GLN E 349 -76.69 27.84 -41.27
C GLN E 349 -75.73 28.86 -41.87
N GLY E 350 -74.85 28.39 -42.75
CA GLY E 350 -73.99 29.26 -43.50
C GLY E 350 -74.64 29.65 -44.82
N PRO E 351 -73.98 30.51 -45.59
CA PRO E 351 -74.54 30.90 -46.89
C PRO E 351 -74.86 29.72 -47.79
N TYR E 352 -74.15 28.59 -47.63
CA TYR E 352 -74.35 27.45 -48.50
C TYR E 352 -74.50 26.14 -47.74
N PHE E 353 -73.80 26.01 -46.61
CA PHE E 353 -73.70 24.74 -45.91
C PHE E 353 -74.19 24.87 -44.48
N ARG E 354 -75.06 23.93 -44.07
CA ARG E 354 -75.43 23.79 -42.67
C ARG E 354 -74.31 23.04 -41.94
N GLN E 355 -73.89 23.57 -40.80
CA GLN E 355 -72.75 23.03 -40.08
C GLN E 355 -73.16 22.62 -38.67
N THR E 356 -72.92 21.36 -38.33
CA THR E 356 -73.02 20.88 -36.96
C THR E 356 -71.61 20.74 -36.38
N TRP E 357 -71.48 21.01 -35.09
CA TRP E 357 -70.17 21.11 -34.45
C TRP E 357 -69.87 19.97 -33.49
N GLN E 358 -70.78 19.03 -33.31
CA GLN E 358 -70.56 17.86 -32.46
C GLN E 358 -70.07 18.28 -31.07
N GLY E 359 -70.70 19.32 -30.53
CA GLY E 359 -70.38 19.76 -29.19
C GLY E 359 -69.09 20.53 -29.04
N MET E 360 -68.46 20.94 -30.14
CA MET E 360 -67.27 21.79 -30.03
C MET E 360 -67.64 23.09 -29.31
N LYS E 361 -66.75 23.53 -28.43
CA LYS E 361 -67.03 24.71 -27.63
C LYS E 361 -67.27 25.92 -28.52
N ALA E 362 -68.14 26.81 -28.06
CA ALA E 362 -68.48 28.00 -28.82
C ALA E 362 -67.41 29.08 -28.69
N THR E 363 -67.26 29.87 -29.74
CA THR E 363 -66.43 31.06 -29.74
C THR E 363 -67.33 32.28 -29.58
N THR E 364 -66.92 33.21 -28.71
CA THR E 364 -67.77 34.36 -28.39
C THR E 364 -67.50 35.51 -29.35
N PRO E 365 -68.53 36.11 -29.93
CA PRO E 365 -68.30 37.30 -30.76
C PRO E 365 -67.83 38.48 -29.92
N ILE E 366 -66.91 39.26 -30.48
CA ILE E 366 -66.39 40.47 -29.85
C ILE E 366 -66.79 41.63 -30.74
N ILE E 367 -67.65 42.50 -30.23
CA ILE E 367 -68.23 43.60 -30.99
C ILE E 367 -67.42 44.86 -30.71
N SER E 368 -66.82 45.43 -31.75
CA SER E 368 -65.92 46.56 -31.60
C SER E 368 -65.81 47.29 -32.93
N GLY E 369 -65.61 48.60 -32.84
CA GLY E 369 -65.39 49.42 -34.02
C GLY E 369 -66.29 50.63 -34.08
N GLY E 370 -65.87 51.71 -33.44
CA GLY E 370 -66.64 52.94 -33.49
C GLY E 370 -68.01 52.84 -32.87
N MET E 371 -68.13 52.09 -31.78
CA MET E 371 -69.38 51.93 -31.07
C MET E 371 -69.41 52.81 -29.84
N ASN E 372 -70.63 53.11 -29.38
CA ASN E 372 -70.84 53.84 -28.14
C ASN E 372 -72.21 53.44 -27.60
N ALA E 373 -72.58 54.04 -26.47
CA ALA E 373 -73.83 53.67 -25.80
C ALA E 373 -75.03 53.86 -26.71
N LEU E 374 -75.01 54.87 -27.58
CA LEU E 374 -76.18 55.15 -28.40
C LEU E 374 -76.37 54.11 -29.49
N ARG E 375 -75.30 53.46 -29.91
CA ARG E 375 -75.36 52.50 -31.01
C ARG E 375 -75.59 51.06 -30.56
N LEU E 376 -75.62 50.80 -29.27
CA LEU E 376 -75.73 49.44 -28.79
C LEU E 376 -77.15 48.88 -28.95
N PRO E 377 -78.19 49.65 -28.62
CA PRO E 377 -79.55 49.12 -28.79
C PRO E 377 -79.83 48.67 -30.22
N GLY E 378 -79.50 49.51 -31.21
CA GLY E 378 -79.72 49.12 -32.59
C GLY E 378 -78.97 47.86 -32.97
N PHE E 379 -77.73 47.73 -32.50
CA PHE E 379 -76.95 46.53 -32.81
C PHE E 379 -77.62 45.28 -32.27
N PHE E 380 -77.99 45.29 -30.98
CA PHE E 380 -78.54 44.10 -30.37
C PHE E 380 -79.94 43.76 -30.92
N ASP E 381 -80.69 44.77 -31.34
CA ASP E 381 -81.97 44.50 -31.98
C ASP E 381 -81.79 43.60 -33.20
N ASN E 382 -80.68 43.77 -33.92
CA ASN E 382 -80.42 42.94 -35.09
C ASN E 382 -79.85 41.59 -34.69
N LEU E 383 -78.99 41.56 -33.68
CA LEU E 383 -78.40 40.29 -33.25
C LEU E 383 -79.44 39.39 -32.60
N GLY E 384 -80.18 39.92 -31.63
CA GLY E 384 -81.17 39.16 -30.90
C GLY E 384 -80.78 38.81 -29.47
N HIS E 385 -79.54 39.08 -29.07
CA HIS E 385 -79.09 38.83 -27.71
C HIS E 385 -77.88 39.72 -27.43
N SER E 386 -77.50 39.80 -26.15
CA SER E 386 -76.41 40.65 -25.72
C SER E 386 -75.25 39.83 -25.13
N ASN E 387 -75.23 38.52 -25.37
CA ASN E 387 -74.20 37.65 -24.80
C ASN E 387 -72.93 37.75 -25.64
N VAL E 388 -72.26 38.89 -25.49
CA VAL E 388 -71.05 39.20 -26.25
C VAL E 388 -70.09 39.99 -25.38
N ILE E 389 -68.87 40.16 -25.87
CA ILE E 389 -67.89 41.07 -25.28
C ILE E 389 -67.86 42.32 -26.15
N GLN E 390 -68.22 43.46 -25.58
CA GLN E 390 -68.30 44.72 -26.30
C GLN E 390 -67.19 45.64 -25.85
N THR E 391 -66.46 46.20 -26.81
CA THR E 391 -65.36 47.13 -26.52
C THR E 391 -65.55 48.39 -27.33
N SER E 392 -65.58 49.53 -26.65
CA SER E 392 -65.74 50.84 -27.28
C SER E 392 -64.63 51.75 -26.76
N GLY E 393 -63.59 51.93 -27.57
CA GLY E 393 -62.51 52.80 -27.20
C GLY E 393 -62.92 54.26 -27.14
N GLY E 394 -63.24 54.83 -28.30
CA GLY E 394 -63.73 56.19 -28.34
C GLY E 394 -65.09 56.36 -27.68
N GLY E 395 -65.87 55.29 -27.58
CA GLY E 395 -67.16 55.38 -26.92
C GLY E 395 -67.08 55.49 -25.42
N ALA E 396 -65.94 55.12 -24.83
CA ALA E 396 -65.73 55.25 -23.39
C ALA E 396 -64.89 56.48 -23.06
N PHE E 397 -63.64 56.51 -23.54
CA PHE E 397 -62.77 57.64 -23.27
C PHE E 397 -63.13 58.88 -24.09
N GLY E 398 -64.08 58.76 -25.02
CA GLY E 398 -64.63 59.91 -25.71
C GLY E 398 -65.78 60.58 -25.00
N HIS E 399 -66.32 59.95 -23.96
CA HIS E 399 -67.34 60.58 -23.14
C HIS E 399 -66.82 61.90 -22.57
N LYS E 400 -67.68 62.91 -22.57
CA LYS E 400 -67.26 64.24 -22.14
C LYS E 400 -66.88 64.29 -20.66
N ASP E 401 -67.30 63.29 -19.88
CA ASP E 401 -67.04 63.28 -18.45
C ASP E 401 -65.93 62.32 -18.04
N GLY E 402 -65.32 61.63 -19.00
CA GLY E 402 -64.18 60.77 -18.73
C GLY E 402 -64.49 59.32 -19.01
N GLY E 403 -63.44 58.50 -18.92
CA GLY E 403 -63.57 57.09 -19.21
C GLY E 403 -64.47 56.35 -18.23
N ALA E 404 -64.38 56.71 -16.96
CA ALA E 404 -65.23 56.09 -15.95
C ALA E 404 -66.70 56.32 -16.26
N ALA E 405 -67.06 57.56 -16.61
CA ALA E 405 -68.44 57.85 -16.99
C ALA E 405 -68.84 57.12 -18.26
N GLY E 406 -67.94 57.06 -19.24
CA GLY E 406 -68.25 56.34 -20.46
C GLY E 406 -68.49 54.86 -20.22
N ALA E 407 -67.73 54.27 -19.30
CA ALA E 407 -67.96 52.87 -18.96
C ALA E 407 -69.36 52.67 -18.42
N LYS E 408 -69.79 53.54 -17.49
CA LYS E 408 -71.13 53.40 -16.91
C LYS E 408 -72.21 53.58 -17.98
N SER E 409 -71.98 54.49 -18.94
CA SER E 409 -72.95 54.67 -20.01
C SER E 409 -73.07 53.42 -20.86
N LEU E 410 -71.94 52.73 -21.10
CA LEU E 410 -71.97 51.50 -21.86
C LEU E 410 -72.75 50.42 -21.12
N ARG E 411 -72.48 50.25 -19.82
CA ARG E 411 -73.24 49.28 -19.04
C ARG E 411 -74.72 49.65 -18.99
N GLN E 412 -75.02 50.93 -18.79
CA GLN E 412 -76.41 51.37 -18.70
C GLN E 412 -77.16 51.14 -20.01
N ALA E 413 -76.47 51.24 -21.14
CA ALA E 413 -77.13 51.01 -22.42
C ALA E 413 -77.50 49.54 -22.58
N SER E 414 -76.64 48.64 -22.12
CA SER E 414 -76.94 47.22 -22.25
C SER E 414 -78.09 46.82 -21.33
N LEU E 415 -78.08 47.29 -20.09
CA LEU E 415 -79.18 46.99 -19.18
C LEU E 415 -80.50 47.54 -19.71
N ALA E 416 -80.47 48.71 -20.35
CA ALA E 416 -81.68 49.27 -20.94
C ALA E 416 -82.24 48.33 -22.00
N TRP E 417 -81.39 47.90 -22.94
CA TRP E 417 -81.85 47.01 -23.99
C TRP E 417 -82.30 45.66 -23.42
N GLN E 418 -81.48 45.09 -22.51
CA GLN E 418 -81.83 43.81 -21.91
C GLN E 418 -83.17 43.89 -21.18
N GLN E 419 -83.48 45.03 -20.57
CA GLN E 419 -84.72 45.22 -19.84
C GLN E 419 -85.83 45.83 -20.69
N GLY E 420 -85.59 46.03 -21.99
CA GLY E 420 -86.62 46.52 -22.87
C GLY E 420 -87.00 47.97 -22.68
N VAL E 421 -86.12 48.77 -22.09
CA VAL E 421 -86.39 50.18 -21.83
C VAL E 421 -85.75 51.02 -22.93
N ASP E 422 -86.50 52.00 -23.43
CA ASP E 422 -85.97 52.90 -24.44
C ASP E 422 -84.76 53.65 -23.90
N LEU E 423 -83.72 53.75 -24.71
CA LEU E 423 -82.47 54.38 -24.27
C LEU E 423 -82.73 55.79 -23.76
N LEU E 424 -83.58 56.56 -24.46
CA LEU E 424 -83.89 57.91 -24.02
C LEU E 424 -84.59 57.90 -22.67
N ASP E 425 -85.63 57.09 -22.54
CA ASP E 425 -86.33 56.98 -21.27
C ASP E 425 -85.36 56.55 -20.16
N TYR E 426 -84.48 55.60 -20.46
CA TYR E 426 -83.51 55.15 -19.46
C TYR E 426 -82.55 56.26 -19.07
N ALA E 427 -82.23 57.15 -20.00
CA ALA E 427 -81.21 58.17 -19.74
C ALA E 427 -81.69 59.23 -18.76
N LYS E 428 -83.00 59.40 -18.59
CA LYS E 428 -83.51 60.48 -17.75
C LYS E 428 -83.18 60.28 -16.28
N GLU E 429 -82.90 59.03 -15.87
CA GLU E 429 -82.55 58.74 -14.48
C GLU E 429 -81.15 58.16 -14.35
N HIS E 430 -80.32 58.33 -15.38
CA HIS E 430 -78.95 57.82 -15.38
C HIS E 430 -78.06 58.86 -16.04
N PRO E 431 -77.47 59.76 -15.24
CA PRO E 431 -76.71 60.87 -15.84
C PRO E 431 -75.62 60.44 -16.80
N GLU E 432 -74.92 59.34 -16.51
CA GLU E 432 -73.81 58.93 -17.36
C GLU E 432 -74.30 58.61 -18.76
N LEU E 433 -75.40 57.86 -18.88
CA LEU E 433 -75.97 57.59 -20.20
C LEU E 433 -76.43 58.87 -20.87
N ALA E 434 -77.14 59.72 -20.13
CA ALA E 434 -77.59 60.99 -20.68
C ALA E 434 -76.41 61.79 -21.21
N GLY E 435 -75.27 61.74 -20.53
CA GLY E 435 -74.11 62.46 -21.00
C GLY E 435 -73.55 61.90 -22.29
N ALA E 436 -73.72 60.60 -22.53
CA ALA E 436 -73.25 60.01 -23.77
C ALA E 436 -73.97 60.65 -24.97
N PHE E 437 -75.27 60.92 -24.83
CA PHE E 437 -75.99 61.62 -25.88
C PHE E 437 -75.29 62.92 -26.25
N GLU E 438 -74.92 63.71 -25.23
CA GLU E 438 -74.28 64.99 -25.49
C GLU E 438 -72.86 64.82 -26.00
N SER E 439 -72.17 63.76 -25.57
CA SER E 439 -70.79 63.53 -26.02
C SER E 439 -70.73 63.15 -27.48
N PHE E 440 -71.76 62.49 -27.99
CA PHE E 440 -71.83 62.05 -29.38
C PHE E 440 -73.13 62.56 -29.98
N PRO E 441 -73.26 63.87 -30.15
CA PRO E 441 -74.56 64.43 -30.55
C PRO E 441 -74.98 64.08 -31.96
N LYS E 442 -74.04 63.94 -32.89
CA LYS E 442 -74.39 63.54 -34.25
C LYS E 442 -75.06 62.18 -34.26
N ASP E 443 -74.63 61.28 -33.39
CA ASP E 443 -75.30 59.98 -33.27
C ASP E 443 -76.67 60.13 -32.63
N ALA E 444 -76.76 60.94 -31.57
CA ALA E 444 -78.04 61.14 -30.90
C ALA E 444 -79.07 61.76 -31.82
N ASP E 445 -78.64 62.59 -32.76
CA ASP E 445 -79.58 63.21 -33.70
C ASP E 445 -80.21 62.17 -34.61
N ALA E 446 -79.42 61.21 -35.07
CA ALA E 446 -79.92 60.22 -36.02
C ALA E 446 -80.64 59.07 -35.34
N LEU E 447 -80.20 58.68 -34.14
CA LEU E 447 -80.76 57.52 -33.47
C LEU E 447 -81.90 57.88 -32.52
N TYR E 448 -81.86 59.07 -31.91
CA TYR E 448 -82.87 59.51 -30.96
C TYR E 448 -83.16 60.98 -31.21
N PRO E 449 -83.98 61.28 -32.22
CA PRO E 449 -84.12 62.68 -32.65
C PRO E 449 -84.39 63.69 -31.54
N ASN E 450 -85.38 63.42 -30.69
CA ASN E 450 -85.83 64.40 -29.70
C ASN E 450 -85.15 64.19 -28.35
N TRP E 451 -83.82 64.14 -28.34
CA TRP E 451 -83.09 63.90 -27.11
C TRP E 451 -82.78 65.17 -26.34
N ARG E 452 -82.73 66.32 -27.01
CA ARG E 452 -82.47 67.57 -26.29
C ARG E 452 -83.74 68.12 -25.66
N GLU E 453 -84.88 67.88 -26.28
CA GLU E 453 -86.17 68.30 -25.72
C GLU E 453 -86.45 67.42 -24.52
N LYS E 454 -85.93 66.20 -24.54
CA LYS E 454 -85.85 65.29 -23.37
C LYS E 454 -84.48 65.46 -22.69
N ASP F 2 -62.76 65.74 -39.30
CA ASP F 2 -61.56 66.09 -40.05
C ASP F 2 -60.35 66.17 -39.14
N GLN F 3 -59.45 65.20 -39.27
CA GLN F 3 -58.23 65.14 -38.45
C GLN F 3 -56.98 65.48 -39.26
N SER F 4 -57.14 66.17 -40.39
CA SER F 4 -55.99 66.47 -41.25
C SER F 4 -55.00 67.38 -40.53
N ASN F 5 -55.49 68.31 -39.72
CA ASN F 5 -54.60 69.25 -39.06
C ASN F 5 -53.62 68.55 -38.13
N ARG F 6 -53.98 67.37 -37.64
CA ARG F 6 -53.13 66.62 -36.73
C ARG F 6 -52.27 65.58 -37.44
N TYR F 7 -52.89 64.72 -38.24
CA TYR F 7 -52.21 63.57 -38.81
C TYR F 7 -51.69 63.81 -40.22
N ALA F 8 -51.74 65.05 -40.71
CA ALA F 8 -51.23 65.38 -42.04
C ALA F 8 -50.23 66.53 -41.92
N ASN F 9 -49.14 66.43 -42.69
CA ASN F 9 -48.11 67.47 -42.74
C ASN F 9 -47.49 67.40 -44.14
N LEU F 10 -48.21 67.97 -45.11
CA LEU F 10 -47.77 67.94 -46.50
C LEU F 10 -46.57 68.83 -46.77
N SER F 11 -46.17 69.67 -45.81
CA SER F 11 -44.97 70.47 -45.95
C SER F 11 -43.69 69.67 -45.73
N LEU F 12 -43.79 68.45 -45.21
CA LEU F 12 -42.61 67.61 -45.00
C LEU F 12 -42.04 67.17 -46.34
N ARG F 13 -40.72 67.11 -46.43
CA ARG F 13 -40.03 66.69 -47.63
C ARG F 13 -39.56 65.24 -47.47
N GLU F 14 -39.95 64.38 -48.39
CA GLU F 14 -39.58 62.97 -48.30
C GLU F 14 -38.08 62.81 -48.13
N GLU F 15 -37.29 63.60 -48.87
CA GLU F 15 -35.84 63.46 -48.78
C GLU F 15 -35.34 63.74 -47.36
N ASP F 16 -36.00 64.65 -46.64
CA ASP F 16 -35.61 64.92 -45.26
C ASP F 16 -36.01 63.77 -44.34
N LEU F 17 -37.16 63.13 -44.62
CA LEU F 17 -37.58 62.00 -43.79
C LEU F 17 -36.63 60.82 -43.93
N ILE F 18 -36.14 60.56 -45.15
CA ILE F 18 -35.18 59.49 -45.36
C ILE F 18 -33.85 59.85 -44.71
N ALA F 19 -33.32 61.04 -45.00
CA ALA F 19 -32.07 61.47 -44.41
C ALA F 19 -32.14 61.43 -42.89
N GLY F 20 -33.28 61.80 -42.32
CA GLY F 20 -33.44 61.71 -40.89
C GLY F 20 -33.36 60.28 -40.38
N GLY F 21 -33.88 59.34 -41.15
CA GLY F 21 -33.78 57.94 -40.79
C GLY F 21 -34.56 57.52 -39.57
N LYS F 22 -35.57 58.30 -39.17
CA LYS F 22 -36.34 58.01 -37.98
C LYS F 22 -37.79 57.66 -38.28
N HIS F 23 -38.13 57.41 -39.55
CA HIS F 23 -39.49 57.09 -39.93
C HIS F 23 -39.51 55.94 -40.93
N VAL F 24 -40.53 55.08 -40.81
CA VAL F 24 -40.82 54.08 -41.83
C VAL F 24 -41.84 54.69 -42.79
N LEU F 25 -41.50 54.74 -44.07
CA LEU F 25 -42.34 55.35 -45.08
C LEU F 25 -43.08 54.27 -45.84
N CYS F 26 -44.35 54.54 -46.17
CA CYS F 26 -45.19 53.60 -46.89
C CYS F 26 -45.95 54.32 -47.97
N ALA F 27 -45.89 53.80 -49.20
CA ALA F 27 -46.61 54.34 -50.34
C ALA F 27 -47.87 53.52 -50.56
N TYR F 28 -49.02 54.20 -50.56
CA TYR F 28 -50.31 53.54 -50.73
C TYR F 28 -50.99 54.02 -52.01
N ILE F 29 -51.70 53.12 -52.68
CA ILE F 29 -52.67 53.47 -53.71
C ILE F 29 -54.03 53.36 -53.03
N MET F 30 -54.64 54.50 -52.73
CA MET F 30 -55.85 54.57 -51.92
C MET F 30 -56.91 55.41 -52.62
N LYS F 31 -58.16 54.97 -52.48
CA LYS F 31 -59.31 55.73 -52.95
C LYS F 31 -60.31 55.82 -51.81
N PRO F 32 -60.79 57.01 -51.46
CA PRO F 32 -61.84 57.12 -50.45
C PRO F 32 -63.19 56.71 -51.00
N LYS F 33 -64.10 56.40 -50.08
CA LYS F 33 -65.48 56.13 -50.46
C LYS F 33 -66.16 57.42 -50.90
N ALA F 34 -67.23 57.26 -51.68
CA ALA F 34 -67.95 58.40 -52.20
C ALA F 34 -68.42 59.30 -51.06
N GLY F 35 -68.11 60.59 -51.16
CA GLY F 35 -68.50 61.55 -50.16
C GLY F 35 -67.50 61.79 -49.06
N TYR F 36 -66.22 61.49 -49.30
CA TYR F 36 -65.17 61.69 -48.32
C TYR F 36 -63.99 62.37 -48.99
N GLY F 37 -63.51 63.46 -48.39
CA GLY F 37 -62.36 64.15 -48.94
C GLY F 37 -61.11 63.30 -48.87
N TYR F 38 -60.24 63.47 -49.87
CA TYR F 38 -59.06 62.64 -49.96
C TYR F 38 -58.14 62.85 -48.76
N LEU F 39 -57.67 64.09 -48.56
CA LEU F 39 -56.75 64.36 -47.45
C LEU F 39 -57.38 64.02 -46.11
N GLU F 40 -58.66 64.34 -45.94
CA GLU F 40 -59.35 64.00 -44.69
C GLU F 40 -59.41 62.49 -44.50
N SER F 41 -59.62 61.74 -45.59
CA SER F 41 -59.63 60.28 -45.49
C SER F 41 -58.24 59.73 -45.20
N ALA F 42 -57.22 60.24 -45.90
CA ALA F 42 -55.85 59.84 -45.61
C ALA F 42 -55.48 60.19 -44.18
N ALA F 43 -56.01 61.30 -43.66
CA ALA F 43 -55.72 61.68 -42.28
C ALA F 43 -56.31 60.66 -41.32
N HIS F 44 -57.58 60.29 -41.52
CA HIS F 44 -58.17 59.25 -40.69
C HIS F 44 -57.42 57.93 -40.85
N PHE F 45 -56.98 57.63 -42.08
CA PHE F 45 -56.19 56.43 -42.32
C PHE F 45 -54.96 56.40 -41.42
N ALA F 46 -54.21 57.50 -41.38
CA ALA F 46 -53.01 57.54 -40.54
C ALA F 46 -53.36 57.38 -39.07
N ALA F 47 -54.48 57.96 -38.64
CA ALA F 47 -54.88 57.86 -37.24
C ALA F 47 -55.12 56.41 -36.84
N GLU F 48 -55.94 55.70 -37.62
CA GLU F 48 -56.22 54.30 -37.32
C GLU F 48 -55.01 53.40 -37.52
N SER F 49 -53.90 53.94 -38.03
CA SER F 49 -52.69 53.16 -38.26
C SER F 49 -51.58 53.60 -37.31
N SER F 50 -51.91 54.27 -36.22
CA SER F 50 -50.88 54.74 -35.30
C SER F 50 -51.44 54.99 -33.91
N THR F 51 -52.07 56.15 -33.70
CA THR F 51 -52.40 56.62 -32.36
C THR F 51 -53.87 56.97 -32.15
N GLY F 52 -54.65 57.19 -33.21
CA GLY F 52 -55.96 57.79 -33.09
C GLY F 52 -57.10 56.82 -33.30
N THR F 53 -58.31 57.39 -33.31
CA THR F 53 -59.54 56.65 -33.59
C THR F 53 -60.40 57.54 -34.48
N ASN F 54 -61.71 57.38 -34.42
CA ASN F 54 -62.64 58.20 -35.20
C ASN F 54 -63.24 59.34 -34.38
N VAL F 55 -62.89 59.44 -33.10
CA VAL F 55 -63.37 60.51 -32.23
C VAL F 55 -62.23 60.92 -31.30
N GLU F 56 -62.40 62.09 -30.68
CA GLU F 56 -61.42 62.59 -29.72
C GLU F 56 -61.62 61.90 -28.38
N VAL F 57 -60.50 61.59 -27.71
CA VAL F 57 -60.51 60.93 -26.41
C VAL F 57 -59.78 61.80 -25.41
N CYS F 58 -60.24 61.78 -24.16
CA CYS F 58 -59.65 62.61 -23.12
C CYS F 58 -58.25 62.19 -22.73
N THR F 59 -57.82 60.99 -23.12
CA THR F 59 -56.53 60.46 -22.71
C THR F 59 -55.38 60.92 -23.58
N THR F 60 -55.66 61.52 -24.74
CA THR F 60 -54.58 61.98 -25.61
C THR F 60 -53.79 63.08 -24.94
N ASP F 61 -52.46 63.00 -25.04
CA ASP F 61 -51.56 63.98 -24.47
C ASP F 61 -50.53 64.40 -25.52
N ASP F 62 -49.64 65.32 -25.12
CA ASP F 62 -48.66 65.86 -26.05
C ASP F 62 -47.70 64.77 -26.53
N PHE F 63 -47.30 63.86 -25.63
CA PHE F 63 -46.36 62.81 -26.01
C PHE F 63 -46.94 61.94 -27.12
N THR F 64 -48.23 61.58 -26.99
CA THR F 64 -48.88 60.79 -28.03
C THR F 64 -48.79 61.47 -29.38
N ARG F 65 -49.05 62.78 -29.43
CA ARG F 65 -49.06 63.53 -30.70
C ARG F 65 -47.64 63.48 -31.31
N GLY F 66 -46.58 63.30 -30.51
CA GLY F 66 -45.23 63.23 -31.06
C GLY F 66 -45.00 62.02 -31.94
N VAL F 67 -45.67 60.91 -31.66
CA VAL F 67 -45.49 59.68 -32.43
C VAL F 67 -46.63 59.47 -33.43
N ASP F 68 -47.40 60.51 -33.71
CA ASP F 68 -48.46 60.41 -34.71
C ASP F 68 -47.87 59.99 -36.07
N ALA F 69 -48.57 59.10 -36.76
CA ALA F 69 -48.27 58.83 -38.16
C ALA F 69 -48.78 60.00 -39.00
N LEU F 70 -47.97 60.43 -39.95
CA LEU F 70 -48.23 61.66 -40.69
C LEU F 70 -48.31 61.39 -42.18
N VAL F 71 -49.39 61.85 -42.80
CA VAL F 71 -49.49 61.90 -44.27
C VAL F 71 -48.65 63.08 -44.75
N TYR F 72 -47.60 62.78 -45.51
CA TYR F 72 -46.70 63.82 -45.99
C TYR F 72 -46.76 64.02 -47.51
N GLU F 73 -47.64 63.31 -48.20
CA GLU F 73 -47.78 63.48 -49.64
C GLU F 73 -49.04 62.78 -50.10
N ILE F 74 -49.79 63.46 -50.98
CA ILE F 74 -50.98 62.88 -51.59
C ILE F 74 -51.07 63.35 -53.04
N ASP F 75 -51.75 62.54 -53.86
CA ASP F 75 -52.01 62.87 -55.27
C ASP F 75 -53.38 62.27 -55.59
N GLU F 76 -54.43 63.03 -55.30
CA GLU F 76 -55.79 62.50 -55.40
C GLU F 76 -56.06 61.94 -56.80
N ALA F 77 -55.69 62.69 -57.84
CA ALA F 77 -55.96 62.24 -59.20
C ALA F 77 -55.31 60.89 -59.51
N ASN F 78 -54.20 60.58 -58.83
CA ASN F 78 -53.51 59.32 -59.02
C ASN F 78 -53.69 58.37 -57.85
N GLU F 79 -54.48 58.74 -56.85
CA GLU F 79 -54.80 57.88 -55.71
C GLU F 79 -53.54 57.48 -54.94
N LEU F 80 -52.63 58.43 -54.76
CA LEU F 80 -51.38 58.17 -54.06
C LEU F 80 -51.44 58.77 -52.66
N MET F 81 -50.97 57.99 -51.68
CA MET F 81 -50.91 58.43 -50.29
C MET F 81 -49.64 57.87 -49.66
N LYS F 82 -48.81 58.75 -49.12
CA LYS F 82 -47.59 58.36 -48.43
C LYS F 82 -47.69 58.74 -46.96
N ILE F 83 -47.37 57.79 -46.08
CA ILE F 83 -47.47 57.99 -44.64
C ILE F 83 -46.11 57.69 -44.01
N ALA F 84 -45.67 58.56 -43.11
CA ALA F 84 -44.44 58.37 -42.36
C ALA F 84 -44.77 57.84 -40.98
N TYR F 85 -44.15 56.73 -40.59
CA TYR F 85 -44.41 56.08 -39.31
C TYR F 85 -43.22 56.27 -38.37
N PRO F 86 -43.35 57.01 -37.28
CA PRO F 86 -42.25 57.09 -36.31
C PRO F 86 -41.83 55.71 -35.86
N VAL F 87 -40.51 55.46 -35.83
CA VAL F 87 -40.01 54.12 -35.58
C VAL F 87 -40.37 53.65 -34.16
N ASP F 88 -40.58 54.59 -33.23
CA ASP F 88 -40.88 54.20 -31.86
C ASP F 88 -42.23 53.51 -31.72
N LEU F 89 -43.09 53.62 -32.73
CA LEU F 89 -44.42 53.00 -32.63
C LEU F 89 -44.34 51.48 -32.59
N PHE F 90 -43.33 50.90 -33.21
CA PHE F 90 -43.33 49.47 -33.51
C PHE F 90 -42.87 48.66 -32.30
N ASP F 91 -43.44 47.46 -32.20
CA ASP F 91 -43.21 46.60 -31.05
C ASP F 91 -41.81 45.99 -31.08
N ARG F 92 -41.31 45.67 -29.90
CA ARG F 92 -39.99 45.08 -29.73
C ARG F 92 -40.09 43.88 -28.79
N ASN F 93 -39.13 42.97 -28.90
CA ASN F 93 -39.13 41.77 -28.09
C ASN F 93 -38.60 42.07 -26.69
N ILE F 94 -39.26 41.50 -25.67
CA ILE F 94 -38.75 41.63 -24.32
C ILE F 94 -37.59 40.68 -24.04
N ILE F 95 -37.41 39.64 -24.87
CA ILE F 95 -36.34 38.68 -24.61
C ILE F 95 -35.02 39.13 -25.22
N ASP F 96 -35.05 39.88 -26.33
CA ASP F 96 -33.81 40.25 -27.01
C ASP F 96 -33.85 41.62 -27.67
N GLY F 97 -34.94 42.39 -27.53
CA GLY F 97 -34.98 43.72 -28.06
C GLY F 97 -35.09 43.84 -29.56
N ARG F 98 -35.25 42.73 -30.28
CA ARG F 98 -35.33 42.78 -31.74
C ARG F 98 -36.73 43.21 -32.16
N ALA F 99 -36.86 43.56 -33.44
CA ALA F 99 -38.11 43.98 -34.01
C ALA F 99 -38.92 42.78 -34.48
N MET F 100 -40.19 43.02 -34.80
CA MET F 100 -41.07 41.95 -35.26
C MET F 100 -41.88 42.46 -36.45
N LEU F 101 -41.98 41.65 -37.49
CA LEU F 101 -42.79 42.01 -38.64
C LEU F 101 -44.27 42.11 -38.28
N ALA F 102 -44.72 41.29 -37.32
CA ALA F 102 -46.13 41.32 -36.95
C ALA F 102 -46.58 42.71 -36.53
N SER F 103 -45.68 43.49 -35.91
CA SER F 103 -46.05 44.83 -35.47
C SER F 103 -46.18 45.78 -36.66
N PHE F 104 -45.26 45.69 -37.62
CA PHE F 104 -45.36 46.54 -38.80
C PHE F 104 -46.64 46.27 -39.57
N LEU F 105 -47.02 45.00 -39.72
CA LEU F 105 -48.24 44.67 -40.43
C LEU F 105 -49.47 45.14 -39.66
N THR F 106 -49.46 44.97 -38.33
CA THR F 106 -50.61 45.38 -37.52
C THR F 106 -50.93 46.86 -37.73
N LEU F 107 -49.89 47.68 -37.88
CA LEU F 107 -50.07 49.12 -38.00
C LEU F 107 -50.25 49.57 -39.45
N ALA F 108 -49.31 49.20 -40.32
CA ALA F 108 -49.30 49.73 -41.68
C ALA F 108 -50.38 49.11 -42.58
N ILE F 109 -50.87 47.91 -42.24
CA ILE F 109 -51.82 47.24 -43.11
C ILE F 109 -52.77 46.39 -42.28
N GLY F 110 -53.12 46.87 -41.10
CA GLY F 110 -54.01 46.15 -40.21
C GLY F 110 -55.44 46.63 -40.28
N ASN F 111 -55.89 47.31 -39.22
CA ASN F 111 -57.28 47.74 -39.14
C ASN F 111 -57.66 48.70 -40.26
N ASN F 112 -56.69 49.39 -40.87
CA ASN F 112 -57.01 50.32 -41.94
C ASN F 112 -57.61 49.64 -43.16
N GLN F 113 -57.55 48.32 -43.24
CA GLN F 113 -58.13 47.58 -44.36
C GLN F 113 -59.62 47.31 -44.17
N GLY F 114 -60.21 47.76 -43.07
CA GLY F 114 -61.63 47.58 -42.84
C GLY F 114 -62.40 48.87 -42.68
N MET F 115 -61.71 50.00 -42.83
CA MET F 115 -62.34 51.30 -42.63
C MET F 115 -63.54 51.47 -43.54
N GLY F 116 -64.65 51.95 -42.98
CA GLY F 116 -65.86 52.16 -43.75
C GLY F 116 -65.79 53.32 -44.72
N ASP F 117 -64.94 54.31 -44.45
CA ASP F 117 -64.82 55.48 -45.31
C ASP F 117 -63.81 55.30 -46.44
N ILE F 118 -63.10 54.17 -46.48
CA ILE F 118 -62.09 53.91 -47.48
C ILE F 118 -62.61 52.83 -48.43
N GLU F 119 -62.48 53.07 -49.73
CA GLU F 119 -62.87 52.05 -50.70
C GLU F 119 -61.81 50.96 -50.81
N TYR F 120 -60.55 51.35 -50.94
CA TYR F 120 -59.45 50.40 -50.98
C TYR F 120 -58.15 51.13 -50.71
N ALA F 121 -57.14 50.37 -50.25
CA ALA F 121 -55.82 50.92 -49.98
C ALA F 121 -54.82 49.78 -49.98
N LYS F 122 -53.74 49.94 -50.75
CA LYS F 122 -52.75 48.88 -50.92
C LYS F 122 -51.36 49.49 -50.90
N ILE F 123 -50.46 48.84 -50.16
CA ILE F 123 -49.07 49.29 -50.07
C ILE F 123 -48.33 48.81 -51.31
N HIS F 124 -47.58 49.72 -51.94
CA HIS F 124 -46.78 49.39 -53.11
C HIS F 124 -45.28 49.52 -52.86
N ASP F 125 -44.87 50.19 -51.79
CA ASP F 125 -43.47 50.29 -51.45
C ASP F 125 -43.35 50.73 -49.99
N VAL F 126 -42.26 50.34 -49.36
CA VAL F 126 -41.96 50.72 -47.97
C VAL F 126 -40.47 50.93 -47.84
N TYR F 127 -40.09 52.00 -47.13
CA TYR F 127 -38.70 52.27 -46.83
C TYR F 127 -38.44 51.96 -45.37
N PHE F 128 -37.43 51.12 -45.10
CA PHE F 128 -37.04 50.78 -43.75
C PHE F 128 -35.76 51.53 -43.40
N PRO F 129 -35.78 52.44 -42.44
CA PRO F 129 -34.55 53.17 -42.11
C PRO F 129 -33.52 52.24 -41.49
N PRO F 130 -32.23 52.59 -41.57
CA PRO F 130 -31.20 51.71 -41.00
C PRO F 130 -31.45 51.31 -39.56
N CYS F 131 -31.94 52.23 -38.71
CA CYS F 131 -32.13 51.92 -37.30
C CYS F 131 -33.27 50.94 -37.06
N TYR F 132 -34.17 50.76 -38.03
CA TYR F 132 -35.24 49.78 -37.94
C TYR F 132 -34.89 48.47 -38.63
N LEU F 133 -34.40 48.54 -39.87
CA LEU F 133 -33.98 47.34 -40.58
C LEU F 133 -32.94 46.57 -39.78
N ARG F 134 -32.05 47.30 -39.08
CA ARG F 134 -30.98 46.68 -38.32
C ARG F 134 -31.48 45.76 -37.21
N LEU F 135 -32.74 45.89 -36.82
CA LEU F 135 -33.28 45.12 -35.70
C LEU F 135 -33.97 43.84 -36.13
N PHE F 136 -33.92 43.50 -37.41
CA PHE F 136 -34.58 42.30 -37.92
C PHE F 136 -33.57 41.18 -38.14
N ASP F 137 -34.06 39.94 -38.04
CA ASP F 137 -33.18 38.78 -38.12
C ASP F 137 -32.35 38.80 -39.40
N GLY F 138 -33.00 38.97 -40.54
CA GLY F 138 -32.31 38.88 -41.81
C GLY F 138 -31.97 37.45 -42.15
N PRO F 139 -31.70 37.18 -43.43
CA PRO F 139 -31.41 35.79 -43.82
C PRO F 139 -30.10 35.30 -43.24
N ALA F 140 -30.07 34.04 -42.85
CA ALA F 140 -28.87 33.40 -42.36
C ALA F 140 -28.11 32.61 -43.42
N MET F 141 -28.80 32.15 -44.46
CA MET F 141 -28.16 31.43 -45.54
C MET F 141 -28.70 31.90 -46.87
N ASN F 142 -28.05 31.45 -47.94
CA ASN F 142 -28.26 31.97 -49.28
C ASN F 142 -28.16 30.80 -50.27
N ILE F 143 -28.36 31.11 -51.55
CA ILE F 143 -28.01 30.16 -52.60
C ILE F 143 -26.51 29.90 -52.59
N VAL F 144 -25.73 30.86 -52.07
CA VAL F 144 -24.29 30.64 -51.90
C VAL F 144 -24.02 29.37 -51.10
N ASP F 145 -24.88 29.10 -50.11
CA ASP F 145 -24.71 27.88 -49.31
C ASP F 145 -24.99 26.64 -50.14
N MET F 146 -25.92 26.72 -51.10
CA MET F 146 -26.15 25.60 -51.99
C MET F 146 -24.99 25.43 -52.96
N TRP F 147 -24.46 26.53 -53.49
CA TRP F 147 -23.29 26.46 -54.36
C TRP F 147 -22.12 25.79 -53.65
N ARG F 148 -21.92 26.10 -52.37
CA ARG F 148 -20.81 25.50 -51.63
C ARG F 148 -20.95 23.99 -51.57
N VAL F 149 -22.15 23.50 -51.21
CA VAL F 149 -22.36 22.06 -51.13
C VAL F 149 -22.20 21.42 -52.51
N LEU F 150 -22.71 22.08 -53.54
CA LEU F 150 -22.61 21.57 -54.90
C LEU F 150 -21.21 21.75 -55.49
N GLU F 151 -20.27 22.33 -54.73
CA GLU F 151 -18.91 22.56 -55.22
C GLU F 151 -18.91 23.41 -56.48
N ARG F 152 -19.79 24.41 -56.52
CA ARG F 152 -19.88 25.38 -57.59
C ARG F 152 -19.31 26.71 -57.13
N PRO F 153 -18.99 27.61 -58.06
CA PRO F 153 -18.47 28.92 -57.66
C PRO F 153 -19.44 29.63 -56.72
N LEU F 154 -18.89 30.31 -55.72
CA LEU F 154 -19.70 31.06 -54.76
C LEU F 154 -20.11 32.41 -55.30
N VAL F 155 -19.53 32.85 -56.42
CA VAL F 155 -19.98 34.05 -57.13
C VAL F 155 -20.40 33.60 -58.52
N ASP F 156 -21.67 33.85 -58.88
CA ASP F 156 -22.21 33.42 -60.17
C ASP F 156 -22.10 31.91 -60.32
N GLY F 157 -22.60 31.19 -59.32
CA GLY F 157 -22.59 29.74 -59.36
C GLY F 157 -23.57 29.12 -60.34
N GLY F 158 -24.47 29.91 -60.89
CA GLY F 158 -25.40 29.42 -61.89
C GLY F 158 -26.73 29.01 -61.29
N MET F 159 -27.55 28.44 -62.16
CA MET F 159 -28.89 28.02 -61.77
C MET F 159 -28.84 26.69 -61.03
N VAL F 160 -29.65 26.56 -59.99
CA VAL F 160 -29.84 25.30 -59.29
C VAL F 160 -30.98 24.56 -59.98
N VAL F 161 -30.67 23.43 -60.59
CA VAL F 161 -31.65 22.66 -61.34
C VAL F 161 -32.54 21.93 -60.34
N GLY F 162 -33.83 22.30 -60.29
CA GLY F 162 -34.71 21.76 -59.29
C GLY F 162 -36.06 21.38 -59.88
N THR F 163 -36.88 20.76 -59.04
CA THR F 163 -38.22 20.36 -59.43
C THR F 163 -39.09 20.27 -58.18
N ILE F 164 -40.38 20.09 -58.41
CA ILE F 164 -41.37 19.82 -57.36
C ILE F 164 -41.89 18.40 -57.60
N ILE F 165 -41.89 17.58 -56.56
CA ILE F 165 -42.41 16.22 -56.67
C ILE F 165 -43.89 16.29 -57.01
N LYS F 166 -44.25 15.91 -58.23
CA LYS F 166 -45.64 15.78 -58.64
C LYS F 166 -45.99 14.31 -58.79
N PRO F 167 -47.25 13.91 -58.54
CA PRO F 167 -48.45 14.63 -58.07
C PRO F 167 -48.25 15.52 -56.86
N LYS F 168 -49.02 16.62 -56.80
CA LYS F 168 -48.98 17.48 -55.62
C LYS F 168 -49.29 16.69 -54.36
N LEU F 169 -50.29 15.81 -54.41
CA LEU F 169 -50.58 14.87 -53.34
C LEU F 169 -51.06 13.58 -53.97
N GLY F 170 -50.79 12.46 -53.29
CA GLY F 170 -51.24 11.17 -53.77
C GLY F 170 -50.14 10.13 -53.84
N LEU F 171 -48.92 10.54 -54.16
CA LEU F 171 -47.83 9.59 -54.27
C LEU F 171 -47.55 8.97 -52.90
N ARG F 172 -47.66 7.65 -52.83
CA ARG F 172 -47.34 6.92 -51.60
C ARG F 172 -45.82 6.94 -51.40
N PRO F 173 -45.35 6.49 -50.23
CA PRO F 173 -43.92 6.68 -49.92
C PRO F 173 -42.96 6.09 -50.94
N GLU F 174 -43.27 4.92 -51.52
CA GLU F 174 -42.25 4.29 -52.34
C GLU F 174 -42.28 4.76 -53.80
N PRO F 175 -43.42 5.14 -54.37
CA PRO F 175 -43.35 5.85 -55.67
C PRO F 175 -42.77 7.26 -55.52
N PHE F 176 -43.08 7.94 -54.40
CA PHE F 176 -42.50 9.25 -54.14
C PHE F 176 -40.97 9.18 -54.10
N ALA F 177 -40.43 8.25 -53.30
CA ALA F 177 -38.98 8.13 -53.19
C ALA F 177 -38.34 7.75 -54.51
N ALA F 178 -39.03 6.93 -55.31
CA ALA F 178 -38.49 6.56 -56.62
C ALA F 178 -38.46 7.77 -57.55
N ALA F 179 -39.49 8.63 -57.47
CA ALA F 179 -39.51 9.84 -58.28
C ALA F 179 -38.35 10.76 -57.91
N CYS F 180 -38.07 10.89 -56.61
CA CYS F 180 -36.94 11.70 -56.17
C CYS F 180 -35.64 11.17 -56.77
N TYR F 181 -35.40 9.88 -56.62
CA TYR F 181 -34.16 9.28 -57.13
C TYR F 181 -34.01 9.54 -58.62
N GLN F 182 -35.11 9.45 -59.37
CA GLN F 182 -35.03 9.60 -60.82
C GLN F 182 -34.60 11.02 -61.20
N PHE F 183 -35.24 12.03 -60.59
CA PHE F 183 -34.89 13.41 -60.93
C PHE F 183 -33.45 13.72 -60.53
N TRP F 184 -33.05 13.30 -59.34
CA TRP F 184 -31.70 13.59 -58.85
C TRP F 184 -30.63 13.01 -59.77
N LEU F 185 -30.96 12.00 -60.58
CA LEU F 185 -29.99 11.47 -61.51
C LEU F 185 -29.54 12.50 -62.54
N GLY F 186 -30.36 13.52 -62.79
CA GLY F 186 -30.00 14.54 -63.75
C GLY F 186 -30.22 15.95 -63.25
N GLY F 187 -30.66 16.09 -62.00
CA GLY F 187 -30.93 17.38 -61.40
C GLY F 187 -30.17 17.56 -60.10
N ASP F 188 -30.40 18.72 -59.47
CA ASP F 188 -29.75 19.10 -58.23
C ASP F 188 -30.68 19.11 -57.03
N PHE F 189 -31.89 19.64 -57.18
CA PHE F 189 -32.69 20.10 -56.05
C PHE F 189 -34.12 19.58 -56.19
N ILE F 190 -34.69 19.16 -55.07
CA ILE F 190 -36.07 18.70 -55.04
C ILE F 190 -36.79 19.31 -53.84
N KCX F 191 -37.98 19.84 -54.06
CA KCX F 191 -38.77 20.39 -52.96
CB KCX F 191 -39.04 21.87 -53.19
CG KCX F 191 -39.97 22.10 -54.38
CD KCX F 191 -40.18 23.59 -54.63
CE KCX F 191 -41.06 24.22 -53.54
NZ KCX F 191 -42.37 23.61 -53.54
C KCX F 191 -40.08 19.62 -52.85
O KCX F 191 -40.66 19.20 -53.88
CX KCX F 191 -43.44 24.15 -54.36
OQ1 KCX F 191 -43.22 25.16 -55.09
OQ2 KCX F 191 -44.58 23.63 -54.37
HA KCX F 191 -38.26 20.30 -52.15
HB2 KCX F 191 -38.20 22.34 -53.36
HB3 KCX F 191 -39.45 22.25 -52.39
HG2 KCX F 191 -40.83 21.69 -54.19
HG3 KCX F 191 -39.59 21.69 -55.16
HD2 KCX F 191 -40.62 23.71 -55.49
HD3 KCX F 191 -39.32 24.04 -54.63
HE2 KCX F 191 -41.15 25.18 -53.71
HE3 KCX F 191 -40.65 24.09 -52.68
HZ KCX F 191 -42.53 22.92 -53.05
N ASN F 192 -40.54 19.43 -51.62
CA ASN F 192 -41.92 19.03 -51.36
C ASN F 192 -42.82 20.04 -52.07
N ASP F 193 -43.88 19.56 -52.70
CA ASP F 193 -44.97 20.47 -53.06
C ASP F 193 -45.53 21.07 -51.79
N GLU F 194 -46.13 22.26 -51.92
CA GLU F 194 -46.47 23.04 -50.73
C GLU F 194 -47.39 22.32 -49.73
N PRO F 195 -48.28 21.41 -50.13
CA PRO F 195 -49.13 20.74 -49.13
C PRO F 195 -48.60 19.42 -48.62
N GLN F 196 -47.57 18.86 -49.23
CA GLN F 196 -47.06 17.56 -48.81
C GLN F 196 -46.47 17.63 -47.40
N GLY F 197 -46.80 16.65 -46.58
CA GLY F 197 -46.31 16.61 -45.22
C GLY F 197 -46.42 15.23 -44.59
N ASN F 198 -47.47 15.03 -43.79
CA ASN F 198 -47.67 13.78 -43.06
C ASN F 198 -49.08 13.26 -43.33
N GLN F 199 -49.46 13.22 -44.59
CA GLN F 199 -50.75 12.66 -44.97
C GLN F 199 -50.81 11.19 -44.58
N VAL F 200 -52.04 10.70 -44.34
CA VAL F 200 -52.21 9.35 -43.83
C VAL F 200 -51.68 8.31 -44.82
N PHE F 201 -51.74 8.61 -46.11
CA PHE F 201 -51.25 7.70 -47.14
C PHE F 201 -49.77 7.89 -47.46
N ALA F 202 -49.11 8.83 -46.79
CA ALA F 202 -47.68 9.08 -46.99
C ALA F 202 -47.10 9.65 -45.71
N PRO F 203 -47.04 8.84 -44.65
CA PRO F 203 -46.59 9.37 -43.35
C PRO F 203 -45.17 9.90 -43.42
N LEU F 204 -44.93 11.03 -42.72
CA LEU F 204 -43.62 11.65 -42.75
C LEU F 204 -42.55 10.71 -42.21
N ARG F 205 -42.85 9.97 -41.14
CA ARG F 205 -41.85 9.10 -40.55
C ARG F 205 -41.49 7.95 -41.47
N THR F 206 -42.41 7.56 -42.35
CA THR F 206 -42.13 6.49 -43.31
C THR F 206 -41.41 7.02 -44.55
N ILE F 207 -41.84 8.17 -45.06
CA ILE F 207 -41.35 8.67 -46.34
C ILE F 207 -39.95 9.24 -46.22
N MET F 208 -39.64 9.91 -45.11
CA MET F 208 -38.40 10.66 -45.04
C MET F 208 -37.19 9.76 -45.18
N PRO F 209 -37.07 8.64 -44.46
CA PRO F 209 -35.91 7.76 -44.70
C PRO F 209 -35.80 7.29 -46.14
N MET F 210 -36.92 7.09 -46.83
CA MET F 210 -36.85 6.66 -48.23
C MET F 210 -36.30 7.78 -49.11
N ILE F 211 -36.68 9.03 -48.84
CA ILE F 211 -36.11 10.16 -49.57
C ILE F 211 -34.61 10.24 -49.31
N ALA F 212 -34.22 10.14 -48.04
CA ALA F 212 -32.80 10.15 -47.70
C ALA F 212 -32.05 9.06 -48.46
N ASP F 213 -32.60 7.85 -48.48
CA ASP F 213 -31.96 6.75 -49.20
C ASP F 213 -31.85 7.07 -50.69
N SER F 214 -32.87 7.69 -51.26
CA SER F 214 -32.82 8.07 -52.67
C SER F 214 -31.71 9.10 -52.93
N MET F 215 -31.55 10.05 -52.02
CA MET F 215 -30.49 11.05 -52.20
C MET F 215 -29.12 10.39 -52.11
N ARG F 216 -28.94 9.46 -51.16
CA ARG F 216 -27.65 8.80 -51.01
C ARG F 216 -27.30 7.97 -52.24
N ARG F 217 -28.29 7.31 -52.84
CA ARG F 217 -28.02 6.52 -54.03
C ARG F 217 -27.71 7.42 -55.22
N ALA F 218 -28.52 8.45 -55.43
CA ALA F 218 -28.28 9.36 -56.54
C ALA F 218 -26.91 10.02 -56.42
N GLN F 219 -26.49 10.34 -55.18
CA GLN F 219 -25.17 10.92 -54.98
C GLN F 219 -24.09 9.91 -55.30
N ASP F 220 -24.28 8.66 -54.89
CA ASP F 220 -23.25 7.63 -55.10
C ASP F 220 -23.07 7.33 -56.58
N GLU F 221 -24.15 7.35 -57.36
CA GLU F 221 -24.07 6.99 -58.77
C GLU F 221 -23.62 8.15 -59.64
N THR F 222 -24.02 9.38 -59.31
CA THR F 222 -23.63 10.54 -60.10
C THR F 222 -22.38 11.22 -59.58
N GLY F 223 -21.97 10.94 -58.34
CA GLY F 223 -20.83 11.62 -57.77
C GLY F 223 -21.06 13.08 -57.43
N GLN F 224 -22.29 13.56 -57.53
CA GLN F 224 -22.63 14.95 -57.26
C GLN F 224 -23.51 15.03 -56.02
N ALA F 225 -23.43 16.15 -55.32
CA ALA F 225 -24.28 16.37 -54.15
C ALA F 225 -25.71 16.65 -54.58
N LYS F 226 -26.65 16.22 -53.76
CA LYS F 226 -28.08 16.40 -54.03
C LYS F 226 -28.73 17.10 -52.84
N LEU F 227 -29.69 17.98 -53.14
CA LEU F 227 -30.34 18.79 -52.14
C LEU F 227 -31.84 18.51 -52.11
N PHE F 228 -32.41 18.57 -50.91
CA PHE F 228 -33.84 18.39 -50.72
C PHE F 228 -34.39 19.52 -49.83
N SER F 229 -35.62 19.92 -50.12
CA SER F 229 -36.33 20.95 -49.36
C SER F 229 -37.60 20.33 -48.81
N ALA F 230 -37.67 20.20 -47.48
CA ALA F 230 -38.76 19.50 -46.81
C ALA F 230 -39.72 20.47 -46.15
N ASN F 231 -41.01 20.20 -46.31
CA ASN F 231 -42.04 21.03 -45.71
C ASN F 231 -42.22 20.67 -44.25
N ILE F 232 -42.09 21.66 -43.37
CA ILE F 232 -42.32 21.49 -41.95
C ILE F 232 -43.44 22.38 -41.44
N THR F 233 -44.24 22.95 -42.33
CA THR F 233 -45.27 23.89 -41.92
C THR F 233 -46.30 23.22 -41.04
N ALA F 234 -46.71 23.92 -39.98
CA ALA F 234 -47.71 23.42 -39.05
C ALA F 234 -48.23 24.56 -38.21
N ASP F 235 -49.39 24.32 -37.58
CA ASP F 235 -49.97 25.31 -36.69
C ASP F 235 -49.22 25.36 -35.36
N ASP F 236 -48.96 24.20 -34.78
CA ASP F 236 -48.23 24.12 -33.52
C ASP F 236 -46.74 24.26 -33.78
N PRO F 237 -46.05 25.24 -33.19
CA PRO F 237 -44.60 25.29 -33.36
C PRO F 237 -43.91 24.00 -32.91
N ALA F 238 -44.44 23.33 -31.89
CA ALA F 238 -43.88 22.06 -31.46
C ALA F 238 -43.88 21.04 -32.59
N GLU F 239 -44.85 21.13 -33.50
CA GLU F 239 -44.89 20.20 -34.63
C GLU F 239 -43.78 20.52 -35.63
N MET F 240 -43.61 21.80 -35.97
CA MET F 240 -42.54 22.16 -36.90
C MET F 240 -41.18 21.82 -36.31
N TYR F 241 -41.00 22.05 -35.01
CA TYR F 241 -39.76 21.65 -34.35
C TYR F 241 -39.59 20.13 -34.45
N ALA F 242 -40.63 19.38 -34.12
CA ALA F 242 -40.55 17.92 -34.19
C ALA F 242 -40.23 17.44 -35.60
N ARG F 243 -40.90 18.00 -36.61
CA ARG F 243 -40.61 17.61 -37.97
C ARG F 243 -39.17 17.93 -38.33
N GLY F 244 -38.72 19.15 -38.02
CA GLY F 244 -37.36 19.54 -38.33
C GLY F 244 -36.34 18.63 -37.68
N GLU F 245 -36.53 18.34 -36.38
CA GLU F 245 -35.60 17.49 -35.68
C GLU F 245 -35.52 16.10 -36.31
N PHE F 246 -36.68 15.48 -36.53
CA PHE F 246 -36.68 14.13 -37.11
C PHE F 246 -36.01 14.12 -38.47
N ILE F 247 -36.24 15.14 -39.28
CA ILE F 247 -35.68 15.17 -40.63
C ILE F 247 -34.16 15.26 -40.58
N LEU F 248 -33.63 16.17 -39.76
CA LEU F 248 -32.18 16.28 -39.62
C LEU F 248 -31.58 14.97 -39.12
N GLU F 249 -32.21 14.35 -38.12
CA GLU F 249 -31.73 13.05 -37.64
C GLU F 249 -31.74 12.02 -38.76
N THR F 250 -32.80 11.97 -39.55
CA THR F 250 -32.92 10.99 -40.61
C THR F 250 -31.78 11.13 -41.62
N PHE F 251 -31.60 12.33 -42.16
CA PHE F 251 -30.56 12.55 -43.16
C PHE F 251 -29.16 12.49 -42.58
N GLY F 252 -29.02 12.68 -41.28
CA GLY F 252 -27.75 12.44 -40.62
C GLY F 252 -26.60 13.23 -41.24
N GLU F 253 -25.62 12.50 -41.76
CA GLU F 253 -24.42 13.15 -42.30
C GLU F 253 -24.74 14.10 -43.44
N PHE F 254 -25.89 13.97 -44.07
CA PHE F 254 -26.29 14.85 -45.16
C PHE F 254 -27.39 15.84 -44.73
N ALA F 255 -27.47 16.13 -43.43
CA ALA F 255 -28.49 17.07 -42.96
C ALA F 255 -28.30 18.45 -43.56
N ASP F 256 -27.05 18.86 -43.81
CA ASP F 256 -26.82 20.17 -44.43
C ASP F 256 -27.23 20.20 -45.89
N HIS F 257 -27.67 19.07 -46.46
CA HIS F 257 -28.26 19.05 -47.79
C HIS F 257 -29.77 19.33 -47.76
N VAL F 258 -30.35 19.48 -46.58
CA VAL F 258 -31.80 19.59 -46.41
C VAL F 258 -32.17 21.03 -46.15
N ALA F 259 -33.16 21.53 -46.88
CA ALA F 259 -33.76 22.84 -46.64
C ALA F 259 -35.13 22.64 -46.01
N PHE F 260 -35.59 23.64 -45.27
CA PHE F 260 -36.87 23.59 -44.58
C PHE F 260 -37.83 24.55 -45.25
N LEU F 261 -38.93 24.01 -45.80
CA LEU F 261 -39.91 24.80 -46.50
C LEU F 261 -41.05 25.19 -45.56
N VAL F 262 -41.48 26.45 -45.64
CA VAL F 262 -42.52 26.99 -44.79
C VAL F 262 -43.51 27.73 -45.66
N ASP F 263 -44.79 27.37 -45.57
CA ASP F 263 -45.86 28.11 -46.24
C ASP F 263 -46.10 29.36 -45.41
N GLY F 264 -45.28 30.37 -45.65
CA GLY F 264 -45.23 31.52 -44.76
C GLY F 264 -46.47 32.39 -44.83
N TYR F 265 -47.08 32.51 -46.01
CA TYR F 265 -48.23 33.40 -46.12
C TYR F 265 -49.42 32.87 -45.34
N VAL F 266 -49.76 31.59 -45.54
CA VAL F 266 -50.95 31.06 -44.87
C VAL F 266 -50.64 30.72 -43.40
N ALA F 267 -49.41 30.28 -43.11
CA ALA F 267 -49.06 29.96 -41.73
C ALA F 267 -48.71 31.21 -40.94
N GLY F 268 -48.07 32.20 -41.58
CA GLY F 268 -47.81 33.48 -40.98
C GLY F 268 -46.35 33.74 -40.70
N PRO F 269 -46.01 34.99 -40.38
CA PRO F 269 -44.61 35.29 -40.01
C PRO F 269 -44.15 34.56 -38.77
N THR F 270 -45.06 34.23 -37.86
CA THR F 270 -44.67 33.51 -36.67
C THR F 270 -44.10 32.13 -37.02
N ALA F 271 -44.69 31.47 -38.01
CA ALA F 271 -44.15 30.19 -38.47
C ALA F 271 -42.80 30.38 -39.16
N VAL F 272 -42.65 31.49 -39.88
CA VAL F 272 -41.39 31.75 -40.58
C VAL F 272 -40.27 32.01 -39.58
N THR F 273 -40.54 32.85 -38.59
CA THR F 273 -39.53 33.16 -37.59
C THR F 273 -39.24 31.95 -36.71
N ALA F 274 -40.27 31.15 -36.42
CA ALA F 274 -40.05 29.93 -35.65
C ALA F 274 -38.99 29.05 -36.29
N CYS F 275 -39.06 28.89 -37.61
CA CYS F 275 -38.03 28.10 -38.31
C CYS F 275 -36.72 28.87 -38.43
N ARG F 276 -36.79 30.18 -38.67
CA ARG F 276 -35.59 30.96 -38.85
C ARG F 276 -34.73 30.94 -37.60
N ARG F 277 -35.36 30.95 -36.42
CA ARG F 277 -34.63 31.05 -35.17
C ARG F 277 -34.28 29.70 -34.57
N ARG F 278 -35.11 28.69 -34.78
CA ARG F 278 -34.81 27.35 -34.27
C ARG F 278 -33.81 26.62 -35.17
N PHE F 279 -33.92 26.81 -36.49
CA PHE F 279 -33.05 26.16 -37.46
C PHE F 279 -32.35 27.20 -38.34
N PRO F 280 -31.53 28.07 -37.74
CA PRO F 280 -30.85 29.10 -38.54
C PRO F 280 -29.85 28.53 -39.53
N GLN F 281 -29.29 27.35 -39.24
CA GLN F 281 -28.29 26.74 -40.11
C GLN F 281 -28.91 25.81 -41.15
N GLN F 282 -30.20 25.90 -41.37
CA GLN F 282 -30.89 25.18 -42.45
C GLN F 282 -31.56 26.20 -43.37
N PHE F 283 -31.31 26.05 -44.67
CA PHE F 283 -31.88 26.95 -45.66
C PHE F 283 -33.39 27.10 -45.47
N LEU F 284 -33.83 28.33 -45.30
CA LEU F 284 -35.25 28.63 -45.09
C LEU F 284 -35.92 28.89 -46.44
N HIS F 285 -36.75 27.96 -46.87
CA HIS F 285 -37.43 28.00 -48.15
C HIS F 285 -38.82 28.55 -47.91
N TYR F 286 -39.03 29.82 -48.26
CA TYR F 286 -40.29 30.51 -48.04
C TYR F 286 -41.21 30.27 -49.23
N HIS F 287 -42.27 29.48 -49.02
CA HIS F 287 -43.31 29.27 -50.03
C HIS F 287 -44.49 30.17 -49.72
N ARG F 288 -44.94 30.93 -50.72
CA ARG F 288 -45.92 31.99 -50.52
C ARG F 288 -47.33 31.59 -50.92
N ALA F 289 -47.65 30.30 -50.86
CA ALA F 289 -48.97 29.84 -51.26
C ALA F 289 -50.05 30.66 -50.56
N GLY F 290 -50.98 31.19 -51.35
CA GLY F 290 -52.05 32.03 -50.87
C GLY F 290 -51.83 33.51 -51.04
N HIS F 291 -50.58 33.92 -51.29
CA HIS F 291 -50.27 35.32 -51.41
C HIS F 291 -51.13 36.03 -52.45
N GLY F 292 -51.52 35.31 -53.50
CA GLY F 292 -52.26 35.94 -54.58
C GLY F 292 -53.54 36.62 -54.16
N ALA F 293 -54.09 36.23 -53.00
CA ALA F 293 -55.33 36.85 -52.54
C ALA F 293 -55.22 38.36 -52.40
N VAL F 294 -54.00 38.90 -52.24
CA VAL F 294 -53.82 40.34 -52.09
C VAL F 294 -52.84 40.88 -53.12
N THR F 295 -51.81 40.09 -53.46
CA THR F 295 -50.76 40.62 -54.33
C THR F 295 -51.21 40.75 -55.79
N SER F 296 -52.26 40.05 -56.19
CA SER F 296 -52.71 40.12 -57.57
C SER F 296 -53.04 41.56 -57.94
N PRO F 297 -52.62 42.04 -59.12
CA PRO F 297 -53.03 43.39 -59.53
C PRO F 297 -54.54 43.56 -59.55
N GLN F 298 -55.30 42.48 -59.75
CA GLN F 298 -56.74 42.56 -59.68
C GLN F 298 -57.20 43.05 -58.32
N SER F 299 -56.40 42.81 -57.28
CA SER F 299 -56.73 43.28 -55.94
C SER F 299 -56.18 44.68 -55.71
N LYS F 300 -56.99 45.54 -55.09
CA LYS F 300 -56.58 46.90 -54.73
C LYS F 300 -56.36 47.04 -53.22
N ARG F 301 -56.14 45.93 -52.53
CA ARG F 301 -56.00 45.93 -51.08
C ARG F 301 -54.71 45.21 -50.68
N GLY F 302 -54.38 45.33 -49.40
CA GLY F 302 -53.24 44.59 -48.86
C GLY F 302 -51.92 45.16 -49.30
N TYR F 303 -51.08 44.31 -49.88
CA TYR F 303 -49.76 44.72 -50.35
C TYR F 303 -49.43 43.96 -51.62
N THR F 304 -48.52 44.53 -52.41
CA THR F 304 -48.10 43.91 -53.66
C THR F 304 -47.10 42.78 -53.38
N ALA F 305 -46.80 42.03 -54.43
CA ALA F 305 -45.82 40.95 -54.32
C ALA F 305 -44.43 41.50 -54.01
N PHE F 306 -44.10 42.66 -54.57
CA PHE F 306 -42.82 43.28 -54.28
C PHE F 306 -42.68 43.59 -52.79
N VAL F 307 -43.72 44.13 -52.18
CA VAL F 307 -43.69 44.41 -50.75
C VAL F 307 -43.65 43.11 -49.96
N HIS F 308 -44.43 42.12 -50.39
CA HIS F 308 -44.47 40.83 -49.68
C HIS F 308 -43.08 40.19 -49.67
N CYS F 309 -42.43 40.12 -50.82
CA CYS F 309 -41.10 39.50 -50.88
C CYS F 309 -40.07 40.33 -50.12
N LYS F 310 -40.15 41.66 -50.21
CA LYS F 310 -39.22 42.51 -49.49
C LYS F 310 -39.28 42.22 -47.99
N MET F 311 -40.48 42.07 -47.44
CA MET F 311 -40.63 41.80 -46.03
C MET F 311 -40.03 40.44 -45.66
N SER F 312 -40.17 39.45 -46.56
CA SER F 312 -39.64 38.12 -46.26
C SER F 312 -38.15 38.16 -45.99
N ARG F 313 -37.42 39.05 -46.66
CA ARG F 313 -35.99 39.18 -46.39
C ARG F 313 -35.75 39.61 -44.95
N LEU F 314 -36.59 40.50 -44.43
CA LEU F 314 -36.50 40.89 -43.02
C LEU F 314 -36.72 39.69 -42.12
N SER F 315 -37.73 38.86 -42.41
CA SER F 315 -38.01 37.71 -41.56
C SER F 315 -36.85 36.73 -41.54
N GLY F 316 -36.06 36.70 -42.61
CA GLY F 316 -34.91 35.84 -42.70
C GLY F 316 -35.02 34.68 -43.69
N ALA F 317 -35.88 34.79 -44.70
CA ALA F 317 -35.97 33.74 -45.70
C ALA F 317 -34.67 33.63 -46.48
N SER F 318 -34.10 32.43 -46.54
CA SER F 318 -32.95 32.20 -47.40
C SER F 318 -33.34 32.30 -48.87
N GLY F 319 -34.59 31.99 -49.18
CA GLY F 319 -35.10 32.13 -50.54
C GLY F 319 -36.60 32.20 -50.52
N ILE F 320 -37.17 32.89 -51.49
CA ILE F 320 -38.63 33.04 -51.58
C ILE F 320 -39.04 33.01 -53.05
N HIS F 321 -40.23 32.47 -53.30
CA HIS F 321 -40.78 32.46 -54.64
C HIS F 321 -41.10 33.88 -55.08
N THR F 322 -40.51 34.32 -56.19
CA THR F 322 -40.78 35.63 -56.75
C THR F 322 -41.73 35.59 -57.93
N GLY F 323 -42.10 34.40 -58.40
CA GLY F 323 -42.91 34.25 -59.59
C GLY F 323 -42.07 34.14 -60.84
N THR F 324 -42.72 33.75 -61.93
CA THR F 324 -42.08 33.60 -63.22
C THR F 324 -42.07 34.89 -64.03
N MET F 325 -42.59 35.98 -63.47
CA MET F 325 -42.50 37.31 -64.09
C MET F 325 -43.20 37.35 -65.44
N GLY F 326 -44.29 36.61 -65.57
CA GLY F 326 -45.08 36.59 -66.78
C GLY F 326 -44.77 35.48 -67.74
N TYR F 327 -43.71 34.71 -67.50
CA TYR F 327 -43.29 33.66 -68.42
C TYR F 327 -43.81 32.28 -68.05
N GLY F 328 -44.57 32.17 -66.96
CA GLY F 328 -45.09 30.89 -66.52
C GLY F 328 -46.61 30.85 -66.48
N LYS F 329 -47.16 30.01 -65.61
CA LYS F 329 -48.61 29.82 -65.53
C LYS F 329 -49.29 30.76 -64.55
N MET F 330 -48.55 31.35 -63.63
CA MET F 330 -49.13 32.22 -62.62
C MET F 330 -49.07 33.67 -63.06
N GLU F 331 -49.91 34.50 -62.43
CA GLU F 331 -49.92 35.91 -62.74
C GLU F 331 -48.55 36.53 -62.48
N GLY F 332 -48.13 37.42 -63.37
CA GLY F 332 -46.84 38.07 -63.24
C GLY F 332 -46.62 39.03 -64.38
N ASP F 333 -45.54 39.81 -64.25
CA ASP F 333 -45.17 40.80 -65.25
C ASP F 333 -43.65 40.82 -65.39
N ALA F 334 -43.18 41.20 -66.57
CA ALA F 334 -41.73 41.26 -66.78
C ALA F 334 -41.07 42.25 -65.83
N ASP F 335 -41.77 43.32 -65.46
CA ASP F 335 -41.22 44.29 -64.54
C ASP F 335 -41.02 43.72 -63.13
N ASP F 336 -41.57 42.54 -62.85
CA ASP F 336 -41.37 41.92 -61.55
C ASP F 336 -39.91 41.58 -61.27
N LYS F 337 -39.03 41.69 -62.26
CA LYS F 337 -37.61 41.51 -62.00
C LYS F 337 -37.13 42.46 -60.91
N ALA F 338 -37.78 43.62 -60.75
CA ALA F 338 -37.44 44.52 -59.65
C ALA F 338 -37.56 43.82 -58.31
N ILE F 339 -38.43 42.81 -58.21
CA ILE F 339 -38.54 42.05 -56.98
C ILE F 339 -37.26 41.27 -56.71
N ALA F 340 -36.75 40.58 -57.73
CA ALA F 340 -35.51 39.82 -57.55
C ALA F 340 -34.36 40.75 -57.18
N TYR F 341 -34.24 41.89 -57.87
CA TYR F 341 -33.15 42.82 -57.58
C TYR F 341 -33.22 43.33 -56.14
N MET F 342 -34.43 43.63 -55.65
CA MET F 342 -34.58 44.10 -54.28
C MET F 342 -34.21 43.03 -53.26
N LEU F 343 -34.27 41.76 -53.64
CA LEU F 343 -33.99 40.66 -52.72
C LEU F 343 -32.51 40.31 -52.65
N GLU F 344 -31.79 40.40 -53.77
CA GLU F 344 -30.45 39.88 -53.85
C GLU F 344 -29.36 40.93 -53.81
N GLN F 345 -29.71 42.22 -53.79
CA GLN F 345 -28.74 43.29 -53.82
C GLN F 345 -28.71 44.05 -52.49
N ASP F 346 -27.59 44.73 -52.24
CA ASP F 346 -27.46 45.59 -51.08
C ASP F 346 -28.04 46.98 -51.33
N ASP F 347 -28.15 47.39 -52.59
CA ASP F 347 -28.73 48.67 -52.96
C ASP F 347 -29.66 48.42 -54.15
N ALA F 348 -30.95 48.69 -53.97
CA ALA F 348 -31.92 48.43 -55.01
C ALA F 348 -33.02 49.50 -54.98
N GLN F 349 -33.71 49.63 -56.10
CA GLN F 349 -34.76 50.63 -56.29
C GLN F 349 -36.12 49.96 -56.23
N GLY F 350 -37.04 50.58 -55.50
CA GLY F 350 -38.42 50.16 -55.49
C GLY F 350 -39.28 51.10 -56.31
N PRO F 351 -40.58 50.79 -56.42
CA PRO F 351 -41.46 51.67 -57.19
C PRO F 351 -41.49 53.10 -56.69
N TYR F 352 -41.17 53.32 -55.40
CA TYR F 352 -41.17 54.66 -54.84
C TYR F 352 -39.94 54.97 -53.99
N PHE F 353 -39.25 53.97 -53.45
CA PHE F 353 -38.19 54.19 -52.47
C PHE F 353 -36.95 53.40 -52.83
N ARG F 354 -35.81 54.05 -52.71
CA ARG F 354 -34.50 53.39 -52.79
C ARG F 354 -34.16 52.82 -51.42
N GLN F 355 -33.72 51.57 -51.39
CA GLN F 355 -33.46 50.85 -50.14
C GLN F 355 -32.02 50.35 -50.14
N THR F 356 -31.27 50.75 -49.12
CA THR F 356 -29.96 50.16 -48.81
C THR F 356 -30.15 49.22 -47.62
N TRP F 357 -29.42 48.11 -47.64
CA TRP F 357 -29.62 47.04 -46.67
C TRP F 357 -28.54 46.95 -45.61
N GLN F 358 -27.51 47.79 -45.69
CA GLN F 358 -26.42 47.80 -44.70
C GLN F 358 -25.81 46.42 -44.56
N GLY F 359 -25.67 45.72 -45.67
CA GLY F 359 -25.01 44.43 -45.68
C GLY F 359 -25.84 43.27 -45.18
N MET F 360 -27.14 43.45 -44.98
CA MET F 360 -27.98 42.32 -44.60
C MET F 360 -27.97 41.28 -45.72
N LYS F 361 -27.91 40.01 -45.35
CA LYS F 361 -27.71 38.96 -46.32
C LYS F 361 -28.85 38.96 -47.34
N ALA F 362 -28.50 38.56 -48.57
CA ALA F 362 -29.46 38.54 -49.66
C ALA F 362 -30.42 37.35 -49.53
N THR F 363 -31.59 37.51 -50.15
CA THR F 363 -32.57 36.43 -50.29
C THR F 363 -32.59 35.99 -51.74
N THR F 364 -32.57 34.70 -51.97
CA THR F 364 -32.47 34.16 -53.33
C THR F 364 -33.85 34.02 -53.96
N PRO F 365 -34.05 34.50 -55.18
CA PRO F 365 -35.33 34.26 -55.86
C PRO F 365 -35.47 32.78 -56.20
N ILE F 366 -36.71 32.30 -56.16
CA ILE F 366 -37.06 30.94 -56.53
C ILE F 366 -38.05 31.03 -57.69
N ILE F 367 -37.64 30.61 -58.86
CA ILE F 367 -38.44 30.73 -60.08
C ILE F 367 -39.21 29.43 -60.27
N SER F 368 -40.54 29.51 -60.16
CA SER F 368 -41.40 28.33 -60.22
C SER F 368 -42.77 28.74 -60.69
N GLY F 369 -43.44 27.81 -61.38
CA GLY F 369 -44.80 28.04 -61.82
C GLY F 369 -45.01 27.76 -63.29
N GLY F 370 -45.18 26.49 -63.64
CA GLY F 370 -45.47 26.14 -65.02
C GLY F 370 -44.32 26.39 -65.98
N MET F 371 -43.09 26.26 -65.51
CA MET F 371 -41.92 26.45 -66.36
C MET F 371 -41.41 25.12 -66.88
N ASN F 372 -40.59 25.21 -67.93
CA ASN F 372 -39.92 24.04 -68.49
C ASN F 372 -38.69 24.56 -69.24
N ALA F 373 -37.96 23.63 -69.85
CA ALA F 373 -36.73 23.99 -70.55
C ALA F 373 -36.98 25.06 -71.61
N LEU F 374 -38.14 24.98 -72.28
CA LEU F 374 -38.41 25.89 -73.38
C LEU F 374 -38.68 27.32 -72.92
N ARG F 375 -39.11 27.51 -71.68
CA ARG F 375 -39.47 28.82 -71.16
C ARG F 375 -38.34 29.52 -70.40
N LEU F 376 -37.25 28.82 -70.11
CA LEU F 376 -36.17 29.41 -69.32
C LEU F 376 -35.43 30.48 -70.11
N PRO F 377 -35.13 30.26 -71.40
CA PRO F 377 -34.38 31.29 -72.14
C PRO F 377 -35.05 32.65 -72.12
N GLY F 378 -36.33 32.71 -72.47
CA GLY F 378 -37.03 33.99 -72.45
C GLY F 378 -37.06 34.63 -71.07
N PHE F 379 -37.21 33.80 -70.03
CA PHE F 379 -37.26 34.33 -68.67
C PHE F 379 -35.94 34.96 -68.28
N PHE F 380 -34.83 34.24 -68.50
CA PHE F 380 -33.53 34.76 -68.10
C PHE F 380 -33.13 35.97 -68.94
N ASP F 381 -33.60 36.04 -70.19
CA ASP F 381 -33.36 37.24 -70.99
C ASP F 381 -33.88 38.50 -70.31
N ASN F 382 -34.96 38.37 -69.54
CA ASN F 382 -35.55 39.49 -68.84
C ASN F 382 -34.91 39.74 -67.47
N LEU F 383 -34.44 38.69 -66.81
CA LEU F 383 -33.84 38.85 -65.49
C LEU F 383 -32.41 39.35 -65.58
N GLY F 384 -31.62 38.82 -66.51
CA GLY F 384 -30.24 39.21 -66.70
C GLY F 384 -29.23 38.27 -66.12
N HIS F 385 -29.64 37.27 -65.35
CA HIS F 385 -28.73 36.30 -64.78
C HIS F 385 -29.51 35.05 -64.40
N SER F 386 -28.79 33.96 -64.19
CA SER F 386 -29.38 32.68 -63.83
C SER F 386 -29.01 32.22 -62.42
N ASN F 387 -28.56 33.16 -61.58
CA ASN F 387 -28.22 32.85 -60.19
C ASN F 387 -29.51 32.76 -59.37
N VAL F 388 -30.25 31.67 -59.61
CA VAL F 388 -31.54 31.45 -58.98
C VAL F 388 -31.71 29.97 -58.69
N ILE F 389 -32.71 29.66 -57.87
CA ILE F 389 -33.20 28.30 -57.65
C ILE F 389 -34.41 28.12 -58.54
N GLN F 390 -34.32 27.18 -59.48
CA GLN F 390 -35.37 26.95 -60.48
C GLN F 390 -35.99 25.59 -60.21
N THR F 391 -37.31 25.56 -60.02
CA THR F 391 -38.06 24.33 -59.80
C THR F 391 -39.13 24.22 -60.87
N SER F 392 -39.12 23.11 -61.61
CA SER F 392 -40.11 22.83 -62.64
C SER F 392 -40.71 21.47 -62.36
N GLY F 393 -41.94 21.45 -61.86
CA GLY F 393 -42.61 20.19 -61.57
C GLY F 393 -43.09 19.50 -62.83
N GLY F 394 -44.14 20.03 -63.46
CA GLY F 394 -44.57 19.49 -64.73
C GLY F 394 -43.51 19.55 -65.81
N GLY F 395 -42.61 20.53 -65.70
CA GLY F 395 -41.55 20.65 -66.68
C GLY F 395 -40.53 19.53 -66.63
N ALA F 396 -40.47 18.80 -65.52
CA ALA F 396 -39.55 17.67 -65.37
C ALA F 396 -40.26 16.34 -65.53
N PHE F 397 -41.24 16.07 -64.68
CA PHE F 397 -41.99 14.82 -64.76
C PHE F 397 -43.00 14.80 -65.89
N GLY F 398 -43.25 15.94 -66.54
CA GLY F 398 -44.02 15.95 -67.77
C GLY F 398 -43.23 15.62 -69.01
N HIS F 399 -41.91 15.47 -68.88
CA HIS F 399 -41.08 15.08 -70.01
C HIS F 399 -41.47 13.70 -70.49
N LYS F 400 -41.50 13.53 -71.81
CA LYS F 400 -41.95 12.26 -72.39
C LYS F 400 -41.03 11.09 -72.05
N ASP F 401 -39.82 11.36 -71.55
CA ASP F 401 -38.84 10.32 -71.27
C ASP F 401 -38.61 10.10 -69.78
N GLY F 402 -39.32 10.81 -68.92
CA GLY F 402 -39.22 10.63 -67.49
C GLY F 402 -38.61 11.84 -66.81
N GLY F 403 -38.64 11.80 -65.47
CA GLY F 403 -38.15 12.91 -64.69
C GLY F 403 -36.66 13.13 -64.83
N ALA F 404 -35.89 12.05 -65.01
CA ALA F 404 -34.45 12.20 -65.21
C ALA F 404 -34.16 12.97 -66.49
N ALA F 405 -34.81 12.60 -67.59
CA ALA F 405 -34.63 13.32 -68.85
C ALA F 405 -35.05 14.78 -68.70
N GLY F 406 -36.17 15.02 -68.05
CA GLY F 406 -36.60 16.40 -67.85
C GLY F 406 -35.59 17.22 -67.08
N ALA F 407 -34.98 16.61 -66.05
CA ALA F 407 -33.93 17.30 -65.30
C ALA F 407 -32.78 17.69 -66.22
N LYS F 408 -32.39 16.80 -67.13
CA LYS F 408 -31.29 17.08 -68.04
C LYS F 408 -31.69 18.17 -69.04
N SER F 409 -32.94 18.16 -69.49
CA SER F 409 -33.40 19.20 -70.41
C SER F 409 -33.37 20.56 -69.74
N LEU F 410 -33.68 20.61 -68.44
CA LEU F 410 -33.68 21.89 -67.72
C LEU F 410 -32.26 22.41 -67.53
N ARG F 411 -31.33 21.53 -67.16
CA ARG F 411 -29.94 21.95 -67.02
C ARG F 411 -29.35 22.36 -68.37
N GLN F 412 -29.67 21.61 -69.43
CA GLN F 412 -29.09 21.91 -70.74
C GLN F 412 -29.64 23.24 -71.27
N ALA F 413 -30.90 23.55 -71.00
CA ALA F 413 -31.47 24.82 -71.43
C ALA F 413 -30.82 25.98 -70.69
N SER F 414 -30.59 25.82 -69.38
CA SER F 414 -29.93 26.88 -68.63
C SER F 414 -28.50 27.09 -69.11
N LEU F 415 -27.81 26.01 -69.47
CA LEU F 415 -26.44 26.14 -69.98
C LEU F 415 -26.45 26.76 -71.37
N ALA F 416 -27.44 26.41 -72.19
CA ALA F 416 -27.55 27.01 -73.51
C ALA F 416 -27.68 28.53 -73.41
N TRP F 417 -28.52 29.02 -72.50
CA TRP F 417 -28.68 30.45 -72.34
C TRP F 417 -27.41 31.09 -71.80
N GLN F 418 -26.82 30.50 -70.77
CA GLN F 418 -25.61 31.07 -70.18
C GLN F 418 -24.51 31.22 -71.21
N GLN F 419 -24.49 30.36 -72.23
CA GLN F 419 -23.49 30.42 -73.29
C GLN F 419 -23.96 31.20 -74.51
N GLY F 420 -25.19 31.70 -74.49
CA GLY F 420 -25.71 32.41 -75.64
C GLY F 420 -26.03 31.55 -76.84
N VAL F 421 -26.34 30.27 -76.61
CA VAL F 421 -26.66 29.34 -77.67
C VAL F 421 -28.17 29.21 -77.78
N ASP F 422 -28.70 29.37 -78.99
CA ASP F 422 -30.12 29.21 -79.21
C ASP F 422 -30.56 27.81 -78.78
N LEU F 423 -31.77 27.71 -78.23
CA LEU F 423 -32.24 26.45 -77.69
C LEU F 423 -32.33 25.38 -78.77
N LEU F 424 -32.79 25.77 -79.96
CA LEU F 424 -32.92 24.79 -81.04
C LEU F 424 -31.56 24.30 -81.52
N ASP F 425 -30.56 25.20 -81.54
CA ASP F 425 -29.22 24.78 -81.93
C ASP F 425 -28.62 23.84 -80.88
N TYR F 426 -28.83 24.14 -79.61
CA TYR F 426 -28.34 23.27 -78.55
C TYR F 426 -29.01 21.91 -78.58
N ALA F 427 -30.30 21.88 -78.93
CA ALA F 427 -31.05 20.64 -78.88
C ALA F 427 -30.56 19.61 -79.90
N LYS F 428 -29.80 20.04 -80.92
CA LYS F 428 -29.37 19.11 -81.94
C LYS F 428 -28.36 18.08 -81.42
N GLU F 429 -27.69 18.37 -80.31
CA GLU F 429 -26.71 17.45 -79.75
C GLU F 429 -27.01 17.09 -78.30
N HIS F 430 -28.26 17.27 -77.87
CA HIS F 430 -28.69 16.90 -76.52
C HIS F 430 -30.10 16.35 -76.60
N PRO F 431 -30.24 15.04 -76.77
CA PRO F 431 -31.59 14.47 -76.97
C PRO F 431 -32.58 14.84 -75.89
N GLU F 432 -32.13 14.99 -74.64
CA GLU F 432 -33.05 15.32 -73.56
C GLU F 432 -33.71 16.67 -73.80
N LEU F 433 -32.91 17.68 -74.17
CA LEU F 433 -33.49 18.97 -74.52
C LEU F 433 -34.41 18.85 -75.72
N ALA F 434 -33.99 18.09 -76.74
CA ALA F 434 -34.83 17.90 -77.92
C ALA F 434 -36.15 17.23 -77.54
N GLY F 435 -36.12 16.32 -76.58
CA GLY F 435 -37.34 15.68 -76.15
C GLY F 435 -38.30 16.63 -75.46
N ALA F 436 -37.77 17.66 -74.81
CA ALA F 436 -38.63 18.65 -74.16
C ALA F 436 -39.52 19.35 -75.19
N PHE F 437 -38.98 19.64 -76.38
CA PHE F 437 -39.79 20.26 -77.42
C PHE F 437 -40.99 19.40 -77.77
N GLU F 438 -40.77 18.10 -77.95
CA GLU F 438 -41.88 17.20 -78.24
C GLU F 438 -42.80 17.01 -77.04
N SER F 439 -42.25 17.13 -75.82
CA SER F 439 -43.07 16.91 -74.63
C SER F 439 -44.08 18.04 -74.44
N PHE F 440 -43.72 19.26 -74.81
CA PHE F 440 -44.58 20.43 -74.65
C PHE F 440 -44.68 21.15 -75.99
N PRO F 441 -45.41 20.56 -76.95
CA PRO F 441 -45.45 21.17 -78.28
C PRO F 441 -46.19 22.50 -78.31
N LYS F 442 -47.20 22.67 -77.46
CA LYS F 442 -47.88 23.96 -77.40
C LYS F 442 -46.90 25.08 -77.08
N ASP F 443 -46.01 24.86 -76.12
CA ASP F 443 -45.01 25.87 -75.80
C ASP F 443 -44.00 26.03 -76.92
N ALA F 444 -43.58 24.92 -77.53
CA ALA F 444 -42.62 25.00 -78.64
C ALA F 444 -43.22 25.75 -79.82
N ASP F 445 -44.48 25.48 -80.15
CA ASP F 445 -45.13 26.19 -81.24
C ASP F 445 -45.13 27.70 -81.03
N ALA F 446 -45.18 28.14 -79.76
CA ALA F 446 -45.25 29.56 -79.46
C ALA F 446 -43.87 30.19 -79.35
N LEU F 447 -42.94 29.52 -78.66
CA LEU F 447 -41.62 30.10 -78.40
C LEU F 447 -40.63 29.81 -79.54
N TYR F 448 -40.66 28.61 -80.10
CA TYR F 448 -39.76 28.21 -81.18
C TYR F 448 -40.60 27.62 -82.28
N PRO F 449 -41.28 28.46 -83.07
CA PRO F 449 -42.26 27.95 -84.03
C PRO F 449 -41.67 27.11 -85.15
N ASN F 450 -40.36 27.22 -85.41
CA ASN F 450 -39.72 26.46 -86.46
C ASN F 450 -39.19 25.10 -85.97
N TRP F 451 -39.58 24.66 -84.77
CA TRP F 451 -38.92 23.51 -84.17
C TRP F 451 -39.16 22.24 -84.98
N ARG F 452 -40.36 22.09 -85.55
CA ARG F 452 -40.63 20.91 -86.37
C ARG F 452 -39.68 20.84 -87.55
N GLU F 453 -39.58 21.91 -88.32
CA GLU F 453 -38.74 21.91 -89.56
C GLU F 453 -37.26 21.67 -89.14
N LYS F 454 -36.83 22.22 -87.99
CA LYS F 454 -35.40 22.46 -87.63
C LYS F 454 -34.84 21.28 -86.83
N LEU F 455 -35.63 20.63 -85.98
CA LEU F 455 -35.17 19.57 -85.03
C LEU F 455 -35.67 18.20 -85.52
N MET G 1 52.61 14.84 -10.13
CA MET G 1 53.76 15.55 -9.47
C MET G 1 54.96 14.61 -9.36
N ASP G 2 56.16 15.17 -9.43
CA ASP G 2 57.40 14.41 -9.30
C ASP G 2 57.77 14.32 -7.83
N GLN G 3 57.79 13.09 -7.30
CA GLN G 3 58.07 12.85 -5.90
C GLN G 3 59.45 12.24 -5.69
N SER G 4 60.36 12.41 -6.64
CA SER G 4 61.66 11.75 -6.55
C SER G 4 62.53 12.35 -5.46
N ASN G 5 62.42 13.66 -5.21
CA ASN G 5 63.25 14.27 -4.18
C ASN G 5 62.99 13.65 -2.81
N ARG G 6 61.78 13.15 -2.58
CA ARG G 6 61.44 12.52 -1.31
C ARG G 6 61.65 11.01 -1.34
N TYR G 7 61.15 10.35 -2.38
CA TYR G 7 61.08 8.89 -2.42
C TYR G 7 62.21 8.25 -3.24
N ALA G 8 63.24 9.01 -3.57
CA ALA G 8 64.38 8.46 -4.31
C ALA G 8 65.67 9.01 -3.71
N ASN G 9 66.60 8.10 -3.41
CA ASN G 9 67.95 8.46 -2.93
C ASN G 9 68.92 7.48 -3.57
N LEU G 10 69.27 7.74 -4.83
CA LEU G 10 70.18 6.88 -5.57
C LEU G 10 71.61 6.93 -5.06
N SER G 11 71.90 7.78 -4.06
CA SER G 11 73.23 7.83 -3.48
C SER G 11 73.45 6.74 -2.43
N LEU G 12 72.38 6.14 -1.92
CA LEU G 12 72.53 5.08 -0.94
C LEU G 12 73.23 3.87 -1.56
N ARG G 13 74.06 3.21 -0.76
CA ARG G 13 74.78 2.02 -1.20
C ARG G 13 74.05 0.77 -0.71
N GLU G 14 73.84 -0.18 -1.62
CA GLU G 14 73.17 -1.41 -1.25
C GLU G 14 73.89 -2.13 -0.11
N GLU G 15 75.22 -2.15 -0.16
CA GLU G 15 75.99 -2.82 0.89
C GLU G 15 75.75 -2.19 2.25
N ASP G 16 75.54 -0.87 2.29
CA ASP G 16 75.26 -0.21 3.56
C ASP G 16 73.84 -0.50 4.02
N LEU G 17 72.89 -0.58 3.09
CA LEU G 17 71.52 -0.91 3.46
C LEU G 17 71.41 -2.34 3.97
N ILE G 18 72.22 -3.25 3.44
CA ILE G 18 72.21 -4.63 3.94
C ILE G 18 72.89 -4.71 5.30
N ALA G 19 74.05 -4.06 5.43
CA ALA G 19 74.76 -4.09 6.71
C ALA G 19 73.96 -3.44 7.82
N GLY G 20 73.17 -2.41 7.50
CA GLY G 20 72.34 -1.77 8.51
C GLY G 20 71.29 -2.71 9.06
N GLY G 21 70.73 -3.56 8.20
CA GLY G 21 69.78 -4.55 8.64
C GLY G 21 68.44 -4.00 9.08
N LYS G 22 68.07 -2.80 8.63
CA LYS G 22 66.80 -2.19 9.00
C LYS G 22 65.93 -1.91 7.78
N HIS G 23 66.21 -2.54 6.65
CA HIS G 23 65.40 -2.36 5.45
C HIS G 23 65.15 -3.71 4.79
N VAL G 24 63.92 -3.89 4.30
CA VAL G 24 63.60 -4.97 3.37
C VAL G 24 63.85 -4.44 1.96
N LEU G 25 64.73 -5.12 1.22
CA LEU G 25 65.10 -4.70 -0.12
C LEU G 25 64.33 -5.55 -1.13
N CYS G 26 63.81 -4.89 -2.15
CA CYS G 26 63.04 -5.54 -3.20
C CYS G 26 63.56 -5.09 -4.57
N ALA G 27 63.87 -6.07 -5.43
CA ALA G 27 64.33 -5.79 -6.78
C ALA G 27 63.17 -6.04 -7.74
N TYR G 28 62.77 -4.99 -8.45
CA TYR G 28 61.68 -5.05 -9.41
C TYR G 28 62.20 -4.93 -10.83
N ILE G 29 61.48 -5.54 -11.76
CA ILE G 29 61.57 -5.23 -13.18
C ILE G 29 60.34 -4.42 -13.51
N MET G 30 60.50 -3.12 -13.76
CA MET G 30 59.38 -2.22 -13.97
C MET G 30 59.60 -1.38 -15.22
N LYS G 31 58.52 -1.17 -15.97
CA LYS G 31 58.51 -0.29 -17.13
C LYS G 31 57.41 0.75 -16.94
N PRO G 32 57.71 2.04 -17.00
CA PRO G 32 56.64 3.05 -16.89
C PRO G 32 55.78 3.08 -18.13
N LYS G 33 54.62 3.70 -18.00
CA LYS G 33 53.76 3.93 -19.15
C LYS G 33 54.32 5.08 -19.99
N ALA G 34 53.93 5.09 -21.27
CA ALA G 34 54.44 6.08 -22.20
C ALA G 34 54.19 7.48 -21.68
N GLY G 35 55.25 8.30 -21.70
CA GLY G 35 55.16 9.69 -21.27
C GLY G 35 55.49 9.94 -19.82
N TYR G 36 55.84 8.90 -19.07
CA TYR G 36 56.17 9.02 -17.65
C TYR G 36 57.64 8.75 -17.43
N GLY G 37 58.31 9.65 -16.71
CA GLY G 37 59.72 9.46 -16.44
C GLY G 37 59.96 8.25 -15.57
N TYR G 38 61.13 7.64 -15.75
CA TYR G 38 61.41 6.40 -15.03
C TYR G 38 61.58 6.66 -13.53
N LEU G 39 62.45 7.60 -13.17
CA LEU G 39 62.66 7.89 -11.75
C LEU G 39 61.41 8.48 -11.12
N GLU G 40 60.76 9.41 -11.81
CA GLU G 40 59.49 9.95 -11.33
C GLU G 40 58.47 8.82 -11.13
N SER G 41 58.43 7.87 -12.07
CA SER G 41 57.51 6.74 -11.95
C SER G 41 57.93 5.82 -10.82
N ALA G 42 59.24 5.57 -10.68
CA ALA G 42 59.72 4.74 -9.58
C ALA G 42 59.44 5.39 -8.24
N ALA G 43 59.58 6.72 -8.16
CA ALA G 43 59.34 7.42 -6.90
C ALA G 43 57.87 7.26 -6.48
N HIS G 44 56.94 7.49 -7.40
CA HIS G 44 55.54 7.31 -7.09
C HIS G 44 55.25 5.87 -6.70
N PHE G 45 55.95 4.91 -7.32
CA PHE G 45 55.83 3.50 -6.93
C PHE G 45 56.14 3.31 -5.46
N ALA G 46 57.30 3.81 -5.02
CA ALA G 46 57.69 3.67 -3.62
C ALA G 46 56.70 4.40 -2.70
N ALA G 47 56.19 5.54 -3.14
CA ALA G 47 55.21 6.27 -2.33
C ALA G 47 53.93 5.47 -2.15
N GLU G 48 53.35 4.99 -3.26
CA GLU G 48 52.15 4.17 -3.18
C GLU G 48 52.39 2.82 -2.53
N SER G 49 53.64 2.50 -2.19
CA SER G 49 53.97 1.24 -1.53
C SER G 49 54.44 1.45 -0.09
N SER G 50 54.25 2.64 0.47
CA SER G 50 54.71 2.90 1.83
C SER G 50 53.86 3.94 2.54
N THR G 51 54.12 5.22 2.28
CA THR G 51 53.56 6.30 3.09
C THR G 51 52.76 7.33 2.30
N GLY G 52 52.80 7.30 0.97
CA GLY G 52 52.27 8.42 0.21
C GLY G 52 51.09 8.10 -0.69
N THR G 53 50.79 9.04 -1.59
CA THR G 53 49.71 8.90 -2.57
C THR G 53 50.16 9.63 -3.84
N ASN G 54 49.23 10.27 -4.55
CA ASN G 54 49.57 10.97 -5.80
C ASN G 54 49.46 12.49 -5.67
N VAL G 55 49.20 13.00 -4.48
CA VAL G 55 49.16 14.43 -4.21
C VAL G 55 49.67 14.65 -2.80
N GLU G 56 50.14 15.86 -2.52
CA GLU G 56 50.58 16.19 -1.17
C GLU G 56 49.38 16.27 -0.23
N VAL G 57 49.61 15.87 1.03
CA VAL G 57 48.59 15.91 2.06
C VAL G 57 49.10 16.72 3.25
N CYS G 58 48.20 17.47 3.88
CA CYS G 58 48.57 18.34 4.98
C CYS G 58 48.91 17.57 6.25
N THR G 59 48.72 16.26 6.27
CA THR G 59 48.94 15.46 7.47
C THR G 59 50.36 14.93 7.58
N THR G 60 51.14 14.98 6.51
CA THR G 60 52.51 14.47 6.55
C THR G 60 53.34 15.23 7.57
N ASP G 61 54.15 14.50 8.32
CA ASP G 61 55.07 15.09 9.30
C ASP G 61 56.45 14.47 9.10
N ASP G 62 57.42 14.98 9.86
CA ASP G 62 58.80 14.51 9.71
C ASP G 62 58.94 13.04 10.09
N PHE G 63 58.13 12.56 11.04
CA PHE G 63 58.18 11.15 11.39
C PHE G 63 57.75 10.27 10.21
N THR G 64 56.70 10.69 9.50
CA THR G 64 56.25 9.93 8.33
C THR G 64 57.39 9.78 7.32
N ARG G 65 58.02 10.88 6.94
CA ARG G 65 59.10 10.82 5.97
C ARG G 65 60.23 9.91 6.42
N GLY G 66 60.38 9.70 7.72
CA GLY G 66 61.43 8.83 8.21
C GLY G 66 61.25 7.37 7.83
N VAL G 67 60.01 6.93 7.65
CA VAL G 67 59.73 5.55 7.29
C VAL G 67 59.35 5.41 5.81
N ASP G 68 59.65 6.41 5.00
CA ASP G 68 59.37 6.33 3.57
C ASP G 68 60.16 5.19 2.94
N ALA G 69 59.54 4.49 2.00
CA ALA G 69 60.28 3.59 1.13
C ALA G 69 61.07 4.42 0.12
N LEU G 70 62.29 3.98 -0.17
CA LEU G 70 63.21 4.77 -0.98
C LEU G 70 63.71 3.95 -2.17
N VAL G 71 63.63 4.54 -3.36
CA VAL G 71 64.31 4.01 -4.53
C VAL G 71 65.80 4.35 -4.40
N TYR G 72 66.64 3.32 -4.31
CA TYR G 72 68.07 3.51 -4.14
C TYR G 72 68.89 3.06 -5.34
N GLU G 73 68.24 2.56 -6.40
CA GLU G 73 68.97 2.15 -7.59
C GLU G 73 67.97 1.96 -8.71
N ILE G 74 68.32 2.45 -9.91
CA ILE G 74 67.50 2.28 -11.10
C ILE G 74 68.40 2.05 -12.29
N ASP G 75 67.88 1.30 -13.27
CA ASP G 75 68.57 1.06 -14.55
C ASP G 75 67.48 1.11 -15.62
N GLU G 76 67.21 2.32 -16.12
CA GLU G 76 66.10 2.50 -17.05
C GLU G 76 66.23 1.59 -18.26
N ALA G 77 67.45 1.49 -18.81
CA ALA G 77 67.65 0.65 -19.99
C ALA G 77 67.31 -0.81 -19.72
N ASN G 78 67.61 -1.27 -18.51
CA ASN G 78 67.31 -2.64 -18.10
C ASN G 78 66.03 -2.76 -17.29
N GLU G 79 65.29 -1.67 -17.12
CA GLU G 79 64.00 -1.68 -16.44
C GLU G 79 64.12 -2.22 -15.01
N LEU G 80 65.22 -1.88 -14.36
CA LEU G 80 65.49 -2.35 -13.00
C LEU G 80 65.17 -1.24 -12.00
N MET G 81 64.52 -1.63 -10.90
CA MET G 81 64.15 -0.70 -9.84
C MET G 81 64.27 -1.44 -8.51
N LYS G 82 65.08 -0.92 -7.60
CA LYS G 82 65.26 -1.47 -6.27
C LYS G 82 64.75 -0.49 -5.24
N ILE G 83 63.92 -0.97 -4.32
CA ILE G 83 63.31 -0.16 -3.29
C ILE G 83 63.66 -0.74 -1.92
N ALA G 84 63.97 0.14 -0.97
CA ALA G 84 64.31 -0.25 0.39
C ALA G 84 63.17 0.15 1.31
N TYR G 85 62.59 -0.84 2.00
CA TYR G 85 61.45 -0.63 2.87
C TYR G 85 61.90 -0.64 4.32
N PRO G 86 61.76 0.46 5.06
CA PRO G 86 62.04 0.39 6.50
C PRO G 86 61.20 -0.67 7.18
N VAL G 87 61.84 -1.43 8.08
CA VAL G 87 61.18 -2.60 8.66
C VAL G 87 60.00 -2.20 9.54
N ASP G 88 60.04 -1.01 10.14
CA ASP G 88 58.95 -0.58 10.99
C ASP G 88 57.65 -0.38 10.23
N LEU G 89 57.67 -0.43 8.90
CA LEU G 89 56.45 -0.24 8.13
C LEU G 89 55.49 -1.42 8.27
N PHE G 90 56.01 -2.61 8.49
CA PHE G 90 55.23 -3.83 8.32
C PHE G 90 54.43 -4.17 9.57
N ASP G 91 53.23 -4.70 9.35
CA ASP G 91 52.30 -4.98 10.44
C ASP G 91 52.83 -6.11 11.34
N ARG G 92 52.37 -6.09 12.59
CA ARG G 92 52.75 -7.07 13.59
C ARG G 92 51.51 -7.56 14.32
N ASN G 93 51.56 -8.80 14.80
CA ASN G 93 50.43 -9.38 15.52
C ASN G 93 50.32 -8.78 16.91
N ILE G 94 49.09 -8.45 17.32
CA ILE G 94 48.88 -8.01 18.68
C ILE G 94 48.92 -9.15 19.66
N ILE G 95 48.70 -10.39 19.20
CA ILE G 95 48.63 -11.52 20.12
C ILE G 95 50.02 -12.03 20.49
N ASP G 96 51.00 -11.92 19.57
CA ASP G 96 52.32 -12.48 19.83
C ASP G 96 53.46 -11.66 19.23
N GLY G 97 53.17 -10.50 18.64
CA GLY G 97 54.21 -9.65 18.12
C GLY G 97 54.95 -10.18 16.93
N ARG G 98 54.49 -11.28 16.32
CA ARG G 98 55.17 -11.85 15.18
C ARG G 98 54.81 -11.11 13.91
N ALA G 99 55.58 -11.36 12.86
CA ALA G 99 55.34 -10.75 11.56
C ALA G 99 54.26 -11.51 10.80
N MET G 100 53.82 -10.93 9.69
CA MET G 100 52.79 -11.52 8.85
C MET G 100 53.12 -11.25 7.39
N LEU G 101 52.99 -12.27 6.56
CA LEU G 101 53.30 -12.14 5.14
C LEU G 101 52.31 -11.23 4.43
N ALA G 102 51.06 -11.20 4.89
CA ALA G 102 50.05 -10.36 4.24
C ALA G 102 50.49 -8.91 4.20
N SER G 103 51.16 -8.44 5.25
CA SER G 103 51.60 -7.05 5.29
C SER G 103 52.68 -6.79 4.24
N PHE G 104 53.63 -7.71 4.09
CA PHE G 104 54.67 -7.52 3.08
C PHE G 104 54.07 -7.50 1.67
N LEU G 105 53.15 -8.43 1.40
CA LEU G 105 52.48 -8.42 0.10
C LEU G 105 51.66 -7.16 -0.09
N THR G 106 51.02 -6.68 0.98
CA THR G 106 50.20 -5.47 0.87
C THR G 106 51.03 -4.27 0.42
N LEU G 107 52.26 -4.17 0.91
CA LEU G 107 53.11 -3.03 0.60
C LEU G 107 53.95 -3.27 -0.65
N ALA G 108 54.71 -4.37 -0.68
CA ALA G 108 55.70 -4.56 -1.73
C ALA G 108 55.06 -4.92 -3.07
N ILE G 109 53.85 -5.45 -3.08
CA ILE G 109 53.23 -5.89 -4.32
C ILE G 109 51.72 -5.79 -4.21
N GLY G 110 51.24 -4.76 -3.51
CA GLY G 110 49.82 -4.56 -3.36
C GLY G 110 49.24 -3.56 -4.34
N ASN G 111 48.93 -2.35 -3.86
CA ASN G 111 48.28 -1.36 -4.69
C ASN G 111 49.13 -0.95 -5.90
N ASN G 112 50.45 -1.12 -5.82
CA ASN G 112 51.29 -0.69 -6.93
C ASN G 112 51.06 -1.49 -8.20
N GLN G 113 50.34 -2.61 -8.13
CA GLN G 113 50.05 -3.41 -9.32
C GLN G 113 48.88 -2.88 -10.13
N GLY G 114 48.30 -1.75 -9.73
CA GLY G 114 47.20 -1.17 -10.47
C GLY G 114 47.44 0.29 -10.84
N MET G 115 48.66 0.77 -10.65
CA MET G 115 48.96 2.16 -10.94
C MET G 115 48.79 2.45 -12.43
N GLY G 116 48.12 3.57 -12.74
CA GLY G 116 47.87 3.91 -14.11
C GLY G 116 49.10 4.38 -14.85
N ASP G 117 50.08 4.92 -14.13
CA ASP G 117 51.31 5.42 -14.74
C ASP G 117 52.39 4.35 -14.85
N ILE G 118 52.09 3.11 -14.48
CA ILE G 118 53.03 2.00 -14.55
C ILE G 118 52.48 0.97 -15.55
N GLU G 119 53.35 0.50 -16.44
CA GLU G 119 52.93 -0.54 -17.38
C GLU G 119 52.95 -1.91 -16.72
N TYR G 120 54.03 -2.23 -16.03
CA TYR G 120 54.12 -3.48 -15.27
C TYR G 120 55.23 -3.39 -14.27
N ALA G 121 55.16 -4.24 -13.24
CA ALA G 121 56.18 -4.31 -12.21
C ALA G 121 56.13 -5.69 -11.57
N LYS G 122 57.26 -6.38 -11.54
CA LYS G 122 57.35 -7.73 -10.99
C LYS G 122 58.56 -7.82 -10.09
N ILE G 123 58.37 -8.39 -8.89
CA ILE G 123 59.45 -8.61 -7.95
C ILE G 123 60.24 -9.83 -8.39
N HIS G 124 61.54 -9.67 -8.59
CA HIS G 124 62.42 -10.77 -8.93
C HIS G 124 63.28 -11.24 -7.76
N ASP G 125 63.39 -10.46 -6.70
CA ASP G 125 64.15 -10.86 -5.52
C ASP G 125 63.82 -9.92 -4.38
N VAL G 126 63.95 -10.43 -3.16
CA VAL G 126 63.70 -9.67 -1.95
C VAL G 126 64.68 -10.12 -0.88
N TYR G 127 65.19 -9.16 -0.11
CA TYR G 127 66.10 -9.43 1.00
C TYR G 127 65.39 -9.12 2.31
N PHE G 128 65.36 -10.10 3.21
CA PHE G 128 64.79 -9.91 4.54
C PHE G 128 65.92 -9.82 5.55
N PRO G 129 66.05 -8.72 6.28
CA PRO G 129 67.15 -8.61 7.26
C PRO G 129 66.88 -9.46 8.48
N PRO G 130 67.93 -9.78 9.27
CA PRO G 130 67.72 -10.70 10.39
C PRO G 130 66.62 -10.29 11.36
N CYS G 131 66.49 -8.99 11.65
CA CYS G 131 65.50 -8.58 12.64
C CYS G 131 64.07 -8.77 12.15
N TYR G 132 63.84 -8.86 10.83
CA TYR G 132 62.52 -9.09 10.27
C TYR G 132 62.27 -10.57 10.00
N LEU G 133 63.19 -11.24 9.32
CA LEU G 133 63.06 -12.67 9.09
C LEU G 133 62.87 -13.42 10.41
N ARG G 134 63.55 -12.97 11.46
CA ARG G 134 63.45 -13.62 12.77
C ARG G 134 62.03 -13.63 13.31
N LEU G 135 61.14 -12.78 12.78
CA LEU G 135 59.79 -12.65 13.31
C LEU G 135 58.78 -13.53 12.58
N PHE G 136 59.21 -14.33 11.61
CA PHE G 136 58.30 -15.21 10.88
C PHE G 136 58.34 -16.61 11.48
N ASP G 137 57.24 -17.33 11.31
CA ASP G 137 57.12 -18.67 11.90
C ASP G 137 58.22 -19.59 11.40
N GLY G 138 58.41 -19.64 10.09
CA GLY G 138 59.37 -20.56 9.50
C GLY G 138 58.85 -21.99 9.55
N PRO G 139 59.51 -22.90 8.83
CA PRO G 139 59.04 -24.28 8.81
C PRO G 139 59.23 -24.94 10.17
N ALA G 140 58.27 -25.80 10.52
CA ALA G 140 58.38 -26.61 11.73
C ALA G 140 58.82 -28.04 11.44
N MET G 141 58.66 -28.51 10.21
CA MET G 141 58.99 -29.88 9.85
C MET G 141 59.64 -29.88 8.48
N ASN G 142 60.23 -31.03 8.13
CA ASN G 142 61.09 -31.15 6.98
C ASN G 142 60.99 -32.57 6.43
N ILE G 143 61.69 -32.81 5.32
CA ILE G 143 61.86 -34.17 4.83
C ILE G 143 62.59 -35.00 5.87
N VAL G 144 63.37 -34.35 6.74
CA VAL G 144 64.03 -35.07 7.82
C VAL G 144 63.01 -35.82 8.66
N ASP G 145 61.86 -35.18 8.92
CA ASP G 145 60.79 -35.87 9.64
C ASP G 145 60.22 -37.01 8.82
N MET G 146 60.27 -36.90 7.49
CA MET G 146 59.87 -38.00 6.63
C MET G 146 60.90 -39.11 6.68
N TRP G 147 62.19 -38.75 6.64
CA TRP G 147 63.25 -39.74 6.77
C TRP G 147 63.15 -40.49 8.09
N ARG G 148 62.88 -39.76 9.19
CA ARG G 148 62.81 -40.40 10.50
C ARG G 148 61.70 -41.44 10.56
N VAL G 149 60.53 -41.10 10.04
CA VAL G 149 59.42 -42.06 10.03
C VAL G 149 59.76 -43.23 9.13
N LEU G 150 60.40 -42.97 7.98
CA LEU G 150 60.78 -44.02 7.06
C LEU G 150 61.99 -44.80 7.52
N GLU G 151 62.55 -44.47 8.69
CA GLU G 151 63.73 -45.16 9.24
C GLU G 151 64.91 -45.08 8.29
N ARG G 152 65.01 -43.98 7.55
CA ARG G 152 66.12 -43.70 6.65
C ARG G 152 67.12 -42.78 7.33
N PRO G 153 68.31 -42.60 6.74
CA PRO G 153 69.27 -41.67 7.33
C PRO G 153 68.70 -40.26 7.43
N LEU G 154 69.07 -39.56 8.50
CA LEU G 154 68.57 -38.20 8.72
C LEU G 154 69.39 -37.15 7.96
N VAL G 155 70.63 -37.47 7.61
CA VAL G 155 71.45 -36.63 6.76
C VAL G 155 71.58 -37.34 5.41
N ASP G 156 71.09 -36.70 4.36
CA ASP G 156 71.09 -37.28 3.01
C ASP G 156 70.30 -38.59 3.01
N GLY G 157 69.09 -38.54 3.57
CA GLY G 157 68.22 -39.71 3.56
C GLY G 157 67.77 -40.13 2.18
N GLY G 158 67.80 -39.22 1.21
CA GLY G 158 67.51 -39.57 -0.16
C GLY G 158 66.12 -39.16 -0.59
N MET G 159 65.75 -39.65 -1.78
CA MET G 159 64.48 -39.28 -2.40
C MET G 159 63.32 -40.02 -1.76
N VAL G 160 62.25 -39.29 -1.49
CA VAL G 160 60.99 -39.89 -1.06
C VAL G 160 60.16 -40.18 -2.30
N VAL G 161 59.92 -41.46 -2.57
CA VAL G 161 59.25 -41.89 -3.78
C VAL G 161 57.74 -41.69 -3.60
N GLY G 162 57.17 -40.74 -4.34
CA GLY G 162 55.77 -40.39 -4.20
C GLY G 162 55.03 -40.44 -5.52
N THR G 163 53.75 -40.09 -5.45
CA THR G 163 52.88 -40.08 -6.62
C THR G 163 51.61 -39.31 -6.27
N ILE G 164 50.71 -39.21 -7.24
CA ILE G 164 49.36 -38.70 -7.05
C ILE G 164 48.39 -39.78 -7.49
N ILE G 165 47.40 -40.08 -6.64
CA ILE G 165 46.32 -40.96 -7.04
C ILE G 165 45.57 -40.24 -8.16
N LYS G 166 45.72 -40.70 -9.39
CA LYS G 166 45.26 -39.90 -10.51
C LYS G 166 43.74 -39.98 -10.66
N PRO G 167 43.20 -40.22 -11.87
CA PRO G 167 41.98 -39.52 -12.27
C PRO G 167 41.70 -38.34 -11.35
N LYS G 168 42.54 -37.30 -11.44
CA LYS G 168 42.56 -36.15 -10.54
C LYS G 168 41.30 -36.05 -9.69
N LEU G 169 40.14 -36.12 -10.33
CA LEU G 169 38.87 -36.21 -9.63
C LEU G 169 38.04 -37.29 -10.32
N GLY G 170 37.18 -37.95 -9.55
CA GLY G 170 36.28 -38.95 -10.11
C GLY G 170 36.33 -40.28 -9.40
N LEU G 171 37.51 -40.71 -8.97
CA LEU G 171 37.64 -41.99 -8.28
C LEU G 171 36.78 -41.98 -7.02
N ARG G 172 35.91 -42.97 -6.91
CA ARG G 172 35.08 -43.15 -5.73
C ARG G 172 35.94 -43.74 -4.61
N PRO G 173 35.41 -43.79 -3.39
CA PRO G 173 36.27 -44.18 -2.26
C PRO G 173 36.94 -45.53 -2.42
N GLU G 174 36.21 -46.56 -2.82
CA GLU G 174 36.83 -47.88 -2.76
C GLU G 174 37.82 -48.13 -3.90
N PRO G 175 37.64 -47.57 -5.10
CA PRO G 175 38.76 -47.63 -6.05
C PRO G 175 39.96 -46.82 -5.59
N PHE G 176 39.73 -45.63 -5.02
CA PHE G 176 40.82 -44.80 -4.56
C PHE G 176 41.67 -45.54 -3.55
N ALA G 177 41.04 -46.11 -2.52
CA ALA G 177 41.79 -46.81 -1.49
C ALA G 177 42.54 -48.01 -2.07
N ALA G 178 41.99 -48.64 -3.11
CA ALA G 178 42.69 -49.76 -3.74
C ALA G 178 43.98 -49.29 -4.41
N ALA G 179 43.91 -48.18 -5.15
CA ALA G 179 45.10 -47.67 -5.81
C ALA G 179 46.17 -47.25 -4.81
N CYS G 180 45.75 -46.64 -3.70
CA CYS G 180 46.71 -46.25 -2.66
C CYS G 180 47.49 -47.46 -2.16
N TYR G 181 46.78 -48.55 -1.87
CA TYR G 181 47.45 -49.76 -1.37
C TYR G 181 48.41 -50.33 -2.41
N GLN G 182 47.97 -50.35 -3.68
CA GLN G 182 48.81 -50.93 -4.72
C GLN G 182 50.11 -50.16 -4.88
N PHE G 183 50.02 -48.83 -4.95
CA PHE G 183 51.24 -48.03 -5.10
C PHE G 183 52.11 -48.14 -3.86
N TRP G 184 51.51 -48.16 -2.68
CA TRP G 184 52.28 -48.22 -1.45
C TRP G 184 53.08 -49.52 -1.32
N LEU G 185 52.72 -50.55 -2.09
CA LEU G 185 53.50 -51.79 -2.08
C LEU G 185 54.91 -51.60 -2.64
N GLY G 186 55.18 -50.49 -3.31
CA GLY G 186 56.50 -50.21 -3.84
C GLY G 186 56.98 -48.80 -3.59
N GLY G 187 56.05 -47.90 -3.24
CA GLY G 187 56.36 -46.51 -3.02
C GLY G 187 56.23 -46.10 -1.56
N ASP G 188 56.64 -44.86 -1.29
CA ASP G 188 56.66 -44.31 0.06
C ASP G 188 55.49 -43.38 0.35
N PHE G 189 55.14 -42.51 -0.59
CA PHE G 189 54.36 -41.31 -0.31
C PHE G 189 53.26 -41.16 -1.34
N ILE G 190 52.07 -40.82 -0.86
CA ILE G 190 50.94 -40.54 -1.73
C ILE G 190 50.31 -39.23 -1.29
N KCX G 191 49.90 -38.41 -2.25
CA KCX G 191 49.27 -37.15 -1.91
CB KCX G 191 50.20 -35.97 -2.22
CG KCX G 191 50.43 -35.84 -3.72
CD KCX G 191 51.39 -34.68 -4.00
CE KCX G 191 50.68 -33.33 -3.82
NZ KCX G 191 49.51 -33.29 -4.68
C KCX G 191 47.96 -37.00 -2.69
O KCX G 191 47.88 -37.41 -3.88
CX KCX G 191 49.66 -32.99 -6.10
OQ1 KCX G 191 48.66 -33.05 -6.86
OQ2 KCX G 191 50.78 -32.67 -6.56
HA KCX G 191 49.08 -37.13 -0.97
HB2 KCX G 191 51.05 -36.12 -1.78
HB3 KCX G 191 49.80 -35.15 -1.89
HG2 KCX G 191 49.58 -35.68 -4.16
HG3 KCX G 191 50.81 -36.67 -4.06
HD2 KCX G 191 51.71 -34.75 -4.92
HD3 KCX G 191 52.14 -34.74 -3.39
HE2 KCX G 191 51.29 -32.61 -4.04
HE3 KCX G 191 50.40 -33.25 -2.90
HZ KCX G 191 48.73 -33.42 -4.35
N ASN G 192 46.95 -36.44 -2.03
CA ASN G 192 45.74 -36.02 -2.72
C ASN G 192 46.15 -35.15 -3.89
N ASP G 193 45.35 -35.16 -4.95
CA ASP G 193 45.45 -34.12 -5.97
C ASP G 193 44.81 -32.85 -5.42
N GLU G 194 45.34 -31.71 -5.86
CA GLU G 194 45.06 -30.46 -5.17
C GLU G 194 43.58 -30.14 -5.00
N PRO G 195 42.66 -30.63 -5.86
CA PRO G 195 41.25 -30.33 -5.62
C PRO G 195 40.50 -31.43 -4.90
N GLN G 196 41.14 -32.57 -4.68
CA GLN G 196 40.48 -33.68 -4.00
C GLN G 196 40.16 -33.30 -2.56
N GLY G 197 38.92 -33.51 -2.15
CA GLY G 197 38.51 -33.21 -0.80
C GLY G 197 37.28 -33.95 -0.32
N ASN G 198 36.14 -33.27 -0.34
CA ASN G 198 34.89 -33.84 0.14
C ASN G 198 33.82 -33.76 -0.94
N GLN G 199 34.18 -34.13 -2.17
CA GLN G 199 33.21 -34.19 -3.25
C GLN G 199 32.09 -35.15 -2.88
N VAL G 200 30.89 -34.90 -3.43
CA VAL G 200 29.73 -35.70 -3.09
C VAL G 200 29.93 -37.16 -3.48
N PHE G 201 30.78 -37.45 -4.46
CA PHE G 201 31.01 -38.81 -4.91
C PHE G 201 32.16 -39.48 -4.18
N ALA G 202 32.82 -38.77 -3.26
CA ALA G 202 33.92 -39.35 -2.47
C ALA G 202 34.02 -38.59 -1.15
N PRO G 203 33.03 -38.75 -0.27
CA PRO G 203 33.01 -37.96 0.97
C PRO G 203 34.26 -38.21 1.80
N LEU G 204 34.79 -37.11 2.36
CA LEU G 204 36.01 -37.22 3.16
C LEU G 204 35.82 -38.21 4.31
N ARG G 205 34.66 -38.18 4.97
CA ARG G 205 34.45 -39.06 6.11
C ARG G 205 34.42 -40.53 5.70
N THR G 206 34.07 -40.81 4.45
CA THR G 206 34.04 -42.19 3.96
C THR G 206 35.38 -42.65 3.42
N ILE G 207 36.17 -41.74 2.83
CA ILE G 207 37.37 -42.16 2.11
C ILE G 207 38.55 -42.33 3.05
N MET G 208 38.65 -41.48 4.08
CA MET G 208 39.88 -41.44 4.87
C MET G 208 40.08 -42.72 5.67
N PRO G 209 39.04 -43.26 6.32
CA PRO G 209 39.21 -44.58 6.96
C PRO G 209 39.66 -45.66 5.99
N MET G 210 39.22 -45.59 4.73
CA MET G 210 39.69 -46.57 3.74
C MET G 210 41.14 -46.34 3.39
N ILE G 211 41.58 -45.09 3.28
CA ILE G 211 42.99 -44.81 3.00
C ILE G 211 43.84 -45.28 4.16
N ALA G 212 43.41 -45.00 5.39
CA ALA G 212 44.16 -45.49 6.55
C ALA G 212 44.24 -47.01 6.56
N ASP G 213 43.18 -47.67 6.13
CA ASP G 213 43.21 -49.14 6.04
C ASP G 213 44.22 -49.60 4.99
N SER G 214 44.27 -48.91 3.85
CA SER G 214 45.25 -49.26 2.83
C SER G 214 46.67 -49.04 3.33
N MET G 215 46.89 -47.93 4.04
CA MET G 215 48.21 -47.67 4.60
C MET G 215 48.63 -48.77 5.57
N ARG G 216 47.70 -49.21 6.42
CA ARG G 216 48.03 -50.24 7.40
C ARG G 216 48.37 -51.56 6.70
N ARG G 217 47.59 -51.93 5.69
CA ARG G 217 47.85 -53.20 5.01
C ARG G 217 49.18 -53.16 4.27
N ALA G 218 49.46 -52.07 3.56
CA ALA G 218 50.73 -51.97 2.84
C ALA G 218 51.91 -51.99 3.80
N GLN G 219 51.79 -51.31 4.93
CA GLN G 219 52.85 -51.33 5.93
C GLN G 219 53.04 -52.74 6.49
N ASP G 220 51.95 -53.48 6.66
CA ASP G 220 52.04 -54.83 7.19
C ASP G 220 52.76 -55.75 6.21
N GLU G 221 52.48 -55.60 4.91
CA GLU G 221 52.99 -56.53 3.92
C GLU G 221 54.37 -56.14 3.37
N THR G 222 54.78 -54.89 3.54
CA THR G 222 56.09 -54.46 3.07
C THR G 222 57.11 -54.31 4.21
N GLY G 223 56.66 -54.22 5.45
CA GLY G 223 57.56 -53.93 6.55
C GLY G 223 58.09 -52.52 6.58
N GLN G 224 57.58 -51.64 5.72
CA GLN G 224 58.02 -50.26 5.61
C GLN G 224 56.89 -49.32 6.01
N ALA G 225 57.26 -48.12 6.42
CA ALA G 225 56.27 -47.10 6.73
C ALA G 225 55.79 -46.41 5.45
N LYS G 226 54.52 -46.04 5.45
CA LYS G 226 53.89 -45.41 4.29
C LYS G 226 53.32 -44.05 4.70
N LEU G 227 53.40 -43.08 3.78
CA LEU G 227 53.05 -41.70 4.07
C LEU G 227 51.94 -41.23 3.15
N PHE G 228 51.08 -40.37 3.69
CA PHE G 228 49.99 -39.78 2.93
C PHE G 228 49.94 -38.27 3.18
N SER G 229 49.50 -37.53 2.16
CA SER G 229 49.35 -36.08 2.25
C SER G 229 47.91 -35.74 1.89
N ALA G 230 47.13 -35.29 2.88
CA ALA G 230 45.71 -35.07 2.72
C ALA G 230 45.41 -33.59 2.57
N ASN G 231 44.56 -33.27 1.61
CA ASN G 231 44.17 -31.88 1.36
C ASN G 231 43.13 -31.45 2.38
N ILE G 232 43.43 -30.37 3.11
CA ILE G 232 42.51 -29.79 4.07
C ILE G 232 42.12 -28.36 3.71
N THR G 233 42.46 -27.93 2.50
CA THR G 233 42.18 -26.56 2.09
C THR G 233 40.69 -26.26 2.20
N ALA G 234 40.37 -25.06 2.65
CA ALA G 234 38.98 -24.63 2.75
C ALA G 234 38.95 -23.12 2.94
N ASP G 235 37.79 -22.53 2.65
CA ASP G 235 37.58 -21.10 2.90
C ASP G 235 37.49 -20.84 4.40
N ASP G 236 36.68 -21.62 5.11
CA ASP G 236 36.49 -21.42 6.55
C ASP G 236 37.62 -22.08 7.31
N PRO G 237 38.38 -21.34 8.11
CA PRO G 237 39.41 -22.01 8.93
C PRO G 237 38.85 -23.09 9.82
N ALA G 238 37.59 -22.95 10.26
CA ALA G 238 36.97 -24.01 11.05
C ALA G 238 36.84 -25.30 10.25
N GLU G 239 36.68 -25.19 8.94
CA GLU G 239 36.62 -26.39 8.09
C GLU G 239 38.00 -27.05 7.99
N MET G 240 39.06 -26.26 7.78
CA MET G 240 40.39 -26.84 7.75
C MET G 240 40.71 -27.52 9.08
N TYR G 241 40.33 -26.89 10.19
CA TYR G 241 40.57 -27.51 11.49
C TYR G 241 39.78 -28.81 11.62
N ALA G 242 38.51 -28.79 11.23
CA ALA G 242 37.68 -30.00 11.34
C ALA G 242 38.26 -31.14 10.50
N ARG G 243 38.67 -30.85 9.27
CA ARG G 243 39.26 -31.89 8.42
C ARG G 243 40.53 -32.44 9.07
N GLY G 244 41.39 -31.55 9.56
CA GLY G 244 42.64 -31.99 10.16
C GLY G 244 42.42 -32.88 11.37
N GLU G 245 41.52 -32.46 12.26
CA GLU G 245 41.27 -33.24 13.46
C GLU G 245 40.69 -34.61 13.11
N PHE G 246 39.75 -34.66 12.17
CA PHE G 246 39.17 -35.94 11.78
C PHE G 246 40.23 -36.87 11.20
N ILE G 247 41.09 -36.34 10.32
CA ILE G 247 42.08 -37.19 9.65
C ILE G 247 43.03 -37.79 10.67
N LEU G 248 43.53 -36.97 11.60
CA LEU G 248 44.46 -37.48 12.61
C LEU G 248 43.79 -38.54 13.47
N GLU G 249 42.55 -38.30 13.91
CA GLU G 249 41.84 -39.31 14.69
C GLU G 249 41.64 -40.58 13.87
N THR G 250 41.40 -40.43 12.57
CA THR G 250 41.15 -41.61 11.72
C THR G 250 42.42 -42.45 11.55
N PHE G 251 43.58 -41.80 11.39
CA PHE G 251 44.82 -42.54 11.22
C PHE G 251 45.41 -43.02 12.55
N GLY G 252 44.95 -42.47 13.68
CA GLY G 252 45.28 -43.03 14.98
C GLY G 252 46.78 -43.09 15.23
N GLU G 253 47.27 -44.30 15.51
CA GLU G 253 48.69 -44.46 15.84
C GLU G 253 49.60 -44.05 14.69
N PHE G 254 49.07 -43.93 13.48
CA PHE G 254 49.86 -43.54 12.31
C PHE G 254 49.54 -42.11 11.86
N ALA G 255 49.08 -41.27 12.78
CA ALA G 255 48.76 -39.90 12.44
C ALA G 255 50.02 -39.12 12.02
N ASP G 256 51.18 -39.49 12.55
CA ASP G 256 52.42 -38.81 12.17
C ASP G 256 52.95 -39.28 10.83
N HIS G 257 52.24 -40.18 10.14
CA HIS G 257 52.54 -40.51 8.75
C HIS G 257 51.78 -39.62 7.77
N VAL G 258 50.95 -38.70 8.26
CA VAL G 258 50.04 -37.93 7.43
C VAL G 258 50.54 -36.49 7.34
N ALA G 259 50.62 -35.98 6.12
CA ALA G 259 50.89 -34.58 5.85
C ALA G 259 49.59 -33.88 5.46
N PHE G 260 49.55 -32.57 5.71
CA PHE G 260 48.39 -31.75 5.38
C PHE G 260 48.75 -30.87 4.18
N LEU G 261 47.96 -30.97 3.11
CA LEU G 261 48.19 -30.25 1.88
C LEU G 261 47.29 -29.02 1.84
N VAL G 262 47.89 -27.86 1.57
CA VAL G 262 47.16 -26.61 1.47
C VAL G 262 47.44 -25.99 0.10
N ASP G 263 46.36 -25.64 -0.61
CA ASP G 263 46.46 -24.89 -1.87
C ASP G 263 46.75 -23.43 -1.52
N GLY G 264 48.02 -23.17 -1.19
CA GLY G 264 48.37 -21.93 -0.53
C GLY G 264 48.24 -20.70 -1.39
N TYR G 265 48.43 -20.84 -2.70
CA TYR G 265 48.36 -19.67 -3.56
C TYR G 265 46.92 -19.21 -3.74
N VAL G 266 46.01 -20.14 -4.06
CA VAL G 266 44.62 -19.77 -4.29
C VAL G 266 43.92 -19.48 -2.97
N ALA G 267 44.22 -20.24 -1.92
CA ALA G 267 43.60 -20.01 -0.63
C ALA G 267 44.27 -18.88 0.15
N GLY G 268 45.58 -18.68 -0.03
CA GLY G 268 46.26 -17.53 0.51
C GLY G 268 47.10 -17.85 1.73
N PRO G 269 47.96 -16.90 2.12
CA PRO G 269 48.79 -17.14 3.31
C PRO G 269 48.00 -17.40 4.57
N THR G 270 46.79 -16.83 4.68
CA THR G 270 45.97 -17.07 5.85
C THR G 270 45.63 -18.55 6.01
N ALA G 271 45.42 -19.26 4.90
CA ALA G 271 45.19 -20.69 4.98
C ALA G 271 46.46 -21.44 5.34
N VAL G 272 47.58 -21.04 4.73
CA VAL G 272 48.86 -21.68 5.05
C VAL G 272 49.17 -21.52 6.53
N THR G 273 49.10 -20.29 7.03
CA THR G 273 49.45 -20.05 8.43
C THR G 273 48.47 -20.71 9.39
N ALA G 274 47.19 -20.75 9.02
CA ALA G 274 46.21 -21.42 9.86
C ALA G 274 46.61 -22.86 10.12
N CYS G 275 47.06 -23.56 9.08
CA CYS G 275 47.52 -24.94 9.24
C CYS G 275 48.85 -24.99 9.97
N ARG G 276 49.76 -24.07 9.66
CA ARG G 276 51.09 -24.09 10.27
C ARG G 276 51.01 -23.93 11.78
N ARG G 277 50.09 -23.07 12.26
CA ARG G 277 50.03 -22.77 13.68
C ARG G 277 49.10 -23.71 14.44
N ARG G 278 48.10 -24.30 13.78
CA ARG G 278 47.21 -25.24 14.47
C ARG G 278 47.76 -26.65 14.47
N PHE G 279 48.44 -27.06 13.39
CA PHE G 279 48.99 -28.41 13.24
C PHE G 279 50.50 -28.34 13.01
N PRO G 280 51.24 -27.68 13.91
CA PRO G 280 52.68 -27.52 13.67
C PRO G 280 53.44 -28.84 13.63
N GLN G 281 52.90 -29.90 14.22
CA GLN G 281 53.56 -31.20 14.25
C GLN G 281 53.18 -32.08 13.07
N GLN G 282 52.54 -31.52 12.05
CA GLN G 282 52.20 -32.24 10.84
C GLN G 282 52.88 -31.56 9.65
N PHE G 283 53.53 -32.35 8.80
CA PHE G 283 54.18 -31.83 7.60
C PHE G 283 53.20 -30.98 6.80
N LEU G 284 53.54 -29.70 6.63
CA LEU G 284 52.72 -28.77 5.86
C LEU G 284 53.15 -28.87 4.39
N HIS G 285 52.26 -29.38 3.56
CA HIS G 285 52.53 -29.60 2.14
C HIS G 285 51.90 -28.45 1.36
N TYR G 286 52.75 -27.52 0.91
CA TYR G 286 52.30 -26.34 0.18
C TYR G 286 52.18 -26.71 -1.29
N HIS G 287 50.94 -26.76 -1.80
CA HIS G 287 50.67 -26.92 -3.22
C HIS G 287 50.37 -25.54 -3.80
N ARG G 288 51.12 -25.17 -4.85
CA ARG G 288 51.06 -23.81 -5.39
C ARG G 288 50.18 -23.72 -6.62
N ALA G 289 49.12 -24.52 -6.69
CA ALA G 289 48.20 -24.46 -7.81
C ALA G 289 47.76 -23.02 -8.08
N GLY G 290 47.86 -22.60 -9.33
CA GLY G 290 47.47 -21.26 -9.73
C GLY G 290 48.59 -20.25 -9.75
N HIS G 291 49.73 -20.56 -9.11
CA HIS G 291 50.83 -19.60 -9.03
C HIS G 291 51.25 -19.08 -10.40
N GLY G 292 51.07 -19.89 -11.44
CA GLY G 292 51.49 -19.49 -12.77
C GLY G 292 50.87 -18.21 -13.28
N ALA G 293 49.75 -17.79 -12.70
CA ALA G 293 49.10 -16.56 -13.14
C ALA G 293 50.03 -15.36 -13.02
N VAL G 294 51.00 -15.40 -12.12
CA VAL G 294 51.96 -14.33 -11.94
C VAL G 294 53.40 -14.80 -12.10
N THR G 295 53.71 -16.01 -11.60
CA THR G 295 55.09 -16.49 -11.63
C THR G 295 55.55 -16.85 -13.03
N SER G 296 54.62 -17.06 -13.96
CA SER G 296 55.01 -17.45 -15.32
C SER G 296 55.92 -16.40 -15.93
N PRO G 297 56.95 -16.80 -16.67
CA PRO G 297 57.79 -15.80 -17.35
C PRO G 297 57.02 -14.96 -18.35
N GLN G 298 55.89 -15.47 -18.86
CA GLN G 298 55.04 -14.68 -19.73
C GLN G 298 54.44 -13.47 -19.03
N SER G 299 54.34 -13.51 -17.70
CA SER G 299 53.79 -12.41 -16.93
C SER G 299 54.90 -11.45 -16.51
N LYS G 300 54.66 -10.15 -16.72
CA LYS G 300 55.57 -9.11 -16.26
C LYS G 300 55.09 -8.46 -14.96
N ARG G 301 54.18 -9.12 -14.25
CA ARG G 301 53.58 -8.57 -13.04
C ARG G 301 53.76 -9.53 -11.87
N GLY G 302 53.45 -9.03 -10.67
CA GLY G 302 53.45 -9.87 -9.49
C GLY G 302 54.83 -10.23 -9.01
N TYR G 303 55.11 -11.53 -8.91
CA TYR G 303 56.41 -12.00 -8.47
C TYR G 303 56.74 -13.29 -9.19
N THR G 304 58.05 -13.57 -9.29
CA THR G 304 58.52 -14.79 -9.93
C THR G 304 58.27 -15.99 -9.04
N ALA G 305 58.47 -17.19 -9.62
CA ALA G 305 58.34 -18.41 -8.84
C ALA G 305 59.41 -18.50 -7.76
N PHE G 306 60.59 -17.91 -8.00
CA PHE G 306 61.62 -17.90 -6.97
C PHE G 306 61.17 -17.11 -5.75
N VAL G 307 60.59 -15.93 -5.97
CA VAL G 307 60.12 -15.10 -4.87
C VAL G 307 58.97 -15.81 -4.15
N HIS G 308 58.08 -16.44 -4.90
CA HIS G 308 56.96 -17.13 -4.28
C HIS G 308 57.43 -18.25 -3.35
N CYS G 309 58.37 -19.06 -3.83
CA CYS G 309 58.88 -20.16 -3.01
C CYS G 309 59.65 -19.64 -1.82
N LYS G 310 60.42 -18.55 -2.00
CA LYS G 310 61.14 -17.98 -0.86
C LYS G 310 60.18 -17.58 0.24
N MET G 311 59.07 -16.95 -0.11
CA MET G 311 58.10 -16.52 0.90
C MET G 311 57.43 -17.71 1.58
N SER G 312 57.27 -18.82 0.86
CA SER G 312 56.65 -20.00 1.46
C SER G 312 57.45 -20.50 2.65
N ARG G 313 58.77 -20.30 2.63
CA ARG G 313 59.59 -20.70 3.77
C ARG G 313 59.29 -19.85 5.00
N LEU G 314 59.01 -18.56 4.80
CA LEU G 314 58.62 -17.69 5.90
C LEU G 314 57.31 -18.16 6.51
N SER G 315 56.31 -18.43 5.66
CA SER G 315 55.02 -18.89 6.17
C SER G 315 55.14 -20.20 6.92
N GLY G 316 56.11 -21.03 6.55
CA GLY G 316 56.36 -22.25 7.29
C GLY G 316 56.01 -23.53 6.55
N ALA G 317 56.10 -23.49 5.23
CA ALA G 317 55.85 -24.69 4.44
C ALA G 317 56.94 -25.72 4.72
N SER G 318 56.51 -26.96 4.98
CA SER G 318 57.48 -28.04 5.13
C SER G 318 58.03 -28.47 3.77
N GLY G 319 57.21 -28.39 2.73
CA GLY G 319 57.67 -28.65 1.38
C GLY G 319 56.77 -27.93 0.40
N ILE G 320 57.37 -27.48 -0.71
CA ILE G 320 56.65 -26.78 -1.76
C ILE G 320 57.16 -27.24 -3.11
N HIS G 321 56.27 -27.23 -4.10
CA HIS G 321 56.64 -27.60 -5.47
C HIS G 321 57.53 -26.51 -6.05
N THR G 322 58.82 -26.79 -6.19
CA THR G 322 59.74 -25.84 -6.81
C THR G 322 59.76 -25.94 -8.32
N GLY G 323 58.82 -26.69 -8.90
CA GLY G 323 58.83 -26.93 -10.31
C GLY G 323 59.88 -27.97 -10.70
N THR G 324 59.77 -28.45 -11.93
CA THR G 324 60.68 -29.47 -12.45
C THR G 324 61.87 -28.89 -13.18
N MET G 325 62.01 -27.56 -13.19
CA MET G 325 63.18 -26.89 -13.74
C MET G 325 63.44 -27.33 -15.19
N GLY G 326 62.38 -27.32 -15.99
CA GLY G 326 62.48 -27.56 -17.41
C GLY G 326 62.56 -29.01 -17.83
N TYR G 327 62.39 -29.95 -16.92
CA TYR G 327 62.48 -31.37 -17.22
C TYR G 327 61.12 -32.06 -17.23
N GLY G 328 60.04 -31.33 -16.97
CA GLY G 328 58.71 -31.92 -16.94
C GLY G 328 57.75 -31.31 -17.92
N LYS G 329 56.47 -31.26 -17.56
CA LYS G 329 55.42 -30.72 -18.43
C LYS G 329 55.05 -29.29 -18.10
N MET G 330 55.56 -28.76 -16.97
CA MET G 330 55.22 -27.39 -16.50
C MET G 330 56.32 -26.40 -16.93
N GLU G 331 56.04 -25.09 -16.89
CA GLU G 331 56.96 -24.02 -17.24
C GLU G 331 58.05 -23.94 -16.18
N GLY G 332 59.31 -24.06 -16.61
CA GLY G 332 60.42 -23.99 -15.69
C GLY G 332 61.73 -23.95 -16.46
N ASP G 333 62.78 -23.55 -15.75
CA ASP G 333 64.11 -23.42 -16.32
C ASP G 333 65.11 -24.20 -15.48
N ALA G 334 66.17 -24.67 -16.13
CA ALA G 334 67.20 -25.41 -15.41
C ALA G 334 67.82 -24.59 -14.30
N ASP G 335 67.84 -23.26 -14.47
CA ASP G 335 68.36 -22.37 -13.42
C ASP G 335 67.44 -22.30 -12.20
N ASP G 336 66.28 -22.96 -12.24
CA ASP G 336 65.38 -22.99 -11.09
C ASP G 336 65.98 -23.74 -9.91
N LYS G 337 67.10 -24.44 -10.09
CA LYS G 337 67.78 -25.04 -8.96
C LYS G 337 68.16 -24.00 -7.92
N ALA G 338 68.32 -22.73 -8.33
CA ALA G 338 68.55 -21.67 -7.35
C ALA G 338 67.40 -21.56 -6.36
N ILE G 339 66.18 -21.89 -6.79
CA ILE G 339 65.05 -21.91 -5.87
C ILE G 339 65.28 -22.95 -4.77
N ALA G 340 65.69 -24.15 -5.17
CA ALA G 340 65.89 -25.22 -4.19
C ALA G 340 66.94 -24.82 -3.16
N TYR G 341 68.07 -24.27 -3.61
CA TYR G 341 69.12 -23.90 -2.66
C TYR G 341 68.62 -22.85 -1.68
N MET G 342 67.81 -21.90 -2.15
CA MET G 342 67.29 -20.86 -1.26
C MET G 342 66.30 -21.45 -0.25
N LEU G 343 65.65 -22.56 -0.59
CA LEU G 343 64.71 -23.19 0.32
C LEU G 343 65.36 -24.12 1.33
N GLU G 344 66.49 -24.74 0.98
CA GLU G 344 67.08 -25.79 1.81
C GLU G 344 68.35 -25.37 2.52
N GLN G 345 69.00 -24.29 2.10
CA GLN G 345 70.28 -23.90 2.67
C GLN G 345 70.11 -22.77 3.68
N ASP G 346 71.10 -22.65 4.57
CA ASP G 346 71.15 -21.51 5.48
C ASP G 346 71.76 -20.27 4.85
N ASP G 347 72.46 -20.43 3.73
CA ASP G 347 73.07 -19.33 2.99
C ASP G 347 72.91 -19.62 1.51
N ALA G 348 72.27 -18.70 0.79
CA ALA G 348 71.99 -18.94 -0.62
C ALA G 348 72.04 -17.62 -1.37
N GLN G 349 72.19 -17.73 -2.69
CA GLN G 349 72.33 -16.59 -3.58
C GLN G 349 71.05 -16.46 -4.41
N GLY G 350 70.37 -15.33 -4.28
CA GLY G 350 69.26 -15.00 -5.14
C GLY G 350 69.75 -14.23 -6.36
N PRO G 351 68.83 -13.96 -7.29
CA PRO G 351 69.22 -13.18 -8.48
C PRO G 351 69.92 -11.86 -8.14
N TYR G 352 69.55 -11.21 -7.03
CA TYR G 352 70.12 -9.92 -6.70
C TYR G 352 70.68 -9.85 -5.29
N PHE G 353 70.09 -10.61 -4.36
CA PHE G 353 70.43 -10.52 -2.96
C PHE G 353 70.89 -11.88 -2.42
N ARG G 354 71.97 -11.84 -1.65
CA ARG G 354 72.37 -12.99 -0.84
C ARG G 354 71.51 -13.04 0.42
N GLN G 355 71.07 -14.23 0.80
CA GLN G 355 70.17 -14.40 1.93
C GLN G 355 70.76 -15.40 2.90
N THR G 356 70.96 -14.98 4.14
CA THR G 356 71.25 -15.87 5.26
C THR G 356 69.99 -16.04 6.08
N TRP G 357 69.78 -17.24 6.61
CA TRP G 357 68.51 -17.58 7.26
C TRP G 357 68.62 -17.70 8.77
N GLN G 358 69.80 -17.47 9.34
CA GLN G 358 69.97 -17.48 10.80
C GLN G 358 69.43 -18.76 11.40
N GLY G 359 69.58 -19.86 10.68
CA GLY G 359 69.19 -21.15 11.20
C GLY G 359 67.72 -21.50 11.08
N MET G 360 66.94 -20.71 10.35
CA MET G 360 65.54 -21.07 10.15
C MET G 360 65.45 -22.37 9.37
N LYS G 361 64.49 -23.20 9.71
CA LYS G 361 64.41 -24.54 9.14
C LYS G 361 64.26 -24.47 7.62
N ALA G 362 64.77 -25.50 6.96
CA ALA G 362 64.70 -25.60 5.52
C ALA G 362 63.31 -26.05 5.07
N THR G 363 62.96 -25.68 3.84
CA THR G 363 61.77 -26.19 3.17
C THR G 363 62.21 -27.14 2.08
N THR G 364 61.63 -28.34 2.06
CA THR G 364 62.08 -29.37 1.11
C THR G 364 61.43 -29.16 -0.25
N PRO G 365 62.22 -29.14 -1.32
CA PRO G 365 61.62 -29.03 -2.66
C PRO G 365 60.84 -30.29 -3.02
N ILE G 366 59.65 -30.08 -3.59
CA ILE G 366 58.83 -31.17 -4.13
C ILE G 366 58.87 -31.06 -5.65
N ILE G 367 59.10 -32.19 -6.32
CA ILE G 367 59.31 -32.25 -7.75
C ILE G 367 58.13 -32.99 -8.36
N SER G 368 57.32 -32.27 -9.13
CA SER G 368 56.13 -32.84 -9.75
C SER G 368 55.88 -32.13 -11.07
N GLY G 369 55.33 -32.87 -12.02
CA GLY G 369 54.99 -32.29 -13.31
C GLY G 369 55.37 -33.16 -14.49
N GLY G 370 54.68 -34.29 -14.64
CA GLY G 370 54.96 -35.19 -15.74
C GLY G 370 56.35 -35.77 -15.71
N MET G 371 56.72 -36.34 -14.57
CA MET G 371 58.02 -36.99 -14.41
C MET G 371 57.84 -38.48 -14.18
N ASN G 372 58.88 -39.24 -14.53
CA ASN G 372 58.85 -40.69 -14.42
C ASN G 372 60.27 -41.17 -14.17
N ALA G 373 60.45 -42.51 -14.16
CA ALA G 373 61.76 -43.08 -13.91
C ALA G 373 62.78 -42.64 -14.95
N LEU G 374 62.34 -42.23 -16.14
CA LEU G 374 63.26 -41.86 -17.21
C LEU G 374 63.70 -40.40 -17.13
N ARG G 375 62.92 -39.53 -16.49
CA ARG G 375 63.23 -38.11 -16.40
C ARG G 375 63.82 -37.72 -15.05
N LEU G 376 64.45 -38.67 -14.34
CA LEU G 376 64.97 -38.37 -13.01
C LEU G 376 66.48 -38.25 -13.01
N PRO G 377 67.23 -39.19 -13.60
CA PRO G 377 68.69 -39.02 -13.63
C PRO G 377 69.13 -37.72 -14.27
N GLY G 378 68.43 -37.27 -15.31
CA GLY G 378 68.78 -36.00 -15.93
C GLY G 378 68.48 -34.81 -15.04
N PHE G 379 67.35 -34.87 -14.31
CA PHE G 379 67.01 -33.78 -13.40
C PHE G 379 67.96 -33.76 -12.20
N PHE G 380 68.23 -34.92 -11.60
CA PHE G 380 69.15 -34.98 -10.47
C PHE G 380 70.55 -34.53 -10.87
N ASP G 381 70.97 -34.78 -12.11
CA ASP G 381 72.28 -34.28 -12.62
C ASP G 381 72.29 -32.75 -12.41
N ASN G 382 71.19 -32.05 -12.76
CA ASN G 382 71.17 -30.60 -12.70
C ASN G 382 71.03 -30.08 -11.27
N LEU G 383 70.43 -30.87 -10.37
CA LEU G 383 70.24 -30.41 -9.00
C LEU G 383 71.46 -30.68 -8.13
N GLY G 384 72.07 -31.85 -8.25
CA GLY G 384 73.25 -32.17 -7.47
C GLY G 384 73.02 -33.26 -6.43
N HIS G 385 71.96 -33.13 -5.65
CA HIS G 385 71.59 -34.12 -4.64
C HIS G 385 70.18 -34.63 -4.91
N SER G 386 69.76 -35.61 -4.11
CA SER G 386 68.46 -36.25 -4.29
C SER G 386 67.59 -36.14 -3.04
N ASN G 387 67.88 -35.19 -2.16
CA ASN G 387 67.10 -35.01 -0.92
C ASN G 387 65.86 -34.18 -1.24
N VAL G 388 64.94 -34.81 -1.98
CA VAL G 388 63.71 -34.16 -2.41
C VAL G 388 62.56 -35.15 -2.29
N ILE G 389 61.35 -34.63 -2.31
CA ILE G 389 60.13 -35.42 -2.34
C ILE G 389 59.64 -35.41 -3.78
N GLN G 390 59.65 -36.58 -4.41
CA GLN G 390 59.28 -36.72 -5.82
C GLN G 390 57.91 -37.35 -5.93
N THR G 391 57.03 -36.73 -6.69
CA THR G 391 55.67 -37.25 -6.92
C THR G 391 55.48 -37.40 -8.43
N SER G 392 55.37 -38.64 -8.88
CA SER G 392 55.17 -38.97 -10.28
C SER G 392 53.77 -39.54 -10.44
N GLY G 393 52.84 -38.69 -10.86
CA GLY G 393 51.47 -39.11 -11.08
C GLY G 393 51.34 -40.03 -12.28
N GLY G 394 51.51 -39.47 -13.48
CA GLY G 394 51.48 -40.29 -14.67
C GLY G 394 52.69 -41.20 -14.79
N GLY G 395 53.83 -40.79 -14.23
CA GLY G 395 55.01 -41.62 -14.25
C GLY G 395 54.88 -42.91 -13.46
N ALA G 396 53.93 -42.96 -12.53
CA ALA G 396 53.73 -44.15 -11.72
C ALA G 396 52.58 -44.98 -12.27
N PHE G 397 51.35 -44.48 -12.14
CA PHE G 397 50.18 -45.23 -12.60
C PHE G 397 50.12 -45.33 -14.12
N GLY G 398 50.83 -44.47 -14.84
CA GLY G 398 50.95 -44.62 -16.28
C GLY G 398 51.81 -45.78 -16.71
N HIS G 399 52.49 -46.43 -15.76
CA HIS G 399 53.29 -47.60 -16.09
C HIS G 399 52.41 -48.69 -16.67
N LYS G 400 52.96 -49.43 -17.64
CA LYS G 400 52.17 -50.46 -18.32
C LYS G 400 51.77 -51.59 -17.39
N ASP G 401 52.42 -51.72 -16.23
CA ASP G 401 52.18 -52.84 -15.33
C ASP G 401 51.35 -52.45 -14.10
N GLY G 402 51.15 -51.16 -13.87
CA GLY G 402 50.39 -50.69 -12.72
C GLY G 402 51.20 -49.71 -11.89
N GLY G 403 50.59 -49.30 -10.77
CA GLY G 403 51.22 -48.31 -9.91
C GLY G 403 52.44 -48.85 -9.18
N ALA G 404 52.31 -50.04 -8.59
CA ALA G 404 53.42 -50.62 -7.85
C ALA G 404 54.67 -50.68 -8.70
N ALA G 405 54.53 -51.17 -9.95
CA ALA G 405 55.68 -51.22 -10.85
C ALA G 405 56.29 -49.85 -11.03
N GLY G 406 55.46 -48.83 -11.25
CA GLY G 406 55.98 -47.48 -11.38
C GLY G 406 56.73 -47.03 -10.13
N ALA G 407 56.15 -47.31 -8.96
CA ALA G 407 56.82 -46.95 -7.71
C ALA G 407 58.19 -47.61 -7.63
N LYS G 408 58.26 -48.91 -7.90
CA LYS G 408 59.53 -49.61 -7.84
C LYS G 408 60.52 -49.06 -8.86
N SER G 409 60.03 -48.71 -10.06
CA SER G 409 60.92 -48.14 -11.06
C SER G 409 61.37 -46.74 -10.66
N LEU G 410 60.44 -45.90 -10.18
CA LEU G 410 60.81 -44.56 -9.74
C LEU G 410 61.88 -44.63 -8.67
N ARG G 411 61.71 -45.51 -7.67
CA ARG G 411 62.72 -45.66 -6.63
C ARG G 411 64.04 -46.13 -7.22
N GLN G 412 63.99 -47.19 -8.03
CA GLN G 412 65.22 -47.74 -8.61
C GLN G 412 65.94 -46.69 -9.45
N ALA G 413 65.18 -45.91 -10.23
CA ALA G 413 65.81 -44.88 -11.05
C ALA G 413 66.57 -43.87 -10.21
N SER G 414 66.13 -43.65 -8.96
CA SER G 414 66.85 -42.75 -8.07
C SER G 414 68.12 -43.42 -7.53
N LEU G 415 67.96 -44.57 -6.87
CA LEU G 415 69.12 -45.31 -6.38
C LEU G 415 70.16 -45.49 -7.48
N ALA G 416 69.70 -45.72 -8.72
CA ALA G 416 70.62 -45.84 -9.84
C ALA G 416 71.44 -44.56 -10.01
N TRP G 417 70.81 -43.41 -9.80
CA TRP G 417 71.54 -42.14 -9.90
C TRP G 417 72.31 -41.83 -8.62
N GLN G 418 71.81 -42.25 -7.46
CA GLN G 418 72.60 -42.14 -6.24
C GLN G 418 73.85 -43.01 -6.27
N GLN G 419 73.94 -43.94 -7.22
CA GLN G 419 75.04 -44.90 -7.30
C GLN G 419 75.80 -44.81 -8.61
N GLY G 420 75.55 -43.79 -9.43
CA GLY G 420 76.31 -43.62 -10.65
C GLY G 420 76.20 -44.77 -11.62
N VAL G 421 75.01 -45.34 -11.77
CA VAL G 421 74.75 -46.41 -12.72
C VAL G 421 73.80 -45.87 -13.78
N ASP G 422 74.20 -45.96 -15.04
CA ASP G 422 73.35 -45.51 -16.14
C ASP G 422 71.97 -46.16 -16.05
N LEU G 423 70.94 -45.37 -16.31
CA LEU G 423 69.57 -45.87 -16.19
C LEU G 423 69.34 -47.09 -17.08
N LEU G 424 69.94 -47.09 -18.28
CA LEU G 424 69.81 -48.26 -19.15
C LEU G 424 70.57 -49.45 -18.60
N ASP G 425 71.78 -49.23 -18.08
CA ASP G 425 72.55 -50.31 -17.49
C ASP G 425 71.89 -50.84 -16.22
N TYR G 426 71.13 -50.00 -15.53
CA TYR G 426 70.44 -50.43 -14.32
C TYR G 426 69.16 -51.18 -14.63
N ALA G 427 68.52 -50.87 -15.76
CA ALA G 427 67.24 -51.49 -16.08
C ALA G 427 67.39 -52.96 -16.45
N LYS G 428 68.56 -53.35 -16.97
CA LYS G 428 68.76 -54.72 -17.42
C LYS G 428 68.71 -55.73 -16.28
N GLU G 429 68.74 -55.28 -15.02
CA GLU G 429 68.67 -56.17 -13.87
C GLU G 429 67.48 -55.85 -12.96
N HIS G 430 66.49 -55.14 -13.48
CA HIS G 430 65.29 -54.78 -12.72
C HIS G 430 64.13 -54.65 -13.69
N PRO G 431 63.25 -55.65 -13.78
CA PRO G 431 62.13 -55.57 -14.73
C PRO G 431 61.24 -54.38 -14.49
N GLU G 432 61.23 -53.82 -13.27
CA GLU G 432 60.38 -52.66 -13.00
C GLU G 432 60.88 -51.42 -13.76
N LEU G 433 62.19 -51.19 -13.72
CA LEU G 433 62.76 -50.03 -14.40
C LEU G 433 62.81 -50.22 -15.91
N ALA G 434 63.01 -51.46 -16.37
CA ALA G 434 62.99 -51.72 -17.80
C ALA G 434 61.60 -51.51 -18.40
N GLY G 435 60.55 -51.78 -17.62
CA GLY G 435 59.20 -51.55 -18.11
C GLY G 435 58.87 -50.08 -18.27
N ALA G 436 59.48 -49.22 -17.46
CA ALA G 436 59.27 -47.78 -17.60
C ALA G 436 59.68 -47.28 -18.98
N PHE G 437 60.59 -47.98 -19.66
CA PHE G 437 60.96 -47.59 -21.02
C PHE G 437 59.81 -47.85 -21.99
N GLU G 438 59.16 -49.01 -21.88
CA GLU G 438 58.05 -49.34 -22.76
C GLU G 438 56.77 -48.59 -22.41
N SER G 439 56.64 -48.10 -21.18
CA SER G 439 55.44 -47.38 -20.78
C SER G 439 55.41 -45.99 -21.38
N PHE G 440 56.55 -45.31 -21.44
CA PHE G 440 56.68 -43.97 -21.99
C PHE G 440 57.74 -44.01 -23.08
N PRO G 441 57.42 -44.56 -24.25
CA PRO G 441 58.45 -44.71 -25.29
C PRO G 441 58.89 -43.39 -25.90
N LYS G 442 58.01 -42.39 -25.94
CA LYS G 442 58.41 -41.07 -26.44
C LYS G 442 59.55 -40.51 -25.60
N ASP G 443 59.52 -40.72 -24.28
CA ASP G 443 60.61 -40.28 -23.42
C ASP G 443 61.84 -41.17 -23.56
N ALA G 444 61.65 -42.44 -23.90
CA ALA G 444 62.78 -43.33 -24.07
C ALA G 444 63.52 -43.03 -25.36
N ASP G 445 62.78 -42.73 -26.44
CA ASP G 445 63.42 -42.39 -27.70
C ASP G 445 64.19 -41.08 -27.63
N ALA G 446 63.86 -40.21 -26.67
CA ALA G 446 64.51 -38.91 -26.54
C ALA G 446 65.64 -38.90 -25.52
N LEU G 447 65.59 -39.75 -24.50
CA LEU G 447 66.60 -39.78 -23.46
C LEU G 447 67.54 -40.99 -23.53
N TYR G 448 67.10 -42.08 -24.14
CA TYR G 448 67.94 -43.28 -24.29
C TYR G 448 67.57 -43.95 -25.60
N PRO G 449 68.12 -43.46 -26.72
CA PRO G 449 67.63 -43.93 -28.03
C PRO G 449 67.83 -45.42 -28.26
N ASN G 450 68.83 -46.03 -27.64
CA ASN G 450 69.13 -47.45 -27.83
C ASN G 450 68.49 -48.33 -26.77
N TRP G 451 67.31 -47.96 -26.28
CA TRP G 451 66.67 -48.74 -25.22
C TRP G 451 66.07 -50.03 -25.75
N ARG G 452 65.52 -50.00 -26.98
CA ARG G 452 64.96 -51.22 -27.56
C ARG G 452 66.03 -52.27 -27.79
N GLU G 453 67.25 -51.86 -28.13
CA GLU G 453 68.34 -52.78 -28.36
C GLU G 453 69.12 -53.03 -27.06
N GLN H 3 43.59 -35.57 -26.42
CA GLN H 3 42.55 -35.73 -25.40
C GLN H 3 41.27 -34.99 -25.80
N SER H 4 41.12 -34.73 -27.10
CA SER H 4 39.99 -33.93 -27.58
C SER H 4 38.68 -34.71 -27.46
N ASN H 5 38.68 -35.97 -27.90
CA ASN H 5 37.44 -36.75 -27.90
C ASN H 5 36.81 -36.80 -26.51
N ARG H 6 37.64 -36.88 -25.47
CA ARG H 6 37.11 -37.06 -24.13
C ARG H 6 36.63 -35.75 -23.51
N TYR H 7 37.37 -34.66 -23.71
CA TYR H 7 37.13 -33.43 -22.98
C TYR H 7 36.61 -32.30 -23.87
N ALA H 8 36.10 -32.63 -25.05
CA ALA H 8 35.57 -31.63 -25.96
C ALA H 8 34.27 -32.13 -26.57
N ASN H 9 33.26 -31.25 -26.59
CA ASN H 9 31.97 -31.56 -27.20
C ASN H 9 31.38 -30.24 -27.71
N LEU H 10 31.82 -29.83 -28.90
CA LEU H 10 31.36 -28.57 -29.48
C LEU H 10 29.92 -28.62 -29.97
N SER H 11 29.29 -29.79 -29.95
CA SER H 11 27.89 -29.89 -30.33
C SER H 11 26.94 -29.47 -29.22
N LEU H 12 27.42 -29.37 -27.98
CA LEU H 12 26.59 -28.88 -26.90
C LEU H 12 26.25 -27.41 -27.11
N ARG H 13 25.10 -27.01 -26.58
CA ARG H 13 24.60 -25.65 -26.74
C ARG H 13 24.65 -24.95 -25.39
N GLU H 14 25.21 -23.75 -25.37
CA GLU H 14 25.33 -23.00 -24.11
C GLU H 14 23.97 -22.83 -23.45
N GLU H 15 22.93 -22.53 -24.24
CA GLU H 15 21.60 -22.35 -23.66
C GLU H 15 21.16 -23.62 -22.94
N ASP H 16 21.48 -24.79 -23.49
CA ASP H 16 21.07 -26.04 -22.86
C ASP H 16 21.88 -26.28 -21.58
N LEU H 17 23.17 -25.93 -21.59
CA LEU H 17 23.97 -26.09 -20.38
C LEU H 17 23.49 -25.16 -19.27
N ILE H 18 23.09 -23.94 -19.62
CA ILE H 18 22.56 -23.01 -18.63
C ILE H 18 21.23 -23.53 -18.08
N ALA H 19 20.29 -23.86 -18.98
CA ALA H 19 19.00 -24.37 -18.54
C ALA H 19 19.14 -25.61 -17.68
N GLY H 20 20.16 -26.43 -17.95
CA GLY H 20 20.37 -27.61 -17.15
C GLY H 20 20.66 -27.29 -15.70
N GLY H 21 21.36 -26.18 -15.45
CA GLY H 21 21.65 -25.75 -14.10
C GLY H 21 22.61 -26.64 -13.35
N LYS H 22 23.37 -27.47 -14.04
CA LYS H 22 24.27 -28.44 -13.40
C LYS H 22 25.73 -28.23 -13.82
N HIS H 23 26.05 -27.07 -14.40
CA HIS H 23 27.42 -26.81 -14.84
C HIS H 23 27.81 -25.37 -14.55
N VAL H 24 29.00 -25.18 -14.02
CA VAL H 24 29.60 -23.86 -13.91
C VAL H 24 30.31 -23.56 -15.22
N LEU H 25 29.92 -22.47 -15.88
CA LEU H 25 30.47 -22.09 -17.16
C LEU H 25 31.56 -21.05 -16.98
N CYS H 26 32.67 -21.22 -17.70
CA CYS H 26 33.78 -20.29 -17.65
C CYS H 26 34.17 -19.89 -19.07
N ALA H 27 34.37 -18.59 -19.28
CA ALA H 27 34.77 -18.05 -20.57
C ALA H 27 36.23 -17.61 -20.47
N TYR H 28 37.11 -18.29 -21.22
CA TYR H 28 38.53 -18.01 -21.19
C TYR H 28 38.95 -17.32 -22.48
N ILE H 29 39.97 -16.47 -22.38
CA ILE H 29 40.70 -15.98 -23.53
C ILE H 29 42.04 -16.69 -23.50
N MET H 30 42.22 -17.66 -24.40
CA MET H 30 43.37 -18.57 -24.36
C MET H 30 44.06 -18.62 -25.71
N LYS H 31 45.38 -18.71 -25.67
CA LYS H 31 46.20 -18.85 -26.88
C LYS H 31 47.19 -19.99 -26.64
N PRO H 32 47.16 -21.05 -27.44
CA PRO H 32 48.14 -22.13 -27.26
C PRO H 32 49.54 -21.67 -27.62
N LYS H 33 50.51 -22.42 -27.12
CA LYS H 33 51.90 -22.22 -27.53
C LYS H 33 52.06 -22.62 -29.00
N ALA H 34 53.16 -22.15 -29.60
CA ALA H 34 53.41 -22.43 -31.00
C ALA H 34 53.51 -23.93 -31.24
N GLY H 35 52.85 -24.40 -32.30
CA GLY H 35 52.90 -25.80 -32.67
C GLY H 35 51.85 -26.68 -32.05
N TYR H 36 51.04 -26.16 -31.13
CA TYR H 36 50.00 -26.93 -30.45
C TYR H 36 48.65 -26.53 -31.02
N GLY H 37 47.85 -27.51 -31.39
CA GLY H 37 46.51 -27.26 -31.88
C GLY H 37 45.65 -26.57 -30.83
N TYR H 38 44.53 -26.02 -31.30
CA TYR H 38 43.66 -25.26 -30.40
C TYR H 38 42.74 -26.17 -29.61
N LEU H 39 41.92 -26.96 -30.30
CA LEU H 39 41.04 -27.89 -29.59
C LEU H 39 41.84 -28.94 -28.83
N GLU H 40 43.02 -29.30 -29.34
CA GLU H 40 43.90 -30.21 -28.60
C GLU H 40 44.28 -29.61 -27.25
N SER H 41 44.67 -28.34 -27.24
CA SER H 41 45.12 -27.70 -26.00
C SER H 41 43.92 -27.37 -25.10
N ALA H 42 42.84 -26.84 -25.67
CA ALA H 42 41.65 -26.58 -24.87
C ALA H 42 41.18 -27.85 -24.16
N ALA H 43 41.21 -28.99 -24.87
CA ALA H 43 40.85 -30.25 -24.24
C ALA H 43 41.82 -30.59 -23.12
N HIS H 44 43.12 -30.46 -23.38
CA HIS H 44 44.11 -30.68 -22.33
C HIS H 44 43.91 -29.68 -21.20
N PHE H 45 43.51 -28.45 -21.54
CA PHE H 45 43.21 -27.44 -20.52
C PHE H 45 42.08 -27.92 -19.62
N ALA H 46 41.00 -28.42 -20.21
CA ALA H 46 39.88 -28.92 -19.42
C ALA H 46 40.27 -30.16 -18.63
N ALA H 47 41.15 -31.00 -19.18
CA ALA H 47 41.58 -32.19 -18.48
C ALA H 47 42.35 -31.83 -17.21
N GLU H 48 43.35 -30.98 -17.33
CA GLU H 48 44.13 -30.55 -16.18
C GLU H 48 43.31 -29.72 -15.20
N SER H 49 42.09 -29.34 -15.56
CA SER H 49 41.22 -28.55 -14.69
C SER H 49 40.08 -29.37 -14.11
N SER H 50 40.09 -30.70 -14.29
CA SER H 50 39.00 -31.52 -13.81
C SER H 50 39.48 -32.91 -13.40
N THR H 51 39.69 -33.79 -14.37
CA THR H 51 39.94 -35.20 -14.07
C THR H 51 41.17 -35.79 -14.72
N GLY H 52 41.69 -35.21 -15.80
CA GLY H 52 42.75 -35.82 -16.57
C GLY H 52 44.14 -35.32 -16.23
N THR H 53 45.12 -35.83 -16.97
CA THR H 53 46.52 -35.44 -16.81
C THR H 53 47.13 -35.24 -18.19
N ASN H 54 48.39 -35.66 -18.37
CA ASN H 54 49.07 -35.57 -19.66
C ASN H 54 49.33 -36.91 -20.32
N VAL H 55 49.29 -38.01 -19.56
CA VAL H 55 49.42 -39.35 -20.09
C VAL H 55 48.28 -40.20 -19.54
N GLU H 56 47.80 -41.14 -20.35
CA GLU H 56 46.73 -42.02 -19.91
C GLU H 56 47.23 -42.90 -18.76
N VAL H 57 46.38 -43.06 -17.76
CA VAL H 57 46.71 -43.81 -16.56
C VAL H 57 45.78 -45.02 -16.44
N CYS H 58 46.26 -46.03 -15.73
CA CYS H 58 45.55 -47.31 -15.63
C CYS H 58 44.43 -47.30 -14.60
N THR H 59 44.12 -46.15 -14.00
CA THR H 59 43.13 -46.06 -12.93
C THR H 59 41.87 -45.30 -13.34
N THR H 60 41.76 -44.89 -14.62
CA THR H 60 40.59 -44.12 -15.15
C THR H 60 39.42 -45.10 -15.27
N ASP H 61 38.19 -44.65 -15.01
CA ASP H 61 36.96 -45.48 -15.16
C ASP H 61 35.85 -44.64 -15.79
N ASP H 62 34.65 -45.19 -16.00
CA ASP H 62 33.53 -44.51 -16.71
C ASP H 62 32.96 -43.45 -15.76
N PHE H 63 32.86 -43.72 -14.45
CA PHE H 63 32.33 -42.70 -13.56
C PHE H 63 33.17 -41.43 -13.63
N THR H 64 34.50 -41.57 -13.67
CA THR H 64 35.36 -40.41 -13.79
C THR H 64 35.02 -39.59 -15.01
N ARG H 65 34.85 -40.25 -16.16
CA ARG H 65 34.54 -39.55 -17.39
C ARG H 65 33.21 -38.82 -17.33
N GLY H 66 32.37 -39.11 -16.33
CA GLY H 66 31.09 -38.44 -16.22
C GLY H 66 31.15 -37.05 -15.62
N VAL H 67 32.21 -36.73 -14.89
CA VAL H 67 32.38 -35.42 -14.29
C VAL H 67 33.49 -34.63 -14.98
N ASP H 68 33.87 -35.03 -16.19
CA ASP H 68 34.90 -34.31 -16.93
C ASP H 68 34.44 -32.90 -17.28
N ALA H 69 35.37 -31.96 -17.22
CA ALA H 69 35.12 -30.63 -17.75
C ALA H 69 35.16 -30.70 -19.27
N LEU H 70 34.20 -30.03 -19.91
CA LEU H 70 34.02 -30.13 -21.35
C LEU H 70 34.17 -28.76 -21.99
N VAL H 71 34.91 -28.70 -23.08
CA VAL H 71 34.98 -27.52 -23.92
C VAL H 71 33.81 -27.58 -24.90
N TYR H 72 32.88 -26.62 -24.79
CA TYR H 72 31.68 -26.62 -25.62
C TYR H 72 31.65 -25.52 -26.66
N GLU H 73 32.56 -24.55 -26.59
CA GLU H 73 32.63 -23.50 -27.59
C GLU H 73 34.06 -23.00 -27.70
N ILE H 74 34.50 -22.77 -28.93
CA ILE H 74 35.83 -22.23 -29.20
C ILE H 74 35.73 -21.23 -30.34
N ASP H 75 36.69 -20.30 -30.37
CA ASP H 75 36.82 -19.34 -31.46
C ASP H 75 38.31 -19.02 -31.58
N GLU H 76 39.03 -19.86 -32.34
CA GLU H 76 40.48 -19.72 -32.42
C GLU H 76 40.87 -18.34 -32.90
N ALA H 77 40.10 -17.75 -33.82
CA ALA H 77 40.43 -16.43 -34.33
C ALA H 77 40.43 -15.39 -33.23
N ASN H 78 39.47 -15.47 -32.30
CA ASN H 78 39.37 -14.54 -31.19
C ASN H 78 39.91 -15.13 -29.90
N GLU H 79 40.62 -16.25 -29.97
CA GLU H 79 41.27 -16.84 -28.80
C GLU H 79 40.27 -17.13 -27.67
N LEU H 80 39.04 -17.48 -28.04
CA LEU H 80 38.00 -17.74 -27.07
C LEU H 80 37.91 -19.24 -26.79
N MET H 81 37.60 -19.57 -25.54
CA MET H 81 37.44 -20.97 -25.12
C MET H 81 36.48 -20.98 -23.95
N LYS H 82 35.37 -21.70 -24.09
CA LYS H 82 34.37 -21.85 -23.04
C LYS H 82 34.39 -23.29 -22.53
N ILE H 83 34.43 -23.45 -21.21
CA ILE H 83 34.48 -24.76 -20.58
C ILE H 83 33.33 -24.85 -19.58
N ALA H 84 32.75 -26.04 -19.46
CA ALA H 84 31.64 -26.29 -18.55
C ALA H 84 32.09 -27.27 -17.48
N TYR H 85 31.97 -26.87 -16.21
CA TYR H 85 32.41 -27.69 -15.10
C TYR H 85 31.22 -28.31 -14.41
N PRO H 86 31.04 -29.63 -14.42
CA PRO H 86 29.97 -30.23 -13.61
C PRO H 86 30.05 -29.78 -12.16
N VAL H 87 28.89 -29.48 -11.58
CA VAL H 87 28.86 -28.93 -10.23
C VAL H 87 29.43 -29.90 -9.22
N ASP H 88 29.31 -31.21 -9.48
CA ASP H 88 29.79 -32.21 -8.53
C ASP H 88 31.31 -32.20 -8.38
N LEU H 89 32.04 -31.51 -9.26
CA LEU H 89 33.48 -31.48 -9.16
C LEU H 89 33.96 -30.73 -7.92
N PHE H 90 33.18 -29.78 -7.43
CA PHE H 90 33.68 -28.79 -6.48
C PHE H 90 33.55 -29.26 -5.04
N ASP H 91 34.53 -28.88 -4.22
CA ASP H 91 34.62 -29.36 -2.86
C ASP H 91 33.52 -28.77 -1.99
N ARG H 92 33.22 -29.48 -0.90
CA ARG H 92 32.18 -29.07 0.03
C ARG H 92 32.70 -29.20 1.46
N ASN H 93 32.16 -28.38 2.35
CA ASN H 93 32.56 -28.44 3.75
C ASN H 93 31.99 -29.68 4.42
N ILE H 94 32.81 -30.34 5.25
CA ILE H 94 32.29 -31.42 6.07
C ILE H 94 31.50 -30.90 7.26
N ILE H 95 31.73 -29.65 7.67
CA ILE H 95 31.05 -29.14 8.86
C ILE H 95 29.63 -28.68 8.54
N ASP H 96 29.39 -28.21 7.31
CA ASP H 96 28.06 -27.71 6.98
C ASP H 96 27.69 -27.91 5.51
N GLY H 97 28.48 -28.62 4.73
CA GLY H 97 28.12 -28.91 3.36
C GLY H 97 28.07 -27.72 2.43
N ARG H 98 28.62 -26.58 2.83
CA ARG H 98 28.58 -25.40 1.99
C ARG H 98 29.71 -25.45 0.95
N ALA H 99 29.64 -24.54 -0.01
CA ALA H 99 30.66 -24.44 -1.05
C ALA H 99 31.85 -23.64 -0.55
N MET H 100 32.93 -23.67 -1.33
CA MET H 100 34.15 -22.94 -1.00
C MET H 100 34.74 -22.38 -2.29
N LEU H 101 34.97 -21.07 -2.31
CA LEU H 101 35.59 -20.45 -3.48
C LEU H 101 36.96 -21.04 -3.78
N ALA H 102 37.68 -21.49 -2.75
CA ALA H 102 39.01 -22.05 -2.97
C ALA H 102 38.96 -23.21 -3.96
N SER H 103 37.93 -24.05 -3.87
CA SER H 103 37.83 -25.18 -4.79
C SER H 103 37.63 -24.70 -6.22
N PHE H 104 36.80 -23.67 -6.41
CA PHE H 104 36.58 -23.13 -7.75
C PHE H 104 37.88 -22.61 -8.35
N LEU H 105 38.65 -21.83 -7.58
CA LEU H 105 39.91 -21.32 -8.09
C LEU H 105 40.88 -22.45 -8.40
N THR H 106 40.96 -23.46 -7.51
CA THR H 106 41.89 -24.56 -7.73
C THR H 106 41.63 -25.27 -9.05
N LEU H 107 40.37 -25.33 -9.48
CA LEU H 107 40.00 -26.05 -10.70
C LEU H 107 39.93 -25.13 -11.93
N ALA H 108 39.24 -23.99 -11.82
CA ALA H 108 39.03 -23.13 -12.97
C ALA H 108 40.25 -22.29 -13.30
N ILE H 109 41.16 -22.07 -12.35
CA ILE H 109 42.32 -21.21 -12.61
C ILE H 109 43.50 -21.65 -11.76
N GLY H 110 43.68 -22.96 -11.62
CA GLY H 110 44.74 -23.51 -10.83
C GLY H 110 45.93 -23.97 -11.65
N ASN H 111 46.14 -25.30 -11.69
CA ASN H 111 47.28 -25.84 -12.42
C ASN H 111 47.28 -25.45 -13.88
N ASN H 112 46.12 -25.12 -14.44
CA ASN H 112 46.06 -24.76 -15.86
C ASN H 112 46.82 -23.49 -16.17
N GLN H 113 47.26 -22.74 -15.16
CA GLN H 113 48.05 -21.54 -15.37
C GLN H 113 49.55 -21.82 -15.43
N GLY H 114 49.96 -23.08 -15.40
CA GLY H 114 51.35 -23.42 -15.48
C GLY H 114 51.65 -24.47 -16.54
N MET H 115 50.66 -24.76 -17.37
CA MET H 115 50.85 -25.74 -18.43
C MET H 115 51.93 -25.28 -19.40
N GLY H 116 52.67 -26.25 -19.94
CA GLY H 116 53.73 -25.94 -20.88
C GLY H 116 53.27 -25.70 -22.29
N ASP H 117 52.11 -26.23 -22.66
CA ASP H 117 51.58 -26.11 -24.02
C ASP H 117 50.59 -24.97 -24.16
N ILE H 118 50.45 -24.14 -23.13
CA ILE H 118 49.55 -22.99 -23.15
C ILE H 118 50.38 -21.74 -22.95
N GLU H 119 50.25 -20.78 -23.87
CA GLU H 119 50.95 -19.50 -23.69
C GLU H 119 50.31 -18.70 -22.57
N TYR H 120 48.98 -18.59 -22.57
CA TYR H 120 48.27 -17.89 -21.51
C TYR H 120 46.80 -18.26 -21.55
N ALA H 121 46.11 -18.01 -20.43
CA ALA H 121 44.69 -18.24 -20.32
C ALA H 121 44.15 -17.40 -19.18
N LYS H 122 43.02 -16.74 -19.41
CA LYS H 122 42.47 -15.81 -18.43
C LYS H 122 40.95 -15.86 -18.47
N ILE H 123 40.33 -15.99 -17.30
CA ILE H 123 38.87 -16.01 -17.20
C ILE H 123 38.34 -14.60 -17.35
N HIS H 124 37.41 -14.41 -18.29
CA HIS H 124 36.75 -13.13 -18.47
C HIS H 124 35.31 -13.12 -17.99
N ASP H 125 34.70 -14.30 -17.79
CA ASP H 125 33.35 -14.38 -17.25
C ASP H 125 33.14 -15.78 -16.70
N VAL H 126 32.19 -15.89 -15.78
CA VAL H 126 31.85 -17.18 -15.17
C VAL H 126 30.39 -17.14 -14.77
N TYR H 127 29.68 -18.25 -15.01
CA TYR H 127 28.28 -18.38 -14.66
C TYR H 127 28.12 -19.43 -13.57
N PHE H 128 27.48 -19.04 -12.47
CA PHE H 128 27.20 -19.95 -11.37
C PHE H 128 25.73 -20.33 -11.41
N PRO H 129 25.37 -21.59 -11.68
CA PRO H 129 23.96 -21.98 -11.68
C PRO H 129 23.39 -21.90 -10.28
N PRO H 130 22.05 -21.86 -10.15
CA PRO H 130 21.46 -21.69 -8.81
C PRO H 130 21.92 -22.71 -7.79
N CYS H 131 21.90 -24.00 -8.13
CA CYS H 131 22.21 -25.04 -7.16
C CYS H 131 23.63 -24.93 -6.65
N TYR H 132 24.51 -24.22 -7.37
CA TYR H 132 25.87 -23.99 -6.90
C TYR H 132 25.98 -22.66 -6.16
N LEU H 133 25.48 -21.58 -6.77
CA LEU H 133 25.51 -20.27 -6.12
C LEU H 133 24.81 -20.30 -4.77
N ARG H 134 23.75 -21.09 -4.64
CA ARG H 134 22.97 -21.15 -3.41
C ARG H 134 23.76 -21.70 -2.24
N LEU H 135 24.89 -22.36 -2.49
CA LEU H 135 25.68 -22.96 -1.42
C LEU H 135 26.75 -22.02 -0.86
N PHE H 136 26.84 -20.79 -1.36
CA PHE H 136 27.84 -19.83 -0.90
C PHE H 136 27.23 -18.92 0.17
N ASP H 137 28.11 -18.36 1.00
CA ASP H 137 27.66 -17.51 2.10
C ASP H 137 26.87 -16.30 1.58
N GLY H 138 27.45 -15.55 0.66
CA GLY H 138 26.84 -14.34 0.17
C GLY H 138 26.96 -13.24 1.21
N PRO H 139 26.75 -11.99 0.82
CA PRO H 139 26.90 -10.88 1.77
C PRO H 139 25.83 -10.93 2.84
N ALA H 140 26.23 -10.52 4.05
CA ALA H 140 25.30 -10.40 5.17
C ALA H 140 24.90 -8.96 5.45
N MET H 141 25.67 -7.99 4.95
CA MET H 141 25.35 -6.59 5.12
C MET H 141 25.65 -5.85 3.83
N ASN H 142 25.29 -4.57 3.80
CA ASN H 142 25.26 -3.77 2.58
C ASN H 142 25.44 -2.31 2.95
N ILE H 143 25.47 -1.46 1.93
CA ILE H 143 25.41 -0.02 2.18
C ILE H 143 24.08 0.35 2.84
N VAL H 144 23.06 -0.49 2.66
CA VAL H 144 21.78 -0.26 3.33
C VAL H 144 21.98 -0.15 4.84
N ASP H 145 22.79 -1.05 5.41
CA ASP H 145 23.08 -0.98 6.84
C ASP H 145 23.78 0.32 7.18
N MET H 146 24.56 0.86 6.24
CA MET H 146 25.22 2.15 6.45
C MET H 146 24.22 3.30 6.37
N TRP H 147 23.32 3.26 5.40
CA TRP H 147 22.26 4.27 5.32
C TRP H 147 21.40 4.25 6.57
N ARG H 148 21.08 3.07 7.08
CA ARG H 148 20.23 2.98 8.27
C ARG H 148 20.88 3.68 9.46
N VAL H 149 22.16 3.39 9.71
CA VAL H 149 22.86 4.02 10.82
C VAL H 149 22.92 5.52 10.63
N LEU H 150 23.20 5.96 9.41
CA LEU H 150 23.24 7.38 9.09
C LEU H 150 21.86 8.02 8.99
N GLU H 151 20.80 7.25 9.20
CA GLU H 151 19.43 7.77 9.17
C GLU H 151 19.10 8.35 7.79
N ARG H 152 19.42 7.59 6.76
CA ARG H 152 19.20 8.01 5.38
C ARG H 152 18.17 7.09 4.72
N PRO H 153 17.67 7.42 3.54
CA PRO H 153 16.76 6.50 2.84
C PRO H 153 17.46 5.18 2.52
N LEU H 154 16.76 4.08 2.79
CA LEU H 154 17.29 2.75 2.54
C LEU H 154 17.20 2.35 1.07
N VAL H 155 16.57 3.16 0.24
CA VAL H 155 16.61 3.03 -1.21
C VAL H 155 17.08 4.36 -1.78
N ASP H 156 18.13 4.31 -2.61
CA ASP H 156 18.74 5.54 -3.15
C ASP H 156 19.18 6.47 -2.01
N GLY H 157 19.89 5.90 -1.04
CA GLY H 157 20.35 6.68 0.11
C GLY H 157 21.49 7.63 -0.20
N GLY H 158 22.16 7.45 -1.32
CA GLY H 158 23.16 8.40 -1.77
C GLY H 158 24.58 8.00 -1.37
N MET H 159 25.50 8.88 -1.73
CA MET H 159 26.92 8.63 -1.51
C MET H 159 27.25 8.65 -0.02
N VAL H 160 28.07 7.70 0.41
CA VAL H 160 28.66 7.72 1.74
C VAL H 160 29.97 8.49 1.61
N VAL H 161 30.01 9.70 2.19
CA VAL H 161 31.18 10.57 2.09
C VAL H 161 32.29 9.98 2.93
N GLY H 162 33.38 9.53 2.28
CA GLY H 162 34.43 8.81 2.98
C GLY H 162 35.82 9.31 2.59
N THR H 163 36.80 8.82 3.35
CA THR H 163 38.20 9.12 3.09
C THR H 163 39.06 7.96 3.59
N ILE H 164 40.33 8.00 3.22
CA ILE H 164 41.35 7.11 3.74
C ILE H 164 42.36 7.96 4.50
N ILE H 165 42.69 7.55 5.72
CA ILE H 165 43.65 8.31 6.52
C ILE H 165 45.01 8.27 5.83
N LYS H 166 45.49 9.43 5.41
CA LYS H 166 46.82 9.61 4.84
C LYS H 166 47.68 10.43 5.79
N PRO H 167 49.00 10.22 5.84
CA PRO H 167 49.85 9.24 5.15
C PRO H 167 49.42 7.78 5.26
N LYS H 168 49.72 7.00 4.21
CA LYS H 168 49.39 5.57 4.24
C LYS H 168 49.97 4.91 5.49
N LEU H 169 51.18 5.30 5.88
CA LEU H 169 51.80 4.83 7.10
C LEU H 169 52.69 5.94 7.65
N GLY H 170 52.84 5.96 8.96
CA GLY H 170 53.69 6.92 9.63
C GLY H 170 53.00 7.85 10.60
N LEU H 171 51.67 7.94 10.57
CA LEU H 171 50.96 8.79 11.52
C LEU H 171 50.89 8.07 12.87
N ARG H 172 51.43 8.70 13.91
CA ARG H 172 51.36 8.16 15.25
C ARG H 172 49.93 8.30 15.77
N PRO H 173 49.61 7.64 16.89
CA PRO H 173 48.20 7.61 17.31
C PRO H 173 47.57 8.98 17.52
N GLU H 174 48.26 9.92 18.16
CA GLU H 174 47.66 11.21 18.42
C GLU H 174 47.31 11.97 17.15
N PRO H 175 48.25 12.21 16.22
CA PRO H 175 47.86 12.87 14.97
C PRO H 175 46.88 12.05 14.14
N PHE H 176 46.98 10.73 14.16
CA PHE H 176 46.02 9.89 13.46
C PHE H 176 44.61 10.15 13.96
N ALA H 177 44.42 10.12 15.28
CA ALA H 177 43.09 10.36 15.84
C ALA H 177 42.64 11.79 15.60
N ALA H 178 43.59 12.72 15.46
CA ALA H 178 43.23 14.11 15.17
C ALA H 178 42.72 14.24 13.74
N ALA H 179 43.35 13.51 12.81
CA ALA H 179 42.89 13.53 11.43
C ALA H 179 41.50 12.91 11.31
N CYS H 180 41.24 11.84 12.06
CA CYS H 180 39.93 11.21 12.05
C CYS H 180 38.85 12.19 12.48
N TYR H 181 39.08 12.87 13.62
CA TYR H 181 38.08 13.82 14.11
C TYR H 181 37.82 14.92 13.10
N GLN H 182 38.88 15.46 12.49
CA GLN H 182 38.71 16.57 11.55
C GLN H 182 37.81 16.17 10.38
N PHE H 183 38.09 15.02 9.76
CA PHE H 183 37.30 14.64 8.60
C PHE H 183 35.85 14.34 8.98
N TRP H 184 35.65 13.71 10.14
CA TRP H 184 34.29 13.34 10.54
C TRP H 184 33.42 14.57 10.77
N LEU H 185 34.03 15.73 11.03
CA LEU H 185 33.24 16.95 11.19
C LEU H 185 32.48 17.30 9.91
N GLY H 186 32.91 16.79 8.76
CA GLY H 186 32.24 17.06 7.50
C GLY H 186 31.92 15.82 6.69
N GLY H 187 32.45 14.67 7.09
CA GLY H 187 32.28 13.43 6.37
C GLY H 187 31.60 12.36 7.19
N ASP H 188 31.36 11.22 6.53
CA ASP H 188 30.66 10.09 7.12
C ASP H 188 31.57 8.95 7.52
N PHE H 189 32.55 8.61 6.68
CA PHE H 189 33.16 7.28 6.67
C PHE H 189 34.66 7.42 6.58
N ILE H 190 35.37 6.69 7.45
CA ILE H 190 36.83 6.69 7.43
C ILE H 190 37.31 5.23 7.40
N KCX H 191 38.25 4.94 6.50
CA KCX H 191 38.82 3.61 6.45
CB KCX H 191 38.57 2.97 5.07
CG KCX H 191 39.42 3.62 3.98
CD KCX H 191 39.09 2.94 2.64
CE KCX H 191 39.74 1.58 2.56
NZ KCX H 191 41.19 1.68 2.64
C KCX H 191 40.33 3.67 6.73
O KCX H 191 41.01 4.66 6.35
CX KCX H 191 41.98 2.01 1.47
OQ1 KCX H 191 41.40 2.29 0.38
OQ2 KCX H 191 43.24 2.03 1.53
HA KCX H 191 38.40 3.06 7.13
HB2 KCX H 191 37.63 3.08 4.84
HB3 KCX H 191 38.78 2.02 5.12
HG2 KCX H 191 40.36 3.49 4.18
HG3 KCX H 191 39.22 4.56 3.92
HD2 KCX H 191 39.43 3.50 1.91
HD3 KCX H 191 38.13 2.85 2.55
HE2 KCX H 191 39.51 1.17 1.72
HE3 KCX H 191 39.42 1.03 3.29
HZ KCX H 191 41.58 1.54 3.40
N ASN H 192 40.83 2.64 7.39
CA ASN H 192 42.27 2.42 7.46
C ASN H 192 42.80 2.37 6.03
N ASP H 193 43.98 2.94 5.79
CA ASP H 193 44.72 2.55 4.59
C ASP H 193 45.08 1.08 4.71
N GLU H 194 45.15 0.41 3.56
CA GLU H 194 45.20 -1.06 3.58
C GLU H 194 46.32 -1.66 4.42
N PRO H 195 47.49 -1.04 4.60
CA PRO H 195 48.52 -1.66 5.43
C PRO H 195 48.49 -1.25 6.89
N GLN H 196 47.70 -0.22 7.25
CA GLN H 196 47.68 0.24 8.63
C GLN H 196 47.09 -0.83 9.55
N GLY H 197 47.80 -1.10 10.64
CA GLY H 197 47.35 -2.09 11.60
C GLY H 197 47.96 -1.91 12.97
N ASN H 198 49.02 -2.65 13.26
CA ASN H 198 49.68 -2.64 14.56
C ASN H 198 51.18 -2.38 14.39
N GLN H 199 51.51 -1.37 13.58
CA GLN H 199 52.91 -0.98 13.45
C GLN H 199 53.45 -0.54 14.80
N VAL H 200 54.76 -0.71 14.98
CA VAL H 200 55.38 -0.42 16.27
C VAL H 200 55.20 1.05 16.64
N PHE H 201 55.05 1.94 15.65
CA PHE H 201 54.89 3.37 15.90
C PHE H 201 53.42 3.76 16.06
N ALA H 202 52.50 2.82 15.89
CA ALA H 202 51.07 3.10 16.03
C ALA H 202 50.37 1.83 16.47
N PRO H 203 50.64 1.37 17.69
CA PRO H 203 50.08 0.09 18.15
C PRO H 203 48.56 0.11 18.12
N LEU H 204 47.99 -1.03 17.74
CA LEU H 204 46.54 -1.13 17.62
C LEU H 204 45.84 -0.88 18.95
N ARG H 205 46.38 -1.42 20.04
CA ARG H 205 45.72 -1.28 21.34
C ARG H 205 45.76 0.15 21.85
N THR H 206 46.70 0.96 21.36
CA THR H 206 46.78 2.36 21.78
C THR H 206 45.95 3.27 20.89
N ILE H 207 45.88 2.96 19.59
CA ILE H 207 45.27 3.88 18.64
C ILE H 207 43.75 3.73 18.61
N MET H 208 43.25 2.50 18.76
CA MET H 208 41.82 2.27 18.59
C MET H 208 40.99 3.02 19.61
N PRO H 209 41.31 3.01 20.92
CA PRO H 209 40.56 3.87 21.85
C PRO H 209 40.59 5.33 21.45
N MET H 210 41.65 5.78 20.79
CA MET H 210 41.74 7.18 20.37
C MET H 210 40.80 7.46 19.21
N ILE H 211 40.76 6.56 18.22
CA ILE H 211 39.82 6.73 17.12
C ILE H 211 38.39 6.73 17.64
N ALA H 212 38.08 5.84 18.58
CA ALA H 212 36.75 5.78 19.14
C ALA H 212 36.40 7.08 19.86
N ASP H 213 37.38 7.70 20.52
CA ASP H 213 37.15 9.00 21.14
C ASP H 213 36.88 10.06 20.09
N SER H 214 37.62 10.02 18.97
CA SER H 214 37.37 10.95 17.89
C SER H 214 35.97 10.76 17.31
N MET H 215 35.54 9.50 17.17
CA MET H 215 34.19 9.24 16.66
C MET H 215 33.15 9.79 17.62
N ARG H 216 33.30 9.52 18.93
CA ARG H 216 32.33 10.00 19.90
C ARG H 216 32.25 11.53 19.88
N ARG H 217 33.41 12.20 19.89
CA ARG H 217 33.41 13.65 19.88
C ARG H 217 32.80 14.20 18.59
N ALA H 218 33.25 13.69 17.44
CA ALA H 218 32.73 14.17 16.17
C ALA H 218 31.21 13.97 16.09
N GLN H 219 30.71 12.87 16.63
CA GLN H 219 29.27 12.65 16.62
C GLN H 219 28.55 13.63 17.53
N ASP H 220 29.21 14.08 18.60
CA ASP H 220 28.53 14.93 19.58
C ASP H 220 28.33 16.35 19.04
N GLU H 221 29.30 16.88 18.31
CA GLU H 221 29.21 18.26 17.84
C GLU H 221 28.48 18.39 16.52
N THR H 222 28.45 17.33 15.70
CA THR H 222 27.72 17.38 14.44
C THR H 222 26.30 16.84 14.55
N GLY H 223 26.04 15.97 15.51
CA GLY H 223 24.74 15.35 15.65
C GLY H 223 24.45 14.25 14.65
N GLN H 224 25.47 13.75 13.95
CA GLN H 224 25.30 12.70 12.96
C GLN H 224 26.18 11.51 13.32
N ALA H 225 25.77 10.32 12.88
CA ALA H 225 26.57 9.12 13.10
C ALA H 225 27.82 9.18 12.22
N LYS H 226 28.87 8.52 12.71
CA LYS H 226 30.15 8.45 12.00
C LYS H 226 30.58 6.99 11.89
N LEU H 227 31.14 6.63 10.74
CA LEU H 227 31.50 5.25 10.43
C LEU H 227 33.01 5.12 10.27
N PHE H 228 33.52 3.94 10.64
CA PHE H 228 34.94 3.63 10.53
C PHE H 228 35.11 2.22 9.98
N SER H 229 36.19 2.01 9.24
CA SER H 229 36.51 0.71 8.66
C SER H 229 37.93 0.34 9.08
N ALA H 230 38.05 -0.67 9.94
CA ALA H 230 39.33 -1.03 10.55
C ALA H 230 39.92 -2.28 9.88
N ASN H 231 41.23 -2.23 9.63
CA ASN H 231 41.93 -3.35 9.02
C ASN H 231 42.25 -4.40 10.08
N ILE H 232 41.76 -5.62 9.89
CA ILE H 232 42.07 -6.73 10.78
C ILE H 232 42.80 -7.85 10.04
N THR H 233 43.33 -7.56 8.87
CA THR H 233 44.03 -8.57 8.08
C THR H 233 45.19 -9.16 8.87
N ALA H 234 45.43 -10.46 8.67
CA ALA H 234 46.53 -11.14 9.34
C ALA H 234 46.69 -12.53 8.73
N ASP H 235 47.90 -13.08 8.88
CA ASP H 235 48.14 -14.47 8.50
C ASP H 235 47.41 -15.43 9.42
N ASP H 236 47.47 -15.19 10.72
CA ASP H 236 46.86 -16.07 11.72
C ASP H 236 45.39 -15.71 11.88
N PRO H 237 44.45 -16.62 11.62
CA PRO H 237 43.06 -16.32 11.95
C PRO H 237 42.87 -15.88 13.39
N ALA H 238 43.63 -16.45 14.32
CA ALA H 238 43.53 -16.02 15.71
C ALA H 238 43.84 -14.54 15.86
N GLU H 239 44.67 -13.98 14.97
CA GLU H 239 44.97 -12.56 15.04
C GLU H 239 43.80 -11.73 14.53
N MET H 240 43.20 -12.14 13.40
CA MET H 240 42.01 -11.45 12.92
C MET H 240 40.90 -11.45 13.98
N TYR H 241 40.68 -12.59 14.63
CA TYR H 241 39.65 -12.66 15.67
C TYR H 241 40.01 -11.76 16.86
N ALA H 242 41.28 -11.76 17.26
CA ALA H 242 41.69 -10.94 18.39
C ALA H 242 41.53 -9.45 18.07
N ARG H 243 41.92 -9.03 16.87
CA ARG H 243 41.77 -7.63 16.50
C ARG H 243 40.31 -7.24 16.43
N GLY H 244 39.48 -8.10 15.82
CA GLY H 244 38.05 -7.81 15.77
C GLY H 244 37.44 -7.68 17.13
N GLU H 245 37.72 -8.64 18.02
CA GLU H 245 37.15 -8.63 19.36
C GLU H 245 37.57 -7.36 20.11
N PHE H 246 38.85 -7.02 20.05
CA PHE H 246 39.32 -5.83 20.76
C PHE H 246 38.67 -4.57 20.22
N ILE H 247 38.50 -4.48 18.90
CA ILE H 247 37.94 -3.27 18.30
C ILE H 247 36.48 -3.12 18.70
N LEU H 248 35.72 -4.21 18.72
CA LEU H 248 34.31 -4.12 19.11
C LEU H 248 34.16 -3.75 20.58
N GLU H 249 34.98 -4.34 21.45
CA GLU H 249 34.97 -3.95 22.86
C GLU H 249 35.30 -2.46 23.02
N THR H 250 36.30 -1.98 22.28
CA THR H 250 36.73 -0.58 22.41
C THR H 250 35.64 0.39 22.00
N PHE H 251 34.93 0.10 20.89
CA PHE H 251 33.91 1.02 20.40
C PHE H 251 32.59 0.89 21.15
N GLY H 252 32.40 -0.18 21.94
CA GLY H 252 31.26 -0.29 22.82
C GLY H 252 29.91 -0.07 22.15
N GLU H 253 29.16 0.91 22.63
CA GLU H 253 27.82 1.13 22.11
C GLU H 253 27.83 1.43 20.62
N PHE H 254 28.95 1.93 20.08
CA PHE H 254 29.06 2.27 18.67
C PHE H 254 29.80 1.19 17.88
N ALA H 255 29.82 -0.04 18.38
CA ALA H 255 30.49 -1.13 17.67
C ALA H 255 29.86 -1.37 16.31
N ASP H 256 28.56 -1.08 16.16
CA ASP H 256 27.89 -1.26 14.89
C ASP H 256 28.21 -0.16 13.88
N HIS H 257 28.98 0.85 14.29
CA HIS H 257 29.51 1.84 13.37
C HIS H 257 30.84 1.42 12.75
N VAL H 258 31.33 0.24 13.10
CA VAL H 258 32.67 -0.22 12.71
C VAL H 258 32.54 -1.31 11.67
N ALA H 259 33.22 -1.14 10.54
CA ALA H 259 33.37 -2.17 9.53
C ALA H 259 34.76 -2.79 9.65
N PHE H 260 34.88 -4.03 9.17
CA PHE H 260 36.13 -4.77 9.23
C PHE H 260 36.70 -4.88 7.82
N LEU H 261 37.89 -4.34 7.62
CA LEU H 261 38.56 -4.36 6.33
C LEU H 261 39.51 -5.53 6.25
N VAL H 262 39.43 -6.29 5.15
CA VAL H 262 40.28 -7.44 4.92
C VAL H 262 40.95 -7.25 3.55
N ASP H 263 42.27 -7.29 3.52
CA ASP H 263 43.02 -7.27 2.27
C ASP H 263 42.87 -8.66 1.65
N GLY H 264 41.76 -8.84 0.94
CA GLY H 264 41.31 -10.18 0.55
C GLY H 264 42.11 -10.81 -0.56
N TYR H 265 42.76 -10.02 -1.42
CA TYR H 265 43.50 -10.61 -2.52
C TYR H 265 44.85 -11.17 -2.05
N VAL H 266 45.57 -10.42 -1.20
CA VAL H 266 46.88 -10.90 -0.76
C VAL H 266 46.73 -11.90 0.40
N ALA H 267 45.72 -11.72 1.25
CA ALA H 267 45.52 -12.65 2.36
C ALA H 267 44.80 -13.90 1.90
N GLY H 268 43.89 -13.79 0.95
CA GLY H 268 43.23 -14.94 0.36
C GLY H 268 41.77 -15.06 0.75
N PRO H 269 41.03 -15.89 0.04
CA PRO H 269 39.62 -16.10 0.41
C PRO H 269 39.45 -16.63 1.82
N THR H 270 40.45 -17.35 2.35
CA THR H 270 40.33 -17.87 3.70
C THR H 270 40.28 -16.74 4.72
N ALA H 271 41.00 -15.66 4.48
CA ALA H 271 40.91 -14.50 5.36
C ALA H 271 39.55 -13.84 5.26
N VAL H 272 39.03 -13.71 4.03
CA VAL H 272 37.73 -13.08 3.84
C VAL H 272 36.64 -13.90 4.51
N THR H 273 36.64 -15.22 4.29
CA THR H 273 35.63 -16.08 4.89
C THR H 273 35.79 -16.13 6.40
N ALA H 274 37.03 -16.08 6.89
CA ALA H 274 37.26 -16.04 8.34
C ALA H 274 36.50 -14.88 8.96
N CYS H 275 36.59 -13.70 8.34
CA CYS H 275 35.89 -12.53 8.86
C CYS H 275 34.39 -12.64 8.60
N ARG H 276 34.00 -13.12 7.43
CA ARG H 276 32.59 -13.20 7.07
C ARG H 276 31.82 -14.08 8.05
N ARG H 277 32.43 -15.17 8.50
CA ARG H 277 31.73 -16.13 9.34
C ARG H 277 31.87 -15.86 10.82
N ARG H 278 33.00 -15.27 11.26
CA ARG H 278 33.16 -14.94 12.67
C ARG H 278 32.43 -13.66 13.04
N PHE H 279 32.39 -12.68 12.13
CA PHE H 279 31.78 -11.38 12.37
C PHE H 279 30.73 -11.07 11.30
N PRO H 280 29.71 -11.93 11.18
CA PRO H 280 28.69 -11.68 10.15
C PRO H 280 27.94 -10.38 10.34
N GLN H 281 27.87 -9.88 11.57
CA GLN H 281 27.11 -8.67 11.89
C GLN H 281 27.94 -7.40 11.77
N GLN H 282 29.13 -7.49 11.21
CA GLN H 282 29.96 -6.32 10.93
C GLN H 282 30.20 -6.23 9.43
N PHE H 283 30.06 -5.03 8.89
CA PHE H 283 30.29 -4.78 7.46
C PHE H 283 31.68 -5.29 7.06
N LEU H 284 31.72 -6.17 6.06
CA LEU H 284 32.98 -6.73 5.59
C LEU H 284 33.47 -5.88 4.41
N HIS H 285 34.55 -5.14 4.65
CA HIS H 285 35.13 -4.23 3.67
C HIS H 285 36.26 -4.96 2.96
N TYR H 286 35.97 -5.45 1.76
CA TYR H 286 36.97 -6.16 0.97
C TYR H 286 37.88 -5.14 0.27
N HIS H 287 39.16 -5.15 0.62
CA HIS H 287 40.18 -4.37 -0.06
C HIS H 287 41.02 -5.29 -0.93
N ARG H 288 41.17 -4.95 -2.21
CA ARG H 288 41.73 -5.84 -3.21
C ARG H 288 43.18 -5.52 -3.55
N ALA H 289 43.96 -5.00 -2.60
CA ALA H 289 45.34 -4.65 -2.87
C ALA H 289 46.08 -5.82 -3.49
N GLY H 290 46.76 -5.57 -4.61
CA GLY H 290 47.51 -6.57 -5.32
C GLY H 290 46.76 -7.26 -6.45
N HIS H 291 45.46 -7.00 -6.60
CA HIS H 291 44.68 -7.64 -7.64
C HIS H 291 45.23 -7.37 -9.03
N GLY H 292 45.79 -6.17 -9.25
CA GLY H 292 46.25 -5.79 -10.57
C GLY H 292 47.29 -6.72 -11.16
N ALA H 293 47.91 -7.57 -10.36
CA ALA H 293 48.89 -8.51 -10.89
C ALA H 293 48.27 -9.44 -11.91
N VAL H 294 46.96 -9.68 -11.83
CA VAL H 294 46.28 -10.57 -12.79
C VAL H 294 45.14 -9.85 -13.51
N THR H 295 44.46 -8.93 -12.81
CA THR H 295 43.27 -8.30 -13.41
C THR H 295 43.62 -7.22 -14.43
N SER H 296 44.83 -6.70 -14.40
CA SER H 296 45.21 -5.66 -15.34
C SER H 296 45.03 -6.14 -16.77
N PRO H 297 44.48 -5.32 -17.66
CA PRO H 297 44.42 -5.72 -19.08
C PRO H 297 45.78 -6.05 -19.67
N GLN H 298 46.86 -5.54 -19.08
CA GLN H 298 48.21 -5.90 -19.52
C GLN H 298 48.50 -7.39 -19.31
N SER H 299 47.81 -8.03 -18.37
CA SER H 299 48.02 -9.44 -18.09
C SER H 299 47.05 -10.29 -18.88
N LYS H 300 47.56 -11.36 -19.48
CA LYS H 300 46.74 -12.32 -20.21
C LYS H 300 46.48 -13.58 -19.38
N ARG H 301 46.66 -13.51 -18.07
CA ARG H 301 46.57 -14.67 -17.19
C ARG H 301 45.61 -14.38 -16.06
N GLY H 302 45.24 -15.44 -15.34
CA GLY H 302 44.39 -15.31 -14.17
C GLY H 302 42.95 -14.99 -14.50
N TYR H 303 42.45 -13.88 -13.95
CA TYR H 303 41.07 -13.48 -14.18
C TYR H 303 40.97 -11.97 -14.16
N THR H 304 39.90 -11.46 -14.77
CA THR H 304 39.70 -10.02 -14.87
C THR H 304 39.22 -9.45 -13.53
N ALA H 305 39.17 -8.12 -13.48
CA ALA H 305 38.64 -7.46 -12.28
C ALA H 305 37.16 -7.75 -12.11
N PHE H 306 36.41 -7.84 -13.22
CA PHE H 306 34.99 -8.15 -13.15
C PHE H 306 34.77 -9.53 -12.50
N VAL H 307 35.56 -10.52 -12.90
CA VAL H 307 35.44 -11.85 -12.31
C VAL H 307 35.83 -11.82 -10.84
N HIS H 308 36.94 -11.16 -10.53
CA HIS H 308 37.40 -11.07 -9.15
C HIS H 308 36.32 -10.45 -8.26
N CYS H 309 35.75 -9.32 -8.71
CA CYS H 309 34.72 -8.67 -7.92
C CYS H 309 33.47 -9.54 -7.81
N LYS H 310 33.14 -10.25 -8.88
CA LYS H 310 31.97 -11.14 -8.83
C LYS H 310 32.16 -12.23 -7.78
N MET H 311 33.35 -12.83 -7.73
CA MET H 311 33.59 -13.90 -6.76
C MET H 311 33.51 -13.38 -5.33
N SER H 312 33.88 -12.13 -5.10
CA SER H 312 33.84 -11.57 -3.76
C SER H 312 32.42 -11.54 -3.21
N ARG H 313 31.42 -11.35 -4.07
CA ARG H 313 30.04 -11.40 -3.61
C ARG H 313 29.69 -12.78 -3.07
N LEU H 314 30.20 -13.83 -3.71
CA LEU H 314 29.99 -15.19 -3.22
C LEU H 314 30.62 -15.38 -1.84
N SER H 315 31.86 -14.93 -1.68
CA SER H 315 32.52 -15.04 -0.37
C SER H 315 31.83 -14.21 0.69
N GLY H 316 31.05 -13.21 0.30
CA GLY H 316 30.24 -12.46 1.23
C GLY H 316 30.74 -11.08 1.59
N ALA H 317 31.40 -10.38 0.67
CA ALA H 317 31.84 -9.03 0.93
C ALA H 317 30.63 -8.09 0.99
N SER H 318 30.57 -7.27 2.05
CA SER H 318 29.55 -6.23 2.10
C SER H 318 29.81 -5.16 1.05
N GLY H 319 31.09 -4.84 0.84
CA GLY H 319 31.49 -3.94 -0.21
C GLY H 319 32.88 -4.32 -0.69
N ILE H 320 33.18 -3.92 -1.93
CA ILE H 320 34.48 -4.20 -2.52
C ILE H 320 34.84 -3.05 -3.45
N HIS H 321 36.13 -2.78 -3.55
CA HIS H 321 36.60 -1.75 -4.47
C HIS H 321 36.42 -2.22 -5.91
N THR H 322 35.72 -1.41 -6.71
CA THR H 322 35.53 -1.68 -8.13
C THR H 322 36.43 -0.84 -9.02
N GLY H 323 37.14 0.14 -8.45
CA GLY H 323 37.95 1.05 -9.23
C GLY H 323 37.15 2.25 -9.67
N THR H 324 37.88 3.27 -10.13
CA THR H 324 37.28 4.52 -10.57
C THR H 324 36.79 4.46 -12.00
N MET H 325 36.94 3.32 -12.67
CA MET H 325 36.45 3.14 -14.03
C MET H 325 37.01 4.21 -14.96
N GLY H 326 38.31 4.47 -14.84
CA GLY H 326 39.01 5.37 -15.72
C GLY H 326 39.06 6.82 -15.27
N TYR H 327 38.36 7.17 -14.19
CA TYR H 327 38.29 8.54 -13.73
C TYR H 327 39.30 8.86 -12.63
N GLY H 328 40.05 7.88 -12.16
CA GLY H 328 41.03 8.08 -11.12
C GLY H 328 42.45 7.79 -11.52
N LYS H 329 43.30 7.44 -10.55
CA LYS H 329 44.72 7.24 -10.79
C LYS H 329 45.06 5.80 -11.13
N MET H 330 44.17 4.86 -10.86
CA MET H 330 44.43 3.45 -11.12
C MET H 330 43.94 3.06 -12.52
N GLU H 331 44.43 1.91 -13.00
CA GLU H 331 43.95 1.37 -14.26
C GLU H 331 42.46 1.09 -14.16
N GLY H 332 41.74 1.40 -15.25
CA GLY H 332 40.30 1.20 -15.28
C GLY H 332 39.70 1.76 -16.54
N ASP H 333 38.49 1.31 -16.88
CA ASP H 333 37.81 1.72 -18.10
C ASP H 333 36.36 2.08 -17.75
N ALA H 334 35.79 3.00 -18.52
CA ALA H 334 34.41 3.38 -18.31
C ALA H 334 33.48 2.17 -18.34
N ASP H 335 33.79 1.18 -19.17
CA ASP H 335 32.98 -0.03 -19.25
C ASP H 335 33.00 -0.82 -17.94
N ASP H 336 33.89 -0.48 -17.00
CA ASP H 336 33.92 -1.18 -15.72
C ASP H 336 32.64 -0.99 -14.92
N LYS H 337 31.75 -0.10 -15.35
CA LYS H 337 30.46 0.05 -14.67
C LYS H 337 29.71 -1.27 -14.61
N ALA H 338 29.95 -2.15 -15.58
CA ALA H 338 29.32 -3.48 -15.54
C ALA H 338 29.68 -4.22 -14.26
N ILE H 339 30.88 -3.99 -13.73
CA ILE H 339 31.27 -4.62 -12.47
C ILE H 339 30.31 -4.21 -11.37
N ALA H 340 30.02 -2.92 -11.27
CA ALA H 340 29.10 -2.43 -10.26
C ALA H 340 27.73 -3.08 -10.41
N TYR H 341 27.18 -3.06 -11.64
CA TYR H 341 25.86 -3.61 -11.87
C TYR H 341 25.79 -5.08 -11.47
N MET H 342 26.88 -5.83 -11.69
CA MET H 342 26.88 -7.25 -11.34
C MET H 342 26.93 -7.44 -9.83
N LEU H 343 27.41 -6.46 -9.08
CA LEU H 343 27.49 -6.58 -7.63
C LEU H 343 26.21 -6.16 -6.93
N GLU H 344 25.48 -5.20 -7.47
CA GLU H 344 24.40 -4.54 -6.75
C GLU H 344 23.01 -4.94 -7.23
N GLN H 345 22.90 -5.77 -8.26
CA GLN H 345 21.62 -6.13 -8.82
C GLN H 345 21.38 -7.62 -8.70
N ASP H 346 20.11 -8.00 -8.68
CA ASP H 346 19.71 -9.41 -8.68
C ASP H 346 19.72 -10.00 -10.08
N ASP H 347 19.97 -9.19 -11.10
CA ASP H 347 19.97 -9.67 -12.49
C ASP H 347 20.82 -8.70 -13.29
N ALA H 348 22.00 -9.15 -13.73
CA ALA H 348 22.91 -8.31 -14.48
C ALA H 348 23.54 -9.12 -15.60
N GLN H 349 24.18 -8.41 -16.53
CA GLN H 349 24.80 -9.02 -17.70
C GLN H 349 26.32 -8.92 -17.60
N GLY H 350 26.99 -10.03 -17.90
CA GLY H 350 28.43 -10.06 -17.94
C GLY H 350 28.94 -10.03 -19.37
N PRO H 351 30.27 -10.07 -19.53
CA PRO H 351 30.83 -10.10 -20.88
C PRO H 351 30.31 -11.25 -21.73
N TYR H 352 29.96 -12.38 -21.11
CA TYR H 352 29.49 -13.55 -21.82
C TYR H 352 28.28 -14.23 -21.20
N PHE H 353 27.98 -14.00 -19.93
CA PHE H 353 26.93 -14.73 -19.24
C PHE H 353 26.01 -13.79 -18.48
N ARG H 354 24.71 -14.00 -18.61
CA ARG H 354 23.72 -13.33 -17.78
C ARG H 354 23.60 -14.08 -16.46
N GLN H 355 23.67 -13.34 -15.36
CA GLN H 355 23.71 -13.93 -14.03
C GLN H 355 22.51 -13.47 -13.22
N THR H 356 21.72 -14.42 -12.74
CA THR H 356 20.69 -14.18 -11.73
C THR H 356 21.22 -14.66 -10.38
N TRP H 357 20.85 -13.95 -9.32
CA TRP H 357 21.44 -14.16 -8.00
C TRP H 357 20.48 -14.76 -6.99
N GLN H 358 19.23 -15.02 -7.37
CA GLN H 358 18.26 -15.68 -6.50
C GLN H 358 18.16 -14.97 -5.15
N GLY H 359 18.17 -13.65 -5.19
CA GLY H 359 18.01 -12.87 -3.99
C GLY H 359 19.22 -12.78 -3.10
N MET H 360 20.39 -13.24 -3.56
CA MET H 360 21.61 -13.02 -2.80
C MET H 360 21.80 -11.53 -2.55
N LYS H 361 22.12 -11.18 -1.31
CA LYS H 361 22.29 -9.78 -0.96
C LYS H 361 23.36 -9.14 -1.84
N ALA H 362 23.10 -7.91 -2.26
CA ALA H 362 24.02 -7.19 -3.13
C ALA H 362 25.32 -6.87 -2.39
N THR H 363 26.34 -6.55 -3.19
CA THR H 363 27.62 -6.06 -2.70
C THR H 363 27.79 -4.62 -3.19
N THR H 364 28.16 -3.72 -2.29
CA THR H 364 28.21 -2.30 -2.63
C THR H 364 29.57 -1.97 -3.26
N PRO H 365 29.58 -1.26 -4.38
CA PRO H 365 30.86 -0.78 -4.91
C PRO H 365 31.47 0.28 -4.00
N ILE H 366 32.78 0.20 -3.81
CA ILE H 366 33.55 1.21 -3.08
C ILE H 366 34.45 1.89 -4.11
N ILE H 367 34.21 3.18 -4.33
CA ILE H 367 34.89 3.95 -5.36
C ILE H 367 36.06 4.70 -4.74
N SER H 368 37.28 4.37 -5.15
CA SER H 368 38.48 4.95 -4.57
C SER H 368 39.61 4.92 -5.58
N GLY H 369 40.53 5.87 -5.44
CA GLY H 369 41.71 5.89 -6.28
C GLY H 369 41.98 7.24 -6.92
N GLY H 370 42.62 8.15 -6.19
CA GLY H 370 42.94 9.44 -6.74
C GLY H 370 41.74 10.29 -7.08
N MET H 371 40.65 10.12 -6.35
CA MET H 371 39.44 10.91 -6.58
C MET H 371 39.45 12.16 -5.70
N ASN H 372 38.64 13.13 -6.10
CA ASN H 372 38.41 14.33 -5.31
C ASN H 372 37.07 14.90 -5.74
N ALA H 373 36.68 16.01 -5.12
CA ALA H 373 35.37 16.58 -5.36
C ALA H 373 35.15 16.87 -6.83
N LEU H 374 36.21 17.33 -7.53
CA LEU H 374 36.06 17.73 -8.91
C LEU H 374 35.87 16.54 -9.85
N ARG H 375 36.38 15.38 -9.46
CA ARG H 375 36.33 14.18 -10.30
C ARG H 375 35.07 13.35 -10.09
N LEU H 376 34.22 13.72 -9.13
CA LEU H 376 33.07 12.89 -8.80
C LEU H 376 31.95 13.02 -9.81
N PRO H 377 31.60 14.23 -10.26
CA PRO H 377 30.47 14.35 -11.20
C PRO H 377 30.64 13.52 -12.47
N GLY H 378 31.78 13.68 -13.16
CA GLY H 378 32.03 12.89 -14.35
C GLY H 378 31.97 11.40 -14.10
N PHE H 379 32.39 10.95 -12.92
CA PHE H 379 32.34 9.52 -12.61
C PHE H 379 30.90 9.04 -12.46
N PHE H 380 30.06 9.83 -11.80
CA PHE H 380 28.68 9.42 -11.59
C PHE H 380 27.87 9.53 -12.87
N ASP H 381 28.25 10.45 -13.77
CA ASP H 381 27.58 10.52 -15.07
C ASP H 381 27.70 9.20 -15.83
N ASN H 382 28.76 8.43 -15.56
CA ASN H 382 28.98 7.16 -16.24
C ASN H 382 28.32 6.00 -15.49
N LEU H 383 28.36 6.03 -14.15
CA LEU H 383 27.73 4.96 -13.38
C LEU H 383 26.21 5.05 -13.45
N GLY H 384 25.67 6.26 -13.45
CA GLY H 384 24.24 6.46 -13.46
C GLY H 384 23.61 6.65 -12.09
N HIS H 385 24.36 6.40 -11.02
CA HIS H 385 23.86 6.58 -9.66
C HIS H 385 25.03 6.86 -8.74
N SER H 386 24.71 7.24 -7.50
CA SER H 386 25.72 7.54 -6.50
C SER H 386 25.52 6.73 -5.22
N ASN H 387 24.81 5.59 -5.31
CA ASN H 387 24.60 4.72 -4.16
C ASN H 387 25.86 3.87 -3.93
N VAL H 388 26.92 4.54 -3.50
CA VAL H 388 28.22 3.92 -3.37
C VAL H 388 28.94 4.49 -2.15
N ILE H 389 29.99 3.79 -1.74
CA ILE H 389 30.89 4.27 -0.70
C ILE H 389 32.10 4.87 -1.40
N GLN H 390 32.30 6.18 -1.23
CA GLN H 390 33.38 6.90 -1.88
C GLN H 390 34.41 7.29 -0.83
N THR H 391 35.68 6.95 -1.10
CA THR H 391 36.78 7.29 -0.20
C THR H 391 37.84 8.02 -1.01
N SER H 392 38.16 9.25 -0.58
CA SER H 392 39.16 10.09 -1.24
C SER H 392 40.19 10.50 -0.19
N GLY H 393 41.36 9.88 -0.23
CA GLY H 393 42.42 10.22 0.69
C GLY H 393 43.06 11.54 0.34
N GLY H 394 43.85 11.55 -0.73
CA GLY H 394 44.41 12.81 -1.21
C GLY H 394 43.36 13.86 -1.50
N GLY H 395 42.20 13.42 -2.01
CA GLY H 395 41.12 14.35 -2.32
C GLY H 395 40.53 15.02 -1.11
N ALA H 396 40.76 14.49 0.08
CA ALA H 396 40.27 15.08 1.32
C ALA H 396 41.37 15.83 2.07
N PHE H 397 42.44 15.13 2.45
CA PHE H 397 43.53 15.75 3.19
C PHE H 397 44.45 16.59 2.33
N GLY H 398 44.31 16.51 1.01
CA GLY H 398 44.99 17.43 0.12
C GLY H 398 44.32 18.77 -0.04
N HIS H 399 43.13 18.92 0.55
CA HIS H 399 42.43 20.20 0.50
C HIS H 399 43.24 21.26 1.24
N LYS H 400 43.40 22.43 0.60
CA LYS H 400 44.25 23.47 1.16
C LYS H 400 43.76 23.94 2.52
N ASP H 401 42.50 23.69 2.87
CA ASP H 401 41.92 24.15 4.13
C ASP H 401 41.87 23.05 5.19
N GLY H 402 42.27 21.82 4.85
CA GLY H 402 42.31 20.74 5.81
C GLY H 402 41.31 19.65 5.46
N GLY H 403 41.37 18.57 6.26
CA GLY H 403 40.52 17.42 6.02
C GLY H 403 39.05 17.69 6.22
N ALA H 404 38.70 18.56 7.17
CA ALA H 404 37.30 18.91 7.37
C ALA H 404 36.74 19.60 6.13
N ALA H 405 37.50 20.55 5.57
CA ALA H 405 37.06 21.22 4.35
C ALA H 405 37.02 20.26 3.18
N GLY H 406 37.97 19.32 3.14
CA GLY H 406 37.94 18.33 2.07
C GLY H 406 36.72 17.44 2.15
N ALA H 407 36.34 17.04 3.37
CA ALA H 407 35.14 16.23 3.54
C ALA H 407 33.91 16.98 3.07
N LYS H 408 33.79 18.26 3.43
CA LYS H 408 32.64 19.05 3.04
C LYS H 408 32.60 19.26 1.53
N SER H 409 33.76 19.40 0.89
CA SER H 409 33.79 19.53 -0.56
C SER H 409 33.33 18.24 -1.23
N LEU H 410 33.63 17.08 -0.63
CA LEU H 410 33.21 15.82 -1.21
C LEU H 410 31.70 15.64 -1.10
N ARG H 411 31.13 15.94 0.07
CA ARG H 411 29.68 15.86 0.23
C ARG H 411 28.98 16.85 -0.71
N GLN H 412 29.43 18.10 -0.71
CA GLN H 412 28.81 19.11 -1.57
C GLN H 412 28.85 18.67 -3.03
N ALA H 413 29.98 18.13 -3.47
CA ALA H 413 30.09 17.69 -4.87
C ALA H 413 29.11 16.57 -5.16
N SER H 414 28.90 15.67 -4.20
CA SER H 414 27.91 14.62 -4.39
C SER H 414 26.52 15.21 -4.51
N LEU H 415 26.12 16.01 -3.52
CA LEU H 415 24.79 16.61 -3.54
C LEU H 415 24.56 17.41 -4.82
N ALA H 416 25.62 18.07 -5.32
CA ALA H 416 25.48 18.83 -6.56
C ALA H 416 25.05 17.92 -7.71
N TRP H 417 25.71 16.78 -7.87
CA TRP H 417 25.36 15.86 -8.95
C TRP H 417 23.97 15.28 -8.74
N GLN H 418 23.69 14.80 -7.52
CA GLN H 418 22.39 14.22 -7.23
C GLN H 418 21.24 15.19 -7.48
N GLN H 419 21.54 16.50 -7.50
CA GLN H 419 20.53 17.51 -7.75
C GLN H 419 20.57 18.07 -9.17
N GLY H 420 21.57 17.71 -9.95
CA GLY H 420 21.66 18.18 -11.32
C GLY H 420 22.15 19.60 -11.45
N VAL H 421 23.18 19.98 -10.70
CA VAL H 421 23.75 21.31 -10.72
C VAL H 421 25.22 21.22 -11.13
N ASP H 422 25.65 22.14 -11.97
CA ASP H 422 27.06 22.20 -12.34
C ASP H 422 27.90 22.49 -11.12
N LEU H 423 29.02 21.76 -10.98
CA LEU H 423 29.85 21.91 -9.79
C LEU H 423 30.33 23.34 -9.62
N LEU H 424 30.65 24.02 -10.72
CA LEU H 424 31.13 25.40 -10.63
C LEU H 424 30.04 26.31 -10.10
N ASP H 425 28.80 26.17 -10.62
CA ASP H 425 27.69 26.96 -10.10
C ASP H 425 27.43 26.64 -8.64
N TYR H 426 27.62 25.39 -8.25
CA TYR H 426 27.42 25.02 -6.84
C TYR H 426 28.52 25.59 -5.95
N ALA H 427 29.76 25.65 -6.47
CA ALA H 427 30.87 26.14 -5.67
C ALA H 427 30.78 27.63 -5.37
N LYS H 428 29.97 28.37 -6.12
CA LYS H 428 29.89 29.81 -5.91
C LYS H 428 29.38 30.14 -4.53
N GLU H 429 28.50 29.31 -3.97
CA GLU H 429 27.94 29.54 -2.65
C GLU H 429 28.38 28.49 -1.64
N HIS H 430 29.45 27.74 -1.95
CA HIS H 430 29.95 26.69 -1.07
C HIS H 430 31.47 26.80 -1.03
N PRO H 431 32.01 27.55 -0.06
CA PRO H 431 33.46 27.82 -0.10
C PRO H 431 34.30 26.56 -0.03
N GLU H 432 33.89 25.56 0.74
CA GLU H 432 34.68 24.33 0.84
C GLU H 432 34.85 23.69 -0.52
N LEU H 433 33.77 23.62 -1.32
CA LEU H 433 33.89 23.10 -2.68
C LEU H 433 34.71 24.03 -3.55
N ALA H 434 34.49 25.34 -3.44
CA ALA H 434 35.31 26.28 -4.20
C ALA H 434 36.78 26.13 -3.86
N GLY H 435 37.10 25.81 -2.61
CA GLY H 435 38.48 25.61 -2.23
C GLY H 435 39.09 24.37 -2.84
N ALA H 436 38.26 23.36 -3.12
CA ALA H 436 38.78 22.17 -3.79
C ALA H 436 39.30 22.49 -5.18
N PHE H 437 38.72 23.47 -5.85
CA PHE H 437 39.22 23.89 -7.16
C PHE H 437 40.65 24.41 -7.04
N GLU H 438 40.91 25.27 -6.04
CA GLU H 438 42.25 25.80 -5.85
C GLU H 438 43.21 24.74 -5.34
N SER H 439 42.70 23.71 -4.63
CA SER H 439 43.57 22.68 -4.09
C SER H 439 44.07 21.73 -5.17
N PHE H 440 43.29 21.53 -6.23
CA PHE H 440 43.65 20.64 -7.33
C PHE H 440 43.45 21.38 -8.64
N PRO H 441 44.33 22.34 -8.95
CA PRO H 441 44.08 23.22 -10.11
C PRO H 441 44.23 22.51 -11.45
N LYS H 442 45.05 21.46 -11.52
CA LYS H 442 45.16 20.71 -12.77
C LYS H 442 43.84 20.05 -13.12
N ASP H 443 43.18 19.42 -12.13
CA ASP H 443 41.88 18.81 -12.38
C ASP H 443 40.84 19.87 -12.71
N ALA H 444 40.88 21.01 -12.00
CA ALA H 444 39.92 22.08 -12.26
C ALA H 444 40.10 22.63 -13.67
N ASP H 445 41.34 22.92 -14.06
CA ASP H 445 41.59 23.45 -15.39
C ASP H 445 41.13 22.49 -16.48
N ALA H 446 41.16 21.20 -16.21
CA ALA H 446 40.81 20.20 -17.22
C ALA H 446 39.32 19.92 -17.28
N LEU H 447 38.62 20.00 -16.15
CA LEU H 447 37.21 19.61 -16.09
C LEU H 447 36.26 20.80 -16.03
N TYR H 448 36.70 21.94 -15.54
CA TYR H 448 35.87 23.15 -15.44
C TYR H 448 36.73 24.32 -15.87
N PRO H 449 36.93 24.50 -17.18
CA PRO H 449 37.99 25.42 -17.63
C PRO H 449 37.82 26.84 -17.17
N ASN H 450 36.59 27.31 -16.97
CA ASN H 450 36.33 28.70 -16.62
C ASN H 450 36.21 28.93 -15.12
N TRP H 451 36.84 28.08 -14.32
CA TRP H 451 36.74 28.23 -12.87
C TRP H 451 37.56 29.40 -12.35
N ARG H 452 38.64 29.75 -13.04
CA ARG H 452 39.57 30.83 -12.59
C ARG H 452 38.81 32.17 -12.68
N GLU H 453 37.93 32.32 -13.66
CA GLU H 453 37.11 33.56 -13.84
C GLU H 453 35.97 33.58 -12.82
N LYS H 454 35.32 32.44 -12.56
CA LYS H 454 34.06 32.39 -11.75
C LYS H 454 34.32 32.30 -10.24
N LEU H 455 35.46 31.80 -9.77
CA LEU H 455 35.75 31.56 -8.31
C LEU H 455 36.79 32.58 -7.80
N LYS H 456 37.14 33.64 -8.54
CA LYS H 456 38.13 34.60 -8.09
C LYS H 456 37.50 35.60 -7.12
N ASP I 2 7.38 -1.25 -34.20
CA ASP I 2 7.68 -0.74 -35.54
C ASP I 2 6.45 -0.86 -36.43
N GLN I 3 5.95 0.29 -36.90
CA GLN I 3 4.74 0.33 -37.71
C GLN I 3 4.89 1.28 -38.90
N SER I 4 6.11 1.52 -39.36
CA SER I 4 6.32 2.50 -40.43
C SER I 4 5.69 2.03 -41.74
N ASN I 5 5.78 0.74 -42.03
CA ASN I 5 5.28 0.25 -43.32
C ASN I 5 3.79 0.52 -43.48
N ARG I 6 3.05 0.63 -42.37
CA ARG I 6 1.61 0.83 -42.42
C ARG I 6 1.21 2.29 -42.28
N TYR I 7 1.72 2.98 -41.28
CA TYR I 7 1.28 4.33 -40.97
C TYR I 7 2.16 5.41 -41.59
N ALA I 8 3.00 5.05 -42.55
CA ALA I 8 3.88 6.00 -43.20
C ALA I 8 3.93 5.72 -44.69
N ASN I 9 3.81 6.78 -45.49
CA ASN I 9 3.92 6.68 -46.95
C ASN I 9 4.50 8.00 -47.45
N LEU I 10 5.83 8.09 -47.38
CA LEU I 10 6.52 9.31 -47.82
C LEU I 10 6.43 9.53 -49.32
N SER I 11 5.91 8.55 -50.07
CA SER I 11 5.78 8.71 -51.51
C SER I 11 4.62 9.63 -51.88
N LEU I 12 3.65 9.81 -50.99
CA LEU I 12 2.54 10.71 -51.26
C LEU I 12 3.04 12.15 -51.39
N ARG I 13 2.37 12.92 -52.23
CA ARG I 13 2.70 14.31 -52.47
C ARG I 13 1.68 15.21 -51.80
N GLU I 14 2.17 16.28 -51.15
CA GLU I 14 1.27 17.18 -50.45
C GLU I 14 0.27 17.83 -51.39
N GLU I 15 0.71 18.23 -52.59
CA GLU I 15 -0.19 18.87 -53.53
C GLU I 15 -1.31 17.93 -53.95
N ASP I 16 -1.05 16.62 -53.96
CA ASP I 16 -2.11 15.66 -54.29
C ASP I 16 -3.08 15.49 -53.12
N LEU I 17 -2.57 15.53 -51.90
CA LEU I 17 -3.44 15.40 -50.73
C LEU I 17 -4.36 16.61 -50.60
N ILE I 18 -3.89 17.79 -51.01
CA ILE I 18 -4.74 18.98 -50.97
C ILE I 18 -5.77 18.95 -52.09
N ALA I 19 -5.31 18.68 -53.32
CA ALA I 19 -6.22 18.63 -54.46
C ALA I 19 -7.30 17.57 -54.24
N GLY I 20 -6.93 16.44 -53.64
CA GLY I 20 -7.93 15.42 -53.35
C GLY I 20 -9.02 15.91 -52.40
N GLY I 21 -8.64 16.76 -51.45
CA GLY I 21 -9.62 17.33 -50.55
C GLY I 21 -10.31 16.34 -49.64
N LYS I 22 -9.63 15.24 -49.31
CA LYS I 22 -10.20 14.21 -48.44
C LYS I 22 -9.35 13.96 -47.20
N HIS I 23 -8.41 14.86 -46.89
CA HIS I 23 -7.53 14.67 -45.75
C HIS I 23 -7.33 15.98 -45.01
N VAL I 24 -7.29 15.88 -43.68
CA VAL I 24 -6.89 17.01 -42.83
C VAL I 24 -5.39 16.85 -42.60
N LEU I 25 -4.61 17.80 -43.10
CA LEU I 25 -3.16 17.76 -42.96
C LEU I 25 -2.72 18.57 -41.75
N CYS I 26 -1.80 18.00 -40.99
CA CYS I 26 -1.27 18.63 -39.77
C CYS I 26 0.24 18.61 -39.80
N ALA I 27 0.85 19.76 -39.55
CA ALA I 27 2.30 19.91 -39.57
C ALA I 27 2.78 20.00 -38.13
N TYR I 28 3.54 18.99 -37.69
CA TYR I 28 4.05 18.92 -36.33
C TYR I 28 5.55 19.23 -36.31
N ILE I 29 6.00 19.76 -35.18
CA ILE I 29 7.43 19.83 -34.87
C ILE I 29 7.65 18.84 -33.75
N MET I 30 8.18 17.66 -34.09
CA MET I 30 8.29 16.54 -33.17
C MET I 30 9.73 16.09 -33.03
N LYS I 31 10.07 15.63 -31.82
CA LYS I 31 11.36 15.01 -31.54
C LYS I 31 11.10 13.75 -30.72
N PRO I 32 11.68 12.61 -31.08
CA PRO I 32 11.49 11.40 -30.27
C PRO I 32 12.48 11.35 -29.12
N LYS I 33 12.11 10.57 -28.09
CA LYS I 33 13.02 10.35 -26.98
C LYS I 33 14.26 9.60 -27.45
N ALA I 34 15.29 9.65 -26.61
CA ALA I 34 16.56 9.00 -26.96
C ALA I 34 16.35 7.51 -27.20
N GLY I 35 16.79 7.03 -28.36
CA GLY I 35 16.74 5.62 -28.69
C GLY I 35 15.69 5.24 -29.71
N TYR I 36 14.79 6.15 -30.06
CA TYR I 36 13.70 5.86 -30.98
C TYR I 36 13.95 6.56 -32.31
N GLY I 37 13.83 5.80 -33.40
CA GLY I 37 13.99 6.38 -34.72
C GLY I 37 12.88 7.36 -35.04
N TYR I 38 13.21 8.32 -35.91
CA TYR I 38 12.24 9.39 -36.20
C TYR I 38 11.02 8.83 -36.93
N LEU I 39 11.23 8.08 -38.02
CA LEU I 39 10.10 7.56 -38.77
C LEU I 39 9.32 6.54 -37.95
N GLU I 40 10.02 5.66 -37.25
CA GLU I 40 9.33 4.66 -36.43
C GLU I 40 8.45 5.32 -35.38
N SER I 41 8.96 6.39 -34.76
CA SER I 41 8.16 7.13 -33.78
C SER I 41 7.00 7.86 -34.45
N ALA I 42 7.28 8.55 -35.55
CA ALA I 42 6.22 9.22 -36.30
C ALA I 42 5.12 8.24 -36.68
N ALA I 43 5.50 7.04 -37.14
CA ALA I 43 4.50 6.03 -37.47
C ALA I 43 3.66 5.69 -36.25
N HIS I 44 4.31 5.44 -35.11
CA HIS I 44 3.58 5.22 -33.87
C HIS I 44 2.73 6.44 -33.51
N PHE I 45 3.24 7.63 -33.80
CA PHE I 45 2.49 8.86 -33.53
C PHE I 45 1.19 8.87 -34.33
N ALA I 46 1.24 8.51 -35.60
CA ALA I 46 0.03 8.48 -36.41
C ALA I 46 -0.91 7.37 -35.95
N ALA I 47 -0.35 6.23 -35.54
CA ALA I 47 -1.18 5.12 -35.08
C ALA I 47 -2.00 5.51 -33.85
N GLU I 48 -1.34 6.07 -32.85
CA GLU I 48 -2.03 6.50 -31.63
C GLU I 48 -2.92 7.69 -31.85
N SER I 49 -2.93 8.28 -33.04
CA SER I 49 -3.76 9.44 -33.36
C SER I 49 -4.86 9.11 -34.37
N SER I 50 -5.07 7.82 -34.67
CA SER I 50 -6.08 7.46 -35.65
C SER I 50 -6.72 6.11 -35.35
N THR I 51 -6.01 5.01 -35.68
CA THR I 51 -6.63 3.70 -35.68
C THR I 51 -5.93 2.66 -34.83
N GLY I 52 -4.65 2.82 -34.53
CA GLY I 52 -3.84 1.77 -33.95
C GLY I 52 -3.47 2.00 -32.49
N THR I 53 -2.65 1.08 -32.00
CA THR I 53 -2.10 1.13 -30.65
C THR I 53 -0.62 0.77 -30.76
N ASN I 54 0.01 0.40 -29.64
CA ASN I 54 1.43 0.11 -29.63
C ASN I 54 1.75 -1.35 -29.93
N VAL I 55 0.74 -2.18 -30.17
CA VAL I 55 0.93 -3.57 -30.57
C VAL I 55 -0.13 -3.92 -31.61
N GLU I 56 0.01 -5.09 -32.22
CA GLU I 56 -0.96 -5.56 -33.21
C GLU I 56 -2.12 -6.24 -32.49
N VAL I 57 -3.33 -5.98 -32.99
CA VAL I 57 -4.55 -6.56 -32.43
C VAL I 57 -5.25 -7.36 -33.52
N CYS I 58 -5.93 -8.43 -33.10
CA CYS I 58 -6.56 -9.37 -34.02
C CYS I 58 -7.84 -8.84 -34.64
N THR I 59 -8.26 -7.62 -34.29
CA THR I 59 -9.50 -7.05 -34.81
C THR I 59 -9.28 -6.13 -36.00
N THR I 60 -8.03 -5.85 -36.37
CA THR I 60 -7.76 -4.96 -37.49
C THR I 60 -8.15 -5.63 -38.80
N ASP I 61 -8.93 -4.92 -39.61
CA ASP I 61 -9.34 -5.39 -40.91
C ASP I 61 -8.88 -4.40 -41.98
N ASP I 62 -9.21 -4.71 -43.24
CA ASP I 62 -8.74 -3.88 -44.35
C ASP I 62 -9.43 -2.52 -44.34
N PHE I 63 -10.70 -2.47 -43.97
CA PHE I 63 -11.40 -1.19 -43.92
C PHE I 63 -10.74 -0.25 -42.93
N THR I 64 -10.33 -0.76 -41.76
CA THR I 64 -9.62 0.06 -40.80
C THR I 64 -8.35 0.65 -41.41
N ARG I 65 -7.59 -0.17 -42.13
CA ARG I 65 -6.36 0.32 -42.75
C ARG I 65 -6.65 1.44 -43.74
N GLY I 66 -7.84 1.44 -44.33
CA GLY I 66 -8.20 2.48 -45.29
C GLY I 66 -8.33 3.86 -44.68
N VAL I 67 -8.57 3.93 -43.37
CA VAL I 67 -8.72 5.20 -42.68
C VAL I 67 -7.53 5.52 -41.80
N ASP I 68 -6.42 4.79 -41.95
CA ASP I 68 -5.24 5.06 -41.15
C ASP I 68 -4.73 6.48 -41.42
N ALA I 69 -4.29 7.15 -40.35
CA ALA I 69 -3.54 8.38 -40.53
C ALA I 69 -2.15 8.03 -41.06
N LEU I 70 -1.64 8.86 -41.98
CA LEU I 70 -0.43 8.52 -42.72
C LEU I 70 0.58 9.65 -42.62
N VAL I 71 1.79 9.31 -42.19
CA VAL I 71 2.92 10.23 -42.28
C VAL I 71 3.37 10.29 -43.75
N TYR I 72 3.40 11.50 -44.31
CA TYR I 72 3.77 11.68 -45.70
C TYR I 72 4.97 12.58 -45.92
N GLU I 73 5.49 13.23 -44.89
CA GLU I 73 6.69 14.05 -45.03
C GLU I 73 7.35 14.20 -43.66
N ILE I 74 8.66 13.97 -43.61
CA ILE I 74 9.42 14.08 -42.38
C ILE I 74 10.77 14.71 -42.69
N ASP I 75 11.33 15.39 -41.68
CA ASP I 75 12.66 15.98 -41.77
C ASP I 75 13.28 15.87 -40.38
N GLU I 76 14.03 14.77 -40.17
CA GLU I 76 14.61 14.52 -38.85
C GLU I 76 15.49 15.69 -38.42
N ALA I 77 16.22 16.30 -39.36
CA ALA I 77 17.08 17.42 -39.01
C ALA I 77 16.26 18.60 -38.47
N ASN I 78 15.18 18.95 -39.18
CA ASN I 78 14.32 20.05 -38.78
C ASN I 78 13.22 19.62 -37.82
N GLU I 79 13.19 18.35 -37.41
CA GLU I 79 12.18 17.83 -36.49
C GLU I 79 10.78 18.08 -37.04
N LEU I 80 10.61 17.87 -38.35
CA LEU I 80 9.34 18.10 -39.01
C LEU I 80 8.60 16.78 -39.22
N MET I 81 7.28 16.82 -39.00
CA MET I 81 6.41 15.67 -39.20
C MET I 81 5.08 16.16 -39.73
N LYS I 82 4.64 15.59 -40.85
CA LYS I 82 3.36 15.93 -41.46
C LYS I 82 2.52 14.68 -41.56
N ILE I 83 1.26 14.77 -41.13
CA ILE I 83 0.35 13.64 -41.09
C ILE I 83 -0.95 14.02 -41.79
N ALA I 84 -1.47 13.11 -42.61
CA ALA I 84 -2.73 13.29 -43.32
C ALA I 84 -3.79 12.44 -42.64
N TYR I 85 -4.87 13.09 -42.20
CA TYR I 85 -5.96 12.40 -41.53
C TYR I 85 -7.14 12.27 -42.47
N PRO I 86 -7.56 11.06 -42.83
CA PRO I 86 -8.81 10.93 -43.61
C PRO I 86 -9.98 11.57 -42.89
N VAL I 87 -10.77 12.34 -43.64
CA VAL I 87 -11.85 13.12 -43.02
C VAL I 87 -12.81 12.21 -42.26
N ASP I 88 -13.04 10.99 -42.76
CA ASP I 88 -14.03 10.10 -42.16
C ASP I 88 -13.72 9.74 -40.71
N LEU I 89 -12.49 10.01 -40.24
CA LEU I 89 -12.14 9.64 -38.87
C LEU I 89 -12.85 10.52 -37.85
N PHE I 90 -13.18 11.75 -38.22
CA PHE I 90 -13.63 12.75 -37.25
C PHE I 90 -15.11 12.58 -36.94
N ASP I 91 -15.44 12.78 -35.65
CA ASP I 91 -16.80 12.57 -35.17
C ASP I 91 -17.75 13.59 -35.78
N ARG I 92 -19.03 13.22 -35.78
CA ARG I 92 -20.08 14.05 -36.35
C ARG I 92 -21.28 14.05 -35.40
N ASN I 93 -22.05 15.13 -35.45
CA ASN I 93 -23.23 15.24 -34.60
C ASN I 93 -24.33 14.31 -35.10
N ILE I 94 -25.04 13.68 -34.16
CA ILE I 94 -26.21 12.91 -34.52
C ILE I 94 -27.44 13.79 -34.69
N ILE I 95 -27.44 15.00 -34.10
CA ILE I 95 -28.61 15.86 -34.19
C ILE I 95 -28.65 16.62 -35.50
N ASP I 96 -27.49 16.90 -36.10
CA ASP I 96 -27.46 17.70 -37.32
C ASP I 96 -26.29 17.36 -38.23
N GLY I 97 -25.47 16.37 -37.90
CA GLY I 97 -24.40 15.95 -38.80
C GLY I 97 -23.26 16.91 -38.97
N ARG I 98 -23.21 17.98 -38.17
CA ARG I 98 -22.12 18.91 -38.24
C ARG I 98 -20.86 18.33 -37.57
N ALA I 99 -19.73 18.95 -37.87
CA ALA I 99 -18.45 18.52 -37.30
C ALA I 99 -18.31 19.09 -35.89
N MET I 100 -17.22 18.72 -35.22
CA MET I 100 -16.93 19.23 -33.88
C MET I 100 -15.42 19.35 -33.72
N LEU I 101 -14.99 20.38 -33.00
CA LEU I 101 -13.56 20.59 -32.78
C LEU I 101 -13.00 19.58 -31.79
N ALA I 102 -13.80 19.18 -30.80
CA ALA I 102 -13.32 18.23 -29.80
C ALA I 102 -12.77 16.98 -30.45
N SER I 103 -13.44 16.49 -31.51
CA SER I 103 -12.96 15.30 -32.19
C SER I 103 -11.59 15.55 -32.81
N PHE I 104 -11.45 16.65 -33.56
CA PHE I 104 -10.16 16.95 -34.16
C PHE I 104 -9.07 17.05 -33.10
N LEU I 105 -9.38 17.66 -31.96
CA LEU I 105 -8.38 17.78 -30.91
C LEU I 105 -8.07 16.43 -30.29
N THR I 106 -9.10 15.62 -30.03
CA THR I 106 -8.88 14.31 -29.42
C THR I 106 -7.91 13.46 -30.25
N LEU I 107 -7.96 13.62 -31.58
CA LEU I 107 -7.14 12.79 -32.46
C LEU I 107 -5.79 13.44 -32.75
N ALA I 108 -5.81 14.69 -33.25
CA ALA I 108 -4.58 15.31 -33.75
C ALA I 108 -3.67 15.79 -32.62
N ILE I 109 -4.20 16.05 -31.44
CA ILE I 109 -3.38 16.56 -30.34
C ILE I 109 -3.90 16.01 -29.01
N GLY I 110 -4.34 14.75 -29.02
CA GLY I 110 -4.87 14.14 -27.83
C GLY I 110 -3.89 13.23 -27.12
N ASN I 111 -4.08 11.91 -27.28
CA ASN I 111 -3.25 10.95 -26.56
C ASN I 111 -1.79 11.04 -26.99
N ASN I 112 -1.52 11.51 -28.20
CA ASN I 112 -0.14 11.57 -28.69
C ASN I 112 0.73 12.52 -27.88
N GLN I 113 0.13 13.39 -27.06
CA GLN I 113 0.89 14.30 -26.24
C GLN I 113 1.42 13.65 -24.95
N GLY I 114 1.21 12.35 -24.76
CA GLY I 114 1.66 11.69 -23.56
C GLY I 114 2.41 10.41 -23.83
N MET I 115 2.76 10.16 -25.09
CA MET I 115 3.47 8.94 -25.43
C MET I 115 4.87 8.94 -24.83
N GLY I 116 5.27 7.78 -24.31
CA GLY I 116 6.57 7.68 -23.66
C GLY I 116 7.75 7.67 -24.60
N ASP I 117 7.52 7.36 -25.88
CA ASP I 117 8.59 7.34 -26.86
C ASP I 117 8.76 8.67 -27.59
N ILE I 118 7.99 9.69 -27.24
CA ILE I 118 8.06 11.00 -27.87
C ILE I 118 8.49 12.02 -26.83
N GLU I 119 9.46 12.85 -27.19
CA GLU I 119 9.91 13.89 -26.28
C GLU I 119 8.98 15.10 -26.30
N TYR I 120 8.51 15.48 -27.48
CA TYR I 120 7.52 16.56 -27.62
C TYR I 120 7.01 16.58 -29.05
N ALA I 121 5.85 17.21 -29.21
CA ALA I 121 5.24 17.37 -30.53
C ALA I 121 4.23 18.50 -30.44
N LYS I 122 4.24 19.41 -31.42
CA LYS I 122 3.40 20.59 -31.41
C LYS I 122 2.93 20.89 -32.83
N ILE I 123 1.63 21.15 -32.97
CA ILE I 123 1.06 21.48 -34.28
C ILE I 123 1.35 22.95 -34.58
N HIS I 124 1.98 23.19 -35.74
CA HIS I 124 2.27 24.54 -36.18
C HIS I 124 1.39 25.00 -37.33
N ASP I 125 0.63 24.10 -37.95
CA ASP I 125 -0.28 24.47 -39.02
C ASP I 125 -1.19 23.28 -39.30
N VAL I 126 -2.34 23.58 -39.90
CA VAL I 126 -3.32 22.55 -40.25
C VAL I 126 -4.12 23.01 -41.45
N TYR I 127 -4.34 22.11 -42.40
CA TYR I 127 -5.17 22.39 -43.56
C TYR I 127 -6.50 21.66 -43.41
N PHE I 128 -7.60 22.41 -43.55
CA PHE I 128 -8.93 21.82 -43.52
C PHE I 128 -9.48 21.77 -44.93
N PRO I 129 -9.80 20.59 -45.48
CA PRO I 129 -10.37 20.55 -46.84
C PRO I 129 -11.78 21.10 -46.85
N PRO I 130 -12.26 21.53 -48.01
CA PRO I 130 -13.60 22.14 -48.05
C PRO I 130 -14.71 21.25 -47.51
N CYS I 131 -14.64 19.94 -47.78
CA CYS I 131 -15.69 19.04 -47.32
C CYS I 131 -15.76 18.96 -45.80
N TYR I 132 -14.66 19.23 -45.11
CA TYR I 132 -14.61 19.19 -43.64
C TYR I 132 -14.85 20.57 -43.03
N LEU I 133 -14.16 21.59 -43.54
CA LEU I 133 -14.39 22.95 -43.05
C LEU I 133 -15.83 23.36 -43.24
N ARG I 134 -16.48 22.88 -44.30
CA ARG I 134 -17.87 23.23 -44.57
C ARG I 134 -18.82 22.75 -43.47
N LEU I 135 -18.41 21.80 -42.65
CA LEU I 135 -19.27 21.22 -41.63
C LEU I 135 -19.20 21.93 -40.29
N PHE I 136 -18.43 23.01 -40.18
CA PHE I 136 -18.29 23.74 -38.93
C PHE I 136 -19.20 24.96 -38.92
N ASP I 137 -19.53 25.41 -37.70
CA ASP I 137 -20.47 26.52 -37.55
C ASP I 137 -19.95 27.79 -38.23
N GLY I 138 -18.69 28.11 -37.99
CA GLY I 138 -18.11 29.34 -38.50
C GLY I 138 -18.67 30.54 -37.77
N PRO I 139 -18.06 31.70 -37.94
CA PRO I 139 -18.55 32.90 -37.24
C PRO I 139 -19.89 33.34 -37.81
N ALA I 140 -20.73 33.86 -36.92
CA ALA I 140 -22.03 34.40 -37.31
C ALA I 140 -22.06 35.91 -37.33
N MET I 141 -21.21 36.56 -36.53
CA MET I 141 -21.14 38.02 -36.48
C MET I 141 -19.69 38.46 -36.55
N ASN I 142 -19.50 39.74 -36.86
CA ASN I 142 -18.19 40.31 -37.15
C ASN I 142 -18.11 41.70 -36.53
N ILE I 143 -16.94 42.33 -36.66
CA ILE I 143 -16.82 43.75 -36.37
C ILE I 143 -17.76 44.54 -37.28
N VAL I 144 -18.07 44.00 -38.46
CA VAL I 144 -19.01 44.65 -39.37
C VAL I 144 -20.34 44.88 -38.67
N ASP I 145 -20.73 44.00 -37.74
CA ASP I 145 -21.97 44.19 -37.01
C ASP I 145 -21.84 45.32 -35.98
N MET I 146 -20.65 45.52 -35.43
CA MET I 146 -20.44 46.68 -34.57
C MET I 146 -20.42 47.97 -35.38
N TRP I 147 -19.73 47.95 -36.53
CA TRP I 147 -19.73 49.13 -37.40
C TRP I 147 -21.16 49.55 -37.74
N ARG I 148 -22.05 48.59 -37.97
CA ARG I 148 -23.44 48.91 -38.29
C ARG I 148 -24.13 49.58 -37.11
N VAL I 149 -23.96 49.02 -35.90
CA VAL I 149 -24.54 49.64 -34.71
C VAL I 149 -23.92 51.02 -34.48
N LEU I 150 -22.62 51.15 -34.73
CA LEU I 150 -21.93 52.41 -34.55
C LEU I 150 -22.13 53.36 -35.73
N GLU I 151 -22.85 52.93 -36.77
CA GLU I 151 -23.16 53.79 -37.90
C GLU I 151 -21.90 54.24 -38.62
N ARG I 152 -20.95 53.33 -38.75
CA ARG I 152 -19.70 53.55 -39.46
C ARG I 152 -19.74 52.82 -40.80
N PRO I 153 -18.77 53.10 -41.68
CA PRO I 153 -18.69 52.34 -42.93
C PRO I 153 -18.57 50.84 -42.66
N LEU I 154 -19.43 50.06 -43.30
CA LEU I 154 -19.40 48.61 -43.13
C LEU I 154 -18.16 47.99 -43.79
N VAL I 155 -17.49 48.74 -44.66
CA VAL I 155 -16.20 48.33 -45.22
C VAL I 155 -15.17 49.35 -44.75
N ASP I 156 -14.14 48.87 -44.06
CA ASP I 156 -13.08 49.73 -43.53
C ASP I 156 -13.66 50.78 -42.58
N GLY I 157 -14.46 50.31 -41.62
CA GLY I 157 -15.05 51.21 -40.65
C GLY I 157 -14.04 51.79 -39.68
N GLY I 158 -12.96 51.07 -39.43
CA GLY I 158 -11.89 51.56 -38.59
C GLY I 158 -11.82 50.82 -37.26
N MET I 159 -11.03 51.38 -36.35
CA MET I 159 -10.81 50.78 -35.05
C MET I 159 -11.98 51.05 -34.12
N VAL I 160 -12.35 50.03 -33.35
CA VAL I 160 -13.35 50.17 -32.29
C VAL I 160 -12.61 50.50 -31.01
N VAL I 161 -12.81 51.71 -30.49
CA VAL I 161 -12.09 52.18 -29.32
C VAL I 161 -12.69 51.51 -28.09
N GLY I 162 -11.94 50.61 -27.46
CA GLY I 162 -12.42 49.85 -26.33
C GLY I 162 -11.46 49.87 -25.17
N THR I 163 -11.92 49.31 -24.06
CA THR I 163 -11.11 49.20 -22.86
C THR I 163 -11.58 48.00 -22.04
N ILE I 164 -10.78 47.65 -21.04
CA ILE I 164 -11.11 46.63 -20.06
C ILE I 164 -11.26 47.32 -18.70
N ILE I 165 -12.41 47.13 -18.07
CA ILE I 165 -12.68 47.77 -16.78
C ILE I 165 -11.64 47.30 -15.78
N LYS I 166 -10.69 48.18 -15.44
CA LYS I 166 -9.71 47.91 -14.40
C LYS I 166 -10.15 48.57 -13.10
N PRO I 167 -9.75 48.05 -11.93
CA PRO I 167 -8.98 46.83 -11.69
C PRO I 167 -9.66 45.55 -12.21
N LYS I 168 -8.88 44.47 -12.29
CA LYS I 168 -9.40 43.21 -12.79
C LYS I 168 -10.59 42.74 -11.95
N LEU I 169 -10.45 42.77 -10.63
CA LEU I 169 -11.51 42.38 -9.72
C LEU I 169 -11.43 43.24 -8.47
N GLY I 170 -12.59 43.63 -7.95
CA GLY I 170 -12.63 44.42 -6.74
C GLY I 170 -13.63 45.56 -6.78
N LEU I 171 -13.87 46.09 -7.98
CA LEU I 171 -14.81 47.19 -8.11
C LEU I 171 -16.22 46.72 -7.76
N ARG I 172 -16.79 47.30 -6.70
CA ARG I 172 -18.16 47.03 -6.33
C ARG I 172 -19.09 47.55 -7.42
N PRO I 173 -20.38 47.24 -7.35
CA PRO I 173 -21.29 47.63 -8.45
C PRO I 173 -21.26 49.11 -8.78
N GLU I 174 -21.47 49.98 -7.80
CA GLU I 174 -21.60 51.41 -8.11
C GLU I 174 -20.35 51.98 -8.75
N PRO I 175 -19.15 51.83 -8.19
CA PRO I 175 -17.98 52.39 -8.87
C PRO I 175 -17.71 51.75 -10.22
N PHE I 176 -18.06 50.47 -10.39
CA PHE I 176 -17.90 49.81 -11.68
C PHE I 176 -18.70 50.53 -12.76
N ALA I 177 -19.99 50.76 -12.51
CA ALA I 177 -20.83 51.43 -13.48
C ALA I 177 -20.36 52.87 -13.72
N ALA I 178 -19.92 53.56 -12.67
CA ALA I 178 -19.42 54.92 -12.84
C ALA I 178 -18.25 54.95 -13.81
N ALA I 179 -17.34 53.99 -13.70
CA ALA I 179 -16.21 53.92 -14.62
C ALA I 179 -16.69 53.62 -16.03
N CYS I 180 -17.67 52.73 -16.18
CA CYS I 180 -18.21 52.44 -17.49
C CYS I 180 -18.77 53.70 -18.14
N TYR I 181 -19.56 54.47 -17.38
CA TYR I 181 -20.11 55.71 -17.91
C TYR I 181 -19.00 56.66 -18.33
N GLN I 182 -17.94 56.75 -17.54
CA GLN I 182 -16.87 57.69 -17.84
C GLN I 182 -16.18 57.35 -19.15
N PHE I 183 -15.82 56.08 -19.35
CA PHE I 183 -15.13 55.70 -20.57
C PHE I 183 -16.02 55.91 -21.79
N TRP I 184 -17.29 55.49 -21.71
CA TRP I 184 -18.18 55.57 -22.86
C TRP I 184 -18.38 57.00 -23.35
N LEU I 185 -18.06 58.00 -22.52
CA LEU I 185 -18.16 59.38 -22.97
C LEU I 185 -17.20 59.68 -24.11
N GLY I 186 -16.12 58.92 -24.25
CA GLY I 186 -15.17 59.12 -25.32
C GLY I 186 -14.78 57.83 -26.03
N GLY I 187 -15.33 56.71 -25.57
CA GLY I 187 -15.02 55.41 -26.12
C GLY I 187 -16.25 54.71 -26.66
N ASP I 188 -16.01 53.58 -27.34
CA ASP I 188 -17.06 52.81 -27.97
C ASP I 188 -17.43 51.54 -27.21
N PHE I 189 -16.44 50.83 -26.69
CA PHE I 189 -16.59 49.42 -26.35
C PHE I 189 -15.97 49.15 -24.99
N ILE I 190 -16.73 48.46 -24.14
CA ILE I 190 -16.23 48.07 -22.82
C ILE I 190 -16.39 46.56 -22.67
N KCX I 191 -15.37 45.92 -22.10
CA KCX I 191 -15.43 44.49 -21.92
CB KCX I 191 -14.43 43.76 -22.84
CG KCX I 191 -12.99 43.98 -22.41
CD KCX I 191 -12.05 43.27 -23.37
CE KCX I 191 -12.11 41.75 -23.17
NZ KCX I 191 -11.69 41.41 -21.82
C KCX I 191 -15.13 44.13 -20.45
O KCX I 191 -14.22 44.73 -19.84
CX KCX I 191 -10.29 41.31 -21.51
OQ1 KCX I 191 -9.43 41.67 -22.37
OQ2 KCX I 191 -9.93 40.86 -20.39
HA KCX I 191 -16.32 44.18 -22.14
HB2 KCX I 191 -14.54 44.11 -23.74
HB3 KCX I 191 -14.62 42.81 -22.83
HG2 KCX I 191 -12.87 43.62 -21.52
HG3 KCX I 191 -12.80 44.92 -22.40
HD2 KCX I 191 -11.14 43.57 -23.21
HD3 KCX I 191 -12.30 43.48 -24.29
HE2 KCX I 191 -11.53 41.32 -23.81
HE3 KCX I 191 -13.02 41.45 -23.31
HZ KCX I 191 -12.28 41.26 -21.21
N ASN I 192 -15.88 43.18 -19.92
CA ASN I 192 -15.56 42.56 -18.65
C ASN I 192 -14.11 42.05 -18.71
N ASP I 193 -13.37 42.23 -17.63
CA ASP I 193 -12.13 41.48 -17.49
C ASP I 193 -12.47 40.00 -17.35
N GLU I 194 -11.59 39.15 -17.84
CA GLU I 194 -11.95 37.76 -18.07
C GLU I 194 -12.48 37.02 -16.85
N PRO I 195 -12.11 37.38 -15.62
CA PRO I 195 -12.68 36.68 -14.46
C PRO I 195 -13.91 37.34 -13.86
N GLN I 196 -14.26 38.55 -14.30
CA GLN I 196 -15.41 39.24 -13.73
C GLN I 196 -16.71 38.54 -14.11
N GLY I 197 -17.60 38.38 -13.14
CA GLY I 197 -18.87 37.74 -13.38
C GLY I 197 -19.87 37.96 -12.27
N ASN I 198 -19.89 37.07 -11.29
CA ASN I 198 -20.85 37.10 -10.19
C ASN I 198 -20.14 36.94 -8.85
N GLN I 199 -19.03 37.65 -8.67
CA GLN I 199 -18.36 37.66 -7.38
C GLN I 199 -19.33 38.16 -6.31
N VAL I 200 -19.15 37.65 -5.09
CA VAL I 200 -20.07 37.96 -4.01
C VAL I 200 -20.08 39.46 -3.71
N PHE I 201 -18.98 40.16 -4.00
CA PHE I 201 -18.92 41.60 -3.79
C PHE I 201 -19.41 42.41 -4.98
N ALA I 202 -19.79 41.76 -6.08
CA ALA I 202 -20.33 42.45 -7.25
C ALA I 202 -21.30 41.52 -7.97
N PRO I 203 -22.46 41.25 -7.39
CA PRO I 203 -23.38 40.27 -7.98
C PRO I 203 -23.81 40.67 -9.38
N LEU I 204 -23.90 39.66 -10.25
CA LEU I 204 -24.29 39.91 -11.63
C LEU I 204 -25.65 40.58 -11.71
N ARG I 205 -26.63 40.05 -10.96
CA ARG I 205 -27.97 40.62 -11.00
C ARG I 205 -28.00 42.08 -10.52
N THR I 206 -26.99 42.51 -9.77
CA THR I 206 -26.93 43.88 -9.27
C THR I 206 -26.17 44.81 -10.21
N ILE I 207 -25.07 44.35 -10.79
CA ILE I 207 -24.24 45.21 -11.62
C ILE I 207 -24.86 45.45 -12.99
N MET I 208 -25.49 44.43 -13.57
CA MET I 208 -25.89 44.53 -14.97
C MET I 208 -26.92 45.62 -15.21
N PRO I 209 -27.96 45.76 -14.39
CA PRO I 209 -28.86 46.92 -14.58
C PRO I 209 -28.13 48.24 -14.44
N MET I 210 -27.10 48.31 -13.60
CA MET I 210 -26.33 49.55 -13.47
C MET I 210 -25.48 49.81 -14.69
N ILE I 211 -24.84 48.77 -15.24
CA ILE I 211 -24.10 48.94 -16.49
C ILE I 211 -25.04 49.40 -17.59
N ALA I 212 -26.23 48.80 -17.68
CA ALA I 212 -27.19 49.20 -18.71
C ALA I 212 -27.59 50.66 -18.55
N ASP I 213 -27.76 51.11 -17.31
CA ASP I 213 -28.05 52.51 -17.07
C ASP I 213 -26.92 53.41 -17.54
N SER I 214 -25.67 53.02 -17.26
CA SER I 214 -24.54 53.82 -17.71
C SER I 214 -24.51 53.90 -19.23
N MET I 215 -24.81 52.79 -19.92
CA MET I 215 -24.81 52.82 -21.37
C MET I 215 -25.88 53.78 -21.90
N ARG I 216 -27.08 53.73 -21.33
CA ARG I 216 -28.15 54.61 -21.80
C ARG I 216 -27.77 56.07 -21.60
N ARG I 217 -27.18 56.41 -20.46
CA ARG I 217 -26.82 57.79 -20.19
C ARG I 217 -25.72 58.26 -21.12
N ALA I 218 -24.67 57.46 -21.30
CA ALA I 218 -23.59 57.84 -22.20
C ALA I 218 -24.09 57.99 -23.62
N GLN I 219 -25.04 57.15 -24.03
CA GLN I 219 -25.61 57.27 -25.37
C GLN I 219 -26.44 58.53 -25.52
N ASP I 220 -27.23 58.87 -24.49
CA ASP I 220 -28.08 60.05 -24.56
C ASP I 220 -27.26 61.33 -24.63
N GLU I 221 -26.08 61.35 -24.01
CA GLU I 221 -25.28 62.57 -23.93
C GLU I 221 -24.34 62.72 -25.12
N THR I 222 -23.72 61.62 -25.57
CA THR I 222 -22.83 61.67 -26.71
C THR I 222 -23.56 61.54 -28.04
N GLY I 223 -24.80 61.03 -28.02
CA GLY I 223 -25.53 60.82 -29.26
C GLY I 223 -25.06 59.65 -30.08
N GLN I 224 -24.17 58.83 -29.57
CA GLN I 224 -23.64 57.67 -30.28
C GLN I 224 -23.94 56.39 -29.51
N ALA I 225 -23.97 55.28 -30.23
CA ALA I 225 -24.21 53.99 -29.61
C ALA I 225 -22.97 53.52 -28.85
N LYS I 226 -23.20 52.73 -27.80
CA LYS I 226 -22.15 52.20 -26.97
C LYS I 226 -22.29 50.69 -26.85
N LEU I 227 -21.16 50.00 -26.76
CA LEU I 227 -21.11 48.55 -26.78
C LEU I 227 -20.51 48.02 -25.49
N PHE I 228 -20.98 46.84 -25.08
CA PHE I 228 -20.48 46.14 -23.91
C PHE I 228 -20.28 44.68 -24.26
N SER I 229 -19.28 44.07 -23.62
CA SER I 229 -19.00 42.64 -23.78
C SER I 229 -19.03 41.99 -22.41
N ALA I 230 -20.05 41.16 -22.18
CA ALA I 230 -20.30 40.58 -20.86
C ALA I 230 -19.77 39.15 -20.79
N ASN I 231 -19.11 38.84 -19.68
CA ASN I 231 -18.59 37.50 -19.46
C ASN I 231 -19.71 36.59 -18.96
N ILE I 232 -19.93 35.48 -19.68
CA ILE I 232 -20.92 34.49 -19.29
C ILE I 232 -20.30 33.12 -19.04
N THR I 233 -18.97 33.04 -19.04
CA THR I 233 -18.30 31.76 -18.85
C THR I 233 -18.76 31.07 -17.57
N ALA I 234 -18.98 29.76 -17.67
CA ALA I 234 -19.38 28.96 -16.52
C ALA I 234 -19.20 27.49 -16.86
N ASP I 235 -19.15 26.67 -15.81
CA ASP I 235 -19.03 25.23 -16.01
C ASP I 235 -20.36 24.64 -16.49
N ASP I 236 -21.45 25.02 -15.84
CA ASP I 236 -22.77 24.51 -16.19
C ASP I 236 -23.30 25.26 -17.41
N PRO I 237 -23.53 24.59 -18.54
CA PRO I 237 -24.15 25.29 -19.68
C PRO I 237 -25.41 26.03 -19.30
N ALA I 238 -26.20 25.50 -18.36
CA ALA I 238 -27.40 26.19 -17.91
C ALA I 238 -27.06 27.54 -17.28
N GLU I 239 -25.91 27.65 -16.63
CA GLU I 239 -25.51 28.93 -16.07
C GLU I 239 -25.20 29.94 -17.17
N MET I 240 -24.50 29.50 -18.22
CA MET I 240 -24.22 30.40 -19.34
C MET I 240 -25.50 30.84 -20.04
N TYR I 241 -26.50 29.97 -20.11
CA TYR I 241 -27.77 30.35 -20.69
C TYR I 241 -28.48 31.38 -19.81
N ALA I 242 -28.53 31.11 -18.51
CA ALA I 242 -29.20 32.02 -17.59
C ALA I 242 -28.57 33.40 -17.61
N ARG I 243 -27.24 33.47 -17.61
CA ARG I 243 -26.57 34.76 -17.64
C ARG I 243 -26.91 35.51 -18.92
N GLY I 244 -26.86 34.82 -20.06
CA GLY I 244 -27.14 35.49 -21.33
C GLY I 244 -28.56 36.01 -21.42
N GLU I 245 -29.53 35.19 -21.01
CA GLU I 245 -30.92 35.62 -21.04
C GLU I 245 -31.15 36.81 -20.11
N PHE I 246 -30.63 36.73 -18.89
CA PHE I 246 -30.81 37.83 -17.96
C PHE I 246 -30.16 39.11 -18.48
N ILE I 247 -28.98 38.97 -19.07
CA ILE I 247 -28.28 40.16 -19.59
C ILE I 247 -29.08 40.78 -20.73
N LEU I 248 -29.57 39.95 -21.65
CA LEU I 248 -30.34 40.49 -22.76
C LEU I 248 -31.63 41.14 -22.27
N GLU I 249 -32.33 40.49 -21.32
CA GLU I 249 -33.55 41.08 -20.79
C GLU I 249 -33.25 42.41 -20.12
N THR I 250 -32.10 42.52 -19.46
CA THR I 250 -31.77 43.73 -18.72
C THR I 250 -31.54 44.91 -19.68
N PHE I 251 -30.79 44.68 -20.75
CA PHE I 251 -30.49 45.75 -21.68
C PHE I 251 -31.65 46.05 -22.62
N GLY I 252 -32.55 45.09 -22.81
CA GLY I 252 -33.79 45.38 -23.54
C GLY I 252 -33.54 45.89 -24.94
N GLU I 253 -34.02 47.10 -25.21
CA GLU I 253 -33.90 47.67 -26.55
C GLU I 253 -32.46 47.77 -27.02
N PHE I 254 -31.50 47.71 -26.11
CA PHE I 254 -30.08 47.78 -26.45
C PHE I 254 -29.38 46.45 -26.24
N ALA I 255 -30.12 45.35 -26.33
CA ALA I 255 -29.51 44.03 -26.21
C ALA I 255 -28.54 43.74 -27.36
N ASP I 256 -28.81 44.26 -28.55
CA ASP I 256 -27.91 44.06 -29.67
C ASP I 256 -26.62 44.84 -29.53
N HIS I 257 -26.48 45.67 -28.50
CA HIS I 257 -25.22 46.32 -28.19
C HIS I 257 -24.33 45.47 -27.29
N VAL I 258 -24.79 44.29 -26.88
CA VAL I 258 -24.10 43.46 -25.91
C VAL I 258 -23.43 42.30 -26.61
N ALA I 259 -22.17 42.06 -26.28
CA ALA I 259 -21.43 40.88 -26.71
C ALA I 259 -21.23 39.95 -25.51
N PHE I 260 -21.14 38.65 -25.80
CA PHE I 260 -20.93 37.64 -24.76
C PHE I 260 -19.48 37.17 -24.82
N LEU I 261 -18.75 37.32 -23.72
CA LEU I 261 -17.36 36.93 -23.62
C LEU I 261 -17.28 35.54 -23.00
N VAL I 262 -16.46 34.67 -23.60
CA VAL I 262 -16.30 33.31 -23.15
C VAL I 262 -14.80 33.03 -23.05
N ASP I 263 -14.36 32.61 -21.86
CA ASP I 263 -12.98 32.16 -21.65
C ASP I 263 -12.86 30.79 -22.31
N GLY I 264 -12.66 30.80 -23.63
CA GLY I 264 -12.81 29.59 -24.41
C GLY I 264 -11.73 28.57 -24.18
N TYR I 265 -10.53 28.99 -23.77
CA TYR I 265 -9.45 28.04 -23.58
C TYR I 265 -9.59 27.27 -22.27
N VAL I 266 -9.93 27.96 -21.19
CA VAL I 266 -10.06 27.26 -19.90
C VAL I 266 -11.41 26.59 -19.79
N ALA I 267 -12.47 27.18 -20.34
CA ALA I 267 -13.79 26.56 -20.29
C ALA I 267 -13.93 25.49 -21.37
N GLY I 268 -13.28 25.67 -22.51
CA GLY I 268 -13.25 24.66 -23.53
C GLY I 268 -14.11 24.97 -24.73
N PRO I 269 -13.88 24.25 -25.84
CA PRO I 269 -14.71 24.46 -27.03
C PRO I 269 -16.20 24.25 -26.77
N THR I 270 -16.55 23.36 -25.85
CA THR I 270 -17.95 23.16 -25.54
C THR I 270 -18.59 24.42 -25.01
N ALA I 271 -17.86 25.18 -24.18
CA ALA I 271 -18.38 26.47 -23.72
C ALA I 271 -18.53 27.44 -24.88
N VAL I 272 -17.54 27.49 -25.78
CA VAL I 272 -17.61 28.39 -26.93
C VAL I 272 -18.82 28.04 -27.79
N THR I 273 -18.96 26.76 -28.13
CA THR I 273 -20.07 26.36 -29.00
C THR I 273 -21.43 26.56 -28.31
N ALA I 274 -21.48 26.36 -26.99
CA ALA I 274 -22.73 26.58 -26.27
C ALA I 274 -23.25 28.00 -26.51
N CYS I 275 -22.37 28.99 -26.42
CA CYS I 275 -22.78 30.37 -26.68
C CYS I 275 -23.04 30.60 -28.17
N ARG I 276 -22.19 30.03 -29.03
CA ARG I 276 -22.34 30.24 -30.46
C ARG I 276 -23.70 29.76 -30.95
N ARG I 277 -24.17 28.64 -30.43
CA ARG I 277 -25.41 28.04 -30.92
C ARG I 277 -26.64 28.51 -30.16
N ARG I 278 -26.48 28.90 -28.90
CA ARG I 278 -27.62 29.44 -28.16
C ARG I 278 -27.88 30.91 -28.50
N PHE I 279 -26.81 31.70 -28.62
CA PHE I 279 -26.91 33.13 -28.89
C PHE I 279 -26.15 33.47 -30.17
N PRO I 280 -26.59 32.94 -31.31
CA PRO I 280 -25.88 33.26 -32.56
C PRO I 280 -25.99 34.72 -32.94
N GLN I 281 -27.04 35.41 -32.51
CA GLN I 281 -27.25 36.81 -32.87
C GLN I 281 -26.57 37.77 -31.90
N GLN I 282 -25.69 37.26 -31.03
CA GLN I 282 -24.88 38.08 -30.14
C GLN I 282 -23.41 37.88 -30.48
N PHE I 283 -22.67 38.98 -30.54
CA PHE I 283 -21.24 38.92 -30.82
C PHE I 283 -20.55 38.00 -29.82
N LEU I 284 -19.87 36.98 -30.33
CA LEU I 284 -19.15 36.02 -29.51
C LEU I 284 -17.73 36.49 -29.33
N HIS I 285 -17.37 36.87 -28.10
CA HIS I 285 -16.05 37.41 -27.78
C HIS I 285 -15.22 36.30 -27.14
N TYR I 286 -14.35 35.68 -27.93
CA TYR I 286 -13.49 34.60 -27.45
C TYR I 286 -12.31 35.20 -26.71
N HIS I 287 -12.26 35.00 -25.40
CA HIS I 287 -11.11 35.36 -24.59
C HIS I 287 -10.27 34.11 -24.37
N ARG I 288 -8.99 34.19 -24.70
CA ARG I 288 -8.10 33.03 -24.71
C ARG I 288 -7.24 32.93 -23.46
N ALA I 289 -7.76 33.35 -22.31
CA ALA I 289 -7.00 33.27 -21.07
C ALA I 289 -6.48 31.87 -20.84
N GLY I 290 -5.19 31.77 -20.54
CA GLY I 290 -4.54 30.49 -20.30
C GLY I 290 -3.92 29.85 -21.52
N HIS I 291 -4.25 30.34 -22.72
CA HIS I 291 -3.69 29.77 -23.95
C HIS I 291 -2.18 29.65 -23.87
N GLY I 292 -1.51 30.58 -23.19
CA GLY I 292 -0.06 30.59 -23.15
C GLY I 292 0.55 29.30 -22.65
N ALA I 293 -0.21 28.48 -21.93
CA ALA I 293 0.32 27.23 -21.41
C ALA I 293 0.86 26.32 -22.50
N VAL I 294 0.45 26.52 -23.76
CA VAL I 294 0.91 25.67 -24.85
C VAL I 294 1.34 26.52 -26.02
N THR I 295 0.69 27.67 -26.21
CA THR I 295 0.98 28.50 -27.38
C THR I 295 2.31 29.24 -27.26
N SER I 296 2.83 29.41 -26.05
CA SER I 296 4.08 30.15 -25.90
C SER I 296 5.20 29.47 -26.68
N PRO I 297 6.05 30.24 -27.36
CA PRO I 297 7.22 29.62 -28.01
C PRO I 297 8.09 28.84 -27.06
N GLN I 298 8.04 29.14 -25.75
CA GLN I 298 8.79 28.36 -24.78
C GLN I 298 8.28 26.93 -24.68
N SER I 299 7.03 26.69 -25.07
CA SER I 299 6.45 25.34 -25.03
C SER I 299 6.65 24.65 -26.38
N LYS I 300 7.04 23.38 -26.32
CA LYS I 300 7.21 22.56 -27.50
C LYS I 300 6.08 21.55 -27.68
N ARG I 301 4.96 21.77 -27.00
CA ARG I 301 3.84 20.83 -26.99
C ARG I 301 2.56 21.57 -27.36
N GLY I 302 1.52 20.80 -27.66
CA GLY I 302 0.21 21.37 -27.95
C GLY I 302 0.11 21.99 -29.32
N TYR I 303 -0.27 23.26 -29.38
CA TYR I 303 -0.41 23.95 -30.65
C TYR I 303 -0.05 25.41 -30.47
N THR I 304 0.31 26.04 -31.58
CA THR I 304 0.70 27.44 -31.57
C THR I 304 -0.53 28.35 -31.51
N ALA I 305 -0.29 29.61 -31.13
CA ALA I 305 -1.37 30.59 -31.11
C ALA I 305 -1.98 30.76 -32.50
N PHE I 306 -1.18 30.64 -33.55
CA PHE I 306 -1.71 30.69 -34.90
C PHE I 306 -2.75 29.59 -35.11
N VAL I 307 -2.46 28.37 -34.65
CA VAL I 307 -3.40 27.27 -34.82
C VAL I 307 -4.60 27.45 -33.91
N HIS I 308 -4.38 27.94 -32.69
CA HIS I 308 -5.50 28.17 -31.77
C HIS I 308 -6.50 29.15 -32.36
N CYS I 309 -6.01 30.29 -32.85
CA CYS I 309 -6.91 31.30 -33.42
C CYS I 309 -7.62 30.77 -34.65
N LYS I 310 -6.90 30.02 -35.50
CA LYS I 310 -7.52 29.47 -36.70
C LYS I 310 -8.70 28.58 -36.35
N MET I 311 -8.56 27.75 -35.31
CA MET I 311 -9.65 26.88 -34.92
C MET I 311 -10.82 27.67 -34.33
N SER I 312 -10.52 28.79 -33.66
CA SER I 312 -11.60 29.60 -33.10
C SER I 312 -12.58 30.04 -34.18
N ARG I 313 -12.09 30.31 -35.39
CA ARG I 313 -12.99 30.65 -36.48
C ARG I 313 -13.93 29.49 -36.80
N LEU I 314 -13.41 28.26 -36.77
CA LEU I 314 -14.28 27.10 -36.99
C LEU I 314 -15.35 27.01 -35.91
N SER I 315 -14.97 27.22 -34.65
CA SER I 315 -15.93 27.15 -33.56
C SER I 315 -17.00 28.24 -33.67
N GLY I 316 -16.66 29.35 -34.30
CA GLY I 316 -17.60 30.44 -34.50
C GLY I 316 -17.34 31.72 -33.74
N ALA I 317 -16.13 31.91 -33.22
CA ALA I 317 -15.82 33.15 -32.52
C ALA I 317 -15.97 34.34 -33.45
N SER I 318 -16.73 35.34 -33.00
CA SER I 318 -16.86 36.57 -33.78
C SER I 318 -15.58 37.38 -33.70
N GLY I 319 -14.93 37.38 -32.53
CA GLY I 319 -13.63 38.01 -32.39
C GLY I 319 -12.81 37.23 -31.38
N ILE I 320 -11.50 37.35 -31.50
CA ILE I 320 -10.58 36.63 -30.61
C ILE I 320 -9.31 37.47 -30.47
N HIS I 321 -8.70 37.38 -29.29
CA HIS I 321 -7.45 38.07 -29.05
C HIS I 321 -6.33 37.41 -29.84
N THR I 322 -5.72 38.16 -30.74
CA THR I 322 -4.58 37.68 -31.52
C THR I 322 -3.24 38.09 -30.93
N GLY I 323 -3.24 38.88 -29.86
CA GLY I 323 -2.02 39.36 -29.27
C GLY I 323 -1.57 40.68 -29.89
N THR I 324 -0.66 41.35 -29.18
CA THR I 324 -0.14 42.64 -29.62
C THR I 324 0.99 42.50 -30.64
N MET I 325 1.33 41.29 -31.05
CA MET I 325 2.39 41.06 -32.03
C MET I 325 3.71 41.68 -31.57
N GLY I 326 3.99 41.57 -30.28
CA GLY I 326 5.24 42.04 -29.72
C GLY I 326 5.24 43.49 -29.29
N TYR I 327 4.17 44.23 -29.53
CA TYR I 327 4.11 45.64 -29.17
C TYR I 327 3.53 45.88 -27.79
N GLY I 328 3.04 44.84 -27.12
CA GLY I 328 2.43 45.00 -25.81
C GLY I 328 3.17 44.29 -24.70
N LYS I 329 2.45 43.95 -23.62
CA LYS I 329 3.05 43.30 -22.47
C LYS I 329 3.07 41.78 -22.59
N MET I 330 2.21 41.20 -23.40
CA MET I 330 2.17 39.75 -23.54
C MET I 330 3.21 39.28 -24.56
N GLU I 331 3.51 37.99 -24.50
CA GLU I 331 4.45 37.40 -25.45
C GLU I 331 3.87 37.45 -26.85
N GLY I 332 4.65 37.97 -27.79
CA GLY I 332 4.22 38.08 -29.17
C GLY I 332 5.32 38.53 -30.11
N ASP I 333 5.22 38.12 -31.37
CA ASP I 333 6.18 38.49 -32.40
C ASP I 333 5.48 39.33 -33.47
N ALA I 334 6.23 40.26 -34.07
CA ALA I 334 5.68 41.05 -35.16
C ALA I 334 5.19 40.16 -36.30
N ASP I 335 5.77 38.96 -36.43
CA ASP I 335 5.35 38.03 -37.46
C ASP I 335 3.97 37.42 -37.18
N ASP I 336 3.40 37.67 -35.99
CA ASP I 336 2.08 37.16 -35.66
C ASP I 336 0.96 37.85 -36.44
N LYS I 337 1.28 38.83 -37.29
CA LYS I 337 0.24 39.47 -38.10
C LYS I 337 -0.41 38.46 -39.05
N ALA I 338 0.32 37.40 -39.41
CA ALA I 338 -0.26 36.37 -40.26
C ALA I 338 -1.49 35.74 -39.61
N ILE I 339 -1.54 35.73 -38.27
CA ILE I 339 -2.70 35.20 -37.59
C ILE I 339 -3.93 36.03 -37.92
N ALA I 340 -3.79 37.36 -37.89
CA ALA I 340 -4.90 38.24 -38.22
C ALA I 340 -5.40 37.96 -39.63
N TYR I 341 -4.48 37.87 -40.59
CA TYR I 341 -4.88 37.67 -41.98
C TYR I 341 -5.69 36.39 -42.16
N MET I 342 -5.24 35.29 -41.53
CA MET I 342 -5.98 34.04 -41.61
C MET I 342 -7.34 34.13 -40.94
N LEU I 343 -7.54 35.06 -40.01
CA LEU I 343 -8.82 35.18 -39.34
C LEU I 343 -9.82 36.00 -40.14
N GLU I 344 -9.34 36.92 -40.99
CA GLU I 344 -10.22 37.89 -41.63
C GLU I 344 -10.32 37.75 -43.15
N GLN I 345 -9.46 36.95 -43.77
CA GLN I 345 -9.44 36.81 -45.21
C GLN I 345 -10.02 35.46 -45.62
N ASP I 346 -10.57 35.43 -46.84
CA ASP I 346 -11.04 34.19 -47.44
C ASP I 346 -9.91 33.34 -48.01
N ASP I 347 -8.70 33.90 -48.11
CA ASP I 347 -7.53 33.19 -48.62
C ASP I 347 -6.32 33.74 -47.91
N ALA I 348 -5.62 32.88 -47.18
CA ALA I 348 -4.47 33.31 -46.39
C ALA I 348 -3.41 32.21 -46.42
N GLN I 349 -2.20 32.57 -46.00
CA GLN I 349 -1.06 31.68 -45.99
C GLN I 349 -0.67 31.38 -44.55
N GLY I 350 -0.60 30.10 -44.21
CA GLY I 350 -0.09 29.67 -42.93
C GLY I 350 1.37 29.30 -43.05
N PRO I 351 2.00 28.95 -41.92
CA PRO I 351 3.42 28.56 -41.97
C PRO I 351 3.70 27.44 -42.96
N TYR I 352 2.74 26.55 -43.21
CA TYR I 352 2.97 25.41 -44.07
C TYR I 352 1.87 25.25 -45.12
N PHE I 353 0.67 25.69 -44.81
CA PHE I 353 -0.50 25.41 -45.63
C PHE I 353 -1.21 26.69 -46.04
N ARG I 354 -1.55 26.79 -47.33
CA ARG I 354 -2.50 27.81 -47.78
C ARG I 354 -3.91 27.34 -47.50
N GLN I 355 -4.74 28.24 -46.97
CA GLN I 355 -6.09 27.90 -46.53
C GLN I 355 -7.10 28.80 -47.21
N THR I 356 -8.02 28.20 -47.96
CA THR I 356 -9.20 28.88 -48.47
C THR I 356 -10.39 28.53 -47.59
N TRP I 357 -11.30 29.50 -47.42
CA TRP I 357 -12.38 29.37 -46.45
C TRP I 357 -13.75 29.18 -47.08
N GLN I 358 -13.86 29.27 -48.40
CA GLN I 358 -15.12 29.03 -49.09
C GLN I 358 -16.23 29.94 -48.57
N GLY I 359 -15.90 31.19 -48.33
CA GLY I 359 -16.86 32.18 -47.92
C GLY I 359 -17.23 32.19 -46.46
N MET I 360 -16.61 31.36 -45.63
CA MET I 360 -16.90 31.38 -44.20
C MET I 360 -16.61 32.77 -43.64
N LYS I 361 -17.49 33.23 -42.75
CA LYS I 361 -17.37 34.58 -42.23
C LYS I 361 -16.05 34.76 -41.51
N ALA I 362 -15.56 36.00 -41.51
CA ALA I 362 -14.30 36.33 -40.86
C ALA I 362 -14.45 36.40 -39.35
N THR I 363 -13.32 36.30 -38.66
CA THR I 363 -13.23 36.54 -37.23
C THR I 363 -12.37 37.77 -37.00
N THR I 364 -12.90 38.73 -36.24
CA THR I 364 -12.19 40.00 -36.07
C THR I 364 -11.05 39.84 -35.07
N PRO I 365 -9.83 40.25 -35.43
CA PRO I 365 -8.75 40.27 -34.43
C PRO I 365 -9.06 41.30 -33.34
N ILE I 366 -8.80 40.92 -32.09
CA ILE I 366 -8.95 41.78 -30.93
C ILE I 366 -7.57 42.05 -30.36
N ILE I 367 -7.21 43.32 -30.22
CA ILE I 367 -5.86 43.72 -29.85
C ILE I 367 -5.89 44.21 -28.40
N SER I 368 -5.21 43.48 -27.52
CA SER I 368 -5.21 43.79 -26.11
C SER I 368 -3.92 43.28 -25.49
N GLY I 369 -3.50 43.93 -24.39
CA GLY I 369 -2.33 43.52 -23.66
C GLY I 369 -1.28 44.60 -23.53
N GLY I 370 -1.50 45.53 -22.61
CA GLY I 370 -0.52 46.58 -22.37
C GLY I 370 -0.44 47.62 -23.45
N MET I 371 -1.53 47.85 -24.17
CA MET I 371 -1.57 48.84 -25.24
C MET I 371 -2.06 50.18 -24.70
N ASN I 372 -1.68 51.25 -25.38
CA ASN I 372 -2.12 52.60 -25.04
C ASN I 372 -2.02 53.45 -26.30
N ALA I 373 -2.43 54.72 -26.17
CA ALA I 373 -2.46 55.61 -27.33
C ALA I 373 -1.10 55.72 -28.00
N LEU I 374 -0.01 55.55 -27.24
CA LEU I 374 1.32 55.71 -27.80
C LEU I 374 1.78 54.49 -28.58
N ARG I 375 1.32 53.30 -28.19
CA ARG I 375 1.75 52.06 -28.82
C ARG I 375 0.87 51.65 -30.01
N LEU I 376 -0.11 52.48 -30.38
CA LEU I 376 -1.02 52.11 -31.45
C LEU I 376 -0.42 52.40 -32.82
N PRO I 377 0.12 53.59 -33.06
CA PRO I 377 0.70 53.87 -34.40
C PRO I 377 1.70 52.82 -34.85
N GLY I 378 2.62 52.41 -33.96
CA GLY I 378 3.61 51.41 -34.34
C GLY I 378 3.00 50.03 -34.60
N PHE I 379 1.88 49.73 -33.95
CA PHE I 379 1.26 48.42 -34.15
C PHE I 379 0.59 48.33 -35.52
N PHE I 380 -0.20 49.34 -35.89
CA PHE I 380 -0.91 49.30 -37.16
C PHE I 380 0.05 49.37 -38.34
N ASP I 381 1.20 50.03 -38.16
CA ASP I 381 2.21 50.03 -39.22
C ASP I 381 2.59 48.62 -39.63
N ASN I 382 2.60 47.68 -38.67
CA ASN I 382 3.02 46.31 -38.96
C ASN I 382 1.88 45.46 -39.51
N LEU I 383 0.63 45.80 -39.18
CA LEU I 383 -0.50 45.00 -39.64
C LEU I 383 -1.02 45.47 -41.00
N GLY I 384 -1.08 46.79 -41.22
CA GLY I 384 -1.51 47.33 -42.48
C GLY I 384 -2.91 47.91 -42.49
N HIS I 385 -3.65 47.79 -41.39
CA HIS I 385 -5.00 48.35 -41.31
C HIS I 385 -5.38 48.49 -39.84
N SER I 386 -6.54 49.10 -39.60
CA SER I 386 -7.02 49.35 -38.26
C SER I 386 -8.37 48.69 -38.00
N ASN I 387 -8.88 47.91 -38.96
CA ASN I 387 -10.15 47.23 -38.81
C ASN I 387 -10.07 46.17 -37.71
N VAL I 388 -9.93 46.60 -36.46
CA VAL I 388 -9.81 45.66 -35.35
C VAL I 388 -10.48 46.27 -34.12
N ILE I 389 -10.78 45.42 -33.15
CA ILE I 389 -11.29 45.86 -31.85
C ILE I 389 -10.10 45.98 -30.91
N GLN I 390 -9.83 47.20 -30.47
CA GLN I 390 -8.71 47.48 -29.57
C GLN I 390 -9.24 47.77 -28.18
N THR I 391 -8.68 47.10 -27.18
CA THR I 391 -9.06 47.29 -25.78
C THR I 391 -7.81 47.55 -24.97
N SER I 392 -7.74 48.73 -24.34
CA SER I 392 -6.61 49.13 -23.53
C SER I 392 -7.12 49.49 -22.14
N GLY I 393 -6.98 48.56 -21.20
CA GLY I 393 -7.39 48.81 -19.83
C GLY I 393 -6.53 49.85 -19.15
N GLY I 394 -5.26 49.50 -18.92
CA GLY I 394 -4.33 50.46 -18.36
C GLY I 394 -4.07 51.65 -19.26
N GLY I 395 -4.26 51.49 -20.57
CA GLY I 395 -4.08 52.60 -21.49
C GLY I 395 -5.18 53.63 -21.43
N ALA I 396 -6.36 53.25 -20.93
CA ALA I 396 -7.49 54.16 -20.81
C ALA I 396 -7.62 54.70 -19.38
N PHE I 397 -7.71 53.81 -18.39
CA PHE I 397 -7.83 54.24 -17.00
C PHE I 397 -6.50 54.66 -16.39
N GLY I 398 -5.38 54.28 -17.01
CA GLY I 398 -4.09 54.78 -16.60
C GLY I 398 -3.81 56.21 -17.00
N HIS I 399 -4.62 56.77 -17.88
CA HIS I 399 -4.48 58.17 -18.24
C HIS I 399 -4.55 59.05 -17.01
N LYS I 400 -3.78 60.13 -17.01
CA LYS I 400 -3.72 61.00 -15.84
C LYS I 400 -4.99 61.82 -15.64
N ASP I 401 -5.84 61.92 -16.66
CA ASP I 401 -7.06 62.71 -16.58
C ASP I 401 -8.32 61.86 -16.44
N GLY I 402 -8.20 60.55 -16.37
CA GLY I 402 -9.33 59.66 -16.21
C GLY I 402 -9.57 58.82 -17.45
N GLY I 403 -10.60 57.99 -17.36
CA GLY I 403 -10.92 57.08 -18.45
C GLY I 403 -11.48 57.78 -19.67
N ALA I 404 -12.25 58.84 -19.47
CA ALA I 404 -12.82 59.57 -20.61
C ALA I 404 -11.72 60.10 -21.52
N ALA I 405 -10.81 60.90 -20.96
CA ALA I 405 -9.69 61.41 -21.73
C ALA I 405 -8.88 60.27 -22.33
N GLY I 406 -8.65 59.22 -21.54
CA GLY I 406 -7.93 58.06 -22.06
C GLY I 406 -8.62 57.45 -23.26
N ALA I 407 -9.95 57.41 -23.24
CA ALA I 407 -10.69 56.88 -24.39
C ALA I 407 -10.50 57.78 -25.60
N LYS I 408 -10.60 59.10 -25.41
CA LYS I 408 -10.42 60.02 -26.52
C LYS I 408 -9.00 59.95 -27.07
N SER I 409 -8.00 59.81 -26.18
CA SER I 409 -6.63 59.68 -26.65
C SER I 409 -6.45 58.42 -27.49
N LEU I 410 -7.01 57.30 -27.03
CA LEU I 410 -6.95 56.06 -27.81
C LEU I 410 -7.62 56.25 -29.16
N ARG I 411 -8.81 56.87 -29.17
CA ARG I 411 -9.45 57.21 -30.43
C ARG I 411 -8.55 58.13 -31.26
N GLN I 412 -8.25 59.30 -30.72
CA GLN I 412 -7.44 60.28 -31.45
C GLN I 412 -6.20 59.64 -32.07
N ALA I 413 -5.55 58.73 -31.35
CA ALA I 413 -4.37 58.08 -31.88
C ALA I 413 -4.69 57.21 -33.08
N SER I 414 -5.92 56.69 -33.16
CA SER I 414 -6.29 55.82 -34.27
C SER I 414 -6.57 56.60 -35.55
N LEU I 415 -7.07 57.84 -35.44
CA LEU I 415 -7.27 58.65 -36.63
C LEU I 415 -5.95 59.22 -37.15
N ALA I 416 -5.01 59.53 -36.24
CA ALA I 416 -3.71 60.02 -36.68
C ALA I 416 -3.01 59.01 -37.58
N TRP I 417 -3.10 57.73 -37.24
CA TRP I 417 -2.48 56.70 -38.09
C TRP I 417 -3.31 56.49 -39.35
N GLN I 418 -4.63 56.47 -39.23
CA GLN I 418 -5.47 56.30 -40.41
C GLN I 418 -5.26 57.44 -41.39
N GLN I 419 -5.13 58.66 -40.89
CA GLN I 419 -4.90 59.82 -41.74
C GLN I 419 -3.42 60.01 -42.11
N GLY I 420 -2.53 59.23 -41.51
CA GLY I 420 -1.11 59.36 -41.81
C GLY I 420 -0.52 60.63 -41.25
N VAL I 421 -0.67 60.84 -39.94
CA VAL I 421 -0.15 62.02 -39.25
C VAL I 421 0.65 61.55 -38.04
N ASP I 422 1.87 62.05 -37.90
CA ASP I 422 2.70 61.68 -36.75
C ASP I 422 1.93 61.92 -35.45
N LEU I 423 2.09 60.98 -34.51
CA LEU I 423 1.33 61.06 -33.26
C LEU I 423 1.64 62.36 -32.53
N LEU I 424 2.92 62.74 -32.44
CA LEU I 424 3.27 63.96 -31.72
C LEU I 424 2.65 65.19 -32.38
N ASP I 425 2.71 65.27 -33.71
CA ASP I 425 2.07 66.38 -34.41
C ASP I 425 0.58 66.41 -34.13
N TYR I 426 -0.07 65.24 -34.11
CA TYR I 426 -1.50 65.19 -33.84
C TYR I 426 -1.81 65.57 -32.40
N ALA I 427 -0.89 65.30 -31.48
CA ALA I 427 -1.15 65.56 -30.07
C ALA I 427 -1.23 67.06 -29.77
N LYS I 428 -0.55 67.89 -30.57
CA LYS I 428 -0.51 69.32 -30.29
C LYS I 428 -1.91 69.92 -30.25
N GLU I 429 -2.74 69.60 -31.24
CA GLU I 429 -4.08 70.15 -31.33
C GLU I 429 -5.13 69.24 -30.67
N HIS I 430 -4.72 68.36 -29.76
CA HIS I 430 -5.64 67.45 -29.09
C HIS I 430 -5.14 67.21 -27.67
N PRO I 431 -5.74 67.88 -26.68
CA PRO I 431 -5.23 67.73 -25.31
C PRO I 431 -5.21 66.30 -24.80
N GLU I 432 -6.28 65.54 -25.04
CA GLU I 432 -6.37 64.19 -24.50
C GLU I 432 -5.19 63.34 -24.96
N LEU I 433 -4.87 63.38 -26.25
CA LEU I 433 -3.72 62.62 -26.74
C LEU I 433 -2.42 63.14 -26.14
N ALA I 434 -2.31 64.46 -25.98
CA ALA I 434 -1.13 65.02 -25.33
C ALA I 434 -0.97 64.50 -23.92
N GLY I 435 -2.09 64.26 -23.22
CA GLY I 435 -2.01 63.78 -21.85
C GLY I 435 -1.46 62.37 -21.74
N ALA I 436 -1.73 61.52 -22.75
CA ALA I 436 -1.20 60.16 -22.71
C ALA I 436 0.32 60.15 -22.69
N PHE I 437 0.95 61.12 -23.34
CA PHE I 437 2.41 61.21 -23.30
C PHE I 437 2.90 61.39 -21.88
N GLU I 438 2.29 62.32 -21.13
CA GLU I 438 2.66 62.52 -19.74
C GLU I 438 2.17 61.39 -18.84
N SER I 439 1.23 60.57 -19.32
CA SER I 439 0.71 59.48 -18.50
C SER I 439 1.67 58.30 -18.45
N PHE I 440 2.36 58.03 -19.55
CA PHE I 440 3.30 56.92 -19.66
C PHE I 440 4.61 57.42 -20.24
N PRO I 441 5.32 58.27 -19.50
CA PRO I 441 6.59 58.83 -20.04
C PRO I 441 7.58 57.76 -20.45
N LYS I 442 7.61 56.62 -19.77
CA LYS I 442 8.54 55.56 -20.14
C LYS I 442 8.32 55.12 -21.58
N ASP I 443 7.05 55.00 -22.00
CA ASP I 443 6.76 54.64 -23.39
C ASP I 443 7.01 55.83 -24.31
N ALA I 444 6.63 57.04 -23.88
CA ALA I 444 6.83 58.22 -24.71
C ALA I 444 8.31 58.48 -24.97
N ASP I 445 9.16 58.19 -23.99
CA ASP I 445 10.59 58.42 -24.18
C ASP I 445 11.18 57.47 -25.22
N ALA I 446 10.63 56.27 -25.35
CA ALA I 446 11.15 55.27 -26.27
C ALA I 446 10.59 55.43 -27.68
N LEU I 447 9.32 55.82 -27.79
CA LEU I 447 8.66 55.92 -29.09
C LEU I 447 8.73 57.32 -29.68
N TYR I 448 8.63 58.35 -28.86
CA TYR I 448 8.73 59.74 -29.28
C TYR I 448 9.62 60.47 -28.31
N PRO I 449 10.94 60.28 -28.41
CA PRO I 449 11.85 60.86 -27.41
C PRO I 449 11.80 62.38 -27.33
N ASN I 450 11.32 63.05 -28.37
CA ASN I 450 11.25 64.51 -28.40
C ASN I 450 9.86 65.02 -28.04
N TRP I 451 9.13 64.31 -27.18
CA TRP I 451 7.75 64.69 -26.88
C TRP I 451 7.68 65.83 -25.87
N ARG I 452 8.62 65.91 -24.93
CA ARG I 452 8.60 66.98 -23.95
C ARG I 452 8.74 68.34 -24.64
N GLU I 453 9.53 68.41 -25.70
CA GLU I 453 9.71 69.65 -26.44
C GLU I 453 8.70 69.75 -27.58
N ASP J 2 7.50 48.20 -10.05
CA ASP J 2 7.55 47.13 -9.06
C ASP J 2 6.32 47.19 -8.16
N GLN J 3 5.62 46.06 -8.05
CA GLN J 3 4.36 45.98 -7.30
C GLN J 3 4.48 45.01 -6.13
N SER J 4 5.69 44.85 -5.59
CA SER J 4 5.91 43.89 -4.52
C SER J 4 5.41 44.36 -3.16
N ASN J 5 5.23 45.66 -2.97
CA ASN J 5 4.71 46.16 -1.71
C ASN J 5 3.23 45.85 -1.54
N ARG J 6 2.50 45.68 -2.64
CA ARG J 6 1.07 45.42 -2.62
C ARG J 6 0.73 43.93 -2.70
N TYR J 7 1.33 43.22 -3.63
CA TYR J 7 0.93 41.84 -3.93
C TYR J 7 1.86 40.80 -3.33
N ALA J 8 2.77 41.20 -2.45
CA ALA J 8 3.69 40.26 -1.82
C ALA J 8 3.80 40.57 -0.33
N ASN J 9 3.59 39.54 0.50
CA ASN J 9 3.69 39.68 1.95
C ASN J 9 4.27 38.37 2.49
N LEU J 10 5.60 38.26 2.43
CA LEU J 10 6.28 37.03 2.83
C LEU J 10 6.22 36.77 4.34
N SER J 11 5.74 37.72 5.13
CA SER J 11 5.63 37.52 6.56
C SER J 11 4.45 36.63 6.94
N LEU J 12 3.56 36.33 6.01
CA LEU J 12 2.43 35.45 6.30
C LEU J 12 2.92 34.01 6.44
N ARG J 13 2.33 33.29 7.39
CA ARG J 13 2.70 31.90 7.66
C ARG J 13 1.70 30.99 6.95
N GLU J 14 2.24 30.00 6.22
CA GLU J 14 1.36 29.06 5.53
C GLU J 14 0.39 28.39 6.48
N GLU J 15 0.88 27.98 7.65
CA GLU J 15 0.01 27.33 8.63
C GLU J 15 -1.12 28.24 9.07
N ASP J 16 -0.96 29.56 8.93
CA ASP J 16 -2.02 30.48 9.33
C ASP J 16 -3.05 30.66 8.22
N LEU J 17 -2.60 30.74 6.97
CA LEU J 17 -3.55 30.88 5.86
C LEU J 17 -4.42 29.64 5.73
N ILE J 18 -3.85 28.46 5.98
CA ILE J 18 -4.65 27.23 5.95
C ILE J 18 -5.65 27.23 7.10
N ALA J 19 -5.18 27.50 8.32
CA ALA J 19 -6.08 27.54 9.46
C ALA J 19 -7.17 28.59 9.28
N GLY J 20 -6.86 29.68 8.59
CA GLY J 20 -7.86 30.70 8.34
C GLY J 20 -9.00 30.20 7.49
N GLY J 21 -8.69 29.39 6.48
CA GLY J 21 -9.70 28.79 5.65
C GLY J 21 -10.38 29.73 4.67
N LYS J 22 -9.71 30.82 4.28
CA LYS J 22 -10.30 31.80 3.39
C LYS J 22 -9.40 32.09 2.20
N HIS J 23 -8.41 31.23 1.94
CA HIS J 23 -7.50 31.42 0.82
C HIS J 23 -7.28 30.10 0.09
N VAL J 24 -7.30 30.16 -1.22
CA VAL J 24 -6.89 29.05 -2.07
C VAL J 24 -5.40 29.19 -2.34
N LEU J 25 -4.62 28.22 -1.85
CA LEU J 25 -3.17 28.28 -1.98
C LEU J 25 -2.74 27.53 -3.22
N CYS J 26 -1.83 28.14 -4.00
CA CYS J 26 -1.27 27.53 -5.20
C CYS J 26 0.25 27.59 -5.12
N ALA J 27 0.89 26.45 -5.34
CA ALA J 27 2.34 26.35 -5.36
C ALA J 27 2.82 26.29 -6.80
N TYR J 28 3.57 27.29 -7.23
CA TYR J 28 4.09 27.37 -8.59
C TYR J 28 5.60 27.11 -8.59
N ILE J 29 6.07 26.52 -9.69
CA ILE J 29 7.49 26.48 -10.02
C ILE J 29 7.67 27.47 -11.16
N MET J 30 8.22 28.64 -10.86
CA MET J 30 8.25 29.76 -11.79
C MET J 30 9.66 30.31 -11.93
N LYS J 31 10.01 30.72 -13.15
CA LYS J 31 11.28 31.36 -13.43
C LYS J 31 11.00 32.66 -14.18
N PRO J 32 11.50 33.80 -13.70
CA PRO J 32 11.33 35.05 -14.46
C PRO J 32 12.23 35.06 -15.68
N LYS J 33 11.93 35.99 -16.59
CA LYS J 33 12.77 36.17 -17.76
C LYS J 33 14.06 36.89 -17.38
N ALA J 34 15.00 36.91 -18.32
CA ALA J 34 16.30 37.51 -18.07
C ALA J 34 16.14 39.00 -17.78
N GLY J 35 16.69 39.43 -16.65
CA GLY J 35 16.67 40.83 -16.27
C GLY J 35 15.48 41.26 -15.45
N TYR J 36 14.77 40.32 -14.83
CA TYR J 36 13.61 40.63 -14.00
C TYR J 36 13.80 39.99 -12.64
N GLY J 37 13.69 40.80 -11.59
CA GLY J 37 13.78 40.27 -10.24
C GLY J 37 12.73 39.22 -9.97
N TYR J 38 13.03 38.35 -9.01
CA TYR J 38 12.12 37.25 -8.69
C TYR J 38 10.88 37.76 -7.97
N LEU J 39 11.06 38.43 -6.82
CA LEU J 39 9.92 38.87 -6.04
C LEU J 39 9.05 39.84 -6.82
N GLU J 40 9.66 40.80 -7.51
CA GLU J 40 8.89 41.72 -8.34
C GLU J 40 8.09 40.97 -9.38
N SER J 41 8.71 40.01 -10.06
CA SER J 41 8.00 39.22 -11.06
C SER J 41 6.88 38.40 -10.42
N ALA J 42 7.17 37.78 -9.28
CA ALA J 42 6.14 37.01 -8.58
C ALA J 42 4.98 37.89 -8.17
N ALA J 43 5.26 39.13 -7.75
CA ALA J 43 4.20 40.05 -7.37
C ALA J 43 3.37 40.45 -8.60
N HIS J 44 4.04 40.73 -9.72
CA HIS J 44 3.30 40.99 -10.96
C HIS J 44 2.47 39.79 -11.36
N PHE J 45 3.02 38.58 -11.19
CA PHE J 45 2.27 37.37 -11.46
C PHE J 45 1.00 37.32 -10.61
N ALA J 46 1.12 37.61 -9.32
CA ALA J 46 -0.06 37.59 -8.46
C ALA J 46 -1.04 38.71 -8.82
N ALA J 47 -0.54 39.84 -9.32
CA ALA J 47 -1.42 40.92 -9.72
C ALA J 47 -2.22 40.56 -10.97
N GLU J 48 -1.52 40.08 -12.01
CA GLU J 48 -2.21 39.66 -13.23
C GLU J 48 -3.11 38.47 -13.01
N SER J 49 -3.04 37.82 -11.84
CA SER J 49 -3.89 36.69 -11.52
C SER J 49 -5.01 37.04 -10.56
N SER J 50 -5.23 38.33 -10.31
CA SER J 50 -6.24 38.74 -9.34
C SER J 50 -6.88 40.07 -9.69
N THR J 51 -6.23 41.19 -9.32
CA THR J 51 -6.86 42.49 -9.36
C THR J 51 -6.13 43.54 -10.17
N GLY J 52 -4.86 43.31 -10.55
CA GLY J 52 -4.01 44.35 -11.06
C GLY J 52 -3.65 44.17 -12.53
N THR J 53 -2.99 45.19 -13.06
CA THR J 53 -2.43 45.16 -14.41
C THR J 53 -0.97 45.60 -14.30
N ASN J 54 -0.39 46.03 -15.42
CA ASN J 54 1.03 46.39 -15.46
C ASN J 54 1.28 47.88 -15.22
N VAL J 55 0.25 48.63 -14.83
CA VAL J 55 0.40 50.05 -14.51
C VAL J 55 -0.60 50.42 -13.42
N GLU J 56 -0.59 51.67 -12.99
CA GLU J 56 -1.55 52.16 -12.01
C GLU J 56 -2.78 52.70 -12.72
N VAL J 57 -3.95 52.35 -12.18
CA VAL J 57 -5.23 52.81 -12.72
C VAL J 57 -5.95 53.61 -11.65
N CYS J 58 -6.72 54.62 -12.09
CA CYS J 58 -7.36 55.55 -11.17
C CYS J 58 -8.57 54.95 -10.47
N THR J 59 -9.09 53.81 -10.93
CA THR J 59 -10.29 53.23 -10.34
C THR J 59 -10.00 52.38 -9.12
N THR J 60 -8.74 52.06 -8.84
CA THR J 60 -8.42 51.24 -7.68
C THR J 60 -8.86 51.93 -6.39
N ASP J 61 -9.29 51.12 -5.42
CA ASP J 61 -9.72 51.61 -4.12
C ASP J 61 -9.27 50.63 -3.05
N ASP J 62 -9.55 50.98 -1.79
CA ASP J 62 -9.12 50.14 -0.68
C ASP J 62 -9.80 48.77 -0.71
N PHE J 63 -11.06 48.71 -1.16
CA PHE J 63 -11.75 47.44 -1.24
C PHE J 63 -11.03 46.48 -2.19
N THR J 64 -10.51 47.01 -3.30
CA THR J 64 -9.81 46.16 -4.26
C THR J 64 -8.58 45.51 -3.63
N ARG J 65 -7.83 46.27 -2.85
CA ARG J 65 -6.61 45.73 -2.25
C ARG J 65 -6.89 44.60 -1.27
N GLY J 66 -8.11 44.55 -0.72
CA GLY J 66 -8.44 43.48 0.21
C GLY J 66 -8.54 42.12 -0.41
N VAL J 67 -8.80 42.04 -1.73
CA VAL J 67 -8.97 40.77 -2.41
C VAL J 67 -7.79 40.46 -3.33
N ASP J 68 -6.65 41.13 -3.12
CA ASP J 68 -5.47 40.86 -3.92
C ASP J 68 -4.91 39.48 -3.59
N ALA J 69 -4.42 38.78 -4.62
CA ALA J 69 -3.64 37.57 -4.39
C ALA J 69 -2.26 37.95 -3.88
N LEU J 70 -1.80 37.26 -2.85
CA LEU J 70 -0.56 37.61 -2.16
C LEU J 70 0.47 36.50 -2.32
N VAL J 71 1.68 36.89 -2.70
CA VAL J 71 2.83 35.99 -2.69
C VAL J 71 3.33 35.90 -1.25
N TYR J 72 3.16 34.74 -0.63
CA TYR J 72 3.51 34.57 0.78
C TYR J 72 4.75 33.72 1.02
N GLU J 73 5.30 33.10 -0.03
CA GLU J 73 6.50 32.29 0.13
C GLU J 73 7.22 32.23 -1.20
N ILE J 74 8.56 32.29 -1.15
CA ILE J 74 9.37 32.25 -2.36
C ILE J 74 10.69 31.57 -2.04
N ASP J 75 11.30 30.99 -3.07
CA ASP J 75 12.62 30.34 -2.96
C ASP J 75 13.27 30.47 -4.34
N GLU J 76 13.91 31.61 -4.57
CA GLU J 76 14.50 31.87 -5.89
C GLU J 76 15.48 30.78 -6.30
N ALA J 77 16.19 30.19 -5.33
CA ALA J 77 17.15 29.15 -5.66
C ALA J 77 16.48 27.91 -6.24
N ASN J 78 15.24 27.62 -5.83
CA ASN J 78 14.50 26.48 -6.33
C ASN J 78 13.32 26.89 -7.22
N GLU J 79 13.24 28.17 -7.60
CA GLU J 79 12.20 28.65 -8.51
C GLU J 79 10.81 28.37 -7.97
N LEU J 80 10.65 28.50 -6.66
CA LEU J 80 9.38 28.23 -6.00
C LEU J 80 8.60 29.52 -5.77
N MET J 81 7.30 29.45 -5.94
CA MET J 81 6.40 30.59 -5.77
C MET J 81 5.07 30.08 -5.23
N LYS J 82 4.62 30.64 -4.12
CA LYS J 82 3.35 30.28 -3.51
C LYS J 82 2.48 31.53 -3.38
N ILE J 83 1.24 31.42 -3.87
CA ILE J 83 0.30 32.53 -3.89
C ILE J 83 -0.97 32.11 -3.15
N ALA J 84 -1.56 33.06 -2.42
CA ALA J 84 -2.80 32.83 -1.67
C ALA J 84 -3.90 33.68 -2.30
N TYR J 85 -4.94 33.02 -2.81
CA TYR J 85 -6.03 33.70 -3.50
C TYR J 85 -7.22 33.83 -2.58
N PRO J 86 -7.65 35.04 -2.21
CA PRO J 86 -8.88 35.17 -1.42
C PRO J 86 -10.05 34.48 -2.12
N VAL J 87 -10.84 33.74 -1.34
CA VAL J 87 -11.91 32.94 -1.90
C VAL J 87 -12.95 33.82 -2.58
N ASP J 88 -13.12 35.06 -2.13
CA ASP J 88 -14.12 35.94 -2.71
C ASP J 88 -13.83 36.30 -4.16
N LEU J 89 -12.62 36.02 -4.66
CA LEU J 89 -12.28 36.39 -6.02
C LEU J 89 -13.01 35.53 -7.04
N PHE J 90 -13.40 34.33 -6.67
CA PHE J 90 -13.84 33.32 -7.63
C PHE J 90 -15.32 33.46 -7.95
N ASP J 91 -15.66 33.20 -9.21
CA ASP J 91 -17.01 33.38 -9.72
C ASP J 91 -17.96 32.36 -9.10
N ARG J 92 -19.24 32.73 -9.06
CA ARG J 92 -20.27 31.89 -8.49
C ARG J 92 -21.48 31.88 -9.41
N ASN J 93 -22.18 30.75 -9.45
CA ASN J 93 -23.34 30.63 -10.33
C ASN J 93 -24.49 31.50 -9.84
N ILE J 94 -25.25 32.07 -10.79
CA ILE J 94 -26.44 32.82 -10.42
C ILE J 94 -27.64 31.92 -10.23
N ILE J 95 -27.62 30.68 -10.77
CA ILE J 95 -28.77 29.80 -10.65
C ILE J 95 -28.77 29.04 -9.33
N ASP J 96 -27.58 28.73 -8.80
CA ASP J 96 -27.52 27.94 -7.56
C ASP J 96 -26.37 28.34 -6.65
N GLY J 97 -25.64 29.40 -6.95
CA GLY J 97 -24.60 29.86 -6.07
C GLY J 97 -23.40 28.96 -5.93
N ARG J 98 -23.31 27.90 -6.72
CA ARG J 98 -22.18 26.99 -6.64
C ARG J 98 -20.96 27.58 -7.36
N ALA J 99 -19.80 27.01 -7.06
CA ALA J 99 -18.55 27.45 -7.67
C ALA J 99 -18.34 26.78 -9.02
N MET J 100 -17.40 27.32 -9.79
CA MET J 100 -17.09 26.83 -11.12
C MET J 100 -15.59 26.70 -11.28
N LEU J 101 -15.15 25.58 -11.88
CA LEU J 101 -13.71 25.37 -12.07
C LEU J 101 -13.14 26.35 -13.09
N ALA J 102 -13.96 26.83 -14.03
CA ALA J 102 -13.46 27.73 -15.05
C ALA J 102 -12.93 29.02 -14.43
N SER J 103 -13.60 29.52 -13.40
CA SER J 103 -13.12 30.73 -12.73
C SER J 103 -11.75 30.52 -12.12
N PHE J 104 -11.54 29.37 -11.46
CA PHE J 104 -10.25 29.09 -10.85
C PHE J 104 -9.15 29.07 -11.90
N LEU J 105 -9.33 28.30 -12.97
CA LEU J 105 -8.32 28.24 -14.01
C LEU J 105 -8.05 29.62 -14.60
N THR J 106 -9.11 30.41 -14.81
CA THR J 106 -8.95 31.73 -15.42
C THR J 106 -8.01 32.59 -14.58
N LEU J 107 -8.10 32.50 -13.26
CA LEU J 107 -7.30 33.31 -12.38
C LEU J 107 -5.94 32.68 -12.08
N ALA J 108 -5.93 31.42 -11.66
CA ALA J 108 -4.71 30.78 -11.19
C ALA J 108 -3.78 30.35 -12.32
N ILE J 109 -4.29 30.17 -13.53
CA ILE J 109 -3.46 29.70 -14.63
C ILE J 109 -3.99 30.22 -15.95
N GLY J 110 -4.43 31.48 -15.96
CA GLY J 110 -4.97 32.08 -17.16
C GLY J 110 -4.01 33.03 -17.85
N ASN J 111 -4.31 34.32 -17.78
CA ASN J 111 -3.49 35.31 -18.47
C ASN J 111 -2.03 35.24 -18.03
N ASN J 112 -1.77 34.78 -16.81
CA ASN J 112 -0.40 34.75 -16.31
C ASN J 112 0.50 33.85 -17.14
N GLN J 113 -0.08 32.97 -17.97
CA GLN J 113 0.71 32.09 -18.81
C GLN J 113 1.25 32.77 -20.06
N GLY J 114 0.95 34.05 -20.26
CA GLY J 114 1.43 34.76 -21.43
C GLY J 114 2.16 36.04 -21.12
N MET J 115 2.53 36.23 -19.86
CA MET J 115 3.25 37.44 -19.48
C MET J 115 4.65 37.44 -20.08
N GLY J 116 5.08 38.62 -20.56
CA GLY J 116 6.37 38.73 -21.23
C GLY J 116 7.54 38.70 -20.29
N ASP J 117 7.35 39.04 -19.02
CA ASP J 117 8.43 39.06 -18.04
C ASP J 117 8.61 37.73 -17.32
N ILE J 118 7.76 36.75 -17.59
CA ILE J 118 7.85 35.42 -16.98
C ILE J 118 8.24 34.43 -18.06
N GLU J 119 9.26 33.62 -17.76
CA GLU J 119 9.69 32.61 -18.72
C GLU J 119 8.76 31.39 -18.71
N TYR J 120 8.32 30.97 -17.53
CA TYR J 120 7.38 29.86 -17.39
C TYR J 120 6.92 29.79 -15.95
N ALA J 121 5.74 29.20 -15.76
CA ALA J 121 5.18 29.01 -14.43
C ALA J 121 4.20 27.84 -14.49
N LYS J 122 4.31 26.91 -13.55
CA LYS J 122 3.51 25.70 -13.54
C LYS J 122 3.04 25.40 -12.13
N ILE J 123 1.76 25.04 -12.00
CA ILE J 123 1.20 24.68 -10.72
C ILE J 123 1.53 23.23 -10.42
N HIS J 124 2.12 22.98 -9.26
CA HIS J 124 2.42 21.63 -8.80
C HIS J 124 1.53 21.17 -7.66
N ASP J 125 0.85 22.09 -6.98
CA ASP J 125 -0.11 21.72 -5.93
C ASP J 125 -1.05 22.89 -5.71
N VAL J 126 -2.19 22.59 -5.10
CA VAL J 126 -3.19 23.60 -4.79
C VAL J 126 -4.01 23.11 -3.61
N TYR J 127 -4.18 23.96 -2.60
CA TYR J 127 -5.00 23.64 -1.45
C TYR J 127 -6.34 24.35 -1.55
N PHE J 128 -7.42 23.61 -1.33
CA PHE J 128 -8.77 24.16 -1.33
C PHE J 128 -9.30 24.19 0.10
N PRO J 129 -9.71 25.34 0.63
CA PRO J 129 -10.26 25.36 2.00
C PRO J 129 -11.68 24.79 2.01
N PRO J 130 -12.19 24.42 3.18
CA PRO J 130 -13.53 23.80 3.21
C PRO J 130 -14.61 24.70 2.64
N CYS J 131 -14.56 26.01 2.89
CA CYS J 131 -15.63 26.88 2.42
C CYS J 131 -15.67 26.97 0.89
N TYR J 132 -14.52 26.77 0.24
CA TYR J 132 -14.47 26.77 -1.22
C TYR J 132 -14.76 25.39 -1.80
N LEU J 133 -14.02 24.37 -1.34
CA LEU J 133 -14.25 23.01 -1.82
C LEU J 133 -15.70 22.59 -1.63
N ARG J 134 -16.35 23.05 -0.56
CA ARG J 134 -17.71 22.65 -0.25
C ARG J 134 -18.70 23.10 -1.31
N LEU J 135 -18.33 24.06 -2.15
CA LEU J 135 -19.25 24.63 -3.14
C LEU J 135 -19.17 23.93 -4.50
N PHE J 136 -18.32 22.92 -4.64
CA PHE J 136 -18.20 22.20 -5.90
C PHE J 136 -19.10 20.97 -5.91
N ASP J 137 -19.40 20.49 -7.11
CA ASP J 137 -20.33 19.38 -7.26
C ASP J 137 -19.79 18.12 -6.60
N GLY J 138 -18.56 17.73 -6.94
CA GLY J 138 -17.98 16.52 -6.42
C GLY J 138 -18.55 15.30 -7.10
N PRO J 139 -17.85 14.17 -7.02
CA PRO J 139 -18.35 12.96 -7.69
C PRO J 139 -19.67 12.51 -7.09
N ALA J 140 -20.58 12.08 -7.98
CA ALA J 140 -21.84 11.50 -7.56
C ALA J 140 -21.82 9.97 -7.58
N MET J 141 -20.88 9.37 -8.31
CA MET J 141 -20.78 7.92 -8.37
C MET J 141 -19.32 7.50 -8.27
N ASN J 142 -19.11 6.22 -8.01
CA ASN J 142 -17.81 5.67 -7.70
C ASN J 142 -17.67 4.29 -8.36
N ILE J 143 -16.52 3.67 -8.18
CA ILE J 143 -16.37 2.27 -8.54
C ILE J 143 -17.22 1.38 -7.63
N VAL J 144 -17.61 1.89 -6.45
CA VAL J 144 -18.52 1.15 -5.59
C VAL J 144 -19.82 0.84 -6.34
N ASP J 145 -20.29 1.78 -7.17
CA ASP J 145 -21.49 1.54 -7.96
C ASP J 145 -21.27 0.44 -8.99
N MET J 146 -20.01 0.26 -9.44
CA MET J 146 -19.71 -0.86 -10.32
C MET J 146 -19.61 -2.16 -9.54
N TRP J 147 -19.02 -2.12 -8.34
CA TRP J 147 -18.98 -3.29 -7.49
C TRP J 147 -20.39 -3.75 -7.13
N ARG J 148 -21.31 -2.80 -6.90
CA ARG J 148 -22.68 -3.16 -6.56
C ARG J 148 -23.36 -3.85 -7.73
N VAL J 149 -23.22 -3.31 -8.94
CA VAL J 149 -23.82 -3.95 -10.11
C VAL J 149 -23.20 -5.32 -10.35
N LEU J 150 -21.88 -5.41 -10.25
CA LEU J 150 -21.20 -6.68 -10.43
C LEU J 150 -21.40 -7.65 -9.26
N GLU J 151 -22.15 -7.25 -8.24
CA GLU J 151 -22.43 -8.12 -7.10
C GLU J 151 -21.15 -8.51 -6.37
N ARG J 152 -20.24 -7.56 -6.25
CA ARG J 152 -18.97 -7.73 -5.56
C ARG J 152 -18.97 -6.95 -4.26
N PRO J 153 -18.03 -7.25 -3.36
CA PRO J 153 -17.95 -6.49 -2.11
C PRO J 153 -17.76 -5.00 -2.39
N LEU J 154 -18.54 -4.18 -1.68
CA LEU J 154 -18.48 -2.73 -1.86
C LEU J 154 -17.27 -2.11 -1.20
N VAL J 155 -16.50 -2.87 -0.44
CA VAL J 155 -15.20 -2.45 0.08
C VAL J 155 -14.17 -3.47 -0.39
N ASP J 156 -13.08 -2.99 -0.97
CA ASP J 156 -12.04 -3.86 -1.52
C ASP J 156 -12.63 -4.85 -2.52
N GLY J 157 -13.50 -4.35 -3.39
CA GLY J 157 -14.12 -5.17 -4.42
C GLY J 157 -13.16 -5.66 -5.48
N GLY J 158 -11.96 -5.11 -5.56
CA GLY J 158 -10.96 -5.57 -6.50
C GLY J 158 -11.04 -4.88 -7.84
N MET J 159 -10.24 -5.41 -8.76
CA MET J 159 -10.16 -4.84 -10.10
C MET J 159 -11.46 -5.03 -10.87
N VAL J 160 -11.78 -4.04 -11.69
CA VAL J 160 -12.82 -4.16 -12.71
C VAL J 160 -12.11 -4.49 -14.02
N VAL J 161 -12.28 -5.72 -14.49
CA VAL J 161 -11.55 -6.20 -15.67
C VAL J 161 -12.18 -5.54 -16.90
N GLY J 162 -11.43 -4.67 -17.56
CA GLY J 162 -11.94 -3.92 -18.70
C GLY J 162 -10.93 -3.89 -19.83
N THR J 163 -11.36 -3.26 -20.93
CA THR J 163 -10.52 -3.08 -22.10
C THR J 163 -10.97 -1.85 -22.86
N ILE J 164 -10.29 -1.57 -23.96
CA ILE J 164 -10.69 -0.55 -24.92
C ILE J 164 -10.87 -1.25 -26.27
N ILE J 165 -11.99 -0.96 -26.92
CA ILE J 165 -12.27 -1.59 -28.22
C ILE J 165 -11.27 -1.04 -29.23
N LYS J 166 -10.33 -1.89 -29.67
CA LYS J 166 -9.39 -1.56 -30.74
C LYS J 166 -9.80 -2.28 -32.01
N PRO J 167 -9.45 -1.75 -33.20
CA PRO J 167 -8.79 -0.48 -33.53
C PRO J 167 -9.40 0.75 -32.91
N LYS J 168 -8.58 1.78 -32.67
CA LYS J 168 -9.09 3.04 -32.14
C LYS J 168 -10.24 3.54 -32.99
N LEU J 169 -10.10 3.45 -34.31
CA LEU J 169 -11.17 3.77 -35.24
C LEU J 169 -11.04 2.86 -36.43
N GLY J 170 -12.15 2.65 -37.15
CA GLY J 170 -12.19 1.84 -38.35
C GLY J 170 -13.12 0.65 -38.26
N LEU J 171 -13.41 0.15 -37.07
CA LEU J 171 -14.32 -0.97 -36.92
C LEU J 171 -15.74 -0.53 -37.25
N ARG J 172 -16.41 -1.27 -38.12
CA ARG J 172 -17.79 -0.99 -38.48
C ARG J 172 -18.72 -1.59 -37.44
N PRO J 173 -20.01 -1.24 -37.48
CA PRO J 173 -20.91 -1.67 -36.40
C PRO J 173 -20.89 -3.18 -36.14
N GLU J 174 -21.04 -3.99 -37.18
CA GLU J 174 -21.11 -5.43 -36.97
C GLU J 174 -19.84 -5.98 -36.34
N PRO J 175 -18.65 -5.78 -36.91
CA PRO J 175 -17.44 -6.27 -36.23
C PRO J 175 -17.21 -5.64 -34.87
N PHE J 176 -17.61 -4.37 -34.69
CA PHE J 176 -17.45 -3.72 -33.40
C PHE J 176 -18.24 -4.45 -32.32
N ALA J 177 -19.51 -4.75 -32.58
CA ALA J 177 -20.34 -5.42 -31.59
C ALA J 177 -19.87 -6.84 -31.34
N ALA J 178 -19.35 -7.51 -32.37
CA ALA J 178 -18.82 -8.86 -32.18
C ALA J 178 -17.62 -8.85 -31.26
N ALA J 179 -16.78 -7.81 -31.36
CA ALA J 179 -15.64 -7.70 -30.46
C ALA J 179 -16.10 -7.50 -29.02
N CYS J 180 -17.07 -6.61 -28.80
CA CYS J 180 -17.60 -6.39 -27.46
C CYS J 180 -18.09 -7.70 -26.86
N TYR J 181 -18.81 -8.50 -27.64
CA TYR J 181 -19.33 -9.76 -27.13
C TYR J 181 -18.21 -10.70 -26.72
N GLN J 182 -17.12 -10.72 -27.50
CA GLN J 182 -16.02 -11.63 -27.19
C GLN J 182 -15.36 -11.26 -25.87
N PHE J 183 -15.03 -9.98 -25.68
CA PHE J 183 -14.37 -9.59 -24.44
C PHE J 183 -15.27 -9.81 -23.24
N TRP J 184 -16.55 -9.46 -23.37
CA TRP J 184 -17.46 -9.59 -22.23
C TRP J 184 -17.61 -11.04 -21.79
N LEU J 185 -17.25 -12.02 -22.64
CA LEU J 185 -17.31 -13.41 -22.22
C LEU J 185 -16.31 -13.71 -21.10
N GLY J 186 -15.25 -12.91 -20.98
CA GLY J 186 -14.26 -13.12 -19.95
C GLY J 186 -13.89 -11.85 -19.21
N GLY J 187 -14.57 -10.75 -19.53
CA GLY J 187 -14.29 -9.47 -18.92
C GLY J 187 -15.57 -8.78 -18.45
N ASP J 188 -15.38 -7.65 -17.78
CA ASP J 188 -16.48 -6.91 -17.16
C ASP J 188 -16.82 -5.61 -17.90
N PHE J 189 -15.82 -4.82 -18.23
CA PHE J 189 -16.00 -3.42 -18.60
C PHE J 189 -15.42 -3.15 -19.97
N ILE J 190 -16.16 -2.40 -20.78
CA ILE J 190 -15.68 -1.99 -22.08
C ILE J 190 -15.89 -0.48 -22.23
N KCX J 191 -14.92 0.19 -22.84
CA KCX J 191 -15.06 1.62 -23.07
CB KCX J 191 -14.09 2.41 -22.18
CG KCX J 191 -12.64 2.19 -22.60
CD KCX J 191 -11.70 2.96 -21.64
CE KCX J 191 -11.74 4.46 -21.93
NZ KCX J 191 -11.36 4.73 -23.31
C KCX J 191 -14.79 1.95 -24.54
O KCX J 191 -13.88 1.34 -25.17
CX KCX J 191 -9.97 4.91 -23.66
OQ1 KCX J 191 -9.65 5.10 -24.87
OQ2 KCX J 191 -9.08 4.89 -22.77
HA KCX J 191 -15.96 1.88 -22.85
HB2 KCX J 191 -14.20 2.12 -21.27
HB3 KCX J 191 -14.30 3.35 -22.25
HG2 KCX J 191 -12.51 2.53 -23.50
HG3 KCX J 191 -12.43 1.25 -22.56
HD2 KCX J 191 -10.79 2.64 -21.75
HD3 KCX J 191 -11.99 2.80 -20.72
HE2 KCX J 191 -11.14 4.92 -21.33
HE3 KCX J 191 -12.65 4.78 -21.78
HZ KCX J 191 -11.96 4.78 -23.92
N ASN J 192 -15.57 2.87 -25.10
CA ASN J 192 -15.26 3.46 -26.39
C ASN J 192 -13.84 4.02 -26.30
N ASP J 193 -13.01 3.75 -27.30
CA ASP J 193 -11.78 4.51 -27.43
C ASP J 193 -12.13 5.99 -27.55
N GLU J 194 -11.25 6.85 -27.06
CA GLU J 194 -11.61 8.23 -26.82
C GLU J 194 -12.20 8.96 -28.03
N PRO J 195 -11.86 8.59 -29.28
CA PRO J 195 -12.47 9.32 -30.40
C PRO J 195 -13.70 8.64 -30.98
N GLN J 196 -13.92 7.37 -30.65
CA GLN J 196 -15.06 6.65 -31.21
C GLN J 196 -16.36 7.34 -30.85
N GLY J 197 -17.22 7.55 -31.85
CA GLY J 197 -18.49 8.22 -31.64
C GLY J 197 -19.50 7.96 -32.74
N ASN J 198 -19.62 8.89 -33.67
CA ASN J 198 -20.61 8.82 -34.74
C ASN J 198 -19.96 9.02 -36.10
N GLN J 199 -18.82 8.36 -36.32
CA GLN J 199 -18.18 8.39 -37.63
C GLN J 199 -19.15 7.83 -38.69
N VAL J 200 -19.02 8.34 -39.91
CA VAL J 200 -19.96 7.96 -40.97
C VAL J 200 -19.91 6.46 -41.23
N PHE J 201 -18.78 5.81 -40.95
CA PHE J 201 -18.68 4.37 -41.18
C PHE J 201 -19.20 3.54 -40.01
N ALA J 202 -19.50 4.18 -38.87
CA ALA J 202 -20.05 3.48 -37.71
C ALA J 202 -20.98 4.43 -36.96
N PRO J 203 -22.14 4.73 -37.55
CA PRO J 203 -23.05 5.70 -36.92
C PRO J 203 -23.50 5.25 -35.54
N LEU J 204 -23.58 6.21 -34.63
CA LEU J 204 -23.96 5.92 -33.25
C LEU J 204 -25.31 5.24 -33.18
N ARG J 205 -26.29 5.74 -33.93
CA ARG J 205 -27.63 5.18 -33.86
C ARG J 205 -27.66 3.73 -34.30
N THR J 206 -26.69 3.29 -35.10
CA THR J 206 -26.65 1.92 -35.59
C THR J 206 -25.84 1.00 -34.69
N ILE J 207 -24.78 1.52 -34.05
CA ILE J 207 -23.86 0.68 -33.31
C ILE J 207 -24.37 0.40 -31.90
N MET J 208 -25.01 1.40 -31.28
CA MET J 208 -25.43 1.23 -29.89
C MET J 208 -26.43 0.10 -29.72
N PRO J 209 -27.46 -0.04 -30.55
CA PRO J 209 -28.35 -1.20 -30.40
C PRO J 209 -27.63 -2.53 -30.51
N MET J 210 -26.56 -2.60 -31.31
CA MET J 210 -25.82 -3.85 -31.43
C MET J 210 -24.90 -4.08 -30.22
N ILE J 211 -24.34 -3.02 -29.65
CA ILE J 211 -23.55 -3.17 -28.44
C ILE J 211 -24.44 -3.65 -27.29
N ALA J 212 -25.64 -3.06 -27.16
CA ALA J 212 -26.56 -3.51 -26.12
C ALA J 212 -26.92 -4.98 -26.32
N ASP J 213 -27.17 -5.38 -27.57
CA ASP J 213 -27.45 -6.78 -27.85
C ASP J 213 -26.27 -7.67 -27.45
N SER J 214 -25.05 -7.23 -27.76
CA SER J 214 -23.88 -8.00 -27.35
C SER J 214 -23.81 -8.10 -25.83
N MET J 215 -24.19 -7.02 -25.12
CA MET J 215 -24.19 -7.05 -23.66
C MET J 215 -25.25 -8.02 -23.15
N ARG J 216 -26.44 -8.01 -23.75
CA ARG J 216 -27.48 -8.92 -23.31
C ARG J 216 -27.05 -10.38 -23.50
N ARG J 217 -26.41 -10.68 -24.63
CA ARG J 217 -26.01 -12.06 -24.92
C ARG J 217 -24.92 -12.52 -23.96
N ALA J 218 -23.86 -11.70 -23.79
CA ALA J 218 -22.77 -12.08 -22.90
C ALA J 218 -23.26 -12.24 -21.47
N GLN J 219 -24.23 -11.42 -21.06
CA GLN J 219 -24.78 -11.53 -19.72
C GLN J 219 -25.59 -12.82 -19.57
N ASP J 220 -26.41 -13.15 -20.57
CA ASP J 220 -27.23 -14.35 -20.49
C ASP J 220 -26.38 -15.62 -20.48
N GLU J 221 -25.19 -15.58 -21.05
CA GLU J 221 -24.36 -16.76 -21.20
C GLU J 221 -23.29 -16.90 -20.14
N THR J 222 -22.80 -15.79 -19.59
CA THR J 222 -21.83 -15.84 -18.50
C THR J 222 -22.48 -15.77 -17.12
N GLY J 223 -23.72 -15.30 -17.04
CA GLY J 223 -24.34 -15.09 -15.75
C GLY J 223 -23.80 -13.92 -14.98
N GLN J 224 -22.96 -13.09 -15.60
CA GLN J 224 -22.35 -11.94 -14.94
C GLN J 224 -22.83 -10.66 -15.62
N ALA J 225 -23.03 -9.62 -14.83
CA ALA J 225 -23.37 -8.31 -15.37
C ALA J 225 -22.17 -7.73 -16.13
N LYS J 226 -22.46 -7.03 -17.22
CA LYS J 226 -21.44 -6.44 -18.08
C LYS J 226 -21.65 -4.94 -18.17
N LEU J 227 -20.54 -4.19 -18.15
CA LEU J 227 -20.55 -2.74 -18.12
C LEU J 227 -19.95 -2.17 -19.39
N PHE J 228 -20.43 -0.99 -19.78
CA PHE J 228 -19.95 -0.29 -20.95
C PHE J 228 -19.80 1.19 -20.62
N SER J 229 -18.85 1.84 -21.30
CA SER J 229 -18.61 3.27 -21.16
C SER J 229 -18.64 3.91 -22.55
N ALA J 230 -19.66 4.72 -22.81
CA ALA J 230 -19.91 5.27 -24.14
C ALA J 230 -19.44 6.71 -24.20
N ASN J 231 -18.81 7.07 -25.33
CA ASN J 231 -18.32 8.42 -25.55
C ASN J 231 -19.45 9.30 -26.04
N ILE J 232 -19.78 10.35 -25.28
CA ILE J 232 -20.78 11.33 -25.66
C ILE J 232 -20.16 12.72 -25.85
N THR J 233 -18.84 12.80 -25.95
CA THR J 233 -18.18 14.09 -26.09
C THR J 233 -18.68 14.82 -27.34
N ALA J 234 -18.84 16.12 -27.22
CA ALA J 234 -19.30 16.94 -28.34
C ALA J 234 -19.12 18.41 -27.99
N ASP J 235 -18.97 19.23 -29.02
CA ASP J 235 -18.90 20.68 -28.81
C ASP J 235 -20.24 21.22 -28.33
N ASP J 236 -21.33 20.71 -28.87
CA ASP J 236 -22.66 21.22 -28.56
C ASP J 236 -23.22 20.48 -27.34
N PRO J 237 -23.51 21.15 -26.24
CA PRO J 237 -24.19 20.46 -25.13
C PRO J 237 -25.44 19.72 -25.60
N ALA J 238 -26.18 20.29 -26.54
CA ALA J 238 -27.38 19.61 -27.05
C ALA J 238 -27.02 18.28 -27.70
N GLU J 239 -25.81 18.17 -28.27
CA GLU J 239 -25.38 16.89 -28.82
C GLU J 239 -25.04 15.91 -27.70
N MET J 240 -24.35 16.37 -26.67
CA MET J 240 -24.04 15.50 -25.54
C MET J 240 -25.32 14.96 -24.90
N TYR J 241 -26.34 15.81 -24.79
CA TYR J 241 -27.59 15.37 -24.18
C TYR J 241 -28.31 14.36 -25.07
N ALA J 242 -28.33 14.60 -26.38
CA ALA J 242 -29.01 13.69 -27.29
C ALA J 242 -28.37 12.30 -27.28
N ARG J 243 -27.03 12.25 -27.25
CA ARG J 243 -26.35 10.97 -27.23
C ARG J 243 -26.66 10.20 -25.96
N GLY J 244 -26.51 10.86 -24.80
CA GLY J 244 -26.82 10.19 -23.54
C GLY J 244 -28.25 9.70 -23.48
N GLU J 245 -29.19 10.51 -23.96
CA GLU J 245 -30.59 10.11 -23.93
C GLU J 245 -30.83 8.90 -24.81
N PHE J 246 -30.32 8.92 -26.05
CA PHE J 246 -30.52 7.79 -26.95
C PHE J 246 -29.85 6.54 -26.42
N ILE J 247 -28.67 6.69 -25.82
CA ILE J 247 -27.95 5.53 -25.30
C ILE J 247 -28.74 4.89 -24.16
N LEU J 248 -29.17 5.70 -23.19
CA LEU J 248 -29.96 5.15 -22.09
C LEU J 248 -31.25 4.51 -22.59
N GLU J 249 -31.90 5.13 -23.59
CA GLU J 249 -33.09 4.53 -24.17
C GLU J 249 -32.78 3.17 -24.79
N THR J 250 -31.61 3.03 -25.40
CA THR J 250 -31.29 1.80 -26.11
C THR J 250 -30.97 0.66 -25.15
N PHE J 251 -30.26 0.95 -24.05
CA PHE J 251 -29.91 -0.11 -23.10
C PHE J 251 -31.06 -0.42 -22.15
N GLY J 252 -32.03 0.48 -22.00
CA GLY J 252 -33.25 0.15 -21.29
C GLY J 252 -33.00 -0.38 -19.90
N GLU J 253 -33.43 -1.62 -19.65
CA GLU J 253 -33.31 -2.19 -18.32
C GLU J 253 -31.87 -2.26 -17.83
N PHE J 254 -30.90 -2.17 -18.74
CA PHE J 254 -29.48 -2.22 -18.38
C PHE J 254 -28.82 -0.85 -18.53
N ALA J 255 -29.61 0.22 -18.42
CA ALA J 255 -29.05 1.57 -18.54
C ALA J 255 -28.07 1.87 -17.41
N ASP J 256 -28.26 1.28 -16.23
CA ASP J 256 -27.33 1.49 -15.13
C ASP J 256 -26.00 0.78 -15.34
N HIS J 257 -25.88 -0.03 -16.39
CA HIS J 257 -24.63 -0.68 -16.75
C HIS J 257 -23.75 0.20 -17.63
N VAL J 258 -24.24 1.37 -18.01
CA VAL J 258 -23.56 2.23 -18.99
C VAL J 258 -22.97 3.43 -18.28
N ALA J 259 -21.70 3.70 -18.53
CA ALA J 259 -21.05 4.93 -18.14
C ALA J 259 -20.96 5.87 -19.35
N PHE J 260 -20.84 7.17 -19.06
CA PHE J 260 -20.67 8.18 -20.09
C PHE J 260 -19.25 8.70 -20.02
N LEU J 261 -18.55 8.65 -21.15
CA LEU J 261 -17.15 9.08 -21.25
C LEU J 261 -17.09 10.45 -21.87
N VAL J 262 -16.27 11.33 -21.28
CA VAL J 262 -16.10 12.69 -21.74
C VAL J 262 -14.62 12.98 -21.85
N ASP J 263 -14.16 13.40 -23.03
CA ASP J 263 -12.79 13.86 -23.23
C ASP J 263 -12.70 15.24 -22.59
N GLY J 264 -12.57 15.26 -21.26
CA GLY J 264 -12.76 16.49 -20.53
C GLY J 264 -11.70 17.54 -20.78
N TYR J 265 -10.51 17.12 -21.18
CA TYR J 265 -9.44 18.10 -21.35
C TYR J 265 -9.62 18.89 -22.64
N VAL J 266 -9.83 18.20 -23.76
CA VAL J 266 -9.95 18.90 -25.04
C VAL J 266 -11.30 19.61 -25.13
N ALA J 267 -12.36 18.99 -24.60
CA ALA J 267 -13.68 19.61 -24.66
C ALA J 267 -13.88 20.63 -23.54
N GLY J 268 -13.24 20.43 -22.39
CA GLY J 268 -13.22 21.42 -21.35
C GLY J 268 -14.06 21.06 -20.15
N PRO J 269 -13.93 21.83 -19.07
CA PRO J 269 -14.75 21.58 -17.88
C PRO J 269 -16.24 21.74 -18.13
N THR J 270 -16.63 22.60 -19.08
CA THR J 270 -18.06 22.77 -19.38
C THR J 270 -18.67 21.46 -19.89
N ALA J 271 -17.92 20.72 -20.72
CA ALA J 271 -18.43 19.43 -21.18
C ALA J 271 -18.52 18.44 -20.02
N VAL J 272 -17.55 18.47 -19.12
CA VAL J 272 -17.58 17.57 -17.97
C VAL J 272 -18.77 17.89 -17.09
N THR J 273 -18.90 19.18 -16.69
CA THR J 273 -20.00 19.56 -15.83
C THR J 273 -21.35 19.35 -16.52
N ALA J 274 -21.40 19.58 -17.82
CA ALA J 274 -22.64 19.32 -18.56
C ALA J 274 -23.10 17.88 -18.38
N CYS J 275 -22.15 16.94 -18.44
CA CYS J 275 -22.49 15.54 -18.22
C CYS J 275 -22.76 15.27 -16.75
N ARG J 276 -21.95 15.85 -15.86
CA ARG J 276 -22.12 15.61 -14.43
C ARG J 276 -23.49 16.04 -13.96
N ARG J 277 -24.02 17.15 -14.49
CA ARG J 277 -25.26 17.70 -13.97
C ARG J 277 -26.48 17.22 -14.72
N ARG J 278 -26.34 16.82 -15.99
CA ARG J 278 -27.47 16.29 -16.73
C ARG J 278 -27.70 14.81 -16.42
N PHE J 279 -26.62 14.03 -16.30
CA PHE J 279 -26.70 12.61 -16.01
C PHE J 279 -25.93 12.28 -14.73
N PRO J 280 -26.37 12.80 -13.59
CA PRO J 280 -25.64 12.54 -12.34
C PRO J 280 -25.72 11.09 -11.88
N GLN J 281 -26.71 10.33 -12.34
CA GLN J 281 -26.86 8.94 -11.95
C GLN J 281 -26.13 7.99 -12.89
N GLN J 282 -25.40 8.51 -13.88
CA GLN J 282 -24.54 7.71 -14.73
C GLN J 282 -23.08 7.95 -14.35
N PHE J 283 -22.29 6.88 -14.34
CA PHE J 283 -20.87 6.98 -14.03
C PHE J 283 -20.19 7.91 -15.04
N LEU J 284 -19.53 8.95 -14.53
CA LEU J 284 -18.83 9.92 -15.38
C LEU J 284 -17.40 9.46 -15.57
N HIS J 285 -17.04 9.11 -16.79
CA HIS J 285 -15.74 8.55 -17.15
C HIS J 285 -14.93 9.68 -17.81
N TYR J 286 -14.03 10.29 -17.04
CA TYR J 286 -13.23 11.40 -17.52
C TYR J 286 -12.01 10.86 -18.25
N HIS J 287 -11.98 11.01 -19.57
CA HIS J 287 -10.81 10.72 -20.39
C HIS J 287 -10.04 12.01 -20.62
N ARG J 288 -8.73 11.97 -20.40
CA ARG J 288 -7.90 13.17 -20.33
C ARG J 288 -7.04 13.35 -21.58
N ALA J 289 -7.50 12.84 -22.72
CA ALA J 289 -6.74 12.98 -23.96
C ALA J 289 -6.30 14.42 -24.16
N GLY J 290 -5.02 14.61 -24.46
CA GLY J 290 -4.45 15.92 -24.66
C GLY J 290 -3.82 16.54 -23.43
N HIS J 291 -4.03 15.94 -22.25
CA HIS J 291 -3.49 16.51 -21.02
C HIS J 291 -1.98 16.64 -21.07
N GLY J 292 -1.31 15.73 -21.76
CA GLY J 292 0.15 15.73 -21.77
C GLY J 292 0.76 17.01 -22.27
N ALA J 293 -0.01 17.84 -22.99
CA ALA J 293 0.52 19.09 -23.50
C ALA J 293 1.02 20.01 -22.39
N VAL J 294 0.52 19.83 -21.16
CA VAL J 294 0.92 20.68 -20.05
C VAL J 294 1.40 19.83 -18.88
N THR J 295 0.78 18.67 -18.68
CA THR J 295 1.11 17.85 -17.52
C THR J 295 2.45 17.13 -17.68
N SER J 296 2.93 16.98 -18.90
CA SER J 296 4.19 16.28 -19.10
C SER J 296 5.30 16.95 -18.31
N PRO J 297 6.17 16.17 -17.67
CA PRO J 297 7.31 16.80 -16.97
C PRO J 297 8.16 17.67 -17.88
N GLN J 298 8.26 17.32 -19.16
CA GLN J 298 9.02 18.15 -20.10
C GLN J 298 8.45 19.55 -20.22
N SER J 299 7.17 19.72 -19.92
CA SER J 299 6.52 21.03 -19.97
C SER J 299 6.71 21.75 -18.64
N LYS J 300 7.05 23.04 -18.73
CA LYS J 300 7.23 23.89 -17.55
C LYS J 300 6.10 24.88 -17.39
N ARG J 301 4.95 24.62 -18.04
CA ARG J 301 3.82 25.53 -18.01
C ARG J 301 2.56 24.76 -17.62
N GLY J 302 1.49 25.52 -17.36
CA GLY J 302 0.22 24.89 -17.06
C GLY J 302 0.21 24.29 -15.67
N TYR J 303 -0.17 23.02 -15.58
CA TYR J 303 -0.26 22.32 -14.31
C TYR J 303 0.13 20.87 -14.51
N THR J 304 0.39 20.18 -13.41
CA THR J 304 0.82 18.80 -13.45
C THR J 304 -0.39 17.85 -13.55
N ALA J 305 -0.10 16.58 -13.83
CA ALA J 305 -1.15 15.58 -13.86
C ALA J 305 -1.83 15.46 -12.50
N PHE J 306 -1.05 15.59 -11.42
CA PHE J 306 -1.62 15.57 -10.08
C PHE J 306 -2.67 16.67 -9.92
N VAL J 307 -2.31 17.89 -10.28
CA VAL J 307 -3.24 19.00 -10.17
C VAL J 307 -4.46 18.76 -11.05
N HIS J 308 -4.23 18.32 -12.29
CA HIS J 308 -5.34 18.08 -13.21
C HIS J 308 -6.31 17.06 -12.64
N CYS J 309 -5.79 15.91 -12.20
CA CYS J 309 -6.66 14.87 -11.65
C CYS J 309 -7.41 15.38 -10.42
N LYS J 310 -6.71 16.06 -9.51
CA LYS J 310 -7.36 16.58 -8.31
C LYS J 310 -8.55 17.45 -8.65
N MET J 311 -8.40 18.33 -9.66
CA MET J 311 -9.49 19.20 -10.05
C MET J 311 -10.66 18.41 -10.65
N SER J 312 -10.37 17.32 -11.36
CA SER J 312 -11.44 16.50 -11.93
C SER J 312 -12.38 15.99 -10.85
N ARG J 313 -11.87 15.78 -9.63
CA ARG J 313 -12.73 15.38 -8.53
C ARG J 313 -13.71 16.48 -8.18
N LEU J 314 -13.24 17.73 -8.14
CA LEU J 314 -14.14 18.85 -7.89
C LEU J 314 -15.24 18.90 -8.95
N SER J 315 -14.87 18.74 -10.22
CA SER J 315 -15.87 18.76 -11.29
C SER J 315 -16.89 17.63 -11.13
N GLY J 316 -16.49 16.51 -10.55
CA GLY J 316 -17.41 15.44 -10.27
C GLY J 316 -17.21 14.20 -11.11
N ALA J 317 -15.97 13.90 -11.44
CA ALA J 317 -15.66 12.70 -12.21
C ALA J 317 -15.79 11.47 -11.31
N SER J 318 -16.56 10.48 -11.76
CA SER J 318 -16.63 9.21 -11.05
C SER J 318 -15.30 8.47 -11.13
N GLY J 319 -14.60 8.61 -12.25
CA GLY J 319 -13.27 8.06 -12.40
C GLY J 319 -12.51 8.88 -13.43
N ILE J 320 -11.18 8.81 -13.34
CA ILE J 320 -10.32 9.56 -14.25
C ILE J 320 -9.05 8.75 -14.48
N HIS J 321 -8.53 8.82 -15.70
CA HIS J 321 -7.29 8.16 -16.03
C HIS J 321 -6.14 8.81 -15.26
N THR J 322 -5.43 8.02 -14.47
CA THR J 322 -4.31 8.50 -13.68
C THR J 322 -2.97 8.12 -14.26
N GLY J 323 -2.94 7.25 -15.26
CA GLY J 323 -1.70 6.77 -15.82
C GLY J 323 -1.21 5.49 -15.16
N THR J 324 -0.27 4.83 -15.85
CA THR J 324 0.27 3.56 -15.37
C THR J 324 1.41 3.74 -14.39
N MET J 325 1.77 4.98 -14.06
CA MET J 325 2.79 5.26 -13.06
C MET J 325 4.10 4.54 -13.38
N GLY J 326 4.50 4.64 -14.64
CA GLY J 326 5.77 4.09 -15.07
C GLY J 326 5.74 2.65 -15.53
N TYR J 327 4.57 2.02 -15.58
CA TYR J 327 4.45 0.62 -15.96
C TYR J 327 3.83 0.41 -17.34
N GLY J 328 3.50 1.49 -18.05
CA GLY J 328 2.88 1.37 -19.34
C GLY J 328 3.60 2.11 -20.45
N LYS J 329 2.88 2.45 -21.51
CA LYS J 329 3.47 3.13 -22.66
C LYS J 329 3.44 4.65 -22.53
N MET J 330 2.64 5.19 -21.62
CA MET J 330 2.55 6.63 -21.41
C MET J 330 3.62 7.09 -20.43
N GLU J 331 3.90 8.39 -20.45
CA GLU J 331 4.80 8.99 -19.48
C GLU J 331 4.21 8.86 -18.08
N GLY J 332 5.03 8.45 -17.13
CA GLY J 332 4.56 8.28 -15.77
C GLY J 332 5.72 7.98 -14.85
N ASP J 333 5.41 7.94 -13.55
CA ASP J 333 6.40 7.67 -12.52
C ASP J 333 5.73 6.88 -11.40
N ALA J 334 6.48 5.96 -10.79
CA ALA J 334 5.93 5.17 -9.70
C ALA J 334 5.38 6.06 -8.60
N ASP J 335 5.93 7.26 -8.43
CA ASP J 335 5.45 8.19 -7.42
C ASP J 335 4.09 8.79 -7.76
N ASP J 336 3.61 8.57 -8.99
CA ASP J 336 2.28 9.05 -9.34
C ASP J 336 1.19 8.37 -8.54
N LYS J 337 1.50 7.30 -7.81
CA LYS J 337 0.54 6.68 -6.88
C LYS J 337 -0.07 7.77 -5.96
N ALA J 338 0.65 8.87 -5.66
CA ALA J 338 0.08 9.94 -4.84
C ALA J 338 -1.16 10.52 -5.49
N ILE J 339 -1.24 10.50 -6.84
CA ILE J 339 -2.42 10.99 -7.53
C ILE J 339 -3.62 10.14 -7.17
N ALA J 340 -3.47 8.82 -7.23
CA ALA J 340 -4.57 7.93 -6.87
C ALA J 340 -5.03 8.17 -5.43
N TYR J 341 -4.08 8.29 -4.50
CA TYR J 341 -4.44 8.50 -3.11
C TYR J 341 -5.23 9.79 -2.92
N MET J 342 -4.83 10.87 -3.61
CA MET J 342 -5.54 12.13 -3.50
C MET J 342 -6.94 12.05 -4.05
N LEU J 343 -7.21 11.09 -4.93
CA LEU J 343 -8.53 10.96 -5.53
C LEU J 343 -9.48 10.12 -4.68
N GLU J 344 -8.99 9.06 -4.06
CA GLU J 344 -9.84 8.06 -3.44
C GLU J 344 -9.98 8.22 -1.93
N GLN J 345 -9.16 9.06 -1.30
CA GLN J 345 -9.15 9.16 0.16
C GLN J 345 -9.73 10.49 0.63
N ASP J 346 -10.21 10.50 1.87
CA ASP J 346 -10.73 11.70 2.49
C ASP J 346 -9.64 12.55 3.13
N ASP J 347 -8.43 12.01 3.27
CA ASP J 347 -7.29 12.77 3.80
C ASP J 347 -6.04 12.21 3.13
N ALA J 348 -5.39 13.04 2.31
CA ALA J 348 -4.23 12.61 1.54
C ALA J 348 -3.24 13.76 1.46
N GLN J 349 -2.03 13.43 1.00
CA GLN J 349 -0.92 14.37 0.98
C GLN J 349 -0.54 14.72 -0.46
N GLY J 350 -0.31 16.01 -0.69
CA GLY J 350 0.18 16.48 -1.97
C GLY J 350 1.64 16.88 -1.89
N PRO J 351 2.20 17.31 -3.01
CA PRO J 351 3.62 17.73 -2.98
C PRO J 351 3.89 18.88 -2.01
N TYR J 352 2.89 19.73 -1.74
CA TYR J 352 3.11 20.89 -0.89
C TYR J 352 2.04 21.02 0.18
N PHE J 353 0.83 20.56 -0.11
CA PHE J 353 -0.31 20.77 0.77
C PHE J 353 -0.98 19.45 1.12
N ARG J 354 -1.38 19.32 2.37
CA ARG J 354 -2.26 18.25 2.81
C ARG J 354 -3.71 18.69 2.56
N GLN J 355 -4.52 17.75 2.08
CA GLN J 355 -5.89 18.06 1.69
C GLN J 355 -6.86 17.13 2.38
N THR J 356 -7.83 17.70 3.09
CA THR J 356 -8.97 16.97 3.61
C THR J 356 -10.19 17.33 2.77
N TRP J 357 -11.04 16.36 2.51
CA TRP J 357 -12.13 16.51 1.55
C TRP J 357 -13.50 16.62 2.21
N GLN J 358 -13.56 16.62 3.54
CA GLN J 358 -14.83 16.76 4.25
C GLN J 358 -15.85 15.74 3.76
N GLY J 359 -15.36 14.53 3.46
CA GLY J 359 -16.24 13.47 3.02
C GLY J 359 -16.76 13.59 1.61
N MET J 360 -16.12 14.41 0.78
CA MET J 360 -16.52 14.47 -0.63
C MET J 360 -16.25 13.13 -1.28
N LYS J 361 -17.17 12.68 -2.12
CA LYS J 361 -17.08 11.34 -2.70
C LYS J 361 -15.74 11.17 -3.42
N ALA J 362 -15.21 9.95 -3.37
CA ALA J 362 -13.95 9.63 -4.01
C ALA J 362 -14.12 9.47 -5.52
N THR J 363 -13.02 9.70 -6.23
CA THR J 363 -12.94 9.46 -7.67
C THR J 363 -12.03 8.26 -7.91
N THR J 364 -12.50 7.29 -8.69
CA THR J 364 -11.75 6.06 -8.84
C THR J 364 -10.71 6.19 -9.95
N PRO J 365 -9.45 5.82 -9.69
CA PRO J 365 -8.46 5.85 -10.77
C PRO J 365 -8.78 4.82 -11.84
N ILE J 366 -8.44 5.16 -13.09
CA ILE J 366 -8.59 4.29 -14.24
C ILE J 366 -7.20 4.07 -14.83
N ILE J 367 -6.72 2.82 -14.77
CA ILE J 367 -5.39 2.48 -15.22
C ILE J 367 -5.47 2.00 -16.67
N SER J 368 -4.72 2.65 -17.55
CA SER J 368 -4.79 2.37 -18.97
C SER J 368 -3.54 2.90 -19.65
N GLY J 369 -3.06 2.17 -20.65
CA GLY J 369 -1.90 2.60 -21.41
C GLY J 369 -0.86 1.52 -21.56
N GLY J 370 -0.98 0.72 -22.62
CA GLY J 370 0.00 -0.32 -22.88
C GLY J 370 0.09 -1.38 -21.81
N MET J 371 -1.00 -1.64 -21.11
CA MET J 371 -1.02 -2.64 -20.05
C MET J 371 -1.47 -3.99 -20.61
N ASN J 372 -1.07 -5.05 -19.90
CA ASN J 372 -1.51 -6.40 -20.19
C ASN J 372 -1.41 -7.22 -18.91
N ALA J 373 -1.77 -8.50 -19.02
CA ALA J 373 -1.81 -9.35 -17.84
C ALA J 373 -0.45 -9.42 -17.16
N LEU J 374 0.63 -9.42 -17.94
CA LEU J 374 1.96 -9.58 -17.36
C LEU J 374 2.38 -8.34 -16.59
N ARG J 375 1.89 -7.16 -16.97
CA ARG J 375 2.30 -5.92 -16.33
C ARG J 375 1.45 -5.55 -15.12
N LEU J 376 0.39 -6.31 -14.85
CA LEU J 376 -0.52 -5.94 -13.76
C LEU J 376 0.11 -6.17 -12.39
N PRO J 377 0.74 -7.32 -12.10
CA PRO J 377 1.26 -7.54 -10.74
C PRO J 377 2.24 -6.47 -10.29
N GLY J 378 3.19 -6.11 -11.15
CA GLY J 378 4.15 -5.09 -10.77
C GLY J 378 3.50 -3.75 -10.48
N PHE J 379 2.52 -3.38 -11.28
CA PHE J 379 1.85 -2.10 -11.07
C PHE J 379 1.16 -2.06 -9.72
N PHE J 380 0.38 -3.08 -9.40
CA PHE J 380 -0.36 -3.09 -8.15
C PHE J 380 0.56 -3.18 -6.94
N ASP J 381 1.74 -3.80 -7.10
CA ASP J 381 2.72 -3.77 -6.02
C ASP J 381 3.07 -2.33 -5.64
N ASN J 382 3.17 -1.45 -6.63
CA ASN J 382 3.49 -0.05 -6.36
C ASN J 382 2.29 0.71 -5.82
N LEU J 383 1.09 0.42 -6.33
CA LEU J 383 -0.09 1.14 -5.87
C LEU J 383 -0.53 0.72 -4.47
N GLY J 384 -0.30 -0.54 -4.12
CA GLY J 384 -0.71 -1.06 -2.84
C GLY J 384 -2.06 -1.73 -2.80
N HIS J 385 -2.88 -1.56 -3.84
CA HIS J 385 -4.20 -2.18 -3.89
C HIS J 385 -4.60 -2.30 -5.35
N SER J 386 -5.76 -2.93 -5.57
CA SER J 386 -6.26 -3.16 -6.93
C SER J 386 -7.68 -2.61 -7.13
N ASN J 387 -8.15 -1.76 -6.22
CA ASN J 387 -9.50 -1.20 -6.34
C ASN J 387 -9.49 -0.09 -7.39
N VAL J 388 -9.42 -0.53 -8.66
CA VAL J 388 -9.30 0.38 -9.79
C VAL J 388 -10.00 -0.22 -10.99
N ILE J 389 -10.35 0.64 -11.95
CA ILE J 389 -10.88 0.20 -13.23
C ILE J 389 -9.69 0.09 -14.19
N GLN J 390 -9.38 -1.14 -14.61
CA GLN J 390 -8.26 -1.39 -15.49
C GLN J 390 -8.78 -1.70 -16.89
N THR J 391 -8.19 -1.04 -17.89
CA THR J 391 -8.58 -1.24 -19.28
C THR J 391 -7.32 -1.44 -20.11
N SER J 392 -7.21 -2.59 -20.77
CA SER J 392 -6.09 -2.93 -21.63
C SER J 392 -6.61 -3.19 -23.03
N GLY J 393 -6.30 -2.29 -23.96
CA GLY J 393 -6.70 -2.45 -25.34
C GLY J 393 -5.89 -3.53 -26.04
N GLY J 394 -4.61 -3.25 -26.29
CA GLY J 394 -3.75 -4.26 -26.88
C GLY J 394 -3.53 -5.45 -25.97
N GLY J 395 -3.60 -5.25 -24.66
CA GLY J 395 -3.43 -6.35 -23.73
C GLY J 395 -4.50 -7.40 -23.81
N ALA J 396 -5.66 -7.06 -24.39
CA ALA J 396 -6.77 -8.01 -24.53
C ALA J 396 -6.89 -8.52 -25.97
N PHE J 397 -7.16 -7.62 -26.91
CA PHE J 397 -7.31 -8.02 -28.31
C PHE J 397 -5.98 -8.35 -28.97
N GLY J 398 -4.86 -8.02 -28.34
CA GLY J 398 -3.58 -8.48 -28.81
C GLY J 398 -3.21 -9.88 -28.40
N HIS J 399 -3.97 -10.48 -27.49
CA HIS J 399 -3.74 -11.86 -27.10
C HIS J 399 -3.80 -12.78 -28.32
N LYS J 400 -2.91 -13.77 -28.35
CA LYS J 400 -2.75 -14.62 -29.53
C LYS J 400 -3.98 -15.46 -29.82
N ASP J 401 -4.91 -15.59 -28.88
CA ASP J 401 -6.08 -16.44 -29.05
C ASP J 401 -7.38 -15.67 -29.17
N GLY J 402 -7.35 -14.35 -29.12
CA GLY J 402 -8.53 -13.53 -29.28
C GLY J 402 -8.82 -12.71 -28.04
N GLY J 403 -9.77 -11.78 -28.22
CA GLY J 403 -10.11 -10.87 -27.14
C GLY J 403 -10.69 -11.58 -25.94
N ALA J 404 -11.50 -12.62 -26.16
CA ALA J 404 -12.07 -13.36 -25.05
C ALA J 404 -10.98 -13.96 -24.18
N ALA J 405 -9.95 -14.54 -24.80
CA ALA J 405 -8.83 -15.08 -24.03
C ALA J 405 -8.05 -13.96 -23.35
N GLY J 406 -7.87 -12.83 -24.04
CA GLY J 406 -7.22 -11.70 -23.41
C GLY J 406 -7.96 -11.20 -22.19
N ALA J 407 -9.29 -11.22 -22.24
CA ALA J 407 -10.08 -10.79 -21.09
C ALA J 407 -9.84 -11.70 -19.89
N LYS J 408 -9.77 -13.02 -20.14
CA LYS J 408 -9.56 -13.96 -19.04
C LYS J 408 -8.16 -13.84 -18.47
N SER J 409 -7.16 -13.62 -19.32
CA SER J 409 -5.80 -13.45 -18.83
C SER J 409 -5.70 -12.24 -17.91
N LEU J 410 -6.45 -11.19 -18.21
CA LEU J 410 -6.41 -9.99 -17.36
C LEU J 410 -7.06 -10.27 -16.02
N ARG J 411 -8.22 -10.94 -16.02
CA ARG J 411 -8.87 -11.27 -14.76
C ARG J 411 -7.99 -12.19 -13.93
N GLN J 412 -7.50 -13.27 -14.54
CA GLN J 412 -6.66 -14.22 -13.82
C GLN J 412 -5.44 -13.55 -13.24
N ALA J 413 -4.84 -12.62 -13.99
CA ALA J 413 -3.68 -11.89 -13.47
C ALA J 413 -4.05 -11.09 -12.23
N SER J 414 -5.23 -10.46 -12.24
CA SER J 414 -5.66 -9.67 -11.09
C SER J 414 -5.93 -10.56 -9.88
N LEU J 415 -6.50 -11.74 -10.10
CA LEU J 415 -6.75 -12.65 -8.99
C LEU J 415 -5.45 -13.21 -8.43
N ALA J 416 -4.46 -13.45 -9.30
CA ALA J 416 -3.17 -13.93 -8.84
C ALA J 416 -2.53 -12.94 -7.87
N TRP J 417 -2.52 -11.66 -8.22
CA TRP J 417 -1.93 -10.66 -7.34
C TRP J 417 -2.75 -10.50 -6.07
N GLN J 418 -4.08 -10.47 -6.19
CA GLN J 418 -4.92 -10.30 -5.02
C GLN J 418 -4.73 -11.44 -4.02
N GLN J 419 -4.35 -12.63 -4.50
CA GLN J 419 -4.18 -13.80 -3.67
C GLN J 419 -2.71 -14.08 -3.36
N GLY J 420 -1.80 -13.21 -3.76
CA GLY J 420 -0.39 -13.39 -3.49
C GLY J 420 0.21 -14.61 -4.15
N VAL J 421 -0.25 -14.95 -5.35
CA VAL J 421 0.25 -16.10 -6.08
C VAL J 421 1.15 -15.60 -7.20
N ASP J 422 2.27 -16.29 -7.42
CA ASP J 422 3.17 -15.94 -8.50
C ASP J 422 2.48 -16.12 -9.85
N LEU J 423 2.67 -15.16 -10.74
CA LEU J 423 1.96 -15.17 -12.01
C LEU J 423 2.22 -16.47 -12.77
N LEU J 424 3.47 -16.92 -12.81
CA LEU J 424 3.78 -18.16 -13.51
C LEU J 424 3.11 -19.35 -12.84
N ASP J 425 3.10 -19.36 -11.50
CA ASP J 425 2.40 -20.44 -10.79
C ASP J 425 0.92 -20.45 -11.15
N TYR J 426 0.31 -19.27 -11.28
CA TYR J 426 -1.11 -19.20 -11.63
C TYR J 426 -1.36 -19.67 -13.05
N ALA J 427 -0.41 -19.46 -13.96
CA ALA J 427 -0.64 -19.76 -15.36
C ALA J 427 -0.67 -21.26 -15.62
N LYS J 428 0.05 -22.05 -14.82
CA LYS J 428 0.16 -23.47 -15.11
C LYS J 428 -1.19 -24.17 -15.10
N GLU J 429 -2.23 -23.54 -14.56
CA GLU J 429 -3.57 -24.12 -14.54
C GLU J 429 -4.59 -23.18 -15.21
N HIS J 430 -4.13 -22.25 -16.03
CA HIS J 430 -5.02 -21.32 -16.73
C HIS J 430 -4.43 -21.05 -18.11
N PRO J 431 -4.94 -21.74 -19.16
CA PRO J 431 -4.35 -21.56 -20.49
C PRO J 431 -4.39 -20.14 -21.00
N GLU J 432 -5.44 -19.37 -20.67
CA GLU J 432 -5.53 -17.99 -21.15
C GLU J 432 -4.39 -17.15 -20.62
N LEU J 433 -4.16 -17.19 -19.30
CA LEU J 433 -3.02 -16.47 -18.73
C LEU J 433 -1.71 -17.00 -19.30
N ALA J 434 -1.60 -18.33 -19.43
CA ALA J 434 -0.39 -18.90 -20.00
C ALA J 434 -0.16 -18.37 -21.41
N GLY J 435 -1.23 -18.12 -22.16
CA GLY J 435 -1.10 -17.58 -23.49
C GLY J 435 -0.66 -16.13 -23.53
N ALA J 436 -0.82 -15.41 -22.42
CA ALA J 436 -0.40 -14.01 -22.39
C ALA J 436 1.12 -13.89 -22.39
N PHE J 437 1.82 -14.85 -21.82
CA PHE J 437 3.28 -14.83 -21.87
C PHE J 437 3.77 -14.97 -23.30
N GLU J 438 3.16 -15.88 -24.07
CA GLU J 438 3.55 -16.04 -25.47
C GLU J 438 3.05 -14.89 -26.34
N SER J 439 1.93 -14.28 -25.97
CA SER J 439 1.38 -13.17 -26.75
C SER J 439 2.28 -11.95 -26.68
N PHE J 440 2.94 -11.72 -25.55
CA PHE J 440 3.84 -10.59 -25.34
C PHE J 440 5.16 -11.14 -24.81
N PRO J 441 5.97 -11.75 -25.67
CA PRO J 441 7.21 -12.38 -25.18
C PRO J 441 8.24 -11.37 -24.72
N LYS J 442 8.28 -10.17 -25.32
CA LYS J 442 9.19 -9.14 -24.83
C LYS J 442 8.96 -8.86 -23.36
N ASP J 443 7.70 -8.66 -22.97
CA ASP J 443 7.40 -8.38 -21.57
C ASP J 443 7.68 -9.59 -20.69
N ALA J 444 7.33 -10.79 -21.16
CA ALA J 444 7.54 -12.00 -20.37
C ALA J 444 9.02 -12.17 -20.05
N ASP J 445 9.89 -12.01 -21.05
CA ASP J 445 11.32 -12.13 -20.81
C ASP J 445 11.80 -11.12 -19.78
N ALA J 446 11.19 -9.95 -19.73
CA ALA J 446 11.65 -8.90 -18.82
C ALA J 446 11.10 -9.11 -17.41
N LEU J 447 9.86 -9.55 -17.29
CA LEU J 447 9.22 -9.67 -15.99
C LEU J 447 9.22 -11.08 -15.42
N TYR J 448 9.20 -12.10 -16.27
CA TYR J 448 9.20 -13.49 -15.83
C TYR J 448 10.14 -14.29 -16.73
N PRO J 449 11.46 -14.16 -16.50
CA PRO J 449 12.42 -14.66 -17.50
C PRO J 449 12.25 -16.14 -17.84
N ASN J 450 12.07 -17.00 -16.84
CA ASN J 450 12.01 -18.44 -17.08
C ASN J 450 10.58 -18.91 -17.33
N TRP J 451 9.89 -18.25 -18.27
CA TRP J 451 8.52 -18.61 -18.61
C TRP J 451 8.45 -19.70 -19.67
N ARG J 452 9.54 -19.93 -20.42
CA ARG J 452 9.51 -20.94 -21.45
C ARG J 452 9.78 -22.33 -20.87
N GLU J 453 10.68 -22.41 -19.90
CA GLU J 453 10.95 -23.67 -19.16
C GLU J 453 9.64 -24.04 -18.46
N LYS J 454 8.95 -23.04 -17.87
CA LYS J 454 7.87 -23.26 -16.85
C LYS J 454 6.57 -23.61 -17.58
N LEU J 455 6.28 -22.99 -18.74
CA LEU J 455 5.05 -23.29 -19.46
C LEU J 455 5.32 -24.16 -20.68
N MET K 1 -54.02 21.97 26.29
CA MET K 1 -54.83 23.14 26.77
C MET K 1 -56.07 23.30 25.90
N ASP K 2 -57.06 24.03 26.42
CA ASP K 2 -58.34 24.20 25.75
C ASP K 2 -58.27 25.44 24.87
N GLN K 3 -58.57 25.27 23.58
CA GLN K 3 -58.53 26.36 22.60
C GLN K 3 -59.89 26.57 21.94
N SER K 4 -60.97 26.19 22.63
CA SER K 4 -62.30 26.30 22.05
C SER K 4 -62.72 27.75 21.89
N ASN K 5 -62.34 28.61 22.85
CA ASN K 5 -62.73 30.01 22.77
C ASN K 5 -62.25 30.65 21.47
N ARG K 6 -61.15 30.15 20.91
CA ARG K 6 -60.57 30.70 19.70
C ARG K 6 -61.02 29.97 18.43
N TYR K 7 -60.97 28.65 18.43
CA TYR K 7 -61.18 27.86 17.23
C TYR K 7 -62.58 27.26 17.15
N ALA K 8 -63.51 27.72 17.98
CA ALA K 8 -64.87 27.21 17.97
C ALA K 8 -65.85 28.39 18.00
N ASN K 9 -66.89 28.30 17.17
CA ASN K 9 -67.97 29.29 17.13
C ASN K 9 -69.23 28.56 16.67
N LEU K 10 -69.86 27.84 17.60
CA LEU K 10 -71.05 27.06 17.28
C LEU K 10 -72.28 27.92 17.03
N SER K 11 -72.18 29.23 17.24
CA SER K 11 -73.29 30.13 16.92
C SER K 11 -73.38 30.41 15.43
N LEU K 12 -72.31 30.15 14.67
CA LEU K 12 -72.34 30.36 13.24
C LEU K 12 -73.31 29.39 12.58
N ARG K 13 -73.99 29.87 11.54
CA ARG K 13 -74.97 29.07 10.82
C ARG K 13 -74.39 28.59 9.50
N GLU K 14 -74.55 27.30 9.22
CA GLU K 14 -74.02 26.75 7.98
C GLU K 14 -74.56 27.49 6.76
N GLU K 15 -75.85 27.83 6.79
CA GLU K 15 -76.43 28.56 5.67
C GLU K 15 -75.72 29.90 5.46
N ASP K 16 -75.29 30.53 6.55
CA ASP K 16 -74.56 31.79 6.42
C ASP K 16 -73.19 31.56 5.80
N LEU K 17 -72.52 30.46 6.15
CA LEU K 17 -71.19 30.19 5.62
C LEU K 17 -71.24 29.83 4.14
N ILE K 18 -72.29 29.15 3.70
CA ILE K 18 -72.41 28.80 2.28
C ILE K 18 -72.76 30.04 1.46
N ALA K 19 -73.68 30.86 1.95
CA ALA K 19 -74.06 32.06 1.22
C ALA K 19 -72.88 33.03 1.11
N GLY K 20 -72.05 33.11 2.15
CA GLY K 20 -70.90 33.98 2.09
C GLY K 20 -69.92 33.58 1.01
N GLY K 21 -69.77 32.28 0.79
CA GLY K 21 -68.90 31.80 -0.27
C GLY K 21 -67.43 32.04 -0.02
N LYS K 22 -67.03 32.21 1.24
CA LYS K 22 -65.63 32.46 1.59
C LYS K 22 -65.08 31.38 2.52
N HIS K 23 -65.68 30.19 2.53
CA HIS K 23 -65.26 29.15 3.45
C HIS K 23 -65.41 27.78 2.79
N VAL K 24 -64.37 26.98 2.86
CA VAL K 24 -64.44 25.56 2.51
C VAL K 24 -64.89 24.81 3.76
N LEU K 25 -66.00 24.09 3.65
CA LEU K 25 -66.58 23.38 4.79
C LEU K 25 -66.26 21.89 4.67
N CYS K 26 -65.91 21.28 5.80
CA CYS K 26 -65.62 19.86 5.88
C CYS K 26 -66.39 19.25 7.03
N ALA K 27 -66.96 18.06 6.80
CA ALA K 27 -67.70 17.32 7.80
C ALA K 27 -66.93 16.07 8.15
N TYR K 28 -66.54 15.95 9.41
CA TYR K 28 -65.73 14.84 9.89
C TYR K 28 -66.58 13.92 10.77
N ILE K 29 -66.14 12.66 10.86
CA ILE K 29 -66.59 11.73 11.87
C ILE K 29 -65.40 11.51 12.80
N MET K 30 -65.44 12.14 13.98
CA MET K 30 -64.29 12.20 14.87
C MET K 30 -64.68 11.70 16.26
N LYS K 31 -63.75 11.02 16.91
CA LYS K 31 -63.91 10.57 18.29
C LYS K 31 -62.62 10.92 19.03
N PRO K 32 -62.69 11.67 20.12
CA PRO K 32 -61.48 11.93 20.91
C PRO K 32 -61.03 10.69 21.67
N LYS K 33 -59.74 10.69 22.00
CA LYS K 33 -59.21 9.63 22.86
C LYS K 33 -59.79 9.77 24.27
N ALA K 34 -59.77 8.66 25.00
CA ALA K 34 -60.28 8.65 26.37
C ALA K 34 -59.52 9.65 27.23
N GLY K 35 -60.25 10.59 27.83
CA GLY K 35 -59.67 11.60 28.67
C GLY K 35 -59.68 13.00 28.10
N TYR K 36 -60.19 13.18 26.88
CA TYR K 36 -60.23 14.47 26.23
C TYR K 36 -61.68 14.84 25.89
N GLY K 37 -62.01 16.11 26.08
CA GLY K 37 -63.33 16.58 25.74
C GLY K 37 -63.54 16.69 24.24
N TYR K 38 -64.80 16.60 23.83
CA TYR K 38 -65.10 16.61 22.41
C TYR K 38 -64.80 17.97 21.79
N LEU K 39 -65.38 19.04 22.33
CA LEU K 39 -65.19 20.36 21.74
C LEU K 39 -63.73 20.80 21.82
N GLU K 40 -63.10 20.61 22.99
CA GLU K 40 -61.70 20.99 23.11
C GLU K 40 -60.82 20.18 22.16
N SER K 41 -61.22 18.94 21.87
CA SER K 41 -60.48 18.14 20.90
C SER K 41 -60.74 18.63 19.47
N ALA K 42 -61.98 19.05 19.19
CA ALA K 42 -62.28 19.61 17.88
C ALA K 42 -61.58 20.95 17.69
N ALA K 43 -61.49 21.74 18.76
CA ALA K 43 -60.76 23.02 18.66
C ALA K 43 -59.30 22.77 18.33
N HIS K 44 -58.66 21.85 19.04
CA HIS K 44 -57.27 21.51 18.73
C HIS K 44 -57.16 20.95 17.31
N PHE K 45 -58.16 20.15 16.90
CA PHE K 45 -58.19 19.66 15.53
C PHE K 45 -58.17 20.81 14.54
N ALA K 46 -59.12 21.74 14.69
CA ALA K 46 -59.15 22.90 13.79
C ALA K 46 -57.87 23.71 13.87
N ALA K 47 -57.23 23.75 15.05
CA ALA K 47 -56.01 24.52 15.20
C ALA K 47 -54.86 23.86 14.45
N GLU K 48 -54.69 22.56 14.63
CA GLU K 48 -53.60 21.84 13.95
C GLU K 48 -53.87 21.69 12.46
N SER K 49 -55.04 22.11 11.98
CA SER K 49 -55.38 22.04 10.56
C SER K 49 -55.46 23.40 9.90
N SER K 50 -55.01 24.46 10.59
CA SER K 50 -55.10 25.79 10.02
C SER K 50 -53.92 26.68 10.43
N THR K 51 -53.95 27.19 11.67
CA THR K 51 -53.03 28.23 12.07
C THR K 51 -52.32 28.00 13.40
N GLY K 52 -52.76 27.04 14.21
CA GLY K 52 -52.31 26.91 15.57
C GLY K 52 -51.45 25.69 15.81
N THR K 53 -51.13 25.48 17.08
CA THR K 53 -50.36 24.33 17.54
C THR K 53 -51.02 23.80 18.81
N ASN K 54 -50.23 23.25 19.73
CA ASN K 54 -50.74 22.77 21.01
C ASN K 54 -50.43 23.71 22.17
N VAL K 55 -49.67 24.77 21.92
CA VAL K 55 -49.37 25.79 22.92
C VAL K 55 -49.48 27.15 22.26
N GLU K 56 -49.64 28.19 23.09
CA GLU K 56 -49.65 29.55 22.57
C GLU K 56 -48.25 29.99 22.18
N VAL K 57 -48.17 30.81 21.14
CA VAL K 57 -46.92 31.33 20.63
C VAL K 57 -46.98 32.85 20.61
N CYS K 58 -45.85 33.49 20.89
CA CYS K 58 -45.79 34.94 20.95
C CYS K 58 -45.92 35.61 19.59
N THR K 59 -45.90 34.82 18.50
CA THR K 59 -45.94 35.38 17.16
C THR K 59 -47.37 35.59 16.64
N THR K 60 -48.37 35.08 17.33
CA THR K 60 -49.75 35.24 16.88
C THR K 60 -50.18 36.70 16.97
N ASP K 61 -50.92 37.15 15.96
CA ASP K 61 -51.45 38.50 15.91
C ASP K 61 -52.90 38.43 15.48
N ASP K 62 -53.57 39.60 15.48
CA ASP K 62 -54.98 39.65 15.13
C ASP K 62 -55.21 39.10 13.72
N PHE K 63 -54.30 39.40 12.80
CA PHE K 63 -54.47 38.92 11.42
C PHE K 63 -54.50 37.40 11.37
N THR K 64 -53.61 36.75 12.11
CA THR K 64 -53.58 35.29 12.13
C THR K 64 -54.91 34.73 12.61
N ARG K 65 -55.44 35.28 13.70
CA ARG K 65 -56.72 34.79 14.22
C ARG K 65 -57.84 34.94 13.20
N GLY K 66 -57.72 35.89 12.28
CA GLY K 66 -58.74 36.10 11.26
C GLY K 66 -58.85 34.97 10.27
N VAL K 67 -57.80 34.19 10.10
CA VAL K 67 -57.81 33.08 9.16
C VAL K 67 -57.88 31.74 9.88
N ASP K 68 -58.24 31.73 11.16
CA ASP K 68 -58.41 30.47 11.87
C ASP K 68 -59.54 29.66 11.26
N ALA K 69 -59.33 28.35 11.14
CA ALA K 69 -60.43 27.45 10.84
C ALA K 69 -61.23 27.23 12.12
N LEU K 70 -62.56 27.25 12.00
CA LEU K 70 -63.45 27.28 13.14
C LEU K 70 -64.41 26.10 13.12
N VAL K 71 -64.56 25.47 14.28
CA VAL K 71 -65.58 24.44 14.47
C VAL K 71 -66.92 25.15 14.65
N TYR K 72 -67.83 24.95 13.69
CA TYR K 72 -69.12 25.63 13.72
C TYR K 72 -70.28 24.69 14.02
N GLU K 73 -70.01 23.41 14.26
CA GLU K 73 -71.07 22.47 14.59
C GLU K 73 -70.44 21.19 15.11
N ILE K 74 -71.02 20.66 16.19
CA ILE K 74 -70.56 19.40 16.78
C ILE K 74 -71.77 18.60 17.26
N ASP K 75 -71.64 17.28 17.23
CA ASP K 75 -72.65 16.35 17.74
C ASP K 75 -71.90 15.18 18.34
N GLU K 76 -71.63 15.26 19.65
CA GLU K 76 -70.79 14.26 20.30
C GLU K 76 -71.45 12.88 20.26
N ALA K 77 -72.77 12.82 20.46
CA ALA K 77 -73.46 11.53 20.46
C ALA K 77 -73.32 10.82 19.12
N ASN K 78 -73.15 11.58 18.03
CA ASN K 78 -72.98 11.01 16.70
C ASN K 78 -71.58 11.22 16.15
N GLU K 79 -70.68 11.80 16.94
CA GLU K 79 -69.28 11.97 16.52
C GLU K 79 -69.18 12.81 15.24
N LEU K 80 -70.00 13.84 15.14
CA LEU K 80 -69.99 14.75 14.02
C LEU K 80 -69.20 16.01 14.38
N MET K 81 -68.34 16.44 13.45
CA MET K 81 -67.55 17.66 13.62
C MET K 81 -67.42 18.34 12.27
N LYS K 82 -67.96 19.55 12.15
CA LYS K 82 -67.85 20.35 10.95
C LYS K 82 -66.93 21.53 11.22
N ILE K 83 -66.05 21.81 10.26
CA ILE K 83 -65.04 22.87 10.39
C ILE K 83 -65.10 23.75 9.16
N ALA K 84 -64.97 25.06 9.36
CA ALA K 84 -64.99 26.04 8.29
C ALA K 84 -63.59 26.56 8.06
N TYR K 85 -63.09 26.41 6.83
CA TYR K 85 -61.75 26.85 6.48
C TYR K 85 -61.83 28.10 5.62
N PRO K 86 -61.34 29.25 6.08
CA PRO K 86 -61.27 30.42 5.19
C PRO K 86 -60.44 30.12 3.96
N VAL K 87 -60.95 30.55 2.80
CA VAL K 87 -60.34 30.16 1.53
C VAL K 87 -58.92 30.71 1.37
N ASP K 88 -58.58 31.75 2.12
CA ASP K 88 -57.25 32.34 2.00
C ASP K 88 -56.16 31.45 2.58
N LEU K 89 -56.52 30.39 3.32
CA LEU K 89 -55.50 29.53 3.91
C LEU K 89 -54.77 28.71 2.85
N PHE K 90 -55.41 28.43 1.73
CA PHE K 90 -54.93 27.43 0.79
C PHE K 90 -53.90 28.00 -0.15
N ASP K 91 -52.95 27.15 -0.54
CA ASP K 91 -51.81 27.55 -1.35
C ASP K 91 -52.21 27.79 -2.80
N ARG K 92 -51.45 28.66 -3.47
CA ARG K 92 -51.74 29.05 -4.84
C ARG K 92 -50.44 28.99 -5.65
N ASN K 93 -50.58 28.63 -6.92
CA ASN K 93 -49.43 28.57 -7.81
C ASN K 93 -48.86 29.96 -8.07
N ILE K 94 -47.54 30.05 -8.12
CA ILE K 94 -46.90 31.30 -8.51
C ILE K 94 -46.89 31.49 -10.02
N ILE K 95 -47.07 30.41 -10.80
CA ILE K 95 -46.95 30.53 -12.25
C ILE K 95 -48.27 30.95 -12.89
N ASP K 96 -49.40 30.58 -12.30
CA ASP K 96 -50.70 30.90 -12.88
C ASP K 96 -51.77 31.22 -11.86
N GLY K 97 -51.44 31.29 -10.57
CA GLY K 97 -52.40 31.63 -9.56
C GLY K 97 -53.52 30.64 -9.36
N ARG K 98 -53.39 29.42 -9.89
CA ARG K 98 -54.44 28.43 -9.74
C ARG K 98 -54.31 27.72 -8.39
N ALA K 99 -55.36 27.01 -8.02
CA ALA K 99 -55.38 26.26 -6.77
C ALA K 99 -54.65 24.94 -6.94
N MET K 100 -54.43 24.26 -5.80
CA MET K 100 -53.75 22.97 -5.78
C MET K 100 -54.41 22.09 -4.73
N LEU K 101 -54.71 20.85 -5.12
CA LEU K 101 -55.38 19.93 -4.20
C LEU K 101 -54.48 19.52 -3.05
N ALA K 102 -53.16 19.48 -3.28
CA ALA K 102 -52.24 19.08 -2.22
C ALA K 102 -52.36 20.00 -1.01
N SER K 103 -52.68 21.28 -1.23
CA SER K 103 -52.83 22.21 -0.11
C SER K 103 -54.05 21.87 0.72
N PHE K 104 -55.18 21.60 0.06
CA PHE K 104 -56.39 21.21 0.79
C PHE K 104 -56.13 19.95 1.62
N LEU K 105 -55.45 18.96 1.03
CA LEU K 105 -55.17 17.73 1.76
C LEU K 105 -54.23 18.00 2.93
N THR K 106 -53.18 18.81 2.71
CA THR K 106 -52.22 19.07 3.77
C THR K 106 -52.89 19.67 5.00
N LEU K 107 -53.96 20.44 4.81
CA LEU K 107 -54.64 21.09 5.92
C LEU K 107 -55.83 20.26 6.41
N ALA K 108 -56.77 19.94 5.51
CA ALA K 108 -58.02 19.31 5.93
C ALA K 108 -57.82 17.87 6.41
N ILE K 109 -56.77 17.20 5.94
CA ILE K 109 -56.56 15.80 6.29
C ILE K 109 -55.07 15.52 6.35
N GLY K 110 -54.29 16.46 6.88
CA GLY K 110 -52.86 16.29 6.97
C GLY K 110 -52.38 15.85 8.35
N ASN K 111 -51.74 16.76 9.07
CA ASN K 111 -51.19 16.42 10.38
C ASN K 111 -52.26 15.96 11.34
N ASN K 112 -53.51 16.40 11.16
CA ASN K 112 -54.55 16.07 12.11
C ASN K 112 -54.85 14.57 12.16
N GLN K 113 -54.32 13.79 11.21
CA GLN K 113 -54.51 12.35 11.22
C GLN K 113 -53.53 11.62 12.11
N GLY K 114 -52.58 12.33 12.72
CA GLY K 114 -51.65 11.70 13.63
C GLY K 114 -51.66 12.29 15.03
N MET K 115 -52.69 13.07 15.33
CA MET K 115 -52.78 13.72 16.62
C MET K 115 -52.90 12.69 17.74
N GLY K 116 -52.20 12.94 18.84
CA GLY K 116 -52.22 12.02 19.96
C GLY K 116 -53.49 12.04 20.77
N ASP K 117 -54.25 13.13 20.72
CA ASP K 117 -55.48 13.26 21.49
C ASP K 117 -56.72 12.89 20.68
N ILE K 118 -56.55 12.43 19.44
CA ILE K 118 -57.65 12.08 18.56
C ILE K 118 -57.55 10.60 18.22
N GLU K 119 -58.64 9.86 18.47
CA GLU K 119 -58.64 8.44 18.15
C GLU K 119 -58.75 8.22 16.65
N TYR K 120 -59.67 8.93 16.00
CA TYR K 120 -59.78 8.86 14.55
C TYR K 120 -60.58 10.06 14.05
N ALA K 121 -60.40 10.36 12.77
CA ALA K 121 -61.13 11.45 12.12
C ALA K 121 -61.14 11.19 10.63
N LYS K 122 -62.34 11.20 10.03
CA LYS K 122 -62.52 10.90 8.62
C LYS K 122 -63.47 11.89 8.00
N ILE K 123 -63.02 12.50 6.90
CA ILE K 123 -63.88 13.44 6.18
C ILE K 123 -64.93 12.67 5.40
N HIS K 124 -66.19 13.11 5.52
CA HIS K 124 -67.30 12.47 4.82
C HIS K 124 -67.92 13.36 3.77
N ASP K 125 -67.66 14.67 3.81
CA ASP K 125 -68.17 15.56 2.78
C ASP K 125 -67.41 16.87 2.85
N VAL K 126 -67.32 17.56 1.71
CA VAL K 126 -66.62 18.83 1.61
C VAL K 126 -67.41 19.72 0.65
N TYR K 127 -67.51 21.00 1.00
CA TYR K 127 -68.15 21.99 0.14
C TYR K 127 -67.10 22.97 -0.38
N PHE K 128 -67.03 23.11 -1.70
CA PHE K 128 -66.11 24.06 -2.31
C PHE K 128 -66.88 25.27 -2.78
N PRO K 129 -66.66 26.46 -2.21
CA PRO K 129 -67.39 27.64 -2.68
C PRO K 129 -66.93 28.04 -4.08
N PRO K 130 -67.75 28.79 -4.81
CA PRO K 130 -67.39 29.12 -6.20
C PRO K 130 -66.01 29.75 -6.33
N CYS K 131 -65.69 30.74 -5.51
CA CYS K 131 -64.42 31.45 -5.66
C CYS K 131 -63.23 30.51 -5.54
N TYR K 132 -63.37 29.42 -4.80
CA TYR K 132 -62.30 28.44 -4.65
C TYR K 132 -62.38 27.39 -5.75
N LEU K 133 -63.56 26.81 -5.97
CA LEU K 133 -63.69 25.79 -7.02
C LEU K 133 -63.28 26.31 -8.38
N ARG K 134 -63.55 27.60 -8.65
CA ARG K 134 -63.16 28.22 -9.91
C ARG K 134 -61.67 28.10 -10.19
N LEU K 135 -60.85 27.88 -9.17
CA LEU K 135 -59.41 27.91 -9.31
C LEU K 135 -58.79 26.57 -9.61
N PHE K 136 -59.58 25.53 -9.81
CA PHE K 136 -59.07 24.20 -10.08
C PHE K 136 -59.19 23.87 -11.57
N ASP K 137 -58.30 22.98 -12.02
CA ASP K 137 -58.22 22.68 -13.45
C ASP K 137 -59.56 22.16 -13.99
N GLY K 138 -60.17 21.21 -13.28
CA GLY K 138 -61.37 20.57 -13.76
C GLY K 138 -61.12 19.74 -15.00
N PRO K 139 -62.05 18.84 -15.33
CA PRO K 139 -61.81 17.96 -16.47
C PRO K 139 -61.80 18.72 -17.78
N ALA K 140 -60.96 18.27 -18.71
CA ALA K 140 -60.95 18.78 -20.07
C ALA K 140 -61.62 17.83 -21.06
N MET K 141 -61.78 16.56 -20.69
CA MET K 141 -62.40 15.56 -21.54
C MET K 141 -63.39 14.75 -20.73
N ASN K 142 -64.20 13.97 -21.44
CA ASN K 142 -65.33 13.27 -20.85
C ASN K 142 -65.60 12.02 -21.67
N ILE K 143 -66.67 11.30 -21.30
CA ILE K 143 -67.16 10.21 -22.14
C ILE K 143 -67.71 10.76 -23.45
N VAL K 144 -68.16 12.02 -23.44
CA VAL K 144 -68.64 12.65 -24.66
C VAL K 144 -67.57 12.60 -25.74
N ASP K 145 -66.31 12.77 -25.36
CA ASP K 145 -65.23 12.72 -26.32
C ASP K 145 -65.03 11.32 -26.88
N MET K 146 -65.35 10.29 -26.09
CA MET K 146 -65.33 8.93 -26.62
C MET K 146 -66.52 8.69 -27.56
N TRP K 147 -67.68 9.21 -27.20
CA TRP K 147 -68.84 9.11 -28.08
C TRP K 147 -68.56 9.76 -29.43
N ARG K 148 -67.92 10.93 -29.41
CA ARG K 148 -67.63 11.64 -30.65
C ARG K 148 -66.73 10.80 -31.56
N VAL K 149 -65.67 10.24 -31.00
CA VAL K 149 -64.78 9.39 -31.78
C VAL K 149 -65.49 8.12 -32.23
N LEU K 150 -66.32 7.55 -31.36
CA LEU K 150 -67.10 6.37 -31.73
C LEU K 150 -68.26 6.69 -32.65
N GLU K 151 -68.56 7.97 -32.88
CA GLU K 151 -69.67 8.40 -33.73
C GLU K 151 -71.02 8.01 -33.13
N ARG K 152 -71.12 8.02 -31.80
CA ARG K 152 -72.36 7.79 -31.08
C ARG K 152 -72.99 9.12 -30.71
N PRO K 153 -74.25 9.11 -30.30
CA PRO K 153 -74.90 10.36 -29.88
C PRO K 153 -74.14 11.01 -28.72
N LEU K 154 -74.05 12.34 -28.76
CA LEU K 154 -73.34 13.08 -27.74
C LEU K 154 -74.16 13.31 -26.48
N VAL K 155 -75.46 13.03 -26.53
CA VAL K 155 -76.34 13.05 -25.35
C VAL K 155 -76.90 11.64 -25.21
N ASP K 156 -76.71 11.04 -24.03
CA ASP K 156 -77.15 9.66 -23.78
C ASP K 156 -76.56 8.71 -24.82
N GLY K 157 -75.25 8.81 -25.02
CA GLY K 157 -74.58 7.98 -26.00
C GLY K 157 -74.57 6.51 -25.66
N GLY K 158 -74.71 6.17 -24.39
CA GLY K 158 -74.76 4.78 -23.97
C GLY K 158 -73.45 4.31 -23.38
N MET K 159 -73.39 2.99 -23.18
CA MET K 159 -72.24 2.36 -22.54
C MET K 159 -71.08 2.25 -23.50
N VAL K 160 -69.88 2.46 -22.99
CA VAL K 160 -68.64 2.18 -23.71
C VAL K 160 -68.17 0.80 -23.27
N VAL K 161 -68.29 -0.18 -24.17
CA VAL K 161 -67.99 -1.57 -23.83
C VAL K 161 -66.48 -1.71 -23.71
N GLY K 162 -66.00 -1.92 -22.49
CA GLY K 162 -64.57 -2.01 -22.22
C GLY K 162 -64.19 -3.32 -21.56
N THR K 163 -62.89 -3.47 -21.38
CA THR K 163 -62.33 -4.62 -20.67
C THR K 163 -60.93 -4.29 -20.19
N ILE K 164 -60.42 -5.14 -19.30
CA ILE K 164 -59.08 -5.00 -18.75
C ILE K 164 -58.31 -6.26 -19.14
N ILE K 165 -57.29 -6.09 -19.97
CA ILE K 165 -56.53 -7.22 -20.49
C ILE K 165 -56.02 -8.07 -19.32
N LYS K 166 -56.66 -9.21 -19.08
CA LYS K 166 -56.16 -10.19 -18.13
C LYS K 166 -55.38 -11.27 -18.86
N PRO K 167 -54.36 -11.88 -18.25
CA PRO K 167 -53.76 -11.68 -16.94
C PRO K 167 -53.38 -10.24 -16.60
N LYS K 168 -53.39 -9.92 -15.30
CA LYS K 168 -52.95 -8.60 -14.86
C LYS K 168 -51.50 -8.34 -15.26
N LEU K 169 -50.65 -9.35 -15.14
CA LEU K 169 -49.25 -9.25 -15.56
C LEU K 169 -48.78 -10.63 -15.97
N GLY K 170 -47.97 -10.68 -17.03
CA GLY K 170 -47.42 -11.93 -17.49
C GLY K 170 -47.57 -12.15 -18.98
N LEU K 171 -48.46 -11.41 -19.62
CA LEU K 171 -48.68 -11.55 -21.06
C LEU K 171 -47.55 -10.88 -21.81
N ARG K 172 -46.83 -11.65 -22.63
CA ARG K 172 -45.76 -11.12 -23.45
C ARG K 172 -46.36 -10.27 -24.57
N PRO K 173 -45.52 -9.50 -25.29
CA PRO K 173 -46.05 -8.59 -26.30
C PRO K 173 -47.08 -9.19 -27.25
N GLU K 174 -46.68 -10.20 -28.01
CA GLU K 174 -47.56 -10.69 -29.07
C GLU K 174 -48.87 -11.27 -28.54
N PRO K 175 -48.88 -12.14 -27.53
CA PRO K 175 -50.18 -12.60 -27.03
C PRO K 175 -51.05 -11.46 -26.50
N PHE K 176 -50.44 -10.48 -25.84
CA PHE K 176 -51.18 -9.31 -25.41
C PHE K 176 -51.87 -8.64 -26.59
N ALA K 177 -51.09 -8.31 -27.63
CA ALA K 177 -51.67 -7.66 -28.80
C ALA K 177 -52.73 -8.53 -29.46
N ALA K 178 -52.49 -9.85 -29.51
CA ALA K 178 -53.49 -10.75 -30.09
C ALA K 178 -54.79 -10.71 -29.31
N ALA K 179 -54.71 -10.67 -27.98
CA ALA K 179 -55.91 -10.56 -27.17
C ALA K 179 -56.62 -9.22 -27.41
N CYS K 180 -55.85 -8.15 -27.57
CA CYS K 180 -56.44 -6.84 -27.83
C CYS K 180 -57.24 -6.87 -29.13
N TYR K 181 -56.64 -7.39 -30.20
CA TYR K 181 -57.34 -7.49 -31.47
C TYR K 181 -58.64 -8.28 -31.34
N GLN K 182 -58.61 -9.37 -30.58
CA GLN K 182 -59.78 -10.24 -30.48
C GLN K 182 -60.93 -9.52 -29.77
N PHE K 183 -60.64 -8.83 -28.67
CA PHE K 183 -61.71 -8.15 -27.95
C PHE K 183 -62.30 -7.01 -28.78
N TRP K 184 -61.43 -6.23 -29.44
CA TRP K 184 -61.91 -5.10 -30.23
C TRP K 184 -62.82 -5.54 -31.37
N LEU K 185 -62.81 -6.83 -31.72
CA LEU K 185 -63.73 -7.31 -32.76
C LEU K 185 -65.19 -7.19 -32.34
N GLY K 186 -65.46 -7.10 -31.04
CA GLY K 186 -66.82 -6.95 -30.57
C GLY K 186 -66.96 -5.86 -29.52
N GLY K 187 -65.83 -5.31 -29.07
CA GLY K 187 -65.81 -4.31 -28.04
C GLY K 187 -65.33 -2.96 -28.54
N ASP K 188 -65.28 -2.01 -27.61
CA ASP K 188 -64.91 -0.62 -27.90
C ASP K 188 -63.62 -0.19 -27.24
N PHE K 189 -63.36 -0.64 -26.00
CA PHE K 189 -62.39 0.01 -25.13
C PHE K 189 -61.55 -1.03 -24.40
N ILE K 190 -60.25 -0.84 -24.39
CA ILE K 190 -59.34 -1.70 -23.66
C ILE K 190 -58.43 -0.83 -22.79
N KCX K 191 -58.23 -1.23 -21.54
CA KCX K 191 -57.35 -0.49 -20.66
CB KCX K 191 -58.13 0.12 -19.50
CG KCX K 191 -58.75 -0.96 -18.61
CD KCX K 191 -59.55 -0.32 -17.47
CE KCX K 191 -58.61 0.34 -16.46
NZ KCX K 191 -57.71 -0.65 -15.89
C KCX K 191 -56.26 -1.41 -20.11
O KCX K 191 -56.51 -2.61 -19.80
CX KCX K 191 -58.11 -1.40 -14.72
OQ1 KCX K 191 -59.26 -1.26 -14.23
OQ2 KCX K 191 -57.30 -2.20 -14.19
HA KCX K 191 -56.94 0.22 -21.16
HB2 KCX K 191 -58.84 0.68 -19.85
HB3 KCX K 191 -57.53 0.67 -18.96
HG2 KCX K 191 -58.04 -1.51 -18.24
HG3 KCX K 191 -59.34 -1.52 -19.14
HD2 KCX K 191 -60.07 -1.01 -17.02
HD3 KCX K 191 -60.15 0.34 -17.84
HE2 KCX K 191 -59.14 0.74 -15.75
HE3 KCX K 191 -58.10 1.02 -16.92
HZ KCX K 191 -56.94 -0.80 -16.26
N ASN K 192 -55.04 -0.89 -20.00
CA ASN K 192 -53.96 -1.57 -19.29
C ASN K 192 -54.44 -1.86 -17.87
N ASP K 193 -54.22 -3.07 -17.38
CA ASP K 193 -54.36 -3.30 -15.95
C ASP K 193 -53.42 -2.36 -15.21
N GLU K 194 -53.85 -1.89 -14.05
CA GLU K 194 -53.20 -0.74 -13.43
C GLU K 194 -51.68 -0.87 -13.29
N PRO K 195 -51.11 -2.06 -13.11
CA PRO K 195 -49.65 -2.15 -13.01
C PRO K 195 -48.93 -2.47 -14.31
N GLN K 196 -49.65 -2.63 -15.42
CA GLN K 196 -49.00 -2.91 -16.69
C GLN K 196 -48.30 -1.67 -17.20
N GLY K 197 -47.05 -1.83 -17.63
CA GLY K 197 -46.28 -0.70 -18.15
C GLY K 197 -45.09 -1.11 -18.97
N ASN K 198 -43.92 -1.21 -18.33
CA ASN K 198 -42.66 -1.49 -19.00
C ASN K 198 -41.92 -2.62 -18.31
N GLN K 199 -42.65 -3.65 -17.89
CA GLN K 199 -42.01 -4.83 -17.34
C GLN K 199 -41.01 -5.39 -18.34
N VAL K 200 -39.95 -6.03 -17.81
CA VAL K 200 -38.88 -6.51 -18.67
C VAL K 200 -39.38 -7.56 -19.66
N PHE K 201 -40.38 -8.34 -19.29
CA PHE K 201 -40.94 -9.35 -20.19
C PHE K 201 -41.90 -8.77 -21.21
N ALA K 202 -42.32 -7.51 -21.04
CA ALA K 202 -43.22 -6.85 -21.98
C ALA K 202 -42.85 -5.37 -22.05
N PRO K 203 -41.74 -5.06 -22.72
CA PRO K 203 -41.27 -3.66 -22.75
C PRO K 203 -42.28 -2.75 -23.44
N LEU K 204 -42.39 -1.53 -22.93
CA LEU K 204 -43.35 -0.58 -23.47
C LEU K 204 -43.08 -0.28 -24.94
N ARG K 205 -41.80 -0.10 -25.30
CA ARG K 205 -41.47 0.28 -26.66
C ARG K 205 -41.78 -0.83 -27.68
N THR K 206 -41.83 -2.08 -27.23
CA THR K 206 -42.14 -3.19 -28.13
C THR K 206 -43.63 -3.46 -28.20
N ILE K 207 -44.32 -3.41 -27.06
CA ILE K 207 -45.73 -3.78 -27.01
C ILE K 207 -46.59 -2.70 -27.64
N MET K 208 -46.20 -1.44 -27.52
CA MET K 208 -47.07 -0.36 -27.98
C MET K 208 -47.28 -0.38 -29.48
N PRO K 209 -46.25 -0.53 -30.31
CA PRO K 209 -46.49 -0.67 -31.76
C PRO K 209 -47.43 -1.80 -32.11
N MET K 210 -47.39 -2.91 -31.37
CA MET K 210 -48.26 -4.03 -31.70
C MET K 210 -49.70 -3.76 -31.29
N ILE K 211 -49.92 -3.02 -30.21
CA ILE K 211 -51.27 -2.67 -29.82
C ILE K 211 -51.90 -1.75 -30.87
N ALA K 212 -51.12 -0.78 -31.35
CA ALA K 212 -51.62 0.11 -32.39
C ALA K 212 -51.98 -0.67 -33.64
N ASP K 213 -51.15 -1.65 -34.02
CA ASP K 213 -51.45 -2.48 -35.18
C ASP K 213 -52.75 -3.25 -34.98
N SER K 214 -52.92 -3.84 -33.79
CA SER K 214 -54.17 -4.53 -33.49
C SER K 214 -55.36 -3.59 -33.61
N MET K 215 -55.18 -2.33 -33.21
CA MET K 215 -56.25 -1.35 -33.29
C MET K 215 -56.61 -1.06 -34.73
N ARG K 216 -55.61 -0.85 -35.59
CA ARG K 216 -55.88 -0.57 -36.98
C ARG K 216 -56.61 -1.73 -37.66
N ARG K 217 -56.20 -2.96 -37.34
CA ARG K 217 -56.82 -4.13 -37.98
C ARG K 217 -58.28 -4.27 -37.55
N ALA K 218 -58.53 -4.26 -36.24
CA ALA K 218 -59.89 -4.38 -35.76
C ALA K 218 -60.77 -3.27 -36.29
N GLN K 219 -60.24 -2.04 -36.34
CA GLN K 219 -60.99 -0.94 -36.91
C GLN K 219 -61.30 -1.20 -38.37
N ASP K 220 -60.33 -1.74 -39.12
CA ASP K 220 -60.53 -1.97 -40.55
C ASP K 220 -61.57 -3.05 -40.80
N GLU K 221 -61.53 -4.12 -40.00
CA GLU K 221 -62.40 -5.33 -40.17
C GLU K 221 -63.84 -5.04 -39.68
N THR K 222 -64.05 -4.07 -38.78
CA THR K 222 -65.37 -3.79 -38.23
C THR K 222 -65.97 -2.47 -38.70
N GLY K 223 -65.16 -1.59 -39.30
CA GLY K 223 -65.65 -0.28 -39.66
C GLY K 223 -65.93 0.64 -38.49
N GLN K 224 -65.61 0.22 -37.27
CA GLN K 224 -65.86 1.00 -36.07
C GLN K 224 -64.52 1.46 -35.47
N ALA K 225 -64.59 2.56 -34.72
CA ALA K 225 -63.41 3.06 -34.04
C ALA K 225 -63.19 2.29 -32.74
N LYS K 226 -61.92 2.09 -32.40
CA LYS K 226 -61.54 1.39 -31.18
C LYS K 226 -60.71 2.30 -30.28
N LEU K 227 -60.87 2.12 -28.97
CA LEU K 227 -60.22 2.96 -27.98
C LEU K 227 -59.28 2.12 -27.12
N PHE K 228 -58.31 2.80 -26.52
CA PHE K 228 -57.34 2.15 -25.65
C PHE K 228 -56.91 3.14 -24.57
N SER K 229 -56.69 2.63 -23.35
CA SER K 229 -56.24 3.43 -22.22
C SER K 229 -54.90 2.88 -21.75
N ALA K 230 -53.83 3.66 -21.99
CA ALA K 230 -52.48 3.22 -21.69
C ALA K 230 -52.02 3.81 -20.36
N ASN K 231 -51.42 2.96 -19.53
CA ASN K 231 -50.86 3.41 -18.26
C ASN K 231 -49.54 4.15 -18.49
N ILE K 232 -49.39 5.29 -17.82
CA ILE K 232 -48.16 6.07 -17.92
C ILE K 232 -47.65 6.45 -16.55
N THR K 233 -48.24 5.85 -15.51
CA THR K 233 -47.85 6.17 -14.14
C THR K 233 -46.34 5.98 -13.96
N ALA K 234 -45.73 6.91 -13.22
CA ALA K 234 -44.31 6.81 -12.92
C ALA K 234 -43.98 7.78 -11.79
N ASP K 235 -42.83 7.53 -11.16
CA ASP K 235 -42.34 8.45 -10.15
C ASP K 235 -41.82 9.74 -10.80
N ASP K 236 -41.01 9.61 -11.83
CA ASP K 236 -40.42 10.76 -12.50
C ASP K 236 -41.43 11.37 -13.46
N PRO K 237 -41.81 12.64 -13.29
CA PRO K 237 -42.67 13.27 -14.30
C PRO K 237 -42.12 13.15 -15.71
N ALA K 238 -40.80 13.24 -15.86
CA ALA K 238 -40.19 13.09 -17.19
C ALA K 238 -40.52 11.73 -17.78
N GLU K 239 -40.50 10.68 -16.98
CA GLU K 239 -40.92 9.35 -17.46
C GLU K 239 -42.37 9.39 -17.91
N MET K 240 -43.23 10.05 -17.15
CA MET K 240 -44.64 10.16 -17.54
C MET K 240 -44.78 10.86 -18.88
N TYR K 241 -44.01 11.93 -19.10
CA TYR K 241 -44.08 12.65 -20.37
C TYR K 241 -43.51 11.83 -21.50
N ALA K 242 -42.39 11.14 -21.25
CA ALA K 242 -41.78 10.33 -22.31
C ALA K 242 -42.72 9.21 -22.75
N ARG K 243 -43.37 8.54 -21.81
CA ARG K 243 -44.35 7.51 -22.17
C ARG K 243 -45.46 8.09 -23.03
N GLY K 244 -46.04 9.21 -22.59
CA GLY K 244 -47.13 9.81 -23.34
C GLY K 244 -46.73 10.20 -24.74
N GLU K 245 -45.59 10.89 -24.86
CA GLU K 245 -45.13 11.29 -26.20
C GLU K 245 -44.92 10.07 -27.08
N PHE K 246 -44.21 9.06 -26.57
CA PHE K 246 -43.96 7.87 -27.37
C PHE K 246 -45.26 7.21 -27.82
N ILE K 247 -46.22 7.11 -26.91
CA ILE K 247 -47.49 6.45 -27.25
C ILE K 247 -48.22 7.22 -28.32
N LEU K 248 -48.29 8.55 -28.19
CA LEU K 248 -48.99 9.36 -29.18
C LEU K 248 -48.32 9.26 -30.54
N GLU K 249 -46.99 9.28 -30.57
CA GLU K 249 -46.28 9.13 -31.84
C GLU K 249 -46.57 7.78 -32.48
N THR K 250 -46.60 6.73 -31.67
CA THR K 250 -46.81 5.39 -32.22
C THR K 250 -48.19 5.25 -32.85
N PHE K 251 -49.22 5.75 -32.18
CA PHE K 251 -50.58 5.64 -32.70
C PHE K 251 -50.85 6.60 -33.84
N GLY K 252 -50.04 7.65 -33.97
CA GLY K 252 -50.14 8.55 -35.10
C GLY K 252 -51.52 9.09 -35.36
N GLU K 253 -52.10 8.75 -36.51
CA GLU K 253 -53.40 9.30 -36.89
C GLU K 253 -54.50 8.92 -35.91
N PHE K 254 -54.29 7.88 -35.11
CA PHE K 254 -55.28 7.43 -34.13
C PHE K 254 -54.86 7.77 -32.70
N ALA K 255 -54.02 8.80 -32.53
CA ALA K 255 -53.61 9.18 -31.17
C ALA K 255 -54.78 9.69 -30.35
N ASP K 256 -55.79 10.27 -31.00
CA ASP K 256 -56.98 10.71 -30.28
C ASP K 256 -57.83 9.53 -29.79
N HIS K 257 -57.49 8.30 -30.16
CA HIS K 257 -58.17 7.12 -29.66
C HIS K 257 -57.56 6.60 -28.36
N VAL K 258 -56.51 7.24 -27.86
CA VAL K 258 -55.74 6.74 -26.73
C VAL K 258 -56.03 7.60 -25.50
N ALA K 259 -56.31 6.94 -24.38
CA ALA K 259 -56.45 7.58 -23.08
C ALA K 259 -55.23 7.22 -22.24
N PHE K 260 -54.90 8.10 -21.30
CA PHE K 260 -53.75 7.92 -20.42
C PHE K 260 -54.25 7.58 -19.02
N LEU K 261 -53.83 6.42 -18.51
CA LEU K 261 -54.25 5.95 -17.19
C LEU K 261 -53.18 6.30 -16.17
N VAL K 262 -53.60 6.87 -15.05
CA VAL K 262 -52.71 7.24 -13.97
C VAL K 262 -53.27 6.64 -12.68
N ASP K 263 -52.42 5.89 -11.96
CA ASP K 263 -52.77 5.38 -10.63
C ASP K 263 -52.65 6.53 -9.64
N GLY K 264 -53.71 7.34 -9.58
CA GLY K 264 -53.63 8.62 -8.89
C GLY K 264 -53.48 8.51 -7.39
N TYR K 265 -54.08 7.51 -6.78
CA TYR K 265 -54.03 7.43 -5.31
C TYR K 265 -52.63 7.08 -4.83
N VAL K 266 -52.00 6.09 -5.45
CA VAL K 266 -50.65 5.70 -5.01
C VAL K 266 -49.60 6.67 -5.55
N ALA K 267 -49.79 7.20 -6.75
CA ALA K 267 -48.84 8.14 -7.31
C ALA K 267 -49.06 9.56 -6.79
N GLY K 268 -50.31 9.91 -6.44
CA GLY K 268 -50.60 11.18 -5.83
C GLY K 268 -51.21 12.17 -6.81
N PRO K 269 -51.76 13.26 -6.28
CA PRO K 269 -52.34 14.28 -7.16
C PRO K 269 -51.32 14.88 -8.12
N THR K 270 -50.06 14.96 -7.72
CA THR K 270 -49.04 15.54 -8.58
C THR K 270 -48.89 14.73 -9.87
N ALA K 271 -49.06 13.41 -9.80
CA ALA K 271 -49.03 12.61 -11.03
C ALA K 271 -50.26 12.85 -11.86
N VAL K 272 -51.43 13.01 -11.23
CA VAL K 272 -52.65 13.28 -11.97
C VAL K 272 -52.58 14.62 -12.66
N THR K 273 -52.15 15.66 -11.94
CA THR K 273 -52.06 16.98 -12.54
C THR K 273 -51.00 17.03 -13.63
N ALA K 274 -49.89 16.33 -13.43
CA ALA K 274 -48.85 16.29 -14.45
C ALA K 274 -49.42 15.83 -15.79
N CYS K 275 -50.31 14.84 -15.76
CA CYS K 275 -50.94 14.36 -17.00
C CYS K 275 -52.04 15.31 -17.46
N ARG K 276 -52.84 15.82 -16.52
CA ARG K 276 -53.94 16.70 -16.90
C ARG K 276 -53.44 17.95 -17.62
N ARG K 277 -52.26 18.44 -17.26
CA ARG K 277 -51.75 19.70 -17.80
C ARG K 277 -50.82 19.52 -18.99
N ARG K 278 -50.14 18.38 -19.08
CA ARG K 278 -49.26 18.13 -20.22
C ARG K 278 -50.02 17.52 -21.39
N PHE K 279 -51.01 16.67 -21.12
CA PHE K 279 -51.81 16.02 -22.16
C PHE K 279 -53.29 16.31 -21.93
N PRO K 280 -53.69 17.59 -21.93
CA PRO K 280 -55.10 17.90 -21.67
C PRO K 280 -56.03 17.38 -22.77
N GLN K 281 -55.53 17.23 -23.98
CA GLN K 281 -56.34 16.75 -25.09
C GLN K 281 -56.42 15.24 -25.15
N GLN K 282 -55.95 14.54 -24.12
CA GLN K 282 -56.05 13.09 -24.02
C GLN K 282 -56.91 12.75 -22.80
N PHE K 283 -57.88 11.87 -22.99
CA PHE K 283 -58.72 11.38 -21.90
C PHE K 283 -57.85 10.94 -20.74
N LEU K 284 -58.11 11.50 -19.56
CA LEU K 284 -57.37 11.18 -18.35
C LEU K 284 -58.15 10.14 -17.57
N HIS K 285 -57.61 8.92 -17.49
CA HIS K 285 -58.25 7.81 -16.81
C HIS K 285 -57.63 7.69 -15.42
N TYR K 286 -58.42 8.03 -14.40
CA TYR K 286 -57.97 7.97 -13.00
C TYR K 286 -58.28 6.58 -12.46
N HIS K 287 -57.23 5.80 -12.21
CA HIS K 287 -57.37 4.51 -11.55
C HIS K 287 -57.00 4.68 -10.07
N ARG K 288 -57.89 4.23 -9.18
CA ARG K 288 -57.80 4.52 -7.77
C ARG K 288 -57.22 3.36 -6.96
N ALA K 289 -56.41 2.52 -7.58
CA ALA K 289 -55.79 1.41 -6.86
C ALA K 289 -55.12 1.90 -5.58
N GLY K 290 -55.48 1.28 -4.46
CA GLY K 290 -54.95 1.64 -3.16
C GLY K 290 -55.89 2.47 -2.31
N HIS K 291 -56.88 3.13 -2.93
CA HIS K 291 -57.79 3.99 -2.19
C HIS K 291 -58.40 3.29 -0.99
N GLY K 292 -58.63 1.98 -1.10
CA GLY K 292 -59.30 1.23 -0.06
C GLY K 292 -58.66 1.35 1.31
N ALA K 293 -57.38 1.71 1.34
CA ALA K 293 -56.68 1.86 2.62
C ALA K 293 -57.35 2.89 3.51
N VAL K 294 -58.06 3.86 2.93
CA VAL K 294 -58.73 4.92 3.68
C VAL K 294 -60.22 4.97 3.37
N THR K 295 -60.60 4.70 2.11
CA THR K 295 -61.99 4.86 1.72
C THR K 295 -62.89 3.74 2.24
N SER K 296 -62.31 2.59 2.59
CA SER K 296 -63.11 1.46 3.03
C SER K 296 -63.92 1.86 4.25
N PRO K 297 -65.23 1.56 4.29
CA PRO K 297 -66.00 1.83 5.51
C PRO K 297 -65.42 1.19 6.75
N GLN K 298 -64.60 0.15 6.59
CA GLN K 298 -63.91 -0.43 7.74
C GLN K 298 -62.94 0.55 8.36
N SER K 299 -62.49 1.55 7.60
CA SER K 299 -61.56 2.55 8.11
C SER K 299 -62.32 3.74 8.69
N LYS K 300 -61.81 4.26 9.81
CA LYS K 300 -62.36 5.44 10.45
C LYS K 300 -61.46 6.66 10.25
N ARG K 301 -60.53 6.60 9.32
CA ARG K 301 -59.55 7.65 9.10
C ARG K 301 -59.57 8.08 7.63
N GLY K 302 -58.85 9.17 7.35
CA GLY K 302 -58.72 9.64 5.98
C GLY K 302 -59.98 10.25 5.43
N TYR K 303 -60.46 9.72 4.31
CA TYR K 303 -61.67 10.22 3.68
C TYR K 303 -62.39 9.07 3.00
N THR K 304 -63.67 9.30 2.71
CA THR K 304 -64.50 8.28 2.07
C THR K 304 -64.27 8.28 0.56
N ALA K 305 -64.83 7.27 -0.10
CA ALA K 305 -64.72 7.18 -1.55
C ALA K 305 -65.49 8.32 -2.24
N PHE K 306 -66.61 8.75 -1.65
CA PHE K 306 -67.34 9.88 -2.20
C PHE K 306 -66.44 11.12 -2.25
N VAL K 307 -65.73 11.39 -1.15
CA VAL K 307 -64.83 12.54 -1.11
C VAL K 307 -63.70 12.35 -2.11
N HIS K 308 -63.12 11.15 -2.13
CA HIS K 308 -62.01 10.88 -3.05
C HIS K 308 -62.42 11.13 -4.50
N CYS K 309 -63.57 10.59 -4.90
CA CYS K 309 -64.01 10.77 -6.28
C CYS K 309 -64.35 12.23 -6.56
N LYS K 310 -65.01 12.91 -5.62
CA LYS K 310 -65.30 14.32 -5.81
C LYS K 310 -64.02 15.12 -6.02
N MET K 311 -62.97 14.80 -5.28
CA MET K 311 -61.71 15.51 -5.41
C MET K 311 -61.05 15.24 -6.75
N SER K 312 -61.26 14.04 -7.32
CA SER K 312 -60.68 13.74 -8.62
C SER K 312 -61.25 14.63 -9.71
N ARG K 313 -62.50 15.05 -9.56
CA ARG K 313 -63.09 15.99 -10.51
C ARG K 313 -62.32 17.31 -10.52
N LEU K 314 -61.92 17.79 -9.34
CA LEU K 314 -61.14 19.02 -9.27
C LEU K 314 -59.79 18.87 -9.97
N SER K 315 -59.10 17.75 -9.73
CA SER K 315 -57.81 17.52 -10.39
C SER K 315 -57.96 17.47 -11.90
N GLY K 316 -59.12 17.04 -12.39
CA GLY K 316 -59.38 17.05 -13.82
C GLY K 316 -59.50 15.68 -14.45
N ALA K 317 -59.89 14.69 -13.66
CA ALA K 317 -60.08 13.34 -14.19
C ALA K 317 -61.19 13.33 -15.24
N SER K 318 -60.87 12.81 -16.43
CA SER K 318 -61.90 12.58 -17.42
C SER K 318 -62.81 11.44 -17.03
N GLY K 319 -62.29 10.48 -16.25
CA GLY K 319 -63.09 9.39 -15.75
C GLY K 319 -62.37 8.72 -14.60
N ILE K 320 -63.15 8.24 -13.64
CA ILE K 320 -62.60 7.61 -12.45
C ILE K 320 -63.48 6.42 -12.07
N HIS K 321 -62.86 5.42 -11.45
CA HIS K 321 -63.60 4.27 -10.95
C HIS K 321 -64.44 4.66 -9.74
N THR K 322 -65.75 4.47 -9.84
CA THR K 322 -66.67 4.73 -8.75
C THR K 322 -67.13 3.46 -8.06
N GLY K 323 -66.59 2.30 -8.45
CA GLY K 323 -67.03 1.03 -7.92
C GLY K 323 -68.32 0.56 -8.59
N THR K 324 -68.70 -0.66 -8.25
CA THR K 324 -69.91 -1.27 -8.80
C THR K 324 -71.12 -1.09 -7.91
N MET K 325 -70.99 -0.37 -6.79
CA MET K 325 -72.13 -0.03 -5.94
C MET K 325 -72.83 -1.28 -5.43
N GLY K 326 -72.05 -2.17 -4.81
CA GLY K 326 -72.59 -3.37 -4.22
C GLY K 326 -72.93 -4.48 -5.19
N TYR K 327 -72.63 -4.32 -6.47
CA TYR K 327 -72.94 -5.33 -7.48
C TYR K 327 -71.73 -6.12 -7.95
N GLY K 328 -70.52 -5.71 -7.56
CA GLY K 328 -69.32 -6.39 -8.01
C GLY K 328 -68.55 -7.08 -6.89
N LYS K 329 -67.25 -7.22 -7.07
CA LYS K 329 -66.38 -7.89 -6.11
C LYS K 329 -65.72 -6.95 -5.12
N MET K 330 -65.62 -5.66 -5.46
CA MET K 330 -64.97 -4.70 -4.57
C MET K 330 -65.97 -4.18 -3.53
N GLU K 331 -65.43 -3.63 -2.45
CA GLU K 331 -66.27 -3.06 -1.39
C GLU K 331 -67.08 -1.90 -1.93
N GLY K 332 -68.41 -2.04 -1.94
CA GLY K 332 -69.29 -1.01 -2.43
C GLY K 332 -70.64 -1.10 -1.75
N ASP K 333 -71.47 -0.10 -2.03
CA ASP K 333 -72.81 -0.02 -1.44
C ASP K 333 -73.74 0.63 -2.46
N ALA K 334 -75.00 0.21 -2.45
CA ALA K 334 -75.96 0.69 -3.44
C ALA K 334 -76.08 2.21 -3.41
N ASP K 335 -75.98 2.81 -2.22
CA ASP K 335 -76.10 4.26 -2.10
C ASP K 335 -74.92 5.00 -2.72
N ASP K 336 -73.87 4.29 -3.14
CA ASP K 336 -72.74 4.95 -3.78
C ASP K 336 -73.10 5.57 -5.12
N LYS K 337 -74.32 5.37 -5.61
CA LYS K 337 -74.75 6.06 -6.82
C LYS K 337 -74.73 7.56 -6.66
N ALA K 338 -74.76 8.06 -5.42
CA ALA K 338 -74.62 9.49 -5.18
C ALA K 338 -73.27 10.00 -5.65
N ILE K 339 -72.27 9.13 -5.71
CA ILE K 339 -70.96 9.53 -6.20
C ILE K 339 -71.03 9.82 -7.70
N ALA K 340 -71.74 8.98 -8.45
CA ALA K 340 -71.89 9.19 -9.88
C ALA K 340 -72.58 10.51 -10.16
N TYR K 341 -73.68 10.80 -9.45
CA TYR K 341 -74.39 12.05 -9.66
C TYR K 341 -73.50 13.25 -9.33
N MET K 342 -72.71 13.16 -8.25
CA MET K 342 -71.82 14.25 -7.89
C MET K 342 -70.69 14.42 -8.91
N LEU K 343 -70.36 13.39 -9.67
CA LEU K 343 -69.32 13.49 -10.68
C LEU K 343 -69.82 14.04 -12.00
N GLU K 344 -71.07 13.75 -12.36
CA GLU K 344 -71.57 14.01 -13.70
C GLU K 344 -72.58 15.15 -13.78
N GLN K 345 -73.03 15.69 -12.65
CA GLN K 345 -74.05 16.72 -12.65
C GLN K 345 -73.45 18.06 -12.24
N ASP K 346 -74.11 19.14 -12.69
CA ASP K 346 -73.73 20.48 -12.28
C ASP K 346 -74.28 20.84 -10.91
N ASP K 347 -75.28 20.11 -10.42
CA ASP K 347 -75.89 20.35 -9.12
C ASP K 347 -76.22 19.00 -8.52
N ALA K 348 -75.53 18.62 -7.45
CA ALA K 348 -75.72 17.32 -6.83
C ALA K 348 -75.73 17.47 -5.31
N GLN K 349 -76.26 16.46 -4.64
CA GLN K 349 -76.38 16.45 -3.19
C GLN K 349 -75.38 15.46 -2.60
N GLY K 350 -74.57 15.95 -1.65
CA GLY K 350 -73.66 15.10 -0.92
C GLY K 350 -74.23 14.71 0.43
N PRO K 351 -73.50 13.88 1.17
CA PRO K 351 -74.01 13.44 2.48
C PRO K 351 -74.35 14.60 3.41
N TYR K 352 -73.66 15.73 3.27
CA TYR K 352 -73.90 16.89 4.12
C TYR K 352 -74.01 18.22 3.37
N PHE K 353 -73.45 18.33 2.17
CA PHE K 353 -73.37 19.60 1.46
C PHE K 353 -73.93 19.46 0.05
N ARG K 354 -74.75 20.42 -0.35
CA ARG K 354 -75.14 20.57 -1.74
C ARG K 354 -74.02 21.26 -2.50
N GLN K 355 -73.69 20.73 -3.67
CA GLN K 355 -72.56 21.24 -4.46
C GLN K 355 -73.04 21.65 -5.83
N THR K 356 -72.79 22.91 -6.18
CA THR K 356 -72.97 23.42 -7.53
C THR K 356 -71.59 23.59 -8.16
N TRP K 357 -71.48 23.27 -9.45
CA TRP K 357 -70.18 23.21 -10.12
C TRP K 357 -69.96 24.35 -11.10
N GLN K 358 -70.91 25.26 -11.25
CA GLN K 358 -70.76 26.44 -12.11
C GLN K 358 -70.23 26.04 -13.49
N GLY K 359 -70.75 24.95 -14.03
CA GLY K 359 -70.41 24.54 -15.38
C GLY K 359 -69.10 23.79 -15.53
N MET K 360 -68.44 23.42 -14.44
CA MET K 360 -67.22 22.65 -14.55
C MET K 360 -67.52 21.31 -15.22
N LYS K 361 -66.65 20.91 -16.14
CA LYS K 361 -66.88 19.69 -16.91
C LYS K 361 -67.04 18.50 -15.96
N ALA K 362 -67.80 17.50 -16.44
CA ALA K 362 -68.12 16.34 -15.63
C ALA K 362 -67.01 15.30 -15.71
N THR K 363 -67.02 14.38 -14.75
CA THR K 363 -66.13 13.24 -14.70
C THR K 363 -66.97 11.97 -14.87
N THR K 364 -66.60 11.14 -15.83
CA THR K 364 -67.42 9.97 -16.15
C THR K 364 -67.11 8.83 -15.19
N PRO K 365 -68.13 8.25 -14.54
CA PRO K 365 -67.88 7.07 -13.72
C PRO K 365 -67.43 5.89 -14.58
N ILE K 366 -66.45 5.15 -14.08
CA ILE K 366 -65.94 3.95 -14.74
C ILE K 366 -66.29 2.76 -13.83
N ILE K 367 -67.17 1.89 -14.33
CA ILE K 367 -67.72 0.80 -13.52
C ILE K 367 -66.88 -0.44 -13.78
N SER K 368 -66.14 -0.88 -12.76
CA SER K 368 -65.27 -2.05 -12.88
C SER K 368 -65.26 -2.78 -11.54
N GLY K 369 -65.02 -4.09 -11.62
CA GLY K 369 -64.94 -4.90 -10.43
C GLY K 369 -65.77 -6.17 -10.50
N GLY K 370 -65.27 -7.17 -11.21
CA GLY K 370 -65.96 -8.45 -11.31
C GLY K 370 -67.36 -8.32 -11.86
N MET K 371 -67.50 -7.76 -13.05
CA MET K 371 -68.78 -7.60 -13.71
C MET K 371 -68.82 -8.41 -15.00
N ASN K 372 -70.03 -8.74 -15.43
CA ASN K 372 -70.25 -9.41 -16.70
C ASN K 372 -71.64 -9.04 -17.20
N ALA K 373 -72.03 -9.66 -18.32
CA ALA K 373 -73.32 -9.33 -18.92
C ALA K 373 -74.45 -9.54 -17.93
N LEU K 374 -74.36 -10.57 -17.09
CA LEU K 374 -75.47 -10.90 -16.20
C LEU K 374 -75.67 -9.82 -15.14
N ARG K 375 -74.60 -9.19 -14.68
CA ARG K 375 -74.66 -8.27 -13.56
C ARG K 375 -74.90 -6.83 -13.98
N LEU K 376 -75.25 -6.58 -15.24
CA LEU K 376 -75.35 -5.20 -15.73
C LEU K 376 -76.77 -4.66 -15.55
N PRO K 377 -77.80 -5.38 -16.01
CA PRO K 377 -79.17 -4.92 -15.72
C PRO K 377 -79.41 -4.60 -14.25
N GLY K 378 -78.93 -5.46 -13.35
CA GLY K 378 -79.10 -5.19 -11.93
C GLY K 378 -78.38 -3.92 -11.50
N PHE K 379 -77.20 -3.67 -12.06
CA PHE K 379 -76.47 -2.45 -11.72
C PHE K 379 -77.17 -1.22 -12.29
N PHE K 380 -77.40 -1.20 -13.60
CA PHE K 380 -78.05 -0.05 -14.22
C PHE K 380 -79.46 0.17 -13.66
N ASP K 381 -80.09 -0.90 -13.15
CA ASP K 381 -81.38 -0.72 -12.49
C ASP K 381 -81.31 0.30 -11.37
N ASN K 382 -80.17 0.36 -10.68
CA ASN K 382 -79.99 1.28 -9.56
C ASN K 382 -79.49 2.65 -9.99
N LEU K 383 -78.57 2.70 -10.97
CA LEU K 383 -78.00 3.97 -11.37
C LEU K 383 -79.03 4.85 -12.07
N GLY K 384 -79.73 4.29 -13.07
CA GLY K 384 -80.76 5.00 -13.81
C GLY K 384 -80.41 5.24 -15.26
N HIS K 385 -79.13 5.40 -15.57
CA HIS K 385 -78.67 5.63 -16.93
C HIS K 385 -77.50 4.70 -17.23
N SER K 386 -77.13 4.63 -18.52
CA SER K 386 -76.06 3.75 -18.98
C SER K 386 -74.90 4.54 -19.58
N ASN K 387 -74.82 5.84 -19.32
CA ASN K 387 -73.75 6.68 -19.86
C ASN K 387 -72.50 6.53 -19.00
N VAL K 388 -71.90 5.34 -19.10
CA VAL K 388 -70.73 5.00 -18.30
C VAL K 388 -69.78 4.17 -19.15
N ILE K 389 -68.51 4.14 -18.72
CA ILE K 389 -67.50 3.30 -19.32
C ILE K 389 -67.42 2.02 -18.49
N GLN K 390 -67.75 0.89 -19.10
CA GLN K 390 -67.82 -0.40 -18.41
C GLN K 390 -66.63 -1.24 -18.84
N THR K 391 -65.85 -1.70 -17.86
CA THR K 391 -64.68 -2.55 -18.11
C THR K 391 -64.88 -3.85 -17.32
N SER K 392 -65.01 -4.96 -18.05
CA SER K 392 -65.18 -6.28 -17.45
C SER K 392 -64.09 -7.19 -18.01
N GLY K 393 -63.01 -7.35 -17.26
CA GLY K 393 -61.92 -8.22 -17.67
C GLY K 393 -62.29 -9.68 -17.51
N GLY K 394 -62.63 -10.10 -16.30
CA GLY K 394 -63.09 -11.45 -16.08
C GLY K 394 -64.42 -11.77 -16.73
N GLY K 395 -65.23 -10.75 -17.00
CA GLY K 395 -66.50 -10.94 -17.68
C GLY K 395 -66.43 -11.07 -19.18
N ALA K 396 -65.29 -10.70 -19.78
CA ALA K 396 -65.08 -10.83 -21.21
C ALA K 396 -64.19 -12.03 -21.54
N PHE K 397 -62.99 -12.08 -20.96
CA PHE K 397 -62.10 -13.21 -21.19
C PHE K 397 -62.55 -14.45 -20.43
N GLY K 398 -63.42 -14.29 -19.43
CA GLY K 398 -64.02 -15.45 -18.79
C GLY K 398 -65.09 -16.12 -19.62
N HIS K 399 -65.60 -15.44 -20.64
CA HIS K 399 -66.56 -16.05 -21.54
C HIS K 399 -65.97 -17.30 -22.18
N LYS K 400 -66.75 -18.38 -22.20
CA LYS K 400 -66.25 -19.66 -22.70
C LYS K 400 -65.94 -19.62 -24.19
N ASP K 401 -66.34 -18.58 -24.90
CA ASP K 401 -66.11 -18.46 -26.33
C ASP K 401 -65.01 -17.47 -26.68
N GLY K 402 -64.37 -16.86 -25.68
CA GLY K 402 -63.30 -15.92 -25.91
C GLY K 402 -63.72 -14.50 -25.56
N GLY K 403 -62.74 -13.60 -25.68
CA GLY K 403 -62.99 -12.20 -25.36
C GLY K 403 -63.94 -11.55 -26.36
N ALA K 404 -63.83 -11.92 -27.64
CA ALA K 404 -64.71 -11.35 -28.65
C ALA K 404 -66.18 -11.60 -28.29
N ALA K 405 -66.52 -12.86 -28.00
CA ALA K 405 -67.88 -13.18 -27.61
C ALA K 405 -68.25 -12.46 -26.31
N GLY K 406 -67.31 -12.36 -25.38
CA GLY K 406 -67.58 -11.63 -24.15
C GLY K 406 -67.89 -10.16 -24.41
N ALA K 407 -67.11 -9.51 -25.28
CA ALA K 407 -67.39 -8.13 -25.64
C ALA K 407 -68.80 -8.00 -26.20
N LYS K 408 -69.21 -8.94 -27.05
CA LYS K 408 -70.55 -8.90 -27.62
C LYS K 408 -71.61 -9.13 -26.56
N SER K 409 -71.35 -10.04 -25.62
CA SER K 409 -72.30 -10.30 -24.55
C SER K 409 -72.47 -9.08 -23.65
N LEU K 410 -71.41 -8.27 -23.49
CA LEU K 410 -71.51 -7.08 -22.66
C LEU K 410 -72.29 -5.98 -23.38
N ARG K 411 -72.02 -5.78 -24.67
CA ARG K 411 -72.79 -4.79 -25.42
C ARG K 411 -74.25 -5.21 -25.52
N GLN K 412 -74.49 -6.48 -25.83
CA GLN K 412 -75.87 -6.97 -25.93
C GLN K 412 -76.64 -6.70 -24.64
N ALA K 413 -76.04 -7.02 -23.49
CA ALA K 413 -76.73 -6.79 -22.22
C ALA K 413 -77.04 -5.31 -22.02
N SER K 414 -76.05 -4.43 -22.27
CA SER K 414 -76.29 -3.00 -22.13
C SER K 414 -77.41 -2.54 -23.04
N LEU K 415 -77.47 -3.09 -24.26
CA LEU K 415 -78.56 -2.73 -25.17
C LEU K 415 -79.89 -3.27 -24.67
N ALA K 416 -79.88 -4.45 -24.04
CA ALA K 416 -81.11 -5.03 -23.53
C ALA K 416 -81.72 -4.17 -22.45
N TRP K 417 -80.89 -3.65 -21.54
CA TRP K 417 -81.40 -2.80 -20.47
C TRP K 417 -81.80 -1.42 -21.01
N GLN K 418 -81.00 -0.88 -21.93
CA GLN K 418 -81.31 0.42 -22.51
C GLN K 418 -82.71 0.42 -23.12
N GLN K 419 -83.13 -0.70 -23.71
CA GLN K 419 -84.41 -0.79 -24.39
C GLN K 419 -85.51 -1.40 -23.52
N GLY K 420 -85.13 -2.11 -22.45
CA GLY K 420 -86.12 -2.65 -21.53
C GLY K 420 -86.53 -4.08 -21.81
N VAL K 421 -85.58 -4.91 -22.22
CA VAL K 421 -85.82 -6.32 -22.48
C VAL K 421 -85.18 -7.14 -21.37
N ASP K 422 -85.90 -8.17 -20.90
CA ASP K 422 -85.33 -9.08 -19.92
C ASP K 422 -84.10 -9.75 -20.50
N LEU K 423 -83.00 -9.74 -19.73
CA LEU K 423 -81.74 -10.29 -20.23
C LEU K 423 -81.91 -11.73 -20.70
N LEU K 424 -82.70 -12.53 -19.97
CA LEU K 424 -82.93 -13.90 -20.40
C LEU K 424 -83.72 -13.96 -21.70
N ASP K 425 -84.64 -13.01 -21.91
CA ASP K 425 -85.37 -12.96 -23.17
C ASP K 425 -84.46 -12.51 -24.32
N TYR K 426 -83.56 -11.57 -24.04
CA TYR K 426 -82.61 -11.14 -25.06
C TYR K 426 -81.65 -12.24 -25.44
N ALA K 427 -81.40 -13.19 -24.54
CA ALA K 427 -80.40 -14.22 -24.80
C ALA K 427 -80.89 -15.26 -25.80
N LYS K 428 -82.20 -15.45 -25.90
CA LYS K 428 -82.74 -16.45 -26.81
C LYS K 428 -82.44 -16.13 -28.27
N GLU K 429 -82.07 -14.88 -28.56
CA GLU K 429 -81.77 -14.46 -29.93
C GLU K 429 -80.36 -13.89 -30.07
N HIS K 430 -79.49 -14.14 -29.10
CA HIS K 430 -78.11 -13.67 -29.15
C HIS K 430 -77.23 -14.73 -28.50
N PRO K 431 -76.59 -15.62 -29.27
CA PRO K 431 -75.81 -16.69 -28.67
C PRO K 431 -74.72 -16.17 -27.74
N GLU K 432 -74.12 -15.01 -28.03
CA GLU K 432 -73.03 -14.50 -27.20
C GLU K 432 -73.50 -14.25 -25.78
N LEU K 433 -74.61 -13.52 -25.63
CA LEU K 433 -75.15 -13.28 -24.30
C LEU K 433 -75.60 -14.59 -23.65
N ALA K 434 -76.15 -15.51 -24.45
CA ALA K 434 -76.53 -16.81 -23.92
C ALA K 434 -75.32 -17.58 -23.42
N GLY K 435 -74.22 -17.55 -24.19
CA GLY K 435 -73.01 -18.21 -23.75
C GLY K 435 -72.43 -17.66 -22.47
N ALA K 436 -72.76 -16.42 -22.13
CA ALA K 436 -72.29 -15.84 -20.87
C ALA K 436 -73.00 -16.44 -19.65
N PHE K 437 -74.20 -17.00 -19.85
CA PHE K 437 -74.88 -17.66 -18.75
C PHE K 437 -74.16 -18.94 -18.33
N GLU K 438 -73.68 -19.70 -19.30
CA GLU K 438 -72.93 -20.92 -18.99
C GLU K 438 -71.54 -20.60 -18.45
N SER K 439 -70.97 -19.46 -18.85
CA SER K 439 -69.61 -19.12 -18.41
C SER K 439 -69.58 -18.76 -16.93
N PHE K 440 -70.67 -18.23 -16.39
CA PHE K 440 -70.75 -17.81 -14.99
C PHE K 440 -72.04 -18.36 -14.41
N PRO K 441 -72.09 -19.66 -14.10
CA PRO K 441 -73.34 -20.25 -13.62
C PRO K 441 -73.68 -19.88 -12.18
N LYS K 442 -72.64 -19.62 -11.37
CA LYS K 442 -72.89 -19.18 -10.00
C LYS K 442 -73.71 -17.89 -9.97
N ASP K 443 -73.41 -16.98 -10.90
CA ASP K 443 -74.17 -15.74 -10.99
C ASP K 443 -75.52 -15.95 -11.67
N ALA K 444 -75.54 -16.73 -12.77
CA ALA K 444 -76.80 -16.99 -13.46
C ALA K 444 -77.78 -17.73 -12.56
N ASP K 445 -77.28 -18.62 -11.70
CA ASP K 445 -78.15 -19.32 -10.76
C ASP K 445 -78.71 -18.39 -9.70
N ALA K 446 -78.04 -17.28 -9.44
CA ALA K 446 -78.49 -16.33 -8.43
C ALA K 446 -79.32 -15.18 -9.00
N LEU K 447 -79.02 -14.75 -10.22
CA LEU K 447 -79.71 -13.62 -10.84
C LEU K 447 -80.86 -14.07 -11.75
N TYR K 448 -80.70 -15.18 -12.46
CA TYR K 448 -81.72 -15.70 -13.37
C TYR K 448 -81.83 -17.20 -13.15
N PRO K 449 -82.57 -17.63 -12.12
CA PRO K 449 -82.54 -19.05 -11.73
C PRO K 449 -83.08 -20.00 -12.81
N ASN K 450 -83.75 -19.50 -13.84
CA ASN K 450 -84.40 -20.34 -14.84
C ASN K 450 -83.69 -20.30 -16.18
N TRP K 451 -82.37 -20.11 -16.18
CA TRP K 451 -81.65 -19.93 -17.44
C TRP K 451 -81.31 -21.25 -18.12
N ARG K 452 -81.36 -22.37 -17.40
CA ARG K 452 -80.96 -23.63 -17.99
C ARG K 452 -82.08 -24.26 -18.81
N GLU K 453 -83.34 -24.01 -18.45
CA GLU K 453 -84.46 -24.59 -19.17
C GLU K 453 -84.79 -23.77 -20.41
N ASP L 2 -61.33 -20.33 -5.33
CA ASP L 2 -60.31 -21.27 -4.86
C ASP L 2 -59.06 -21.19 -5.74
N GLN L 3 -57.99 -20.58 -5.20
CA GLN L 3 -56.78 -20.37 -5.98
C GLN L 3 -55.50 -20.66 -5.20
N SER L 4 -55.57 -21.46 -4.13
CA SER L 4 -54.38 -21.74 -3.34
C SER L 4 -53.43 -22.70 -4.04
N ASN L 5 -53.90 -23.45 -5.05
CA ASN L 5 -53.01 -24.37 -5.76
C ASN L 5 -52.02 -23.63 -6.65
N ARG L 6 -52.25 -22.36 -6.93
CA ARG L 6 -51.41 -21.57 -7.83
C ARG L 6 -50.62 -20.48 -7.11
N TYR L 7 -51.22 -19.80 -6.15
CA TYR L 7 -50.63 -18.61 -5.55
C TYR L 7 -50.13 -18.85 -4.13
N ALA L 8 -50.12 -20.09 -3.65
CA ALA L 8 -49.69 -20.41 -2.30
C ALA L 8 -48.71 -21.58 -2.35
N ASN L 9 -47.57 -21.42 -1.67
CA ASN L 9 -46.55 -22.46 -1.59
C ASN L 9 -45.87 -22.32 -0.22
N LEU L 10 -46.52 -22.87 0.80
CA LEU L 10 -46.02 -22.76 2.16
C LEU L 10 -44.77 -23.60 2.40
N SER L 11 -44.39 -24.46 1.45
CA SER L 11 -43.16 -25.22 1.58
C SER L 11 -41.92 -24.38 1.30
N LEU L 12 -42.08 -23.18 0.76
CA LEU L 12 -40.93 -22.30 0.53
C LEU L 12 -40.41 -21.76 1.85
N ARG L 13 -39.08 -21.67 1.95
CA ARG L 13 -38.43 -21.17 3.15
C ARG L 13 -38.01 -19.72 2.95
N GLU L 14 -38.20 -18.91 3.99
CA GLU L 14 -37.86 -17.49 3.90
C GLU L 14 -36.38 -17.29 3.61
N GLU L 15 -35.52 -17.95 4.39
CA GLU L 15 -34.08 -17.80 4.20
C GLU L 15 -33.67 -18.10 2.76
N ASP L 16 -34.33 -19.07 2.14
CA ASP L 16 -34.03 -19.38 0.74
C ASP L 16 -34.51 -18.27 -0.18
N LEU L 17 -35.68 -17.71 0.09
CA LEU L 17 -36.19 -16.61 -0.72
C LEU L 17 -35.27 -15.40 -0.63
N ILE L 18 -34.77 -15.11 0.58
CA ILE L 18 -33.86 -13.99 0.75
C ILE L 18 -32.52 -14.29 0.06
N ALA L 19 -31.95 -15.45 0.34
CA ALA L 19 -30.66 -15.81 -0.26
C ALA L 19 -30.72 -15.77 -1.77
N GLY L 20 -31.88 -16.10 -2.36
CA GLY L 20 -32.00 -16.03 -3.81
C GLY L 20 -31.98 -14.60 -4.32
N GLY L 21 -32.59 -13.69 -3.59
CA GLY L 21 -32.55 -12.28 -3.96
C GLY L 21 -33.28 -11.94 -5.24
N LYS L 22 -34.36 -12.65 -5.54
CA LYS L 22 -35.17 -12.36 -6.73
C LYS L 22 -36.65 -12.13 -6.37
N HIS L 23 -36.96 -11.92 -5.10
CA HIS L 23 -38.32 -11.65 -4.67
C HIS L 23 -38.34 -10.49 -3.69
N VAL L 24 -39.37 -9.67 -3.76
CA VAL L 24 -39.66 -8.67 -2.74
C VAL L 24 -40.63 -9.29 -1.75
N LEU L 25 -40.20 -9.40 -0.49
CA LEU L 25 -41.00 -10.04 0.55
C LEU L 25 -41.76 -8.99 1.35
N CYS L 26 -43.04 -9.25 1.59
CA CYS L 26 -43.91 -8.34 2.32
C CYS L 26 -44.62 -9.12 3.42
N ALA L 27 -44.63 -8.55 4.63
CA ALA L 27 -45.29 -9.15 5.78
C ALA L 27 -46.57 -8.38 6.06
N TYR L 28 -47.71 -9.06 5.93
CA TYR L 28 -49.01 -8.45 6.12
C TYR L 28 -49.65 -8.92 7.42
N ILE L 29 -50.50 -8.07 7.98
CA ILE L 29 -51.42 -8.45 9.05
C ILE L 29 -52.81 -8.39 8.44
N MET L 30 -53.37 -9.57 8.15
CA MET L 30 -54.59 -9.68 7.37
C MET L 30 -55.61 -10.57 8.09
N LYS L 31 -56.86 -10.11 8.10
CA LYS L 31 -57.99 -10.92 8.55
C LYS L 31 -58.97 -11.07 7.39
N PRO L 32 -59.43 -12.28 7.10
CA PRO L 32 -60.47 -12.45 6.08
C PRO L 32 -61.85 -12.16 6.65
N LYS L 33 -62.77 -11.81 5.74
CA LYS L 33 -64.15 -11.61 6.13
C LYS L 33 -64.75 -12.93 6.63
N ALA L 34 -65.75 -12.82 7.50
CA ALA L 34 -66.37 -13.99 8.08
C ALA L 34 -66.86 -14.93 6.99
N GLY L 35 -66.53 -16.22 7.15
CA GLY L 35 -66.94 -17.24 6.21
C GLY L 35 -65.93 -17.58 5.14
N TYR L 36 -64.88 -16.78 5.00
CA TYR L 36 -63.85 -17.02 3.99
C TYR L 36 -62.63 -17.66 4.65
N GLY L 37 -62.18 -18.77 4.08
CA GLY L 37 -60.99 -19.43 4.60
C GLY L 37 -59.79 -18.50 4.59
N TYR L 38 -58.85 -18.78 5.50
CA TYR L 38 -57.69 -17.92 5.63
C TYR L 38 -56.74 -18.08 4.45
N LEU L 39 -56.22 -19.30 4.26
CA LEU L 39 -55.27 -19.52 3.17
C LEU L 39 -55.88 -19.18 1.82
N GLU L 40 -57.18 -19.44 1.64
CA GLU L 40 -57.81 -19.11 0.37
C GLU L 40 -57.87 -17.60 0.16
N SER L 41 -58.20 -16.85 1.22
CA SER L 41 -58.18 -15.40 1.12
C SER L 41 -56.77 -14.91 0.81
N ALA L 42 -55.76 -15.53 1.40
CA ALA L 42 -54.38 -15.10 1.17
C ALA L 42 -53.96 -15.39 -0.26
N ALA L 43 -54.35 -16.53 -0.81
CA ALA L 43 -54.03 -16.83 -2.20
C ALA L 43 -54.70 -15.85 -3.14
N HIS L 44 -55.97 -15.52 -2.88
CA HIS L 44 -56.65 -14.52 -3.69
C HIS L 44 -55.99 -13.15 -3.52
N PHE L 45 -55.55 -12.84 -2.30
CA PHE L 45 -54.83 -11.59 -2.06
C PHE L 45 -53.62 -11.49 -2.98
N ALA L 46 -52.85 -12.58 -3.10
CA ALA L 46 -51.68 -12.56 -3.97
C ALA L 46 -52.08 -12.49 -5.44
N ALA L 47 -53.20 -13.11 -5.81
CA ALA L 47 -53.65 -13.06 -7.20
C ALA L 47 -53.95 -11.64 -7.63
N GLU L 48 -54.79 -10.94 -6.85
CA GLU L 48 -55.15 -9.56 -7.17
C GLU L 48 -53.98 -8.60 -7.00
N SER L 49 -52.86 -9.05 -6.43
CA SER L 49 -51.67 -8.22 -6.26
C SER L 49 -50.56 -8.60 -7.24
N SER L 50 -50.87 -9.41 -8.25
CA SER L 50 -49.84 -9.84 -9.19
C SER L 50 -50.40 -10.06 -10.59
N THR L 51 -50.98 -11.23 -10.83
CA THR L 51 -51.36 -11.63 -12.19
C THR L 51 -52.80 -12.09 -12.34
N GLY L 52 -53.51 -12.38 -11.26
CA GLY L 52 -54.81 -13.01 -11.34
C GLY L 52 -55.97 -12.04 -11.14
N THR L 53 -57.17 -12.60 -11.18
CA THR L 53 -58.41 -11.87 -10.95
C THR L 53 -59.29 -12.68 -10.00
N ASN L 54 -60.57 -12.82 -10.32
CA ASN L 54 -61.48 -13.65 -9.54
C ASN L 54 -62.20 -14.70 -10.37
N VAL L 55 -61.89 -14.81 -11.67
CA VAL L 55 -62.45 -15.83 -12.53
C VAL L 55 -61.37 -16.25 -13.52
N GLU L 56 -61.27 -17.56 -13.75
CA GLU L 56 -60.28 -18.07 -14.69
C GLU L 56 -60.48 -17.43 -16.06
N VAL L 57 -59.40 -16.89 -16.63
CA VAL L 57 -59.43 -16.23 -17.93
C VAL L 57 -58.74 -17.12 -18.94
N CYS L 58 -59.22 -17.05 -20.18
CA CYS L 58 -58.70 -17.89 -21.25
C CYS L 58 -57.38 -17.38 -21.82
N THR L 59 -56.77 -16.38 -21.20
CA THR L 59 -55.53 -15.80 -21.71
C THR L 59 -54.30 -16.20 -20.90
N THR L 60 -54.47 -16.82 -19.73
CA THR L 60 -53.33 -17.21 -18.91
C THR L 60 -52.54 -18.32 -19.59
N ASP L 61 -51.23 -18.31 -19.37
CA ASP L 61 -50.33 -19.30 -19.95
C ASP L 61 -49.25 -19.64 -18.93
N ASP L 62 -48.31 -20.50 -19.36
CA ASP L 62 -47.26 -20.95 -18.45
C ASP L 62 -46.40 -19.79 -17.95
N PHE L 63 -46.01 -18.89 -18.85
CA PHE L 63 -45.15 -17.77 -18.45
C PHE L 63 -45.83 -16.93 -17.38
N THR L 64 -47.11 -16.61 -17.57
CA THR L 64 -47.84 -15.85 -16.58
C THR L 64 -47.75 -16.50 -15.20
N ARG L 65 -47.87 -17.83 -15.16
CA ARG L 65 -47.81 -18.55 -13.89
C ARG L 65 -46.45 -18.43 -13.23
N GLY L 66 -45.42 -18.05 -13.97
CA GLY L 66 -44.08 -17.95 -13.41
C GLY L 66 -43.87 -16.74 -12.53
N VAL L 67 -44.47 -15.61 -12.90
CA VAL L 67 -44.27 -14.36 -12.18
C VAL L 67 -45.41 -14.14 -11.21
N ASP L 68 -46.04 -15.22 -10.75
CA ASP L 68 -47.08 -15.10 -9.75
C ASP L 68 -46.48 -14.74 -8.39
N ALA L 69 -47.20 -13.90 -7.63
CA ALA L 69 -46.84 -13.64 -6.24
C ALA L 69 -47.34 -14.80 -5.39
N LEU L 70 -46.48 -15.30 -4.50
CA LEU L 70 -46.74 -16.54 -3.78
C LEU L 70 -46.82 -16.28 -2.28
N VAL L 71 -47.86 -16.84 -1.65
CA VAL L 71 -47.98 -16.82 -0.20
C VAL L 71 -47.14 -17.98 0.33
N TYR L 72 -46.06 -17.64 1.05
CA TYR L 72 -45.11 -18.65 1.49
C TYR L 72 -45.11 -18.87 3.00
N GLU L 73 -45.82 -18.04 3.77
CA GLU L 73 -45.88 -18.22 5.21
C GLU L 73 -47.16 -17.56 5.72
N ILE L 74 -47.95 -18.31 6.49
CA ILE L 74 -49.21 -17.81 7.05
C ILE L 74 -49.31 -18.23 8.50
N ASP L 75 -50.16 -17.51 9.24
CA ASP L 75 -50.41 -17.81 10.66
C ASP L 75 -51.77 -17.21 11.02
N GLU L 76 -52.83 -18.00 10.78
CA GLU L 76 -54.17 -17.50 11.01
C GLU L 76 -54.35 -17.01 12.44
N ALA L 77 -53.72 -17.67 13.40
CA ALA L 77 -53.86 -17.27 14.80
C ALA L 77 -53.40 -15.83 14.99
N ASN L 78 -52.21 -15.50 14.49
CA ASN L 78 -51.67 -14.16 14.59
C ASN L 78 -52.04 -13.27 13.41
N GLU L 79 -52.84 -13.78 12.47
CA GLU L 79 -53.29 -13.00 11.32
C GLU L 79 -52.12 -12.50 10.49
N LEU L 80 -51.13 -13.36 10.30
CA LEU L 80 -49.92 -13.02 9.57
C LEU L 80 -49.94 -13.64 8.18
N MET L 81 -49.55 -12.86 7.19
CA MET L 81 -49.51 -13.29 5.79
C MET L 81 -48.27 -12.71 5.13
N LYS L 82 -47.41 -13.58 4.62
CA LYS L 82 -46.20 -13.17 3.91
C LYS L 82 -46.32 -13.57 2.45
N ILE L 83 -45.92 -12.67 1.56
CA ILE L 83 -45.99 -12.88 0.12
C ILE L 83 -44.64 -12.53 -0.49
N ALA L 84 -44.21 -13.35 -1.45
CA ALA L 84 -42.97 -13.12 -2.19
C ALA L 84 -43.32 -12.63 -3.58
N TYR L 85 -42.83 -11.43 -3.93
CA TYR L 85 -43.15 -10.80 -5.20
C TYR L 85 -41.98 -10.95 -6.16
N PRO L 86 -42.10 -11.72 -7.24
CA PRO L 86 -41.02 -11.75 -8.23
C PRO L 86 -40.64 -10.35 -8.70
N VAL L 87 -39.34 -10.09 -8.74
CA VAL L 87 -38.86 -8.75 -9.06
C VAL L 87 -39.31 -8.31 -10.45
N ASP L 88 -39.46 -9.26 -11.37
CA ASP L 88 -39.84 -8.90 -12.74
C ASP L 88 -41.25 -8.33 -12.84
N LEU L 89 -42.03 -8.39 -11.76
CA LEU L 89 -43.38 -7.85 -11.81
C LEU L 89 -43.39 -6.32 -11.90
N PHE L 90 -42.38 -5.66 -11.32
CA PHE L 90 -42.45 -4.23 -11.08
C PHE L 90 -42.05 -3.42 -12.30
N ASP L 91 -42.67 -2.26 -12.45
CA ASP L 91 -42.48 -1.42 -13.62
C ASP L 91 -41.10 -0.76 -13.59
N ARG L 92 -40.64 -0.39 -14.78
CA ARG L 92 -39.33 0.22 -14.98
C ARG L 92 -39.47 1.44 -15.89
N ASN L 93 -38.57 2.40 -15.71
CA ASN L 93 -38.57 3.61 -16.53
C ASN L 93 -38.02 3.30 -17.93
N ILE L 94 -38.69 3.86 -18.94
CA ILE L 94 -38.17 3.73 -20.30
C ILE L 94 -37.04 4.71 -20.57
N ILE L 95 -36.97 5.82 -19.83
CA ILE L 95 -35.93 6.81 -20.08
C ILE L 95 -34.59 6.35 -19.52
N ASP L 96 -34.60 5.57 -18.43
CA ASP L 96 -33.34 5.18 -17.80
C ASP L 96 -33.39 3.83 -17.12
N GLY L 97 -34.44 3.04 -17.31
CA GLY L 97 -34.47 1.69 -16.76
C GLY L 97 -34.47 1.60 -15.26
N ARG L 98 -34.73 2.70 -14.56
CA ARG L 98 -34.74 2.69 -13.12
C ARG L 98 -36.10 2.22 -12.59
N ALA L 99 -36.13 1.89 -11.29
CA ALA L 99 -37.35 1.45 -10.65
C ALA L 99 -38.20 2.64 -10.24
N MET L 100 -39.45 2.35 -9.85
CA MET L 100 -40.38 3.38 -9.39
C MET L 100 -41.17 2.85 -8.21
N LEU L 101 -41.26 3.65 -7.15
CA LEU L 101 -42.04 3.26 -5.98
C LEU L 101 -43.52 3.10 -6.32
N ALA L 102 -44.02 3.89 -7.29
CA ALA L 102 -45.44 3.81 -7.65
C ALA L 102 -45.83 2.41 -8.07
N SER L 103 -44.93 1.69 -8.74
CA SER L 103 -45.25 0.33 -9.17
C SER L 103 -45.36 -0.61 -7.97
N PHE L 104 -44.43 -0.49 -7.02
CA PHE L 104 -44.49 -1.35 -5.85
C PHE L 104 -45.75 -1.10 -5.03
N LEU L 105 -46.14 0.18 -4.90
CA LEU L 105 -47.37 0.50 -4.18
C LEU L 105 -48.60 -0.03 -4.92
N THR L 106 -48.57 0.01 -6.24
CA THR L 106 -49.72 -0.45 -7.01
C THR L 106 -49.95 -1.95 -6.83
N LEU L 107 -48.90 -2.72 -6.60
CA LEU L 107 -49.02 -4.16 -6.44
C LEU L 107 -49.14 -4.59 -4.99
N ALA L 108 -48.23 -4.12 -4.13
CA ALA L 108 -48.19 -4.59 -2.76
C ALA L 108 -49.35 -4.05 -1.92
N ILE L 109 -49.88 -2.87 -2.27
CA ILE L 109 -50.92 -2.26 -1.45
C ILE L 109 -51.89 -1.49 -2.35
N GLY L 110 -52.15 -2.04 -3.54
CA GLY L 110 -53.06 -1.40 -4.47
C GLY L 110 -54.48 -1.90 -4.40
N ASN L 111 -54.91 -2.63 -5.42
CA ASN L 111 -56.29 -3.11 -5.45
C ASN L 111 -56.61 -4.03 -4.28
N ASN L 112 -55.60 -4.67 -3.67
CA ASN L 112 -55.86 -5.60 -2.59
C ASN L 112 -56.48 -4.93 -1.37
N GLN L 113 -56.54 -3.61 -1.34
CA GLN L 113 -57.14 -2.88 -0.23
C GLN L 113 -58.64 -2.68 -0.40
N GLY L 114 -59.23 -3.17 -1.49
CA GLY L 114 -60.66 -3.03 -1.70
C GLY L 114 -61.36 -4.37 -1.86
N MET L 115 -60.63 -5.45 -1.67
CA MET L 115 -61.22 -6.79 -1.83
C MET L 115 -62.38 -6.98 -0.87
N GLY L 116 -63.47 -7.53 -1.38
CA GLY L 116 -64.65 -7.75 -0.56
C GLY L 116 -64.54 -8.95 0.35
N ASP L 117 -63.75 -9.95 -0.03
CA ASP L 117 -63.54 -11.13 0.79
C ASP L 117 -62.48 -10.92 1.87
N ILE L 118 -61.86 -9.75 1.91
CA ILE L 118 -60.83 -9.43 2.90
C ILE L 118 -61.37 -8.35 3.81
N GLU L 119 -61.20 -8.53 5.13
CA GLU L 119 -61.64 -7.52 6.07
C GLU L 119 -60.67 -6.35 6.13
N TYR L 120 -59.39 -6.65 6.41
CA TYR L 120 -58.35 -5.63 6.36
C TYR L 120 -57.03 -6.31 6.04
N ALA L 121 -56.02 -5.49 5.73
CA ALA L 121 -54.69 -5.98 5.41
C ALA L 121 -53.69 -4.83 5.44
N LYS L 122 -52.67 -4.93 6.30
CA LYS L 122 -51.68 -3.87 6.48
C LYS L 122 -50.28 -4.44 6.37
N ILE L 123 -49.42 -3.75 5.63
CA ILE L 123 -48.01 -4.14 5.52
C ILE L 123 -47.26 -3.66 6.75
N HIS L 124 -46.60 -4.58 7.45
CA HIS L 124 -45.79 -4.23 8.60
C HIS L 124 -44.30 -4.26 8.32
N ASP L 125 -43.88 -4.85 7.20
CA ASP L 125 -42.46 -4.92 6.86
C ASP L 125 -42.33 -5.38 5.42
N VAL L 126 -41.20 -5.03 4.81
CA VAL L 126 -40.92 -5.40 3.43
C VAL L 126 -39.41 -5.56 3.29
N TYR L 127 -39.00 -6.54 2.48
CA TYR L 127 -37.60 -6.77 2.18
C TYR L 127 -37.35 -6.53 0.69
N PHE L 128 -36.39 -5.66 0.39
CA PHE L 128 -36.00 -5.38 -0.98
C PHE L 128 -34.70 -6.08 -1.30
N PRO L 129 -34.65 -6.98 -2.28
CA PRO L 129 -33.38 -7.66 -2.59
C PRO L 129 -32.42 -6.69 -3.26
N PRO L 130 -31.12 -6.99 -3.23
CA PRO L 130 -30.15 -6.05 -3.83
C PRO L 130 -30.46 -5.66 -5.26
N CYS L 131 -30.82 -6.62 -6.11
CA CYS L 131 -31.06 -6.32 -7.52
C CYS L 131 -32.20 -5.33 -7.69
N TYR L 132 -33.16 -5.31 -6.75
CA TYR L 132 -34.28 -4.38 -6.81
C TYR L 132 -33.94 -3.05 -6.14
N LEU L 133 -33.47 -3.11 -4.88
CA LEU L 133 -33.07 -1.90 -4.18
C LEU L 133 -32.06 -1.09 -4.98
N ARG L 134 -31.21 -1.78 -5.75
CA ARG L 134 -30.15 -1.11 -6.50
C ARG L 134 -30.68 -0.19 -7.58
N LEU L 135 -31.94 -0.36 -7.99
CA LEU L 135 -32.49 0.40 -9.11
C LEU L 135 -33.21 1.67 -8.67
N PHE L 136 -33.23 1.99 -7.39
CA PHE L 136 -33.92 3.17 -6.89
C PHE L 136 -32.94 4.33 -6.71
N ASP L 137 -33.49 5.53 -6.75
CA ASP L 137 -32.66 6.73 -6.71
C ASP L 137 -31.83 6.78 -5.43
N GLY L 138 -32.45 6.53 -4.28
CA GLY L 138 -31.78 6.62 -3.02
C GLY L 138 -31.46 8.06 -2.66
N PRO L 139 -31.14 8.32 -1.39
CA PRO L 139 -30.84 9.70 -0.98
C PRO L 139 -29.55 10.20 -1.59
N ALA L 140 -29.55 11.49 -1.96
CA ALA L 140 -28.36 12.14 -2.47
C ALA L 140 -27.70 13.05 -1.45
N MET L 141 -28.42 13.44 -0.40
CA MET L 141 -27.90 14.35 0.61
C MET L 141 -28.35 13.86 1.98
N ASN L 142 -27.70 14.40 3.01
CA ASN L 142 -27.83 13.88 4.36
C ASN L 142 -27.71 15.05 5.35
N ILE L 143 -27.80 14.72 6.64
CA ILE L 143 -27.44 15.67 7.67
C ILE L 143 -25.96 15.99 7.61
N VAL L 144 -25.15 15.07 7.06
CA VAL L 144 -23.72 15.35 6.91
C VAL L 144 -23.52 16.60 6.08
N ASP L 145 -24.31 16.77 5.02
CA ASP L 145 -24.24 18.01 4.24
C ASP L 145 -24.64 19.21 5.08
N MET L 146 -25.49 19.01 6.08
CA MET L 146 -25.83 20.08 7.01
C MET L 146 -24.71 20.33 7.99
N TRP L 147 -24.10 19.26 8.51
CA TRP L 147 -22.96 19.41 9.41
C TRP L 147 -21.81 20.12 8.72
N ARG L 148 -21.59 19.83 7.43
CA ARG L 148 -20.50 20.46 6.70
C ARG L 148 -20.71 21.95 6.58
N VAL L 149 -21.91 22.37 6.15
CA VAL L 149 -22.21 23.80 6.03
C VAL L 149 -22.03 24.49 7.38
N LEU L 150 -22.56 23.88 8.44
CA LEU L 150 -22.41 24.44 9.79
C LEU L 150 -21.00 24.32 10.32
N GLU L 151 -20.08 23.73 9.55
CA GLU L 151 -18.69 23.54 9.99
C GLU L 151 -18.63 22.72 11.28
N ARG L 152 -19.46 21.70 11.34
CA ARG L 152 -19.53 20.77 12.46
C ARG L 152 -18.85 19.46 12.10
N PRO L 153 -18.58 18.61 13.08
CA PRO L 153 -18.03 17.28 12.76
C PRO L 153 -18.97 16.50 11.85
N LEU L 154 -18.39 15.86 10.83
CA LEU L 154 -19.16 15.07 9.88
C LEU L 154 -19.55 13.70 10.43
N VAL L 155 -19.06 13.34 11.61
CA VAL L 155 -19.47 12.13 12.33
C VAL L 155 -19.84 12.53 13.74
N ASP L 156 -21.05 12.18 14.16
CA ASP L 156 -21.59 12.56 15.47
C ASP L 156 -21.60 14.08 15.61
N GLY L 157 -22.08 14.75 14.56
CA GLY L 157 -22.14 16.20 14.57
C GLY L 157 -23.15 16.79 15.53
N GLY L 158 -24.07 15.97 16.03
CA GLY L 158 -25.03 16.43 17.01
C GLY L 158 -26.34 16.91 16.41
N MET L 159 -27.16 17.50 17.28
CA MET L 159 -28.48 17.93 16.90
C MET L 159 -28.42 19.24 16.11
N VAL L 160 -29.17 19.29 15.01
CA VAL L 160 -29.39 20.53 14.29
C VAL L 160 -30.54 21.26 14.99
N VAL L 161 -30.21 22.32 15.73
CA VAL L 161 -31.23 23.07 16.47
C VAL L 161 -32.11 23.79 15.46
N GLY L 162 -33.37 23.37 15.37
CA GLY L 162 -34.29 23.93 14.40
C GLY L 162 -35.64 24.21 15.01
N THR L 163 -36.51 24.81 14.20
CA THR L 163 -37.88 25.11 14.62
C THR L 163 -38.77 25.17 13.39
N ILE L 164 -40.06 25.38 13.63
CA ILE L 164 -41.05 25.62 12.59
C ILE L 164 -41.66 26.98 12.86
N ILE L 165 -41.69 27.83 11.82
CA ILE L 165 -42.26 29.16 11.96
C ILE L 165 -43.75 29.02 12.26
N LYS L 166 -44.15 29.37 13.49
CA LYS L 166 -45.55 29.45 13.90
C LYS L 166 -45.96 30.91 14.01
N PRO L 167 -47.24 31.24 13.76
CA PRO L 167 -48.40 30.45 13.37
C PRO L 167 -48.21 29.57 12.13
N LYS L 168 -48.94 28.45 12.09
CA LYS L 168 -48.86 27.58 10.92
C LYS L 168 -49.21 28.35 9.65
N LEU L 169 -50.22 29.21 9.73
CA LEU L 169 -50.55 30.13 8.64
C LEU L 169 -51.08 31.42 9.27
N GLY L 170 -50.82 32.54 8.60
CA GLY L 170 -51.34 33.81 9.06
C GLY L 170 -50.29 34.91 9.14
N LEU L 171 -49.03 34.53 9.28
CA LEU L 171 -47.96 35.53 9.37
C LEU L 171 -47.72 36.16 8.01
N ARG L 172 -47.78 37.48 7.95
CA ARG L 172 -47.48 38.22 6.73
C ARG L 172 -45.98 38.26 6.52
N PRO L 173 -45.53 38.68 5.33
CA PRO L 173 -44.08 38.60 5.03
C PRO L 173 -43.20 39.29 6.07
N GLU L 174 -43.51 40.52 6.44
CA GLU L 174 -42.64 41.25 7.36
C GLU L 174 -42.56 40.58 8.73
N PRO L 175 -43.68 40.28 9.41
CA PRO L 175 -43.56 39.56 10.69
C PRO L 175 -42.95 38.17 10.53
N PHE L 176 -43.17 37.53 9.38
CA PHE L 176 -42.59 36.22 9.14
C PHE L 176 -41.06 36.28 9.14
N ALA L 177 -40.50 37.26 8.41
CA ALA L 177 -39.05 37.38 8.36
C ALA L 177 -38.46 37.78 9.71
N ALA L 178 -39.18 38.59 10.48
CA ALA L 178 -38.69 38.97 11.80
C ALA L 178 -38.58 37.77 12.72
N ALA L 179 -39.56 36.86 12.66
CA ALA L 179 -39.50 35.66 13.48
C ALA L 179 -38.34 34.77 13.04
N CYS L 180 -38.05 34.74 11.74
CA CYS L 180 -36.91 33.96 11.27
C CYS L 180 -35.60 34.53 11.82
N TYR L 181 -35.44 35.85 11.75
CA TYR L 181 -34.21 36.46 12.24
C TYR L 181 -34.03 36.18 13.73
N GLN L 182 -35.10 36.27 14.50
CA GLN L 182 -35.01 36.07 15.94
C GLN L 182 -34.52 34.65 16.26
N PHE L 183 -35.18 33.63 15.69
CA PHE L 183 -34.77 32.26 16.00
C PHE L 183 -33.33 32.00 15.57
N TRP L 184 -32.98 32.42 14.34
CA TRP L 184 -31.63 32.19 13.83
C TRP L 184 -30.56 32.83 14.71
N LEU L 185 -30.92 33.80 15.56
CA LEU L 185 -29.94 34.38 16.47
C LEU L 185 -29.39 33.34 17.45
N GLY L 186 -30.17 32.29 17.73
CA GLY L 186 -29.75 31.25 18.64
C GLY L 186 -30.01 29.86 18.12
N GLY L 187 -30.41 29.75 16.86
CA GLY L 187 -30.70 28.47 16.25
C GLY L 187 -29.99 28.30 14.93
N ASP L 188 -30.20 27.13 14.33
CA ASP L 188 -29.54 26.75 13.08
C ASP L 188 -30.49 26.61 11.91
N PHE L 189 -31.67 26.04 12.13
CA PHE L 189 -32.50 25.51 11.05
C PHE L 189 -33.93 25.98 11.21
N ILE L 190 -34.51 26.46 10.11
CA ILE L 190 -35.91 26.88 10.11
C ILE L 190 -36.60 26.24 8.92
N KCX L 191 -37.76 25.64 9.16
CA KCX L 191 -38.54 25.04 8.09
CB KCX L 191 -38.71 23.54 8.33
CG KCX L 191 -39.58 23.28 9.57
CD KCX L 191 -39.70 21.77 9.81
CE KCX L 191 -40.61 21.10 8.76
NZ KCX L 191 -41.93 21.71 8.77
C KCX L 191 -39.89 25.73 7.99
O KCX L 191 -40.47 26.12 9.04
CX KCX L 191 -42.96 21.22 9.66
OQ1 KCX L 191 -44.10 21.74 9.63
OQ2 KCX L 191 -42.72 20.29 10.48
HA KCX L 191 -38.07 25.17 7.25
HB2 KCX L 191 -37.84 23.13 8.47
HB3 KCX L 191 -39.14 23.15 7.55
HG2 KCX L 191 -40.46 23.65 9.41
HG3 KCX L 191 -39.17 23.69 10.34
HD2 KCX L 191 -40.08 21.62 10.69
HD3 KCX L 191 -38.82 21.37 9.77
HE2 KCX L 191 -40.69 20.16 8.97
HE3 KCX L 191 -40.20 21.20 7.89
HZ KCX L 191 -42.09 22.36 8.23
N ASN L 192 -40.42 25.87 6.77
CA ASN L 192 -41.79 26.28 6.55
C ASN L 192 -42.69 25.27 7.28
N ASP L 193 -43.77 25.74 7.90
CA ASP L 193 -44.82 24.81 8.30
C ASP L 193 -45.41 24.18 7.04
N GLU L 194 -45.89 22.95 7.16
CA GLU L 194 -46.18 22.15 5.97
C GLU L 194 -47.13 22.78 4.97
N PRO L 195 -48.04 23.71 5.37
CA PRO L 195 -48.92 24.31 4.35
C PRO L 195 -48.46 25.66 3.83
N GLN L 196 -47.44 26.24 4.45
CA GLN L 196 -46.97 27.56 4.06
C GLN L 196 -46.34 27.52 2.67
N GLY L 197 -46.73 28.47 1.83
CA GLY L 197 -46.19 28.54 0.49
C GLY L 197 -46.39 29.90 -0.17
N ASN L 198 -47.50 30.05 -0.88
CA ASN L 198 -47.80 31.27 -1.64
C ASN L 198 -49.22 31.73 -1.37
N GLN L 199 -49.64 31.72 -0.10
CA GLN L 199 -50.94 32.25 0.27
C GLN L 199 -51.04 33.72 -0.15
N VAL L 200 -52.28 34.16 -0.43
CA VAL L 200 -52.47 35.50 -0.97
C VAL L 200 -51.99 36.56 0.01
N PHE L 201 -52.01 36.27 1.31
CA PHE L 201 -51.55 37.22 2.31
C PHE L 201 -50.05 37.09 2.60
N ALA L 202 -49.36 36.16 1.92
CA ALA L 202 -47.91 35.99 2.09
C ALA L 202 -47.33 35.45 0.79
N PRO L 203 -47.34 36.25 -0.26
CA PRO L 203 -46.89 35.74 -1.57
C PRO L 203 -45.44 35.28 -1.50
N LEU L 204 -45.15 34.18 -2.20
CA LEU L 204 -43.82 33.59 -2.17
C LEU L 204 -42.77 34.55 -2.72
N ARG L 205 -43.10 35.26 -3.79
CA ARG L 205 -42.12 36.16 -4.41
C ARG L 205 -41.79 37.34 -3.50
N THR L 206 -42.67 37.70 -2.57
CA THR L 206 -42.41 38.77 -1.62
C THR L 206 -41.73 38.27 -0.36
N ILE L 207 -42.10 37.09 0.11
CA ILE L 207 -41.61 36.59 1.39
C ILE L 207 -40.19 36.08 1.27
N MET L 208 -39.85 35.42 0.16
CA MET L 208 -38.56 34.75 0.09
C MET L 208 -37.39 35.72 0.16
N PRO L 209 -37.36 36.81 -0.62
CA PRO L 209 -36.26 37.77 -0.46
C PRO L 209 -36.13 38.30 0.96
N MET L 210 -37.23 38.38 1.72
CA MET L 210 -37.14 38.83 3.10
C MET L 210 -36.52 37.76 3.98
N ILE L 211 -36.83 36.48 3.73
CA ILE L 211 -36.23 35.40 4.51
C ILE L 211 -34.73 35.35 4.26
N ALA L 212 -34.32 35.42 3.00
CA ALA L 212 -32.90 35.44 2.67
C ALA L 212 -32.19 36.57 3.39
N ASP L 213 -32.79 37.76 3.40
CA ASP L 213 -32.18 38.88 4.13
C ASP L 213 -32.04 38.55 5.61
N SER L 214 -33.07 37.96 6.22
CA SER L 214 -32.99 37.57 7.62
C SER L 214 -31.85 36.59 7.85
N MET L 215 -31.70 35.60 6.96
CA MET L 215 -30.58 34.68 7.05
C MET L 215 -29.25 35.42 7.07
N ARG L 216 -29.07 36.34 6.11
CA ARG L 216 -27.80 37.07 6.01
C ARG L 216 -27.53 37.87 7.27
N ARG L 217 -28.52 38.62 7.75
CA ARG L 217 -28.32 39.42 8.95
C ARG L 217 -27.99 38.55 10.15
N ALA L 218 -28.67 37.41 10.29
CA ALA L 218 -28.37 36.51 11.40
C ALA L 218 -26.98 35.89 11.24
N GLN L 219 -26.60 35.54 10.00
CA GLN L 219 -25.27 34.98 9.76
C GLN L 219 -24.18 36.02 10.04
N ASP L 220 -24.43 37.27 9.66
CA ASP L 220 -23.45 38.33 9.91
C ASP L 220 -23.29 38.62 11.39
N GLU L 221 -24.37 38.50 12.17
CA GLU L 221 -24.31 38.85 13.58
C GLU L 221 -23.72 37.74 14.43
N THR L 222 -24.10 36.48 14.15
CA THR L 222 -23.65 35.35 14.94
C THR L 222 -22.37 34.71 14.42
N GLY L 223 -21.95 35.06 13.21
CA GLY L 223 -20.78 34.43 12.61
C GLY L 223 -20.98 32.95 12.31
N GLN L 224 -22.23 32.48 12.39
CA GLN L 224 -22.55 31.07 12.14
C GLN L 224 -23.43 30.94 10.91
N ALA L 225 -23.41 29.76 10.31
CA ALA L 225 -24.26 29.49 9.16
C ALA L 225 -25.69 29.18 9.63
N LYS L 226 -26.65 29.58 8.80
CA LYS L 226 -28.06 29.36 9.08
C LYS L 226 -28.69 28.62 7.91
N LEU L 227 -29.64 27.73 8.21
CA LEU L 227 -30.28 26.89 7.21
C LEU L 227 -31.78 27.10 7.20
N PHE L 228 -32.37 27.00 6.01
CA PHE L 228 -33.81 27.15 5.82
C PHE L 228 -34.33 26.01 4.95
N SER L 229 -35.57 25.62 5.19
CA SER L 229 -36.24 24.58 4.41
C SER L 229 -37.54 25.16 3.87
N ALA L 230 -37.62 25.33 2.55
CA ALA L 230 -38.75 25.97 1.90
C ALA L 230 -39.68 24.92 1.31
N ASN L 231 -40.98 25.14 1.46
CA ASN L 231 -41.99 24.24 0.93
C ASN L 231 -42.24 24.57 -0.53
N ILE L 232 -42.04 23.59 -1.41
CA ILE L 232 -42.29 23.75 -2.83
C ILE L 232 -43.38 22.81 -3.33
N THR L 233 -44.08 22.14 -2.42
CA THR L 233 -45.12 21.19 -2.83
C THR L 233 -46.14 21.86 -3.75
N ALA L 234 -46.58 21.12 -4.75
CA ALA L 234 -47.57 21.62 -5.68
C ALA L 234 -48.15 20.45 -6.47
N ASP L 235 -49.32 20.67 -7.07
CA ASP L 235 -49.90 19.67 -7.96
C ASP L 235 -49.17 19.63 -9.29
N ASP L 236 -48.77 20.79 -9.80
CA ASP L 236 -48.11 20.88 -11.10
C ASP L 236 -46.61 20.78 -10.91
N PRO L 237 -45.95 19.78 -11.50
CA PRO L 237 -44.48 19.77 -11.42
C PRO L 237 -43.85 21.08 -11.86
N ALA L 238 -44.42 21.73 -12.87
CA ALA L 238 -43.89 23.00 -13.33
C ALA L 238 -43.93 24.06 -12.24
N GLU L 239 -44.92 23.98 -11.34
CA GLU L 239 -44.95 24.88 -10.20
C GLU L 239 -43.84 24.55 -9.21
N MET L 240 -43.62 23.26 -8.95
CA MET L 240 -42.54 22.85 -8.07
C MET L 240 -41.20 23.34 -8.59
N TYR L 241 -40.97 23.19 -9.90
CA TYR L 241 -39.72 23.65 -10.48
C TYR L 241 -39.60 25.17 -10.42
N ALA L 242 -40.70 25.88 -10.69
CA ALA L 242 -40.67 27.34 -10.66
C ALA L 242 -40.30 27.85 -9.27
N ARG L 243 -40.89 27.26 -8.22
CA ARG L 243 -40.56 27.68 -6.86
C ARG L 243 -39.10 27.40 -6.53
N GLY L 244 -38.62 26.20 -6.86
CA GLY L 244 -37.24 25.86 -6.57
C GLY L 244 -36.27 26.82 -7.22
N GLU L 245 -36.47 27.10 -8.51
CA GLU L 245 -35.56 27.99 -9.22
C GLU L 245 -35.56 29.38 -8.60
N PHE L 246 -36.74 29.94 -8.36
CA PHE L 246 -36.81 31.27 -7.79
C PHE L 246 -36.15 31.32 -6.42
N ILE L 247 -36.39 30.32 -5.59
CA ILE L 247 -35.80 30.31 -4.25
C ILE L 247 -34.27 30.23 -4.35
N LEU L 248 -33.76 29.40 -5.26
CA LEU L 248 -32.31 29.29 -5.40
C LEU L 248 -31.71 30.59 -5.96
N GLU L 249 -32.42 31.24 -6.89
CA GLU L 249 -31.96 32.52 -7.39
C GLU L 249 -32.00 33.57 -6.30
N THR L 250 -33.04 33.52 -5.45
CA THR L 250 -33.20 34.54 -4.41
C THR L 250 -32.10 34.44 -3.37
N PHE L 251 -31.77 33.23 -2.93
CA PHE L 251 -30.76 33.06 -1.89
C PHE L 251 -29.34 33.17 -2.42
N GLY L 252 -29.14 33.03 -3.72
CA GLY L 252 -27.84 33.26 -4.34
C GLY L 252 -26.70 32.51 -3.71
N GLU L 253 -25.72 33.24 -3.17
CA GLU L 253 -24.51 32.61 -2.64
C GLU L 253 -24.82 31.66 -1.48
N PHE L 254 -26.01 31.77 -0.90
CA PHE L 254 -26.43 30.89 0.19
C PHE L 254 -27.51 29.90 -0.25
N ALA L 255 -27.57 29.60 -1.55
CA ALA L 255 -28.55 28.63 -2.04
C ALA L 255 -28.34 27.26 -1.41
N ASP L 256 -27.10 26.87 -1.15
CA ASP L 256 -26.83 25.58 -0.53
C ASP L 256 -27.18 25.56 0.95
N HIS L 257 -27.68 26.65 1.51
CA HIS L 257 -28.25 26.66 2.85
C HIS L 257 -29.75 26.37 2.83
N VAL L 258 -30.31 26.05 1.67
CA VAL L 258 -31.76 25.96 1.48
C VAL L 258 -32.12 24.51 1.17
N ALA L 259 -32.92 23.92 2.04
CA ALA L 259 -33.54 22.62 1.78
C ALA L 259 -34.90 22.84 1.15
N PHE L 260 -35.36 21.82 0.42
CA PHE L 260 -36.68 21.83 -0.20
C PHE L 260 -37.59 20.87 0.54
N LEU L 261 -38.75 21.36 0.98
CA LEU L 261 -39.72 20.56 1.72
C LEU L 261 -40.83 20.13 0.77
N VAL L 262 -41.20 18.85 0.85
CA VAL L 262 -42.23 18.27 0.00
C VAL L 262 -43.18 17.47 0.88
N ASP L 263 -44.46 17.84 0.87
CA ASP L 263 -45.50 17.06 1.54
C ASP L 263 -45.74 15.81 0.70
N GLY L 264 -44.84 14.83 0.89
CA GLY L 264 -44.77 13.73 -0.05
C GLY L 264 -45.92 12.76 0.03
N TYR L 265 -46.56 12.66 1.19
CA TYR L 265 -47.65 11.70 1.34
C TYR L 265 -48.92 12.19 0.66
N VAL L 266 -49.32 13.44 0.91
CA VAL L 266 -50.52 13.97 0.27
C VAL L 266 -50.25 14.27 -1.19
N ALA L 267 -49.03 14.69 -1.53
CA ALA L 267 -48.70 14.99 -2.92
C ALA L 267 -48.33 13.72 -3.69
N GLY L 268 -47.69 12.76 -3.03
CA GLY L 268 -47.40 11.48 -3.63
C GLY L 268 -45.94 11.31 -3.97
N PRO L 269 -45.54 10.08 -4.29
CA PRO L 269 -44.13 9.84 -4.67
C PRO L 269 -43.71 10.63 -5.91
N THR L 270 -44.65 10.92 -6.82
CA THR L 270 -44.29 11.65 -8.03
C THR L 270 -43.81 13.06 -7.70
N ALA L 271 -44.36 13.67 -6.65
CA ALA L 271 -43.87 14.98 -6.23
C ALA L 271 -42.51 14.86 -5.53
N VAL L 272 -42.32 13.80 -4.74
CA VAL L 272 -41.04 13.60 -4.07
C VAL L 272 -39.94 13.36 -5.10
N THR L 273 -40.19 12.47 -6.06
CA THR L 273 -39.18 12.15 -7.05
C THR L 273 -38.90 13.36 -7.96
N ALA L 274 -39.94 14.11 -8.31
CA ALA L 274 -39.74 15.31 -9.13
C ALA L 274 -38.72 16.25 -8.48
N CYS L 275 -38.83 16.44 -7.17
CA CYS L 275 -37.84 17.24 -6.46
C CYS L 275 -36.50 16.52 -6.38
N ARG L 276 -36.52 15.23 -6.07
CA ARG L 276 -35.28 14.46 -5.97
C ARG L 276 -34.46 14.54 -7.24
N ARG L 277 -35.12 14.49 -8.40
CA ARG L 277 -34.39 14.40 -9.67
C ARG L 277 -34.08 15.76 -10.27
N ARG L 278 -34.92 16.76 -10.04
CA ARG L 278 -34.64 18.10 -10.56
C ARG L 278 -33.64 18.84 -9.68
N PHE L 279 -33.72 18.66 -8.36
CA PHE L 279 -32.86 19.37 -7.41
C PHE L 279 -32.11 18.37 -6.53
N PRO L 280 -31.29 17.51 -7.13
CA PRO L 280 -30.56 16.51 -6.32
C PRO L 280 -29.57 17.14 -5.36
N GLN L 281 -29.02 18.31 -5.69
CA GLN L 281 -28.03 18.96 -4.85
C GLN L 281 -28.64 19.82 -3.74
N GLN L 282 -29.96 19.80 -3.59
CA GLN L 282 -30.64 20.47 -2.49
C GLN L 282 -31.22 19.41 -1.56
N PHE L 283 -31.04 19.62 -0.25
CA PHE L 283 -31.58 18.70 0.74
C PHE L 283 -33.08 18.50 0.52
N LEU L 284 -33.49 17.24 0.43
CA LEU L 284 -34.90 16.90 0.25
C LEU L 284 -35.51 16.63 1.61
N HIS L 285 -36.39 17.53 2.06
CA HIS L 285 -37.05 17.43 3.35
C HIS L 285 -38.44 16.83 3.12
N TYR L 286 -38.59 15.57 3.53
CA TYR L 286 -39.85 14.85 3.34
C TYR L 286 -40.74 15.08 4.55
N HIS L 287 -41.83 15.82 4.35
CA HIS L 287 -42.86 16.00 5.37
C HIS L 287 -44.01 15.06 5.05
N ARG L 288 -44.44 14.31 6.06
CA ARG L 288 -45.40 13.21 5.89
C ARG L 288 -46.81 13.59 6.31
N ALA L 289 -47.20 14.85 6.12
CA ALA L 289 -48.55 15.28 6.49
C ALA L 289 -49.59 14.35 5.89
N GLY L 290 -50.47 13.82 6.75
CA GLY L 290 -51.53 12.93 6.32
C GLY L 290 -51.22 11.46 6.43
N HIS L 291 -49.99 11.10 6.78
CA HIS L 291 -49.63 9.69 6.86
C HIS L 291 -50.49 8.93 7.87
N GLY L 292 -50.90 9.60 8.94
CA GLY L 292 -51.65 8.95 9.99
C GLY L 292 -52.90 8.22 9.53
N ALA L 293 -53.42 8.61 8.36
CA ALA L 293 -54.61 7.97 7.83
C ALA L 293 -54.43 6.47 7.65
N VAL L 294 -53.19 6.00 7.52
CA VAL L 294 -52.93 4.57 7.35
C VAL L 294 -51.93 4.07 8.38
N THR L 295 -50.96 4.91 8.75
CA THR L 295 -49.88 4.46 9.61
C THR L 295 -50.27 4.38 11.08
N SER L 296 -51.35 5.01 11.48
CA SER L 296 -51.76 4.97 12.87
C SER L 296 -52.01 3.52 13.29
N PRO L 297 -51.57 3.11 14.49
CA PRO L 297 -51.91 1.76 14.95
C PRO L 297 -53.40 1.51 15.03
N GLN L 298 -54.21 2.58 15.14
CA GLN L 298 -55.66 2.41 15.09
C GLN L 298 -56.12 1.88 13.74
N SER L 299 -55.33 2.08 12.69
CA SER L 299 -55.66 1.58 11.36
C SER L 299 -55.11 0.18 11.17
N LYS L 300 -55.94 -0.69 10.59
CA LYS L 300 -55.53 -2.04 10.23
C LYS L 300 -55.34 -2.19 8.72
N ARG L 301 -55.20 -1.07 8.01
CA ARG L 301 -55.05 -1.07 6.56
C ARG L 301 -53.81 -0.28 6.17
N GLY L 302 -53.45 -0.38 4.90
CA GLY L 302 -52.34 0.41 4.38
C GLY L 302 -51.01 -0.16 4.82
N TYR L 303 -50.18 0.71 5.39
CA TYR L 303 -48.86 0.30 5.87
C TYR L 303 -48.50 1.14 7.08
N THR L 304 -47.54 0.62 7.85
CA THR L 304 -47.12 1.27 9.09
C THR L 304 -46.16 2.42 8.81
N ALA L 305 -45.90 3.23 9.84
CA ALA L 305 -44.95 4.32 9.70
C ALA L 305 -43.56 3.79 9.40
N PHE L 306 -43.19 2.65 10.00
CA PHE L 306 -41.90 2.04 9.70
C PHE L 306 -41.78 1.75 8.20
N VAL L 307 -42.85 1.22 7.60
CA VAL L 307 -42.81 0.92 6.17
C VAL L 307 -42.79 2.21 5.36
N HIS L 308 -43.63 3.18 5.74
CA HIS L 308 -43.65 4.46 5.01
C HIS L 308 -42.28 5.12 5.01
N CYS L 309 -41.66 5.22 6.18
CA CYS L 309 -40.35 5.86 6.25
C CYS L 309 -39.29 5.07 5.49
N LYS L 310 -39.31 3.74 5.62
CA LYS L 310 -38.36 2.93 4.89
C LYS L 310 -38.48 3.18 3.39
N MET L 311 -39.71 3.34 2.89
CA MET L 311 -39.90 3.56 1.47
C MET L 311 -39.38 4.92 1.02
N SER L 312 -39.47 5.93 1.89
CA SER L 312 -39.00 7.26 1.52
C SER L 312 -37.52 7.25 1.20
N ARG L 313 -36.74 6.40 1.89
CA ARG L 313 -35.32 6.32 1.59
C ARG L 313 -35.08 5.86 0.17
N LEU L 314 -35.94 4.99 -0.37
CA LEU L 314 -35.82 4.60 -1.77
C LEU L 314 -36.12 5.77 -2.69
N SER L 315 -37.17 6.54 -2.39
CA SER L 315 -37.49 7.71 -3.20
C SER L 315 -36.36 8.73 -3.19
N GLY L 316 -35.60 8.78 -2.10
CA GLY L 316 -34.44 9.66 -2.04
C GLY L 316 -34.57 10.83 -1.10
N ALA L 317 -35.26 10.62 0.02
CA ALA L 317 -35.38 11.68 1.01
C ALA L 317 -34.05 11.89 1.73
N SER L 318 -33.60 13.14 1.79
CA SER L 318 -32.45 13.47 2.63
C SER L 318 -32.82 13.34 4.10
N GLY L 319 -34.07 13.62 4.45
CA GLY L 319 -34.56 13.44 5.80
C GLY L 319 -36.06 13.27 5.78
N ILE L 320 -36.58 12.62 6.82
CA ILE L 320 -38.00 12.36 6.92
C ILE L 320 -38.41 12.41 8.39
N HIS L 321 -39.65 12.82 8.63
CA HIS L 321 -40.18 12.84 9.99
C HIS L 321 -40.47 11.42 10.45
N THR L 322 -39.76 10.98 11.48
CA THR L 322 -40.00 9.68 12.10
C THR L 322 -40.95 9.76 13.29
N GLY L 323 -41.29 10.96 13.75
CA GLY L 323 -42.14 11.14 14.90
C GLY L 323 -41.33 11.30 16.18
N THR L 324 -42.03 11.70 17.23
CA THR L 324 -41.43 11.90 18.55
C THR L 324 -41.32 10.62 19.36
N MET L 325 -41.79 9.50 18.80
CA MET L 325 -41.62 8.19 19.44
C MET L 325 -42.27 8.14 20.81
N GLY L 326 -43.42 8.78 20.93
CA GLY L 326 -44.15 8.80 22.18
C GLY L 326 -43.77 9.88 23.15
N TYR L 327 -42.88 10.79 22.77
CA TYR L 327 -42.42 11.85 23.66
C TYR L 327 -43.02 13.21 23.32
N GLY L 328 -43.89 13.28 22.32
CA GLY L 328 -44.48 14.53 21.89
C GLY L 328 -45.99 14.45 21.84
N LYS L 329 -46.56 15.23 20.93
CA LYS L 329 -48.02 15.35 20.82
C LYS L 329 -48.62 14.41 19.80
N MET L 330 -47.84 13.96 18.81
CA MET L 330 -48.36 13.06 17.79
C MET L 330 -48.39 11.62 18.32
N GLU L 331 -49.16 10.78 17.66
CA GLU L 331 -49.15 9.36 17.97
C GLU L 331 -47.75 8.80 17.74
N GLY L 332 -47.26 8.03 18.70
CA GLY L 332 -45.94 7.45 18.58
C GLY L 332 -45.69 6.51 19.73
N ASP L 333 -44.58 5.76 19.61
CA ASP L 333 -44.21 4.77 20.61
C ASP L 333 -42.70 4.66 20.65
N ALA L 334 -42.18 4.31 21.83
CA ALA L 334 -40.73 4.25 22.00
C ALA L 334 -40.07 3.28 21.03
N ASP L 335 -40.75 2.19 20.68
CA ASP L 335 -40.16 1.23 19.76
C ASP L 335 -39.88 1.82 18.39
N ASP L 336 -40.47 2.97 18.08
CA ASP L 336 -40.23 3.60 16.78
C ASP L 336 -38.77 3.97 16.56
N LYS L 337 -37.92 3.88 17.58
CA LYS L 337 -36.50 4.10 17.36
C LYS L 337 -35.96 3.18 16.26
N ALA L 338 -36.59 2.02 16.07
CA ALA L 338 -36.19 1.15 14.98
C ALA L 338 -36.42 1.80 13.63
N ILE L 339 -37.36 2.75 13.55
CA ILE L 339 -37.56 3.49 12.31
C ILE L 339 -36.31 4.28 11.96
N ALA L 340 -35.75 4.99 12.95
CA ALA L 340 -34.55 5.78 12.69
C ALA L 340 -33.37 4.88 12.33
N TYR L 341 -33.19 3.78 13.05
CA TYR L 341 -32.09 2.86 12.75
C TYR L 341 -32.17 2.34 11.32
N MET L 342 -33.38 1.96 10.89
CA MET L 342 -33.56 1.49 9.51
C MET L 342 -33.24 2.57 8.49
N LEU L 343 -33.31 3.84 8.87
CA LEU L 343 -33.09 4.93 7.93
C LEU L 343 -31.63 5.34 7.84
N GLU L 344 -30.86 5.22 8.92
CA GLU L 344 -29.53 5.80 9.01
C GLU L 344 -28.41 4.78 9.01
N GLN L 345 -28.73 3.48 9.06
CA GLN L 345 -27.72 2.44 9.10
C GLN L 345 -27.71 1.65 7.80
N ASP L 346 -26.56 1.06 7.48
CA ASP L 346 -26.42 0.18 6.34
C ASP L 346 -26.87 -1.25 6.64
N ASP L 347 -27.31 -1.52 7.87
CA ASP L 347 -27.72 -2.86 8.26
C ASP L 347 -28.59 -2.71 9.52
N ALA L 348 -29.88 -2.95 9.38
CA ALA L 348 -30.82 -2.78 10.48
C ALA L 348 -31.85 -3.90 10.44
N GLN L 349 -32.63 -3.99 11.52
CA GLN L 349 -33.63 -5.03 11.68
C GLN L 349 -35.02 -4.42 11.67
N GLY L 350 -35.92 -5.03 10.91
CA GLY L 350 -37.32 -4.66 10.92
C GLY L 350 -38.14 -5.62 11.74
N PRO L 351 -39.44 -5.36 11.84
CA PRO L 351 -40.31 -6.29 12.59
C PRO L 351 -40.24 -7.73 12.10
N TYR L 352 -39.91 -7.94 10.83
CA TYR L 352 -39.89 -9.29 10.27
C TYR L 352 -38.63 -9.58 9.48
N PHE L 353 -38.02 -8.54 8.91
CA PHE L 353 -36.94 -8.71 7.96
C PHE L 353 -35.73 -7.89 8.34
N ARG L 354 -34.55 -8.51 8.23
CA ARG L 354 -33.28 -7.78 8.29
C ARG L 354 -32.98 -7.22 6.91
N GLN L 355 -32.53 -5.96 6.87
CA GLN L 355 -32.33 -5.26 5.62
C GLN L 355 -30.90 -4.73 5.55
N THR L 356 -30.19 -5.11 4.49
CA THR L 356 -28.91 -4.51 4.12
C THR L 356 -29.15 -3.56 2.95
N TRP L 357 -28.41 -2.45 2.94
CA TRP L 357 -28.67 -1.37 2.00
C TRP L 357 -27.60 -1.22 0.93
N GLN L 358 -26.56 -2.04 0.96
CA GLN L 358 -25.51 -2.02 -0.05
C GLN L 358 -24.98 -0.60 -0.26
N GLY L 359 -24.73 0.08 0.85
CA GLY L 359 -24.10 1.38 0.80
C GLY L 359 -24.97 2.52 0.32
N MET L 360 -26.28 2.30 0.16
CA MET L 360 -27.16 3.39 -0.22
C MET L 360 -27.17 4.43 0.90
N LYS L 361 -27.18 5.70 0.50
CA LYS L 361 -27.04 6.78 1.47
C LYS L 361 -28.14 6.73 2.52
N ALA L 362 -27.81 7.24 3.70
CA ALA L 362 -28.74 7.22 4.83
C ALA L 362 -29.78 8.33 4.69
N THR L 363 -30.87 8.18 5.44
CA THR L 363 -31.89 9.21 5.56
C THR L 363 -31.92 9.67 7.02
N THR L 364 -31.82 10.98 7.22
CA THR L 364 -31.74 11.51 8.58
C THR L 364 -33.14 11.63 9.17
N PRO L 365 -33.36 11.13 10.39
CA PRO L 365 -34.65 11.35 11.03
C PRO L 365 -34.84 12.81 11.43
N ILE L 366 -36.06 13.29 11.27
CA ILE L 366 -36.44 14.65 11.66
C ILE L 366 -37.45 14.54 12.79
N ILE L 367 -37.08 15.04 13.97
CA ILE L 367 -37.88 14.89 15.19
C ILE L 367 -38.68 16.15 15.39
N SER L 368 -40.01 16.02 15.39
CA SER L 368 -40.90 17.17 15.50
C SER L 368 -42.26 16.72 15.98
N GLY L 369 -42.93 17.61 16.72
CA GLY L 369 -44.27 17.32 17.20
C GLY L 369 -44.46 17.57 18.68
N GLY L 370 -44.56 18.83 19.06
CA GLY L 370 -44.78 19.17 20.46
C GLY L 370 -43.56 19.05 21.35
N MET L 371 -42.37 19.15 20.79
CA MET L 371 -41.15 19.05 21.56
C MET L 371 -40.75 20.42 22.10
N ASN L 372 -39.87 20.41 23.11
CA ASN L 372 -39.26 21.61 23.64
C ASN L 372 -38.00 21.20 24.38
N ALA L 373 -37.29 22.18 24.93
CA ALA L 373 -36.03 21.91 25.59
C ALA L 373 -36.18 20.87 26.69
N LEU L 374 -37.31 20.87 27.39
CA LEU L 374 -37.51 19.95 28.50
C LEU L 374 -37.72 18.52 28.03
N ARG L 375 -38.29 18.34 26.83
CA ARG L 375 -38.65 17.01 26.34
C ARG L 375 -37.54 16.37 25.51
N LEU L 376 -36.35 16.97 25.47
CA LEU L 376 -35.30 16.45 24.60
C LEU L 376 -34.47 15.37 25.29
N PRO L 377 -34.07 15.55 26.55
CA PRO L 377 -33.23 14.53 27.18
C PRO L 377 -33.89 13.16 27.24
N GLY L 378 -35.18 13.11 27.62
CA GLY L 378 -35.87 11.83 27.66
C GLY L 378 -35.95 11.17 26.30
N PHE L 379 -36.10 11.97 25.25
CA PHE L 379 -36.19 11.41 23.91
C PHE L 379 -34.87 10.80 23.47
N PHE L 380 -33.77 11.54 23.62
CA PHE L 380 -32.48 11.04 23.18
C PHE L 380 -32.03 9.85 24.02
N ASP L 381 -32.45 9.79 25.28
CA ASP L 381 -32.13 8.62 26.10
C ASP L 381 -32.66 7.35 25.44
N ASN L 382 -33.83 7.42 24.82
CA ASN L 382 -34.42 6.25 24.16
C ASN L 382 -33.78 5.99 22.80
N LEU L 383 -33.47 7.05 22.06
CA LEU L 383 -32.89 6.86 20.72
C LEU L 383 -31.43 6.40 20.81
N GLY L 384 -30.68 6.95 21.76
CA GLY L 384 -29.29 6.63 21.95
C GLY L 384 -28.31 7.63 21.38
N HIS L 385 -28.73 8.41 20.38
CA HIS L 385 -27.88 9.43 19.78
C HIS L 385 -28.71 10.68 19.54
N SER L 386 -28.02 11.77 19.21
CA SER L 386 -28.66 13.05 18.93
C SER L 386 -28.34 13.56 17.53
N ASN L 387 -27.94 12.67 16.62
CA ASN L 387 -27.61 13.05 15.25
C ASN L 387 -28.91 13.13 14.43
N VAL L 388 -29.74 14.10 14.80
CA VAL L 388 -31.05 14.27 14.19
C VAL L 388 -31.30 15.76 13.98
N ILE L 389 -32.17 16.05 13.00
CA ILE L 389 -32.68 17.39 12.79
C ILE L 389 -33.91 17.54 13.68
N GLN L 390 -33.83 18.43 14.67
CA GLN L 390 -34.90 18.64 15.63
C GLN L 390 -35.56 19.99 15.36
N THR L 391 -36.89 20.00 15.28
CA THR L 391 -37.65 21.22 15.06
C THR L 391 -38.74 21.32 16.13
N SER L 392 -38.69 22.38 16.92
CA SER L 392 -39.68 22.64 17.97
C SER L 392 -40.31 24.00 17.66
N GLY L 393 -41.50 23.99 17.09
CA GLY L 393 -42.20 25.22 16.77
C GLY L 393 -42.70 25.90 18.03
N GLY L 394 -43.71 25.30 18.67
CA GLY L 394 -44.19 25.83 19.92
C GLY L 394 -43.13 25.87 20.99
N GLY L 395 -42.20 24.92 20.96
CA GLY L 395 -41.11 24.88 21.92
C GLY L 395 -40.10 26.00 21.76
N ALA L 396 -40.12 26.71 20.63
CA ALA L 396 -39.22 27.83 20.39
C ALA L 396 -39.93 29.17 20.50
N PHE L 397 -41.05 29.35 19.81
CA PHE L 397 -41.81 30.58 19.86
C PHE L 397 -42.79 30.63 21.01
N GLY L 398 -43.01 29.51 21.71
CA GLY L 398 -43.73 29.53 22.96
C GLY L 398 -42.89 29.93 24.17
N HIS L 399 -41.60 30.16 23.96
CA HIS L 399 -40.73 30.61 25.03
C HIS L 399 -41.13 32.01 25.49
N LYS L 400 -41.19 32.21 26.81
CA LYS L 400 -41.68 33.47 27.34
C LYS L 400 -40.80 34.65 26.96
N ASP L 401 -39.55 34.39 26.57
CA ASP L 401 -38.62 35.46 26.22
C ASP L 401 -38.45 35.63 24.72
N GLY L 402 -39.20 34.89 23.91
CA GLY L 402 -39.16 35.04 22.47
C GLY L 402 -38.51 33.86 21.78
N GLY L 403 -38.49 33.93 20.45
CA GLY L 403 -37.95 32.85 19.66
C GLY L 403 -36.45 32.69 19.82
N ALA L 404 -35.72 33.79 19.99
CA ALA L 404 -34.28 33.71 20.18
C ALA L 404 -33.95 32.92 21.44
N ALA L 405 -34.61 33.26 22.56
CA ALA L 405 -34.42 32.51 23.79
C ALA L 405 -34.91 31.07 23.63
N GLY L 406 -35.95 30.85 22.83
CA GLY L 406 -36.42 29.50 22.59
C GLY L 406 -35.39 28.67 21.86
N ALA L 407 -34.69 29.28 20.91
CA ALA L 407 -33.66 28.55 20.18
C ALA L 407 -32.50 28.18 21.09
N LYS L 408 -32.04 29.13 21.91
CA LYS L 408 -30.91 28.87 22.77
C LYS L 408 -31.21 27.76 23.78
N SER L 409 -32.44 27.76 24.32
CA SER L 409 -32.81 26.72 25.28
C SER L 409 -32.77 25.34 24.63
N LEU L 410 -33.14 25.26 23.35
CA LEU L 410 -33.10 23.98 22.65
C LEU L 410 -31.67 23.52 22.42
N ARG L 411 -30.78 24.44 22.04
CA ARG L 411 -29.37 24.09 21.88
C ARG L 411 -28.78 23.66 23.23
N GLN L 412 -29.03 24.45 24.27
CA GLN L 412 -28.47 24.13 25.58
C GLN L 412 -28.96 22.78 26.08
N ALA L 413 -30.21 22.43 25.78
CA ALA L 413 -30.73 21.14 26.21
C ALA L 413 -30.05 20.00 25.48
N SER L 414 -29.72 20.20 24.20
CA SER L 414 -28.99 19.17 23.46
C SER L 414 -27.56 19.07 23.93
N LEU L 415 -26.91 20.21 24.19
CA LEU L 415 -25.57 20.18 24.76
C LEU L 415 -25.57 19.53 26.12
N ALA L 416 -26.63 19.75 26.90
CA ALA L 416 -26.70 19.14 28.22
C ALA L 416 -26.77 17.62 28.11
N TRP L 417 -27.56 17.10 27.17
CA TRP L 417 -27.66 15.66 27.02
C TRP L 417 -26.38 15.07 26.44
N GLN L 418 -25.84 15.70 25.39
CA GLN L 418 -24.63 15.20 24.77
C GLN L 418 -23.46 15.16 25.74
N GLN L 419 -23.53 15.90 26.85
CA GLN L 419 -22.47 15.94 27.85
C GLN L 419 -22.84 15.24 29.14
N GLY L 420 -24.01 14.61 29.21
CA GLY L 420 -24.40 13.89 30.40
C GLY L 420 -24.69 14.75 31.59
N VAL L 421 -25.22 15.96 31.38
CA VAL L 421 -25.54 16.89 32.45
C VAL L 421 -27.05 16.89 32.65
N ASP L 422 -27.49 16.83 33.90
CA ASP L 422 -28.92 16.94 34.19
C ASP L 422 -29.44 18.29 33.72
N LEU L 423 -30.59 18.28 33.04
CA LEU L 423 -31.11 19.51 32.45
C LEU L 423 -31.28 20.60 33.50
N LEU L 424 -31.74 20.25 34.70
CA LEU L 424 -31.90 21.24 35.76
C LEU L 424 -30.55 21.80 36.19
N ASP L 425 -29.56 20.92 36.38
CA ASP L 425 -28.21 21.38 36.70
C ASP L 425 -27.68 22.30 35.61
N TYR L 426 -28.02 22.04 34.35
CA TYR L 426 -27.57 22.89 33.26
C TYR L 426 -28.32 24.22 33.25
N ALA L 427 -29.54 24.25 33.78
CA ALA L 427 -30.33 25.47 33.74
C ALA L 427 -29.86 26.49 34.77
N LYS L 428 -29.25 26.03 35.86
CA LYS L 428 -28.78 26.95 36.89
C LYS L 428 -27.73 27.92 36.38
N GLU L 429 -27.05 27.59 35.28
CA GLU L 429 -26.02 28.45 34.70
C GLU L 429 -26.37 28.85 33.27
N HIS L 430 -27.64 28.78 32.89
CA HIS L 430 -28.08 29.10 31.53
C HIS L 430 -29.48 29.69 31.59
N PRO L 431 -29.59 31.01 31.62
CA PRO L 431 -30.93 31.61 31.80
C PRO L 431 -31.93 31.21 30.73
N GLU L 432 -31.49 31.03 29.49
CA GLU L 432 -32.41 30.69 28.41
C GLU L 432 -33.08 29.34 28.68
N LEU L 433 -32.27 28.31 28.99
CA LEU L 433 -32.84 27.02 29.36
C LEU L 433 -33.69 27.13 30.61
N ALA L 434 -33.27 27.94 31.57
CA ALA L 434 -34.07 28.14 32.77
C ALA L 434 -35.44 28.73 32.42
N GLY L 435 -35.47 29.68 31.50
CA GLY L 435 -36.74 30.25 31.08
C GLY L 435 -37.64 29.25 30.37
N ALA L 436 -37.08 28.17 29.83
CA ALA L 436 -37.91 27.14 29.21
C ALA L 436 -38.71 26.38 30.26
N PHE L 437 -38.16 26.22 31.46
CA PHE L 437 -38.92 25.60 32.54
C PHE L 437 -40.15 26.43 32.89
N GLU L 438 -39.94 27.74 33.11
CA GLU L 438 -41.06 28.62 33.44
C GLU L 438 -42.03 28.73 32.27
N SER L 439 -41.54 28.63 31.03
CA SER L 439 -42.42 28.77 29.88
C SER L 439 -43.34 27.56 29.72
N PHE L 440 -42.92 26.40 30.21
CA PHE L 440 -43.69 25.15 30.11
C PHE L 440 -43.73 24.49 31.48
N PRO L 441 -44.45 25.10 32.42
CA PRO L 441 -44.46 24.54 33.79
C PRO L 441 -45.14 23.19 33.86
N LYS L 442 -46.15 22.94 33.02
CA LYS L 442 -46.79 21.63 33.00
C LYS L 442 -45.77 20.54 32.71
N ASP L 443 -44.86 20.80 31.76
CA ASP L 443 -43.84 19.81 31.42
C ASP L 443 -42.74 19.74 32.48
N ALA L 444 -42.35 20.88 33.03
CA ALA L 444 -41.30 20.90 34.04
C ALA L 444 -41.73 20.12 35.27
N ASP L 445 -42.97 20.31 35.71
CA ASP L 445 -43.46 19.60 36.88
C ASP L 445 -43.39 18.09 36.70
N ALA L 446 -43.57 17.61 35.48
CA ALA L 446 -43.60 16.17 35.24
C ALA L 446 -42.21 15.59 35.06
N LEU L 447 -41.34 16.28 34.33
CA LEU L 447 -40.02 15.76 34.00
C LEU L 447 -38.96 16.17 35.00
N TYR L 448 -39.13 17.30 35.66
CA TYR L 448 -38.17 17.80 36.66
C TYR L 448 -38.96 18.38 37.80
N PRO L 449 -39.53 17.52 38.65
CA PRO L 449 -40.49 18.01 39.67
C PRO L 449 -39.97 19.12 40.56
N ASN L 450 -38.67 19.13 40.87
CA ASN L 450 -38.09 20.11 41.79
C ASN L 450 -37.43 21.27 41.06
N TRP L 451 -38.07 21.80 40.01
CA TRP L 451 -37.43 22.85 39.22
C TRP L 451 -37.63 24.22 39.84
N ARG L 452 -38.82 24.51 40.37
CA ARG L 452 -39.06 25.82 40.95
C ARG L 452 -38.10 26.12 42.10
N GLU L 453 -37.67 25.10 42.83
CA GLU L 453 -36.76 25.28 43.96
C GLU L 453 -35.35 25.60 43.44
C1 CAP M . 68.93 -19.85 42.88
C2 CAP M . 67.45 -20.14 42.73
C3 CAP M . 67.25 -21.31 41.76
C4 CAP M . 67.99 -22.55 42.22
C5 CAP M . 67.32 -23.80 41.64
C CAP M . 66.83 -20.44 44.09
O1 CAP M . 69.10 -18.62 43.55
O2 CAP M . 66.82 -19.01 42.21
O3 CAP M . 65.87 -21.58 41.68
O4 CAP M . 69.30 -22.51 41.75
O5 CAP M . 68.12 -24.93 41.92
O6 CAP M . 65.60 -20.25 44.27
O7 CAP M . 67.55 -20.89 45.01
P1 CAP M . 70.62 -18.05 43.78
P2 CAP M . 68.43 -26.02 40.70
O1P CAP M . 71.36 -17.94 42.47
O2P CAP M . 71.36 -18.98 44.70
O3P CAP M . 70.55 -16.66 44.40
O4P CAP M . 69.07 -25.26 39.57
O5P CAP M . 69.35 -27.07 41.23
O6P CAP M . 67.14 -26.63 40.23
H11 CAP M . 69.35 -19.80 42.00
H12 CAP M . 69.35 -20.55 43.40
H3 CAP M . 67.60 -21.06 40.89
H4 CAP M . 67.97 -22.57 43.19
H51 CAP M . 66.44 -23.93 42.04
H52 CAP M . 67.23 -23.71 40.68
HO2 CAP M . 66.90 -19.00 41.37
HO3 CAP M . 65.43 -20.87 41.53
HO4 CAP M . 69.73 -23.20 42.02
MG MG N . 64.73 -19.87 42.56
C1 CAP O . 45.79 -53.44 42.80
C2 CAP O . 46.10 -52.33 41.81
C3 CAP O . 46.03 -50.97 42.51
C4 CAP O . 46.98 -50.83 43.65
C5 CAP O . 47.25 -49.36 43.96
C CAP O . 47.49 -52.57 41.21
O1 CAP O . 45.62 -54.65 42.09
O2 CAP O . 45.16 -52.37 40.77
O3 CAP O . 46.32 -49.97 41.55
O4 CAP O . 46.41 -51.42 44.81
O5 CAP O . 48.00 -49.21 45.12
O6 CAP O . 47.72 -52.14 40.05
O7 CAP O . 48.37 -53.14 41.88
P1 CAP O . 45.26 -56.02 42.90
P2 CAP O . 47.54 -48.10 46.25
O1P CAP O . 45.17 -57.18 41.93
O2P CAP O . 46.33 -56.28 43.91
O3P CAP O . 43.92 -55.86 43.60
O4P CAP O . 47.83 -46.73 45.74
O5P CAP O . 48.28 -48.36 47.53
O6P CAP O . 46.05 -48.28 46.50
H11 CAP O . 44.98 -53.23 43.29
H12 CAP O . 46.53 -53.54 43.43
H3 CAP O . 45.14 -50.87 42.87
H4 CAP O . 47.81 -51.28 43.42
H51 CAP O . 47.73 -48.96 43.21
H52 CAP O . 46.39 -48.90 44.06
HO2 CAP O . 44.61 -51.74 40.87
HO3 CAP O . 45.97 -50.16 40.80
HO4 CAP O . 46.95 -51.34 45.46
MG MG P . 46.34 -50.83 39.46
C1 CAP Q . 12.97 -4.70 45.78
C2 CAP Q . 13.41 -5.07 44.36
C3 CAP Q . 13.37 -6.59 44.20
C4 CAP Q . 12.00 -7.16 44.49
C5 CAP Q . 11.81 -8.50 43.77
C CAP Q . 12.50 -4.39 43.34
O1 CAP Q . 13.33 -3.36 46.06
O2 CAP Q . 14.72 -4.62 44.15
O3 CAP Q . 13.74 -6.90 42.88
O4 CAP Q . 11.85 -7.38 45.87
O5 CAP Q . 10.56 -9.05 44.13
O6 CAP Q . 12.97 -4.00 42.23
O7 CAP Q . 11.28 -4.21 43.61
P1 CAP Q . 12.96 -2.73 47.53
P2 CAP Q . 10.50 -10.63 44.56
O1P CAP Q . 11.47 -2.84 47.75
O2P CAP Q . 13.38 -1.29 47.58
O3P CAP Q . 13.69 -3.50 48.63
O4P CAP Q . 10.71 -11.50 43.34
O5P CAP Q . 9.13 -10.95 45.14
O6P CAP Q . 11.57 -10.90 45.59
H11 CAP Q . 13.40 -5.29 46.41
H12 CAP Q . 12.01 -4.79 45.86
H3 CAP Q . 14.00 -6.98 44.84
H4 CAP Q . 11.33 -6.51 44.18
H51 CAP Q . 11.83 -8.35 42.82
H52 CAP Q . 12.51 -9.10 44.03
HO2 CAP Q . 15.24 -5.29 44.11
HO3 CAP Q . 14.51 -6.58 42.71
HO4 CAP Q . 11.13 -7.78 46.03
MG MG R . 14.97 -5.23 42.00
C1 CAP S . -0.44 -29.37 16.23
C2 CAP S . 0.88 -29.24 16.97
C3 CAP S . 1.35 -27.75 16.95
C4 CAP S . 0.66 -26.77 17.90
C5 CAP S . 1.68 -25.69 18.32
C CAP S . 0.66 -29.80 18.38
O1 CAP S . -0.71 -30.72 16.15
O2 CAP S . 1.80 -30.10 16.32
O3 CAP S . 2.67 -27.85 17.36
O4 CAP S . -0.54 -26.27 17.26
O5 CAP S . 0.88 -24.72 18.81
O6 CAP S . -0.26 -29.47 19.13
O7 CAP S . 1.34 -30.62 18.88
P1 CAP S . -1.51 -31.29 14.91
P2 CAP S . 0.76 -23.39 17.96
O1P CAP S . -1.30 -30.47 13.75
O2P CAP S . -2.95 -31.61 15.00
O3P CAP S . -0.81 -32.49 14.73
O4P CAP S . 0.57 -23.55 16.51
O5P CAP S . -0.48 -22.90 18.50
O6P CAP S . 2.08 -22.85 18.27
H11 CAP S . -0.38 -28.90 15.37
H12 CAP S . -1.17 -28.97 16.72
H3 CAP S . 1.25 -27.43 16.04
H4 CAP S . 0.37 -27.22 18.72
H51 CAP S . 2.31 -25.92 19.04
H52 CAP S . 2.24 -25.39 17.56
HO2 CAP S . 2.43 -29.71 15.90
HO3 CAP S . 3.31 -27.49 16.88
HO4 CAP S . -0.95 -25.61 17.62
MG MG T . 3.88 -30.15 18.17
C1 CAP U . -61.79 50.11 -32.27
C2 CAP U . -60.45 49.38 -32.29
C3 CAP U . -60.66 47.91 -32.66
C4 CAP U . -61.51 47.76 -33.91
C5 CAP U . -61.23 46.42 -34.58
C CAP U . -59.51 50.04 -33.30
O1 CAP U . -61.64 51.36 -31.65
O2 CAP U . -59.85 49.45 -31.03
O3 CAP U . -59.39 47.33 -32.90
O4 CAP U . -62.87 47.77 -33.52
O5 CAP U . -62.07 46.27 -35.69
O6 CAP U . -59.98 50.77 -34.21
O7 CAP U . -58.28 49.82 -33.21
P1 CAP U . -62.96 52.22 -31.20
P2 CAP U . -62.85 44.84 -35.91
O1P CAP U . -63.69 52.68 -32.42
O2P CAP U . -62.56 53.38 -30.33
O3P CAP U . -63.87 51.32 -30.38
O4P CAP U . -63.78 44.99 -37.09
O5P CAP U . -63.64 44.50 -34.68
O6P CAP U . -61.84 43.75 -36.19
H11 CAP U . -62.42 49.58 -31.77
H12 CAP U . -62.10 50.23 -33.18
H3 CAP U . -61.12 47.47 -31.93
H4 CAP U . -61.31 48.48 -34.52
H51 CAP U . -60.30 46.39 -34.86
H52 CAP U . -61.40 45.69 -33.95
HO2 CAP U . -59.54 48.69 -30.82
HO3 CAP U . -58.97 47.22 -32.17
HO4 CAP U . -63.36 47.55 -34.18
MG MG V . -57.83 48.29 -31.58
C1 CAP W . -45.47 24.75 -59.45
C2 CAP W . -45.81 24.62 -57.97
C3 CAP W . -45.32 25.86 -57.22
C4 CAP W . -45.87 27.13 -57.84
C5 CAP W . -45.93 28.23 -56.79
C CAP W . -47.31 24.45 -57.79
O1 CAP W . -45.62 23.50 -60.08
O2 CAP W . -45.16 23.50 -57.45
O3 CAP W . -45.76 25.78 -55.89
O4 CAP W . -45.01 27.55 -58.86
O5 CAP W . -46.19 29.45 -57.41
O6 CAP W . -48.11 24.95 -58.64
O7 CAP W . -47.75 23.82 -56.81
P1 CAP W . -45.19 23.37 -61.67
P2 CAP W . -45.25 30.75 -57.06
O1P CAP W . -46.03 24.30 -62.48
O2P CAP W . -45.37 21.94 -62.11
O3P CAP W . -43.74 23.74 -61.84
O4P CAP W . -45.64 31.90 -57.98
O5P CAP W . -43.81 30.40 -57.27
O6P CAP W . -45.46 31.15 -55.61
H11 CAP W . -44.56 25.05 -59.55
H12 CAP W . -46.07 25.39 -59.87
H3 CAP W . -44.35 25.89 -57.26
H4 CAP W . -46.75 26.96 -58.20
H51 CAP W . -46.64 28.03 -56.15
H52 CAP W . -45.08 28.28 -56.32
HO2 CAP W . -44.60 23.74 -56.86
HO3 CAP W . -45.53 25.03 -55.55
HO4 CAP W . -45.21 28.34 -59.11
MG MG X . -46.29 23.67 -55.57
C1 CAP Y . 51.09 -33.62 -11.75
C2 CAP Y . 50.15 -33.04 -10.71
C3 CAP Y . 50.93 -32.08 -9.81
C4 CAP Y . 51.68 -31.05 -10.65
C5 CAP Y . 51.67 -29.69 -9.95
C CAP Y . 48.98 -32.33 -11.39
O1 CAP Y . 50.62 -34.84 -12.26
O2 CAP Y . 49.65 -34.10 -9.92
O3 CAP Y . 50.03 -31.41 -8.96
O4 CAP Y . 53.01 -31.48 -10.78
O5 CAP Y . 52.51 -28.80 -10.66
O6 CAP Y . 49.13 -31.78 -12.51
O7 CAP Y . 47.85 -32.27 -10.82
P1 CAP Y . 51.68 -35.83 -13.03
P2 CAP Y . 53.73 -28.05 -9.84
O1P CAP Y . 52.24 -35.11 -14.24
O2P CAP Y . 50.98 -37.09 -13.48
O3P CAP Y . 52.81 -36.20 -12.09
O4P CAP Y . 54.61 -27.29 -10.80
O5P CAP Y . 54.56 -29.08 -9.11
O6P CAP Y . 53.14 -27.07 -8.83
H11 CAP Y . 51.97 -33.77 -11.35
H12 CAP Y . 51.18 -32.99 -12.49
H3 CAP Y . 51.56 -32.60 -9.29
H4 CAP Y . 51.25 -30.98 -11.51
H51 CAP Y . 50.76 -29.34 -9.95
H52 CAP Y . 51.99 -29.78 -9.05
HO2 CAP Y . 50.25 -34.69 -9.81
HO3 CAP Y . 50.15 -31.66 -8.17
HO4 CAP Y . 53.37 -31.09 -11.45
MG MG Z . 48.34 -31.85 -8.22
C1 CAP AA . 43.56 5.56 -2.44
C2 CAP AA . 43.93 4.33 -1.61
C3 CAP AA . 43.07 3.14 -2.03
C4 CAP AA . 43.12 2.88 -3.52
C5 CAP AA . 42.77 1.42 -3.81
C CAP AA . 45.41 4.01 -1.79
O1 CAP AA . 44.13 6.73 -1.85
O2 CAP AA . 43.71 4.61 -0.27
O3 CAP AA . 43.54 2.02 -1.34
O4 CAP AA . 42.17 3.68 -4.16
O5 CAP AA . 42.70 1.21 -5.19
O6 CAP AA . 46.01 4.34 -2.84
O7 CAP AA . 46.03 3.40 -0.89
P1 CAP AA . 43.79 8.21 -2.55
P2 CAP AA . 41.44 0.35 -5.78
O1P CAP AA . 44.13 8.14 -4.00
O2P CAP AA . 44.62 9.26 -1.86
O3P CAP AA . 42.31 8.53 -2.37
O4P CAP AA . 41.43 0.43 -7.29
O5P CAP AA . 40.13 0.91 -5.26
O6P CAP AA . 41.55 -1.11 -5.37
H11 CAP AA . 42.60 5.66 -2.47
H12 CAP AA . 43.90 5.46 -3.34
H3 CAP AA . 42.14 3.34 -1.81
H4 CAP AA . 44.01 3.08 -3.84
H51 CAP AA . 43.46 0.85 -3.43
H52 CAP AA . 41.92 1.21 -3.40
HO2 CAP AA . 42.90 4.44 -0.06
HO3 CAP AA . 43.57 2.17 -0.51
HO4 CAP AA . 42.15 3.50 -5.00
MG MG BA . 44.77 2.60 0.38
C1 CAP CA . -5.13 43.46 -20.59
C2 CAP CA . -6.12 42.36 -20.17
C3 CAP CA . -6.39 41.43 -21.37
C4 CAP CA . -5.09 40.89 -21.94
C5 CAP CA . -5.32 39.51 -22.54
C CAP CA . -5.54 41.57 -19.01
O1 CAP CA . -5.09 44.45 -19.61
O2 CAP CA . -7.32 42.95 -19.77
O3 CAP CA . -7.20 40.37 -20.93
O4 CAP CA . -4.64 41.75 -22.94
O5 CAP CA . -4.16 39.10 -23.21
O6 CAP CA . -6.31 41.08 -18.14
O7 CAP CA . -4.30 41.41 -18.92
P1 CAP CA . -4.39 45.90 -19.99
P2 CAP CA . -4.30 38.47 -24.73
O1P CAP CA . -5.12 46.54 -21.16
O2P CAP CA . -2.96 45.66 -20.36
O3P CAP CA . -4.47 46.82 -18.79
O4P CAP CA . -5.01 39.47 -25.61
O5P CAP CA . -2.93 38.18 -25.29
O6P CAP CA . -5.11 37.19 -24.63
H11 CAP CA . -5.42 43.84 -21.44
H12 CAP CA . -4.26 43.07 -20.69
H3 CAP CA . -6.85 41.93 -22.06
H4 CAP CA . -4.44 40.82 -21.22
H51 CAP CA . -5.52 38.87 -21.84
H52 CAP CA . -6.05 39.55 -23.17
HO2 CAP CA . -7.82 43.08 -20.45
HO3 CAP CA . -7.97 40.65 -20.72
HO4 CAP CA . -4.03 41.37 -23.39
MG MG DA . -8.33 40.95 -19.23
C1 CAP EA . -4.16 2.76 -24.12
C2 CAP EA . -5.21 3.81 -24.44
C3 CAP EA . -5.35 4.79 -23.25
C4 CAP EA . -4.27 5.88 -23.02
C5 CAP EA . -4.96 7.12 -22.36
C CAP EA . -4.72 4.52 -25.71
O1 CAP EA . -4.14 1.94 -25.23
O2 CAP EA . -6.44 3.14 -24.74
O3 CAP EA . -6.54 5.45 -23.52
O4 CAP EA . -3.17 5.34 -22.29
O5 CAP EA . -3.89 7.72 -21.75
O6 CAP EA . -5.40 4.69 -26.67
O7 CAP EA . -3.61 5.03 -25.82
P1 CAP EA . -3.75 0.41 -25.07
P2 CAP EA . -3.86 7.67 -20.17
O1P CAP EA . -4.68 -0.21 -25.93
O2P CAP EA . -2.40 -0.10 -25.42
O3P CAP EA . -4.17 0.01 -23.76
O4P CAP EA . -4.92 8.65 -19.94
O5P CAP EA . -2.44 7.79 -19.92
O6P CAP EA . -4.20 6.40 -19.53
H11 CAP EA . -4.37 2.34 -23.27
H12 CAP EA . -3.28 3.14 -24.03
H3 CAP EA . -5.37 4.26 -22.42
H4 CAP EA . -3.84 6.19 -23.82
H51 CAP EA . -5.35 7.77 -22.98
H52 CAP EA . -5.66 6.89 -21.73
HO2 CAP EA . -6.92 2.97 -24.06
HO3 CAP EA . -7.23 5.35 -23.00
HO4 CAP EA . -3.36 5.14 -21.48
MG MG FA . -7.93 5.38 -25.87
C1 CAP GA . -61.10 -5.60 -12.24
C2 CAP GA . -59.80 -4.79 -12.28
C3 CAP GA . -60.10 -3.32 -11.95
C4 CAP GA . -60.87 -3.21 -10.65
C5 CAP GA . -60.61 -1.85 -9.99
C CAP GA . -58.79 -5.36 -11.29
O1 CAP GA . -60.93 -6.82 -12.91
O2 CAP GA . -59.27 -4.86 -13.58
O3 CAP GA . -58.90 -2.63 -11.83
O4 CAP GA . -62.25 -3.32 -10.90
O5 CAP GA . -61.46 -1.68 -8.89
O6 CAP GA . -57.56 -5.27 -11.54
O7 CAP GA . -59.19 -5.92 -10.23
P1 CAP GA . -62.26 -7.58 -13.53
P2 CAP GA . -62.24 -0.25 -8.70
O1P CAP GA . -63.00 -6.63 -14.45
O2P CAP GA . -63.18 -7.99 -12.40
O3P CAP GA . -61.82 -8.81 -14.29
O4P CAP GA . -63.10 0.04 -9.92
O5P CAP GA . -63.12 -0.30 -7.47
O6P CAP GA . -61.21 0.86 -8.54
H11 CAP GA . -61.81 -5.09 -12.68
H12 CAP GA . -61.34 -5.77 -11.32
H3 CAP GA . -60.64 -2.95 -12.67
H4 CAP GA . -60.59 -3.91 -10.05
H51 CAP GA . -59.70 -1.80 -9.71
H52 CAP GA . -60.79 -1.15 -10.65
HO2 CAP GA . -59.56 -4.22 -14.05
HO3 CAP GA . -58.42 -2.74 -12.53
HO4 CAP GA . -62.68 -3.33 -10.17
MG MG HA . -57.04 -3.54 -12.72
C1 CAP IA . -44.98 20.58 14.84
C2 CAP IA . -45.30 20.68 13.36
C3 CAP IA . -44.76 19.45 12.63
C4 CAP IA . -45.34 18.16 13.20
C5 CAP IA . -45.30 17.05 12.14
C CAP IA . -46.81 20.80 13.17
O1 CAP IA . -45.24 21.82 15.46
O2 CAP IA . -44.69 21.81 12.82
O3 CAP IA . -45.09 19.56 11.26
O4 CAP IA . -44.56 17.75 14.29
O5 CAP IA . -45.65 15.83 12.73
O6 CAP IA . -47.27 21.21 12.06
O7 CAP IA . -47.59 20.49 14.11
P1 CAP IA . -44.70 22.08 16.99
P2 CAP IA . -44.74 14.51 12.39
O1P CAP IA . -44.85 23.53 17.36
O2P CAP IA . -45.52 21.22 17.91
O3P CAP IA . -43.25 21.68 17.09
O4P CAP IA . -44.98 14.09 10.95
O5P CAP IA . -45.13 13.37 13.31
O6P CAP IA . -43.27 14.81 12.57
H11 CAP IA . -44.05 20.35 14.96
H12 CAP IA . -45.54 19.90 15.26
H3 CAP IA . -43.80 19.41 12.76
H4 CAP IA . -46.26 18.32 13.47
H51 CAP IA . -45.93 17.26 11.44
H52 CAP IA . -44.41 16.99 11.77
HO2 CAP IA . -43.89 21.62 12.59
HO3 CAP IA . -44.99 20.35 11.00
HO4 CAP IA . -44.64 16.92 14.42
MG MG JA . -45.93 21.61 10.71
#